data_6RZW
#
_entry.id   6RZW
#
_cell.length_a   1.00
_cell.length_b   1.00
_cell.length_c   1.00
_cell.angle_alpha   90.00
_cell.angle_beta   90.00
_cell.angle_gamma   90.00
#
_symmetry.space_group_name_H-M   'P 1'
#
_entity_poly.entity_id   1
_entity_poly.type   'polypeptide(L)'
_entity_poly.pdbx_seq_one_letter_code
;EEIMRDDNMMFITKKMIEIRNLLQKVGQGSTVTLPSIVVIGSQSSGKSSVLEAIVGHEFLPKGSNMITRRPIELTLVNDP
EAKVDYGEFPDLGLARVTDFSLIQKTLTELNQSVPESECVTDDPIRLTIHSPNIPDLSLIDLPGYIQVAGENQPRELKRK
ITELCDKYIRGPNIILAISAADTDLANSTALQASRRVDPRGERTIGVITKMDLVEPEKGAAILSDRQYPLKLGYVGVISK
LPPQSGLFRRDTGNLLASINRNEKNYFGSHPTEFGPDSGVSTGVMTLRKKLLQVLEQQMSSKLNETTEAIQRELEETTYQ
FKVQYNEQPMSAESYLAASLDDFKHQFHEFASSFGRPQLQTLLKDALDQKVLDQLAARYWNRPIEDLSPAPREPDNIIDL
PKADPDSPYWHRQLDTACSGLTRLGVGRLAATVAASAIQQHVEKLLDKSSFAKHPSARKVISDAAATVLADRSYATSDGI
EISLKPYKFDPDIQPNEWAQGREHVVGVLQAELEQCQAAMKALENSVGGRKKLKEVMSFVDKARKGEIIVEGDHPSGAGG
FSAALLARGREAVFLRDRADILSLRIQAAKSRQCKTLTNKYYCPEVFLDAVATKLAQTAVLFLNVEMLNDFYVRFPREVE
AKLHEHMHAGGGLEKFAREDPKVRRHLDLIRRKELLETVLGKIEELHRISSGTAG
;
_entity_poly.pdbx_strand_id   A,B,C,D,E,F,G,H,I,J
#
# COMPACT_ATOMS: atom_id res chain seq x y z
N ASP A 6 68.80 75.33 21.49
CA ASP A 6 69.70 75.22 22.67
C ASP A 6 69.34 73.98 23.43
N ASP A 7 68.88 73.11 22.65
CA ASP A 7 68.25 71.82 22.89
C ASP A 7 69.34 70.87 23.32
N ASN A 8 70.50 70.94 22.64
CA ASN A 8 71.63 70.07 22.95
C ASN A 8 71.91 70.33 24.35
N MET A 9 71.62 71.53 24.76
CA MET A 9 71.89 71.94 26.10
C MET A 9 71.11 71.34 27.18
N MET A 10 69.75 71.31 27.09
CA MET A 10 69.05 70.71 28.17
C MET A 10 69.54 69.30 28.22
N PHE A 11 69.73 68.69 27.07
CA PHE A 11 70.01 67.23 26.90
C PHE A 11 71.14 66.68 27.65
N ILE A 12 72.27 67.36 27.73
CA ILE A 12 73.40 66.85 28.53
C ILE A 12 72.90 66.57 29.94
N THR A 13 72.12 67.50 30.49
CA THR A 13 71.63 67.22 31.76
C THR A 13 70.69 66.06 31.89
N LYS A 14 69.85 65.90 30.94
CA LYS A 14 68.96 64.77 31.12
C LYS A 14 69.75 63.45 31.02
N LYS A 15 70.83 63.39 30.20
CA LYS A 15 71.51 62.13 30.08
C LYS A 15 72.19 61.81 31.41
N MET A 16 72.76 62.85 31.99
CA MET A 16 73.36 62.67 33.28
C MET A 16 72.36 62.34 34.38
N ILE A 17 71.20 62.92 34.37
CA ILE A 17 70.30 62.60 35.41
C ILE A 17 69.91 61.12 35.31
N GLU A 18 69.70 60.65 34.11
CA GLU A 18 69.31 59.23 34.02
C GLU A 18 70.54 58.42 34.57
N ILE A 19 71.75 58.84 34.29
CA ILE A 19 72.94 58.07 34.74
C ILE A 19 73.09 58.09 36.27
N ARG A 20 72.74 59.23 36.91
CA ARG A 20 72.66 59.38 38.33
C ARG A 20 71.67 58.33 38.86
N ASN A 21 70.50 58.22 38.22
CA ASN A 21 69.65 57.19 38.70
C ASN A 21 70.29 55.84 38.56
N LEU A 22 70.87 55.47 37.40
CA LEU A 22 71.41 54.10 37.32
C LEU A 22 72.57 53.80 38.27
N LEU A 23 73.32 54.86 38.67
CA LEU A 23 74.34 54.55 39.66
C LEU A 23 73.65 54.30 40.96
N GLN A 24 72.60 55.13 41.25
CA GLN A 24 71.92 55.01 42.50
C GLN A 24 71.35 53.63 42.66
N LYS A 25 70.89 53.05 41.59
CA LYS A 25 70.29 51.73 41.63
C LYS A 25 71.19 50.52 41.43
N VAL A 26 72.48 50.70 41.02
CA VAL A 26 73.26 49.47 40.68
C VAL A 26 73.28 48.27 41.63
N GLY A 27 73.52 48.56 42.95
CA GLY A 27 73.70 47.49 43.82
C GLY A 27 74.27 47.81 45.18
N GLN A 28 74.77 46.85 45.91
CA GLN A 28 75.29 47.12 47.26
C GLN A 28 76.52 47.99 47.37
N GLY A 29 77.58 47.71 46.60
CA GLY A 29 78.78 48.40 46.70
C GLY A 29 78.78 49.61 45.79
N SER A 30 77.62 49.98 45.28
CA SER A 30 77.57 51.12 44.43
C SER A 30 77.45 52.22 45.39
N THR A 31 78.49 52.41 46.18
CA THR A 31 78.64 53.54 47.05
C THR A 31 78.55 54.73 46.09
N VAL A 32 79.15 54.58 44.95
CA VAL A 32 79.27 55.64 43.92
C VAL A 32 78.02 56.39 43.45
N THR A 33 78.13 57.74 43.33
CA THR A 33 77.05 58.53 42.72
C THR A 33 77.36 59.86 42.14
N LEU A 34 76.35 60.46 41.45
CA LEU A 34 76.51 61.81 40.92
C LEU A 34 75.78 62.85 41.77
N PRO A 35 76.40 64.11 41.87
CA PRO A 35 75.69 65.08 42.73
C PRO A 35 74.41 65.79 42.19
N SER A 36 73.91 66.47 42.96
CA SER A 36 72.56 67.03 42.68
C SER A 36 72.31 68.20 43.67
N ILE A 37 71.18 68.87 43.48
CA ILE A 37 70.81 70.02 44.28
C ILE A 37 70.21 69.55 45.54
N VAL A 38 70.70 70.07 46.68
CA VAL A 38 70.09 69.92 48.01
C VAL A 38 69.51 71.28 48.43
N VAL A 39 68.37 71.29 49.09
CA VAL A 39 67.58 72.53 49.37
C VAL A 39 67.35 72.57 50.90
N ILE A 40 67.85 73.63 51.58
CA ILE A 40 67.68 73.80 53.03
C ILE A 40 67.07 75.16 53.25
N GLY A 41 66.18 75.22 54.29
CA GLY A 41 65.59 76.48 54.77
C GLY A 41 65.02 76.44 56.17
N SER A 42 65.28 77.49 56.94
CA SER A 42 64.72 77.66 58.25
C SER A 42 63.19 77.70 58.19
N GLN A 43 62.51 77.77 59.34
CA GLN A 43 61.07 77.64 59.40
C GLN A 43 60.31 78.60 58.47
N SER A 44 60.45 79.92 58.64
CA SER A 44 59.69 80.84 57.78
C SER A 44 60.35 80.60 56.41
N SER A 45 61.61 80.43 56.49
CA SER A 45 62.44 80.24 55.32
C SER A 45 62.14 78.83 54.72
N GLY A 46 61.92 77.84 55.61
CA GLY A 46 61.56 76.51 55.16
C GLY A 46 60.23 76.45 54.46
N LYS A 47 59.37 77.37 54.84
CA LYS A 47 58.04 77.45 54.25
C LYS A 47 58.16 78.13 52.90
N SER A 48 59.11 79.13 52.87
CA SER A 48 59.39 79.90 51.64
C SER A 48 59.99 78.89 50.61
N SER A 49 60.87 78.04 51.06
CA SER A 49 61.52 77.05 50.23
C SER A 49 60.50 76.06 49.67
N VAL A 50 59.56 75.54 50.53
CA VAL A 50 58.59 74.60 49.99
C VAL A 50 57.79 75.27 48.88
N LEU A 51 57.45 76.54 49.16
CA LEU A 51 56.59 77.28 48.24
C LEU A 51 57.28 77.38 46.91
N GLU A 52 58.52 77.59 47.03
CA GLU A 52 59.40 77.84 45.88
C GLU A 52 59.61 76.62 44.95
N ALA A 53 59.76 75.50 45.63
CA ALA A 53 59.92 74.28 44.92
C ALA A 53 58.68 74.01 44.13
N ILE A 54 57.51 74.23 44.79
CA ILE A 54 56.23 74.03 44.14
C ILE A 54 56.14 74.95 42.95
N VAL A 55 56.38 76.22 43.22
CA VAL A 55 56.35 77.20 42.16
C VAL A 55 57.28 77.04 40.99
N GLY A 56 58.45 76.45 41.17
CA GLY A 56 59.45 76.31 40.11
C GLY A 56 58.96 75.64 38.89
N HIS A 57 58.07 74.69 39.07
CA HIS A 57 57.51 74.08 37.96
C HIS A 57 56.02 74.23 37.86
N GLU A 58 55.37 73.57 38.83
CA GLU A 58 53.86 73.49 38.83
C GLU A 58 53.43 73.23 40.29
N PHE A 59 52.17 73.53 40.68
CA PHE A 59 51.67 73.15 41.98
C PHE A 59 51.92 71.62 42.21
N LEU A 60 52.30 71.29 43.47
CA LEU A 60 52.45 69.92 43.99
C LEU A 60 52.11 69.88 45.46
N PRO A 61 51.75 68.71 45.92
CA PRO A 61 51.43 68.62 47.35
C PRO A 61 52.62 69.03 48.20
N LYS A 62 52.43 69.99 49.09
CA LYS A 62 53.53 70.43 49.92
C LYS A 62 53.10 71.13 51.18
N GLY A 63 54.04 71.28 52.11
CA GLY A 63 53.78 72.07 53.32
C GLY A 63 52.68 71.63 54.18
N SER A 64 51.75 72.52 54.55
CA SER A 64 50.71 72.16 55.49
C SER A 64 51.50 71.50 56.67
N ASN A 65 51.20 70.25 56.99
CA ASN A 65 51.94 69.56 58.09
C ASN A 65 52.84 68.49 57.53
N MET A 66 54.14 68.70 57.67
CA MET A 66 55.17 67.82 57.07
C MET A 66 56.14 67.41 58.15
N ILE A 67 56.24 66.08 58.38
CA ILE A 67 57.09 65.53 59.39
C ILE A 67 58.53 65.74 58.98
N THR A 68 58.70 65.81 57.64
CA THR A 68 59.89 66.21 56.99
C THR A 68 61.03 65.22 57.28
N ARG A 69 60.65 64.10 57.91
CA ARG A 69 61.56 63.01 58.27
C ARG A 69 62.24 62.34 57.06
N ARG A 70 61.52 62.17 55.95
CA ARG A 70 62.22 61.63 54.78
C ARG A 70 62.44 62.64 53.60
N PRO A 71 63.63 62.62 52.99
CA PRO A 71 63.95 63.42 51.79
C PRO A 71 63.16 62.95 50.60
N ILE A 72 62.95 63.88 49.68
CA ILE A 72 62.23 63.63 48.43
C ILE A 72 63.16 64.03 47.25
N GLU A 73 63.60 62.97 46.54
CA GLU A 73 64.47 63.10 45.35
C GLU A 73 63.63 63.45 44.10
N LEU A 74 63.60 64.71 43.69
CA LEU A 74 62.86 65.04 42.54
C LEU A 74 63.73 64.91 41.30
N THR A 75 63.32 64.12 40.35
CA THR A 75 63.97 64.11 39.08
C THR A 75 62.98 64.53 37.98
N LEU A 76 63.29 65.59 37.31
CA LEU A 76 62.45 66.22 36.24
C LEU A 76 62.97 65.88 34.87
N VAL A 77 62.06 65.97 33.90
CA VAL A 77 62.31 65.52 32.49
C VAL A 77 61.68 66.58 31.59
N ASN A 78 62.45 67.13 30.64
CA ASN A 78 61.95 67.95 29.58
C ASN A 78 60.74 67.25 28.95
N ASP A 79 59.59 67.96 28.90
CA ASP A 79 58.37 67.33 28.42
C ASP A 79 57.79 67.89 27.16
N PRO A 80 58.71 68.26 26.21
CA PRO A 80 58.27 68.82 24.94
C PRO A 80 57.78 67.57 24.21
N GLU A 81 56.63 67.70 23.44
CA GLU A 81 55.92 66.56 22.78
C GLU A 81 55.03 65.88 23.76
N ALA A 82 54.97 66.34 25.00
CA ALA A 82 54.02 65.76 25.92
C ALA A 82 53.11 66.89 26.30
N LYS A 83 51.81 66.65 26.21
CA LYS A 83 50.83 67.65 26.51
C LYS A 83 50.03 67.47 27.82
N VAL A 84 50.43 66.46 28.60
CA VAL A 84 49.72 66.24 29.86
C VAL A 84 50.69 66.30 31.03
N ASP A 85 50.40 67.17 32.00
CA ASP A 85 51.19 67.33 33.26
C ASP A 85 50.97 66.17 34.14
N TYR A 86 51.95 65.32 34.20
CA TYR A 86 51.78 64.02 34.84
C TYR A 86 53.10 63.69 35.60
N GLY A 87 52.99 63.21 36.86
CA GLY A 87 54.11 62.80 37.70
C GLY A 87 53.88 61.37 38.17
N GLU A 88 54.99 60.59 38.15
CA GLU A 88 54.99 59.16 38.49
C GLU A 88 56.03 58.75 39.52
N PHE A 89 55.73 57.65 40.30
CA PHE A 89 56.68 57.21 41.34
C PHE A 89 57.47 56.01 40.93
N PRO A 90 58.83 55.99 41.18
CA PRO A 90 59.48 54.81 40.70
C PRO A 90 59.04 53.47 41.41
N ASP A 91 59.15 53.43 42.73
CA ASP A 91 58.63 52.24 43.44
C ASP A 91 57.17 51.92 43.09
N LEU A 92 56.39 52.96 42.74
CA LEU A 92 55.05 52.67 42.27
C LEU A 92 55.27 52.70 40.81
N GLY A 93 56.03 51.80 40.31
CA GLY A 93 56.31 51.78 38.89
C GLY A 93 55.15 51.62 37.92
N LEU A 94 55.32 52.28 36.75
CA LEU A 94 54.45 52.13 35.60
C LEU A 94 53.13 52.84 35.81
N ALA A 95 53.00 53.64 36.92
CA ALA A 95 51.77 54.33 37.25
C ALA A 95 51.96 55.74 36.90
N ARG A 96 51.06 56.30 36.12
CA ARG A 96 51.03 57.74 35.90
C ARG A 96 49.82 58.37 36.65
N VAL A 97 50.08 59.59 37.21
CA VAL A 97 49.12 60.37 38.04
C VAL A 97 48.84 61.70 37.33
N THR A 98 47.59 62.01 37.02
CA THR A 98 47.21 63.23 36.29
C THR A 98 47.11 64.38 37.29
N ASP A 99 46.12 64.35 38.23
CA ASP A 99 45.90 65.46 39.15
C ASP A 99 46.84 65.35 40.41
N PHE A 100 47.53 66.46 40.71
CA PHE A 100 48.46 66.45 41.86
C PHE A 100 47.80 66.33 43.21
N SER A 101 46.51 66.42 43.28
CA SER A 101 45.81 66.14 44.53
C SER A 101 46.02 64.71 44.95
N LEU A 102 45.91 63.78 44.04
CA LEU A 102 46.26 62.40 44.29
C LEU A 102 47.73 62.30 44.75
N ILE A 103 48.65 62.98 44.06
CA ILE A 103 50.03 63.06 44.53
C ILE A 103 50.13 63.70 45.92
N GLN A 104 49.22 64.61 46.27
CA GLN A 104 49.18 65.08 47.65
C GLN A 104 48.82 63.96 48.58
N LYS A 105 47.72 63.29 48.30
CA LYS A 105 47.29 62.22 49.24
C LYS A 105 48.41 61.15 49.44
N THR A 106 49.02 60.73 48.36
CA THR A 106 49.96 59.58 48.39
C THR A 106 51.22 59.95 49.07
N LEU A 107 51.89 61.10 48.64
CA LEU A 107 53.19 61.44 49.27
C LEU A 107 53.03 61.97 50.71
N THR A 108 51.91 62.55 51.04
CA THR A 108 51.73 63.08 52.35
C THR A 108 51.29 61.94 53.30
N GLU A 109 50.62 60.88 52.79
CA GLU A 109 50.48 59.69 53.67
C GLU A 109 51.78 58.96 53.85
N LEU A 110 52.69 59.01 52.90
CA LEU A 110 54.04 58.60 53.15
C LEU A 110 54.67 59.48 54.21
N ASN A 111 54.25 60.76 54.17
CA ASN A 111 54.69 61.73 55.18
C ASN A 111 54.20 61.35 56.59
N GLN A 112 53.01 60.80 56.74
CA GLN A 112 52.50 60.43 58.08
C GLN A 112 52.98 59.09 58.47
N SER A 113 53.40 58.25 57.49
CA SER A 113 53.99 56.94 57.83
C SER A 113 55.42 57.15 58.33
N VAL A 114 56.16 57.93 57.64
CA VAL A 114 57.55 58.16 58.06
C VAL A 114 58.44 56.96 57.87
N THR A 121 64.33 54.27 59.22
CA THR A 121 64.69 53.85 57.85
C THR A 121 65.48 54.97 57.14
N ASP A 122 64.80 56.11 57.02
CA ASP A 122 65.41 57.36 56.54
C ASP A 122 65.47 57.40 55.01
N ASP A 123 64.87 56.41 54.40
CA ASP A 123 65.03 56.26 52.94
C ASP A 123 64.41 57.42 52.21
N PRO A 124 65.07 57.92 51.08
CA PRO A 124 64.35 59.03 50.44
C PRO A 124 63.59 58.65 49.20
N ILE A 125 62.27 58.92 49.17
CA ILE A 125 61.41 58.58 48.07
C ILE A 125 61.93 59.33 46.87
N ARG A 126 62.00 58.60 45.73
CA ARG A 126 62.30 59.12 44.41
C ARG A 126 61.01 59.53 43.72
N LEU A 127 61.09 60.55 42.85
CA LEU A 127 59.93 61.05 42.16
C LEU A 127 60.32 61.41 40.77
N THR A 128 59.36 61.46 39.87
CA THR A 128 59.60 61.76 38.46
C THR A 128 58.36 62.51 37.88
N ILE A 129 58.55 63.75 37.40
CA ILE A 129 57.44 64.53 36.93
C ILE A 129 57.84 65.03 35.51
N HIS A 130 56.84 64.98 34.53
CA HIS A 130 57.00 65.38 33.14
C HIS A 130 56.00 66.51 32.88
N SER A 131 56.57 67.71 32.55
CA SER A 131 55.72 68.90 32.20
C SER A 131 56.49 69.82 31.21
N PRO A 132 55.88 70.29 30.08
CA PRO A 132 56.66 71.03 29.04
C PRO A 132 57.29 72.32 29.49
N ASN A 133 56.69 73.02 30.39
CA ASN A 133 57.28 74.26 30.94
C ASN A 133 58.42 73.97 31.86
N ILE A 134 58.48 72.80 32.46
CA ILE A 134 59.56 72.51 33.42
C ILE A 134 60.82 72.08 32.67
N PRO A 135 61.97 72.67 32.97
CA PRO A 135 63.24 72.09 32.51
C PRO A 135 63.70 70.99 33.46
N ASP A 136 64.31 69.92 32.88
CA ASP A 136 64.77 68.80 33.70
C ASP A 136 65.80 69.25 34.70
N LEU A 137 65.65 68.69 35.88
CA LEU A 137 66.48 69.09 37.02
C LEU A 137 66.71 67.81 37.86
N SER A 138 67.37 67.92 39.00
CA SER A 138 67.47 66.84 39.90
C SER A 138 67.67 67.38 41.32
N LEU A 139 66.66 67.97 41.91
CA LEU A 139 66.80 68.54 43.23
C LEU A 139 66.17 67.54 44.22
N ILE A 140 66.75 67.56 45.51
CA ILE A 140 66.22 66.85 46.63
C ILE A 140 65.90 67.79 47.74
N ASP A 141 64.69 67.58 48.35
CA ASP A 141 64.18 68.42 49.44
C ASP A 141 64.23 67.59 50.70
N LEU A 142 65.13 67.98 51.62
CA LEU A 142 65.19 67.38 52.90
C LEU A 142 64.43 68.30 53.91
N PRO A 143 64.18 67.80 55.08
CA PRO A 143 63.42 68.63 56.08
C PRO A 143 64.22 69.82 56.42
N GLY A 144 63.52 70.97 56.54
CA GLY A 144 64.22 72.15 56.97
C GLY A 144 64.37 72.25 58.51
N TYR A 145 65.29 73.16 58.88
CA TYR A 145 65.61 73.38 60.29
C TYR A 145 64.40 74.05 61.04
N ILE A 146 64.24 73.64 62.30
CA ILE A 146 63.24 74.22 63.14
C ILE A 146 63.96 74.84 64.37
N LEU A 157 65.65 65.20 68.53
CA LEU A 157 64.64 65.39 67.51
C LEU A 157 65.04 66.48 66.49
N LYS A 158 64.97 67.69 66.88
CA LYS A 158 65.47 68.72 65.99
C LYS A 158 66.95 68.43 65.64
N ARG A 159 67.63 67.84 66.58
CA ARG A 159 69.00 67.53 66.50
C ARG A 159 69.12 66.48 65.45
N LYS A 160 68.25 65.51 65.52
CA LYS A 160 68.39 64.40 64.60
C LYS A 160 68.13 64.86 63.11
N ILE A 161 67.21 65.84 62.93
CA ILE A 161 66.92 66.40 61.63
C ILE A 161 68.16 67.13 61.17
N THR A 162 68.79 67.84 62.10
CA THR A 162 69.99 68.59 61.74
C THR A 162 71.11 67.63 61.27
N GLU A 163 71.27 66.55 62.05
CA GLU A 163 72.22 65.58 61.77
C GLU A 163 72.09 65.15 60.33
N LEU A 164 70.84 64.97 59.76
CA LEU A 164 70.70 64.42 58.36
C LEU A 164 71.03 65.48 57.38
N CYS A 165 70.59 66.70 57.68
CA CYS A 165 70.87 67.84 56.90
C CYS A 165 72.35 68.03 56.73
N ASP A 166 73.07 67.97 57.82
CA ASP A 166 74.46 68.26 57.75
C ASP A 166 75.16 67.23 56.95
N LYS A 167 74.78 66.02 57.15
CA LYS A 167 75.46 64.92 56.41
C LYS A 167 75.22 65.10 54.97
N TYR A 168 74.00 65.45 54.58
CA TYR A 168 73.81 65.62 53.10
C TYR A 168 74.55 66.81 52.50
N ILE A 169 74.62 67.91 53.24
CA ILE A 169 75.28 69.11 52.73
C ILE A 169 76.78 68.92 52.52
N ARG A 170 77.45 68.09 53.41
CA ARG A 170 78.89 67.95 53.30
C ARG A 170 79.36 67.56 51.93
N GLY A 171 78.99 66.48 51.43
CA GLY A 171 79.39 66.05 50.09
C GLY A 171 79.12 67.07 49.04
N PRO A 172 80.02 67.10 47.96
CA PRO A 172 79.92 68.13 46.94
C PRO A 172 78.67 68.00 46.10
N ASN A 173 77.54 68.26 46.71
CA ASN A 173 76.31 68.59 45.98
C ASN A 173 76.21 70.12 45.80
N ILE A 174 75.48 70.56 44.75
CA ILE A 174 75.24 71.95 44.55
C ILE A 174 74.07 72.22 45.51
N ILE A 175 74.41 72.80 46.63
CA ILE A 175 73.50 73.05 47.66
C ILE A 175 72.85 74.39 47.47
N LEU A 176 71.70 74.54 48.16
CA LEU A 176 71.54 75.73 48.98
C LEU A 176 70.19 76.23 49.16
N ALA A 177 70.25 77.53 49.48
CA ALA A 177 69.46 78.01 50.55
C ALA A 177 68.43 78.96 50.00
N ILE A 178 67.39 79.08 50.76
CA ILE A 178 66.38 80.08 50.68
C ILE A 178 66.36 80.86 51.95
N SER A 179 65.93 82.14 51.89
CA SER A 179 65.84 82.89 53.05
C SER A 179 64.65 83.91 52.94
N ALA A 180 63.72 83.86 53.94
CA ALA A 180 62.62 84.87 53.99
C ALA A 180 63.16 86.26 54.22
N ALA A 181 62.53 87.26 53.51
CA ALA A 181 62.99 88.68 53.66
C ALA A 181 62.78 89.22 55.05
N ASP A 182 61.82 88.76 55.84
CA ASP A 182 61.67 89.34 57.17
C ASP A 182 62.86 89.07 58.12
N THR A 183 63.43 87.81 58.03
CA THR A 183 64.61 87.51 58.85
C THR A 183 65.93 88.11 58.35
N ASP A 184 66.77 88.48 59.28
CA ASP A 184 68.13 88.91 58.93
C ASP A 184 68.84 87.80 58.20
N LEU A 185 69.68 88.14 57.27
CA LEU A 185 70.37 87.08 56.60
C LEU A 185 71.18 86.23 57.60
N ALA A 186 71.86 86.89 58.51
CA ALA A 186 72.73 86.16 59.51
C ALA A 186 71.89 85.18 60.33
N ASN A 187 70.76 85.63 60.81
CA ASN A 187 69.85 84.80 61.61
C ASN A 187 69.35 83.53 60.98
N SER A 188 69.18 83.53 59.71
CA SER A 188 68.69 82.28 59.07
C SER A 188 69.68 81.05 59.02
N THR A 189 69.32 79.97 59.67
CA THR A 189 70.19 78.71 59.64
C THR A 189 70.57 78.26 58.31
N ALA A 190 69.59 78.37 57.36
CA ALA A 190 69.86 77.92 55.97
C ALA A 190 71.20 78.51 55.44
N LEU A 191 71.27 79.80 55.17
CA LEU A 191 72.51 80.34 54.75
C LEU A 191 73.63 80.16 55.71
N GLN A 192 73.33 80.03 56.96
CA GLN A 192 74.36 79.84 58.05
C GLN A 192 75.05 78.50 58.01
N ALA A 193 74.29 77.40 57.70
CA ALA A 193 74.89 76.09 57.44
C ALA A 193 75.48 76.05 56.04
N SER A 194 74.89 76.75 55.11
CA SER A 194 75.46 76.84 53.81
C SER A 194 76.85 77.38 53.93
N ARG A 195 77.01 78.36 54.84
CA ARG A 195 78.35 78.86 55.04
C ARG A 195 79.21 77.90 55.88
N ARG A 196 78.61 77.21 56.80
CA ARG A 196 79.34 76.30 57.66
C ARG A 196 80.02 75.20 56.86
N VAL A 197 79.26 74.54 55.99
CA VAL A 197 79.83 73.41 55.18
C VAL A 197 80.52 73.91 53.91
N ASP A 198 80.28 75.16 53.44
CA ASP A 198 80.90 75.76 52.28
C ASP A 198 81.51 77.14 52.71
N PRO A 199 82.76 77.20 53.12
CA PRO A 199 83.31 78.48 53.48
C PRO A 199 83.50 79.36 52.31
N ARG A 200 84.01 78.81 51.16
CA ARG A 200 84.28 79.57 49.97
C ARG A 200 83.04 80.12 49.35
N GLY A 201 81.86 79.50 49.60
CA GLY A 201 80.59 79.80 48.85
C GLY A 201 80.60 79.53 47.41
N GLU A 202 81.43 78.61 46.95
CA GLU A 202 81.59 78.26 45.52
C GLU A 202 80.46 77.33 44.96
N ARG A 203 80.00 76.43 45.79
CA ARG A 203 79.07 75.39 45.36
C ARG A 203 77.64 75.64 45.86
N THR A 204 77.28 76.89 46.27
CA THR A 204 76.02 77.17 46.92
C THR A 204 75.33 78.43 46.33
N ILE A 205 74.03 78.36 46.01
CA ILE A 205 73.25 79.45 45.49
C ILE A 205 72.17 79.86 46.51
N GLY A 206 71.84 81.13 46.52
CA GLY A 206 70.95 81.71 47.46
C GLY A 206 69.73 82.24 46.82
N VAL A 207 68.55 82.13 47.55
CA VAL A 207 67.26 82.69 47.09
C VAL A 207 66.57 83.45 48.26
N ILE A 208 66.08 84.63 48.02
CA ILE A 208 65.34 85.49 48.94
C ILE A 208 63.88 85.50 48.56
N THR A 209 63.13 84.81 49.39
CA THR A 209 61.71 84.55 49.14
C THR A 209 60.87 85.56 49.95
N LYS A 210 59.55 85.49 49.76
CA LYS A 210 58.65 86.39 50.49
C LYS A 210 59.06 87.77 50.25
N MET A 211 59.42 88.07 49.04
CA MET A 211 59.97 89.43 48.77
C MET A 211 58.89 90.47 48.38
N ASP A 212 57.66 90.05 48.33
CA ASP A 212 56.61 90.90 47.94
C ASP A 212 56.31 92.00 48.90
N LEU A 213 56.53 91.75 50.18
CA LEU A 213 56.16 92.72 51.20
C LEU A 213 57.39 93.49 51.76
N VAL A 214 58.20 94.01 50.85
CA VAL A 214 59.37 94.77 51.27
C VAL A 214 59.56 95.92 50.24
N GLU A 215 60.06 97.03 50.69
CA GLU A 215 60.50 98.11 49.85
C GLU A 215 61.65 97.64 48.97
N PRO A 216 61.78 98.37 47.82
CA PRO A 216 62.74 98.12 46.76
C PRO A 216 64.11 98.44 47.30
N GLU A 217 64.14 99.34 48.27
CA GLU A 217 65.44 99.64 48.96
C GLU A 217 65.79 98.25 49.55
N LYS A 218 64.71 97.56 50.06
CA LYS A 218 64.76 96.30 50.77
C LYS A 218 65.28 95.11 49.92
N GLY A 219 64.82 95.06 48.65
CA GLY A 219 65.25 94.02 47.72
C GLY A 219 66.71 94.31 47.42
N ALA A 220 67.05 95.58 47.30
CA ALA A 220 68.40 95.95 46.85
C ALA A 220 69.38 95.47 47.94
N ALA A 221 68.97 95.56 49.18
CA ALA A 221 70.07 95.28 50.13
C ALA A 221 70.16 93.76 50.25
N ILE A 222 69.05 93.14 50.30
CA ILE A 222 69.12 91.71 50.22
C ILE A 222 69.57 91.00 48.98
N LEU A 223 68.93 91.29 47.85
CA LEU A 223 69.24 90.61 46.60
C LEU A 223 70.74 90.82 46.39
N SER A 224 71.27 91.94 46.76
CA SER A 224 72.68 92.10 46.56
C SER A 224 73.30 92.49 47.86
N ASP A 225 74.22 91.63 48.31
CA ASP A 225 74.90 91.86 49.59
C ASP A 225 76.37 91.56 49.46
N ARG A 226 77.15 92.09 50.46
CA ARG A 226 78.57 91.93 50.46
C ARG A 226 79.03 91.41 51.85
N GLN A 227 78.06 91.26 52.71
CA GLN A 227 78.33 90.72 54.00
C GLN A 227 78.59 89.26 53.71
N TYR A 228 78.00 88.66 52.63
CA TYR A 228 78.24 87.23 52.57
C TYR A 228 78.32 86.75 51.11
N PRO A 229 79.38 87.15 50.35
CA PRO A 229 79.34 86.98 48.92
C PRO A 229 79.62 85.54 48.54
N LEU A 230 79.06 85.10 47.43
CA LEU A 230 79.30 83.72 46.89
C LEU A 230 79.30 83.83 45.40
N LYS A 231 79.89 82.84 44.73
CA LYS A 231 79.62 82.64 43.32
C LYS A 231 78.17 82.14 43.08
N LEU A 232 77.68 82.36 41.90
CA LEU A 232 76.30 82.10 41.40
C LEU A 232 75.24 83.07 42.01
N GLY A 233 75.58 83.97 42.91
CA GLY A 233 74.77 84.98 43.22
C GLY A 233 73.54 84.58 43.95
N TYR A 234 72.72 85.53 44.36
CA TYR A 234 71.39 85.28 44.99
C TYR A 234 70.32 85.50 43.99
N VAL A 235 69.17 84.95 44.27
CA VAL A 235 68.02 85.13 43.36
C VAL A 235 66.77 85.43 44.21
N GLY A 236 66.15 86.64 44.00
CA GLY A 236 65.01 87.02 44.77
C GLY A 236 63.77 86.78 43.90
N VAL A 237 62.72 86.28 44.54
CA VAL A 237 61.48 85.99 43.86
C VAL A 237 60.36 85.84 44.87
N ILE A 238 59.16 86.05 44.44
CA ILE A 238 57.98 85.88 45.26
C ILE A 238 57.23 84.70 44.67
N SER A 239 57.12 83.63 45.42
CA SER A 239 56.39 82.44 44.89
C SER A 239 55.10 82.18 45.64
N LYS A 240 54.03 82.06 44.89
CA LYS A 240 52.74 81.71 45.52
C LYS A 240 51.58 81.88 44.60
N GLY A 253 43.36 77.27 37.17
CA GLY A 253 44.41 76.56 36.51
C GLY A 253 45.41 77.48 35.92
N ASN A 254 46.30 76.93 35.12
CA ASN A 254 47.32 77.75 34.48
C ASN A 254 48.15 78.54 35.50
N LEU A 255 48.38 77.92 36.67
CA LEU A 255 49.12 78.53 37.80
C LEU A 255 50.55 78.92 37.37
N LEU A 256 51.24 78.00 36.72
CA LEU A 256 52.60 78.32 36.21
C LEU A 256 52.68 79.74 35.62
N ALA A 257 52.04 79.89 34.46
CA ALA A 257 52.03 81.02 33.68
C ALA A 257 51.68 82.17 34.47
N SER A 258 50.70 82.02 35.42
CA SER A 258 50.34 83.11 36.26
C SER A 258 51.36 83.47 37.21
N ILE A 259 52.01 82.49 37.79
CA ILE A 259 53.08 82.92 38.65
C ILE A 259 54.08 83.64 37.82
N ASN A 260 54.11 83.30 36.58
CA ASN A 260 55.08 83.99 35.70
C ASN A 260 54.63 85.44 35.45
N ARG A 261 53.34 85.57 35.26
CA ARG A 261 52.64 86.82 34.95
C ARG A 261 52.87 87.79 36.07
N ASN A 262 52.72 87.35 37.30
CA ASN A 262 52.88 88.22 38.45
C ASN A 262 54.38 88.72 38.54
N GLU A 263 55.33 87.80 38.25
CA GLU A 263 56.74 88.19 38.33
C GLU A 263 57.01 89.19 37.24
N LYS A 264 56.48 88.94 36.05
CA LYS A 264 56.64 89.92 34.99
C LYS A 264 55.98 91.28 35.35
N ASN A 265 54.80 91.24 35.93
CA ASN A 265 54.03 92.41 36.37
C ASN A 265 54.46 93.26 37.58
N TYR A 266 54.85 92.58 38.69
CA TYR A 266 55.23 93.19 39.93
C TYR A 266 56.43 94.12 39.91
N PHE A 267 57.51 93.72 39.20
CA PHE A 267 58.72 94.51 39.26
C PHE A 267 58.41 95.90 38.68
N GLY A 268 57.44 95.95 37.72
CA GLY A 268 56.98 97.22 37.17
C GLY A 268 56.61 98.22 38.27
N SER A 269 56.31 97.74 39.42
CA SER A 269 55.94 98.64 40.52
C SER A 269 57.14 99.50 40.85
N HIS A 270 58.30 98.89 40.95
CA HIS A 270 59.58 99.58 41.24
C HIS A 270 60.55 98.97 40.27
N PRO A 271 60.39 99.40 38.95
CA PRO A 271 61.27 98.73 37.99
C PRO A 271 62.77 98.98 38.15
N THR A 272 63.15 100.25 38.31
CA THR A 272 64.55 100.58 38.45
C THR A 272 65.20 99.88 39.62
N GLU A 273 64.46 99.71 40.73
CA GLU A 273 65.08 99.09 41.90
C GLU A 273 65.43 97.58 41.48
N PHE A 274 64.62 96.85 40.77
CA PHE A 274 65.06 95.46 40.42
C PHE A 274 64.52 95.04 39.09
N GLY A 275 65.31 95.35 38.05
CA GLY A 275 64.96 95.01 36.73
C GLY A 275 66.15 95.00 35.83
N PRO A 276 65.87 95.07 34.52
CA PRO A 276 67.11 95.05 33.67
C PRO A 276 68.23 96.07 33.97
N ASP A 277 69.42 95.53 33.89
CA ASP A 277 70.70 96.20 34.06
C ASP A 277 70.99 96.58 35.51
N SER A 278 70.03 96.23 36.37
CA SER A 278 70.14 96.43 37.77
C SER A 278 71.05 95.29 38.10
N GLY A 279 71.80 95.36 39.18
CA GLY A 279 72.68 94.27 39.46
C GLY A 279 71.99 92.96 39.94
N VAL A 280 70.83 93.12 40.59
CA VAL A 280 70.08 92.01 41.11
C VAL A 280 69.44 91.25 40.01
N SER A 281 69.15 89.99 40.30
CA SER A 281 68.49 89.17 39.37
C SER A 281 67.26 88.59 39.98
N THR A 282 66.05 88.57 39.26
CA THR A 282 64.88 87.95 39.90
C THR A 282 63.77 87.41 39.08
N GLY A 283 62.92 86.71 39.69
CA GLY A 283 62.03 85.86 38.88
C GLY A 283 62.55 84.45 38.65
N VAL A 284 61.62 83.58 38.25
CA VAL A 284 61.85 82.14 38.38
C VAL A 284 62.70 81.65 37.18
N MET A 285 62.61 82.27 36.04
CA MET A 285 63.18 81.72 34.85
C MET A 285 64.71 81.87 34.84
N THR A 286 65.18 83.05 35.09
CA THR A 286 66.66 83.25 35.19
C THR A 286 67.27 82.31 36.27
N LEU A 287 66.65 82.25 37.44
CA LEU A 287 67.05 81.35 38.50
C LEU A 287 67.08 79.89 38.03
N ARG A 288 66.17 79.54 37.18
CA ARG A 288 66.14 78.19 36.63
C ARG A 288 67.36 77.96 35.67
N LYS A 289 67.58 78.87 34.75
CA LYS A 289 68.63 78.63 33.75
C LYS A 289 69.98 78.62 34.50
N LYS A 290 70.13 79.47 35.51
CA LYS A 290 71.32 79.36 36.34
C LYS A 290 71.43 77.99 36.89
N LEU A 291 70.30 77.49 37.40
CA LEU A 291 70.29 76.08 37.93
C LEU A 291 70.76 75.12 36.88
N LEU A 292 70.36 75.33 35.63
CA LEU A 292 70.76 74.42 34.55
C LEU A 292 72.29 74.46 34.39
N GLN A 293 72.89 75.64 34.44
CA GLN A 293 74.28 75.82 34.16
C GLN A 293 75.09 75.13 35.26
N VAL A 294 74.79 75.50 36.57
CA VAL A 294 75.53 75.00 37.68
C VAL A 294 75.53 73.48 37.67
N LEU A 295 74.35 72.91 37.42
CA LEU A 295 74.17 71.50 37.47
C LEU A 295 74.98 70.79 36.38
N GLU A 296 74.92 71.31 35.15
CA GLU A 296 75.70 70.78 34.04
C GLU A 296 77.17 70.88 34.38
N GLN A 297 77.67 72.00 34.88
CA GLN A 297 79.14 72.18 35.17
C GLN A 297 79.64 71.20 36.25
N GLN A 298 79.05 71.30 37.49
CA GLN A 298 79.49 70.42 38.64
C GLN A 298 79.45 68.95 38.39
N MET A 299 78.32 68.49 37.80
CA MET A 299 78.13 67.08 37.45
C MET A 299 79.27 66.67 36.52
N SER A 300 79.50 67.52 35.53
CA SER A 300 80.56 67.24 34.55
C SER A 300 81.96 67.10 35.23
N SER A 301 82.28 67.92 36.24
CA SER A 301 83.50 67.72 37.02
C SER A 301 83.57 66.31 37.71
N LYS A 302 82.50 65.92 38.42
CA LYS A 302 82.42 64.63 39.13
C LYS A 302 82.49 63.37 38.21
N LEU A 303 82.22 63.58 36.88
CA LEU A 303 82.06 62.45 35.87
C LEU A 303 83.30 61.57 35.75
N ASN A 304 84.51 62.14 35.67
CA ASN A 304 85.76 61.38 35.65
C ASN A 304 86.00 60.44 36.81
N GLU A 305 85.99 60.96 38.03
CA GLU A 305 86.29 60.14 39.13
C GLU A 305 85.23 59.07 39.28
N THR A 306 84.02 59.51 39.09
CA THR A 306 82.93 58.58 39.14
C THR A 306 83.12 57.45 38.06
N THR A 307 83.55 57.80 36.84
CA THR A 307 83.64 56.82 35.75
C THR A 307 84.72 55.80 35.99
N GLU A 308 85.89 56.22 36.36
CA GLU A 308 86.99 55.29 36.76
C GLU A 308 86.44 54.36 37.88
N ALA A 309 85.65 54.89 38.77
CA ALA A 309 84.98 54.04 39.84
C ALA A 309 84.13 52.96 39.29
N ILE A 310 83.28 53.29 38.33
CA ILE A 310 82.47 52.27 37.62
C ILE A 310 83.30 51.26 36.85
N GLN A 311 84.46 51.70 36.20
CA GLN A 311 85.34 50.74 35.53
C GLN A 311 85.96 49.77 36.47
N ARG A 312 86.26 50.23 37.70
CA ARG A 312 86.86 49.35 38.80
C ARG A 312 85.82 48.31 39.30
N GLU A 313 84.52 48.78 39.43
CA GLU A 313 83.48 47.84 39.87
C GLU A 313 82.98 46.90 38.72
N LEU A 314 83.10 47.35 37.47
CA LEU A 314 82.85 46.46 36.39
C LEU A 314 83.90 45.36 36.40
N GLU A 315 85.18 45.73 36.56
CA GLU A 315 86.29 44.73 36.64
C GLU A 315 86.18 43.84 37.82
N GLU A 316 85.79 44.34 38.94
CA GLU A 316 85.47 43.39 40.05
C GLU A 316 84.32 42.46 39.70
N THR A 317 83.25 42.93 39.14
CA THR A 317 82.11 42.05 38.80
C THR A 317 82.50 41.07 37.72
N THR A 318 83.21 41.52 36.71
CA THR A 318 83.64 40.61 35.68
C THR A 318 84.56 39.48 36.21
N TYR A 319 85.54 39.84 37.14
CA TYR A 319 86.48 38.81 37.63
C TYR A 319 85.73 37.74 38.49
N GLN A 320 84.86 38.27 39.42
CA GLN A 320 83.96 37.33 40.13
C GLN A 320 83.14 36.50 39.19
N PHE A 321 82.70 37.07 38.04
CA PHE A 321 81.93 36.30 37.02
C PHE A 321 82.74 35.08 36.47
N LYS A 322 84.08 35.16 36.48
CA LYS A 322 84.88 34.03 36.04
C LYS A 322 85.08 33.03 37.14
N VAL A 323 85.53 33.52 38.26
CA VAL A 323 85.92 32.57 39.36
C VAL A 323 84.68 31.78 39.74
N GLN A 324 83.56 32.46 39.70
CA GLN A 324 82.31 31.92 40.04
C GLN A 324 81.53 31.73 38.74
N TYR A 325 81.19 30.45 38.32
CA TYR A 325 80.28 30.01 37.19
C TYR A 325 80.95 30.03 35.81
N ASN A 326 82.26 30.18 35.71
CA ASN A 326 83.01 30.09 34.40
C ASN A 326 82.52 31.04 33.33
N GLU A 327 82.05 32.20 33.75
CA GLU A 327 81.64 33.26 32.85
C GLU A 327 80.65 32.80 31.73
N GLN A 328 80.01 31.71 31.92
CA GLN A 328 79.13 31.32 30.86
C GLN A 328 77.80 31.97 31.10
N PRO A 329 77.12 32.31 30.03
CA PRO A 329 75.78 32.86 30.21
C PRO A 329 74.86 31.81 30.77
N MET A 330 73.92 32.22 31.58
CA MET A 330 72.96 31.24 32.10
C MET A 330 71.60 31.84 32.26
N SER A 331 70.61 31.07 31.86
CA SER A 331 69.26 31.39 32.14
C SER A 331 68.68 30.30 33.06
N ALA A 332 67.59 30.65 33.66
CA ALA A 332 66.90 29.69 34.52
C ALA A 332 66.36 28.53 33.67
N GLU A 333 65.86 28.77 32.48
CA GLU A 333 65.34 27.61 31.67
C GLU A 333 66.42 26.59 31.34
N SER A 334 67.65 27.04 31.00
CA SER A 334 68.76 26.11 30.65
C SER A 334 69.14 25.20 31.88
N TYR A 335 69.11 25.82 33.07
CA TYR A 335 69.28 25.07 34.34
C TYR A 335 68.19 24.05 34.46
N LEU A 336 66.94 24.49 34.31
CA LEU A 336 65.77 23.62 34.51
C LEU A 336 65.78 22.44 33.47
N ALA A 337 66.22 22.69 32.22
CA ALA A 337 66.24 21.68 31.19
C ALA A 337 67.23 20.54 31.51
N ALA A 338 68.42 20.90 31.93
CA ALA A 338 69.43 19.90 32.18
C ALA A 338 68.94 18.99 33.31
N SER A 339 68.34 19.53 34.40
CA SER A 339 67.84 18.59 35.44
C SER A 339 66.72 17.71 34.95
N LEU A 340 65.69 18.30 34.35
CA LEU A 340 64.56 17.51 33.87
C LEU A 340 65.03 16.34 33.01
N ASP A 341 66.06 16.60 32.20
CA ASP A 341 66.53 15.62 31.34
C ASP A 341 67.12 14.46 32.09
N ASP A 342 67.96 14.81 33.06
CA ASP A 342 68.58 13.74 33.93
C ASP A 342 67.56 12.89 34.70
N PHE A 343 66.46 13.51 35.08
CA PHE A 343 65.45 12.82 35.81
C PHE A 343 64.74 11.81 34.95
N LYS A 344 64.41 12.17 33.69
CA LYS A 344 63.67 11.23 32.84
C LYS A 344 64.42 10.02 32.54
N HIS A 345 65.78 10.13 32.29
CA HIS A 345 66.51 8.90 32.01
C HIS A 345 66.60 8.01 33.28
N GLN A 346 66.78 8.61 34.48
CA GLN A 346 66.72 7.85 35.73
C GLN A 346 65.41 7.12 35.92
N PHE A 347 64.28 7.85 35.71
CA PHE A 347 62.94 7.26 35.90
C PHE A 347 62.80 6.06 34.90
N HIS A 348 63.30 6.19 33.70
CA HIS A 348 63.21 5.13 32.74
C HIS A 348 63.86 3.87 33.23
N GLU A 349 65.04 4.02 33.90
CA GLU A 349 65.69 2.86 34.49
C GLU A 349 64.75 2.10 35.37
N PHE A 350 64.04 2.83 36.26
CA PHE A 350 63.20 2.20 37.24
C PHE A 350 62.05 1.49 36.55
N ALA A 351 61.42 2.14 35.58
CA ALA A 351 60.26 1.51 34.96
C ALA A 351 60.67 0.21 34.23
N SER A 352 61.95 0.13 33.67
CA SER A 352 62.37 -1.17 33.17
C SER A 352 62.41 -2.23 34.27
N SER A 353 62.65 -1.87 35.51
CA SER A 353 62.91 -2.93 36.59
C SER A 353 61.64 -3.60 37.12
N PHE A 354 60.48 -2.96 37.03
CA PHE A 354 59.38 -3.25 37.98
C PHE A 354 58.64 -4.59 37.65
N GLY A 355 57.84 -4.58 36.61
CA GLY A 355 57.20 -5.84 36.30
C GLY A 355 56.09 -6.17 37.24
N ARG A 356 55.83 -7.46 37.36
CA ARG A 356 54.57 -7.98 37.91
C ARG A 356 54.71 -9.04 39.01
N PRO A 357 55.73 -9.88 38.94
CA PRO A 357 56.00 -10.74 40.13
C PRO A 357 56.32 -9.93 41.39
N GLN A 358 56.71 -8.68 41.23
CA GLN A 358 56.94 -7.79 42.34
C GLN A 358 55.61 -7.43 43.05
N LEU A 359 54.67 -6.97 42.22
CA LEU A 359 53.31 -6.70 42.71
C LEU A 359 52.77 -7.98 43.45
N GLN A 360 53.08 -9.20 42.94
CA GLN A 360 52.67 -10.43 43.58
C GLN A 360 53.17 -10.56 45.02
N THR A 361 54.52 -10.38 45.25
CA THR A 361 55.03 -10.48 46.59
C THR A 361 54.52 -9.26 47.49
N LEU A 362 54.26 -8.15 46.89
CA LEU A 362 53.66 -7.05 47.63
C LEU A 362 52.30 -7.37 48.13
N LEU A 363 51.46 -7.89 47.25
CA LEU A 363 50.09 -8.22 47.67
C LEU A 363 50.06 -9.39 48.69
N LYS A 364 50.78 -10.46 48.37
CA LYS A 364 50.85 -11.66 49.22
C LYS A 364 51.26 -11.37 50.64
N ASP A 365 52.09 -10.32 50.82
CA ASP A 365 52.45 -9.91 52.27
C ASP A 365 51.24 -9.34 53.02
N ALA A 366 50.65 -8.30 52.45
CA ALA A 366 49.36 -7.73 52.99
C ALA A 366 48.36 -8.79 53.28
N LEU A 367 48.15 -9.69 52.32
CA LEU A 367 47.14 -10.72 52.49
C LEU A 367 47.55 -11.71 53.58
N ASP A 368 48.87 -11.92 53.70
CA ASP A 368 49.38 -12.77 54.77
C ASP A 368 48.88 -12.24 56.06
N GLN A 369 49.08 -10.94 56.30
CA GLN A 369 48.59 -10.38 57.62
C GLN A 369 47.12 -10.42 57.77
N LYS A 370 46.38 -10.22 56.69
CA LYS A 370 44.96 -10.47 56.75
C LYS A 370 44.60 -11.91 57.19
N VAL A 371 45.27 -12.91 56.61
CA VAL A 371 45.12 -14.31 57.01
C VAL A 371 45.36 -14.48 58.49
N LEU A 372 46.51 -14.00 59.01
CA LEU A 372 46.81 -14.20 60.43
C LEU A 372 45.76 -13.60 61.33
N ASP A 373 45.28 -12.40 61.04
CA ASP A 373 44.20 -11.79 61.83
C ASP A 373 43.01 -12.62 61.73
N GLN A 374 42.53 -12.98 60.52
CA GLN A 374 41.24 -13.70 60.42
C GLN A 374 41.25 -14.98 61.27
N LEU A 375 42.27 -15.73 61.04
CA LEU A 375 42.52 -17.00 61.69
C LEU A 375 42.64 -16.87 63.23
N ALA A 376 43.48 -16.00 63.76
CA ALA A 376 43.61 -15.79 65.17
C ALA A 376 42.31 -15.36 65.81
N ALA A 377 41.55 -14.51 65.15
CA ALA A 377 40.31 -14.06 65.67
C ALA A 377 39.24 -15.08 65.59
N ARG A 378 39.30 -16.02 64.74
CA ARG A 378 38.26 -16.97 64.54
C ARG A 378 38.44 -18.25 65.38
N TYR A 379 39.68 -18.55 65.77
CA TYR A 379 39.97 -19.87 66.39
C TYR A 379 40.66 -19.77 67.78
N TRP A 380 41.70 -18.92 68.00
CA TRP A 380 42.59 -19.02 69.18
C TRP A 380 42.07 -18.32 70.48
N ASN A 381 42.94 -18.38 71.57
CA ASN A 381 42.51 -17.90 72.88
C ASN A 381 42.43 -16.40 72.84
N ARG A 382 41.48 -15.93 73.66
CA ARG A 382 41.23 -14.54 73.92
C ARG A 382 41.84 -14.13 75.28
N PRO A 383 42.18 -12.87 75.46
CA PRO A 383 43.10 -12.43 76.62
C PRO A 383 42.49 -12.66 77.98
N ILE A 384 43.35 -12.67 78.99
CA ILE A 384 42.92 -12.72 80.41
C ILE A 384 42.92 -11.30 80.96
N GLU A 385 41.72 -10.81 81.41
CA GLU A 385 41.57 -9.46 81.90
C GLU A 385 41.57 -9.37 83.41
N ASP A 386 40.81 -10.24 84.04
CA ASP A 386 40.66 -10.21 85.47
C ASP A 386 41.34 -11.48 86.06
N LEU A 387 41.09 -11.74 87.33
CA LEU A 387 41.55 -12.96 88.00
C LEU A 387 40.42 -13.86 88.44
N SER A 388 39.45 -13.97 87.59
CA SER A 388 38.25 -14.84 87.82
C SER A 388 38.44 -16.07 86.97
N PRO A 389 37.77 -17.18 87.37
CA PRO A 389 37.71 -18.33 86.51
C PRO A 389 37.04 -18.05 85.18
N ALA A 390 37.66 -18.61 84.12
CA ALA A 390 37.14 -18.39 82.77
C ALA A 390 35.79 -19.15 82.61
N PRO A 391 34.75 -18.55 81.89
CA PRO A 391 33.55 -19.30 81.51
C PRO A 391 33.94 -20.38 80.52
N ARG A 392 33.30 -21.48 80.63
CA ARG A 392 33.66 -22.67 79.81
C ARG A 392 33.13 -22.64 78.35
N GLU A 393 34.03 -22.40 77.37
CA GLU A 393 33.53 -22.40 76.02
C GLU A 393 33.30 -23.87 75.55
N PRO A 394 32.22 -24.08 74.78
CA PRO A 394 31.85 -25.46 74.43
C PRO A 394 32.89 -26.16 73.60
N ASP A 395 33.39 -25.54 72.50
CA ASP A 395 34.27 -26.14 71.56
C ASP A 395 35.59 -25.46 71.67
N ASN A 396 36.72 -26.16 71.63
CA ASN A 396 38.03 -25.56 71.69
C ASN A 396 38.92 -26.12 70.56
N ILE A 397 39.90 -25.32 70.27
CA ILE A 397 40.93 -25.66 69.27
C ILE A 397 41.66 -26.96 69.62
N ILE A 398 41.77 -27.31 70.90
CA ILE A 398 42.68 -28.46 71.24
C ILE A 398 41.96 -29.79 70.84
N ASP A 399 40.59 -29.70 70.66
CA ASP A 399 39.79 -30.84 70.18
C ASP A 399 39.34 -30.75 68.75
N LEU A 400 40.15 -30.11 67.90
CA LEU A 400 39.86 -29.96 66.41
C LEU A 400 40.22 -31.16 65.63
N PRO A 401 41.43 -31.69 65.75
CA PRO A 401 41.78 -32.88 64.93
C PRO A 401 40.85 -34.11 65.11
N LYS A 402 40.27 -34.32 66.32
CA LYS A 402 39.39 -35.53 66.63
C LYS A 402 38.02 -34.97 66.92
N ALA A 403 37.39 -34.46 65.86
CA ALA A 403 36.08 -34.00 65.93
C ALA A 403 35.28 -34.54 64.76
N ASP A 404 33.98 -34.60 64.97
CA ASP A 404 33.09 -35.09 64.00
C ASP A 404 33.17 -34.19 62.78
N PRO A 405 33.43 -34.72 61.51
CA PRO A 405 33.57 -33.76 60.40
C PRO A 405 32.35 -32.87 60.16
N ASP A 406 31.13 -33.26 60.48
CA ASP A 406 30.03 -32.57 60.02
C ASP A 406 29.59 -31.55 61.17
N SER A 407 30.56 -30.85 61.75
CA SER A 407 30.33 -30.00 62.95
C SER A 407 29.91 -28.56 62.57
N PRO A 408 28.70 -28.14 62.96
CA PRO A 408 28.20 -26.82 62.50
C PRO A 408 29.07 -25.71 63.00
N TYR A 409 29.73 -25.88 64.11
CA TYR A 409 30.58 -24.85 64.67
C TYR A 409 31.86 -24.69 63.82
N TRP A 410 32.56 -25.78 63.55
CA TRP A 410 33.75 -25.67 62.81
C TRP A 410 33.46 -25.29 61.35
N HIS A 411 32.36 -25.86 60.83
CA HIS A 411 31.92 -25.57 59.42
C HIS A 411 31.58 -24.13 59.30
N ARG A 412 30.73 -23.60 60.19
CA ARG A 412 30.44 -22.12 60.19
C ARG A 412 31.70 -21.26 60.46
N GLN A 413 32.68 -21.74 61.28
CA GLN A 413 33.75 -20.84 61.78
C GLN A 413 34.77 -20.70 60.68
N LEU A 414 35.08 -21.82 59.97
CA LEU A 414 35.95 -21.67 58.80
C LEU A 414 35.24 -20.96 57.62
N ASP A 415 33.91 -21.18 57.48
CA ASP A 415 33.14 -20.59 56.40
C ASP A 415 33.06 -19.09 56.60
N THR A 416 32.82 -18.63 57.79
CA THR A 416 32.89 -17.14 58.02
C THR A 416 34.34 -16.67 58.13
N ALA A 417 35.30 -17.51 58.41
CA ALA A 417 36.67 -17.08 58.36
C ALA A 417 37.10 -16.83 56.93
N CYS A 418 36.73 -17.73 55.97
CA CYS A 418 37.10 -17.50 54.54
C CYS A 418 36.23 -16.42 53.86
N SER A 419 34.93 -16.57 53.96
CA SER A 419 34.09 -15.47 53.50
C SER A 419 34.53 -14.08 54.03
N GLY A 420 34.88 -14.02 55.30
CA GLY A 420 35.34 -12.84 55.89
C GLY A 420 36.62 -12.33 55.30
N LEU A 421 37.53 -13.25 54.85
CA LEU A 421 38.75 -12.85 54.10
C LEU A 421 38.47 -12.48 52.67
N THR A 422 37.65 -13.23 51.98
CA THR A 422 37.32 -12.94 50.53
C THR A 422 36.52 -11.68 50.37
N ARG A 423 35.56 -11.53 51.23
CA ARG A 423 34.71 -10.31 51.20
C ARG A 423 35.33 -9.21 52.04
N LEU A 424 36.67 -9.02 51.80
CA LEU A 424 37.36 -7.87 52.32
C LEU A 424 37.71 -7.06 51.16
N GLY A 425 38.02 -5.79 51.44
CA GLY A 425 38.37 -4.89 50.32
C GLY A 425 39.71 -5.28 49.62
N VAL A 426 39.73 -6.48 49.05
CA VAL A 426 40.97 -6.98 48.42
C VAL A 426 41.29 -6.09 47.19
N GLY A 427 40.25 -5.59 46.49
CA GLY A 427 40.43 -4.65 45.41
C GLY A 427 40.98 -3.27 45.84
N ARG A 428 40.37 -2.67 46.87
CA ARG A 428 40.91 -1.42 47.48
C ARG A 428 42.31 -1.64 48.08
N LEU A 429 42.60 -2.84 48.72
CA LEU A 429 43.92 -3.11 49.30
C LEU A 429 45.01 -3.26 48.23
N ALA A 430 44.72 -4.07 47.21
CA ALA A 430 45.73 -4.26 46.16
C ALA A 430 46.07 -2.93 45.51
N ALA A 431 45.03 -2.12 45.23
CA ALA A 431 45.27 -0.85 44.57
C ALA A 431 46.03 0.18 45.46
N THR A 432 45.73 0.21 46.73
CA THR A 432 46.45 1.09 47.63
C THR A 432 47.85 0.65 47.95
N VAL A 433 48.08 -0.64 47.96
CA VAL A 433 49.43 -1.19 48.14
C VAL A 433 50.33 -0.99 46.88
N ALA A 434 49.79 -1.28 45.68
CA ALA A 434 50.53 -1.02 44.40
C ALA A 434 50.79 0.48 44.21
N ALA A 435 49.83 1.31 44.60
CA ALA A 435 50.04 2.75 44.53
C ALA A 435 51.17 3.16 45.40
N SER A 436 51.08 2.85 46.69
CA SER A 436 52.11 3.25 47.65
C SER A 436 53.50 2.79 47.31
N ALA A 437 53.61 1.56 46.85
CA ALA A 437 54.87 1.00 46.28
C ALA A 437 55.47 1.80 45.10
N ILE A 438 54.63 2.07 44.08
CA ILE A 438 55.10 2.79 42.91
C ILE A 438 55.56 4.22 43.42
N GLN A 439 54.72 4.92 44.17
CA GLN A 439 55.06 6.25 44.61
C GLN A 439 56.34 6.26 45.49
N GLN A 440 56.56 5.17 46.21
CA GLN A 440 57.66 5.04 47.09
C GLN A 440 58.93 4.95 46.26
N HIS A 441 58.89 4.21 45.15
CA HIS A 441 60.03 4.20 44.25
C HIS A 441 60.32 5.62 43.73
N VAL A 442 59.34 6.33 43.35
CA VAL A 442 59.43 7.64 42.83
C VAL A 442 60.09 8.61 43.81
N GLU A 443 59.67 8.49 45.10
CA GLU A 443 60.19 9.43 46.06
C GLU A 443 61.75 9.27 46.33
N LYS A 444 62.15 8.00 46.55
CA LYS A 444 63.58 7.62 46.64
C LYS A 444 64.42 7.95 45.33
N LEU A 445 63.87 7.57 44.17
CA LEU A 445 64.51 8.05 42.92
C LEU A 445 64.65 9.56 42.89
N LEU A 446 63.63 10.30 43.47
CA LEU A 446 63.71 11.76 43.47
C LEU A 446 64.78 12.18 44.40
N ASP A 447 64.83 11.57 45.58
CA ASP A 447 65.93 11.86 46.58
C ASP A 447 67.32 11.75 45.99
N LYS A 448 67.57 10.66 45.21
CA LYS A 448 68.85 10.57 44.46
C LYS A 448 68.83 11.45 43.16
N SER A 449 67.74 12.05 42.82
CA SER A 449 67.75 12.91 41.61
C SER A 449 68.29 14.34 41.88
N SER A 450 68.44 15.08 40.80
CA SER A 450 68.91 16.47 40.79
C SER A 450 67.85 17.39 41.45
N PHE A 451 66.66 16.87 41.84
CA PHE A 451 65.63 17.67 42.54
C PHE A 451 65.72 17.54 44.10
N ALA A 452 66.90 17.24 44.62
CA ALA A 452 67.05 17.26 46.07
C ALA A 452 66.70 18.64 46.60
N LYS A 453 67.17 19.65 45.97
CA LYS A 453 66.77 20.99 46.34
C LYS A 453 65.48 21.24 45.52
N HIS A 454 64.99 22.50 45.58
CA HIS A 454 63.72 22.85 44.91
C HIS A 454 62.64 21.86 45.33
N PRO A 455 62.28 21.85 46.62
CA PRO A 455 61.13 20.99 47.12
C PRO A 455 59.81 21.25 46.42
N SER A 456 59.59 22.43 45.89
CA SER A 456 58.36 22.60 45.06
C SER A 456 58.44 21.83 43.70
N ALA A 457 59.50 21.99 42.96
CA ALA A 457 59.66 21.14 41.68
C ALA A 457 59.59 19.63 42.05
N ARG A 458 60.29 19.19 43.13
CA ARG A 458 60.19 17.83 43.62
C ARG A 458 58.75 17.51 43.95
N LYS A 459 58.11 18.40 44.74
CA LYS A 459 56.74 18.05 45.20
C LYS A 459 55.73 18.05 44.02
N VAL A 460 56.03 18.84 42.90
CA VAL A 460 55.23 18.71 41.69
C VAL A 460 55.37 17.41 40.99
N ILE A 461 56.56 16.94 40.82
CA ILE A 461 56.74 15.55 40.28
C ILE A 461 56.02 14.53 41.14
N SER A 462 56.35 14.49 42.42
CA SER A 462 55.72 13.58 43.35
C SER A 462 54.22 13.71 43.34
N ASP A 463 53.65 14.92 43.22
CA ASP A 463 52.20 15.07 43.05
C ASP A 463 51.74 14.70 41.67
N ALA A 464 52.60 14.71 40.64
CA ALA A 464 52.14 14.24 39.33
C ALA A 464 52.02 12.72 39.35
N ALA A 465 52.99 12.00 39.92
CA ALA A 465 52.87 10.58 40.22
C ALA A 465 51.68 10.28 41.14
N ALA A 466 51.52 11.07 42.24
CA ALA A 466 50.37 10.81 43.16
C ALA A 466 49.04 10.96 42.51
N THR A 467 48.90 12.05 41.67
CA THR A 467 47.65 12.32 40.97
C THR A 467 47.33 11.24 39.90
N VAL A 468 48.30 10.83 39.11
CA VAL A 468 48.03 9.83 38.09
C VAL A 468 47.50 8.56 38.74
N LEU A 469 48.26 8.02 39.75
CA LEU A 469 47.77 6.84 40.50
C LEU A 469 46.42 7.07 41.12
N ALA A 470 46.23 8.22 41.70
CA ALA A 470 44.96 8.50 42.37
C ALA A 470 43.79 8.48 41.36
N ASP A 471 44.02 9.08 40.16
CA ASP A 471 42.98 9.04 39.14
C ASP A 471 42.58 7.63 38.73
N ARG A 472 43.58 6.77 38.50
CA ARG A 472 43.34 5.43 38.05
C ARG A 472 42.86 4.45 39.18
N SER A 473 42.97 4.90 40.42
CA SER A 473 42.74 3.97 41.51
C SER A 473 41.37 3.27 41.50
N TYR A 474 40.25 4.04 41.36
CA TYR A 474 38.90 3.45 41.43
C TYR A 474 38.72 2.37 40.45
N ALA A 475 39.19 2.56 39.25
CA ALA A 475 38.91 1.57 38.14
C ALA A 475 39.69 0.31 38.39
N THR A 476 41.03 0.41 38.77
CA THR A 476 41.75 -0.78 39.18
C THR A 476 41.05 -1.55 40.34
N SER A 477 40.53 -0.86 41.35
CA SER A 477 39.94 -1.55 42.45
C SER A 477 38.67 -2.30 42.03
N ASP A 478 37.71 -1.56 41.37
CA ASP A 478 36.42 -2.19 40.99
C ASP A 478 36.61 -3.33 39.98
N GLY A 479 37.64 -3.15 39.04
CA GLY A 479 38.05 -4.16 38.13
C GLY A 479 38.56 -5.35 38.84
N ILE A 480 39.43 -5.13 39.85
CA ILE A 480 39.93 -6.27 40.61
C ILE A 480 38.79 -7.02 41.27
N GLU A 481 37.89 -6.33 41.88
CA GLU A 481 36.84 -7.03 42.59
C GLU A 481 36.00 -7.94 41.68
N ILE A 482 35.61 -7.41 40.48
CA ILE A 482 34.85 -8.24 39.51
C ILE A 482 35.67 -9.38 38.96
N SER A 483 36.95 -9.14 38.80
CA SER A 483 37.86 -10.19 38.35
C SER A 483 37.95 -11.30 39.43
N LEU A 484 37.96 -10.95 40.75
CA LEU A 484 37.93 -11.95 41.80
C LEU A 484 36.59 -12.56 42.04
N LYS A 485 35.54 -11.99 41.49
CA LYS A 485 34.25 -12.49 41.80
C LYS A 485 34.10 -13.99 41.55
N PRO A 486 34.74 -14.64 40.59
CA PRO A 486 34.61 -16.09 40.53
C PRO A 486 35.35 -16.81 41.68
N TYR A 487 36.43 -16.22 42.17
CA TYR A 487 37.10 -16.88 43.34
C TYR A 487 36.52 -16.49 44.72
N LYS A 488 35.67 -15.47 44.78
CA LYS A 488 34.93 -15.23 46.00
C LYS A 488 33.93 -16.35 46.22
N PHE A 489 33.29 -16.87 45.13
CA PHE A 489 32.27 -17.93 45.34
C PHE A 489 32.95 -19.25 45.71
N ASP A 490 33.88 -19.61 44.93
CA ASP A 490 34.46 -20.93 45.01
C ASP A 490 35.92 -20.83 44.76
N PRO A 491 36.69 -20.51 45.79
CA PRO A 491 38.10 -20.44 45.63
C PRO A 491 38.70 -21.81 45.60
N ASP A 492 38.26 -22.54 44.61
CA ASP A 492 38.51 -23.98 44.56
C ASP A 492 40.00 -24.23 44.48
N ILE A 493 40.49 -25.01 45.43
CA ILE A 493 41.89 -25.09 45.63
C ILE A 493 42.35 -26.36 44.96
N GLN A 494 43.42 -26.27 44.20
CA GLN A 494 44.03 -27.52 43.61
C GLN A 494 45.02 -27.99 44.60
N PRO A 495 45.35 -29.30 44.47
CA PRO A 495 46.41 -29.87 45.41
C PRO A 495 47.79 -29.14 45.32
N ASN A 496 48.24 -28.71 44.16
CA ASN A 496 49.51 -28.04 44.08
C ASN A 496 49.45 -26.72 44.89
N GLU A 497 48.37 -25.98 44.75
CA GLU A 497 48.17 -24.79 45.57
C GLU A 497 48.11 -25.12 47.03
N TRP A 498 47.49 -26.28 47.37
CA TRP A 498 47.36 -26.66 48.71
C TRP A 498 48.72 -26.93 49.35
N ALA A 499 49.60 -27.71 48.62
CA ALA A 499 50.93 -27.88 49.07
C ALA A 499 51.67 -26.58 49.26
N GLN A 500 51.59 -25.68 48.28
CA GLN A 500 52.15 -24.31 48.39
C GLN A 500 51.71 -23.66 49.67
N GLY A 501 50.38 -23.71 49.93
CA GLY A 501 49.84 -23.24 51.18
C GLY A 501 50.38 -23.99 52.39
N ARG A 502 50.60 -25.26 52.27
CA ARG A 502 51.20 -26.07 53.37
C ARG A 502 52.57 -25.58 53.67
N GLU A 503 53.45 -25.38 52.63
CA GLU A 503 54.84 -24.89 52.88
C GLU A 503 54.92 -23.43 53.40
N HIS A 504 53.97 -22.52 52.96
CA HIS A 504 54.03 -21.17 53.42
C HIS A 504 53.38 -21.08 54.82
N VAL A 505 52.29 -21.87 55.12
CA VAL A 505 51.73 -21.79 56.48
C VAL A 505 52.74 -22.12 57.63
N VAL A 506 53.51 -23.19 57.53
CA VAL A 506 54.48 -23.57 58.57
C VAL A 506 55.40 -22.33 58.89
N GLY A 507 55.91 -21.64 57.86
CA GLY A 507 56.82 -20.44 58.05
C GLY A 507 56.13 -19.23 58.59
N VAL A 508 54.93 -18.93 58.08
CA VAL A 508 54.09 -17.82 58.60
C VAL A 508 53.73 -18.01 60.03
N LEU A 509 53.28 -19.26 60.36
CA LEU A 509 52.81 -19.61 61.67
C LEU A 509 53.99 -19.64 62.69
N GLN A 510 55.19 -20.06 62.22
CA GLN A 510 56.34 -20.15 63.15
C GLN A 510 56.91 -18.70 63.37
N ALA A 511 56.80 -17.82 62.34
CA ALA A 511 57.23 -16.44 62.62
C ALA A 511 56.40 -15.88 63.77
N GLU A 512 55.10 -16.02 63.68
CA GLU A 512 54.19 -15.59 64.76
C GLU A 512 54.57 -16.27 66.15
N LEU A 513 55.00 -17.60 66.13
CA LEU A 513 55.35 -18.32 67.38
C LEU A 513 56.69 -17.80 67.98
N GLU A 514 57.66 -17.42 67.07
CA GLU A 514 58.94 -16.88 67.59
C GLU A 514 58.74 -15.62 68.34
N GLN A 515 57.99 -14.67 67.75
CA GLN A 515 57.79 -13.41 68.39
C GLN A 515 57.08 -13.57 69.71
N CYS A 516 56.15 -14.56 69.75
CA CYS A 516 55.44 -14.84 70.93
C CYS A 516 56.33 -15.41 72.03
N GLN A 517 57.20 -16.33 71.68
CA GLN A 517 58.10 -16.86 72.68
C GLN A 517 59.09 -15.82 73.19
N ALA A 518 59.68 -15.08 72.27
CA ALA A 518 60.66 -14.06 72.67
C ALA A 518 59.99 -12.98 73.52
N ALA A 519 58.86 -12.54 73.15
CA ALA A 519 58.15 -11.63 74.08
C ALA A 519 58.04 -12.28 75.44
N MET A 520 57.79 -13.57 75.50
CA MET A 520 57.75 -14.30 76.74
C MET A 520 59.01 -14.20 77.55
N LYS A 521 60.11 -14.75 77.01
CA LYS A 521 61.45 -14.61 77.64
C LYS A 521 61.73 -13.21 78.11
N ALA A 522 61.50 -12.18 77.28
CA ALA A 522 61.89 -10.82 77.61
C ALA A 522 61.04 -10.32 78.78
N LEU A 523 59.81 -10.89 78.89
CA LEU A 523 58.95 -10.63 80.10
C LEU A 523 59.64 -11.24 81.32
N GLU A 524 60.06 -12.51 81.21
CA GLU A 524 60.75 -13.13 82.33
C GLU A 524 61.94 -12.24 82.83
N ASN A 525 62.77 -11.70 81.86
CA ASN A 525 63.92 -10.90 82.29
C ASN A 525 63.57 -9.52 82.78
N SER A 526 62.43 -8.99 82.36
CA SER A 526 62.01 -7.71 82.82
C SER A 526 61.41 -7.81 84.24
N VAL A 527 60.59 -8.82 84.51
CA VAL A 527 60.11 -9.04 85.87
C VAL A 527 61.20 -9.52 86.83
N GLY A 528 62.17 -10.27 86.36
CA GLY A 528 63.12 -10.82 87.27
C GLY A 528 63.61 -12.20 86.86
N GLY A 529 63.58 -13.11 87.82
CA GLY A 529 63.92 -14.43 87.45
C GLY A 529 62.85 -15.15 86.72
N ARG A 530 63.28 -16.27 86.02
CA ARG A 530 62.34 -17.20 85.41
C ARG A 530 61.45 -17.91 86.44
N LYS A 531 62.08 -18.37 87.56
CA LYS A 531 61.32 -19.10 88.52
C LYS A 531 60.32 -18.12 89.24
N LYS A 532 60.68 -16.82 89.41
CA LYS A 532 59.82 -15.87 90.04
C LYS A 532 58.56 -15.63 89.23
N LEU A 533 58.72 -15.31 87.93
CA LEU A 533 57.57 -15.21 86.98
C LEU A 533 56.83 -16.50 86.90
N LYS A 534 57.56 -17.57 87.21
CA LYS A 534 56.87 -18.83 87.32
C LYS A 534 55.94 -18.82 88.55
N GLU A 535 56.37 -18.21 89.63
CA GLU A 535 55.57 -18.14 90.84
C GLU A 535 54.31 -17.29 90.65
N VAL A 536 54.41 -16.13 89.94
CA VAL A 536 53.20 -15.27 89.72
C VAL A 536 52.24 -15.96 88.75
N MET A 537 52.81 -16.67 87.72
CA MET A 537 51.97 -17.49 86.80
C MET A 537 51.24 -18.59 87.55
N SER A 538 51.97 -19.22 88.55
CA SER A 538 51.40 -20.23 89.41
C SER A 538 50.23 -19.61 90.19
N PHE A 539 50.44 -18.41 90.76
CA PHE A 539 49.39 -17.69 91.43
C PHE A 539 48.11 -17.40 90.54
N VAL A 540 48.42 -16.97 89.28
CA VAL A 540 47.33 -16.57 88.44
C VAL A 540 46.54 -17.84 87.89
N ASP A 541 47.24 -18.98 87.84
CA ASP A 541 46.58 -20.22 87.52
C ASP A 541 45.77 -20.72 88.72
N LYS A 542 46.28 -20.40 89.95
CA LYS A 542 45.55 -20.75 91.14
C LYS A 542 44.26 -19.95 91.21
N ALA A 543 44.35 -18.67 91.01
CA ALA A 543 43.20 -17.75 91.07
C ALA A 543 42.16 -18.03 89.90
N ARG A 544 42.63 -18.52 88.81
CA ARG A 544 41.81 -18.96 87.68
C ARG A 544 41.02 -20.27 87.92
N LYS A 545 41.70 -21.26 88.58
CA LYS A 545 41.04 -22.46 89.12
C LYS A 545 40.29 -22.09 90.51
N GLY A 546 39.67 -23.04 91.13
CA GLY A 546 39.06 -22.81 92.41
C GLY A 546 40.05 -22.70 93.50
N GLU A 547 41.28 -22.98 93.26
CA GLU A 547 42.25 -23.15 94.36
C GLU A 547 42.37 -21.93 95.24
N ILE A 548 42.22 -20.68 94.68
CA ILE A 548 42.32 -19.43 95.55
C ILE A 548 41.31 -18.38 95.03
N ILE A 549 40.79 -17.51 95.89
CA ILE A 549 39.99 -16.49 95.40
C ILE A 549 40.58 -15.18 95.83
N VAL A 550 40.42 -14.15 94.97
CA VAL A 550 40.83 -12.80 95.31
C VAL A 550 39.65 -11.86 95.36
N GLU A 551 38.57 -12.12 94.58
CA GLU A 551 37.34 -11.31 94.51
C GLU A 551 37.61 -9.81 94.33
N GLY A 552 38.76 -9.43 93.82
CA GLY A 552 39.21 -8.07 93.67
C GLY A 552 39.05 -7.61 92.25
N ASP A 553 38.39 -6.47 92.10
CA ASP A 553 38.31 -5.90 90.77
C ASP A 553 39.63 -5.23 90.38
N HIS A 554 40.35 -4.74 91.33
CA HIS A 554 41.70 -4.24 91.07
C HIS A 554 42.55 -4.65 92.29
N PRO A 555 43.24 -5.73 92.18
CA PRO A 555 43.93 -6.27 93.31
C PRO A 555 45.31 -5.59 93.42
N SER A 556 45.52 -4.90 94.45
CA SER A 556 46.80 -4.30 94.64
C SER A 556 47.83 -5.38 95.16
N GLY A 557 47.49 -6.17 96.26
CA GLY A 557 48.45 -7.09 96.82
C GLY A 557 47.82 -8.36 97.36
N ALA A 558 48.19 -9.45 96.75
CA ALA A 558 47.71 -10.84 97.23
C ALA A 558 48.82 -11.85 96.99
N GLY A 559 49.07 -12.70 98.00
CA GLY A 559 50.16 -13.69 97.88
C GLY A 559 51.48 -13.03 97.72
N GLY A 560 51.58 -11.75 98.10
CA GLY A 560 52.82 -11.09 98.02
C GLY A 560 53.10 -10.35 96.70
N PHE A 561 52.08 -10.04 95.82
CA PHE A 561 52.42 -9.49 94.48
C PHE A 561 51.72 -8.19 94.23
N SER A 562 52.34 -7.34 93.43
CA SER A 562 51.83 -5.97 93.25
C SER A 562 50.71 -5.89 92.22
N ALA A 563 50.16 -4.65 92.09
CA ALA A 563 49.11 -4.42 91.10
C ALA A 563 49.72 -4.60 89.70
N ALA A 564 51.02 -4.27 89.60
CA ALA A 564 51.71 -4.50 88.33
C ALA A 564 52.01 -5.95 88.11
N LEU A 565 52.49 -6.62 89.13
CA LEU A 565 52.97 -8.01 88.96
C LEU A 565 51.81 -8.86 88.59
N LEU A 566 50.65 -8.60 89.12
CA LEU A 566 49.56 -9.37 88.78
C LEU A 566 49.30 -9.23 87.29
N ALA A 567 49.28 -7.97 86.81
CA ALA A 567 49.19 -7.72 85.34
C ALA A 567 50.22 -8.48 84.55
N ARG A 568 51.47 -8.53 85.09
CA ARG A 568 52.52 -9.24 84.39
C ARG A 568 52.36 -10.77 84.44
N GLY A 569 51.74 -11.32 85.50
CA GLY A 569 51.46 -12.71 85.54
C GLY A 569 50.34 -13.11 84.56
N ARG A 570 49.30 -12.26 84.48
CA ARG A 570 48.21 -12.46 83.54
C ARG A 570 48.73 -12.39 82.09
N GLU A 571 49.50 -11.42 81.75
CA GLU A 571 50.14 -11.33 80.43
C GLU A 571 50.98 -12.57 80.16
N ALA A 572 51.64 -13.08 81.15
CA ALA A 572 52.44 -14.30 81.03
C ALA A 572 51.58 -15.54 80.75
N VAL A 573 50.46 -15.70 81.48
CA VAL A 573 49.60 -16.83 81.20
C VAL A 573 49.00 -16.69 79.78
N PHE A 574 48.57 -15.49 79.38
CA PHE A 574 48.12 -15.32 77.94
C PHE A 574 49.21 -15.79 76.97
N LEU A 575 50.46 -15.34 77.16
CA LEU A 575 51.47 -15.70 76.29
C LEU A 575 51.66 -17.21 76.27
N ARG A 576 51.55 -17.89 77.46
CA ARG A 576 51.70 -19.28 77.49
C ARG A 576 50.70 -19.98 76.61
N ASP A 577 49.40 -19.76 76.86
CA ASP A 577 48.35 -20.48 76.15
C ASP A 577 48.47 -20.18 74.58
N ARG A 578 48.61 -18.92 74.23
CA ARG A 578 48.74 -18.59 72.84
C ARG A 578 49.91 -19.32 72.20
N ALA A 579 51.00 -19.53 73.00
CA ALA A 579 52.15 -20.20 72.48
C ALA A 579 51.87 -21.71 72.27
N ASP A 580 51.29 -22.36 73.28
CA ASP A 580 50.91 -23.75 73.10
C ASP A 580 49.94 -23.96 71.92
N ILE A 581 48.97 -23.10 71.79
CA ILE A 581 48.02 -23.22 70.66
C ILE A 581 48.84 -23.05 69.37
N LEU A 582 49.71 -22.07 69.34
CA LEU A 582 50.46 -21.76 68.05
C LEU A 582 51.31 -22.99 67.67
N SER A 583 52.04 -23.60 68.62
CA SER A 583 52.77 -24.83 68.31
C SER A 583 51.81 -25.99 68.00
N LEU A 584 50.65 -26.03 68.63
CA LEU A 584 49.64 -27.10 68.37
C LEU A 584 49.13 -26.97 66.99
N ARG A 585 48.94 -25.71 66.46
CA ARG A 585 48.52 -25.49 65.05
C ARG A 585 49.67 -25.67 64.12
N ILE A 586 50.90 -25.59 64.61
CA ILE A 586 52.06 -25.93 63.74
C ILE A 586 52.20 -27.49 63.59
N GLN A 587 52.16 -28.20 64.70
CA GLN A 587 52.19 -29.66 64.54
C GLN A 587 51.04 -30.09 63.65
N ALA A 588 49.82 -29.47 63.85
CA ALA A 588 48.69 -29.76 62.96
C ALA A 588 48.96 -29.49 61.50
N ALA A 589 49.55 -28.32 61.16
CA ALA A 589 49.81 -28.07 59.77
C ALA A 589 50.87 -28.96 59.21
N LYS A 590 51.81 -29.44 60.02
CA LYS A 590 52.79 -30.45 59.55
C LYS A 590 52.26 -31.83 59.67
N SER A 591 51.03 -32.06 60.18
CA SER A 591 50.58 -33.48 60.35
C SER A 591 50.22 -34.07 58.98
N ARG A 592 50.17 -35.42 58.96
CA ARG A 592 49.77 -36.17 57.79
C ARG A 592 48.40 -35.78 57.36
N GLN A 593 47.51 -35.42 58.31
CA GLN A 593 46.11 -35.17 57.95
C GLN A 593 45.80 -33.83 57.31
N CYS A 594 46.71 -32.88 57.37
CA CYS A 594 46.58 -31.69 56.53
C CYS A 594 47.30 -31.88 55.18
N LYS A 595 47.83 -33.10 54.92
CA LYS A 595 48.56 -33.22 53.69
C LYS A 595 47.60 -33.17 52.49
N THR A 596 46.53 -33.87 52.64
CA THR A 596 45.44 -33.94 51.60
C THR A 596 44.44 -32.80 51.72
N LEU A 597 43.86 -32.48 50.59
CA LEU A 597 42.95 -31.37 50.48
C LEU A 597 41.59 -31.64 51.10
N THR A 598 41.14 -32.90 51.26
CA THR A 598 39.78 -33.14 51.73
C THR A 598 39.54 -32.65 53.18
N ASN A 599 40.59 -32.36 53.94
CA ASN A 599 40.38 -31.88 55.30
C ASN A 599 40.50 -30.36 55.38
N LYS A 600 39.72 -29.70 54.55
CA LYS A 600 39.78 -28.20 54.50
C LYS A 600 39.25 -27.56 55.78
N TYR A 601 38.13 -28.10 56.34
CA TYR A 601 37.61 -27.61 57.63
C TYR A 601 38.48 -28.04 58.79
N TYR A 602 39.30 -29.10 58.65
CA TYR A 602 40.25 -29.56 59.71
C TYR A 602 41.60 -28.74 59.72
N CYS A 603 41.85 -28.06 58.62
CA CYS A 603 43.08 -27.29 58.43
C CYS A 603 42.73 -25.89 57.91
N PRO A 604 42.25 -25.01 58.77
CA PRO A 604 41.96 -23.60 58.37
C PRO A 604 43.17 -22.84 57.92
N GLU A 605 44.33 -23.08 58.54
CA GLU A 605 45.50 -22.32 58.19
C GLU A 605 45.89 -22.52 56.73
N VAL A 606 46.14 -23.79 56.34
CA VAL A 606 46.59 -24.14 54.99
C VAL A 606 45.59 -23.64 53.93
N PHE A 607 44.31 -23.83 54.21
CA PHE A 607 43.30 -23.38 53.28
C PHE A 607 43.31 -21.87 53.08
N LEU A 608 43.32 -21.13 54.24
CA LEU A 608 43.34 -19.65 54.17
C LEU A 608 44.57 -19.14 53.43
N ASP A 609 45.75 -19.81 53.56
CA ASP A 609 46.92 -19.35 52.86
C ASP A 609 46.79 -19.57 51.37
N ALA A 610 46.29 -20.68 50.90
CA ALA A 610 46.05 -20.90 49.51
C ALA A 610 45.04 -19.93 48.95
N VAL A 611 44.02 -19.59 49.74
CA VAL A 611 43.08 -18.58 49.22
C VAL A 611 43.76 -17.26 49.02
N ALA A 612 44.59 -16.87 49.99
CA ALA A 612 45.32 -15.64 49.91
C ALA A 612 46.29 -15.64 48.75
N THR A 613 46.95 -16.78 48.49
CA THR A 613 47.85 -16.81 47.33
C THR A 613 47.17 -16.71 46.01
N LYS A 614 46.07 -17.35 45.88
CA LYS A 614 45.33 -17.27 44.62
C LYS A 614 44.78 -15.87 44.36
N LEU A 615 43.93 -15.33 45.30
CA LEU A 615 43.42 -13.92 45.16
C LEU A 615 44.58 -12.94 44.86
N ALA A 616 45.69 -13.13 45.55
CA ALA A 616 46.83 -12.26 45.25
C ALA A 616 47.16 -12.34 43.76
N GLN A 617 47.25 -13.53 43.16
CA GLN A 617 47.80 -13.62 41.79
C GLN A 617 46.84 -13.21 40.70
N THR A 618 45.57 -13.56 40.86
CA THR A 618 44.66 -13.11 39.82
C THR A 618 44.42 -11.63 39.93
N ALA A 619 44.24 -11.12 41.16
CA ALA A 619 44.15 -9.70 41.34
C ALA A 619 45.38 -8.98 40.75
N VAL A 620 46.52 -9.63 40.84
CA VAL A 620 47.78 -9.04 40.39
C VAL A 620 47.83 -8.88 38.88
N LEU A 621 47.20 -9.78 38.11
CA LEU A 621 47.14 -9.59 36.69
C LEU A 621 46.53 -8.28 36.33
N PHE A 622 45.27 -8.14 36.70
CA PHE A 622 44.52 -6.99 36.37
C PHE A 622 45.10 -5.76 36.92
N LEU A 623 45.69 -5.85 38.10
CA LEU A 623 46.35 -4.65 38.63
C LEU A 623 47.48 -4.22 37.72
N ASN A 624 48.32 -5.13 37.34
CA ASN A 624 49.40 -4.74 36.46
C ASN A 624 48.89 -4.02 35.24
N VAL A 625 47.92 -4.66 34.55
CA VAL A 625 47.38 -4.00 33.38
C VAL A 625 46.73 -2.70 33.64
N GLU A 626 45.58 -2.71 34.26
CA GLU A 626 44.81 -1.44 34.53
C GLU A 626 45.65 -0.32 35.18
N MET A 627 46.55 -0.68 36.10
CA MET A 627 47.21 0.37 36.89
C MET A 627 48.70 0.61 36.47
N LEU A 628 49.52 -0.39 36.31
CA LEU A 628 50.93 -0.20 36.08
C LEU A 628 51.20 0.53 34.78
N ASN A 629 50.69 0.01 33.71
CA ASN A 629 50.96 0.54 32.43
C ASN A 629 50.37 1.90 32.26
N ASP A 630 49.22 2.12 32.80
CA ASP A 630 48.64 3.46 32.84
C ASP A 630 49.56 4.48 33.58
N PHE A 631 50.25 4.11 34.61
CA PHE A 631 51.21 4.97 35.25
C PHE A 631 52.45 5.14 34.31
N TYR A 632 52.77 4.08 33.57
CA TYR A 632 53.93 4.26 32.70
C TYR A 632 53.63 5.22 31.57
N VAL A 633 52.42 5.19 30.99
CA VAL A 633 52.04 6.08 29.86
C VAL A 633 51.82 7.46 30.28
N ARG A 634 51.16 7.65 31.41
CA ARG A 634 50.73 9.00 31.82
C ARG A 634 51.85 9.74 32.58
N PHE A 635 52.69 9.04 33.39
CA PHE A 635 53.70 9.78 34.18
C PHE A 635 54.57 10.80 33.43
N PRO A 636 55.26 10.46 32.30
CA PRO A 636 56.05 11.50 31.56
C PRO A 636 55.23 12.73 31.14
N ARG A 637 54.10 12.51 30.50
CA ARG A 637 53.37 13.64 29.95
C ARG A 637 53.00 14.62 31.08
N GLU A 638 52.41 14.04 32.14
CA GLU A 638 52.01 14.79 33.36
C GLU A 638 53.16 15.57 34.01
N VAL A 639 54.33 14.98 34.13
CA VAL A 639 55.47 15.62 34.72
C VAL A 639 55.77 16.95 33.95
N GLU A 640 55.97 16.86 32.61
CA GLU A 640 56.29 18.04 31.79
C GLU A 640 55.17 19.10 31.81
N ALA A 641 53.95 18.68 31.66
CA ALA A 641 52.79 19.63 31.67
C ALA A 641 52.66 20.37 32.98
N LYS A 642 52.88 19.65 34.10
CA LYS A 642 52.76 20.27 35.47
C LYS A 642 53.99 21.10 35.84
N LEU A 643 55.20 20.65 35.38
CA LEU A 643 56.40 21.51 35.54
C LEU A 643 56.33 22.78 34.78
N HIS A 644 55.88 22.72 33.56
CA HIS A 644 55.78 23.97 32.77
C HIS A 644 54.70 24.91 33.36
N GLU A 645 53.52 24.36 33.70
CA GLU A 645 52.50 25.22 34.24
C GLU A 645 52.80 25.75 35.63
N HIS A 646 53.63 25.00 36.39
CA HIS A 646 54.04 25.44 37.72
C HIS A 646 54.94 26.62 37.70
N MET A 647 55.95 26.57 36.82
CA MET A 647 56.93 27.60 36.60
C MET A 647 56.27 28.88 36.05
N HIS A 648 55.52 28.75 34.98
CA HIS A 648 55.00 29.95 34.22
C HIS A 648 53.77 30.57 34.87
N ALA A 649 52.92 29.72 35.47
CA ALA A 649 51.70 30.22 36.18
C ALA A 649 51.98 30.77 37.59
N GLY A 650 52.79 29.98 38.40
CA GLY A 650 53.08 30.41 39.72
C GLY A 650 54.32 31.30 39.84
N GLY A 651 54.94 31.63 38.66
CA GLY A 651 56.26 32.37 38.67
C GLY A 651 57.39 31.69 39.39
N GLY A 652 57.15 30.48 39.72
CA GLY A 652 58.14 29.72 40.44
C GLY A 652 59.39 29.32 39.68
N LEU A 653 59.47 29.64 38.40
CA LEU A 653 60.72 29.47 37.66
C LEU A 653 61.79 30.38 38.28
N GLU A 654 61.40 31.59 38.53
CA GLU A 654 62.22 32.57 39.16
C GLU A 654 62.69 32.02 40.54
N LYS A 655 61.77 31.52 41.35
CA LYS A 655 62.05 30.99 42.68
C LYS A 655 62.96 29.80 42.59
N PHE A 656 62.64 28.84 41.67
CA PHE A 656 63.50 27.73 41.34
C PHE A 656 64.92 28.20 41.06
N ALA A 657 65.10 29.39 40.53
CA ALA A 657 66.43 29.94 40.31
C ALA A 657 67.03 30.63 41.56
N ARG A 658 66.16 31.38 42.30
CA ARG A 658 66.48 32.06 43.61
C ARG A 658 66.76 31.13 44.75
N GLU A 659 66.40 29.86 44.68
CA GLU A 659 66.54 28.99 45.78
C GLU A 659 67.99 28.49 45.94
N ASP A 660 68.58 28.02 44.91
CA ASP A 660 70.01 27.65 45.08
C ASP A 660 70.89 28.85 45.25
N PRO A 661 71.58 28.91 46.37
CA PRO A 661 72.39 30.15 46.69
C PRO A 661 73.43 30.42 45.63
N LYS A 662 73.90 29.33 45.01
CA LYS A 662 74.93 29.39 44.01
C LYS A 662 74.48 30.13 42.75
N VAL A 663 73.58 29.50 42.01
CA VAL A 663 72.98 30.16 40.84
C VAL A 663 72.26 31.47 41.20
N ARG A 664 71.84 31.72 42.41
CA ARG A 664 71.23 33.03 42.78
C ARG A 664 72.17 34.14 42.53
N ARG A 665 73.35 34.05 43.13
CA ARG A 665 74.43 34.97 42.95
C ARG A 665 74.94 34.99 41.51
N HIS A 666 74.80 33.82 40.79
CA HIS A 666 75.09 33.73 39.36
C HIS A 666 74.24 34.71 38.60
N LEU A 667 72.94 34.49 38.59
CA LEU A 667 72.14 35.31 37.69
C LEU A 667 72.17 36.81 38.17
N ASP A 668 72.22 37.02 39.51
CA ASP A 668 72.35 38.46 39.97
C ASP A 668 73.65 39.08 39.40
N LEU A 669 74.71 38.31 39.41
CA LEU A 669 75.96 38.82 38.89
C LEU A 669 75.74 39.33 37.49
N ILE A 670 74.99 38.55 36.71
CA ILE A 670 74.83 38.86 35.27
C ILE A 670 74.10 40.21 35.12
N ARG A 671 72.98 40.33 35.84
CA ARG A 671 72.16 41.48 35.76
C ARG A 671 72.93 42.74 36.20
N ARG A 672 73.79 42.61 37.26
CA ARG A 672 74.57 43.74 37.65
C ARG A 672 75.64 44.10 36.64
N LYS A 673 76.39 43.10 36.13
CA LYS A 673 77.36 43.38 35.11
C LYS A 673 76.79 44.13 33.96
N GLU A 674 75.66 43.65 33.46
CA GLU A 674 74.97 44.33 32.36
C GLU A 674 74.57 45.80 32.78
N LEU A 675 74.29 46.05 34.09
CA LEU A 675 73.89 47.38 34.56
C LEU A 675 75.11 48.31 34.53
N LEU A 676 76.24 47.84 35.02
CA LEU A 676 77.42 48.67 34.92
C LEU A 676 77.77 48.95 33.41
N GLU A 677 77.66 47.91 32.55
CA GLU A 677 78.05 48.08 31.17
C GLU A 677 77.16 49.03 30.48
N THR A 678 75.89 48.87 30.57
CA THR A 678 74.98 49.84 29.95
C THR A 678 75.21 51.26 30.44
N VAL A 679 75.58 51.43 31.74
CA VAL A 679 76.02 52.70 32.21
C VAL A 679 77.26 53.23 31.45
N LEU A 680 78.40 52.48 31.35
CA LEU A 680 79.52 52.95 30.57
C LEU A 680 79.09 53.22 29.09
N GLY A 681 78.23 52.35 28.52
CA GLY A 681 77.65 52.63 27.20
C GLY A 681 76.96 53.96 27.12
N LYS A 682 76.11 54.34 28.17
CA LYS A 682 75.45 55.63 28.15
C LYS A 682 76.45 56.80 28.20
N ILE A 683 77.52 56.64 29.02
CA ILE A 683 78.53 57.67 29.12
C ILE A 683 79.34 57.78 27.83
N GLU A 684 79.83 56.67 27.30
CA GLU A 684 80.59 56.68 26.05
C GLU A 684 79.69 57.30 24.88
N GLU A 685 78.39 56.92 24.92
CA GLU A 685 77.44 57.62 23.97
C GLU A 685 77.26 59.08 24.27
N LEU A 686 77.20 59.47 25.54
CA LEU A 686 77.03 60.93 25.81
C LEU A 686 78.25 61.70 25.30
N HIS A 687 79.51 61.14 25.50
CA HIS A 687 80.67 61.84 24.94
C HIS A 687 80.64 61.96 23.48
N ARG A 688 80.26 60.92 22.79
CA ARG A 688 80.29 60.98 21.37
C ARG A 688 79.26 61.95 20.80
N ILE A 689 78.05 62.06 21.40
CA ILE A 689 77.02 62.96 20.90
C ILE A 689 77.41 64.44 21.07
N SER A 690 78.02 64.77 22.14
CA SER A 690 78.50 66.11 22.46
C SER A 690 80.05 66.01 22.41
N SER A 691 80.69 66.79 21.49
CA SER A 691 82.13 66.76 21.33
C SER A 691 82.93 66.96 22.65
N GLY A 692 82.66 68.09 23.34
CA GLY A 692 83.34 68.43 24.53
C GLY A 692 82.35 68.44 25.67
N ASP B 6 -50.79 -21.57 52.82
CA ASP B 6 -50.02 -22.59 53.45
C ASP B 6 -48.49 -22.26 53.36
N ASP B 7 -48.11 -21.33 54.21
CA ASP B 7 -46.72 -20.86 54.31
C ASP B 7 -45.68 -21.98 54.46
N ASN B 8 -45.92 -22.93 55.38
CA ASN B 8 -44.98 -24.01 55.45
C ASN B 8 -44.94 -24.86 54.18
N MET B 9 -46.11 -25.05 53.54
CA MET B 9 -46.17 -25.67 52.18
C MET B 9 -45.35 -24.86 51.11
N MET B 10 -45.53 -23.53 51.11
CA MET B 10 -44.68 -22.59 50.31
C MET B 10 -43.19 -22.89 50.54
N PHE B 11 -42.82 -22.91 51.80
CA PHE B 11 -41.38 -23.12 52.10
C PHE B 11 -40.91 -24.49 51.60
N ILE B 12 -41.78 -25.56 51.73
CA ILE B 12 -41.37 -26.90 51.41
C ILE B 12 -41.17 -27.01 49.90
N THR B 13 -42.00 -26.35 49.11
CA THR B 13 -41.82 -26.31 47.66
C THR B 13 -40.49 -25.60 47.31
N LYS B 14 -40.12 -24.54 48.03
CA LYS B 14 -38.88 -23.88 47.83
C LYS B 14 -37.68 -24.88 48.07
N LYS B 15 -37.58 -25.50 49.23
CA LYS B 15 -36.46 -26.41 49.45
C LYS B 15 -36.49 -27.53 48.36
N MET B 16 -37.61 -27.96 47.92
CA MET B 16 -37.68 -28.99 46.87
C MET B 16 -37.26 -28.56 45.49
N ILE B 17 -37.55 -27.33 45.15
CA ILE B 17 -37.11 -26.89 43.86
C ILE B 17 -35.54 -26.78 43.92
N GLU B 18 -35.01 -26.39 45.07
CA GLU B 18 -33.56 -26.32 45.19
C GLU B 18 -32.81 -27.68 45.01
N ILE B 19 -33.31 -28.74 45.73
CA ILE B 19 -32.66 -30.03 45.67
C ILE B 19 -32.84 -30.55 44.21
N ARG B 20 -33.95 -30.28 43.55
CA ARG B 20 -34.03 -30.59 42.16
C ARG B 20 -32.83 -29.96 41.38
N ASN B 21 -32.64 -28.68 41.52
CA ASN B 21 -31.59 -28.06 40.83
C ASN B 21 -30.21 -28.58 41.18
N LEU B 22 -29.99 -28.99 42.41
CA LEU B 22 -28.80 -29.70 42.74
C LEU B 22 -28.67 -31.04 41.95
N LEU B 23 -29.65 -31.85 41.99
CA LEU B 23 -29.63 -33.09 41.20
C LEU B 23 -29.36 -32.81 39.67
N GLN B 24 -29.91 -31.65 39.14
CA GLN B 24 -29.63 -31.19 37.83
C GLN B 24 -28.16 -30.86 37.62
N LYS B 25 -27.46 -30.40 38.65
CA LYS B 25 -26.11 -30.05 38.53
C LYS B 25 -25.24 -31.34 38.64
N VAL B 26 -25.74 -32.45 39.17
CA VAL B 26 -24.97 -33.71 39.06
C VAL B 26 -24.80 -34.22 37.58
N GLY B 27 -25.70 -33.90 36.70
CA GLY B 27 -25.58 -34.39 35.32
C GLY B 27 -26.87 -34.89 34.67
N GLN B 28 -26.90 -35.10 33.28
CA GLN B 28 -28.10 -35.43 32.58
C GLN B 28 -28.02 -36.93 32.27
N GLY B 29 -29.10 -37.67 32.58
CA GLY B 29 -28.99 -39.14 32.61
C GLY B 29 -28.14 -39.74 33.59
N SER B 30 -27.46 -38.92 34.45
CA SER B 30 -26.55 -39.52 35.44
C SER B 30 -27.21 -39.59 36.83
N THR B 31 -28.52 -39.26 36.93
CA THR B 31 -29.24 -39.40 38.17
C THR B 31 -30.73 -39.34 37.87
N VAL B 32 -31.50 -39.50 38.93
CA VAL B 32 -32.91 -39.22 38.91
C VAL B 32 -33.13 -37.75 39.38
N THR B 33 -34.11 -37.11 38.73
CA THR B 33 -34.48 -35.77 39.10
C THR B 33 -35.89 -35.78 39.72
N LEU B 34 -36.31 -34.62 40.16
CA LEU B 34 -37.66 -34.45 40.60
C LEU B 34 -38.44 -33.87 39.53
N PRO B 35 -39.72 -34.11 39.56
CA PRO B 35 -40.59 -33.59 38.52
C PRO B 35 -40.72 -32.04 38.53
N SER B 36 -41.29 -31.51 37.47
CA SER B 36 -41.50 -30.06 37.25
C SER B 36 -42.61 -29.90 36.24
N ILE B 37 -43.01 -28.67 36.07
CA ILE B 37 -44.07 -28.40 35.10
C ILE B 37 -43.42 -28.30 33.70
N VAL B 38 -43.88 -29.05 32.75
CA VAL B 38 -43.37 -28.94 31.38
C VAL B 38 -44.51 -28.38 30.55
N VAL B 39 -44.24 -27.29 29.82
CA VAL B 39 -45.26 -26.70 29.01
C VAL B 39 -45.03 -27.09 27.54
N ILE B 40 -46.13 -27.35 26.87
CA ILE B 40 -46.15 -27.71 25.46
C ILE B 40 -47.28 -26.95 24.84
N GLY B 41 -47.10 -26.59 23.55
CA GLY B 41 -48.18 -25.93 22.80
C GLY B 41 -47.94 -25.92 21.28
N SER B 42 -49.02 -26.02 20.44
CA SER B 42 -48.93 -25.97 18.93
C SER B 42 -48.59 -24.59 18.49
N GLN B 43 -48.49 -24.37 17.16
CA GLN B 43 -47.99 -23.09 16.76
C GLN B 43 -48.86 -21.92 17.32
N SER B 44 -50.19 -22.02 17.12
CA SER B 44 -51.03 -20.98 17.64
C SER B 44 -51.07 -21.11 19.15
N SER B 45 -51.16 -22.32 19.64
CA SER B 45 -51.21 -22.57 21.08
C SER B 45 -49.87 -22.31 21.79
N GLY B 46 -48.75 -22.37 21.10
CA GLY B 46 -47.48 -22.12 21.72
C GLY B 46 -47.22 -20.61 21.79
N LYS B 47 -47.64 -19.86 20.77
CA LYS B 47 -47.67 -18.43 20.96
C LYS B 47 -48.57 -17.98 22.12
N SER B 48 -49.75 -18.55 22.19
CA SER B 48 -50.49 -18.38 23.34
C SER B 48 -49.72 -18.82 24.62
N SER B 49 -48.94 -19.84 24.52
CA SER B 49 -48.22 -20.31 25.62
C SER B 49 -47.21 -19.27 26.19
N VAL B 50 -46.37 -18.74 25.36
CA VAL B 50 -45.33 -17.86 25.80
C VAL B 50 -46.03 -16.60 26.36
N LEU B 51 -47.18 -16.13 25.68
CA LEU B 51 -47.90 -15.00 26.15
C LEU B 51 -48.51 -15.25 27.53
N GLU B 52 -48.94 -16.51 27.79
CA GLU B 52 -49.36 -16.90 29.12
C GLU B 52 -48.20 -16.84 30.08
N ALA B 53 -47.03 -17.49 29.73
CA ALA B 53 -45.98 -17.61 30.72
C ALA B 53 -45.44 -16.24 31.07
N ILE B 54 -45.54 -15.29 30.17
CA ILE B 54 -45.25 -13.94 30.41
C ILE B 54 -46.19 -13.38 31.50
N VAL B 55 -47.55 -13.37 31.28
CA VAL B 55 -48.48 -12.91 32.31
C VAL B 55 -48.43 -13.71 33.62
N GLY B 56 -47.76 -14.85 33.63
CA GLY B 56 -47.75 -15.71 34.87
C GLY B 56 -46.96 -15.17 35.97
N HIS B 57 -46.12 -14.17 35.69
CA HIS B 57 -45.31 -13.59 36.70
C HIS B 57 -45.19 -12.10 36.43
N GLU B 58 -44.55 -11.73 35.33
CA GLU B 58 -44.35 -10.37 34.90
C GLU B 58 -43.90 -10.41 33.50
N PHE B 59 -43.87 -9.22 32.89
CA PHE B 59 -43.38 -9.11 31.48
C PHE B 59 -41.98 -9.56 31.39
N LEU B 60 -41.75 -10.60 30.62
CA LEU B 60 -40.44 -11.12 30.44
C LEU B 60 -40.21 -11.38 28.99
N PRO B 61 -38.94 -11.44 28.45
CA PRO B 61 -38.77 -11.72 26.98
C PRO B 61 -39.32 -13.15 26.61
N LYS B 62 -40.28 -13.16 25.61
CA LYS B 62 -40.68 -14.34 24.89
C LYS B 62 -40.99 -13.99 23.43
N GLY B 63 -41.27 -15.01 22.64
CA GLY B 63 -41.90 -14.88 21.32
C GLY B 63 -40.87 -14.57 20.23
N SER B 64 -41.24 -13.62 19.39
CA SER B 64 -40.49 -13.15 18.23
C SER B 64 -40.25 -14.42 17.41
N ASN B 65 -39.05 -14.66 16.91
CA ASN B 65 -38.73 -15.93 16.22
C ASN B 65 -37.68 -16.70 17.02
N MET B 66 -38.11 -17.82 17.67
CA MET B 66 -37.25 -18.56 18.64
C MET B 66 -36.75 -19.84 18.09
N ILE B 67 -35.44 -19.98 18.03
CA ILE B 67 -34.84 -21.23 17.56
C ILE B 67 -35.39 -22.39 18.34
N THR B 68 -35.83 -22.16 19.57
CA THR B 68 -36.58 -23.13 20.44
C THR B 68 -35.83 -24.38 20.65
N ARG B 69 -34.60 -24.47 20.18
CA ARG B 69 -33.85 -25.78 20.29
C ARG B 69 -33.44 -26.07 21.72
N ARG B 70 -33.29 -25.05 22.61
CA ARG B 70 -32.88 -25.28 23.96
C ARG B 70 -34.00 -24.90 24.90
N PRO B 71 -34.42 -25.83 25.86
CA PRO B 71 -35.39 -25.48 26.88
C PRO B 71 -34.94 -24.42 27.81
N ILE B 72 -35.90 -23.88 28.56
CA ILE B 72 -35.67 -22.84 29.57
C ILE B 72 -36.23 -23.32 30.94
N GLU B 73 -35.33 -23.68 31.89
CA GLU B 73 -35.70 -24.13 33.25
C GLU B 73 -35.93 -22.95 34.16
N LEU B 74 -37.20 -22.47 34.28
CA LEU B 74 -37.54 -21.37 35.10
C LEU B 74 -37.72 -21.85 36.50
N THR B 75 -36.91 -21.38 37.46
CA THR B 75 -37.03 -21.68 38.88
C THR B 75 -37.39 -20.47 39.63
N LEU B 76 -38.67 -20.39 40.07
CA LEU B 76 -39.11 -19.23 40.76
C LEU B 76 -38.99 -19.32 42.30
N VAL B 77 -38.83 -18.21 42.97
CA VAL B 77 -38.68 -18.23 44.37
C VAL B 77 -39.72 -17.22 44.94
N ASN B 78 -40.40 -17.59 46.05
CA ASN B 78 -41.16 -16.60 46.78
C ASN B 78 -40.22 -15.52 47.36
N ASP B 79 -40.54 -14.28 47.09
CA ASP B 79 -39.60 -13.14 47.37
C ASP B 79 -40.13 -12.07 48.42
N PRO B 80 -40.37 -12.49 49.63
CA PRO B 80 -40.51 -11.51 50.74
C PRO B 80 -39.14 -11.08 51.13
N GLU B 81 -39.08 -9.96 51.79
CA GLU B 81 -37.81 -9.27 52.26
C GLU B 81 -37.01 -8.63 51.09
N ALA B 82 -37.35 -8.85 49.85
CA ALA B 82 -36.74 -8.10 48.67
C ALA B 82 -37.84 -7.38 47.89
N LYS B 83 -37.61 -6.07 47.63
CA LYS B 83 -38.61 -5.18 47.00
C LYS B 83 -38.34 -4.76 45.58
N VAL B 84 -37.31 -5.37 44.91
CA VAL B 84 -36.92 -5.06 43.51
C VAL B 84 -37.21 -6.31 42.62
N ASP B 85 -37.73 -6.14 41.44
CA ASP B 85 -38.01 -7.32 40.63
C ASP B 85 -36.71 -7.66 39.90
N TYR B 86 -36.03 -8.77 40.29
CA TYR B 86 -34.71 -9.09 39.73
C TYR B 86 -34.65 -10.60 39.38
N GLY B 87 -34.12 -10.86 38.20
CA GLY B 87 -33.88 -12.22 37.77
C GLY B 87 -32.46 -12.35 37.36
N GLU B 88 -31.90 -13.49 37.69
CA GLU B 88 -30.47 -13.81 37.46
C GLU B 88 -30.28 -15.15 36.84
N PHE B 89 -29.10 -15.28 36.24
CA PHE B 89 -28.67 -16.48 35.52
C PHE B 89 -27.70 -17.27 36.40
N PRO B 90 -27.87 -18.65 36.62
CA PRO B 90 -27.05 -19.36 37.60
C PRO B 90 -25.64 -19.55 37.11
N ASP B 91 -25.49 -19.81 35.82
CA ASP B 91 -24.20 -20.05 35.19
C ASP B 91 -23.29 -18.81 35.24
N LEU B 92 -23.85 -17.65 34.88
CA LEU B 92 -23.16 -16.41 35.06
C LEU B 92 -23.33 -15.92 36.51
N GLY B 93 -22.74 -16.67 37.45
CA GLY B 93 -23.06 -16.46 38.80
C GLY B 93 -22.82 -15.06 39.24
N LEU B 94 -23.49 -14.68 40.33
CA LEU B 94 -23.47 -13.27 40.91
C LEU B 94 -23.95 -12.18 40.01
N ALA B 95 -24.45 -12.45 38.83
CA ALA B 95 -24.93 -11.37 37.99
C ALA B 95 -26.47 -11.26 38.18
N ARG B 96 -26.95 -10.13 38.65
CA ARG B 96 -28.38 -9.90 38.76
C ARG B 96 -28.81 -8.84 37.76
N VAL B 97 -30.09 -9.01 37.23
CA VAL B 97 -30.62 -8.09 36.21
C VAL B 97 -31.92 -7.47 36.73
N THR B 98 -31.97 -6.18 36.69
CA THR B 98 -33.11 -5.39 37.24
C THR B 98 -34.19 -5.18 36.18
N ASP B 99 -33.83 -4.83 34.90
CA ASP B 99 -34.79 -4.58 33.80
C ASP B 99 -34.80 -5.77 32.93
N PHE B 100 -35.98 -6.25 32.61
CA PHE B 100 -36.15 -7.49 31.84
C PHE B 100 -35.93 -7.30 30.37
N SER B 101 -35.56 -6.09 29.88
CA SER B 101 -35.12 -5.95 28.43
C SER B 101 -33.66 -6.29 28.25
N LEU B 102 -32.80 -6.09 29.34
CA LEU B 102 -31.50 -6.67 29.40
C LEU B 102 -31.66 -8.21 29.36
N ILE B 103 -32.62 -8.73 30.10
CA ILE B 103 -32.92 -10.15 30.03
C ILE B 103 -33.32 -10.53 28.62
N GLN B 104 -34.00 -9.61 27.89
CA GLN B 104 -34.42 -9.88 26.52
C GLN B 104 -33.18 -10.14 25.65
N LYS B 105 -32.32 -9.15 25.62
CA LYS B 105 -31.12 -9.28 24.83
C LYS B 105 -30.27 -10.44 25.27
N THR B 106 -30.19 -10.72 26.57
CA THR B 106 -29.40 -11.89 27.04
C THR B 106 -29.98 -13.26 26.59
N LEU B 107 -31.28 -13.57 26.93
CA LEU B 107 -31.83 -14.91 26.57
C LEU B 107 -32.16 -15.05 25.07
N THR B 108 -32.44 -13.94 24.44
CA THR B 108 -32.62 -14.03 23.00
C THR B 108 -31.30 -14.28 22.29
N GLU B 109 -30.22 -13.71 22.82
CA GLU B 109 -28.90 -14.07 22.27
C GLU B 109 -28.55 -15.56 22.51
N LEU B 110 -28.91 -16.12 23.67
CA LEU B 110 -28.73 -17.56 23.81
C LEU B 110 -29.52 -18.40 22.81
N ASN B 111 -30.71 -17.84 22.47
CA ASN B 111 -31.52 -18.35 21.39
C ASN B 111 -30.70 -18.35 20.07
N GLN B 112 -30.22 -17.18 19.69
CA GLN B 112 -29.49 -17.03 18.44
C GLN B 112 -28.16 -17.82 18.45
N SER B 113 -27.66 -18.24 19.67
CA SER B 113 -26.39 -18.98 19.71
C SER B 113 -26.61 -20.47 19.55
N VAL B 114 -27.66 -21.05 20.28
CA VAL B 114 -27.97 -22.48 20.21
C VAL B 114 -26.83 -23.30 20.77
N THR B 121 -25.79 -28.97 21.63
CA THR B 121 -25.64 -29.58 22.91
C THR B 121 -27.00 -30.08 23.54
N ASP B 122 -28.11 -29.35 23.29
CA ASP B 122 -29.50 -29.58 23.84
C ASP B 122 -29.55 -29.24 25.38
N ASP B 123 -28.44 -28.70 25.95
CA ASP B 123 -28.49 -28.27 27.36
C ASP B 123 -29.59 -27.16 27.58
N PRO B 124 -30.41 -27.31 28.53
CA PRO B 124 -31.45 -26.26 28.81
C PRO B 124 -30.94 -25.20 29.80
N ILE B 125 -31.17 -23.92 29.47
CA ILE B 125 -30.68 -22.83 30.29
C ILE B 125 -31.52 -22.66 31.53
N ARG B 126 -30.88 -22.63 32.71
CA ARG B 126 -31.58 -22.44 33.94
C ARG B 126 -31.78 -20.98 34.14
N LEU B 127 -32.84 -20.61 34.93
CA LEU B 127 -33.12 -19.24 35.22
C LEU B 127 -33.70 -19.16 36.59
N THR B 128 -33.51 -18.02 37.19
CA THR B 128 -34.06 -17.78 38.51
C THR B 128 -34.62 -16.36 38.60
N ILE B 129 -35.85 -16.16 38.98
CA ILE B 129 -36.47 -14.84 39.12
C ILE B 129 -37.14 -14.76 40.45
N HIS B 130 -36.98 -13.62 41.11
CA HIS B 130 -37.42 -13.38 42.49
C HIS B 130 -38.39 -12.20 42.44
N SER B 131 -39.66 -12.40 42.84
CA SER B 131 -40.69 -11.30 42.88
C SER B 131 -41.70 -11.62 44.05
N PRO B 132 -42.04 -10.61 44.87
CA PRO B 132 -43.08 -10.80 45.90
C PRO B 132 -44.41 -11.14 45.32
N ASN B 133 -44.71 -10.78 44.10
CA ASN B 133 -45.96 -11.11 43.50
C ASN B 133 -46.05 -12.48 43.06
N ILE B 134 -44.95 -13.12 42.71
CA ILE B 134 -44.92 -14.44 42.13
C ILE B 134 -44.77 -15.53 43.17
N PRO B 135 -45.59 -16.60 43.13
CA PRO B 135 -45.35 -17.77 43.98
C PRO B 135 -44.34 -18.72 43.30
N ASP B 136 -43.42 -19.30 44.22
CA ASP B 136 -42.30 -20.12 43.74
C ASP B 136 -42.84 -21.31 43.01
N LEU B 137 -42.19 -21.57 41.85
CA LEU B 137 -42.60 -22.64 40.97
C LEU B 137 -41.43 -23.30 40.35
N SER B 138 -41.67 -24.07 39.32
CA SER B 138 -40.61 -24.72 38.61
C SER B 138 -41.03 -25.21 37.23
N LEU B 139 -41.38 -24.28 36.34
CA LEU B 139 -41.78 -24.68 35.00
C LEU B 139 -40.52 -24.64 34.10
N ILE B 140 -40.61 -25.44 32.99
CA ILE B 140 -39.55 -25.50 31.96
C ILE B 140 -40.23 -25.41 30.55
N ASP B 141 -39.88 -24.42 29.77
CA ASP B 141 -40.52 -24.18 28.50
C ASP B 141 -39.65 -24.75 27.39
N LEU B 142 -40.05 -25.85 26.82
CA LEU B 142 -39.38 -26.54 25.67
C LEU B 142 -40.04 -26.10 24.38
N PRO B 143 -39.48 -26.37 23.19
CA PRO B 143 -40.11 -25.80 21.99
C PRO B 143 -41.53 -26.21 21.77
N GLY B 144 -42.31 -25.25 21.36
CA GLY B 144 -43.64 -25.61 20.91
C GLY B 144 -43.63 -26.21 19.55
N TYR B 145 -44.66 -26.99 19.30
CA TYR B 145 -44.68 -27.85 18.10
C TYR B 145 -44.95 -26.97 16.83
N ILE B 146 -44.29 -27.31 15.71
CA ILE B 146 -44.42 -26.55 14.47
C ILE B 146 -45.07 -27.40 13.40
N LEU B 157 -35.41 -31.92 11.34
CA LEU B 157 -35.45 -30.55 11.99
C LEU B 157 -36.76 -30.44 12.87
N LYS B 158 -37.94 -30.60 12.19
CA LYS B 158 -39.16 -30.70 13.02
C LYS B 158 -39.34 -32.08 13.69
N ARG B 159 -38.93 -33.11 13.04
CA ARG B 159 -38.88 -34.48 13.66
C ARG B 159 -38.10 -34.46 14.98
N LYS B 160 -37.03 -33.66 15.06
CA LYS B 160 -36.17 -33.68 16.17
C LYS B 160 -36.84 -33.02 17.38
N ILE B 161 -37.44 -31.86 17.18
CA ILE B 161 -38.14 -31.07 18.31
C ILE B 161 -39.21 -31.95 19.02
N THR B 162 -40.00 -32.61 18.20
CA THR B 162 -40.99 -33.57 18.74
C THR B 162 -40.39 -34.76 19.47
N GLU B 163 -39.16 -35.14 19.03
CA GLU B 163 -38.42 -36.15 19.73
C GLU B 163 -38.02 -35.64 21.09
N LEU B 164 -37.54 -34.44 21.15
CA LEU B 164 -37.17 -33.92 22.44
C LEU B 164 -38.41 -33.72 23.32
N CYS B 165 -39.47 -33.16 22.75
CA CYS B 165 -40.70 -33.00 23.52
C CYS B 165 -41.20 -34.33 24.01
N ASP B 166 -41.32 -35.35 23.10
CA ASP B 166 -41.75 -36.73 23.55
C ASP B 166 -40.88 -37.27 24.70
N LYS B 167 -39.55 -37.02 24.58
CA LYS B 167 -38.62 -37.39 25.63
C LYS B 167 -38.99 -36.67 26.95
N TYR B 168 -39.28 -35.34 26.93
CA TYR B 168 -39.54 -34.64 28.21
C TYR B 168 -40.96 -35.01 28.79
N ILE B 169 -41.94 -35.25 27.94
CA ILE B 169 -43.28 -35.59 28.45
C ILE B 169 -43.41 -37.03 28.91
N ARG B 170 -42.62 -37.98 28.35
CA ARG B 170 -42.87 -39.38 28.77
C ARG B 170 -42.69 -39.50 30.31
N GLY B 171 -41.64 -38.91 30.86
CA GLY B 171 -41.41 -38.99 32.26
C GLY B 171 -42.40 -38.25 33.13
N PRO B 172 -42.68 -38.77 34.30
CA PRO B 172 -43.80 -38.24 35.07
C PRO B 172 -43.66 -36.81 35.56
N ASN B 173 -43.64 -35.87 34.65
CA ASN B 173 -43.69 -34.45 35.02
C ASN B 173 -45.11 -33.97 34.95
N ILE B 174 -45.43 -32.98 35.71
CA ILE B 174 -46.73 -32.34 35.65
C ILE B 174 -46.74 -31.50 34.40
N ILE B 175 -47.35 -32.06 33.37
CA ILE B 175 -47.26 -31.42 32.09
C ILE B 175 -48.33 -30.39 32.03
N LEU B 176 -47.94 -29.22 31.56
CA LEU B 176 -48.84 -28.02 31.46
C LEU B 176 -49.26 -27.75 30.02
N ALA B 177 -50.42 -28.20 29.64
CA ALA B 177 -50.83 -28.09 28.24
C ALA B 177 -51.76 -26.89 28.05
N ILE B 178 -51.41 -26.04 27.01
CA ILE B 178 -52.12 -24.84 26.64
C ILE B 178 -52.81 -25.06 25.27
N SER B 179 -53.85 -24.24 24.99
CA SER B 179 -54.60 -24.40 23.78
C SER B 179 -55.31 -23.14 23.40
N ALA B 180 -55.15 -22.73 22.18
CA ALA B 180 -55.84 -21.60 21.67
C ALA B 180 -57.25 -21.97 21.33
N ALA B 181 -58.20 -21.04 21.56
CA ALA B 181 -59.62 -21.42 21.40
C ALA B 181 -60.06 -21.62 19.99
N ASP B 182 -59.17 -21.25 19.02
CA ASP B 182 -59.46 -21.37 17.59
C ASP B 182 -59.36 -22.85 17.01
N THR B 183 -58.20 -23.50 17.19
CA THR B 183 -58.01 -24.83 16.64
C THR B 183 -59.03 -25.76 17.27
N ASP B 184 -59.29 -26.87 16.54
CA ASP B 184 -60.15 -27.89 17.18
C ASP B 184 -59.47 -28.43 18.42
N LEU B 185 -60.23 -28.88 19.42
CA LEU B 185 -59.61 -29.41 20.58
C LEU B 185 -58.93 -30.74 20.27
N ALA B 186 -59.59 -31.58 19.49
CA ALA B 186 -58.89 -32.87 19.03
C ALA B 186 -57.68 -32.68 18.13
N ASN B 187 -57.58 -31.52 17.53
CA ASN B 187 -56.45 -31.21 16.64
C ASN B 187 -55.33 -30.46 17.26
N SER B 188 -55.46 -29.94 18.51
CA SER B 188 -54.33 -29.29 19.12
C SER B 188 -53.22 -30.32 19.55
N THR B 189 -52.08 -30.12 19.04
CA THR B 189 -51.00 -31.10 19.23
C THR B 189 -50.55 -31.13 20.71
N ALA B 190 -50.73 -29.93 21.51
CA ALA B 190 -50.42 -29.96 22.96
C ALA B 190 -51.23 -31.01 23.63
N LEU B 191 -52.57 -30.90 23.46
CA LEU B 191 -53.52 -31.85 24.09
C LEU B 191 -53.42 -33.25 23.48
N GLN B 192 -53.18 -33.34 22.17
CA GLN B 192 -53.07 -34.62 21.55
C GLN B 192 -51.86 -35.38 22.09
N ALA B 193 -50.72 -34.71 22.32
CA ALA B 193 -49.55 -35.40 22.93
C ALA B 193 -49.74 -35.63 24.41
N SER B 194 -50.28 -34.64 25.09
CA SER B 194 -50.68 -34.81 26.51
C SER B 194 -51.46 -36.18 26.68
N ARG B 195 -52.45 -36.39 25.86
CA ARG B 195 -53.16 -37.68 25.87
C ARG B 195 -52.37 -38.87 25.34
N ARG B 196 -51.38 -38.63 24.46
CA ARG B 196 -50.55 -39.74 23.94
C ARG B 196 -49.73 -40.40 25.09
N VAL B 197 -49.06 -39.55 25.87
CA VAL B 197 -48.20 -40.02 26.96
C VAL B 197 -48.93 -40.08 28.34
N ASP B 198 -50.11 -39.46 28.47
CA ASP B 198 -50.94 -39.51 29.69
C ASP B 198 -52.29 -39.90 29.30
N PRO B 199 -52.60 -41.23 29.24
CA PRO B 199 -53.97 -41.59 28.82
C PRO B 199 -55.02 -41.27 29.88
N ARG B 200 -54.62 -41.40 31.20
CA ARG B 200 -55.58 -41.14 32.22
C ARG B 200 -55.94 -39.60 32.27
N GLY B 201 -55.07 -38.76 31.82
CA GLY B 201 -55.25 -37.34 32.08
C GLY B 201 -55.07 -36.96 33.56
N GLU B 202 -54.40 -37.79 34.31
CA GLU B 202 -54.19 -37.61 35.75
C GLU B 202 -53.10 -36.60 36.07
N ARG B 203 -52.08 -36.55 35.23
CA ARG B 203 -50.79 -35.78 35.52
C ARG B 203 -50.57 -34.63 34.59
N THR B 204 -51.63 -34.14 33.95
CA THR B 204 -51.59 -32.97 33.07
C THR B 204 -52.81 -32.06 33.37
N ILE B 205 -52.60 -30.72 33.33
CA ILE B 205 -53.73 -29.80 33.40
C ILE B 205 -53.70 -28.99 32.13
N GLY B 206 -54.81 -28.42 31.78
CA GLY B 206 -55.05 -27.76 30.57
C GLY B 206 -55.38 -26.30 30.84
N VAL B 207 -54.89 -25.42 29.91
CA VAL B 207 -55.14 -23.95 29.97
C VAL B 207 -55.60 -23.54 28.61
N ILE B 208 -56.77 -22.92 28.55
CA ILE B 208 -57.39 -22.47 27.29
C ILE B 208 -57.06 -20.95 27.18
N THR B 209 -56.29 -20.62 26.10
CA THR B 209 -55.78 -19.19 25.91
C THR B 209 -56.47 -18.48 24.73
N LYS B 210 -56.11 -17.18 24.58
CA LYS B 210 -56.80 -16.43 23.55
C LYS B 210 -58.25 -16.63 23.66
N MET B 211 -58.75 -16.58 24.87
CA MET B 211 -60.14 -16.88 25.14
C MET B 211 -61.03 -15.62 25.19
N ASP B 212 -60.46 -14.39 25.01
CA ASP B 212 -61.30 -13.26 24.96
C ASP B 212 -62.05 -13.30 23.67
N LEU B 213 -61.42 -13.80 22.54
CA LEU B 213 -62.12 -13.78 21.27
C LEU B 213 -62.97 -15.00 21.01
N VAL B 214 -63.79 -15.35 21.98
CA VAL B 214 -64.84 -16.43 21.83
C VAL B 214 -66.03 -16.08 22.71
N GLU B 215 -67.23 -16.53 22.26
CA GLU B 215 -68.45 -16.32 23.06
C GLU B 215 -68.30 -17.05 24.42
N PRO B 216 -68.81 -16.50 25.57
CA PRO B 216 -68.67 -17.24 26.85
C PRO B 216 -69.54 -18.49 26.86
N GLU B 217 -70.44 -18.58 25.87
CA GLU B 217 -71.15 -19.86 25.65
C GLU B 217 -70.08 -20.90 25.13
N LYS B 218 -69.14 -20.44 24.28
CA LYS B 218 -67.99 -21.24 23.94
C LYS B 218 -67.11 -21.50 25.23
N GLY B 219 -66.95 -20.50 26.03
CA GLY B 219 -66.15 -20.64 27.23
C GLY B 219 -66.64 -21.86 28.01
N ALA B 220 -67.90 -21.88 28.36
CA ALA B 220 -68.42 -22.94 29.09
C ALA B 220 -68.29 -24.22 28.35
N ALA B 221 -68.24 -24.10 27.03
CA ALA B 221 -68.14 -25.30 26.20
C ALA B 221 -66.72 -25.85 26.18
N ILE B 222 -65.71 -25.01 26.13
CA ILE B 222 -64.36 -25.45 26.02
C ILE B 222 -63.76 -25.77 27.38
N LEU B 223 -63.96 -24.88 28.34
CA LEU B 223 -63.32 -24.95 29.67
C LEU B 223 -63.96 -26.13 30.51
N SER B 224 -65.32 -26.25 30.41
CA SER B 224 -66.01 -27.47 30.90
C SER B 224 -66.20 -28.35 29.65
N ASP B 225 -65.40 -29.41 29.52
CA ASP B 225 -65.47 -30.36 28.43
C ASP B 225 -65.51 -31.80 28.94
N ARG B 226 -66.48 -32.53 28.52
CA ARG B 226 -66.48 -33.95 28.85
C ARG B 226 -65.93 -34.83 27.69
N GLN B 227 -65.61 -34.28 26.54
CA GLN B 227 -65.06 -35.11 25.46
C GLN B 227 -63.67 -35.63 25.80
N TYR B 228 -62.81 -34.78 26.36
CA TYR B 228 -61.47 -35.21 26.70
C TYR B 228 -61.22 -34.78 28.12
N PRO B 229 -61.88 -35.47 29.08
CA PRO B 229 -61.85 -35.02 30.49
C PRO B 229 -60.55 -35.40 31.10
N LEU B 230 -60.20 -34.66 32.20
CA LEU B 230 -58.99 -34.97 32.97
C LEU B 230 -59.19 -34.52 34.41
N LYS B 231 -58.38 -35.04 35.28
CA LYS B 231 -58.33 -34.47 36.64
C LYS B 231 -57.56 -33.21 36.63
N LEU B 232 -57.62 -32.51 37.71
CA LEU B 232 -57.00 -31.18 37.90
C LEU B 232 -57.76 -30.10 37.03
N GLY B 233 -58.61 -30.50 36.05
CA GLY B 233 -59.39 -29.61 35.27
C GLY B 233 -58.64 -28.73 34.38
N TYR B 234 -59.38 -28.00 33.52
CA TYR B 234 -58.86 -27.00 32.68
C TYR B 234 -58.99 -25.61 33.33
N VAL B 235 -58.14 -24.64 32.85
CA VAL B 235 -58.18 -23.26 33.39
C VAL B 235 -57.98 -22.35 32.21
N GLY B 236 -59.05 -21.64 31.85
CA GLY B 236 -59.04 -20.59 30.78
C GLY B 236 -58.50 -19.26 31.28
N VAL B 237 -57.74 -18.60 30.42
CA VAL B 237 -57.22 -17.24 30.71
C VAL B 237 -57.06 -16.51 29.41
N ILE B 238 -57.34 -15.22 29.46
CA ILE B 238 -56.95 -14.27 28.37
C ILE B 238 -55.73 -13.51 28.86
N SER B 239 -54.66 -13.79 28.19
CA SER B 239 -53.37 -13.23 28.55
C SER B 239 -52.99 -12.20 27.56
N LYS B 240 -52.67 -10.98 28.01
CA LYS B 240 -52.14 -9.98 27.17
C LYS B 240 -51.67 -8.80 28.01
N GLY B 253 -44.64 0.20 34.71
CA GLY B 253 -44.68 -1.01 35.42
C GLY B 253 -46.10 -1.31 35.93
N ASN B 254 -46.17 -2.26 36.81
CA ASN B 254 -47.42 -2.78 37.30
C ASN B 254 -48.31 -3.39 36.17
N LEU B 255 -47.62 -4.08 35.27
CA LEU B 255 -48.29 -4.81 34.18
C LEU B 255 -48.91 -6.02 34.71
N LEU B 256 -48.21 -6.67 35.73
CA LEU B 256 -48.73 -7.87 36.38
C LEU B 256 -50.11 -7.57 37.00
N ALA B 257 -50.14 -6.54 37.84
CA ALA B 257 -51.45 -6.14 38.42
C ALA B 257 -52.44 -5.73 37.30
N SER B 258 -52.01 -5.00 36.25
CA SER B 258 -52.96 -4.57 35.20
C SER B 258 -53.59 -5.79 34.56
N ILE B 259 -52.73 -6.76 34.16
CA ILE B 259 -53.35 -8.00 33.59
C ILE B 259 -54.28 -8.50 34.63
N ASN B 260 -53.95 -8.44 35.89
CA ASN B 260 -54.90 -8.82 36.87
C ASN B 260 -56.22 -8.09 36.74
N ARG B 261 -56.17 -6.76 36.66
CA ARG B 261 -57.43 -5.98 36.63
C ARG B 261 -58.30 -6.35 35.44
N ASN B 262 -57.66 -6.49 34.29
CA ASN B 262 -58.39 -6.91 33.09
C ASN B 262 -58.96 -8.36 33.22
N GLU B 263 -58.22 -9.21 33.84
CA GLU B 263 -58.81 -10.49 34.24
C GLU B 263 -60.02 -10.25 35.07
N LYS B 264 -59.97 -9.36 36.05
CA LYS B 264 -61.17 -9.18 36.98
C LYS B 264 -62.35 -8.55 36.24
N ASN B 265 -62.15 -7.53 35.34
CA ASN B 265 -63.31 -6.84 34.65
C ASN B 265 -63.76 -7.45 33.37
N TYR B 266 -62.90 -8.24 32.70
CA TYR B 266 -63.40 -9.04 31.51
C TYR B 266 -64.50 -9.99 31.93
N PHE B 267 -64.42 -10.58 33.15
CA PHE B 267 -65.49 -11.47 33.60
C PHE B 267 -66.74 -10.74 34.10
N GLY B 268 -66.69 -9.44 34.29
CA GLY B 268 -67.91 -8.61 34.47
C GLY B 268 -68.76 -8.54 33.27
N SER B 269 -68.16 -8.86 32.03
CA SER B 269 -68.91 -8.80 30.74
C SER B 269 -69.82 -9.96 30.66
N HIS B 270 -69.49 -11.02 31.35
CA HIS B 270 -70.32 -12.23 31.35
C HIS B 270 -70.07 -13.03 32.69
N PRO B 271 -70.58 -12.55 33.80
CA PRO B 271 -70.21 -13.13 35.07
C PRO B 271 -71.03 -14.45 35.38
N THR B 272 -72.25 -14.56 34.88
CA THR B 272 -73.07 -15.77 35.17
C THR B 272 -72.52 -17.00 34.40
N GLU B 273 -71.78 -16.77 33.35
CA GLU B 273 -71.24 -17.86 32.43
C GLU B 273 -70.03 -18.51 33.08
N PHE B 274 -69.08 -17.69 33.59
CA PHE B 274 -67.88 -18.13 34.34
C PHE B 274 -67.52 -17.09 35.48
N GLY B 275 -68.19 -17.14 36.54
CA GLY B 275 -67.93 -16.33 37.67
C GLY B 275 -68.00 -17.14 38.92
N PRO B 276 -68.08 -16.51 40.02
CA PRO B 276 -68.17 -17.26 41.24
C PRO B 276 -69.39 -18.21 41.28
N ASP B 277 -69.13 -19.43 41.76
CA ASP B 277 -70.00 -20.59 41.87
C ASP B 277 -70.20 -21.27 40.54
N SER B 278 -69.86 -20.60 39.42
CA SER B 278 -69.85 -21.32 38.13
C SER B 278 -68.73 -22.37 38.14
N GLY B 279 -69.00 -23.54 37.62
CA GLY B 279 -68.08 -24.65 37.83
C GLY B 279 -66.72 -24.44 37.22
N VAL B 280 -66.64 -23.80 36.02
CA VAL B 280 -65.34 -23.58 35.39
C VAL B 280 -64.52 -22.60 36.23
N SER B 281 -63.21 -22.59 35.98
CA SER B 281 -62.27 -21.84 36.78
C SER B 281 -61.36 -21.09 35.89
N THR B 282 -61.08 -19.91 36.31
CA THR B 282 -60.43 -18.95 35.44
C THR B 282 -59.52 -17.96 36.21
N GLY B 283 -58.92 -17.08 35.43
CA GLY B 283 -58.04 -16.02 35.95
C GLY B 283 -56.67 -16.56 36.15
N VAL B 284 -55.75 -15.65 36.37
CA VAL B 284 -54.34 -16.08 36.43
C VAL B 284 -53.97 -16.58 37.81
N MET B 285 -54.49 -15.93 38.84
CA MET B 285 -54.28 -16.34 40.25
C MET B 285 -54.70 -17.80 40.54
N THR B 286 -55.81 -18.20 40.04
CA THR B 286 -56.25 -19.56 40.24
C THR B 286 -55.38 -20.59 39.50
N LEU B 287 -54.99 -20.32 38.26
CA LEU B 287 -54.04 -21.18 37.53
C LEU B 287 -52.81 -21.40 38.35
N ARG B 288 -52.23 -20.34 38.90
CA ARG B 288 -51.00 -20.39 39.71
C ARG B 288 -51.27 -21.14 40.99
N LYS B 289 -52.36 -20.83 41.62
CA LYS B 289 -52.68 -21.50 42.86
C LYS B 289 -52.78 -23.06 42.62
N LYS B 290 -53.57 -23.45 41.65
CA LYS B 290 -53.60 -24.86 41.26
C LYS B 290 -52.21 -25.42 40.90
N LEU B 291 -51.44 -24.71 40.02
CA LEU B 291 -50.01 -25.11 39.70
C LEU B 291 -49.16 -25.48 40.95
N LEU B 292 -49.11 -24.56 41.88
CA LEU B 292 -48.32 -24.76 43.08
C LEU B 292 -48.77 -25.97 43.82
N GLN B 293 -50.07 -26.12 44.04
CA GLN B 293 -50.52 -27.30 44.77
C GLN B 293 -50.24 -28.63 44.05
N VAL B 294 -50.55 -28.71 42.75
CA VAL B 294 -50.29 -29.91 41.99
C VAL B 294 -48.75 -30.23 42.04
N LEU B 295 -47.91 -29.31 41.62
CA LEU B 295 -46.48 -29.50 41.72
C LEU B 295 -46.05 -29.96 43.09
N GLU B 296 -46.53 -29.37 44.16
CA GLU B 296 -46.16 -29.80 45.52
C GLU B 296 -46.63 -31.25 45.78
N GLN B 297 -47.77 -31.66 45.25
CA GLN B 297 -48.21 -33.03 45.54
C GLN B 297 -47.35 -34.04 44.76
N GLN B 298 -47.13 -33.80 43.44
CA GLN B 298 -46.35 -34.74 42.58
C GLN B 298 -44.95 -34.82 43.05
N MET B 299 -44.29 -33.64 43.11
CA MET B 299 -42.92 -33.59 43.58
C MET B 299 -42.72 -34.30 44.90
N SER B 300 -43.57 -34.02 45.85
CA SER B 300 -43.42 -34.63 47.21
C SER B 300 -43.61 -36.18 47.15
N SER B 301 -44.55 -36.67 46.30
CA SER B 301 -44.72 -38.14 46.22
C SER B 301 -43.57 -38.84 45.51
N LYS B 302 -43.06 -38.25 44.43
CA LYS B 302 -41.74 -38.72 43.89
C LYS B 302 -40.65 -38.62 44.91
N LEU B 303 -40.75 -37.78 45.91
CA LEU B 303 -39.63 -37.44 46.72
C LEU B 303 -39.07 -38.66 47.47
N ASN B 304 -39.90 -39.64 47.80
CA ASN B 304 -39.35 -40.76 48.53
C ASN B 304 -38.54 -41.67 47.66
N GLU B 305 -39.11 -42.12 46.51
CA GLU B 305 -38.41 -43.00 45.63
C GLU B 305 -37.20 -42.29 44.99
N THR B 306 -37.31 -41.01 44.54
CA THR B 306 -36.14 -40.38 44.11
C THR B 306 -35.04 -40.43 45.17
N THR B 307 -35.42 -40.21 46.48
CA THR B 307 -34.41 -40.30 47.51
C THR B 307 -33.75 -41.62 47.49
N GLU B 308 -34.56 -42.66 47.54
CA GLU B 308 -33.98 -44.04 47.68
C GLU B 308 -32.97 -44.40 46.52
N ALA B 309 -33.42 -44.07 45.33
CA ALA B 309 -32.59 -44.26 44.14
C ALA B 309 -31.27 -43.46 44.18
N ILE B 310 -31.33 -42.20 44.63
CA ILE B 310 -30.14 -41.42 44.83
C ILE B 310 -29.19 -42.10 45.84
N GLN B 311 -29.71 -42.54 46.95
CA GLN B 311 -28.91 -43.33 47.85
C GLN B 311 -28.26 -44.49 47.05
N ARG B 312 -29.00 -45.25 46.26
CA ARG B 312 -28.47 -46.39 45.50
C ARG B 312 -27.33 -45.99 44.58
N GLU B 313 -27.48 -44.85 43.93
CA GLU B 313 -26.50 -44.40 42.95
C GLU B 313 -25.29 -43.83 43.66
N LEU B 314 -25.48 -43.30 44.87
CA LEU B 314 -24.34 -42.95 45.71
C LEU B 314 -23.54 -44.20 46.14
N GLU B 315 -24.29 -45.29 46.38
CA GLU B 315 -23.60 -46.50 46.79
C GLU B 315 -22.68 -46.95 45.66
N GLU B 316 -23.25 -47.12 44.44
CA GLU B 316 -22.47 -47.59 43.33
C GLU B 316 -21.38 -46.61 42.91
N THR B 317 -21.61 -45.31 43.00
CA THR B 317 -20.51 -44.42 42.82
C THR B 317 -19.44 -44.65 43.85
N THR B 318 -19.77 -44.81 45.15
CA THR B 318 -18.77 -45.13 46.17
C THR B 318 -18.01 -46.48 45.94
N TYR B 319 -18.74 -47.55 45.47
CA TYR B 319 -18.02 -48.80 45.16
C TYR B 319 -16.95 -48.57 44.13
N GLN B 320 -17.29 -47.94 43.01
CA GLN B 320 -16.20 -47.72 41.99
C GLN B 320 -15.05 -46.86 42.58
N PHE B 321 -15.39 -45.91 43.47
CA PHE B 321 -14.34 -45.13 44.05
C PHE B 321 -13.43 -45.97 44.88
N LYS B 322 -13.94 -47.03 45.48
CA LYS B 322 -13.12 -47.91 46.33
C LYS B 322 -12.17 -48.79 45.42
N VAL B 323 -12.73 -49.33 44.37
CA VAL B 323 -12.01 -50.32 43.53
C VAL B 323 -11.03 -49.58 42.58
N GLN B 324 -11.41 -48.57 41.89
CA GLN B 324 -10.48 -48.09 40.84
C GLN B 324 -9.59 -46.98 41.26
N TYR B 325 -9.93 -46.26 42.38
CA TYR B 325 -9.00 -45.21 42.89
C TYR B 325 -8.64 -45.39 44.34
N ASN B 326 -9.08 -46.52 45.01
CA ASN B 326 -8.61 -46.81 46.40
C ASN B 326 -9.04 -45.75 47.35
N GLU B 327 -10.10 -45.00 46.99
CA GLU B 327 -10.67 -43.97 47.84
C GLU B 327 -9.64 -42.86 48.10
N GLN B 328 -8.66 -42.63 47.21
CA GLN B 328 -7.68 -41.62 47.48
C GLN B 328 -8.26 -40.30 47.16
N PRO B 329 -8.20 -39.32 48.08
CA PRO B 329 -8.58 -37.99 47.77
C PRO B 329 -7.60 -37.35 46.78
N MET B 330 -8.16 -36.46 45.95
CA MET B 330 -7.34 -35.84 44.88
C MET B 330 -7.81 -34.46 44.63
N SER B 331 -6.92 -33.52 44.55
CA SER B 331 -7.27 -32.19 44.08
C SER B 331 -6.36 -31.80 42.94
N ALA B 332 -6.80 -30.80 42.12
CA ALA B 332 -5.95 -30.17 41.12
C ALA B 332 -4.71 -29.65 41.75
N GLU B 333 -4.90 -28.92 42.83
CA GLU B 333 -3.71 -28.36 43.61
C GLU B 333 -2.73 -29.44 44.01
N SER B 334 -3.22 -30.61 44.34
CA SER B 334 -2.34 -31.65 44.86
C SER B 334 -1.52 -32.12 43.72
N TYR B 335 -2.18 -32.47 42.61
CA TYR B 335 -1.51 -32.96 41.36
C TYR B 335 -0.49 -31.99 40.89
N LEU B 336 -0.86 -30.71 40.90
CA LEU B 336 0.09 -29.69 40.40
C LEU B 336 1.29 -29.57 41.30
N ALA B 337 1.03 -29.62 42.69
CA ALA B 337 2.18 -29.51 43.60
C ALA B 337 3.13 -30.64 43.40
N ALA B 338 2.57 -31.83 43.42
CA ALA B 338 3.35 -33.08 43.39
C ALA B 338 4.23 -33.11 42.18
N SER B 339 3.64 -32.73 41.05
CA SER B 339 4.34 -32.81 39.81
C SER B 339 5.46 -31.73 39.76
N LEU B 340 5.20 -30.61 40.34
CA LEU B 340 6.17 -29.55 40.30
C LEU B 340 7.34 -30.00 41.11
N ASP B 341 7.11 -30.78 42.18
CA ASP B 341 8.22 -31.29 42.93
C ASP B 341 8.98 -32.34 42.12
N ASP B 342 8.29 -33.22 41.44
CA ASP B 342 9.05 -34.22 40.62
C ASP B 342 9.87 -33.53 39.55
N PHE B 343 9.33 -32.44 38.88
CA PHE B 343 10.13 -31.68 37.93
C PHE B 343 11.31 -31.07 38.68
N LYS B 344 11.09 -30.47 39.84
CA LYS B 344 12.21 -29.89 40.60
C LYS B 344 13.30 -30.94 40.99
N HIS B 345 12.91 -32.14 41.35
CA HIS B 345 13.83 -33.19 41.64
C HIS B 345 14.70 -33.55 40.40
N GLN B 346 14.08 -33.58 39.22
CA GLN B 346 14.81 -33.74 37.98
C GLN B 346 15.82 -32.63 37.79
N PHE B 347 15.41 -31.38 38.15
CA PHE B 347 16.31 -30.23 37.95
C PHE B 347 17.51 -30.24 38.92
N HIS B 348 17.26 -30.66 40.14
CA HIS B 348 18.34 -30.78 41.09
C HIS B 348 19.44 -31.70 40.60
N GLU B 349 19.00 -32.87 40.13
CA GLU B 349 19.92 -33.80 39.50
C GLU B 349 20.66 -33.21 38.34
N PHE B 350 19.99 -32.32 37.56
CA PHE B 350 20.66 -31.77 36.44
C PHE B 350 21.71 -30.74 36.93
N ALA B 351 21.35 -29.87 37.84
CA ALA B 351 22.26 -28.87 38.37
C ALA B 351 23.56 -29.50 38.99
N SER B 352 23.30 -30.63 39.75
CA SER B 352 24.42 -31.48 40.14
C SER B 352 25.15 -31.94 38.93
N SER B 353 24.46 -32.14 37.71
CA SER B 353 25.21 -32.76 36.47
C SER B 353 26.08 -31.75 35.71
N PHE B 354 25.65 -30.53 35.53
CA PHE B 354 26.23 -29.65 34.46
C PHE B 354 27.66 -29.19 34.79
N GLY B 355 27.76 -28.44 35.84
CA GLY B 355 29.09 -28.07 36.22
C GLY B 355 29.82 -27.13 35.25
N ARG B 356 31.16 -27.20 35.24
CA ARG B 356 32.01 -26.27 34.55
C ARG B 356 32.70 -26.74 33.22
N PRO B 357 33.28 -27.90 33.15
CA PRO B 357 33.89 -28.28 31.87
C PRO B 357 32.94 -28.35 30.66
N GLN B 358 31.63 -28.36 30.85
CA GLN B 358 30.75 -28.48 29.74
C GLN B 358 30.69 -27.14 28.93
N LEU B 359 30.56 -25.99 29.68
CA LEU B 359 30.79 -24.66 29.15
C LEU B 359 32.16 -24.59 28.48
N GLN B 360 33.16 -25.31 29.00
CA GLN B 360 34.52 -25.29 28.34
C GLN B 360 34.45 -25.81 26.97
N THR B 361 33.91 -27.06 26.79
CA THR B 361 33.80 -27.60 25.39
C THR B 361 32.87 -26.76 24.57
N LEU B 362 31.74 -26.27 25.09
CA LEU B 362 30.89 -25.46 24.26
C LEU B 362 31.63 -24.18 23.74
N LEU B 363 32.32 -23.45 24.64
CA LEU B 363 33.00 -22.22 24.20
C LEU B 363 34.18 -22.53 23.26
N LYS B 364 35.08 -23.47 23.66
CA LYS B 364 36.24 -23.75 22.84
C LYS B 364 35.81 -24.20 21.42
N ASP B 365 34.67 -24.97 21.26
CA ASP B 365 34.16 -25.37 19.93
C ASP B 365 33.75 -24.17 19.22
N ALA B 366 33.00 -23.29 19.89
CA ALA B 366 32.66 -22.01 19.22
C ALA B 366 33.90 -21.28 18.72
N LEU B 367 34.88 -21.08 19.57
CA LEU B 367 36.06 -20.35 19.21
C LEU B 367 36.94 -21.09 18.15
N ASP B 368 36.82 -22.43 18.00
CA ASP B 368 37.41 -23.14 16.88
C ASP B 368 36.84 -22.72 15.50
N GLN B 369 35.53 -22.71 15.41
CA GLN B 369 34.78 -22.20 14.25
C GLN B 369 34.96 -20.71 14.10
N LYS B 370 35.17 -19.94 15.18
CA LYS B 370 35.61 -18.51 15.04
C LYS B 370 36.94 -18.45 14.37
N VAL B 371 37.91 -19.33 14.76
CA VAL B 371 39.28 -19.29 14.20
C VAL B 371 39.30 -19.66 12.75
N LEU B 372 38.47 -20.72 12.35
CA LEU B 372 38.35 -21.12 10.97
C LEU B 372 37.77 -19.97 10.15
N ASP B 373 36.79 -19.28 10.71
CA ASP B 373 36.29 -18.04 10.04
C ASP B 373 37.44 -17.03 9.77
N GLN B 374 38.17 -16.77 10.86
CA GLN B 374 39.21 -15.76 10.78
C GLN B 374 40.20 -16.09 9.66
N LEU B 375 40.82 -17.28 9.73
CA LEU B 375 41.87 -17.66 8.76
C LEU B 375 41.36 -17.67 7.33
N ALA B 376 40.19 -18.23 7.09
CA ALA B 376 39.70 -18.24 5.73
C ALA B 376 39.44 -16.87 5.16
N ALA B 377 38.81 -15.93 5.96
CA ALA B 377 38.53 -14.62 5.44
C ALA B 377 39.73 -13.70 5.36
N ARG B 378 40.83 -14.01 6.12
CA ARG B 378 42.08 -13.15 6.07
C ARG B 378 43.19 -13.65 5.19
N TYR B 379 43.28 -15.02 4.91
CA TYR B 379 44.40 -15.66 4.27
C TYR B 379 44.03 -16.39 2.96
N TRP B 380 42.88 -17.04 2.83
CA TRP B 380 42.73 -18.00 1.76
C TRP B 380 41.81 -17.46 0.67
N ASN B 381 41.45 -18.41 -0.26
CA ASN B 381 40.68 -18.09 -1.48
C ASN B 381 39.23 -17.88 -1.16
N ARG B 382 38.47 -17.51 -2.22
CA ARG B 382 37.06 -17.21 -2.20
C ARG B 382 36.28 -18.07 -3.18
N PRO B 383 34.98 -17.97 -3.19
CA PRO B 383 34.12 -18.72 -4.21
C PRO B 383 34.51 -18.43 -5.69
N ILE B 384 33.95 -19.26 -6.63
CA ILE B 384 34.18 -19.15 -8.07
C ILE B 384 32.88 -18.88 -8.83
N GLU B 385 32.81 -17.73 -9.49
CA GLU B 385 31.84 -17.48 -10.60
C GLU B 385 32.60 -16.99 -11.83
N ASP B 386 31.93 -16.62 -12.93
CA ASP B 386 32.64 -16.54 -14.22
C ASP B 386 33.49 -15.29 -14.38
N LEU B 387 33.14 -14.18 -13.74
CA LEU B 387 33.96 -12.99 -13.84
C LEU B 387 35.44 -13.23 -13.29
N SER B 388 36.41 -12.69 -13.99
CA SER B 388 37.84 -12.90 -13.63
C SER B 388 38.21 -12.24 -12.23
N PRO B 389 39.18 -12.87 -11.54
CA PRO B 389 39.33 -12.61 -10.06
C PRO B 389 40.30 -11.41 -9.82
N ALA B 390 40.38 -11.06 -8.57
CA ALA B 390 41.42 -10.21 -8.00
C ALA B 390 42.85 -10.87 -8.17
N PRO B 391 43.95 -10.14 -8.15
CA PRO B 391 45.27 -10.74 -8.67
C PRO B 391 45.77 -12.05 -7.92
N ARG B 392 46.01 -12.03 -6.60
CA ARG B 392 45.94 -10.91 -5.65
C ARG B 392 47.07 -9.95 -5.62
N GLU B 393 48.34 -10.29 -5.73
CA GLU B 393 48.93 -11.60 -5.48
C GLU B 393 50.21 -11.62 -4.51
N PRO B 394 50.62 -10.51 -3.94
CA PRO B 394 51.53 -10.64 -2.78
C PRO B 394 50.94 -11.45 -1.65
N ASP B 395 49.64 -11.59 -1.68
CA ASP B 395 48.90 -12.45 -0.75
C ASP B 395 48.73 -13.89 -1.39
N ASN B 396 49.90 -14.53 -1.50
CA ASN B 396 49.96 -15.90 -1.88
C ASN B 396 50.52 -16.68 -0.67
N ILE B 397 49.74 -17.69 -0.21
CA ILE B 397 50.06 -18.28 1.08
C ILE B 397 51.21 -19.26 0.93
N ILE B 398 51.54 -19.63 -0.29
CA ILE B 398 52.59 -20.59 -0.51
C ILE B 398 53.96 -20.10 0.03
N ASP B 399 54.37 -18.87 -0.28
CA ASP B 399 55.68 -18.40 0.05
C ASP B 399 55.80 -17.92 1.47
N LEU B 400 54.80 -18.23 2.36
CA LEU B 400 54.93 -18.02 3.77
C LEU B 400 56.18 -18.72 4.40
N PRO B 401 56.45 -20.04 4.27
CA PRO B 401 57.58 -20.62 5.03
C PRO B 401 58.89 -19.97 4.74
N LYS B 402 59.20 -19.65 3.48
CA LYS B 402 60.46 -18.95 3.18
C LYS B 402 60.24 -17.49 2.70
N ALA B 403 59.85 -16.63 3.65
CA ALA B 403 59.53 -15.28 3.38
C ALA B 403 60.31 -14.40 4.36
N ASP B 404 60.04 -13.10 4.26
CA ASP B 404 60.72 -12.16 5.07
C ASP B 404 60.10 -12.16 6.47
N PRO B 405 60.83 -12.42 7.52
CA PRO B 405 60.17 -12.44 8.84
C PRO B 405 59.63 -11.08 9.12
N ASP B 406 60.31 -10.02 8.66
CA ASP B 406 59.86 -8.66 8.89
C ASP B 406 58.95 -8.17 7.76
N SER B 407 57.96 -8.98 7.46
CA SER B 407 57.01 -8.64 6.36
C SER B 407 55.85 -7.77 6.89
N PRO B 408 55.77 -6.51 6.47
CA PRO B 408 54.69 -5.75 6.95
C PRO B 408 53.36 -6.35 6.57
N TYR B 409 53.23 -7.00 5.43
CA TYR B 409 51.94 -7.51 5.04
C TYR B 409 51.50 -8.60 5.99
N TRP B 410 52.35 -9.56 6.26
CA TRP B 410 51.99 -10.72 7.08
C TRP B 410 51.74 -10.25 8.46
N HIS B 411 52.53 -9.33 8.90
CA HIS B 411 52.34 -8.76 10.25
C HIS B 411 50.98 -8.19 10.33
N ARG B 412 50.65 -7.27 9.41
CA ARG B 412 49.30 -6.67 9.51
C ARG B 412 48.28 -7.75 9.51
N GLN B 413 48.56 -8.86 8.82
CA GLN B 413 47.50 -9.90 8.61
C GLN B 413 47.24 -10.76 9.84
N LEU B 414 48.31 -11.31 10.42
CA LEU B 414 48.13 -11.99 11.65
C LEU B 414 47.64 -11.06 12.80
N ASP B 415 48.06 -9.78 12.77
CA ASP B 415 47.65 -8.89 13.83
C ASP B 415 46.15 -8.51 13.73
N THR B 416 45.67 -8.15 12.51
CA THR B 416 44.30 -7.95 12.34
C THR B 416 43.51 -9.23 12.54
N ALA B 417 44.12 -10.38 12.37
CA ALA B 417 43.46 -11.63 12.74
C ALA B 417 43.31 -11.78 14.26
N CYS B 418 44.38 -11.48 15.08
CA CYS B 418 44.31 -11.68 16.58
C CYS B 418 43.49 -10.58 17.25
N SER B 419 43.72 -9.35 16.73
CA SER B 419 42.89 -8.20 17.21
C SER B 419 41.39 -8.40 16.93
N GLY B 420 40.98 -8.72 15.71
CA GLY B 420 39.57 -9.06 15.49
C GLY B 420 39.10 -10.19 16.34
N LEU B 421 39.96 -11.20 16.63
CA LEU B 421 39.50 -12.31 17.48
C LEU B 421 39.21 -11.89 18.91
N THR B 422 40.13 -11.12 19.54
CA THR B 422 40.04 -10.76 20.96
C THR B 422 39.11 -9.55 21.14
N ARG B 423 39.17 -8.58 20.27
CA ARG B 423 38.23 -7.47 20.32
C ARG B 423 37.00 -7.76 19.50
N LEU B 424 36.44 -8.88 19.75
CA LEU B 424 35.13 -9.31 19.30
C LEU B 424 34.18 -9.47 20.49
N GLY B 425 32.88 -9.51 20.29
CA GLY B 425 31.98 -9.73 21.41
C GLY B 425 32.09 -11.18 21.89
N VAL B 426 33.29 -11.56 22.40
CA VAL B 426 33.48 -12.82 22.95
C VAL B 426 32.65 -12.97 24.22
N GLY B 427 32.40 -11.91 24.95
CA GLY B 427 31.57 -11.89 26.06
C GLY B 427 30.12 -12.30 25.68
N ARG B 428 29.55 -11.55 24.77
CA ARG B 428 28.22 -11.79 24.26
C ARG B 428 28.17 -13.15 23.57
N LEU B 429 29.26 -13.65 22.91
CA LEU B 429 29.26 -15.04 22.35
C LEU B 429 29.19 -16.07 23.48
N ALA B 430 29.93 -15.91 24.52
CA ALA B 430 29.78 -16.83 25.64
C ALA B 430 28.39 -16.79 26.27
N ALA B 431 27.86 -15.53 26.43
CA ALA B 431 26.55 -15.36 27.13
C ALA B 431 25.51 -16.11 26.37
N THR B 432 25.50 -15.94 25.03
CA THR B 432 24.42 -16.48 24.14
C THR B 432 24.63 -17.92 23.81
N VAL B 433 25.87 -18.39 23.79
CA VAL B 433 26.05 -19.81 23.63
C VAL B 433 25.58 -20.51 24.90
N ALA B 434 25.99 -19.95 26.05
CA ALA B 434 25.65 -20.53 27.35
C ALA B 434 24.18 -20.50 27.60
N ALA B 435 23.52 -19.41 27.20
CA ALA B 435 22.12 -19.31 27.40
C ALA B 435 21.40 -20.39 26.61
N SER B 436 21.70 -20.50 25.33
CA SER B 436 20.88 -21.39 24.51
C SER B 436 21.12 -22.81 24.94
N ALA B 437 22.33 -23.09 25.49
CA ALA B 437 22.65 -24.43 25.98
C ALA B 437 21.78 -24.74 27.18
N ILE B 438 21.76 -23.86 28.21
CA ILE B 438 21.06 -24.04 29.46
C ILE B 438 19.56 -24.21 29.18
N GLN B 439 19.03 -23.37 28.30
CA GLN B 439 17.72 -23.48 27.89
C GLN B 439 17.40 -24.78 27.18
N GLN B 440 18.33 -25.30 26.43
CA GLN B 440 18.07 -26.59 25.76
C GLN B 440 18.05 -27.72 26.77
N HIS B 441 19.08 -27.68 27.69
CA HIS B 441 19.09 -28.70 28.75
C HIS B 441 17.74 -28.67 29.53
N VAL B 442 17.17 -27.41 29.76
CA VAL B 442 15.95 -27.30 30.55
C VAL B 442 14.74 -27.82 29.71
N GLU B 443 14.75 -27.61 28.39
CA GLU B 443 13.63 -28.15 27.52
C GLU B 443 13.61 -29.58 27.43
N LYS B 444 14.75 -30.24 27.13
CA LYS B 444 14.80 -31.69 27.07
C LYS B 444 14.41 -32.27 28.47
N LEU B 445 14.85 -31.60 29.54
CA LEU B 445 14.46 -31.95 30.85
C LEU B 445 12.96 -31.85 31.04
N LEU B 446 12.38 -30.86 30.44
CA LEU B 446 10.92 -30.77 30.42
C LEU B 446 10.30 -31.89 29.57
N ASP B 447 10.96 -32.25 28.43
CA ASP B 447 10.42 -33.26 27.51
C ASP B 447 10.15 -34.58 28.31
N LYS B 448 11.14 -35.05 29.14
CA LYS B 448 11.04 -36.29 29.88
C LYS B 448 10.43 -36.14 31.27
N SER B 449 10.21 -34.93 31.66
CA SER B 449 9.65 -34.66 32.97
C SER B 449 8.12 -34.93 32.98
N SER B 450 7.52 -34.70 34.08
CA SER B 450 6.07 -34.83 34.25
C SER B 450 5.27 -33.79 33.48
N PHE B 451 5.87 -32.81 32.87
CA PHE B 451 5.20 -31.79 32.14
C PHE B 451 5.07 -32.08 30.65
N ALA B 452 5.22 -33.34 30.21
CA ALA B 452 4.95 -33.72 28.83
C ALA B 452 3.57 -33.24 28.41
N LYS B 453 2.53 -33.54 29.23
CA LYS B 453 1.17 -33.04 28.99
C LYS B 453 1.10 -31.58 29.46
N HIS B 454 0.00 -30.96 29.33
CA HIS B 454 -0.22 -29.61 29.88
C HIS B 454 0.66 -28.61 29.18
N PRO B 455 0.54 -28.44 27.87
CA PRO B 455 1.51 -27.56 27.13
C PRO B 455 1.46 -26.06 27.59
N SER B 456 0.33 -25.61 28.17
CA SER B 456 0.30 -24.23 28.63
C SER B 456 1.32 -24.08 29.68
N ALA B 457 1.26 -24.93 30.72
CA ALA B 457 2.19 -24.81 31.89
C ALA B 457 3.64 -24.95 31.48
N ARG B 458 3.92 -25.99 30.65
CA ARG B 458 5.26 -26.22 30.20
C ARG B 458 5.86 -24.93 29.62
N LYS B 459 5.08 -24.22 28.79
CA LYS B 459 5.53 -22.96 28.28
C LYS B 459 5.80 -21.98 29.43
N VAL B 460 5.08 -22.08 30.51
CA VAL B 460 5.31 -21.14 31.61
C VAL B 460 6.72 -21.45 32.20
N ILE B 461 7.06 -22.71 32.30
CA ILE B 461 8.33 -23.09 32.90
C ILE B 461 9.44 -22.67 31.91
N SER B 462 9.22 -22.95 30.66
CA SER B 462 10.24 -22.59 29.71
C SER B 462 10.46 -21.09 29.77
N ASP B 463 9.35 -20.32 29.66
CA ASP B 463 9.49 -18.86 29.65
C ASP B 463 10.13 -18.35 30.92
N ALA B 464 10.02 -19.11 32.03
CA ALA B 464 10.65 -18.67 33.30
C ALA B 464 12.17 -18.78 33.22
N ALA B 465 12.61 -19.89 32.79
CA ALA B 465 14.04 -20.07 32.53
C ALA B 465 14.57 -19.02 31.53
N ALA B 466 13.79 -18.77 30.45
CA ALA B 466 14.17 -17.76 29.47
C ALA B 466 14.34 -16.38 30.11
N THR B 467 13.44 -15.99 30.99
CA THR B 467 13.51 -14.65 31.62
C THR B 467 14.59 -14.53 32.68
N VAL B 468 14.95 -15.62 33.34
CA VAL B 468 16.18 -15.57 34.20
C VAL B 468 17.46 -15.34 33.29
N LEU B 469 17.71 -16.28 32.36
CA LEU B 469 18.95 -16.18 31.61
C LEU B 469 19.10 -14.83 30.94
N ALA B 470 18.00 -14.30 30.41
CA ALA B 470 17.93 -12.99 29.86
C ALA B 470 18.34 -11.89 30.86
N ASP B 471 17.75 -11.93 32.15
CA ASP B 471 18.20 -10.96 33.12
C ASP B 471 19.74 -10.97 33.29
N ARG B 472 20.29 -12.15 33.49
CA ARG B 472 21.75 -12.15 33.72
C ARG B 472 22.63 -12.00 32.49
N SER B 473 22.02 -11.93 31.27
CA SER B 473 22.86 -12.03 30.04
C SER B 473 23.84 -10.85 29.88
N TYR B 474 23.38 -9.59 30.04
CA TYR B 474 24.32 -8.50 29.78
C TYR B 474 25.48 -8.49 30.84
N ALA B 475 25.08 -8.68 32.12
CA ALA B 475 26.05 -8.56 33.23
C ALA B 475 27.15 -9.61 33.19
N THR B 476 26.73 -10.84 32.73
CA THR B 476 27.71 -11.89 32.50
C THR B 476 28.72 -11.46 31.41
N SER B 477 28.22 -10.84 30.31
CA SER B 477 28.99 -10.51 29.18
C SER B 477 30.00 -9.45 29.48
N ASP B 478 29.58 -8.28 30.02
CA ASP B 478 30.54 -7.30 30.51
C ASP B 478 31.59 -7.91 31.52
N GLY B 479 31.09 -8.66 32.49
CA GLY B 479 32.06 -9.19 33.42
C GLY B 479 33.13 -10.02 32.76
N ILE B 480 32.74 -10.73 31.70
CA ILE B 480 33.68 -11.46 30.88
C ILE B 480 34.74 -10.55 30.16
N GLU B 481 34.25 -9.43 29.56
CA GLU B 481 35.17 -8.43 28.91
C GLU B 481 36.13 -7.85 29.89
N ILE B 482 35.63 -7.40 31.07
CA ILE B 482 36.57 -6.80 32.11
C ILE B 482 37.61 -7.87 32.41
N SER B 483 37.17 -9.11 32.65
CA SER B 483 38.11 -10.16 33.03
C SER B 483 39.08 -10.53 31.89
N LEU B 484 38.69 -10.33 30.63
CA LEU B 484 39.58 -10.52 29.53
C LEU B 484 40.42 -9.24 29.21
N LYS B 485 40.14 -8.12 29.87
CA LYS B 485 40.97 -6.92 29.75
C LYS B 485 42.51 -7.16 29.89
N PRO B 486 43.02 -8.08 30.76
CA PRO B 486 44.49 -8.35 30.71
C PRO B 486 44.90 -9.14 29.49
N TYR B 487 43.98 -10.06 28.95
CA TYR B 487 44.42 -10.88 27.83
C TYR B 487 44.18 -10.13 26.46
N LYS B 488 43.38 -9.11 26.44
CA LYS B 488 43.29 -8.34 25.23
C LYS B 488 44.62 -7.60 24.98
N PHE B 489 45.27 -7.07 26.11
CA PHE B 489 46.52 -6.30 25.99
C PHE B 489 47.64 -7.16 25.58
N ASP B 490 47.82 -8.24 26.24
CA ASP B 490 48.90 -9.12 25.91
C ASP B 490 48.40 -10.54 26.21
N PRO B 491 47.88 -11.20 25.19
CA PRO B 491 47.55 -12.58 25.37
C PRO B 491 48.74 -13.45 25.23
N ASP B 492 49.76 -13.30 26.10
CA ASP B 492 51.02 -14.01 26.00
C ASP B 492 50.86 -15.50 26.03
N ILE B 493 51.44 -16.12 25.08
CA ILE B 493 51.30 -17.54 24.88
C ILE B 493 52.59 -18.19 25.38
N GLN B 494 52.39 -19.15 26.25
CA GLN B 494 53.51 -19.95 26.79
C GLN B 494 53.80 -21.13 25.89
N PRO B 495 55.06 -21.64 25.81
CA PRO B 495 55.39 -22.76 24.89
C PRO B 495 54.51 -23.97 25.02
N ASN B 496 54.11 -24.36 26.28
CA ASN B 496 53.24 -25.48 26.51
C ASN B 496 51.90 -25.21 25.93
N GLU B 497 51.34 -23.99 26.10
CA GLU B 497 50.11 -23.60 25.42
C GLU B 497 50.28 -23.67 23.90
N TRP B 498 51.44 -23.22 23.37
CA TRP B 498 51.66 -23.32 21.95
C TRP B 498 51.65 -24.74 21.39
N ALA B 499 52.27 -25.70 22.09
CA ALA B 499 52.24 -27.10 21.58
C ALA B 499 50.82 -27.68 21.60
N GLN B 500 50.05 -27.18 22.57
CA GLN B 500 48.62 -27.57 22.64
C GLN B 500 47.86 -27.05 21.39
N GLY B 501 48.09 -25.76 21.10
CA GLY B 501 47.38 -25.18 19.93
C GLY B 501 47.88 -25.83 18.65
N ARG B 502 49.10 -26.36 18.70
CA ARG B 502 49.64 -27.13 17.60
C ARG B 502 48.83 -28.42 17.37
N GLU B 503 48.62 -29.24 18.43
CA GLU B 503 47.91 -30.50 18.21
C GLU B 503 46.46 -30.32 17.97
N HIS B 504 45.84 -29.34 18.61
CA HIS B 504 44.44 -29.03 18.30
C HIS B 504 44.24 -28.63 16.91
N VAL B 505 45.11 -27.67 16.44
CA VAL B 505 45.04 -27.13 15.08
C VAL B 505 45.22 -28.21 14.02
N VAL B 506 46.09 -29.19 14.32
CA VAL B 506 46.32 -30.26 13.30
C VAL B 506 44.97 -31.00 13.04
N GLY B 507 44.22 -31.16 14.07
CA GLY B 507 42.96 -31.98 13.95
C GLY B 507 41.82 -31.16 13.28
N VAL B 508 41.68 -29.90 13.69
CA VAL B 508 40.68 -29.04 13.10
C VAL B 508 40.89 -28.93 11.61
N LEU B 509 42.14 -28.58 11.27
CA LEU B 509 42.48 -28.36 9.84
C LEU B 509 42.29 -29.61 9.03
N GLN B 510 42.70 -30.76 9.55
CA GLN B 510 42.76 -32.00 8.69
C GLN B 510 41.36 -32.51 8.35
N ALA B 511 40.39 -32.34 9.29
CA ALA B 511 38.93 -32.67 9.09
C ALA B 511 38.29 -31.79 8.09
N GLU B 512 38.67 -30.49 8.08
CA GLU B 512 38.28 -29.61 6.99
C GLU B 512 38.81 -30.16 5.63
N LEU B 513 40.06 -30.54 5.63
CA LEU B 513 40.72 -31.05 4.41
C LEU B 513 40.03 -32.32 3.84
N GLU B 514 39.55 -33.19 4.79
CA GLU B 514 38.81 -34.38 4.36
C GLU B 514 37.43 -34.10 3.75
N GLN B 515 36.60 -33.26 4.32
CA GLN B 515 35.46 -32.89 3.63
C GLN B 515 35.82 -32.53 2.21
N CYS B 516 36.91 -31.74 2.05
CA CYS B 516 37.31 -31.26 0.71
C CYS B 516 37.65 -32.42 -0.29
N GLN B 517 38.54 -33.34 0.07
CA GLN B 517 39.08 -34.37 -0.87
C GLN B 517 38.08 -35.51 -1.16
N ALA B 518 37.27 -35.82 -0.23
CA ALA B 518 36.10 -36.64 -0.55
C ALA B 518 35.20 -35.91 -1.51
N ALA B 519 35.13 -34.60 -1.42
CA ALA B 519 34.32 -33.85 -2.35
C ALA B 519 34.90 -33.86 -3.70
N MET B 520 36.19 -33.90 -3.81
CA MET B 520 36.87 -33.81 -5.08
C MET B 520 36.78 -35.08 -5.89
N LYS B 521 37.12 -36.19 -5.27
CA LYS B 521 37.02 -37.47 -5.95
C LYS B 521 35.57 -37.81 -6.30
N ALA B 522 34.57 -37.41 -5.47
CA ALA B 522 33.17 -37.57 -5.88
C ALA B 522 32.83 -36.64 -7.03
N LEU B 523 33.48 -35.52 -7.13
CA LEU B 523 33.21 -34.68 -8.27
C LEU B 523 33.75 -35.26 -9.59
N GLU B 524 35.01 -35.81 -9.50
CA GLU B 524 35.55 -36.58 -10.66
C GLU B 524 34.62 -37.71 -11.07
N ASN B 525 34.28 -38.59 -10.12
CA ASN B 525 33.50 -39.80 -10.44
C ASN B 525 32.10 -39.42 -10.91
N SER B 526 31.63 -38.26 -10.49
CA SER B 526 30.33 -37.74 -10.97
C SER B 526 30.38 -37.25 -12.40
N VAL B 527 31.32 -36.36 -12.73
CA VAL B 527 31.36 -35.81 -14.03
C VAL B 527 31.61 -36.84 -15.07
N GLY B 528 32.39 -37.89 -14.69
CA GLY B 528 32.85 -38.91 -15.63
C GLY B 528 34.35 -39.22 -15.40
N GLY B 529 35.13 -39.07 -16.44
CA GLY B 529 36.51 -39.35 -16.31
C GLY B 529 37.19 -38.16 -15.56
N ARG B 530 38.29 -38.47 -14.93
CA ARG B 530 39.22 -37.46 -14.36
C ARG B 530 39.62 -36.43 -15.41
N LYS B 531 40.12 -36.91 -16.63
CA LYS B 531 40.59 -35.98 -17.71
C LYS B 531 39.47 -35.01 -18.20
N LYS B 532 38.21 -35.42 -18.25
CA LYS B 532 37.19 -34.51 -18.71
C LYS B 532 37.05 -33.33 -17.74
N LEU B 533 36.92 -33.68 -16.43
CA LEU B 533 36.91 -32.63 -15.37
C LEU B 533 38.19 -31.82 -15.38
N LYS B 534 39.32 -32.45 -15.88
CA LYS B 534 40.58 -31.75 -16.12
C LYS B 534 40.46 -30.72 -17.27
N GLU B 535 39.69 -31.09 -18.33
CA GLU B 535 39.36 -30.15 -19.40
C GLU B 535 38.62 -28.92 -18.93
N VAL B 536 37.58 -29.15 -18.10
CA VAL B 536 36.80 -27.99 -17.60
C VAL B 536 37.67 -27.17 -16.63
N MET B 537 38.52 -27.85 -15.89
CA MET B 537 39.50 -27.13 -15.02
C MET B 537 40.45 -26.27 -15.75
N SER B 538 40.84 -26.72 -16.97
CA SER B 538 41.68 -25.86 -17.80
C SER B 538 40.91 -24.66 -18.23
N PHE B 539 39.63 -24.83 -18.71
CA PHE B 539 38.81 -23.77 -19.20
C PHE B 539 38.43 -22.79 -18.12
N VAL B 540 38.16 -23.23 -16.88
CA VAL B 540 37.84 -22.29 -15.84
C VAL B 540 39.10 -21.53 -15.36
N ASP B 541 40.31 -22.12 -15.53
CA ASP B 541 41.56 -21.40 -15.29
C ASP B 541 41.78 -20.35 -16.36
N LYS B 542 41.51 -20.72 -17.62
CA LYS B 542 41.53 -19.75 -18.69
C LYS B 542 40.66 -18.55 -18.27
N ALA B 543 39.44 -18.75 -17.88
CA ALA B 543 38.59 -17.63 -17.58
C ALA B 543 39.06 -16.94 -16.33
N ARG B 544 39.83 -17.59 -15.47
CA ARG B 544 40.35 -16.95 -14.26
C ARG B 544 41.62 -16.11 -14.56
N LYS B 545 42.46 -16.52 -15.57
CA LYS B 545 43.47 -15.61 -16.04
C LYS B 545 42.94 -14.72 -17.14
N GLY B 546 43.83 -14.05 -17.82
CA GLY B 546 43.47 -13.17 -18.88
C GLY B 546 43.22 -13.79 -20.21
N GLU B 547 43.40 -15.08 -20.28
CA GLU B 547 43.46 -15.75 -21.58
C GLU B 547 42.09 -15.68 -22.35
N ILE B 548 40.95 -15.73 -21.63
CA ILE B 548 39.70 -15.68 -22.29
C ILE B 548 38.64 -14.95 -21.43
N ILE B 549 37.85 -14.14 -22.07
CA ILE B 549 36.87 -13.29 -21.50
C ILE B 549 35.50 -13.56 -22.10
N VAL B 550 34.48 -13.43 -21.26
CA VAL B 550 33.08 -13.54 -21.58
C VAL B 550 32.37 -12.54 -20.62
N GLU B 551 31.13 -12.13 -20.97
CA GLU B 551 30.21 -11.28 -20.11
C GLU B 551 29.16 -12.21 -19.39
N GLY B 552 28.44 -11.61 -18.43
CA GLY B 552 27.76 -12.41 -17.47
C GLY B 552 26.30 -12.25 -17.46
N ASP B 553 25.69 -12.07 -18.67
CA ASP B 553 24.26 -12.20 -18.78
C ASP B 553 23.83 -13.68 -18.70
N HIS B 554 24.70 -14.56 -19.09
CA HIS B 554 24.42 -15.97 -19.03
C HIS B 554 25.67 -16.72 -18.41
N PRO B 555 25.83 -16.79 -17.10
CA PRO B 555 27.01 -17.43 -16.51
C PRO B 555 26.94 -18.95 -16.51
N SER B 556 25.83 -19.53 -16.92
CA SER B 556 25.73 -20.97 -16.98
C SER B 556 26.46 -21.55 -18.22
N GLY B 557 26.32 -20.88 -19.38
CA GLY B 557 26.80 -21.45 -20.62
C GLY B 557 27.80 -20.60 -21.40
N ALA B 558 29.03 -21.08 -21.46
CA ALA B 558 30.11 -20.38 -22.14
C ALA B 558 30.96 -21.46 -22.80
N GLY B 559 31.65 -20.98 -23.85
CA GLY B 559 32.59 -21.87 -24.58
C GLY B 559 31.85 -23.06 -25.23
N GLY B 560 32.60 -24.06 -25.57
CA GLY B 560 32.04 -25.28 -26.09
C GLY B 560 31.78 -26.24 -25.00
N PHE B 561 31.66 -25.77 -23.79
CA PHE B 561 31.36 -26.58 -22.61
C PHE B 561 29.93 -26.24 -22.09
N SER B 562 29.26 -27.32 -21.61
CA SER B 562 27.81 -27.18 -21.38
C SER B 562 27.54 -26.39 -20.06
N ALA B 563 26.24 -26.19 -19.74
CA ALA B 563 25.84 -25.25 -18.64
C ALA B 563 26.22 -25.82 -17.30
N ALA B 564 25.86 -27.07 -17.13
CA ALA B 564 26.14 -27.80 -15.92
C ALA B 564 27.55 -28.22 -15.89
N LEU B 565 28.18 -28.43 -17.02
CA LEU B 565 29.63 -28.84 -16.94
C LEU B 565 30.44 -27.66 -16.40
N LEU B 566 30.09 -26.42 -16.83
CA LEU B 566 30.73 -25.21 -16.35
C LEU B 566 30.56 -25.08 -14.89
N ALA B 567 29.36 -25.41 -14.48
CA ALA B 567 29.09 -25.23 -13.06
C ALA B 567 29.96 -26.20 -12.26
N ARG B 568 29.95 -27.47 -12.68
CA ARG B 568 30.65 -28.50 -11.96
C ARG B 568 32.22 -28.18 -12.03
N GLY B 569 32.64 -27.51 -13.16
CA GLY B 569 34.06 -27.18 -13.23
C GLY B 569 34.38 -26.11 -12.19
N ARG B 570 33.67 -24.98 -12.08
CA ARG B 570 33.91 -23.92 -11.08
C ARG B 570 33.97 -24.52 -9.70
N GLU B 571 32.99 -25.38 -9.30
CA GLU B 571 33.07 -25.95 -7.91
C GLU B 571 34.41 -26.67 -7.74
N ALA B 572 34.81 -27.36 -8.81
CA ALA B 572 35.95 -28.29 -8.72
C ALA B 572 37.22 -27.46 -8.51
N VAL B 573 37.33 -26.31 -9.19
CA VAL B 573 38.49 -25.44 -9.08
C VAL B 573 38.55 -24.82 -7.63
N PHE B 574 37.43 -24.38 -7.11
CA PHE B 574 37.43 -23.85 -5.77
C PHE B 574 37.93 -24.96 -4.86
N LEU B 575 37.32 -26.16 -5.00
CA LEU B 575 37.74 -27.31 -4.21
C LEU B 575 39.25 -27.52 -4.32
N ARG B 576 39.78 -27.32 -5.54
CA ARG B 576 41.19 -27.60 -5.73
C ARG B 576 41.99 -26.60 -5.01
N ASP B 577 41.70 -25.37 -5.17
CA ASP B 577 42.53 -24.34 -4.54
C ASP B 577 42.51 -24.47 -3.00
N ARG B 578 41.28 -24.45 -2.44
CA ARG B 578 41.15 -24.55 -0.97
C ARG B 578 41.83 -25.83 -0.41
N ALA B 579 41.87 -26.96 -1.23
CA ALA B 579 42.53 -28.22 -0.75
C ALA B 579 43.98 -28.05 -0.72
N ASP B 580 44.55 -27.48 -1.83
CA ASP B 580 46.00 -27.33 -1.87
C ASP B 580 46.45 -26.47 -0.70
N ILE B 581 45.83 -25.26 -0.54
CA ILE B 581 46.18 -24.38 0.59
C ILE B 581 46.02 -25.08 1.90
N LEU B 582 44.91 -25.72 2.13
CA LEU B 582 44.72 -26.49 3.42
C LEU B 582 45.83 -27.52 3.58
N SER B 583 46.22 -28.29 2.56
CA SER B 583 47.21 -29.34 2.80
C SER B 583 48.58 -28.75 2.98
N LEU B 584 49.00 -27.77 2.10
CA LEU B 584 50.22 -27.06 2.39
C LEU B 584 50.19 -26.49 3.84
N ARG B 585 49.09 -25.97 4.30
CA ARG B 585 49.08 -25.45 5.60
C ARG B 585 49.10 -26.55 6.71
N ILE B 586 48.57 -27.76 6.49
CA ILE B 586 48.82 -28.82 7.43
C ILE B 586 50.30 -29.31 7.46
N GLN B 587 50.88 -29.53 6.29
CA GLN B 587 52.24 -29.96 6.27
C GLN B 587 53.14 -28.90 6.91
N ALA B 588 52.78 -27.68 6.78
CA ALA B 588 53.53 -26.66 7.45
C ALA B 588 53.21 -26.64 8.96
N ALA B 589 51.93 -26.73 9.37
CA ALA B 589 51.62 -26.78 10.84
C ALA B 589 52.33 -27.92 11.54
N LYS B 590 52.53 -29.02 10.81
CA LYS B 590 53.35 -30.13 11.36
C LYS B 590 54.84 -30.00 11.09
N SER B 591 55.29 -28.96 10.31
CA SER B 591 56.70 -28.76 10.00
C SER B 591 57.50 -28.60 11.27
N ARG B 592 58.82 -28.78 11.15
CA ARG B 592 59.77 -28.45 12.21
C ARG B 592 59.82 -26.96 12.52
N GLN B 593 59.51 -26.08 11.54
CA GLN B 593 59.58 -24.61 11.83
C GLN B 593 58.47 -24.07 12.71
N CYS B 594 57.35 -24.70 12.82
CA CYS B 594 56.31 -24.35 13.73
C CYS B 594 56.53 -24.90 15.11
N LYS B 595 57.57 -25.69 15.36
CA LYS B 595 57.70 -26.32 16.68
C LYS B 595 57.95 -25.30 17.79
N THR B 596 58.89 -24.41 17.55
CA THR B 596 59.12 -23.29 18.39
C THR B 596 58.02 -22.20 18.13
N LEU B 597 57.83 -21.32 19.16
CA LEU B 597 56.77 -20.27 19.10
C LEU B 597 57.26 -18.88 18.61
N THR B 598 58.59 -18.67 18.38
CA THR B 598 59.11 -17.32 18.09
C THR B 598 58.64 -16.82 16.74
N ASN B 599 58.39 -17.76 15.81
CA ASN B 599 57.88 -17.30 14.53
C ASN B 599 56.36 -17.46 14.52
N LYS B 600 55.69 -16.75 15.42
CA LYS B 600 54.23 -16.79 15.50
C LYS B 600 53.61 -16.30 14.23
N TYR B 601 54.27 -15.34 13.57
CA TYR B 601 53.77 -14.80 12.32
C TYR B 601 53.89 -15.81 11.19
N TYR B 602 54.76 -16.79 11.31
CA TYR B 602 54.89 -17.82 10.31
C TYR B 602 53.84 -18.91 10.46
N CYS B 603 53.34 -19.14 11.71
CA CYS B 603 52.35 -20.22 11.96
C CYS B 603 51.05 -19.63 12.59
N PRO B 604 50.24 -18.88 11.79
CA PRO B 604 49.11 -18.19 12.38
C PRO B 604 48.07 -19.12 12.91
N GLU B 605 48.04 -20.36 12.38
CA GLU B 605 47.04 -21.35 12.81
C GLU B 605 47.13 -21.72 14.31
N VAL B 606 48.27 -22.14 14.73
CA VAL B 606 48.50 -22.68 16.11
C VAL B 606 48.36 -21.52 17.10
N PHE B 607 48.90 -20.36 16.75
CA PHE B 607 48.73 -19.14 17.60
C PHE B 607 47.26 -18.75 17.84
N LEU B 608 46.45 -18.60 16.82
CA LEU B 608 45.08 -18.28 16.98
C LEU B 608 44.33 -19.35 17.81
N ASP B 609 44.66 -20.61 17.66
CA ASP B 609 44.08 -21.66 18.45
C ASP B 609 44.48 -21.54 19.89
N ALA B 610 45.68 -21.07 20.16
CA ALA B 610 46.09 -20.92 21.57
C ALA B 610 45.35 -19.77 22.25
N VAL B 611 45.31 -18.64 21.64
CA VAL B 611 44.46 -17.46 22.10
C VAL B 611 43.04 -17.91 22.24
N ALA B 612 42.57 -18.76 21.34
CA ALA B 612 41.16 -19.23 21.43
C ALA B 612 40.89 -20.06 22.64
N THR B 613 41.78 -21.05 22.92
CA THR B 613 41.65 -21.92 24.12
C THR B 613 41.73 -21.01 25.43
N LYS B 614 42.68 -20.10 25.48
CA LYS B 614 42.88 -19.33 26.66
C LYS B 614 41.66 -18.49 26.98
N LEU B 615 41.21 -17.60 26.03
CA LEU B 615 39.99 -16.80 26.24
C LEU B 615 38.75 -17.64 26.62
N ALA B 616 38.67 -18.84 26.06
CA ALA B 616 37.56 -19.75 26.32
C ALA B 616 37.54 -20.12 27.82
N GLN B 617 38.69 -20.43 28.38
CA GLN B 617 38.73 -21.07 29.70
C GLN B 617 38.46 -20.05 30.75
N THR B 618 39.11 -18.90 30.70
CA THR B 618 38.79 -17.95 31.78
C THR B 618 37.40 -17.36 31.63
N ALA B 619 36.96 -17.14 30.39
CA ALA B 619 35.60 -16.77 30.15
C ALA B 619 34.63 -17.81 30.71
N VAL B 620 35.03 -19.09 30.68
CA VAL B 620 34.25 -20.23 31.30
C VAL B 620 34.16 -19.99 32.77
N LEU B 621 35.25 -19.54 33.36
CA LEU B 621 35.21 -19.34 34.82
C LEU B 621 34.15 -18.31 35.22
N PHE B 622 34.33 -17.08 34.74
CA PHE B 622 33.43 -16.00 35.14
C PHE B 622 31.96 -16.42 34.79
N LEU B 623 31.77 -17.03 33.65
CA LEU B 623 30.41 -17.54 33.28
C LEU B 623 29.88 -18.52 34.23
N ASN B 624 30.68 -19.55 34.57
CA ASN B 624 30.20 -20.57 35.52
C ASN B 624 29.68 -19.95 36.86
N VAL B 625 30.39 -18.99 37.41
CA VAL B 625 29.92 -18.39 38.67
C VAL B 625 28.71 -17.54 38.39
N GLU B 626 28.89 -16.42 37.65
CA GLU B 626 27.92 -15.42 37.52
C GLU B 626 26.59 -16.00 36.99
N MET B 627 26.63 -16.46 35.70
CA MET B 627 25.36 -16.81 34.97
C MET B 627 24.79 -18.15 35.34
N LEU B 628 25.69 -19.18 35.35
CA LEU B 628 25.28 -20.53 35.76
C LEU B 628 24.71 -20.51 37.21
N ASN B 629 25.48 -20.04 38.17
CA ASN B 629 25.07 -20.10 39.55
C ASN B 629 23.83 -19.29 39.83
N ASP B 630 23.74 -18.12 39.20
CA ASP B 630 22.43 -17.39 39.29
C ASP B 630 21.28 -18.16 38.72
N PHE B 631 21.52 -18.92 37.68
CA PHE B 631 20.43 -19.76 37.14
C PHE B 631 20.04 -20.82 38.15
N TYR B 632 21.03 -21.56 38.81
CA TYR B 632 20.57 -22.59 39.78
C TYR B 632 19.83 -21.95 40.94
N VAL B 633 20.18 -20.74 41.35
CA VAL B 633 19.50 -20.25 42.58
C VAL B 633 18.09 -19.62 42.18
N ARG B 634 18.06 -18.74 41.16
CA ARG B 634 16.85 -18.08 40.83
C ARG B 634 15.80 -18.95 40.12
N PHE B 635 16.19 -19.88 39.20
CA PHE B 635 15.24 -20.62 38.43
C PHE B 635 14.09 -21.24 39.24
N PRO B 636 14.33 -21.95 40.37
CA PRO B 636 13.21 -22.50 41.09
C PRO B 636 12.19 -21.46 41.56
N ARG B 637 12.71 -20.31 42.11
CA ARG B 637 11.86 -19.32 42.65
C ARG B 637 11.01 -18.73 41.57
N GLU B 638 11.55 -18.59 40.42
CA GLU B 638 10.84 -18.08 39.29
C GLU B 638 9.76 -19.05 38.87
N VAL B 639 10.10 -20.34 38.78
CA VAL B 639 9.06 -21.30 38.42
C VAL B 639 7.88 -21.20 39.38
N GLU B 640 8.16 -21.24 40.68
CA GLU B 640 7.07 -21.26 41.69
C GLU B 640 6.21 -20.06 41.54
N ALA B 641 6.83 -18.86 41.49
CA ALA B 641 6.01 -17.62 41.44
C ALA B 641 5.10 -17.53 40.10
N LYS B 642 5.70 -17.95 38.93
CA LYS B 642 5.03 -17.82 37.64
C LYS B 642 3.92 -18.85 37.55
N LEU B 643 4.16 -20.09 37.95
CA LEU B 643 3.13 -21.08 37.89
C LEU B 643 2.00 -20.76 38.83
N HIS B 644 2.33 -20.18 40.01
CA HIS B 644 1.22 -19.59 40.82
C HIS B 644 0.43 -18.56 40.03
N GLU B 645 1.14 -17.58 39.38
CA GLU B 645 0.49 -16.49 38.69
C GLU B 645 -0.35 -16.98 37.55
N HIS B 646 0.10 -18.06 36.91
CA HIS B 646 -0.68 -18.65 35.85
C HIS B 646 -1.97 -19.32 36.45
N MET B 647 -1.81 -20.27 37.38
CA MET B 647 -2.90 -21.15 37.83
C MET B 647 -4.00 -20.35 38.48
N HIS B 648 -3.57 -19.40 39.29
CA HIS B 648 -4.58 -18.54 40.08
C HIS B 648 -5.04 -17.35 39.21
N ALA B 649 -4.18 -16.80 38.39
CA ALA B 649 -4.54 -15.68 37.64
C ALA B 649 -5.51 -16.07 36.59
N GLY B 650 -5.18 -17.06 35.78
CA GLY B 650 -6.10 -17.44 34.72
C GLY B 650 -7.20 -18.42 35.07
N GLY B 651 -7.30 -18.86 36.32
CA GLY B 651 -8.21 -19.97 36.63
C GLY B 651 -7.97 -21.23 35.84
N GLY B 652 -6.74 -21.47 35.39
CA GLY B 652 -6.30 -22.65 34.68
C GLY B 652 -5.90 -23.85 35.54
N LEU B 653 -6.03 -23.76 36.77
CA LEU B 653 -5.74 -24.90 37.62
C LEU B 653 -6.73 -26.05 37.32
N GLU B 654 -8.03 -25.72 37.36
CA GLU B 654 -9.06 -26.64 37.07
C GLU B 654 -8.85 -27.24 35.65
N LYS B 655 -8.51 -26.41 34.69
CA LYS B 655 -8.24 -26.94 33.36
C LYS B 655 -7.01 -27.81 33.36
N PHE B 656 -6.01 -27.40 34.09
CA PHE B 656 -4.76 -28.16 34.23
C PHE B 656 -5.01 -29.53 34.70
N ALA B 657 -5.96 -29.65 35.59
CA ALA B 657 -6.41 -31.01 35.93
C ALA B 657 -7.16 -31.68 34.84
N ARG B 658 -8.11 -30.96 34.24
CA ARG B 658 -8.89 -31.47 33.12
C ARG B 658 -7.97 -32.11 32.08
N GLU B 659 -6.71 -31.62 31.99
CA GLU B 659 -5.90 -32.00 30.84
C GLU B 659 -5.50 -33.42 30.91
N ASP B 660 -5.21 -33.93 32.05
CA ASP B 660 -4.83 -35.34 32.22
C ASP B 660 -6.09 -36.11 32.16
N PRO B 661 -6.24 -37.13 31.22
CA PRO B 661 -7.47 -37.94 31.23
C PRO B 661 -7.67 -38.73 32.54
N LYS B 662 -6.67 -39.45 32.92
CA LYS B 662 -6.82 -40.26 34.08
C LYS B 662 -7.26 -39.48 35.32
N VAL B 663 -6.58 -38.35 35.56
CA VAL B 663 -6.92 -37.53 36.77
C VAL B 663 -8.30 -36.85 36.56
N ARG B 664 -8.71 -36.57 35.31
CA ARG B 664 -10.03 -36.03 35.09
C ARG B 664 -11.12 -37.05 35.50
N ARG B 665 -10.92 -38.31 35.05
CA ARG B 665 -11.90 -39.32 35.43
C ARG B 665 -11.88 -39.52 36.94
N HIS B 666 -10.72 -39.34 37.60
CA HIS B 666 -10.69 -39.34 39.07
C HIS B 666 -11.49 -38.26 39.67
N LEU B 667 -11.23 -37.03 39.31
CA LEU B 667 -11.99 -35.94 39.89
C LEU B 667 -13.51 -35.94 39.49
N ASP B 668 -13.85 -36.50 38.30
CA ASP B 668 -15.23 -36.59 37.92
C ASP B 668 -15.93 -37.49 38.90
N LEU B 669 -15.21 -38.58 39.32
CA LEU B 669 -15.81 -39.51 40.30
C LEU B 669 -15.98 -38.82 41.65
N ILE B 670 -14.96 -38.05 42.06
CA ILE B 670 -15.11 -37.35 43.36
C ILE B 670 -16.24 -36.32 43.38
N ARG B 671 -16.38 -35.46 42.34
CA ARG B 671 -17.41 -34.43 42.30
C ARG B 671 -18.79 -35.03 42.26
N ARG B 672 -18.93 -36.16 41.53
CA ARG B 672 -20.14 -36.93 41.58
C ARG B 672 -20.45 -37.48 42.98
N LYS B 673 -19.49 -38.02 43.64
CA LYS B 673 -19.76 -38.50 44.97
C LYS B 673 -20.09 -37.38 45.99
N GLU B 674 -19.37 -36.21 45.92
CA GLU B 674 -19.68 -35.05 46.82
C GLU B 674 -21.11 -34.50 46.60
N LEU B 675 -21.45 -34.38 45.31
CA LEU B 675 -22.76 -33.72 44.94
C LEU B 675 -23.95 -34.61 45.34
N LEU B 676 -23.80 -35.92 45.18
CA LEU B 676 -24.78 -36.94 45.68
C LEU B 676 -24.84 -36.80 47.23
N GLU B 677 -23.71 -36.60 47.91
CA GLU B 677 -23.71 -36.38 49.42
C GLU B 677 -24.50 -35.19 49.85
N THR B 678 -24.28 -34.05 49.15
CA THR B 678 -24.98 -32.79 49.60
C THR B 678 -26.43 -32.88 49.37
N VAL B 679 -26.81 -33.52 48.36
CA VAL B 679 -28.21 -33.64 48.06
C VAL B 679 -28.91 -34.42 49.21
N LEU B 680 -28.32 -35.54 49.55
CA LEU B 680 -28.82 -36.35 50.70
C LEU B 680 -28.87 -35.55 51.97
N GLY B 681 -27.90 -34.64 52.22
CA GLY B 681 -28.04 -33.77 53.39
C GLY B 681 -29.19 -32.83 53.31
N LYS B 682 -29.33 -32.10 52.14
CA LYS B 682 -30.50 -31.17 51.98
C LYS B 682 -31.84 -31.88 52.13
N ILE B 683 -31.91 -33.17 51.55
CA ILE B 683 -33.19 -33.88 51.59
C ILE B 683 -33.55 -34.22 53.07
N GLU B 684 -32.54 -34.73 53.79
CA GLU B 684 -32.74 -35.00 55.26
C GLU B 684 -33.16 -33.76 56.03
N GLU B 685 -32.59 -32.60 55.72
CA GLU B 685 -33.03 -31.36 56.39
C GLU B 685 -34.50 -31.02 56.09
N LEU B 686 -34.96 -31.27 54.83
CA LEU B 686 -36.32 -30.92 54.48
C LEU B 686 -37.29 -31.85 55.12
N HIS B 687 -36.86 -33.12 55.14
CA HIS B 687 -37.61 -34.13 55.80
C HIS B 687 -37.73 -33.81 57.27
N ARG B 688 -36.68 -33.37 57.90
CA ARG B 688 -36.81 -32.99 59.31
C ARG B 688 -37.85 -31.83 59.41
N ILE B 689 -37.84 -30.87 58.49
CA ILE B 689 -38.78 -29.76 58.52
C ILE B 689 -40.20 -30.30 58.42
N SER B 690 -40.36 -31.37 57.64
CA SER B 690 -41.65 -31.90 57.32
C SER B 690 -42.07 -33.07 58.20
N SER B 691 -41.42 -33.29 59.35
CA SER B 691 -41.90 -34.22 60.40
C SER B 691 -41.75 -33.75 61.81
N GLY B 692 -40.78 -32.89 62.07
CA GLY B 692 -40.54 -32.48 63.50
C GLY B 692 -39.06 -32.54 63.82
N ASP C 6 4.30 33.21 59.33
CA ASP C 6 5.03 32.78 58.09
C ASP C 6 4.61 31.32 57.74
N ASP C 7 3.42 31.20 57.27
CA ASP C 7 2.81 29.89 56.87
C ASP C 7 3.83 28.99 56.18
N ASN C 8 4.63 29.55 55.23
CA ASN C 8 5.62 28.68 54.52
C ASN C 8 6.83 28.34 55.40
N MET C 9 7.16 29.21 56.38
CA MET C 9 8.15 28.93 57.32
C MET C 9 7.65 27.85 58.27
N MET C 10 6.38 27.91 58.62
CA MET C 10 5.76 26.89 59.41
C MET C 10 5.97 25.52 58.71
N PHE C 11 5.48 25.45 57.49
CA PHE C 11 5.58 24.23 56.67
C PHE C 11 7.06 23.73 56.62
N ILE C 12 8.02 24.65 56.37
CA ILE C 12 9.40 24.16 56.20
C ILE C 12 10.01 23.63 57.51
N THR C 13 9.68 24.33 58.65
CA THR C 13 10.15 23.84 59.94
C THR C 13 9.49 22.44 60.16
N LYS C 14 8.28 22.27 59.57
CA LYS C 14 7.55 21.06 59.83
C LYS C 14 8.24 19.85 59.15
N LYS C 15 8.49 19.95 57.87
CA LYS C 15 9.22 18.90 57.17
C LYS C 15 10.58 18.65 57.84
N MET C 16 11.25 19.69 58.34
CA MET C 16 12.62 19.48 58.95
C MET C 16 12.58 18.73 60.30
N ILE C 17 11.54 18.89 61.07
CA ILE C 17 11.36 18.02 62.20
C ILE C 17 11.08 16.56 61.77
N GLU C 18 10.32 16.37 60.67
CA GLU C 18 10.11 14.98 60.20
C GLU C 18 11.42 14.28 59.91
N ILE C 19 12.30 14.96 59.14
CA ILE C 19 13.41 14.26 58.63
C ILE C 19 14.40 14.05 59.76
N ARG C 20 14.42 14.96 60.76
CA ARG C 20 15.12 14.65 61.98
C ARG C 20 14.66 13.33 62.56
N ASN C 21 13.32 13.19 62.71
CA ASN C 21 12.80 11.99 63.31
C ASN C 21 13.13 10.71 62.49
N LEU C 22 13.24 10.86 61.17
CA LEU C 22 13.72 9.73 60.29
C LEU C 22 15.17 9.32 60.57
N LEU C 23 16.04 10.31 60.67
CA LEU C 23 17.46 10.04 61.00
C LEU C 23 17.58 9.41 62.39
N GLN C 24 16.71 9.84 63.31
CA GLN C 24 16.73 9.24 64.63
C GLN C 24 16.37 7.81 64.55
N LYS C 25 15.55 7.43 63.52
CA LYS C 25 15.17 5.99 63.39
C LYS C 25 16.17 5.14 62.64
N VAL C 26 17.10 5.70 61.85
CA VAL C 26 18.16 4.76 61.34
C VAL C 26 19.10 4.33 62.49
N GLY C 27 18.97 4.91 63.66
CA GLY C 27 19.92 4.53 64.79
C GLY C 27 20.72 5.69 65.46
N GLN C 28 21.28 5.44 66.69
CA GLN C 28 21.97 6.43 67.39
C GLN C 28 23.47 6.28 67.16
N GLY C 29 24.10 7.40 66.88
CA GLY C 29 25.48 7.37 66.50
C GLY C 29 25.79 6.63 65.23
N SER C 30 24.79 6.11 64.53
CA SER C 30 25.08 5.54 63.16
C SER C 30 24.69 6.51 62.05
N THR C 31 24.47 7.75 62.39
CA THR C 31 24.21 8.86 61.41
C THR C 31 24.30 10.19 62.13
N VAL C 32 24.32 11.24 61.36
CA VAL C 32 24.24 12.61 61.89
C VAL C 32 22.81 12.95 61.95
N THR C 33 22.51 13.80 62.92
CA THR C 33 21.15 14.20 63.15
C THR C 33 21.08 15.75 63.14
N LEU C 34 19.86 16.29 63.31
CA LEU C 34 19.62 17.77 63.31
C LEU C 34 19.35 18.30 64.71
N PRO C 35 19.67 19.54 64.97
CA PRO C 35 19.54 20.07 66.29
C PRO C 35 18.08 20.15 66.70
N SER C 36 17.88 20.44 67.98
CA SER C 36 16.57 20.57 68.54
C SER C 36 16.70 21.32 69.88
N ILE C 37 15.61 21.59 70.56
CA ILE C 37 15.69 22.35 71.78
C ILE C 37 15.79 21.40 72.92
N VAL C 38 16.93 21.61 73.69
CA VAL C 38 17.19 20.78 74.82
C VAL C 38 16.92 21.65 76.06
N VAL C 39 15.98 21.22 76.89
CA VAL C 39 15.53 22.03 78.03
C VAL C 39 16.24 21.45 79.27
N ILE C 40 16.85 22.39 80.08
CA ILE C 40 17.57 22.01 81.32
C ILE C 40 17.16 22.97 82.43
N GLY C 41 17.08 22.41 83.65
CA GLY C 41 16.69 23.22 84.82
C GLY C 41 17.01 22.61 86.13
N SER C 42 17.46 23.42 87.05
CA SER C 42 17.66 22.96 88.45
C SER C 42 16.37 22.41 89.10
N GLN C 43 16.46 21.89 90.29
CA GLN C 43 15.36 21.33 90.94
C GLN C 43 14.14 22.32 90.94
N SER C 44 14.29 23.45 91.65
CA SER C 44 13.28 24.50 91.66
C SER C 44 13.04 25.03 90.24
N SER C 45 14.14 25.26 89.52
CA SER C 45 14.09 25.64 88.10
C SER C 45 13.53 24.51 87.13
N GLY C 46 13.59 23.19 87.58
CA GLY C 46 13.14 22.07 86.83
C GLY C 46 11.69 21.74 86.99
N LYS C 47 11.17 21.95 88.24
CA LYS C 47 9.68 21.93 88.45
C LYS C 47 9.07 23.12 87.63
N SER C 48 9.80 24.30 87.71
CA SER C 48 9.39 25.36 86.85
C SER C 48 9.64 25.01 85.39
N SER C 49 10.57 24.08 85.08
CA SER C 49 10.78 23.65 83.69
C SER C 49 9.67 22.85 83.18
N VAL C 50 9.35 21.82 83.90
CA VAL C 50 8.30 21.00 83.46
C VAL C 50 6.96 21.77 83.40
N LEU C 51 6.70 22.59 84.36
CA LEU C 51 5.46 23.38 84.32
C LEU C 51 5.44 24.34 83.13
N GLU C 52 6.57 24.99 82.83
CA GLU C 52 6.61 25.81 81.66
C GLU C 52 6.30 25.02 80.43
N ALA C 53 7.04 23.95 80.22
CA ALA C 53 6.76 23.09 79.06
C ALA C 53 5.27 22.81 78.96
N ILE C 54 4.67 22.57 80.14
CA ILE C 54 3.23 22.29 80.17
C ILE C 54 2.42 23.43 79.52
N VAL C 55 2.49 24.61 80.10
CA VAL C 55 1.67 25.76 79.63
C VAL C 55 2.10 26.17 78.22
N GLY C 56 3.28 25.66 77.77
CA GLY C 56 3.83 25.99 76.41
C GLY C 56 2.97 25.45 75.33
N HIS C 57 2.09 24.57 75.63
CA HIS C 57 1.18 23.99 74.58
C HIS C 57 -0.24 23.80 75.17
N GLU C 58 -0.27 23.00 76.23
CA GLU C 58 -1.47 22.67 76.93
C GLU C 58 -1.08 21.78 78.11
N PHE C 59 -1.93 21.71 79.12
CA PHE C 59 -1.64 20.86 80.24
C PHE C 59 -1.43 19.41 79.76
N LEU C 60 -0.25 18.89 79.97
CA LEU C 60 0.07 17.48 79.73
C LEU C 60 0.70 17.00 81.09
N PRO C 61 0.82 15.70 81.33
CA PRO C 61 1.36 15.27 82.62
C PRO C 61 2.83 15.58 82.73
N LYS C 62 3.16 16.21 83.83
CA LYS C 62 4.53 16.36 84.26
C LYS C 62 4.60 16.40 85.77
N GLY C 63 5.83 16.57 86.25
CA GLY C 63 6.06 16.83 87.64
C GLY C 63 5.65 15.68 88.50
N SER C 64 5.02 16.03 89.67
CA SER C 64 4.81 15.09 90.81
C SER C 64 6.12 14.64 91.34
N ASN C 65 6.40 13.28 91.31
CA ASN C 65 7.72 12.78 91.65
C ASN C 65 8.21 11.98 90.47
N MET C 66 9.17 12.49 89.66
CA MET C 66 9.55 11.86 88.39
C MET C 66 11.00 11.41 88.44
N ILE C 67 11.21 10.13 88.09
CA ILE C 67 12.53 9.58 88.16
C ILE C 67 13.50 10.42 87.29
N THR C 68 12.98 10.90 86.20
CA THR C 68 13.73 11.73 85.20
C THR C 68 14.78 10.95 84.44
N ARG C 69 14.94 9.66 84.65
CA ARG C 69 16.14 8.99 84.08
C ARG C 69 16.08 8.96 82.54
N ARG C 70 14.90 9.06 81.90
CA ARG C 70 14.78 8.93 80.46
C ARG C 70 14.24 10.24 79.85
N PRO C 71 14.89 10.77 78.75
CA PRO C 71 14.38 12.00 78.10
C PRO C 71 13.05 11.75 77.38
N ILE C 72 12.41 12.86 76.96
CA ILE C 72 11.16 12.84 76.34
C ILE C 72 11.27 13.68 75.04
N GLU C 73 11.39 13.05 73.86
CA GLU C 73 11.48 13.79 72.61
C GLU C 73 10.14 14.25 72.19
N LEU C 74 9.82 15.55 72.40
CA LEU C 74 8.55 16.10 72.05
C LEU C 74 8.61 16.65 70.67
N THR C 75 7.81 16.14 69.80
CA THR C 75 7.69 16.61 68.40
C THR C 75 6.27 17.02 68.19
N LEU C 76 6.12 18.31 67.90
CA LEU C 76 4.91 18.98 67.70
C LEU C 76 4.67 19.20 66.26
N VAL C 77 3.39 19.17 65.89
CA VAL C 77 2.95 19.39 64.50
C VAL C 77 1.93 20.53 64.55
N ASN C 78 2.07 21.49 63.65
CA ASN C 78 1.02 22.42 63.30
C ASN C 78 -0.23 21.64 62.86
N ASP C 79 -1.40 21.94 63.45
CA ASP C 79 -2.58 21.14 63.32
C ASP C 79 -3.72 21.99 62.86
N PRO C 80 -3.67 22.46 61.62
CA PRO C 80 -4.95 22.89 60.93
C PRO C 80 -5.61 21.66 60.37
N GLU C 81 -6.86 21.86 60.11
CA GLU C 81 -7.86 20.92 59.65
C GLU C 81 -8.38 19.91 60.73
N ALA C 82 -7.68 19.67 61.90
CA ALA C 82 -8.15 18.75 62.91
C ALA C 82 -8.56 19.60 64.08
N LYS C 83 -9.67 19.23 64.65
CA LYS C 83 -10.37 20.08 65.61
C LYS C 83 -10.37 19.49 67.00
N VAL C 84 -9.70 18.38 67.23
CA VAL C 84 -9.54 17.92 68.55
C VAL C 84 -7.99 17.90 68.93
N ASP C 85 -7.77 18.16 70.23
CA ASP C 85 -6.41 17.99 70.93
C ASP C 85 -6.14 16.49 71.16
N TYR C 86 -5.18 15.89 70.38
CA TYR C 86 -4.74 14.52 70.57
C TYR C 86 -3.29 14.42 70.49
N GLY C 87 -2.68 13.60 71.48
CA GLY C 87 -1.32 13.24 71.41
C GLY C 87 -1.17 11.74 71.32
N GLU C 88 -0.21 11.28 70.46
CA GLU C 88 0.01 9.84 70.15
C GLU C 88 1.46 9.45 70.47
N PHE C 89 1.65 8.19 70.71
CA PHE C 89 3.00 7.69 70.92
C PHE C 89 3.48 7.00 69.61
N PRO C 90 4.78 7.15 69.23
CA PRO C 90 5.30 6.39 68.06
C PRO C 90 5.53 4.93 68.31
N ASP C 91 6.18 4.57 69.39
CA ASP C 91 6.42 3.18 69.61
C ASP C 91 5.09 2.40 69.49
N LEU C 92 4.04 2.98 70.03
CA LEU C 92 2.71 2.43 70.02
C LEU C 92 1.95 3.06 68.84
N GLY C 93 2.35 2.68 67.60
CA GLY C 93 1.80 3.39 66.46
C GLY C 93 0.36 3.18 66.30
N LEU C 94 -0.24 4.08 65.57
CA LEU C 94 -1.68 4.12 65.24
C LEU C 94 -2.58 4.17 66.42
N ALA C 95 -2.04 4.61 67.55
CA ALA C 95 -2.80 4.62 68.79
C ALA C 95 -2.87 6.03 69.30
N ARG C 96 -4.09 6.61 69.41
CA ARG C 96 -4.24 7.99 69.85
C ARG C 96 -4.81 8.12 71.26
N VAL C 97 -4.49 9.20 71.91
CA VAL C 97 -5.02 9.54 73.22
C VAL C 97 -5.69 10.91 73.11
N THR C 98 -6.97 10.97 73.44
CA THR C 98 -7.77 12.20 73.42
C THR C 98 -7.52 13.01 74.70
N ASP C 99 -7.78 12.47 75.93
CA ASP C 99 -7.54 13.24 77.17
C ASP C 99 -6.20 12.91 77.75
N PHE C 100 -5.54 13.98 78.21
CA PHE C 100 -4.15 13.91 78.71
C PHE C 100 -3.99 13.25 80.11
N SER C 101 -5.06 12.78 80.67
CA SER C 101 -4.89 11.93 81.77
C SER C 101 -4.47 10.54 81.37
N LEU C 102 -4.99 9.95 80.32
CA LEU C 102 -4.43 8.67 79.90
C LEU C 102 -2.95 8.84 79.55
N ILE C 103 -2.59 9.96 78.92
CA ILE C 103 -1.17 10.27 78.74
C ILE C 103 -0.50 10.31 80.11
N GLN C 104 -1.22 10.89 81.09
CA GLN C 104 -0.71 10.88 82.45
C GLN C 104 -0.28 9.49 82.89
N LYS C 105 -1.16 8.56 82.91
CA LYS C 105 -0.78 7.28 83.44
C LYS C 105 0.23 6.59 82.61
N THR C 106 0.09 6.70 81.26
CA THR C 106 1.01 5.96 80.37
C THR C 106 2.45 6.48 80.48
N LEU C 107 2.73 7.79 80.36
CA LEU C 107 4.14 8.26 80.38
C LEU C 107 4.65 8.28 81.81
N THR C 108 3.73 8.41 82.81
CA THR C 108 4.15 8.32 84.21
C THR C 108 4.47 6.88 84.65
N GLU C 109 3.75 5.92 83.98
CA GLU C 109 4.09 4.47 84.00
C GLU C 109 5.48 4.25 83.42
N LEU C 110 5.85 4.99 82.33
CA LEU C 110 7.18 4.74 81.75
C LEU C 110 8.20 5.42 82.62
N ASN C 111 7.76 6.48 83.35
CA ASN C 111 8.68 7.09 84.36
C ASN C 111 9.00 6.00 85.45
N GLN C 112 7.96 5.51 86.16
CA GLN C 112 8.18 4.54 87.22
C GLN C 112 8.83 3.24 86.74
N SER C 113 8.62 2.86 85.47
CA SER C 113 9.25 1.66 84.91
C SER C 113 10.77 1.89 84.73
N VAL C 114 11.09 3.04 84.14
CA VAL C 114 12.50 3.39 83.82
C VAL C 114 13.10 2.56 82.76
N THR C 121 18.20 1.50 80.18
CA THR C 121 18.19 1.52 78.71
C THR C 121 18.64 2.88 78.24
N ASP C 122 18.32 3.89 79.02
CA ASP C 122 18.60 5.34 78.82
C ASP C 122 17.95 5.83 77.55
N ASP C 123 17.22 5.04 76.84
CA ASP C 123 16.56 5.45 75.62
C ASP C 123 15.55 6.50 75.93
N PRO C 124 15.46 7.53 75.09
CA PRO C 124 14.34 8.53 75.25
C PRO C 124 13.01 8.14 74.58
N ILE C 125 11.93 8.44 75.28
CA ILE C 125 10.58 8.17 74.77
C ILE C 125 10.20 9.28 73.80
N ARG C 126 9.77 8.97 72.64
CA ARG C 126 9.39 9.92 71.68
C ARG C 126 7.91 10.22 71.83
N LEU C 127 7.53 11.38 71.40
CA LEU C 127 6.16 11.85 71.56
C LEU C 127 5.73 12.74 70.38
N THR C 128 4.42 12.73 70.09
CA THR C 128 3.82 13.56 69.00
C THR C 128 2.48 14.06 69.52
N ILE C 129 2.26 15.39 69.37
CA ILE C 129 0.96 16.04 69.81
C ILE C 129 0.50 17.00 68.74
N HIS C 130 -0.79 17.05 68.49
CA HIS C 130 -1.35 17.86 67.43
C HIS C 130 -2.38 18.83 68.03
N SER C 131 -2.14 20.14 67.86
CA SER C 131 -3.14 21.14 68.28
C SER C 131 -3.17 22.36 67.33
N PRO C 132 -4.34 22.83 66.96
CA PRO C 132 -4.39 23.97 66.13
C PRO C 132 -3.88 25.24 66.78
N ASN C 133 -3.74 25.24 68.14
CA ASN C 133 -3.17 26.29 68.95
C ASN C 133 -1.65 26.24 68.94
N ILE C 134 -1.08 25.09 69.01
CA ILE C 134 0.33 24.88 69.17
C ILE C 134 1.08 25.11 67.83
N PRO C 135 2.23 25.79 67.89
CA PRO C 135 3.16 25.81 66.74
C PRO C 135 4.06 24.62 66.79
N ASP C 136 4.32 24.00 65.66
CA ASP C 136 5.15 22.79 65.55
C ASP C 136 6.58 23.09 66.08
N LEU C 137 7.17 22.05 66.62
CA LEU C 137 8.46 22.28 67.43
C LEU C 137 9.19 20.94 67.51
N SER C 138 10.17 20.86 68.42
CA SER C 138 11.05 19.67 68.51
C SER C 138 11.95 19.84 69.76
N LEU C 139 11.26 19.96 70.89
CA LEU C 139 11.92 20.02 72.16
C LEU C 139 12.04 18.62 72.79
N ILE C 140 13.09 18.39 73.53
CA ILE C 140 13.38 17.20 74.33
C ILE C 140 13.67 17.63 75.77
N ASP C 141 12.94 16.95 76.66
CA ASP C 141 13.04 17.19 78.09
C ASP C 141 13.83 16.09 78.74
N LEU C 142 15.04 16.42 79.17
CA LEU C 142 15.94 15.54 79.94
C LEU C 142 15.90 15.89 81.42
N PRO C 143 16.52 15.06 82.31
CA PRO C 143 16.40 15.31 83.76
C PRO C 143 16.95 16.64 84.16
N GLY C 144 16.24 17.34 85.07
CA GLY C 144 16.75 18.56 85.62
C GLY C 144 17.76 18.29 86.71
N TYR C 145 18.73 19.16 86.75
CA TYR C 145 19.86 18.88 87.62
C TYR C 145 19.39 18.84 89.06
N ILE C 146 20.04 17.94 89.85
CA ILE C 146 19.84 17.86 91.29
C ILE C 146 21.13 18.08 92.02
N LEU C 157 24.74 8.75 91.13
CA LEU C 157 23.35 8.83 90.65
C LEU C 157 23.16 10.16 90.04
N LYS C 158 23.30 11.20 90.86
CA LYS C 158 23.30 12.58 90.28
C LYS C 158 24.45 12.84 89.36
N ARG C 159 25.58 12.11 89.59
CA ARG C 159 26.74 12.27 88.77
C ARG C 159 26.41 11.70 87.40
N LYS C 160 25.52 10.70 87.32
CA LYS C 160 25.09 10.18 86.02
C LYS C 160 24.11 11.07 85.23
N ILE C 161 23.04 11.58 85.86
CA ILE C 161 22.07 12.52 85.22
C ILE C 161 22.84 13.62 84.56
N THR C 162 23.87 14.24 85.31
CA THR C 162 24.64 15.37 84.76
C THR C 162 25.52 14.95 83.55
N GLU C 163 25.99 13.71 83.58
CA GLU C 163 26.75 13.11 82.47
C GLU C 163 25.90 13.00 81.30
N LEU C 164 24.70 12.57 81.46
CA LEU C 164 23.80 12.53 80.33
C LEU C 164 23.47 13.95 79.78
N CYS C 165 23.14 14.91 80.70
CA CYS C 165 22.84 16.28 80.28
C CYS C 165 24.02 16.91 79.55
N ASP C 166 25.21 16.93 80.20
CA ASP C 166 26.37 17.55 79.57
C ASP C 166 26.59 17.05 78.20
N LYS C 167 26.55 15.68 78.07
CA LYS C 167 26.68 15.05 76.79
C LYS C 167 25.71 15.68 75.83
N TYR C 168 24.43 15.86 76.29
CA TYR C 168 23.35 16.31 75.35
C TYR C 168 23.52 17.75 74.98
N ILE C 169 24.02 18.61 75.91
CA ILE C 169 24.10 20.01 75.62
C ILE C 169 25.39 20.37 74.85
N ARG C 170 26.44 19.57 74.94
CA ARG C 170 27.67 20.00 74.36
C ARG C 170 27.49 20.27 72.89
N GLY C 171 26.84 19.37 72.19
CA GLY C 171 26.63 19.50 70.76
C GLY C 171 25.67 20.60 70.45
N PRO C 172 25.78 21.19 69.31
CA PRO C 172 25.05 22.46 69.03
C PRO C 172 23.54 22.30 68.93
N ASN C 173 22.88 21.86 70.00
CA ASN C 173 21.43 22.05 70.13
C ASN C 173 21.11 23.40 70.75
N ILE C 174 19.95 23.97 70.28
CA ILE C 174 19.49 25.26 70.79
C ILE C 174 18.92 24.95 72.15
N ILE C 175 19.71 25.24 73.15
CA ILE C 175 19.42 24.81 74.49
C ILE C 175 18.50 25.85 75.18
N LEU C 176 17.46 25.40 75.86
CA LEU C 176 16.46 26.26 76.52
C LEU C 176 16.65 26.08 77.97
N ALA C 177 17.26 27.12 78.57
CA ALA C 177 17.52 27.14 79.98
C ALA C 177 16.43 27.90 80.74
N ILE C 178 16.08 27.35 81.88
CA ILE C 178 14.99 27.89 82.73
C ILE C 178 15.64 28.18 84.15
N SER C 179 15.03 29.16 84.83
CA SER C 179 15.59 29.68 86.10
C SER C 179 14.44 30.32 87.00
N ALA C 180 14.27 29.72 88.18
CA ALA C 180 13.25 30.24 89.08
C ALA C 180 13.77 31.53 89.68
N ALA C 181 12.83 32.46 89.85
CA ALA C 181 13.17 33.78 90.31
C ALA C 181 13.71 33.76 91.75
N ASP C 182 13.50 32.65 92.55
CA ASP C 182 13.90 32.66 93.97
C ASP C 182 15.44 32.47 94.10
N THR C 183 16.03 31.65 93.27
CA THR C 183 17.49 31.38 93.34
C THR C 183 18.24 32.49 92.75
N ASP C 184 19.46 32.71 93.21
CA ASP C 184 20.48 33.61 92.50
C ASP C 184 20.77 33.04 91.09
N LEU C 185 21.20 33.93 90.22
CA LEU C 185 21.38 33.55 88.84
C LEU C 185 22.68 32.76 88.68
N ALA C 186 23.69 33.15 89.39
CA ALA C 186 24.92 32.41 89.40
C ALA C 186 24.72 31.04 90.01
N ASN C 187 23.74 30.81 90.87
CA ASN C 187 23.55 29.49 91.50
C ASN C 187 22.80 28.46 90.71
N SER C 188 21.97 28.88 89.85
CA SER C 188 21.14 27.94 89.05
C SER C 188 22.01 27.22 88.04
N THR C 189 22.10 25.92 88.20
CA THR C 189 22.96 25.07 87.41
C THR C 189 22.53 25.04 85.93
N ALA C 190 21.21 25.28 85.63
CA ALA C 190 20.82 25.37 84.22
C ALA C 190 21.57 26.48 83.49
N LEU C 191 21.48 27.73 84.04
CA LEU C 191 22.23 28.87 83.32
C LEU C 191 23.72 28.70 83.44
N GLN C 192 24.21 28.04 84.51
CA GLN C 192 25.64 27.77 84.71
C GLN C 192 26.23 26.81 83.72
N ALA C 193 25.56 25.68 83.45
CA ALA C 193 26.00 24.76 82.50
C ALA C 193 25.79 25.30 81.14
N SER C 194 24.70 26.15 80.91
CA SER C 194 24.45 26.79 79.66
C SER C 194 25.67 27.59 79.28
N ARG C 195 26.27 28.29 80.24
CA ARG C 195 27.52 29.01 80.04
C ARG C 195 28.72 28.05 80.04
N ARG C 196 28.70 26.91 80.78
CA ARG C 196 29.91 25.98 80.80
C ARG C 196 30.18 25.43 79.46
N VAL C 197 29.11 25.08 78.75
CA VAL C 197 29.26 24.56 77.35
C VAL C 197 29.16 25.65 76.26
N ASP C 198 28.48 26.79 76.56
CA ASP C 198 28.30 27.89 75.60
C ASP C 198 28.72 29.22 76.19
N PRO C 199 29.97 29.51 76.08
CA PRO C 199 30.51 30.72 76.69
C PRO C 199 30.04 31.97 76.09
N ARG C 200 29.79 31.94 74.72
CA ARG C 200 29.33 33.12 74.03
C ARG C 200 27.88 33.43 74.28
N GLY C 201 27.11 32.49 74.72
CA GLY C 201 25.74 32.68 74.87
C GLY C 201 24.94 32.89 73.51
N GLU C 202 25.37 32.24 72.43
CA GLU C 202 24.80 32.47 71.14
C GLU C 202 23.75 31.48 70.83
N ARG C 203 23.79 30.27 71.43
CA ARG C 203 22.88 29.22 71.07
C ARG C 203 21.96 28.80 72.24
N THR C 204 21.91 29.62 73.32
CA THR C 204 21.06 29.29 74.40
C THR C 204 20.14 30.49 74.67
N ILE C 205 18.87 30.23 74.78
CA ILE C 205 17.95 31.25 75.30
C ILE C 205 17.59 30.90 76.73
N GLY C 206 17.25 31.92 77.50
CA GLY C 206 16.84 31.74 78.88
C GLY C 206 15.35 32.01 79.19
N VAL C 207 14.83 31.37 80.23
CA VAL C 207 13.48 31.62 80.68
C VAL C 207 13.51 31.72 82.18
N ILE C 208 12.96 32.83 82.64
CA ILE C 208 12.79 33.08 84.07
C ILE C 208 11.35 32.73 84.45
N THR C 209 11.20 31.68 85.17
CA THR C 209 9.84 31.19 85.65
C THR C 209 9.62 31.59 87.14
N LYS C 210 8.40 31.36 87.51
CA LYS C 210 7.88 31.63 88.88
C LYS C 210 7.95 33.19 89.13
N MET C 211 7.77 33.96 88.08
CA MET C 211 8.06 35.37 88.13
C MET C 211 6.86 36.19 88.46
N ASP C 212 5.77 35.53 88.77
CA ASP C 212 4.70 36.31 89.33
C ASP C 212 5.04 36.68 90.78
N LEU C 213 5.84 35.90 91.45
CA LEU C 213 5.96 36.13 92.88
C LEU C 213 7.20 37.04 93.24
N VAL C 214 7.41 38.11 92.47
CA VAL C 214 8.51 39.05 92.73
C VAL C 214 8.06 40.43 92.25
N GLU C 215 8.83 41.42 92.72
CA GLU C 215 8.64 42.87 92.26
C GLU C 215 8.92 43.04 90.74
N PRO C 216 8.27 43.98 90.09
CA PRO C 216 8.64 44.26 88.75
C PRO C 216 10.01 44.85 88.66
N GLU C 217 10.50 45.43 89.78
CA GLU C 217 11.93 45.86 89.95
C GLU C 217 12.94 44.67 90.02
N LYS C 218 12.58 43.58 90.63
CA LYS C 218 13.25 42.32 90.31
C LYS C 218 13.05 41.95 88.91
N GLY C 219 11.81 42.08 88.44
CA GLY C 219 11.47 41.67 87.05
C GLY C 219 12.34 42.25 85.99
N ALA C 220 12.61 43.56 86.00
CA ALA C 220 13.63 44.11 85.14
C ALA C 220 15.06 43.75 85.58
N ALA C 221 15.26 43.35 86.88
CA ALA C 221 16.62 42.91 87.32
C ALA C 221 16.93 41.53 86.72
N ILE C 222 16.03 40.56 86.89
CA ILE C 222 16.36 39.26 86.43
C ILE C 222 16.24 39.18 84.92
N LEU C 223 15.06 39.63 84.30
CA LEU C 223 14.88 39.46 82.90
C LEU C 223 15.82 40.31 82.08
N SER C 224 15.99 41.60 82.42
CA SER C 224 17.05 42.41 81.84
C SER C 224 18.31 42.33 82.68
N ASP C 225 19.25 41.51 82.21
CA ASP C 225 20.50 41.36 82.92
C ASP C 225 21.64 41.66 81.99
N ARG C 226 22.64 42.38 82.56
CA ARG C 226 23.90 42.61 81.90
C ARG C 226 25.06 41.91 82.52
N GLN C 227 24.92 41.15 83.64
CA GLN C 227 26.03 40.33 84.18
C GLN C 227 26.36 39.22 83.22
N TYR C 228 25.39 38.38 82.82
CA TYR C 228 25.52 37.27 81.84
C TYR C 228 24.59 37.48 80.64
N PRO C 229 24.94 38.37 79.76
CA PRO C 229 24.11 38.64 78.57
C PRO C 229 24.17 37.52 77.59
N LEU C 230 23.16 37.47 76.75
CA LEU C 230 23.18 36.54 75.63
C LEU C 230 22.31 37.08 74.51
N LYS C 231 22.54 36.49 73.33
CA LYS C 231 21.64 36.72 72.20
C LYS C 231 20.39 35.92 72.45
N LEU C 232 19.38 36.24 71.72
CA LEU C 232 18.04 35.54 71.80
C LEU C 232 17.26 35.96 73.12
N GLY C 233 17.99 36.52 74.03
CA GLY C 233 17.42 37.13 75.21
C GLY C 233 16.83 36.17 76.20
N TYR C 234 16.51 36.69 77.40
CA TYR C 234 15.73 35.93 78.35
C TYR C 234 14.31 36.19 78.12
N VAL C 235 13.44 35.25 78.47
CA VAL C 235 12.02 35.45 78.35
C VAL C 235 11.41 35.06 79.71
N GLY C 236 10.87 36.03 80.48
CA GLY C 236 10.16 35.65 81.72
C GLY C 236 8.73 35.33 81.43
N VAL C 237 8.29 34.24 82.05
CA VAL C 237 6.94 33.73 81.99
C VAL C 237 6.52 33.23 83.41
N ILE C 238 5.19 33.41 83.72
CA ILE C 238 4.58 32.75 84.90
C ILE C 238 3.59 31.76 84.38
N SER C 239 3.93 30.57 84.64
CA SER C 239 3.31 29.45 84.08
C SER C 239 2.51 28.65 85.12
N LYS C 240 1.18 28.54 84.91
CA LYS C 240 0.26 27.68 85.73
C LYS C 240 -1.21 27.69 85.20
N GLY C 253 -11.45 22.92 81.03
CA GLY C 253 -10.62 23.07 79.86
C GLY C 253 -10.39 24.47 79.47
N ASN C 254 -9.89 24.63 78.19
CA ASN C 254 -9.55 25.94 77.64
C ASN C 254 -8.44 26.58 78.48
N LEU C 255 -7.59 25.67 79.05
CA LEU C 255 -6.52 26.08 79.95
C LEU C 255 -5.42 26.83 79.28
N LEU C 256 -5.17 26.56 78.05
CA LEU C 256 -4.21 27.24 77.25
C LEU C 256 -4.53 28.73 77.25
N ALA C 257 -5.73 29.06 76.73
CA ALA C 257 -6.15 30.46 76.67
C ALA C 257 -6.28 31.00 78.09
N SER C 258 -6.59 30.15 79.04
CA SER C 258 -6.73 30.67 80.45
C SER C 258 -5.39 31.21 80.96
N ILE C 259 -4.29 30.48 80.66
CA ILE C 259 -2.94 31.01 80.99
C ILE C 259 -2.58 32.19 80.13
N ASN C 260 -3.12 32.21 78.93
CA ASN C 260 -2.85 33.35 77.98
C ASN C 260 -3.49 34.62 78.48
N ARG C 261 -4.71 34.50 78.96
CA ARG C 261 -5.38 35.68 79.64
C ARG C 261 -4.68 36.13 80.91
N ASN C 262 -4.20 35.13 81.75
CA ASN C 262 -3.50 35.49 82.94
C ASN C 262 -2.26 36.27 82.55
N GLU C 263 -1.59 35.81 81.51
CA GLU C 263 -0.36 36.52 81.02
C GLU C 263 -0.74 37.98 80.68
N LYS C 264 -1.84 38.14 79.97
CA LYS C 264 -2.26 39.47 79.41
C LYS C 264 -2.75 40.37 80.60
N ASN C 265 -3.41 39.81 81.70
CA ASN C 265 -3.95 40.64 82.76
C ASN C 265 -2.86 40.91 83.87
N TYR C 266 -1.92 39.97 84.14
CA TYR C 266 -1.07 40.17 85.24
C TYR C 266 -0.16 41.35 85.04
N PHE C 267 0.27 41.58 83.74
CA PHE C 267 1.10 42.69 83.39
C PHE C 267 0.33 43.97 83.30
N GLY C 268 -1.01 43.97 83.56
CA GLY C 268 -1.68 45.22 83.84
C GLY C 268 -1.38 45.80 85.21
N SER C 269 -1.13 44.98 86.21
CA SER C 269 -0.80 45.50 87.56
C SER C 269 0.45 46.34 87.50
N HIS C 270 1.39 45.95 86.66
CA HIS C 270 2.65 46.65 86.51
C HIS C 270 2.91 46.74 85.04
N PRO C 271 2.19 47.62 84.33
CA PRO C 271 2.23 47.63 82.84
C PRO C 271 3.52 48.27 82.27
N THR C 272 3.98 49.37 82.85
CA THR C 272 5.12 50.12 82.29
C THR C 272 6.40 49.30 82.47
N GLU C 273 6.55 48.62 83.62
CA GLU C 273 7.86 48.08 83.98
C GLU C 273 8.29 47.01 82.94
N PHE C 274 7.35 46.19 82.55
CA PHE C 274 7.52 45.12 81.51
C PHE C 274 6.20 45.05 80.67
N GLY C 275 6.09 45.98 79.73
CA GLY C 275 4.99 45.99 78.85
C GLY C 275 5.34 46.11 77.44
N PRO C 276 4.42 46.56 76.62
CA PRO C 276 4.72 46.71 75.19
C PRO C 276 5.78 47.79 74.96
N ASP C 277 6.79 47.39 74.12
CA ASP C 277 7.98 48.17 73.73
C ASP C 277 8.96 48.23 74.86
N SER C 278 8.66 47.76 76.06
CA SER C 278 9.59 47.71 77.17
C SER C 278 10.69 46.71 76.80
N GLY C 279 11.99 47.00 77.07
CA GLY C 279 13.08 46.24 76.47
C GLY C 279 13.14 44.76 76.76
N VAL C 280 12.56 44.38 77.93
CA VAL C 280 12.33 42.98 78.29
C VAL C 280 11.22 42.40 77.50
N SER C 281 11.11 41.12 77.46
CA SER C 281 10.10 40.43 76.66
C SER C 281 9.52 39.35 77.46
N THR C 282 8.23 39.16 77.38
CA THR C 282 7.57 38.29 78.33
C THR C 282 6.33 37.64 77.71
N GLY C 283 5.74 36.83 78.50
CA GLY C 283 4.57 36.06 78.11
C GLY C 283 4.86 34.76 77.37
N VAL C 284 3.80 33.97 77.09
CA VAL C 284 4.01 32.66 76.59
C VAL C 284 4.05 32.66 75.05
N MET C 285 3.18 33.44 74.42
CA MET C 285 3.12 33.57 73.01
C MET C 285 4.44 33.95 72.38
N THR C 286 5.11 34.98 73.06
CA THR C 286 6.45 35.48 72.59
C THR C 286 7.57 34.40 72.81
N LEU C 287 7.51 33.66 73.91
CA LEU C 287 8.50 32.60 74.05
C LEU C 287 8.33 31.61 72.90
N ARG C 288 7.14 31.24 72.56
CA ARG C 288 6.90 30.26 71.56
C ARG C 288 7.43 30.77 70.19
N LYS C 289 6.94 31.97 69.78
CA LYS C 289 7.38 32.59 68.54
C LYS C 289 8.92 32.62 68.49
N LYS C 290 9.61 32.90 69.59
CA LYS C 290 11.05 32.89 69.58
C LYS C 290 11.58 31.53 69.40
N LEU C 291 11.05 30.58 70.11
CA LEU C 291 11.55 29.19 69.97
C LEU C 291 11.43 28.76 68.56
N LEU C 292 10.33 29.02 67.91
CA LEU C 292 10.16 28.67 66.53
C LEU C 292 11.22 29.28 65.67
N GLN C 293 11.41 30.55 65.76
CA GLN C 293 12.37 31.18 64.91
C GLN C 293 13.81 30.69 65.10
N VAL C 294 14.31 30.68 66.32
CA VAL C 294 15.68 30.13 66.53
C VAL C 294 15.88 28.62 66.10
N LEU C 295 14.89 27.74 66.42
CA LEU C 295 14.93 26.39 65.91
C LEU C 295 14.97 26.37 64.41
N GLU C 296 14.11 27.09 63.75
CA GLU C 296 14.26 27.15 62.30
C GLU C 296 15.67 27.57 61.89
N GLN C 297 16.25 28.67 62.46
CA GLN C 297 17.53 29.15 61.95
C GLN C 297 18.73 28.16 62.14
N GLN C 298 18.80 27.58 63.29
CA GLN C 298 19.82 26.67 63.60
C GLN C 298 19.66 25.40 62.79
N MET C 299 18.48 24.80 62.84
CA MET C 299 18.23 23.62 62.01
C MET C 299 18.59 23.84 60.54
N SER C 300 18.09 24.95 59.97
CA SER C 300 18.31 25.18 58.56
C SER C 300 19.82 25.36 58.31
N SER C 301 20.55 25.85 59.30
CA SER C 301 22.00 25.97 59.18
C SER C 301 22.62 24.63 59.08
N LYS C 302 22.38 23.75 60.15
CA LYS C 302 23.01 22.44 60.08
C LYS C 302 22.49 21.56 58.95
N LEU C 303 21.50 22.05 58.26
CA LEU C 303 20.76 21.18 57.32
C LEU C 303 21.66 20.68 56.17
N ASN C 304 22.46 21.60 55.58
CA ASN C 304 23.23 21.22 54.36
C ASN C 304 24.38 20.30 54.70
N GLU C 305 25.19 20.66 55.68
CA GLU C 305 26.30 19.75 56.04
C GLU C 305 25.78 18.39 56.42
N THR C 306 24.60 18.35 57.15
CA THR C 306 24.01 17.03 57.49
C THR C 306 23.65 16.28 56.27
N THR C 307 22.98 16.99 55.36
CA THR C 307 22.60 16.38 54.08
C THR C 307 23.81 15.79 53.39
N GLU C 308 24.93 16.54 53.36
CA GLU C 308 26.12 15.98 52.75
C GLU C 308 26.68 14.77 53.55
N ALA C 309 26.78 14.86 54.88
CA ALA C 309 27.15 13.71 55.69
C ALA C 309 26.27 12.49 55.32
N ILE C 310 24.98 12.67 55.22
CA ILE C 310 24.06 11.54 54.83
C ILE C 310 24.42 10.97 53.46
N GLN C 311 24.63 11.84 52.46
CA GLN C 311 25.06 11.31 51.16
C GLN C 311 26.40 10.48 51.24
N ARG C 312 27.28 10.88 52.19
CA ARG C 312 28.48 10.09 52.49
C ARG C 312 28.13 8.70 53.06
N GLU C 313 27.23 8.64 53.99
CA GLU C 313 26.96 7.27 54.56
C GLU C 313 26.11 6.34 53.69
N LEU C 314 25.23 6.97 52.90
CA LEU C 314 24.59 6.21 51.80
C LEU C 314 25.64 5.63 50.85
N GLU C 315 26.59 6.41 50.43
CA GLU C 315 27.61 5.90 49.54
C GLU C 315 28.31 4.66 50.12
N GLU C 316 28.87 4.85 51.36
CA GLU C 316 29.66 3.76 51.92
C GLU C 316 28.85 2.43 52.14
N THR C 317 27.58 2.52 52.71
CA THR C 317 26.72 1.35 52.86
C THR C 317 26.56 0.66 51.50
N THR C 318 26.52 1.48 50.39
CA THR C 318 26.31 0.87 49.12
C THR C 318 27.56 0.12 48.64
N TYR C 319 28.68 0.67 48.91
CA TYR C 319 29.96 0.02 48.51
C TYR C 319 30.19 -1.30 49.28
N GLN C 320 29.83 -1.29 50.58
CA GLN C 320 29.78 -2.54 51.34
C GLN C 320 28.79 -3.54 50.77
N PHE C 321 27.75 -2.99 50.13
CA PHE C 321 26.75 -3.84 49.43
C PHE C 321 27.33 -4.49 48.22
N LYS C 322 28.30 -3.85 47.55
CA LYS C 322 28.85 -4.43 46.36
C LYS C 322 29.92 -5.44 46.73
N VAL C 323 30.73 -5.15 47.77
CA VAL C 323 31.82 -6.01 48.05
C VAL C 323 31.32 -7.28 48.82
N GLN C 324 30.46 -7.13 49.83
CA GLN C 324 30.26 -8.29 50.69
C GLN C 324 29.09 -9.19 50.18
N TYR C 325 28.25 -8.70 49.38
CA TYR C 325 27.15 -9.50 48.91
C TYR C 325 26.87 -9.45 47.39
N ASN C 326 27.80 -8.86 46.67
CA ASN C 326 27.77 -8.81 45.20
C ASN C 326 26.50 -8.15 44.70
N GLU C 327 25.84 -7.45 45.59
CA GLU C 327 24.50 -6.94 45.43
C GLU C 327 23.47 -7.99 45.12
N GLN C 328 23.63 -9.24 45.65
CA GLN C 328 22.71 -10.30 45.42
C GLN C 328 21.43 -10.02 46.13
N PRO C 329 20.30 -10.05 45.46
CA PRO C 329 19.03 -9.75 46.18
C PRO C 329 18.60 -10.87 47.14
N MET C 330 18.19 -10.43 48.32
CA MET C 330 17.87 -11.36 49.39
C MET C 330 16.58 -11.03 50.15
N SER C 331 15.75 -12.04 50.35
CA SER C 331 14.60 -11.93 51.26
C SER C 331 14.37 -13.22 51.95
N ALA C 332 13.78 -13.17 53.11
CA ALA C 332 13.42 -14.32 53.91
C ALA C 332 12.64 -15.43 53.14
N GLU C 333 11.73 -15.03 52.26
CA GLU C 333 10.95 -16.06 51.57
C GLU C 333 11.84 -16.87 50.70
N SER C 334 12.82 -16.24 50.10
CA SER C 334 13.72 -16.93 49.16
C SER C 334 14.60 -17.93 49.88
N TYR C 335 15.26 -17.47 50.96
CA TYR C 335 15.95 -18.43 51.81
C TYR C 335 15.07 -19.62 52.29
N LEU C 336 13.81 -19.30 52.72
CA LEU C 336 12.89 -20.34 53.22
C LEU C 336 12.57 -21.37 52.12
N ALA C 337 12.14 -20.90 50.90
CA ALA C 337 11.77 -21.85 49.88
C ALA C 337 12.97 -22.77 49.51
N ALA C 338 14.16 -22.13 49.26
CA ALA C 338 15.28 -22.97 48.80
C ALA C 338 15.68 -24.03 49.82
N SER C 339 15.69 -23.70 51.09
CA SER C 339 16.01 -24.68 52.13
C SER C 339 14.92 -25.74 52.24
N LEU C 340 13.69 -25.32 52.03
CA LEU C 340 12.62 -26.32 51.92
C LEU C 340 12.85 -27.32 50.76
N ASP C 341 13.22 -26.85 49.56
CA ASP C 341 13.41 -27.77 48.42
C ASP C 341 14.56 -28.66 48.82
N ASP C 342 15.49 -28.16 49.58
CA ASP C 342 16.66 -28.95 50.13
C ASP C 342 16.10 -30.11 50.97
N PHE C 343 15.26 -29.80 51.92
CA PHE C 343 14.75 -30.86 52.75
C PHE C 343 13.93 -31.83 51.98
N LYS C 344 13.26 -31.32 50.96
CA LYS C 344 12.44 -32.23 50.08
C LYS C 344 13.31 -33.19 49.23
N HIS C 345 14.41 -32.68 48.72
CA HIS C 345 15.37 -33.57 48.08
C HIS C 345 15.88 -34.64 49.02
N GLN C 346 16.22 -34.24 50.17
CA GLN C 346 16.68 -35.23 51.18
C GLN C 346 15.64 -36.32 51.48
N PHE C 347 14.35 -35.92 51.52
CA PHE C 347 13.27 -36.85 51.86
C PHE C 347 13.04 -37.82 50.72
N HIS C 348 13.22 -37.33 49.47
CA HIS C 348 13.23 -38.19 48.26
C HIS C 348 14.36 -39.27 48.49
N GLU C 349 15.52 -38.90 48.96
CA GLU C 349 16.51 -39.95 49.32
C GLU C 349 15.92 -40.96 50.34
N PHE C 350 15.32 -40.47 51.39
CA PHE C 350 14.85 -41.39 52.39
C PHE C 350 13.83 -42.32 51.85
N ALA C 351 12.79 -41.80 51.18
CA ALA C 351 11.70 -42.67 50.65
C ALA C 351 12.23 -43.72 49.75
N SER C 352 13.18 -43.32 48.85
CA SER C 352 13.80 -44.38 48.05
C SER C 352 14.61 -45.36 48.95
N SER C 353 15.06 -45.02 50.12
CA SER C 353 15.80 -46.01 50.99
C SER C 353 14.91 -46.92 51.78
N PHE C 354 13.73 -46.38 52.28
CA PHE C 354 13.04 -47.06 53.41
C PHE C 354 12.37 -48.37 53.03
N GLY C 355 11.33 -48.38 52.15
CA GLY C 355 10.80 -49.73 51.75
C GLY C 355 9.98 -50.48 52.92
N ARG C 356 10.10 -51.79 52.88
CA ARG C 356 9.34 -52.75 53.56
C ARG C 356 10.14 -53.71 54.50
N PRO C 357 11.33 -54.19 54.17
CA PRO C 357 12.04 -55.10 55.16
C PRO C 357 12.25 -54.41 56.49
N GLN C 358 12.26 -53.06 56.55
CA GLN C 358 12.37 -52.32 57.87
C GLN C 358 11.12 -52.64 58.69
N LEU C 359 9.95 -52.51 57.99
CA LEU C 359 8.70 -52.72 58.66
C LEU C 359 8.58 -54.16 59.15
N GLN C 360 9.16 -55.10 58.44
CA GLN C 360 9.07 -56.49 58.79
C GLN C 360 9.74 -56.73 60.15
N THR C 361 11.04 -56.30 60.25
CA THR C 361 11.80 -56.56 61.44
C THR C 361 11.25 -55.86 62.71
N LEU C 362 10.80 -54.62 62.59
CA LEU C 362 10.17 -53.87 63.71
C LEU C 362 8.86 -54.60 64.16
N LEU C 363 8.03 -54.96 63.22
CA LEU C 363 6.76 -55.65 63.61
C LEU C 363 7.05 -56.99 64.24
N LYS C 364 8.01 -57.76 63.68
CA LYS C 364 8.37 -59.05 64.26
C LYS C 364 9.00 -58.94 65.66
N ASP C 365 9.65 -57.86 65.97
CA ASP C 365 10.08 -57.59 67.33
C ASP C 365 8.93 -57.29 68.29
N ALA C 366 8.02 -56.43 67.85
CA ALA C 366 6.91 -56.00 68.77
C ALA C 366 6.04 -57.21 69.10
N LEU C 367 5.75 -58.08 68.14
CA LEU C 367 4.98 -59.30 68.30
C LEU C 367 5.72 -60.32 69.16
N ASP C 368 7.08 -60.32 69.05
CA ASP C 368 7.95 -61.15 70.03
C ASP C 368 7.67 -60.74 71.48
N GLN C 369 7.68 -59.46 71.77
CA GLN C 369 7.30 -59.02 73.16
C GLN C 369 5.83 -59.40 73.48
N LYS C 370 4.93 -59.30 72.55
CA LYS C 370 3.55 -59.68 72.74
C LYS C 370 3.46 -61.19 73.10
N VAL C 371 4.11 -62.03 72.33
CA VAL C 371 4.14 -63.46 72.70
C VAL C 371 4.57 -63.66 74.14
N LEU C 372 5.71 -63.08 74.59
CA LEU C 372 6.10 -63.20 75.95
C LEU C 372 4.89 -62.83 76.86
N ASP C 373 4.29 -61.66 76.64
CA ASP C 373 3.08 -61.20 77.37
C ASP C 373 2.09 -62.32 77.53
N GLN C 374 1.71 -62.90 76.35
CA GLN C 374 0.67 -63.91 76.32
C GLN C 374 1.05 -65.13 77.13
N LEU C 375 2.23 -65.65 76.91
CA LEU C 375 2.69 -66.85 77.57
C LEU C 375 2.79 -66.71 79.09
N ALA C 376 3.25 -65.47 79.56
CA ALA C 376 3.33 -65.26 81.02
C ALA C 376 1.93 -65.08 81.70
N ALA C 377 0.98 -64.44 81.02
CA ALA C 377 -0.33 -64.30 81.59
C ALA C 377 -1.13 -65.59 81.57
N ARG C 378 -0.83 -66.57 80.69
CA ARG C 378 -1.64 -67.78 80.57
C ARG C 378 -0.99 -68.97 81.19
N TYR C 379 0.34 -68.98 81.33
CA TYR C 379 1.03 -70.21 81.75
C TYR C 379 1.90 -70.02 83.00
N TRP C 380 2.46 -68.84 83.26
CA TRP C 380 3.49 -68.74 84.28
C TRP C 380 3.00 -68.13 85.60
N ASN C 381 3.96 -67.87 86.49
CA ASN C 381 3.73 -67.21 87.78
C ASN C 381 3.58 -65.74 87.62
N ARG C 382 3.38 -65.02 88.77
CA ARG C 382 3.15 -63.57 88.78
C ARG C 382 4.00 -62.81 89.81
N PRO C 383 3.83 -61.48 89.88
CA PRO C 383 4.42 -60.66 90.98
C PRO C 383 4.01 -61.15 92.36
N ILE C 384 4.74 -60.74 93.36
CA ILE C 384 4.66 -61.24 94.73
C ILE C 384 4.31 -60.13 95.73
N GLU C 385 3.23 -60.29 96.46
CA GLU C 385 2.91 -59.46 97.66
C GLU C 385 2.54 -60.47 98.78
N ASP C 386 2.39 -59.96 100.00
CA ASP C 386 2.23 -60.84 101.16
C ASP C 386 0.88 -61.55 101.11
N LEU C 387 -0.06 -61.04 100.38
CA LEU C 387 -1.31 -61.76 100.19
C LEU C 387 -1.10 -63.07 99.50
N SER C 388 -1.65 -64.12 100.10
CA SER C 388 -1.47 -65.44 99.68
C SER C 388 -2.11 -65.65 98.27
N PRO C 389 -1.52 -66.51 97.47
CA PRO C 389 -1.74 -66.50 96.05
C PRO C 389 -2.95 -67.36 95.60
N ALA C 390 -3.17 -67.33 94.30
CA ALA C 390 -4.11 -68.28 93.69
C ALA C 390 -3.55 -69.72 93.83
N PRO C 391 -4.37 -70.80 93.70
CA PRO C 391 -3.91 -72.13 94.18
C PRO C 391 -2.63 -72.67 93.55
N ARG C 392 -2.57 -72.89 92.23
CA ARG C 392 -3.63 -72.78 91.23
C ARG C 392 -4.55 -73.93 91.05
N GLU C 393 -4.15 -75.17 91.02
CA GLU C 393 -2.78 -75.72 90.96
C GLU C 393 -2.72 -76.84 89.92
N PRO C 394 -3.83 -77.20 89.22
CA PRO C 394 -3.67 -78.10 88.10
C PRO C 394 -2.74 -77.57 87.09
N ASP C 395 -2.45 -76.29 87.09
CA ASP C 395 -1.60 -75.63 86.09
C ASP C 395 -0.22 -75.54 86.65
N ASN C 396 0.42 -76.73 86.67
CA ASN C 396 1.88 -76.84 86.86
C ASN C 396 2.51 -77.19 85.57
N ILE C 397 3.50 -76.40 85.20
CA ILE C 397 3.96 -76.41 83.78
C ILE C 397 4.96 -77.56 83.60
N ILE C 398 5.48 -78.14 84.68
CA ILE C 398 6.54 -79.10 84.52
C ILE C 398 6.04 -80.33 83.88
N ASP C 399 4.85 -80.78 84.21
CA ASP C 399 4.30 -82.07 83.76
C ASP C 399 3.63 -81.92 82.36
N LEU C 400 3.90 -80.81 81.62
CA LEU C 400 3.33 -80.63 80.26
C LEU C 400 3.80 -81.67 79.29
N PRO C 401 5.09 -82.07 79.18
CA PRO C 401 5.47 -83.03 78.14
C PRO C 401 4.82 -84.37 78.34
N LYS C 402 4.54 -84.79 79.58
CA LYS C 402 3.98 -86.04 79.83
C LYS C 402 2.60 -85.82 80.47
N ALA C 403 1.66 -85.41 79.63
CA ALA C 403 0.27 -85.22 79.95
C ALA C 403 -0.63 -85.74 78.85
N ASP C 404 -1.92 -85.73 79.22
CA ASP C 404 -2.95 -86.28 78.39
C ASP C 404 -3.08 -85.48 77.04
N PRO C 405 -2.90 -86.15 75.87
CA PRO C 405 -2.95 -85.41 74.57
C PRO C 405 -4.24 -84.83 74.24
N ASP C 406 -5.29 -85.42 74.74
CA ASP C 406 -6.64 -84.88 74.73
C ASP C 406 -6.96 -84.21 76.08
N SER C 407 -6.15 -83.29 76.41
CA SER C 407 -6.31 -82.74 77.67
C SER C 407 -7.11 -81.46 77.57
N PRO C 408 -8.23 -81.35 78.26
CA PRO C 408 -9.08 -80.12 78.11
C PRO C 408 -8.42 -78.90 78.59
N TYR C 409 -7.61 -79.01 79.73
CA TYR C 409 -6.94 -77.85 80.30
C TYR C 409 -5.98 -77.38 79.30
N TRP C 410 -5.06 -78.24 78.93
CA TRP C 410 -3.97 -77.81 78.08
C TRP C 410 -4.55 -77.28 76.68
N HIS C 411 -5.54 -77.97 76.13
CA HIS C 411 -6.15 -77.54 74.89
C HIS C 411 -6.68 -76.14 75.00
N ARG C 412 -7.61 -75.85 75.93
CA ARG C 412 -8.18 -74.48 76.14
C ARG C 412 -7.13 -73.45 76.32
N GLN C 413 -5.98 -73.81 76.99
CA GLN C 413 -4.90 -72.82 77.30
C GLN C 413 -4.21 -72.46 76.06
N LEU C 414 -3.73 -73.40 75.29
CA LEU C 414 -3.11 -73.01 74.02
C LEU C 414 -4.15 -72.35 73.06
N ASP C 415 -5.40 -72.72 73.14
CA ASP C 415 -6.35 -72.22 72.19
C ASP C 415 -6.66 -70.69 72.41
N THR C 416 -6.97 -70.33 73.64
CA THR C 416 -7.19 -68.96 74.01
C THR C 416 -5.90 -68.17 73.95
N ALA C 417 -4.72 -68.80 74.11
CA ALA C 417 -3.48 -68.07 73.89
C ALA C 417 -3.32 -67.68 72.46
N CYS C 418 -3.62 -68.60 71.55
CA CYS C 418 -3.58 -68.17 70.19
C CYS C 418 -4.65 -67.12 69.87
N SER C 419 -5.87 -67.37 70.23
CA SER C 419 -6.97 -66.43 69.94
C SER C 419 -6.78 -65.11 70.66
N GLY C 420 -6.12 -65.13 71.78
CA GLY C 420 -5.80 -63.92 72.49
C GLY C 420 -4.77 -63.12 71.74
N LEU C 421 -3.77 -63.76 71.24
CA LEU C 421 -2.80 -63.05 70.41
C LEU C 421 -3.42 -62.54 69.11
N THR C 422 -4.20 -63.38 68.45
CA THR C 422 -4.64 -62.96 67.16
C THR C 422 -5.72 -61.88 67.32
N ARG C 423 -6.73 -62.09 68.19
CA ARG C 423 -7.72 -61.04 68.45
C ARG C 423 -7.21 -60.02 69.45
N LEU C 424 -6.05 -59.58 69.22
CA LEU C 424 -5.47 -58.45 69.92
C LEU C 424 -5.42 -57.33 68.84
N GLY C 425 -5.28 -56.14 69.33
CA GLY C 425 -5.12 -54.90 68.48
C GLY C 425 -3.86 -54.89 67.75
N VAL C 426 -3.59 -55.97 66.97
CA VAL C 426 -2.38 -56.12 66.18
C VAL C 426 -2.35 -55.08 65.12
N GLY C 427 -3.53 -54.67 64.55
CA GLY C 427 -3.61 -53.56 63.59
C GLY C 427 -3.24 -52.22 64.24
N ARG C 428 -3.86 -51.95 65.36
CA ARG C 428 -3.47 -50.73 66.04
C ARG C 428 -1.99 -50.80 66.44
N LEU C 429 -1.51 -52.01 66.74
CA LEU C 429 -0.08 -52.19 67.12
C LEU C 429 0.84 -51.85 65.96
N ALA C 430 0.48 -52.37 64.74
CA ALA C 430 1.31 -52.14 63.58
C ALA C 430 1.22 -50.63 63.21
N ALA C 431 0.08 -49.98 63.27
CA ALA C 431 -0.02 -48.56 62.94
C ALA C 431 0.84 -47.72 63.84
N THR C 432 0.73 -47.92 65.19
CA THR C 432 1.45 -47.06 66.10
C THR C 432 2.93 -47.34 66.04
N VAL C 433 3.31 -48.62 65.83
CA VAL C 433 4.74 -48.88 65.76
C VAL C 433 5.34 -48.32 64.52
N ALA C 434 4.70 -48.52 63.42
CA ALA C 434 5.25 -47.97 62.16
C ALA C 434 5.18 -46.43 62.18
N ALA C 435 4.22 -45.85 62.93
CA ALA C 435 4.04 -44.42 63.03
C ALA C 435 5.26 -43.81 63.69
N SER C 436 5.67 -44.29 64.81
CA SER C 436 6.82 -43.82 65.49
C SER C 436 8.11 -44.19 64.77
N ALA C 437 8.09 -45.28 64.04
CA ALA C 437 9.25 -45.54 63.17
C ALA C 437 9.41 -44.42 62.09
N ILE C 438 8.40 -44.06 61.45
CA ILE C 438 8.51 -43.09 60.36
C ILE C 438 8.79 -41.71 60.94
N GLN C 439 8.09 -41.35 62.03
CA GLN C 439 8.28 -40.17 62.74
C GLN C 439 9.75 -39.98 63.20
N GLN C 440 10.31 -41.00 63.79
CA GLN C 440 11.70 -40.98 64.17
C GLN C 440 12.61 -40.78 62.96
N HIS C 441 12.39 -41.52 61.84
CA HIS C 441 13.18 -41.32 60.67
C HIS C 441 13.02 -39.92 60.12
N VAL C 442 11.85 -39.21 60.43
CA VAL C 442 11.66 -37.88 59.95
C VAL C 442 12.44 -36.92 60.80
N GLU C 443 12.54 -37.25 62.07
CA GLU C 443 13.26 -36.34 62.97
C GLU C 443 14.79 -36.55 62.86
N LYS C 444 15.22 -37.76 62.44
CA LYS C 444 16.61 -37.95 62.12
C LYS C 444 16.99 -37.15 60.90
N LEU C 445 16.26 -37.36 59.74
CA LEU C 445 16.48 -36.56 58.51
C LEU C 445 16.57 -35.08 58.76
N LEU C 446 15.75 -34.63 59.73
CA LEU C 446 15.64 -33.21 60.05
C LEU C 446 16.84 -32.72 60.77
N ASP C 447 17.39 -33.53 61.68
CA ASP C 447 18.65 -33.22 62.40
C ASP C 447 19.81 -33.05 61.44
N LYS C 448 19.96 -34.01 60.50
CA LYS C 448 21.07 -33.85 59.56
C LYS C 448 20.79 -32.69 58.54
N SER C 449 19.53 -32.17 58.46
CA SER C 449 19.09 -31.36 57.32
C SER C 449 19.50 -29.88 57.50
N SER C 450 18.90 -29.01 56.65
CA SER C 450 19.06 -27.53 56.66
C SER C 450 18.15 -26.86 57.72
N PHE C 451 17.34 -27.58 58.44
CA PHE C 451 16.52 -27.01 59.47
C PHE C 451 17.07 -27.36 60.87
N ALA C 452 18.37 -27.70 60.94
CA ALA C 452 19.02 -27.91 62.24
C ALA C 452 18.84 -26.65 63.09
N LYS C 453 19.23 -25.50 62.52
CA LYS C 453 18.82 -24.14 63.06
C LYS C 453 17.34 -23.98 62.65
N HIS C 454 16.67 -22.93 63.06
CA HIS C 454 15.23 -22.74 62.91
C HIS C 454 14.41 -23.80 63.58
N PRO C 455 14.55 -24.02 64.83
CA PRO C 455 13.83 -25.12 65.51
C PRO C 455 12.26 -25.06 65.40
N SER C 456 11.69 -23.85 65.29
CA SER C 456 10.26 -23.70 65.27
C SER C 456 9.67 -24.33 64.01
N ALA C 457 10.24 -23.98 62.87
CA ALA C 457 9.87 -24.53 61.61
C ALA C 457 10.12 -26.05 61.61
N ARG C 458 11.23 -26.41 62.21
CA ARG C 458 11.50 -27.81 62.49
C ARG C 458 10.29 -28.53 63.16
N LYS C 459 9.80 -27.93 64.24
CA LYS C 459 8.66 -28.46 64.93
C LYS C 459 7.42 -28.46 64.09
N VAL C 460 7.17 -27.41 63.31
CA VAL C 460 6.10 -27.48 62.27
C VAL C 460 6.29 -28.70 61.31
N ILE C 461 7.52 -28.93 60.85
CA ILE C 461 7.68 -30.11 59.98
C ILE C 461 7.33 -31.44 60.70
N SER C 462 7.79 -31.60 61.90
CA SER C 462 7.54 -32.74 62.69
C SER C 462 6.05 -32.92 62.96
N ASP C 463 5.39 -31.88 63.50
CA ASP C 463 3.97 -32.03 63.82
C ASP C 463 3.13 -32.33 62.55
N ALA C 464 3.59 -31.87 61.39
CA ALA C 464 2.92 -32.20 60.11
C ALA C 464 3.09 -33.70 59.82
N ALA C 465 4.28 -34.22 60.03
CA ALA C 465 4.47 -35.60 59.80
C ALA C 465 3.62 -36.43 60.73
N ALA C 466 3.46 -35.93 62.00
CA ALA C 466 2.59 -36.60 62.99
C ALA C 466 1.16 -36.58 62.55
N THR C 467 0.68 -35.49 61.93
CA THR C 467 -0.76 -35.40 61.61
C THR C 467 -1.08 -36.32 60.46
N VAL C 468 -0.20 -36.41 59.47
CA VAL C 468 -0.42 -37.31 58.35
C VAL C 468 -0.48 -38.75 58.84
N LEU C 469 0.50 -39.16 59.64
CA LEU C 469 0.48 -40.50 60.12
C LEU C 469 -0.73 -40.74 60.96
N ALA C 470 -1.20 -39.71 61.74
CA ALA C 470 -2.47 -39.85 62.47
C ALA C 470 -3.64 -40.03 61.52
N ASP C 471 -3.60 -39.35 60.39
CA ASP C 471 -4.76 -39.42 59.45
C ASP C 471 -4.85 -40.79 58.87
N ARG C 472 -3.77 -41.46 58.63
CA ARG C 472 -3.87 -42.77 57.99
C ARG C 472 -3.92 -43.93 58.96
N SER C 473 -3.74 -43.66 60.30
CA SER C 473 -3.57 -44.71 61.27
C SER C 473 -4.84 -45.58 61.40
N TYR C 474 -5.99 -44.97 61.37
CA TYR C 474 -7.21 -45.72 61.45
C TYR C 474 -7.39 -46.65 60.26
N ALA C 475 -7.40 -46.09 59.05
CA ALA C 475 -7.52 -46.93 57.87
C ALA C 475 -6.46 -48.01 57.81
N THR C 476 -5.19 -47.72 58.16
CA THR C 476 -4.18 -48.74 58.17
C THR C 476 -4.49 -49.89 59.09
N SER C 477 -4.91 -49.51 60.29
CA SER C 477 -5.29 -50.47 61.36
C SER C 477 -6.49 -51.39 60.92
N ASP C 478 -7.62 -50.81 60.54
CA ASP C 478 -8.82 -51.58 60.16
C ASP C 478 -8.57 -52.50 58.97
N GLY C 479 -7.86 -51.94 57.98
CA GLY C 479 -7.49 -52.76 56.77
C GLY C 479 -6.61 -53.96 57.15
N ILE C 480 -5.59 -53.66 58.02
CA ILE C 480 -4.77 -54.75 58.52
C ILE C 480 -5.69 -55.80 59.15
N GLU C 481 -6.63 -55.45 60.04
CA GLU C 481 -7.42 -56.48 60.69
C GLU C 481 -8.27 -57.33 59.72
N ILE C 482 -8.79 -56.68 58.71
CA ILE C 482 -9.57 -57.40 57.71
C ILE C 482 -8.72 -58.40 57.05
N SER C 483 -7.51 -57.98 56.73
CA SER C 483 -6.61 -58.85 55.99
C SER C 483 -6.19 -59.97 56.85
N LEU C 484 -6.16 -59.75 58.13
CA LEU C 484 -5.89 -60.80 59.08
C LEU C 484 -7.06 -61.76 59.32
N LYS C 485 -8.25 -61.43 58.86
CA LYS C 485 -9.38 -62.31 59.18
C LYS C 485 -9.19 -63.78 58.80
N PRO C 486 -8.56 -64.21 57.68
CA PRO C 486 -8.42 -65.68 57.46
C PRO C 486 -7.51 -66.30 58.49
N TYR C 487 -6.46 -65.61 58.91
CA TYR C 487 -5.51 -66.20 59.89
C TYR C 487 -6.07 -66.22 61.31
N LYS C 488 -7.06 -65.34 61.59
CA LYS C 488 -7.72 -65.38 62.91
C LYS C 488 -8.45 -66.74 63.15
N PHE C 489 -9.03 -67.27 62.09
CA PHE C 489 -9.81 -68.47 62.21
C PHE C 489 -8.94 -69.73 62.18
N ASP C 490 -8.08 -69.78 61.15
CA ASP C 490 -7.22 -70.86 60.91
C ASP C 490 -5.85 -70.37 60.53
N PRO C 491 -5.05 -70.13 61.52
CA PRO C 491 -3.64 -69.77 61.29
C PRO C 491 -2.79 -71.00 61.11
N ASP C 492 -3.02 -71.72 60.00
CA ASP C 492 -2.38 -73.00 59.79
C ASP C 492 -0.90 -72.79 59.61
N ILE C 493 -0.11 -73.56 60.41
CA ILE C 493 1.32 -73.44 60.41
C ILE C 493 1.90 -74.52 59.54
N GLN C 494 2.82 -74.12 58.64
CA GLN C 494 3.61 -75.13 57.91
C GLN C 494 4.84 -75.63 58.68
N PRO C 495 5.32 -76.85 58.34
CA PRO C 495 6.52 -77.32 59.01
C PRO C 495 7.68 -76.38 59.01
N ASN C 496 7.99 -75.65 57.88
CA ASN C 496 9.11 -74.74 57.89
C ASN C 496 8.88 -73.58 58.80
N GLU C 497 7.73 -72.96 58.61
CA GLU C 497 7.32 -71.85 59.53
C GLU C 497 7.57 -72.33 61.01
N TRP C 498 7.25 -73.60 61.28
CA TRP C 498 7.43 -74.20 62.63
C TRP C 498 8.87 -74.32 63.01
N ALA C 499 9.74 -74.70 62.07
CA ALA C 499 11.19 -74.76 62.38
C ALA C 499 11.74 -73.39 62.65
N GLN C 500 11.37 -72.46 61.84
CA GLN C 500 11.77 -71.11 62.05
C GLN C 500 11.30 -70.62 63.44
N GLY C 501 9.99 -70.73 63.70
CA GLY C 501 9.52 -70.28 64.97
C GLY C 501 10.23 -70.95 66.16
N ARG C 502 10.72 -72.14 65.91
CA ARG C 502 11.57 -72.88 66.91
C ARG C 502 12.86 -72.23 67.16
N GLU C 503 13.63 -71.92 66.06
CA GLU C 503 14.89 -71.24 66.19
C GLU C 503 14.75 -69.90 66.93
N HIS C 504 13.64 -69.17 66.74
CA HIS C 504 13.50 -67.85 67.30
C HIS C 504 13.08 -67.97 68.77
N VAL C 505 12.19 -68.87 69.07
CA VAL C 505 11.68 -69.00 70.41
C VAL C 505 12.82 -69.42 71.34
N VAL C 506 13.76 -70.16 70.83
CA VAL C 506 14.88 -70.47 71.66
C VAL C 506 15.63 -69.25 72.08
N GLY C 507 16.08 -68.45 71.13
CA GLY C 507 16.87 -67.21 71.35
C GLY C 507 16.11 -66.21 72.24
N VAL C 508 14.85 -65.93 71.86
CA VAL C 508 13.99 -64.99 72.60
C VAL C 508 13.80 -65.45 74.04
N LEU C 509 13.49 -66.72 74.25
CA LEU C 509 13.28 -67.28 75.63
C LEU C 509 14.57 -67.29 76.41
N GLN C 510 15.74 -67.71 75.78
CA GLN C 510 16.96 -67.66 76.54
C GLN C 510 17.33 -66.22 76.94
N ALA C 511 17.11 -65.23 76.07
CA ALA C 511 17.38 -63.91 76.48
C ALA C 511 16.51 -63.54 77.70
N GLU C 512 15.21 -63.93 77.72
CA GLU C 512 14.37 -63.64 78.94
C GLU C 512 14.98 -64.30 80.22
N LEU C 513 15.48 -65.54 80.06
CA LEU C 513 16.18 -66.25 81.17
C LEU C 513 17.44 -65.50 81.57
N GLU C 514 18.26 -64.96 80.67
CA GLU C 514 19.56 -64.35 81.06
C GLU C 514 19.34 -63.06 81.87
N GLN C 515 18.42 -62.24 81.41
CA GLN C 515 17.98 -61.11 82.26
C GLN C 515 17.55 -61.62 83.66
N CYS C 516 16.93 -62.79 83.76
CA CYS C 516 16.51 -63.25 85.02
C CYS C 516 17.70 -63.68 85.91
N GLN C 517 18.61 -64.47 85.38
CA GLN C 517 19.65 -65.03 86.23
C GLN C 517 20.61 -63.99 86.71
N ALA C 518 20.97 -63.06 85.82
CA ALA C 518 21.85 -61.93 86.28
C ALA C 518 21.28 -61.26 87.53
N ALA C 519 19.98 -61.10 87.49
CA ALA C 519 19.29 -60.44 88.60
C ALA C 519 19.27 -61.31 89.90
N MET C 520 19.21 -62.62 89.78
CA MET C 520 19.18 -63.50 90.94
C MET C 520 20.45 -63.46 91.77
N LYS C 521 21.64 -63.71 91.12
CA LYS C 521 22.91 -63.75 91.86
C LYS C 521 23.26 -62.37 92.40
N ALA C 522 22.98 -61.28 91.64
CA ALA C 522 23.03 -59.96 92.15
C ALA C 522 22.15 -59.73 93.36
N LEU C 523 20.91 -60.30 93.39
CA LEU C 523 20.11 -60.19 94.60
C LEU C 523 20.72 -60.79 95.83
N GLU C 524 21.50 -61.91 95.59
CA GLU C 524 22.18 -62.57 96.68
C GLU C 524 23.24 -61.67 97.23
N ASN C 525 24.22 -61.35 96.41
CA ASN C 525 25.40 -60.74 96.89
C ASN C 525 25.05 -59.36 97.46
N SER C 526 23.93 -58.79 97.01
CA SER C 526 23.51 -57.48 97.47
C SER C 526 22.90 -57.64 98.84
N VAL C 527 22.14 -58.72 99.07
CA VAL C 527 21.53 -58.94 100.41
C VAL C 527 22.53 -59.39 101.39
N GLY C 528 23.51 -60.13 100.87
CA GLY C 528 24.68 -60.51 101.68
C GLY C 528 25.06 -62.00 101.41
N GLY C 529 25.04 -62.85 102.50
CA GLY C 529 25.19 -64.31 102.24
C GLY C 529 24.03 -64.89 101.47
N ARG C 530 24.34 -65.97 100.67
CA ARG C 530 23.29 -66.81 100.00
C ARG C 530 22.30 -67.33 100.98
N LYS C 531 22.77 -67.61 102.16
CA LYS C 531 21.97 -68.30 103.21
C LYS C 531 20.95 -67.34 103.82
N LYS C 532 21.31 -66.03 103.94
CA LYS C 532 20.43 -65.14 104.46
C LYS C 532 19.22 -64.96 103.55
N LEU C 533 19.45 -64.76 102.26
CA LEU C 533 18.34 -64.75 101.23
C LEU C 533 17.60 -66.08 101.21
N LYS C 534 18.26 -67.22 101.55
CA LYS C 534 17.58 -68.52 101.66
C LYS C 534 16.65 -68.58 102.84
N GLU C 535 17.01 -67.85 103.93
CA GLU C 535 16.10 -67.70 105.05
C GLU C 535 14.89 -66.92 104.65
N VAL C 536 15.11 -65.75 104.06
CA VAL C 536 13.98 -64.95 103.63
C VAL C 536 13.12 -65.71 102.60
N MET C 537 13.71 -66.57 101.74
CA MET C 537 12.97 -67.31 100.72
C MET C 537 12.10 -68.39 101.36
N SER C 538 12.63 -69.13 102.34
CA SER C 538 11.77 -69.90 103.24
C SER C 538 10.60 -69.05 103.81
N PHE C 539 10.87 -67.81 104.30
CA PHE C 539 9.78 -66.98 104.83
C PHE C 539 8.71 -66.65 103.80
N VAL C 540 9.13 -66.21 102.59
CA VAL C 540 8.12 -65.79 101.63
C VAL C 540 7.31 -67.02 101.09
N ASP C 541 8.01 -68.13 100.85
CA ASP C 541 7.33 -69.35 100.64
C ASP C 541 6.34 -69.68 101.81
N LYS C 542 6.69 -69.32 103.06
CA LYS C 542 5.83 -69.60 104.22
C LYS C 542 4.55 -68.80 104.08
N ALA C 543 4.70 -67.53 103.80
CA ALA C 543 3.54 -66.63 103.62
C ALA C 543 2.62 -67.07 102.44
N ARG C 544 3.22 -67.68 101.49
CA ARG C 544 2.56 -68.13 100.30
C ARG C 544 1.74 -69.39 100.55
N LYS C 545 2.30 -70.32 101.33
CA LYS C 545 1.50 -71.41 101.85
C LYS C 545 0.65 -70.89 103.04
N GLY C 546 -0.23 -71.70 103.56
CA GLY C 546 -1.03 -71.30 104.73
C GLY C 546 -0.25 -71.27 105.99
N GLU C 547 1.02 -71.69 105.92
CA GLU C 547 1.64 -71.97 107.15
C GLU C 547 1.68 -70.75 108.05
N ILE C 548 1.81 -69.53 107.52
CA ILE C 548 1.88 -68.34 108.35
C ILE C 548 1.10 -67.25 107.63
N ILE C 549 0.28 -66.50 108.38
CA ILE C 549 -0.56 -65.38 107.83
C ILE C 549 -0.22 -64.11 108.64
N VAL C 550 -0.16 -62.95 107.97
CA VAL C 550 0.18 -61.65 108.58
C VAL C 550 -0.78 -60.55 108.04
N GLU C 551 -1.18 -59.65 108.99
CA GLU C 551 -2.02 -58.50 108.63
C GLU C 551 -1.18 -57.21 108.51
N GLY C 552 -1.75 -56.10 108.08
CA GLY C 552 -0.95 -54.91 108.04
C GLY C 552 -1.25 -53.85 109.11
N ASP C 553 -1.30 -54.27 110.34
CA ASP C 553 -1.45 -53.31 111.46
C ASP C 553 -0.14 -52.59 111.82
N HIS C 554 1.05 -53.22 111.52
CA HIS C 554 2.38 -52.59 111.74
C HIS C 554 3.31 -52.81 110.43
N PRO C 555 3.50 -51.79 109.60
CA PRO C 555 4.23 -51.94 108.29
C PRO C 555 5.74 -52.01 108.49
N SER C 556 6.19 -51.90 109.77
CA SER C 556 7.58 -51.86 110.08
C SER C 556 8.24 -53.28 110.08
N GLY C 557 7.65 -54.18 110.79
CA GLY C 557 8.19 -55.52 110.89
C GLY C 557 7.09 -56.60 110.80
N ALA C 558 7.28 -57.56 109.91
CA ALA C 558 6.42 -58.74 109.71
C ALA C 558 7.34 -59.98 109.71
N GLY C 559 7.03 -60.98 110.51
CA GLY C 559 7.96 -62.13 110.70
C GLY C 559 9.13 -61.65 111.51
N GLY C 560 10.24 -62.42 111.41
CA GLY C 560 11.51 -62.08 112.03
C GLY C 560 12.39 -61.20 111.13
N PHE C 561 11.72 -60.62 110.12
CA PHE C 561 12.40 -59.99 108.97
C PHE C 561 11.90 -58.55 108.79
N SER C 562 12.84 -57.73 108.40
CA SER C 562 12.59 -56.33 108.19
C SER C 562 11.75 -56.14 106.92
N ALA C 563 11.22 -54.90 106.81
CA ALA C 563 10.33 -54.58 105.69
C ALA C 563 11.09 -54.68 104.38
N ALA C 564 12.30 -54.11 104.29
CA ALA C 564 12.98 -54.12 102.97
C ALA C 564 13.53 -55.53 102.65
N LEU C 565 14.08 -56.18 103.68
CA LEU C 565 14.58 -57.50 103.51
C LEU C 565 13.43 -58.39 102.94
N LEU C 566 12.27 -58.26 103.51
CA LEU C 566 11.03 -58.88 102.97
C LEU C 566 10.77 -58.54 101.53
N ALA C 567 10.90 -57.27 101.14
CA ALA C 567 10.64 -56.91 99.74
C ALA C 567 11.64 -57.56 98.87
N ARG C 568 12.89 -57.52 99.30
CA ARG C 568 13.96 -58.17 98.52
C ARG C 568 13.74 -59.68 98.44
N GLY C 569 13.11 -60.23 99.51
CA GLY C 569 12.74 -61.58 99.52
C GLY C 569 11.69 -61.84 98.50
N ARG C 570 10.64 -61.02 98.48
CA ARG C 570 9.60 -61.17 97.48
C ARG C 570 10.19 -61.20 96.04
N GLU C 571 11.00 -60.16 95.66
CA GLU C 571 11.58 -60.18 94.32
C GLU C 571 12.43 -61.36 94.14
N ALA C 572 13.15 -61.86 95.20
CA ALA C 572 14.02 -62.96 94.95
C ALA C 572 13.26 -64.16 94.61
N VAL C 573 12.09 -64.32 95.18
CA VAL C 573 11.30 -65.54 95.00
C VAL C 573 10.55 -65.51 93.63
N PHE C 574 10.14 -64.36 93.23
CA PHE C 574 9.50 -64.17 91.93
C PHE C 574 10.46 -64.58 90.80
N LEU C 575 11.69 -64.07 90.88
CA LEU C 575 12.77 -64.47 90.01
C LEU C 575 13.07 -65.99 90.02
N ARG C 576 13.11 -66.57 91.24
CA ARG C 576 13.39 -67.98 91.30
C ARG C 576 12.37 -68.77 90.54
N ASP C 577 11.06 -68.52 90.88
CA ASP C 577 9.99 -69.24 90.19
C ASP C 577 9.96 -68.99 88.68
N ARG C 578 10.04 -67.72 88.24
CA ARG C 578 10.05 -67.44 86.78
C ARG C 578 11.21 -68.04 86.07
N ALA C 579 12.41 -67.95 86.71
CA ALA C 579 13.62 -68.56 86.11
C ALA C 579 13.47 -70.03 85.95
N ASP C 580 13.12 -70.73 87.04
CA ASP C 580 13.01 -72.21 86.87
C ASP C 580 11.96 -72.57 85.75
N ILE C 581 10.81 -71.96 85.77
CA ILE C 581 9.89 -72.14 84.65
C ILE C 581 10.61 -71.86 83.33
N LEU C 582 11.45 -70.82 83.18
CA LEU C 582 11.99 -70.45 81.86
C LEU C 582 12.93 -71.46 81.34
N SER C 583 13.92 -71.90 82.23
CA SER C 583 14.92 -72.91 81.81
C SER C 583 14.15 -74.19 81.37
N LEU C 584 13.16 -74.57 82.16
CA LEU C 584 12.43 -75.82 81.85
C LEU C 584 11.80 -75.72 80.45
N ARG C 585 11.14 -74.58 80.18
CA ARG C 585 10.48 -74.40 78.91
C ARG C 585 11.49 -74.17 77.80
N ILE C 586 12.70 -73.68 78.10
CA ILE C 586 13.70 -73.69 77.06
C ILE C 586 14.07 -75.15 76.71
N GLN C 587 14.39 -75.99 77.70
CA GLN C 587 14.72 -77.39 77.46
C GLN C 587 13.56 -78.10 76.82
N ALA C 588 12.35 -77.75 77.17
CA ALA C 588 11.21 -78.46 76.49
C ALA C 588 11.12 -77.97 75.00
N ALA C 589 11.38 -76.70 74.75
CA ALA C 589 11.33 -76.25 73.37
C ALA C 589 12.45 -76.83 72.53
N LYS C 590 13.64 -77.22 73.20
CA LYS C 590 14.69 -77.93 72.50
C LYS C 590 14.45 -79.44 72.47
N SER C 591 13.43 -79.89 73.11
CA SER C 591 13.27 -81.30 73.19
C SER C 591 12.88 -81.92 71.81
N ARG C 592 13.20 -83.26 71.62
CA ARG C 592 12.92 -83.92 70.33
C ARG C 592 11.41 -83.91 69.97
N GLN C 593 10.52 -83.95 70.97
CA GLN C 593 9.08 -83.91 70.82
C GLN C 593 8.54 -82.65 70.21
N CYS C 594 9.26 -81.52 70.35
CA CYS C 594 8.81 -80.27 69.80
C CYS C 594 9.32 -80.07 68.34
N LYS C 595 9.93 -81.10 67.77
CA LYS C 595 10.44 -81.06 66.38
C LYS C 595 9.38 -81.06 65.33
N THR C 596 8.37 -81.89 65.53
CA THR C 596 7.19 -81.94 64.59
C THR C 596 6.15 -80.95 65.16
N LEU C 597 5.38 -80.29 64.29
CA LEU C 597 4.30 -79.45 64.69
C LEU C 597 3.12 -80.24 65.21
N THR C 598 3.08 -81.59 65.02
CA THR C 598 1.90 -82.35 65.31
C THR C 598 1.51 -82.31 66.78
N ASN C 599 2.42 -82.01 67.64
CA ASN C 599 2.06 -81.72 69.00
C ASN C 599 2.15 -80.22 69.34
N LYS C 600 1.38 -79.41 68.55
CA LYS C 600 1.38 -77.98 68.82
C LYS C 600 1.03 -77.68 70.30
N TYR C 601 0.06 -78.36 70.87
CA TYR C 601 -0.42 -78.05 72.24
C TYR C 601 0.61 -78.40 73.30
N TYR C 602 1.58 -79.25 72.97
CA TYR C 602 2.65 -79.51 73.87
C TYR C 602 3.82 -78.50 73.80
N CYS C 603 3.83 -77.61 72.82
CA CYS C 603 4.91 -76.61 72.64
C CYS C 603 4.27 -75.27 72.32
N PRO C 604 3.72 -74.58 73.30
CA PRO C 604 3.03 -73.34 73.05
C PRO C 604 3.98 -72.23 72.57
N GLU C 605 5.29 -72.29 72.94
CA GLU C 605 6.16 -71.22 72.59
C GLU C 605 6.34 -71.21 71.07
N VAL C 606 6.76 -72.31 70.53
CA VAL C 606 7.15 -72.27 69.12
C VAL C 606 5.98 -71.93 68.25
N PHE C 607 4.83 -72.58 68.52
CA PHE C 607 3.53 -72.18 67.83
C PHE C 607 3.26 -70.73 67.87
N LEU C 608 3.24 -70.13 69.09
CA LEU C 608 2.89 -68.74 69.21
C LEU C 608 3.84 -67.84 68.42
N ASP C 609 5.09 -68.11 68.45
CA ASP C 609 6.08 -67.34 67.62
C ASP C 609 5.87 -67.57 66.14
N ALA C 610 5.39 -68.77 65.73
CA ALA C 610 5.07 -68.97 64.31
C ALA C 610 3.89 -68.12 63.90
N VAL C 611 2.82 -68.18 64.72
CA VAL C 611 1.62 -67.34 64.40
C VAL C 611 2.03 -65.84 64.36
N ALA C 612 2.96 -65.45 65.26
CA ALA C 612 3.50 -64.06 65.33
C ALA C 612 4.27 -63.61 64.09
N THR C 613 5.17 -64.45 63.60
CA THR C 613 5.89 -64.09 62.39
C THR C 613 4.95 -63.95 61.21
N LYS C 614 3.93 -64.90 61.14
CA LYS C 614 3.05 -64.84 59.96
C LYS C 614 2.16 -63.57 59.97
N LEU C 615 1.43 -63.32 61.09
CA LEU C 615 0.68 -62.02 61.24
C LEU C 615 1.56 -60.81 60.98
N ALA C 616 2.84 -60.84 61.44
CA ALA C 616 3.74 -59.79 61.21
C ALA C 616 3.94 -59.61 59.71
N GLN C 617 4.11 -60.74 58.97
CA GLN C 617 4.53 -60.51 57.57
C GLN C 617 3.37 -60.04 56.72
N THR C 618 2.13 -60.62 56.95
CA THR C 618 1.07 -60.18 56.04
C THR C 618 0.68 -58.69 56.37
N ALA C 619 0.62 -58.33 57.68
CA ALA C 619 0.37 -56.93 58.09
C ALA C 619 1.50 -55.97 57.61
N VAL C 620 2.71 -56.49 57.40
CA VAL C 620 3.77 -55.71 56.86
C VAL C 620 3.37 -55.34 55.44
N LEU C 621 2.71 -56.24 54.70
CA LEU C 621 2.39 -55.97 53.29
C LEU C 621 1.32 -54.91 53.15
N PHE C 622 0.27 -55.04 53.93
CA PHE C 622 -0.76 -54.01 53.93
C PHE C 622 -0.30 -52.67 54.53
N LEU C 623 0.59 -52.73 55.53
CA LEU C 623 1.17 -51.56 56.09
C LEU C 623 1.98 -50.77 55.12
N ASN C 624 2.92 -51.44 54.41
CA ASN C 624 3.77 -50.81 53.42
C ASN C 624 2.94 -50.13 52.31
N VAL C 625 1.85 -50.77 51.87
CA VAL C 625 1.11 -50.07 50.78
C VAL C 625 0.45 -48.87 51.31
N GLU C 626 -0.49 -49.11 52.20
CA GLU C 626 -1.42 -48.07 52.71
C GLU C 626 -0.62 -46.98 53.45
N MET C 627 -0.08 -47.27 54.64
CA MET C 627 0.42 -46.21 55.44
C MET C 627 1.66 -45.53 54.89
N LEU C 628 2.54 -46.33 54.43
CA LEU C 628 3.83 -45.84 53.99
C LEU C 628 3.71 -45.01 52.68
N ASN C 629 3.01 -45.57 51.72
CA ASN C 629 2.89 -44.85 50.39
C ASN C 629 2.02 -43.63 50.58
N ASP C 630 0.88 -43.74 51.20
CA ASP C 630 0.18 -42.54 51.53
C ASP C 630 1.06 -41.46 52.22
N PHE C 631 2.07 -41.86 52.92
CA PHE C 631 2.87 -40.87 53.60
C PHE C 631 3.82 -40.22 52.57
N TYR C 632 4.48 -41.10 51.80
CA TYR C 632 5.39 -40.52 50.79
C TYR C 632 4.68 -39.55 49.92
N VAL C 633 3.42 -39.71 49.75
CA VAL C 633 2.60 -38.78 48.86
C VAL C 633 2.04 -37.55 49.62
N ARG C 634 1.45 -37.74 50.82
CA ARG C 634 0.84 -36.59 51.53
C ARG C 634 1.86 -35.67 52.30
N PHE C 635 3.06 -36.25 52.65
CA PHE C 635 4.01 -35.47 53.52
C PHE C 635 4.49 -34.19 52.86
N PRO C 636 5.00 -34.16 51.62
CA PRO C 636 5.38 -32.85 51.03
C PRO C 636 4.23 -31.84 50.92
N ARG C 637 3.03 -32.29 50.61
CA ARG C 637 1.97 -31.35 50.59
C ARG C 637 1.76 -30.74 51.96
N GLU C 638 1.59 -31.57 52.99
CA GLU C 638 1.36 -31.07 54.38
C GLU C 638 2.52 -30.09 54.84
N VAL C 639 3.75 -30.48 54.50
CA VAL C 639 4.91 -29.57 54.86
C VAL C 639 4.72 -28.16 54.24
N GLU C 640 4.48 -28.14 52.91
CA GLU C 640 4.26 -26.84 52.29
C GLU C 640 3.16 -26.09 52.92
N ALA C 641 2.01 -26.82 53.11
CA ALA C 641 0.81 -26.18 53.57
C ALA C 641 0.99 -25.63 55.03
N LYS C 642 1.57 -26.44 55.93
CA LYS C 642 1.70 -26.00 57.33
C LYS C 642 2.81 -24.98 57.48
N LEU C 643 3.80 -25.04 56.62
CA LEU C 643 4.82 -24.00 56.64
C LEU C 643 4.27 -22.67 56.22
N HIS C 644 3.55 -22.66 55.12
CA HIS C 644 2.96 -21.41 54.67
C HIS C 644 2.08 -20.81 55.78
N GLU C 645 1.24 -21.69 56.43
CA GLU C 645 0.28 -21.19 57.45
C GLU C 645 0.95 -20.71 58.76
N HIS C 646 2.08 -21.32 59.12
CA HIS C 646 2.86 -20.80 60.19
C HIS C 646 3.50 -19.51 59.82
N MET C 647 4.28 -19.44 58.73
CA MET C 647 5.02 -18.25 58.39
C MET C 647 4.15 -17.01 58.17
N HIS C 648 2.97 -17.24 57.52
CA HIS C 648 2.05 -16.16 57.25
C HIS C 648 1.09 -15.83 58.37
N ALA C 649 0.81 -16.85 59.24
CA ALA C 649 -0.15 -16.67 60.33
C ALA C 649 0.57 -15.98 61.53
N GLY C 650 1.72 -16.47 61.98
CA GLY C 650 2.39 -15.90 63.09
C GLY C 650 3.28 -14.72 62.79
N GLY C 651 3.47 -14.34 61.49
CA GLY C 651 4.48 -13.41 61.14
C GLY C 651 5.91 -13.87 61.41
N GLY C 652 6.12 -15.19 61.43
CA GLY C 652 7.40 -15.87 61.74
C GLY C 652 8.33 -16.09 60.61
N LEU C 653 8.04 -15.57 59.41
CA LEU C 653 9.09 -15.53 58.37
C LEU C 653 10.27 -14.66 58.76
N GLU C 654 10.01 -13.47 59.21
CA GLU C 654 11.04 -12.49 59.49
C GLU C 654 12.02 -13.04 60.55
N LYS C 655 11.45 -13.69 61.57
CA LYS C 655 12.24 -14.31 62.62
C LYS C 655 12.98 -15.57 62.02
N PHE C 656 12.31 -16.42 61.18
CA PHE C 656 13.00 -17.54 60.58
C PHE C 656 14.27 -17.04 59.98
N ALA C 657 14.22 -15.95 59.29
CA ALA C 657 15.50 -15.33 58.74
C ALA C 657 16.45 -14.78 59.80
N ARG C 658 15.93 -14.11 60.83
CA ARG C 658 16.74 -13.74 61.96
C ARG C 658 17.57 -14.90 62.55
N GLU C 659 17.14 -16.13 62.46
CA GLU C 659 17.79 -17.23 63.26
C GLU C 659 19.19 -17.58 62.74
N ASP C 660 19.35 -17.57 61.43
CA ASP C 660 20.67 -17.88 60.77
C ASP C 660 21.54 -16.62 60.70
N PRO C 661 22.75 -16.71 61.20
CA PRO C 661 23.58 -15.49 61.20
C PRO C 661 23.86 -14.92 59.77
N LYS C 662 24.56 -15.69 58.92
CA LYS C 662 25.05 -15.19 57.65
C LYS C 662 23.97 -14.46 56.86
N VAL C 663 22.70 -14.96 56.90
CA VAL C 663 21.60 -14.30 56.18
C VAL C 663 21.07 -13.06 57.01
N ARG C 664 21.16 -13.10 58.38
CA ARG C 664 20.85 -11.90 59.15
C ARG C 664 21.75 -10.71 58.89
N ARG C 665 23.03 -10.99 58.67
CA ARG C 665 23.90 -9.81 58.42
C ARG C 665 23.45 -9.12 57.13
N HIS C 666 23.25 -9.96 56.15
CA HIS C 666 22.77 -9.56 54.82
C HIS C 666 21.54 -8.64 54.92
N LEU C 667 20.48 -9.07 55.55
CA LEU C 667 19.22 -8.32 55.45
C LEU C 667 19.33 -7.00 56.28
N ASP C 668 20.17 -6.99 57.35
CA ASP C 668 20.38 -5.74 58.13
C ASP C 668 20.97 -4.63 57.26
N LEU C 669 21.90 -5.01 56.39
CA LEU C 669 22.52 -4.02 55.56
C LEU C 669 21.51 -3.51 54.60
N ILE C 670 20.65 -4.40 54.13
CA ILE C 670 19.62 -3.98 53.20
C ILE C 670 18.78 -2.92 53.84
N ARG C 671 18.50 -3.03 55.14
CA ARG C 671 17.63 -2.11 55.87
C ARG C 671 18.28 -0.68 56.17
N ARG C 672 19.53 -0.63 56.58
CA ARG C 672 20.15 0.67 56.81
C ARG C 672 20.19 1.45 55.54
N LYS C 673 20.51 0.72 54.45
CA LYS C 673 20.49 1.36 53.14
C LYS C 673 19.10 1.96 52.76
N GLU C 674 18.08 1.25 52.98
CA GLU C 674 16.74 1.74 52.64
C GLU C 674 16.35 3.01 53.43
N LEU C 675 16.56 3.04 54.73
CA LEU C 675 16.23 4.29 55.53
C LEU C 675 17.04 5.52 55.07
N LEU C 676 18.30 5.33 54.61
CA LEU C 676 19.05 6.42 54.06
C LEU C 676 18.52 6.86 52.71
N GLU C 677 18.07 5.95 51.90
CA GLU C 677 17.45 6.35 50.67
C GLU C 677 16.23 7.26 50.99
N THR C 678 15.29 6.75 51.74
CA THR C 678 14.13 7.53 51.99
C THR C 678 14.46 8.84 52.62
N VAL C 679 15.58 8.96 53.40
CA VAL C 679 15.86 10.26 54.00
C VAL C 679 16.26 11.21 52.94
N LEU C 680 17.15 10.80 52.07
CA LEU C 680 17.58 11.67 50.99
C LEU C 680 16.39 12.10 50.13
N GLY C 681 15.44 11.21 49.93
CA GLY C 681 14.15 11.58 49.32
C GLY C 681 13.35 12.70 49.97
N LYS C 682 13.11 12.62 51.31
CA LYS C 682 12.42 13.73 51.97
C LYS C 682 13.18 14.99 51.86
N ILE C 683 14.52 14.95 51.88
CA ILE C 683 15.28 16.13 51.81
C ILE C 683 15.13 16.81 50.46
N GLU C 684 15.24 16.01 49.38
CA GLU C 684 15.00 16.60 48.01
C GLU C 684 13.55 17.13 47.88
N GLU C 685 12.58 16.46 48.47
CA GLU C 685 11.23 17.01 48.42
C GLU C 685 11.15 18.34 49.15
N LEU C 686 11.90 18.47 50.29
CA LEU C 686 11.84 19.72 51.08
C LEU C 686 12.48 20.84 50.29
N HIS C 687 13.71 20.57 49.82
CA HIS C 687 14.39 21.47 48.96
C HIS C 687 13.53 21.90 47.75
N ARG C 688 12.73 20.96 47.22
CA ARG C 688 11.84 21.39 46.14
C ARG C 688 10.86 22.42 46.60
N ILE C 689 10.24 22.23 47.74
CA ILE C 689 9.24 23.22 48.28
C ILE C 689 9.94 24.54 48.55
N SER C 690 11.22 24.63 48.73
CA SER C 690 11.86 25.92 49.05
C SER C 690 12.71 26.45 47.90
N SER C 691 12.54 25.87 46.70
CA SER C 691 13.04 26.45 45.50
C SER C 691 12.05 26.71 44.41
N GLY C 692 10.96 26.00 44.31
CA GLY C 692 10.01 26.20 43.31
C GLY C 692 9.52 24.83 42.80
N ASP D 6 -86.52 -91.29 82.94
CA ASP D 6 -86.64 -92.22 81.91
C ASP D 6 -85.57 -91.85 80.92
N ASP D 7 -84.54 -91.38 81.51
CA ASP D 7 -83.24 -90.96 80.94
C ASP D 7 -82.66 -92.18 80.15
N ASN D 8 -82.92 -93.43 80.54
CA ASN D 8 -82.37 -94.59 79.77
C ASN D 8 -82.98 -94.57 78.38
N MET D 9 -84.16 -94.14 78.32
CA MET D 9 -84.88 -93.98 77.11
C MET D 9 -84.51 -93.00 76.05
N MET D 10 -84.07 -91.87 76.41
CA MET D 10 -83.71 -90.90 75.42
C MET D 10 -82.42 -91.33 74.92
N PHE D 11 -81.49 -91.74 75.79
CA PHE D 11 -80.11 -91.86 75.45
C PHE D 11 -79.78 -92.85 74.40
N ILE D 12 -80.53 -93.93 74.26
CA ILE D 12 -80.40 -94.81 73.18
C ILE D 12 -80.48 -93.95 71.89
N THR D 13 -81.56 -93.14 71.84
CA THR D 13 -81.80 -92.41 70.64
C THR D 13 -80.69 -91.47 70.32
N LYS D 14 -80.07 -90.85 71.36
CA LYS D 14 -78.93 -89.96 71.08
C LYS D 14 -77.73 -90.69 70.55
N LYS D 15 -77.36 -91.89 71.11
CA LYS D 15 -76.10 -92.49 70.66
C LYS D 15 -76.28 -92.88 69.23
N MET D 16 -77.51 -93.24 68.92
CA MET D 16 -77.82 -93.70 67.60
C MET D 16 -77.72 -92.66 66.55
N ILE D 17 -78.00 -91.42 66.95
CA ILE D 17 -78.01 -90.25 66.02
C ILE D 17 -76.59 -89.82 65.76
N GLU D 18 -75.75 -89.88 66.76
CA GLU D 18 -74.35 -89.58 66.58
C GLU D 18 -73.76 -90.58 65.60
N ILE D 19 -74.35 -91.78 65.65
CA ILE D 19 -73.98 -92.84 64.74
C ILE D 19 -74.40 -92.62 63.30
N ARG D 20 -75.63 -92.19 63.15
CA ARG D 20 -76.17 -91.87 61.86
C ARG D 20 -75.32 -90.82 61.26
N ASN D 21 -74.81 -89.90 62.06
CA ASN D 21 -73.91 -88.85 61.48
C ASN D 21 -72.66 -89.50 61.06
N LEU D 22 -72.06 -90.33 61.87
CA LEU D 22 -70.82 -91.06 61.45
C LEU D 22 -70.86 -91.94 60.18
N LEU D 23 -71.96 -92.61 59.94
CA LEU D 23 -72.09 -93.37 58.66
C LEU D 23 -72.25 -92.27 57.61
N GLN D 24 -72.88 -91.23 57.97
CA GLN D 24 -73.09 -90.22 56.99
C GLN D 24 -71.79 -89.73 56.44
N LYS D 25 -70.83 -89.43 57.39
CA LYS D 25 -69.55 -88.85 56.97
C LYS D 25 -68.45 -89.89 56.68
N VAL D 26 -68.74 -91.15 56.73
CA VAL D 26 -67.59 -92.05 56.47
C VAL D 26 -66.82 -91.86 55.17
N GLY D 27 -67.47 -91.60 54.11
CA GLY D 27 -66.66 -91.60 52.86
C GLY D 27 -67.46 -91.64 51.64
N GLN D 28 -66.79 -91.82 50.49
CA GLN D 28 -67.50 -91.85 49.14
C GLN D 28 -68.40 -93.09 48.95
N GLY D 29 -67.90 -94.23 49.34
CA GLY D 29 -68.57 -95.49 49.17
C GLY D 29 -69.44 -95.76 50.33
N SER D 30 -69.65 -94.80 51.17
CA SER D 30 -70.46 -95.02 52.35
C SER D 30 -71.84 -94.81 51.76
N THR D 31 -72.33 -95.78 51.03
CA THR D 31 -73.61 -95.70 50.52
C THR D 31 -74.51 -95.84 51.78
N VAL D 32 -74.05 -96.65 52.71
CA VAL D 32 -74.73 -96.94 53.97
C VAL D 32 -75.20 -95.85 54.91
N THR D 33 -76.39 -96.05 55.47
CA THR D 33 -76.90 -95.15 56.48
C THR D 33 -78.06 -95.62 57.37
N LEU D 34 -78.42 -94.82 58.47
CA LEU D 34 -79.59 -95.10 59.35
C LEU D 34 -80.77 -94.10 58.96
N PRO D 35 -82.06 -94.58 59.16
CA PRO D 35 -83.16 -93.62 58.85
C PRO D 35 -83.41 -92.46 59.88
N SER D 36 -84.11 -91.70 59.46
CA SER D 36 -84.46 -90.46 60.18
C SER D 36 -85.81 -90.01 59.68
N ILE D 37 -86.39 -89.03 60.37
CA ILE D 37 -87.71 -88.48 59.96
C ILE D 37 -87.52 -87.52 58.75
N VAL D 38 -88.33 -87.73 57.69
CA VAL D 38 -88.37 -86.80 56.58
C VAL D 38 -89.73 -86.09 56.58
N VAL D 39 -89.74 -84.74 56.42
CA VAL D 39 -90.94 -84.00 56.57
C VAL D 39 -91.33 -83.39 55.22
N ILE D 40 -92.58 -83.63 54.81
CA ILE D 40 -93.16 -83.20 53.55
C ILE D 40 -94.50 -82.46 53.85
N GLY D 41 -94.77 -81.40 53.10
CA GLY D 41 -96.01 -80.64 53.16
C GLY D 41 -96.27 -79.78 51.97
N SER D 42 -97.59 -79.70 51.55
CA SER D 42 -98.06 -78.84 50.45
C SER D 42 -97.95 -77.39 50.89
N GLN D 43 -97.93 -76.41 49.97
CA GLN D 43 -97.69 -75.05 50.33
C GLN D 43 -98.52 -74.59 51.52
N SER D 44 -99.84 -75.00 51.57
CA SER D 44 -100.59 -74.54 52.71
C SER D 44 -100.07 -75.36 53.86
N SER D 45 -100.09 -76.67 53.54
CA SER D 45 -99.55 -77.73 54.37
C SER D 45 -98.01 -77.46 54.56
N GLY D 46 -97.36 -76.86 53.57
CA GLY D 46 -95.92 -76.68 53.74
C GLY D 46 -95.57 -75.59 54.73
N LYS D 47 -96.40 -74.50 54.70
CA LYS D 47 -96.29 -73.44 55.67
C LYS D 47 -96.63 -73.92 57.07
N SER D 48 -97.71 -74.72 57.16
CA SER D 48 -98.15 -75.33 58.40
C SER D 48 -97.04 -76.10 59.03
N SER D 49 -96.38 -76.96 58.25
CA SER D 49 -95.28 -77.84 58.65
C SER D 49 -94.05 -77.06 59.18
N VAL D 50 -93.73 -75.95 58.50
CA VAL D 50 -92.64 -75.10 58.98
C VAL D 50 -92.96 -74.46 60.31
N LEU D 51 -94.22 -74.06 60.44
CA LEU D 51 -94.67 -73.55 61.76
C LEU D 51 -94.60 -74.63 62.80
N GLU D 52 -94.96 -75.84 62.42
CA GLU D 52 -94.98 -76.90 63.32
C GLU D 52 -93.57 -77.18 63.74
N ALA D 53 -92.63 -77.28 62.75
CA ALA D 53 -91.27 -77.56 63.17
C ALA D 53 -90.81 -76.55 64.18
N ILE D 54 -91.12 -75.25 63.93
CA ILE D 54 -90.62 -74.23 64.86
C ILE D 54 -91.28 -74.40 66.29
N VAL D 55 -92.55 -74.61 66.30
CA VAL D 55 -93.32 -74.79 67.52
C VAL D 55 -92.89 -76.07 68.28
N GLY D 56 -92.37 -77.01 67.62
CA GLY D 56 -91.92 -78.28 68.18
C GLY D 56 -90.83 -78.19 69.26
N HIS D 57 -89.74 -77.41 69.04
CA HIS D 57 -88.74 -77.26 70.05
C HIS D 57 -88.66 -75.83 70.64
N GLU D 58 -88.32 -74.92 69.77
CA GLU D 58 -88.24 -73.50 70.07
C GLU D 58 -88.31 -72.71 68.73
N PHE D 59 -88.62 -71.43 68.83
CA PHE D 59 -88.72 -70.68 67.56
C PHE D 59 -87.41 -70.50 66.85
N LEU D 60 -87.44 -70.63 65.53
CA LEU D 60 -86.19 -70.58 64.71
C LEU D 60 -86.44 -69.92 63.33
N PRO D 61 -85.42 -69.44 62.65
CA PRO D 61 -85.65 -68.98 61.28
C PRO D 61 -86.22 -70.06 60.48
N LYS D 62 -87.27 -69.69 59.77
CA LYS D 62 -88.04 -70.57 58.87
C LYS D 62 -89.06 -69.75 58.04
N GLY D 63 -89.70 -70.46 57.07
CA GLY D 63 -90.64 -69.86 56.07
C GLY D 63 -90.13 -68.75 55.23
N SER D 64 -90.81 -67.65 55.34
CA SER D 64 -90.47 -66.37 54.64
C SER D 64 -90.48 -66.75 53.15
N ASN D 65 -89.47 -66.35 52.44
CA ASN D 65 -89.27 -66.80 51.05
C ASN D 65 -88.07 -67.72 51.03
N MET D 66 -88.32 -68.96 50.66
CA MET D 66 -87.29 -70.02 50.69
C MET D 66 -87.14 -70.75 49.43
N ILE D 67 -85.92 -70.90 48.90
CA ILE D 67 -85.83 -71.60 47.64
C ILE D 67 -86.19 -73.08 47.89
N THR D 68 -85.73 -73.60 49.01
CA THR D 68 -85.98 -74.98 49.45
C THR D 68 -85.29 -76.02 48.66
N ARG D 69 -84.25 -75.65 47.94
CA ARG D 69 -83.37 -76.52 47.18
C ARG D 69 -82.63 -77.45 47.96
N ARG D 70 -82.18 -77.03 49.14
CA ARG D 70 -81.40 -77.90 49.94
C ARG D 70 -82.03 -78.32 51.22
N PRO D 71 -82.03 -79.62 51.51
CA PRO D 71 -82.51 -80.11 52.77
C PRO D 71 -81.67 -79.66 53.93
N ILE D 72 -82.29 -79.72 55.15
CA ILE D 72 -81.70 -79.31 56.43
C ILE D 72 -81.80 -80.55 57.37
N GLU D 73 -80.67 -81.15 57.64
CA GLU D 73 -80.63 -82.25 58.66
C GLU D 73 -80.59 -81.60 60.02
N LEU D 74 -81.75 -81.53 60.71
CA LEU D 74 -81.82 -81.09 62.14
C LEU D 74 -81.48 -82.32 63.00
N THR D 75 -80.41 -82.19 63.74
CA THR D 75 -79.99 -83.18 64.72
C THR D 75 -79.99 -82.49 66.10
N LEU D 76 -80.86 -82.99 66.96
CA LEU D 76 -81.12 -82.36 68.26
C LEU D 76 -80.38 -83.18 69.32
N VAL D 77 -80.13 -82.48 70.50
CA VAL D 77 -79.48 -83.03 71.74
C VAL D 77 -80.29 -82.70 72.97
N ASN D 78 -80.37 -83.68 73.83
CA ASN D 78 -80.94 -83.45 75.13
C ASN D 78 -80.04 -82.48 75.86
N ASP D 79 -80.63 -81.54 76.43
CA ASP D 79 -79.77 -80.51 76.90
C ASP D 79 -80.01 -80.25 78.42
N PRO D 80 -80.15 -81.35 79.17
CA PRO D 80 -80.30 -81.25 80.59
C PRO D 80 -78.87 -80.87 81.12
N GLU D 81 -78.82 -79.95 82.03
CA GLU D 81 -77.59 -79.42 82.58
C GLU D 81 -77.08 -78.26 81.74
N ALA D 82 -77.81 -77.79 80.72
CA ALA D 82 -77.37 -76.63 79.98
C ALA D 82 -78.55 -75.68 80.11
N LYS D 83 -78.27 -74.47 80.44
CA LYS D 83 -79.30 -73.40 80.51
C LYS D 83 -79.34 -72.48 79.32
N VAL D 84 -78.61 -72.82 78.31
CA VAL D 84 -78.48 -71.86 77.23
C VAL D 84 -78.98 -72.48 75.94
N ASP D 85 -80.08 -71.94 75.39
CA ASP D 85 -80.60 -72.35 74.09
C ASP D 85 -79.63 -71.94 73.03
N TYR D 86 -78.70 -72.79 72.64
CA TYR D 86 -77.65 -72.45 71.65
C TYR D 86 -77.63 -73.50 70.54
N GLY D 87 -77.57 -73.00 69.28
CA GLY D 87 -77.63 -73.85 68.11
C GLY D 87 -76.29 -73.70 67.41
N GLU D 88 -75.78 -74.74 66.80
CA GLU D 88 -74.53 -74.59 66.15
C GLU D 88 -74.38 -75.42 64.86
N PHE D 89 -73.46 -75.02 64.01
CA PHE D 89 -73.28 -75.66 62.73
C PHE D 89 -72.07 -76.56 62.72
N PRO D 90 -72.28 -77.81 62.18
CA PRO D 90 -71.10 -78.69 62.25
C PRO D 90 -69.91 -78.21 61.49
N ASP D 91 -70.14 -77.71 60.30
CA ASP D 91 -69.07 -77.33 59.46
C ASP D 91 -68.38 -76.13 60.02
N LEU D 92 -69.12 -75.23 60.68
CA LEU D 92 -68.48 -74.14 61.25
C LEU D 92 -68.22 -74.63 62.62
N GLY D 93 -67.25 -75.54 62.75
CA GLY D 93 -66.95 -76.24 64.00
C GLY D 93 -66.43 -75.33 65.13
N LEU D 94 -66.95 -75.52 66.31
CA LEU D 94 -66.57 -74.72 67.39
C LEU D 94 -67.16 -73.31 67.33
N ALA D 95 -68.20 -73.16 66.45
CA ALA D 95 -68.93 -71.90 66.32
C ALA D 95 -70.34 -72.06 67.00
N ARG D 96 -70.76 -71.13 67.88
CA ARG D 96 -72.06 -71.24 68.58
C ARG D 96 -72.82 -69.93 68.41
N VAL D 97 -74.15 -70.03 68.45
CA VAL D 97 -75.02 -68.93 68.26
C VAL D 97 -76.01 -68.92 69.38
N THR D 98 -76.05 -67.81 70.07
CA THR D 98 -77.01 -67.58 71.20
C THR D 98 -78.42 -67.23 70.70
N ASP D 99 -78.51 -66.22 69.84
CA ASP D 99 -79.82 -65.71 69.33
C ASP D 99 -80.14 -66.31 68.00
N PHE D 100 -81.37 -66.90 67.91
CA PHE D 100 -81.86 -67.49 66.72
C PHE D 100 -82.13 -66.48 65.59
N SER D 101 -81.84 -65.16 65.81
CA SER D 101 -81.90 -64.17 64.73
C SER D 101 -80.64 -64.23 63.85
N LEU D 102 -79.48 -64.48 64.48
CA LEU D 102 -78.35 -64.78 63.70
C LEU D 102 -78.56 -66.04 62.91
N ILE D 103 -79.09 -67.07 63.62
CA ILE D 103 -79.28 -68.39 62.92
C ILE D 103 -80.09 -68.14 61.76
N GLN D 104 -81.07 -67.19 61.87
CA GLN D 104 -81.96 -66.83 60.77
C GLN D 104 -81.23 -66.21 59.60
N LYS D 105 -80.49 -65.17 59.79
CA LYS D 105 -79.86 -64.53 58.63
C LYS D 105 -78.85 -65.44 57.95
N THR D 106 -78.23 -66.33 58.73
CA THR D 106 -77.22 -67.27 58.22
C THR D 106 -77.82 -68.43 57.42
N LEU D 107 -78.84 -69.18 58.00
CA LEU D 107 -79.44 -70.27 57.19
C LEU D 107 -80.20 -69.72 56.02
N THR D 108 -80.78 -68.50 56.18
CA THR D 108 -81.47 -67.92 55.04
C THR D 108 -80.51 -67.40 54.02
N GLU D 109 -79.31 -67.02 54.45
CA GLU D 109 -78.28 -66.75 53.46
C GLU D 109 -77.96 -67.99 52.69
N LEU D 110 -77.74 -69.07 53.42
CA LEU D 110 -77.51 -70.34 52.68
C LEU D 110 -78.71 -70.67 51.75
N ASN D 111 -79.94 -70.24 52.15
CA ASN D 111 -81.11 -70.42 51.30
C ASN D 111 -80.98 -69.63 49.99
N GLN D 112 -80.59 -68.34 50.08
CA GLN D 112 -80.39 -67.51 48.95
C GLN D 112 -79.26 -67.93 48.08
N SER D 113 -78.21 -68.55 48.69
CA SER D 113 -77.04 -68.99 47.91
C SER D 113 -77.35 -70.23 47.01
N VAL D 114 -77.96 -71.27 47.63
CA VAL D 114 -78.36 -72.52 46.96
C VAL D 114 -77.15 -73.38 46.52
N THR D 121 -75.16 -78.60 43.68
CA THR D 121 -74.51 -79.47 44.70
C THR D 121 -75.51 -80.45 45.30
N ASP D 122 -76.62 -79.90 45.79
CA ASP D 122 -77.77 -80.56 46.34
C ASP D 122 -77.52 -81.02 47.76
N ASP D 123 -76.45 -80.59 48.34
CA ASP D 123 -76.11 -81.08 49.62
C ASP D 123 -77.00 -80.59 50.73
N PRO D 124 -77.25 -81.46 51.74
CA PRO D 124 -78.09 -80.95 52.81
C PRO D 124 -77.30 -80.46 54.00
N ILE D 125 -77.46 -79.18 54.32
CA ILE D 125 -76.82 -78.57 55.52
C ILE D 125 -77.14 -79.38 56.78
N ARG D 126 -76.16 -79.64 57.64
CA ARG D 126 -76.41 -80.19 58.96
C ARG D 126 -76.48 -79.07 60.01
N LEU D 127 -77.29 -79.38 61.05
CA LEU D 127 -77.59 -78.45 62.19
C LEU D 127 -77.60 -79.22 63.47
N THR D 128 -77.32 -78.50 64.53
CA THR D 128 -77.28 -79.03 65.83
C THR D 128 -77.81 -78.01 66.79
N ILE D 129 -78.90 -78.33 67.57
CA ILE D 129 -79.48 -77.40 68.54
C ILE D 129 -79.70 -78.03 69.83
N HIS D 130 -79.21 -77.39 70.88
CA HIS D 130 -79.26 -77.91 72.23
C HIS D 130 -80.18 -77.04 73.11
N SER D 131 -81.28 -77.68 73.69
CA SER D 131 -82.22 -76.96 74.57
C SER D 131 -82.80 -77.91 75.58
N PRO D 132 -82.87 -77.51 76.88
CA PRO D 132 -83.34 -78.48 77.86
C PRO D 132 -84.79 -78.88 77.65
N ASN D 133 -85.63 -77.95 77.03
CA ASN D 133 -86.99 -78.39 76.75
C ASN D 133 -87.01 -79.40 75.65
N ILE D 134 -86.04 -79.31 74.70
CA ILE D 134 -86.19 -80.09 73.43
C ILE D 134 -85.70 -81.54 73.72
N PRO D 135 -86.47 -82.53 73.31
CA PRO D 135 -85.89 -83.87 73.30
C PRO D 135 -85.02 -84.05 72.00
N ASP D 136 -83.96 -84.78 72.16
CA ASP D 136 -83.09 -85.09 71.02
C ASP D 136 -83.84 -85.90 69.94
N LEU D 137 -83.51 -85.60 68.71
CA LEU D 137 -84.26 -86.06 67.58
C LEU D 137 -83.36 -86.09 66.36
N SER D 138 -83.99 -86.27 65.16
CA SER D 138 -83.21 -86.30 63.88
C SER D 138 -84.06 -86.14 62.64
N LEU D 139 -84.71 -84.96 62.46
CA LEU D 139 -85.57 -84.70 61.34
C LEU D 139 -84.85 -83.96 60.30
N ILE D 140 -85.21 -84.19 59.09
CA ILE D 140 -84.67 -83.44 57.95
C ILE D 140 -85.83 -82.82 57.16
N ASP D 141 -85.74 -81.54 56.90
CA ASP D 141 -86.85 -80.84 56.22
C ASP D 141 -86.41 -80.38 54.80
N LEU D 142 -86.97 -81.09 53.81
CA LEU D 142 -86.65 -80.84 52.43
C LEU D 142 -87.77 -79.98 51.88
N PRO D 143 -87.60 -79.36 50.64
CA PRO D 143 -88.62 -78.48 50.11
C PRO D 143 -90.01 -79.19 49.94
N GLY D 144 -91.04 -78.48 50.39
CA GLY D 144 -92.43 -78.96 50.20
C GLY D 144 -93.01 -78.62 48.86
N TYR D 145 -94.02 -79.43 48.51
CA TYR D 145 -94.52 -79.39 47.16
C TYR D 145 -95.27 -78.08 46.90
N ILE D 146 -95.18 -77.60 45.66
CA ILE D 146 -95.86 -76.34 45.28
C ILE D 146 -96.98 -76.59 44.23
N LEU D 157 -88.93 -77.76 36.95
CA LEU D 157 -88.65 -76.96 38.11
C LEU D 157 -89.39 -77.66 39.33
N LYS D 158 -90.74 -77.74 39.21
CA LYS D 158 -91.48 -78.34 40.31
C LYS D 158 -91.27 -79.83 40.25
N ARG D 159 -91.26 -80.34 39.07
CA ARG D 159 -91.02 -81.74 38.87
C ARG D 159 -89.62 -82.11 39.46
N LYS D 160 -88.61 -81.22 39.30
CA LYS D 160 -87.34 -81.51 39.89
C LYS D 160 -87.46 -81.56 41.43
N ILE D 161 -88.14 -80.63 42.06
CA ILE D 161 -88.20 -80.63 43.45
C ILE D 161 -88.84 -81.91 43.93
N THR D 162 -89.90 -82.30 43.29
CA THR D 162 -90.55 -83.57 43.67
C THR D 162 -89.52 -84.73 43.56
N GLU D 163 -88.83 -84.79 42.49
CA GLU D 163 -87.84 -85.85 42.22
C GLU D 163 -86.91 -86.02 43.42
N LEU D 164 -86.63 -84.90 44.13
CA LEU D 164 -85.69 -84.99 45.26
C LEU D 164 -86.40 -85.52 46.48
N CYS D 165 -87.68 -85.11 46.58
CA CYS D 165 -88.56 -85.60 47.61
C CYS D 165 -88.82 -87.06 47.47
N ASP D 166 -89.04 -87.47 46.23
CA ASP D 166 -89.46 -88.85 46.01
C ASP D 166 -88.35 -89.71 46.30
N LYS D 167 -87.12 -89.28 45.90
CA LYS D 167 -85.96 -90.08 46.21
C LYS D 167 -85.80 -90.16 47.69
N TYR D 168 -85.82 -89.06 48.43
CA TYR D 168 -85.71 -89.09 49.89
C TYR D 168 -86.73 -89.93 50.55
N ILE D 169 -88.03 -89.88 50.05
CA ILE D 169 -89.13 -90.62 50.67
C ILE D 169 -89.06 -92.01 50.41
N ARG D 170 -88.52 -92.45 49.25
CA ARG D 170 -88.57 -93.85 49.03
C ARG D 170 -87.94 -94.62 50.20
N GLY D 171 -86.63 -94.50 50.44
CA GLY D 171 -85.95 -95.30 51.43
C GLY D 171 -86.75 -95.39 52.75
N PRO D 172 -86.52 -96.46 53.52
CA PRO D 172 -87.24 -96.62 54.76
C PRO D 172 -86.88 -95.57 55.79
N ASN D 173 -87.09 -94.32 55.45
CA ASN D 173 -87.10 -93.32 56.47
C ASN D 173 -88.47 -93.31 57.16
N ILE D 174 -88.52 -92.76 58.32
CA ILE D 174 -89.87 -92.51 59.04
C ILE D 174 -90.42 -91.16 58.56
N ILE D 175 -91.35 -91.18 57.63
CA ILE D 175 -91.80 -90.03 56.90
C ILE D 175 -92.86 -89.31 57.71
N LEU D 176 -92.69 -88.00 57.85
CA LEU D 176 -93.60 -87.16 58.64
C LEU D 176 -94.41 -86.28 57.66
N ALA D 177 -95.65 -86.67 57.42
CA ALA D 177 -96.51 -85.84 56.52
C ALA D 177 -97.41 -84.92 57.41
N ILE D 178 -97.62 -83.71 56.94
CA ILE D 178 -98.47 -82.78 57.64
C ILE D 178 -99.53 -82.42 56.66
N SER D 179 -100.59 -81.91 57.20
CA SER D 179 -101.75 -81.57 56.34
C SER D 179 -102.52 -80.41 57.01
N ALA D 180 -102.76 -79.28 56.21
CA ALA D 180 -103.64 -78.16 56.71
C ALA D 180 -105.09 -78.68 56.73
N ALA D 181 -105.85 -78.20 57.64
CA ALA D 181 -107.27 -78.66 57.81
C ALA D 181 -108.23 -78.13 56.83
N ASP D 182 -107.94 -77.03 56.25
CA ASP D 182 -108.89 -76.50 55.32
C ASP D 182 -108.93 -77.33 54.08
N THR D 183 -107.68 -77.72 53.61
CA THR D 183 -107.49 -78.61 52.53
C THR D 183 -108.01 -80.04 52.77
N ASP D 184 -108.71 -80.57 51.81
CA ASP D 184 -109.16 -81.95 51.92
C ASP D 184 -107.95 -82.89 52.05
N LEU D 185 -108.03 -83.88 52.92
CA LEU D 185 -106.97 -84.84 53.05
C LEU D 185 -106.57 -85.49 51.64
N ALA D 186 -107.52 -85.71 50.82
CA ALA D 186 -107.25 -86.21 49.52
C ALA D 186 -106.31 -85.28 48.78
N ASN D 187 -106.64 -83.98 48.76
CA ASN D 187 -105.93 -82.97 48.04
C ASN D 187 -104.49 -82.70 48.44
N SER D 188 -104.15 -82.86 49.71
CA SER D 188 -102.77 -82.64 50.10
C SER D 188 -101.76 -83.54 49.42
N THR D 189 -100.78 -82.93 48.86
CA THR D 189 -99.72 -83.71 48.15
C THR D 189 -98.87 -84.51 49.12
N ALA D 190 -98.59 -83.89 50.25
CA ALA D 190 -97.79 -84.54 51.32
C ALA D 190 -98.35 -85.93 51.62
N LEU D 191 -99.58 -85.99 52.06
CA LEU D 191 -100.18 -87.25 52.38
C LEU D 191 -100.33 -88.15 51.18
N GLN D 192 -100.67 -87.56 50.02
CA GLN D 192 -100.70 -88.28 48.74
C GLN D 192 -99.44 -88.96 48.42
N ALA D 193 -98.31 -88.23 48.61
CA ALA D 193 -96.99 -88.77 48.25
C ALA D 193 -96.58 -89.84 49.23
N SER D 194 -96.88 -89.60 50.49
CA SER D 194 -96.69 -90.53 51.50
C SER D 194 -97.39 -91.86 51.14
N ARG D 195 -98.60 -91.78 50.59
CA ARG D 195 -99.28 -93.01 50.23
C ARG D 195 -98.76 -93.56 48.92
N ARG D 196 -98.09 -92.72 48.08
CA ARG D 196 -97.52 -93.22 46.79
C ARG D 196 -96.37 -94.14 47.10
N VAL D 197 -95.48 -93.72 48.06
CA VAL D 197 -94.29 -94.52 48.39
C VAL D 197 -94.60 -95.45 49.55
N ASP D 198 -95.69 -95.23 50.32
CA ASP D 198 -96.04 -96.11 51.44
C ASP D 198 -97.48 -96.52 51.33
N PRO D 199 -97.79 -97.66 50.67
CA PRO D 199 -99.18 -98.12 50.49
C PRO D 199 -99.77 -98.61 51.78
N ARG D 200 -98.94 -99.19 52.70
CA ARG D 200 -99.47 -99.69 53.97
C ARG D 200 -99.65 -98.59 54.99
N GLY D 201 -99.01 -97.45 54.80
CA GLY D 201 -98.95 -96.45 55.83
C GLY D 201 -98.30 -96.93 57.14
N GLU D 202 -97.35 -97.86 57.05
CA GLU D 202 -96.75 -98.42 58.24
C GLU D 202 -95.61 -97.54 58.76
N ARG D 203 -94.99 -96.76 57.89
CA ARG D 203 -93.84 -95.99 58.26
C ARG D 203 -94.06 -94.50 58.09
N THR D 204 -95.33 -94.02 58.00
CA THR D 204 -95.55 -92.63 57.89
C THR D 204 -96.51 -92.22 58.99
N ILE D 205 -96.17 -91.17 59.74
CA ILE D 205 -97.09 -90.57 60.71
C ILE D 205 -97.61 -89.28 60.15
N GLY D 206 -98.82 -88.98 60.47
CA GLY D 206 -99.45 -87.80 59.92
C GLY D 206 -99.71 -86.76 61.05
N VAL D 207 -99.54 -85.47 60.72
CA VAL D 207 -99.88 -84.38 61.65
C VAL D 207 -100.89 -83.45 60.88
N ILE D 208 -102.02 -83.13 61.50
CA ILE D 208 -102.99 -82.19 60.98
C ILE D 208 -102.70 -80.89 61.73
N THR D 209 -102.33 -79.91 60.92
CA THR D 209 -102.00 -78.53 61.39
C THR D 209 -103.15 -77.52 60.95
N LYS D 210 -103.02 -76.24 61.39
CA LYS D 210 -104.05 -75.23 61.23
C LYS D 210 -105.38 -75.71 61.76
N MET D 211 -105.36 -76.32 62.92
CA MET D 211 -106.56 -77.12 63.32
C MET D 211 -107.45 -76.36 64.39
N ASP D 212 -107.14 -75.08 64.64
CA ASP D 212 -107.87 -74.27 65.53
C ASP D 212 -109.15 -73.66 64.88
N LEU D 213 -109.21 -73.44 63.57
CA LEU D 213 -110.40 -72.90 62.88
C LEU D 213 -111.24 -74.00 62.27
N VAL D 214 -111.64 -75.02 63.11
CA VAL D 214 -112.52 -76.04 62.62
C VAL D 214 -113.34 -76.62 63.78
N GLU D 215 -114.54 -77.07 63.50
CA GLU D 215 -115.42 -77.69 64.46
C GLU D 215 -114.76 -79.01 64.92
N PRO D 216 -115.04 -79.32 66.17
CA PRO D 216 -114.56 -80.51 66.85
C PRO D 216 -115.10 -81.64 66.13
N GLU D 217 -116.16 -81.52 65.43
CA GLU D 217 -116.64 -82.65 64.69
C GLU D 217 -115.67 -82.75 63.52
N LYS D 218 -115.33 -81.64 62.90
CA LYS D 218 -114.24 -81.55 61.94
C LYS D 218 -113.00 -82.16 62.40
N GLY D 219 -112.65 -81.94 63.68
CA GLY D 219 -111.49 -82.57 64.26
C GLY D 219 -111.66 -84.09 64.26
N ALA D 220 -112.79 -84.50 64.72
CA ALA D 220 -113.11 -85.94 64.79
C ALA D 220 -113.01 -86.50 63.33
N ALA D 221 -113.53 -85.82 62.42
CA ALA D 221 -113.41 -86.39 61.09
C ALA D 221 -111.94 -86.41 60.71
N ILE D 222 -111.23 -85.35 60.90
CA ILE D 222 -109.79 -85.41 60.58
C ILE D 222 -108.81 -86.06 61.53
N LEU D 223 -108.80 -85.77 62.77
CA LEU D 223 -107.84 -86.44 63.62
C LEU D 223 -108.01 -87.89 63.52
N SER D 224 -109.22 -88.41 63.50
CA SER D 224 -109.38 -89.84 63.42
C SER D 224 -110.11 -90.20 62.11
N ASP D 225 -109.40 -90.88 61.21
CA ASP D 225 -109.96 -91.21 59.92
C ASP D 225 -109.85 -92.68 59.63
N ARG D 226 -110.75 -93.21 58.81
CA ARG D 226 -110.55 -94.62 58.31
C ARG D 226 -110.51 -94.61 56.77
N GLN D 227 -110.78 -93.45 56.21
CA GLN D 227 -110.64 -93.26 54.85
C GLN D 227 -109.21 -93.55 54.49
N TYR D 228 -108.26 -93.34 55.39
CA TYR D 228 -106.90 -93.60 54.84
C TYR D 228 -106.02 -94.09 56.03
N PRO D 229 -106.24 -95.23 56.60
CA PRO D 229 -105.61 -95.50 57.90
C PRO D 229 -104.16 -95.84 57.82
N LEU D 230 -103.48 -95.67 58.98
CA LEU D 230 -102.04 -96.05 59.10
C LEU D 230 -101.69 -96.41 60.56
N LYS D 231 -100.64 -97.14 60.72
CA LYS D 231 -100.09 -97.22 62.08
C LYS D 231 -99.46 -95.85 62.45
N LEU D 232 -99.17 -95.68 63.75
CA LEU D 232 -98.66 -94.48 64.43
C LEU D 232 -99.68 -93.37 64.43
N GLY D 233 -100.87 -93.54 63.84
CA GLY D 233 -101.97 -92.56 63.90
C GLY D 233 -101.55 -91.18 63.35
N TYR D 234 -102.53 -90.27 63.33
CA TYR D 234 -102.30 -88.79 63.08
C TYR D 234 -102.30 -88.09 64.41
N VAL D 235 -101.80 -86.82 64.33
CA VAL D 235 -101.57 -86.00 65.51
C VAL D 235 -101.99 -84.59 65.20
N GLY D 236 -103.08 -84.11 65.77
CA GLY D 236 -103.60 -82.78 65.52
C GLY D 236 -102.99 -81.81 66.48
N VAL D 237 -102.54 -80.69 65.94
CA VAL D 237 -101.99 -79.65 66.79
C VAL D 237 -101.96 -78.36 66.06
N ILE D 238 -102.17 -77.28 66.86
CA ILE D 238 -102.10 -75.90 66.32
C ILE D 238 -100.83 -75.28 66.78
N SER D 239 -99.99 -74.91 65.83
CA SER D 239 -98.77 -74.33 66.15
C SER D 239 -98.75 -72.91 65.63
N LYS D 240 -98.37 -71.99 66.47
CA LYS D 240 -98.30 -70.62 66.08
C LYS D 240 -98.05 -69.77 67.30
N GLY D 253 -89.57 -64.16 74.80
CA GLY D 253 -89.25 -65.53 75.08
C GLY D 253 -90.39 -66.30 75.80
N ASN D 254 -90.02 -67.50 76.32
CA ASN D 254 -91.01 -68.36 76.89
C ASN D 254 -92.16 -68.61 75.97
N LEU D 255 -91.76 -68.74 74.69
CA LEU D 255 -92.75 -69.02 73.61
C LEU D 255 -93.13 -70.47 73.70
N LEU D 256 -92.11 -71.38 73.89
CA LEU D 256 -92.34 -72.84 74.03
C LEU D 256 -93.55 -73.05 74.97
N ALA D 257 -93.45 -72.47 76.17
CA ALA D 257 -94.47 -72.64 77.18
C ALA D 257 -95.74 -72.07 76.70
N SER D 258 -95.69 -70.92 76.13
CA SER D 258 -96.91 -70.31 75.67
C SER D 258 -97.65 -71.22 74.70
N ILE D 259 -96.94 -71.75 73.75
CA ILE D 259 -97.64 -72.62 72.80
C ILE D 259 -98.00 -73.84 73.51
N ASN D 260 -97.38 -74.13 74.62
CA ASN D 260 -97.81 -75.39 75.38
C ASN D 260 -99.02 -74.98 76.22
N ARG D 261 -99.09 -73.75 76.66
CA ARG D 261 -100.25 -73.32 77.40
C ARG D 261 -101.49 -73.29 76.54
N ASN D 262 -101.37 -72.67 75.32
CA ASN D 262 -102.48 -72.55 74.39
C ASN D 262 -103.13 -73.89 74.13
N GLU D 263 -102.32 -74.93 74.01
CA GLU D 263 -102.80 -76.29 73.74
C GLU D 263 -103.47 -76.86 75.00
N LYS D 264 -102.87 -76.60 76.17
CA LYS D 264 -103.47 -77.01 77.40
C LYS D 264 -104.83 -76.43 77.41
N ASN D 265 -104.88 -75.08 77.15
CA ASN D 265 -106.09 -74.23 77.17
C ASN D 265 -107.20 -74.32 76.11
N TYR D 266 -106.85 -74.57 74.83
CA TYR D 266 -107.84 -74.60 73.78
C TYR D 266 -108.90 -75.73 73.77
N PHE D 267 -108.44 -76.93 74.08
CA PHE D 267 -109.29 -78.07 74.05
C PHE D 267 -110.45 -77.92 75.10
N GLY D 268 -110.27 -77.07 76.13
CA GLY D 268 -111.29 -76.84 77.09
C GLY D 268 -112.53 -76.29 76.43
N SER D 269 -112.35 -75.49 75.36
CA SER D 269 -113.55 -74.89 74.70
C SER D 269 -114.49 -76.03 74.17
N HIS D 270 -113.91 -77.12 73.68
CA HIS D 270 -114.64 -78.29 73.24
C HIS D 270 -113.92 -79.47 73.91
N PRO D 271 -114.08 -79.47 75.27
CA PRO D 271 -113.31 -80.56 75.93
C PRO D 271 -113.78 -81.95 75.64
N THR D 272 -115.09 -82.14 75.36
CA THR D 272 -115.55 -83.45 75.12
C THR D 272 -115.23 -83.93 73.70
N GLU D 273 -115.15 -82.99 72.72
CA GLU D 273 -114.81 -83.38 71.39
C GLU D 273 -113.40 -83.99 71.34
N PHE D 274 -112.37 -83.29 71.81
CA PHE D 274 -111.06 -83.94 71.65
C PHE D 274 -110.23 -83.74 72.85
N GLY D 275 -110.53 -84.57 73.84
CA GLY D 275 -109.81 -84.48 75.16
C GLY D 275 -109.60 -85.85 75.70
N PRO D 276 -109.30 -85.98 77.07
CA PRO D 276 -109.01 -87.35 77.51
C PRO D 276 -110.16 -88.41 77.33
N ASP D 277 -109.70 -89.53 76.76
CA ASP D 277 -110.48 -90.76 76.48
C ASP D 277 -111.21 -90.69 75.15
N SER D 278 -111.10 -89.55 74.49
CA SER D 278 -111.63 -89.39 73.17
C SER D 278 -110.55 -90.12 72.46
N GLY D 279 -110.73 -90.69 71.27
CA GLY D 279 -109.68 -91.46 70.62
C GLY D 279 -108.63 -90.66 69.94
N VAL D 280 -108.89 -89.43 69.64
CA VAL D 280 -107.98 -88.57 68.98
C VAL D 280 -106.89 -88.13 69.91
N SER D 281 -105.72 -87.93 69.33
CA SER D 281 -104.55 -87.60 70.14
C SER D 281 -104.04 -86.23 69.79
N THR D 282 -103.83 -85.33 70.80
CA THR D 282 -103.41 -83.98 70.45
C THR D 282 -102.53 -83.13 71.29
N GLY D 283 -101.86 -82.20 70.68
CA GLY D 283 -100.77 -81.43 71.33
C GLY D 283 -99.36 -81.85 70.90
N VAL D 284 -98.36 -81.13 71.41
CA VAL D 284 -97.01 -81.25 70.84
C VAL D 284 -96.20 -82.30 71.63
N MET D 285 -96.53 -82.39 72.94
CA MET D 285 -95.77 -83.31 73.79
C MET D 285 -96.11 -84.78 73.59
N THR D 286 -97.38 -85.09 73.42
CA THR D 286 -97.68 -86.49 73.00
C THR D 286 -97.07 -86.80 71.61
N LEU D 287 -97.10 -85.81 70.70
CA LEU D 287 -96.56 -86.11 69.40
C LEU D 287 -95.05 -86.37 69.52
N ARG D 288 -94.40 -85.60 70.40
CA ARG D 288 -93.00 -85.74 70.51
C ARG D 288 -92.63 -87.12 70.99
N LYS D 289 -93.27 -87.55 72.19
CA LYS D 289 -93.09 -88.91 72.74
C LYS D 289 -93.28 -89.98 71.60
N LYS D 290 -94.36 -89.90 70.82
CA LYS D 290 -94.55 -90.88 69.75
C LYS D 290 -93.36 -90.87 68.82
N LEU D 291 -92.88 -89.67 68.40
CA LEU D 291 -91.74 -89.59 67.50
C LEU D 291 -90.52 -90.21 68.08
N LEU D 292 -90.29 -90.04 69.39
CA LEU D 292 -89.21 -90.70 70.07
C LEU D 292 -89.37 -92.24 69.83
N GLN D 293 -90.58 -92.79 70.21
CA GLN D 293 -90.81 -94.22 70.06
C GLN D 293 -90.44 -94.74 68.63
N VAL D 294 -91.08 -94.19 67.62
CA VAL D 294 -90.88 -94.64 66.25
C VAL D 294 -89.46 -94.58 65.86
N LEU D 295 -88.83 -93.42 66.02
CA LEU D 295 -87.42 -93.33 65.71
C LEU D 295 -86.59 -94.42 66.36
N GLU D 296 -86.80 -94.67 67.63
CA GLU D 296 -86.06 -95.64 68.29
C GLU D 296 -86.29 -97.01 67.73
N GLN D 297 -87.52 -97.34 67.53
CA GLN D 297 -87.92 -98.68 67.05
C GLN D 297 -87.34 -98.96 65.70
N GLN D 298 -87.60 -98.10 64.70
CA GLN D 298 -87.21 -98.36 63.35
C GLN D 298 -85.66 -98.34 63.24
N MET D 299 -84.99 -97.39 63.91
CA MET D 299 -83.54 -97.32 63.89
C MET D 299 -83.01 -98.66 64.41
N SER D 300 -83.56 -99.09 65.60
CA SER D 300 -83.18 -100.41 66.15
C SER D 300 -83.34 -101.53 65.22
N SER D 301 -84.38 -101.54 64.35
CA SER D 301 -84.58 -102.64 63.40
C SER D 301 -83.58 -102.60 62.25
N LYS D 302 -83.26 -101.37 61.67
CA LYS D 302 -82.15 -101.17 60.78
C LYS D 302 -80.80 -101.41 61.40
N LEU D 303 -80.71 -101.57 62.68
CA LEU D 303 -79.42 -101.66 63.33
C LEU D 303 -78.64 -102.75 62.73
N ASN D 304 -79.27 -103.91 62.52
CA ASN D 304 -78.49 -105.06 62.04
C ASN D 304 -78.12 -104.97 60.56
N GLU D 305 -79.07 -104.67 59.60
CA GLU D 305 -78.67 -104.53 58.20
C GLU D 305 -77.53 -103.56 58.07
N THR D 306 -77.62 -102.46 58.77
CA THR D 306 -76.57 -101.45 58.68
C THR D 306 -75.23 -101.93 59.29
N THR D 307 -75.31 -102.52 60.46
CA THR D 307 -74.02 -102.87 61.14
C THR D 307 -73.22 -103.90 60.30
N GLU D 308 -73.91 -104.88 59.72
CA GLU D 308 -73.23 -105.81 58.89
C GLU D 308 -72.71 -105.16 57.63
N ALA D 309 -73.48 -104.29 57.02
CA ALA D 309 -72.91 -103.61 55.89
C ALA D 309 -71.59 -102.86 56.31
N ILE D 310 -71.51 -102.36 57.55
CA ILE D 310 -70.29 -101.73 58.10
C ILE D 310 -69.15 -102.76 58.29
N GLN D 311 -69.50 -104.01 58.77
CA GLN D 311 -68.44 -104.99 58.87
C GLN D 311 -67.91 -105.34 57.52
N ARG D 312 -68.81 -105.35 56.47
CA ARG D 312 -68.38 -105.66 55.11
C ARG D 312 -67.40 -104.64 54.59
N GLU D 313 -67.66 -103.35 54.86
CA GLU D 313 -66.78 -102.30 54.37
C GLU D 313 -65.56 -102.09 55.23
N LEU D 314 -65.58 -102.53 56.51
CA LEU D 314 -64.30 -102.65 57.25
C LEU D 314 -63.47 -103.71 56.61
N GLU D 315 -63.99 -104.92 56.50
CA GLU D 315 -63.17 -105.98 55.95
C GLU D 315 -62.50 -105.59 54.64
N GLU D 316 -63.25 -104.97 53.74
CA GLU D 316 -62.68 -104.62 52.48
C GLU D 316 -61.63 -103.50 52.59
N THR D 317 -61.96 -102.50 53.43
CA THR D 317 -60.97 -101.46 53.63
C THR D 317 -59.65 -102.06 54.20
N THR D 318 -59.81 -103.02 55.16
CA THR D 318 -58.63 -103.68 55.80
C THR D 318 -57.86 -104.62 54.82
N TYR D 319 -58.56 -105.35 53.97
CA TYR D 319 -57.87 -106.21 53.01
C TYR D 319 -57.03 -105.36 52.08
N GLN D 320 -57.60 -104.21 51.62
CA GLN D 320 -56.77 -103.23 50.87
C GLN D 320 -55.58 -102.69 51.72
N PHE D 321 -55.82 -102.45 52.95
CA PHE D 321 -54.73 -102.00 53.85
C PHE D 321 -53.63 -102.99 54.03
N LYS D 322 -53.95 -104.33 53.92
CA LYS D 322 -52.99 -105.39 53.85
C LYS D 322 -52.21 -105.43 52.52
N VAL D 323 -52.87 -105.43 51.40
CA VAL D 323 -52.14 -105.53 50.12
C VAL D 323 -51.31 -104.27 49.95
N GLN D 324 -51.91 -103.15 50.12
CA GLN D 324 -51.29 -101.88 49.96
C GLN D 324 -50.81 -101.39 51.30
N TYR D 325 -49.53 -101.20 51.42
CA TYR D 325 -48.78 -100.61 52.60
C TYR D 325 -48.49 -101.60 53.76
N ASN D 326 -48.83 -102.86 53.63
CA ASN D 326 -48.54 -103.86 54.68
C ASN D 326 -49.15 -103.52 56.03
N GLU D 327 -50.34 -102.82 56.01
CA GLU D 327 -51.02 -102.39 57.28
C GLU D 327 -50.07 -101.71 58.27
N GLN D 328 -49.04 -101.00 57.77
CA GLN D 328 -48.26 -100.25 58.76
C GLN D 328 -48.81 -98.91 58.97
N PRO D 329 -48.76 -98.38 60.20
CA PRO D 329 -49.23 -97.04 60.43
C PRO D 329 -48.25 -96.03 59.80
N MET D 330 -48.75 -94.87 59.50
CA MET D 330 -47.90 -93.72 58.97
C MET D 330 -48.51 -92.38 59.28
N SER D 331 -47.67 -91.40 59.61
CA SER D 331 -48.15 -90.05 59.66
C SER D 331 -47.36 -89.18 58.65
N ALA D 332 -47.87 -88.02 58.38
CA ALA D 332 -47.14 -87.05 57.53
C ALA D 332 -45.77 -86.67 58.21
N GLU D 333 -45.73 -86.52 59.55
CA GLU D 333 -44.50 -86.07 60.24
C GLU D 333 -43.46 -87.17 60.24
N SER D 334 -43.91 -88.46 60.34
CA SER D 334 -42.94 -89.56 60.19
C SER D 334 -42.41 -89.54 58.76
N TYR D 335 -43.22 -89.06 57.78
CA TYR D 335 -42.71 -88.99 56.42
C TYR D 335 -41.71 -87.82 56.29
N LEU D 336 -42.09 -86.64 56.81
CA LEU D 336 -41.25 -85.43 56.63
C LEU D 336 -39.83 -85.57 57.35
N ALA D 337 -39.84 -86.24 58.50
CA ALA D 337 -38.59 -86.55 59.29
C ALA D 337 -37.69 -87.61 58.57
N ALA D 338 -38.36 -88.56 57.94
CA ALA D 338 -37.56 -89.54 57.22
C ALA D 338 -36.72 -88.88 56.10
N SER D 339 -37.36 -88.04 55.25
CA SER D 339 -36.71 -87.40 54.17
C SER D 339 -35.66 -86.36 54.68
N LEU D 340 -36.00 -85.57 55.72
CA LEU D 340 -35.07 -84.48 56.15
C LEU D 340 -33.83 -85.00 56.79
N ASP D 341 -33.86 -86.05 57.64
CA ASP D 341 -32.59 -86.62 58.12
C ASP D 341 -31.71 -87.13 56.97
N ASP D 342 -32.32 -87.73 56.00
CA ASP D 342 -31.64 -88.11 54.78
C ASP D 342 -30.97 -86.94 54.06
N PHE D 343 -31.72 -85.88 53.80
CA PHE D 343 -31.05 -84.77 53.14
C PHE D 343 -29.91 -84.26 54.03
N LYS D 344 -30.12 -84.13 55.37
CA LYS D 344 -29.03 -83.48 56.18
C LYS D 344 -27.74 -84.17 56.01
N HIS D 345 -27.75 -85.51 55.89
CA HIS D 345 -26.52 -86.33 55.81
C HIS D 345 -25.86 -86.11 54.48
N GLN D 346 -26.59 -86.27 53.38
CA GLN D 346 -26.08 -86.06 52.07
C GLN D 346 -25.47 -84.63 51.97
N PHE D 347 -26.18 -83.63 52.51
CA PHE D 347 -25.61 -82.24 52.46
C PHE D 347 -24.27 -82.12 53.15
N HIS D 348 -24.10 -82.76 54.31
CA HIS D 348 -22.87 -82.69 55.09
C HIS D 348 -21.71 -83.42 54.36
N GLU D 349 -21.99 -84.55 53.73
CA GLU D 349 -21.04 -85.17 52.91
C GLU D 349 -20.44 -84.20 51.88
N PHE D 350 -21.31 -83.51 51.16
CA PHE D 350 -20.81 -82.53 50.14
C PHE D 350 -19.85 -81.52 50.74
N ALA D 351 -20.16 -81.04 51.97
CA ALA D 351 -19.36 -79.96 52.53
C ALA D 351 -17.96 -80.43 52.79
N SER D 352 -17.90 -81.62 53.34
CA SER D 352 -16.54 -82.28 53.51
C SER D 352 -15.85 -82.46 52.11
N SER D 353 -16.70 -82.54 51.02
CA SER D 353 -16.12 -82.63 49.69
C SER D 353 -15.54 -81.30 49.18
N PHE D 354 -16.18 -80.17 49.52
CA PHE D 354 -15.78 -78.95 48.78
C PHE D 354 -14.36 -78.42 49.22
N GLY D 355 -14.23 -77.78 50.36
CA GLY D 355 -12.93 -77.20 50.76
C GLY D 355 -12.51 -76.00 49.96
N ARG D 356 -11.17 -75.89 49.80
CA ARG D 356 -10.59 -74.62 49.34
C ARG D 356 -9.93 -74.64 47.93
N PRO D 357 -9.18 -75.74 47.59
CA PRO D 357 -8.66 -75.84 46.21
C PRO D 357 -9.72 -75.78 45.13
N GLN D 358 -10.94 -76.26 45.41
CA GLN D 358 -12.02 -76.14 44.39
C GLN D 358 -12.33 -74.73 44.12
N LEU D 359 -12.37 -73.91 45.18
CA LEU D 359 -12.53 -72.46 44.91
C LEU D 359 -11.36 -71.87 44.09
N GLN D 360 -10.10 -72.35 44.32
CA GLN D 360 -8.87 -71.90 43.59
C GLN D 360 -9.04 -72.12 42.10
N THR D 361 -9.46 -73.30 41.72
CA THR D 361 -9.59 -73.59 40.29
C THR D 361 -10.73 -72.79 39.78
N LEU D 362 -11.79 -72.70 40.56
CA LEU D 362 -12.95 -71.87 40.16
C LEU D 362 -12.58 -70.36 39.87
N LEU D 363 -12.00 -69.62 40.88
CA LEU D 363 -11.61 -68.20 40.64
C LEU D 363 -10.58 -68.08 39.48
N LYS D 364 -9.64 -69.03 39.43
CA LYS D 364 -8.64 -69.04 38.36
C LYS D 364 -9.27 -69.28 37.00
N ASP D 365 -10.39 -69.96 36.89
CA ASP D 365 -10.99 -70.01 35.56
C ASP D 365 -11.55 -68.59 35.18
N ALA D 366 -12.49 -68.03 35.94
CA ALA D 366 -12.95 -66.65 35.68
C ALA D 366 -11.84 -65.67 35.36
N LEU D 367 -10.86 -65.67 36.19
CA LEU D 367 -9.81 -64.78 35.90
C LEU D 367 -9.05 -65.21 34.67
N ASP D 368 -8.96 -66.60 34.31
CA ASP D 368 -8.45 -67.02 32.96
C ASP D 368 -9.20 -66.25 31.85
N GLN D 369 -10.53 -66.22 31.89
CA GLN D 369 -11.27 -65.56 30.80
C GLN D 369 -11.16 -64.05 30.85
N LYS D 370 -11.14 -63.50 32.05
CA LYS D 370 -10.91 -62.05 32.12
C LYS D 370 -9.55 -61.71 31.45
N VAL D 371 -8.57 -62.65 31.56
CA VAL D 371 -7.23 -62.52 30.91
C VAL D 371 -7.36 -62.63 29.41
N LEU D 372 -8.10 -63.63 28.92
CA LEU D 372 -8.22 -63.76 27.44
C LEU D 372 -8.95 -62.54 26.83
N ASP D 373 -9.86 -61.96 27.59
CA ASP D 373 -10.57 -60.79 27.05
C ASP D 373 -9.62 -59.56 27.07
N GLN D 374 -8.96 -59.30 28.23
CA GLN D 374 -8.15 -58.09 28.34
C GLN D 374 -6.99 -58.20 27.35
N LEU D 375 -6.35 -59.43 27.24
CA LEU D 375 -5.29 -59.68 26.27
C LEU D 375 -5.81 -59.61 24.76
N ALA D 376 -6.95 -60.31 24.38
CA ALA D 376 -7.42 -60.23 22.95
C ALA D 376 -7.83 -58.78 22.59
N ALA D 377 -8.48 -58.05 23.53
CA ALA D 377 -8.88 -56.63 23.24
C ALA D 377 -7.61 -55.69 23.09
N ARG D 378 -6.61 -55.89 23.89
CA ARG D 378 -5.46 -54.90 23.92
C ARG D 378 -4.41 -55.23 22.88
N TYR D 379 -4.36 -56.49 22.42
CA TYR D 379 -3.24 -56.88 21.63
C TYR D 379 -3.60 -57.46 20.21
N TRP D 380 -4.61 -58.30 20.12
CA TRP D 380 -4.83 -59.10 18.88
C TRP D 380 -5.65 -58.33 17.85
N ASN D 381 -5.88 -59.02 16.68
CA ASN D 381 -6.54 -58.39 15.48
C ASN D 381 -8.04 -58.20 15.74
N ARG D 382 -8.56 -57.24 15.05
CA ARG D 382 -9.97 -56.85 15.04
C ARG D 382 -10.73 -57.30 13.75
N PRO D 383 -11.99 -57.69 13.89
CA PRO D 383 -12.70 -58.37 12.82
C PRO D 383 -13.04 -57.54 11.60
N ILE D 384 -13.38 -58.25 10.53
CA ILE D 384 -13.69 -57.62 9.24
C ILE D 384 -15.22 -57.60 9.07
N GLU D 385 -15.78 -56.41 8.70
CA GLU D 385 -17.16 -56.35 8.42
C GLU D 385 -17.44 -56.23 6.94
N ASP D 386 -16.73 -55.34 6.29
CA ASP D 386 -17.06 -54.97 4.91
C ASP D 386 -15.86 -55.32 3.97
N LEU D 387 -15.93 -54.86 2.76
CA LEU D 387 -14.84 -55.14 1.76
C LEU D 387 -14.08 -53.86 1.41
N SER D 388 -13.88 -53.00 2.38
CA SER D 388 -13.13 -51.80 2.21
C SER D 388 -11.72 -51.93 2.72
N PRO D 389 -10.87 -51.09 2.30
CA PRO D 389 -9.50 -51.03 2.86
C PRO D 389 -9.51 -50.61 4.36
N ALA D 390 -8.73 -51.37 5.16
CA ALA D 390 -8.49 -51.11 6.55
C ALA D 390 -7.46 -50.01 6.75
N PRO D 391 -7.64 -49.14 7.70
CA PRO D 391 -6.51 -48.22 8.11
C PRO D 391 -5.36 -49.04 8.75
N ARG D 392 -4.23 -48.91 8.11
CA ARG D 392 -3.10 -49.75 8.56
C ARG D 392 -2.60 -49.21 9.90
N GLU D 393 -2.87 -49.93 11.01
CA GLU D 393 -2.51 -49.56 12.37
C GLU D 393 -0.95 -49.52 12.48
N PRO D 394 -0.45 -48.60 13.25
CA PRO D 394 0.99 -48.27 13.20
C PRO D 394 1.90 -49.47 13.65
N ASP D 395 1.67 -50.04 14.82
CA ASP D 395 2.41 -51.16 15.31
C ASP D 395 1.60 -52.42 15.20
N ASN D 396 2.29 -53.56 14.99
CA ASN D 396 1.64 -54.84 14.84
C ASN D 396 2.29 -55.85 15.80
N ILE D 397 1.53 -56.85 16.21
CA ILE D 397 2.02 -57.89 17.06
C ILE D 397 3.09 -58.78 16.40
N ILE D 398 3.15 -58.90 15.07
CA ILE D 398 4.16 -59.86 14.56
C ILE D 398 5.59 -59.35 14.81
N ASP D 399 5.78 -58.07 14.92
CA ASP D 399 7.04 -57.44 15.24
C ASP D 399 7.22 -57.12 16.72
N LEU D 400 6.47 -57.78 17.62
CA LEU D 400 6.69 -57.53 19.02
C LEU D 400 8.11 -58.04 19.50
N PRO D 401 8.55 -59.29 19.22
CA PRO D 401 9.86 -59.75 19.71
C PRO D 401 11.01 -58.91 19.23
N LYS D 402 10.91 -58.38 18.02
CA LYS D 402 11.90 -57.55 17.44
C LYS D 402 11.46 -56.10 17.53
N ALA D 403 11.42 -55.63 18.77
CA ALA D 403 10.92 -54.32 19.11
C ALA D 403 11.82 -53.68 20.12
N ASP D 404 11.85 -52.35 20.03
CA ASP D 404 12.72 -51.55 20.89
C ASP D 404 12.18 -51.75 22.31
N PRO D 405 13.00 -52.21 23.29
CA PRO D 405 12.51 -52.53 24.64
C PRO D 405 11.92 -51.34 25.37
N ASP D 406 12.44 -50.11 25.13
CA ASP D 406 11.84 -48.86 25.63
C ASP D 406 10.83 -48.26 24.66
N SER D 407 9.73 -49.01 24.42
CA SER D 407 8.70 -48.61 23.42
C SER D 407 7.54 -48.00 24.17
N PRO D 408 7.13 -46.76 23.83
CA PRO D 408 5.98 -46.20 24.53
C PRO D 408 4.65 -46.91 24.29
N TYR D 409 4.37 -47.39 23.07
CA TYR D 409 3.10 -48.09 22.80
C TYR D 409 2.97 -49.44 23.50
N TRP D 410 3.99 -50.30 23.39
CA TRP D 410 3.99 -51.58 24.11
C TRP D 410 3.94 -51.33 25.63
N HIS D 411 4.72 -50.37 26.15
CA HIS D 411 4.61 -50.11 27.58
C HIS D 411 3.21 -49.72 27.92
N ARG D 412 2.66 -48.72 27.16
CA ARG D 412 1.35 -48.29 27.56
C ARG D 412 0.32 -49.41 27.47
N GLN D 413 0.46 -50.31 26.46
CA GLN D 413 -0.57 -51.28 26.17
C GLN D 413 -0.64 -52.39 27.26
N LEU D 414 0.54 -52.94 27.71
CA LEU D 414 0.55 -53.90 28.81
C LEU D 414 0.14 -53.25 30.16
N ASP D 415 0.47 -51.96 30.31
CA ASP D 415 0.20 -51.26 31.48
C ASP D 415 -1.32 -51.04 31.67
N THR D 416 -2.07 -50.55 30.63
CA THR D 416 -3.47 -50.30 30.80
C THR D 416 -4.24 -51.55 30.85
N ALA D 417 -3.69 -52.62 30.24
CA ALA D 417 -4.24 -53.95 30.33
C ALA D 417 -4.23 -54.49 31.77
N CYS D 418 -3.10 -54.47 32.46
CA CYS D 418 -2.95 -54.84 33.89
C CYS D 418 -3.66 -53.96 34.84
N SER D 419 -3.51 -52.66 34.75
CA SER D 419 -4.30 -51.84 35.63
C SER D 419 -5.79 -52.11 35.44
N GLY D 420 -6.17 -52.46 34.25
CA GLY D 420 -7.54 -52.96 34.03
C GLY D 420 -7.85 -54.19 34.70
N LEU D 421 -7.03 -55.20 34.47
CA LEU D 421 -7.33 -56.51 35.03
C LEU D 421 -7.47 -56.38 36.56
N THR D 422 -6.60 -55.60 37.19
CA THR D 422 -6.61 -55.52 38.62
C THR D 422 -7.69 -54.62 39.19
N ARG D 423 -7.93 -53.46 38.50
CA ARG D 423 -8.97 -52.57 38.98
C ARG D 423 -10.36 -53.01 38.50
N LEU D 424 -10.64 -54.38 38.53
CA LEU D 424 -11.91 -54.97 38.21
C LEU D 424 -12.50 -55.51 39.46
N GLY D 425 -13.84 -55.62 39.50
CA GLY D 425 -14.52 -56.23 40.61
C GLY D 425 -14.14 -57.65 40.87
N VAL D 426 -12.87 -57.90 41.15
CA VAL D 426 -12.42 -59.28 41.46
C VAL D 426 -13.03 -59.73 42.80
N GLY D 427 -13.29 -58.80 43.69
CA GLY D 427 -14.10 -59.13 44.86
C GLY D 427 -15.49 -59.62 44.57
N ARG D 428 -16.26 -58.83 43.82
CA ARG D 428 -17.61 -59.20 43.51
C ARG D 428 -17.69 -60.43 42.59
N LEU D 429 -16.77 -60.53 41.62
CA LEU D 429 -16.65 -61.74 40.81
C LEU D 429 -16.44 -62.98 41.68
N ALA D 430 -15.42 -62.94 42.55
CA ALA D 430 -15.16 -64.07 43.40
C ALA D 430 -16.38 -64.36 44.24
N ALA D 431 -17.03 -63.27 44.80
CA ALA D 431 -18.25 -63.52 45.61
C ALA D 431 -19.33 -64.21 44.77
N THR D 432 -19.50 -63.78 43.52
CA THR D 432 -20.58 -64.33 42.71
C THR D 432 -20.26 -65.76 42.25
N VAL D 433 -18.98 -65.99 41.88
CA VAL D 433 -18.61 -67.33 41.34
C VAL D 433 -18.80 -68.33 42.39
N ALA D 434 -18.23 -68.07 43.55
CA ALA D 434 -18.41 -68.99 44.64
C ALA D 434 -19.89 -69.17 44.97
N ALA D 435 -20.68 -68.13 44.89
CA ALA D 435 -22.14 -68.22 45.21
C ALA D 435 -22.86 -69.10 44.21
N SER D 436 -22.70 -68.84 42.91
CA SER D 436 -23.37 -69.67 41.90
C SER D 436 -22.92 -71.09 42.05
N ALA D 437 -21.63 -71.34 42.43
CA ALA D 437 -21.13 -72.72 42.49
C ALA D 437 -21.76 -73.40 43.71
N ILE D 438 -21.71 -72.80 44.84
CA ILE D 438 -22.30 -73.43 46.04
C ILE D 438 -23.81 -73.66 45.83
N GLN D 439 -24.54 -72.61 45.30
CA GLN D 439 -26.01 -72.72 45.09
C GLN D 439 -26.30 -73.85 44.11
N GLN D 440 -25.39 -74.02 43.11
CA GLN D 440 -25.56 -75.10 42.16
C GLN D 440 -25.37 -76.45 42.77
N HIS D 441 -24.34 -76.59 43.61
CA HIS D 441 -24.16 -77.87 44.22
C HIS D 441 -25.38 -78.22 45.00
N VAL D 442 -25.92 -77.27 45.71
CA VAL D 442 -27.12 -77.49 46.53
C VAL D 442 -28.25 -77.90 45.66
N GLU D 443 -28.39 -77.30 44.42
CA GLU D 443 -29.56 -77.70 43.50
C GLU D 443 -29.40 -79.06 42.91
N LYS D 444 -28.13 -79.41 42.63
CA LYS D 444 -27.90 -80.75 42.08
C LYS D 444 -28.07 -81.79 43.16
N LEU D 445 -27.60 -81.47 44.40
CA LEU D 445 -27.80 -82.40 45.51
C LEU D 445 -29.27 -82.60 45.73
N LEU D 446 -30.04 -81.52 45.60
CA LEU D 446 -31.43 -81.52 45.82
C LEU D 446 -32.15 -82.37 44.84
N ASP D 447 -31.70 -82.38 43.55
CA ASP D 447 -32.31 -83.25 42.55
C ASP D 447 -32.03 -84.69 42.86
N LYS D 448 -30.83 -84.94 43.36
CA LYS D 448 -30.52 -86.34 43.66
C LYS D 448 -31.16 -86.75 44.95
N SER D 449 -31.72 -85.79 45.70
CA SER D 449 -32.15 -86.04 47.03
C SER D 449 -33.63 -86.57 47.08
N SER D 450 -34.11 -86.82 48.29
CA SER D 450 -35.44 -87.27 48.44
C SER D 450 -36.52 -86.14 48.24
N PHE D 451 -36.04 -84.89 48.16
CA PHE D 451 -36.97 -83.77 47.74
C PHE D 451 -37.03 -83.58 46.22
N ALA D 452 -36.87 -84.70 45.44
CA ALA D 452 -37.13 -84.63 44.01
C ALA D 452 -38.56 -84.20 43.77
N LYS D 453 -39.50 -84.88 44.33
CA LYS D 453 -40.84 -84.32 44.37
C LYS D 453 -40.98 -83.27 45.45
N HIS D 454 -42.22 -82.86 45.71
CA HIS D 454 -42.50 -81.72 46.63
C HIS D 454 -41.75 -80.39 46.25
N PRO D 455 -42.03 -79.82 45.09
CA PRO D 455 -41.25 -78.65 44.59
C PRO D 455 -41.37 -77.43 45.54
N SER D 456 -42.47 -77.34 46.34
CA SER D 456 -42.57 -76.26 47.36
C SER D 456 -41.46 -76.41 48.49
N ALA D 457 -41.30 -77.64 49.11
CA ALA D 457 -40.27 -77.86 50.09
C ALA D 457 -38.90 -77.80 49.49
N ARG D 458 -38.74 -78.28 48.23
CA ARG D 458 -37.50 -78.15 47.54
C ARG D 458 -37.11 -76.71 47.34
N LYS D 459 -38.09 -75.81 46.92
CA LYS D 459 -37.83 -74.37 46.89
C LYS D 459 -37.58 -73.81 48.28
N VAL D 460 -38.12 -74.45 49.32
CA VAL D 460 -37.86 -73.90 50.64
C VAL D 460 -36.41 -74.10 51.05
N ILE D 461 -35.83 -75.27 50.65
CA ILE D 461 -34.43 -75.59 50.92
C ILE D 461 -33.58 -74.69 49.99
N SER D 462 -33.89 -74.69 48.68
CA SER D 462 -33.13 -73.81 47.77
C SER D 462 -33.11 -72.35 48.25
N ASP D 463 -34.27 -71.75 48.49
CA ASP D 463 -34.32 -70.40 48.91
C ASP D 463 -33.68 -70.15 50.29
N ALA D 464 -33.58 -71.15 51.17
CA ALA D 464 -32.76 -71.03 52.34
C ALA D 464 -31.31 -70.88 51.95
N ALA D 465 -30.81 -71.73 51.08
CA ALA D 465 -29.42 -71.61 50.58
C ALA D 465 -29.19 -70.23 49.93
N ALA D 466 -30.18 -69.77 49.11
CA ALA D 466 -30.15 -68.49 48.37
C ALA D 466 -30.20 -67.28 49.32
N THR D 467 -31.06 -67.35 50.34
CA THR D 467 -31.02 -66.23 51.30
C THR D 467 -29.73 -66.16 52.17
N VAL D 468 -29.13 -67.33 52.45
CA VAL D 468 -27.89 -67.25 53.24
C VAL D 468 -26.74 -66.75 52.43
N LEU D 469 -26.54 -67.30 51.22
CA LEU D 469 -25.44 -66.71 50.39
C LEU D 469 -25.69 -65.24 50.01
N ALA D 470 -26.91 -64.85 49.72
CA ALA D 470 -27.18 -63.51 49.35
C ALA D 470 -26.97 -62.55 50.48
N ASP D 471 -27.15 -63.00 51.70
CA ASP D 471 -26.76 -62.20 52.88
C ASP D 471 -25.30 -61.93 52.99
N ARG D 472 -24.45 -63.02 52.86
CA ARG D 472 -23.04 -62.88 53.08
C ARG D 472 -22.30 -62.32 51.88
N SER D 473 -22.99 -62.05 50.70
CA SER D 473 -22.28 -61.69 49.50
C SER D 473 -21.45 -60.41 49.66
N TYR D 474 -22.08 -59.37 50.22
CA TYR D 474 -21.43 -57.99 50.29
C TYR D 474 -20.11 -58.01 51.15
N ALA D 475 -20.12 -58.54 52.32
CA ALA D 475 -18.93 -58.51 53.16
C ALA D 475 -17.81 -59.34 52.53
N THR D 476 -18.14 -60.52 51.98
CA THR D 476 -17.07 -61.23 51.26
C THR D 476 -16.45 -60.32 50.18
N SER D 477 -17.29 -59.64 49.38
CA SER D 477 -16.68 -58.87 48.31
C SER D 477 -15.82 -57.71 48.81
N ASP D 478 -16.43 -56.89 49.71
CA ASP D 478 -15.66 -55.77 50.22
C ASP D 478 -14.37 -56.19 50.93
N GLY D 479 -14.39 -57.37 51.64
CA GLY D 479 -13.17 -57.95 52.27
C GLY D 479 -12.15 -58.33 51.23
N ILE D 480 -12.64 -58.96 50.16
CA ILE D 480 -11.73 -59.47 49.15
C ILE D 480 -10.99 -58.32 48.49
N GLU D 481 -11.69 -57.21 48.19
CA GLU D 481 -11.00 -56.09 47.55
C GLU D 481 -9.99 -55.50 48.48
N ILE D 482 -10.35 -55.39 49.78
CA ILE D 482 -9.41 -54.72 50.73
C ILE D 482 -8.14 -55.62 50.94
N SER D 483 -8.33 -56.93 51.06
CA SER D 483 -7.21 -57.84 51.17
C SER D 483 -6.36 -57.83 49.82
N LEU D 484 -6.98 -57.58 48.61
CA LEU D 484 -6.23 -57.44 47.39
C LEU D 484 -5.60 -56.04 47.23
N LYS D 485 -5.93 -55.03 48.09
CA LYS D 485 -5.36 -53.71 47.98
C LYS D 485 -3.83 -53.69 47.87
N PRO D 486 -3.12 -54.54 48.58
CA PRO D 486 -1.60 -54.57 48.42
C PRO D 486 -1.12 -55.13 47.12
N TYR D 487 -1.79 -56.15 46.57
CA TYR D 487 -1.29 -56.70 45.24
C TYR D 487 -1.86 -55.97 44.03
N LYS D 488 -2.86 -55.13 44.21
CA LYS D 488 -3.15 -54.17 43.15
C LYS D 488 -2.02 -53.21 42.92
N PHE D 489 -1.32 -52.86 43.94
CA PHE D 489 -0.31 -51.79 43.83
C PHE D 489 0.99 -52.25 43.27
N ASP D 490 1.52 -53.39 43.80
CA ASP D 490 2.72 -53.99 43.31
C ASP D 490 2.62 -55.51 43.31
N PRO D 491 2.04 -56.09 42.25
CA PRO D 491 1.84 -57.51 42.14
C PRO D 491 3.18 -58.18 41.72
N ASP D 492 4.23 -57.97 42.60
CA ASP D 492 5.54 -58.43 42.28
C ASP D 492 5.54 -59.92 41.97
N ILE D 493 6.07 -60.23 40.81
CA ILE D 493 6.03 -61.54 40.20
C ILE D 493 7.36 -62.18 40.53
N GLN D 494 7.27 -63.39 41.09
CA GLN D 494 8.48 -64.20 41.43
C GLN D 494 8.77 -65.16 40.24
N PRO D 495 10.08 -65.48 40.06
CA PRO D 495 10.42 -66.35 38.89
C PRO D 495 9.64 -67.67 38.87
N ASN D 496 9.33 -68.24 40.05
CA ASN D 496 8.59 -69.43 40.05
C ASN D 496 7.19 -69.19 39.47
N GLU D 497 6.51 -68.12 39.95
CA GLU D 497 5.18 -67.82 39.39
C GLU D 497 5.32 -67.53 37.88
N TRP D 498 6.38 -66.80 37.47
CA TRP D 498 6.61 -66.58 36.05
C TRP D 498 6.64 -67.87 35.33
N ALA D 499 7.32 -68.90 35.85
CA ALA D 499 7.26 -70.22 35.19
C ALA D 499 5.87 -70.78 35.25
N GLN D 500 5.12 -70.71 36.36
CA GLN D 500 3.79 -71.23 36.39
C GLN D 500 2.92 -70.67 35.30
N GLY D 501 2.85 -69.32 35.26
CA GLY D 501 2.08 -68.70 34.21
C GLY D 501 2.52 -69.15 32.85
N ARG D 502 3.84 -69.39 32.70
CA ARG D 502 4.43 -69.84 31.43
C ARG D 502 3.78 -71.16 31.04
N GLU D 503 3.84 -72.11 31.93
CA GLU D 503 3.20 -73.42 31.75
C GLU D 503 1.67 -73.34 31.48
N HIS D 504 0.94 -72.35 32.09
CA HIS D 504 -0.53 -72.32 31.96
C HIS D 504 -0.90 -71.66 30.67
N VAL D 505 -0.14 -70.67 30.19
CA VAL D 505 -0.43 -70.01 28.91
C VAL D 505 -0.31 -70.91 27.72
N VAL D 506 0.57 -71.90 27.71
CA VAL D 506 0.73 -72.78 26.53
C VAL D 506 -0.57 -73.49 26.33
N GLY D 507 -1.08 -74.09 27.38
CA GLY D 507 -2.37 -74.76 27.39
C GLY D 507 -3.50 -73.86 26.98
N VAL D 508 -3.71 -72.75 27.71
CA VAL D 508 -4.92 -71.92 27.51
C VAL D 508 -4.98 -71.44 26.08
N LEU D 509 -3.87 -70.79 25.70
CA LEU D 509 -3.73 -70.23 24.33
C LEU D 509 -3.93 -71.28 23.26
N GLN D 510 -3.31 -72.45 23.38
CA GLN D 510 -3.45 -73.42 22.30
C GLN D 510 -4.91 -73.92 22.23
N ALA D 511 -5.65 -74.01 23.38
CA ALA D 511 -7.07 -74.40 23.32
C ALA D 511 -7.86 -73.38 22.47
N GLU D 512 -7.68 -72.06 22.70
CA GLU D 512 -8.25 -71.05 21.82
C GLU D 512 -7.78 -71.22 20.37
N LEU D 513 -6.55 -71.78 20.15
CA LEU D 513 -6.20 -72.07 18.75
C LEU D 513 -6.98 -73.21 18.17
N GLU D 514 -7.05 -74.38 18.90
CA GLU D 514 -7.71 -75.55 18.34
C GLU D 514 -9.13 -75.20 17.89
N GLN D 515 -9.91 -74.51 18.77
CA GLN D 515 -11.19 -74.14 18.39
C GLN D 515 -11.12 -73.30 17.11
N CYS D 516 -10.15 -72.41 16.98
CA CYS D 516 -10.01 -71.60 15.84
C CYS D 516 -9.79 -72.43 14.52
N GLN D 517 -8.85 -73.36 14.52
CA GLN D 517 -8.47 -74.11 13.28
C GLN D 517 -9.56 -75.11 12.91
N ALA D 518 -10.24 -75.68 13.94
CA ALA D 518 -11.29 -76.53 13.51
C ALA D 518 -12.42 -75.78 12.77
N ALA D 519 -12.66 -74.55 13.23
CA ALA D 519 -13.63 -73.77 12.56
C ALA D 519 -13.22 -73.42 11.14
N MET D 520 -11.96 -73.13 10.90
CA MET D 520 -11.49 -72.71 9.52
C MET D 520 -11.59 -73.92 8.50
N LYS D 521 -11.13 -75.09 8.93
CA LYS D 521 -11.09 -76.26 8.02
C LYS D 521 -12.54 -76.69 7.70
N ALA D 522 -13.41 -76.81 8.76
CA ALA D 522 -14.84 -77.08 8.49
C ALA D 522 -15.45 -75.94 7.65
N LEU D 523 -14.89 -74.72 7.74
CA LEU D 523 -15.27 -73.67 6.75
C LEU D 523 -14.85 -73.99 5.37
N GLU D 524 -13.66 -74.50 5.16
CA GLU D 524 -13.27 -74.92 3.84
C GLU D 524 -14.17 -76.03 3.29
N ASN D 525 -14.36 -77.09 4.08
CA ASN D 525 -15.08 -78.22 3.58
C ASN D 525 -16.55 -77.78 3.38
N SER D 526 -17.00 -76.73 4.11
CA SER D 526 -18.39 -76.26 3.95
C SER D 526 -18.55 -75.50 2.59
N VAL D 527 -17.55 -74.56 2.32
CA VAL D 527 -17.66 -73.79 1.09
C VAL D 527 -17.42 -74.62 -0.10
N GLY D 528 -16.61 -75.70 -0.01
CA GLY D 528 -16.39 -76.59 -1.08
C GLY D 528 -14.96 -77.05 -1.11
N GLY D 529 -14.27 -76.85 -2.19
CA GLY D 529 -12.84 -77.09 -2.21
C GLY D 529 -12.01 -76.11 -1.38
N ARG D 530 -10.93 -76.61 -0.84
CA ARG D 530 -9.96 -75.77 -0.25
C ARG D 530 -9.45 -74.66 -1.16
N LYS D 531 -9.25 -74.96 -2.44
CA LYS D 531 -8.74 -74.03 -3.43
C LYS D 531 -9.78 -72.95 -3.79
N LYS D 532 -11.07 -73.33 -3.65
CA LYS D 532 -12.17 -72.40 -3.93
C LYS D 532 -12.29 -71.32 -2.82
N LEU D 533 -12.32 -71.78 -1.55
CA LEU D 533 -12.19 -70.85 -0.47
C LEU D 533 -10.94 -70.05 -0.53
N LYS D 534 -9.84 -70.69 -1.06
CA LYS D 534 -8.63 -69.90 -1.25
C LYS D 534 -8.85 -68.78 -2.26
N GLU D 535 -9.62 -68.99 -3.32
CA GLU D 535 -9.83 -67.94 -4.30
C GLU D 535 -10.75 -66.82 -3.71
N VAL D 536 -11.74 -67.16 -2.94
CA VAL D 536 -12.54 -66.07 -2.34
C VAL D 536 -11.73 -65.34 -1.33
N MET D 537 -10.88 -66.02 -0.58
CA MET D 537 -9.90 -65.28 0.29
C MET D 537 -8.94 -64.38 -0.44
N SER D 538 -8.56 -64.85 -1.61
CA SER D 538 -7.72 -64.04 -2.50
C SER D 538 -8.47 -62.79 -3.01
N PHE D 539 -9.74 -62.91 -3.32
CA PHE D 539 -10.51 -61.79 -3.82
C PHE D 539 -10.87 -60.79 -2.74
N VAL D 540 -11.13 -61.28 -1.53
CA VAL D 540 -11.35 -60.37 -0.45
C VAL D 540 -10.04 -59.68 0.02
N ASP D 541 -8.97 -60.39 -0.12
CA ASP D 541 -7.66 -59.71 0.15
C ASP D 541 -7.38 -58.62 -0.87
N LYS D 542 -7.63 -58.90 -2.15
CA LYS D 542 -7.50 -57.91 -3.25
C LYS D 542 -8.41 -56.67 -3.00
N ALA D 543 -9.68 -56.91 -2.57
CA ALA D 543 -10.57 -55.78 -2.34
C ALA D 543 -10.12 -54.98 -1.11
N ARG D 544 -9.38 -55.61 -0.21
CA ARG D 544 -8.93 -55.03 1.08
C ARG D 544 -7.69 -54.15 0.88
N LYS D 545 -6.87 -54.56 -0.06
CA LYS D 545 -5.81 -53.73 -0.57
C LYS D 545 -6.34 -52.70 -1.61
N GLY D 546 -5.45 -52.07 -2.29
CA GLY D 546 -5.80 -51.13 -3.32
C GLY D 546 -6.16 -51.75 -4.63
N GLU D 547 -6.01 -53.03 -4.81
CA GLU D 547 -6.04 -53.68 -6.21
C GLU D 547 -7.47 -53.64 -6.85
N ILE D 548 -8.51 -53.60 -6.07
CA ILE D 548 -9.89 -53.69 -6.63
C ILE D 548 -10.84 -53.05 -5.69
N ILE D 549 -11.93 -52.52 -6.25
CA ILE D 549 -12.96 -51.89 -5.52
C ILE D 549 -14.25 -52.57 -5.93
N VAL D 550 -15.17 -52.56 -4.95
CA VAL D 550 -16.52 -53.08 -5.23
C VAL D 550 -17.64 -52.08 -5.04
N GLU D 551 -17.46 -50.98 -4.26
CA GLU D 551 -18.42 -49.90 -4.16
C GLU D 551 -19.74 -50.28 -3.48
N GLY D 552 -19.80 -51.41 -2.89
CA GLY D 552 -21.05 -51.95 -2.48
C GLY D 552 -21.03 -52.32 -1.00
N ASP D 553 -22.13 -52.08 -0.35
CA ASP D 553 -22.29 -52.55 0.98
C ASP D 553 -22.85 -53.97 0.99
N HIS D 554 -23.75 -54.32 -0.03
CA HIS D 554 -24.32 -55.62 -0.17
C HIS D 554 -23.99 -56.09 -1.51
N PRO D 555 -22.76 -56.64 -1.74
CA PRO D 555 -22.35 -57.05 -3.08
C PRO D 555 -22.88 -58.45 -3.47
N SER D 556 -23.75 -58.48 -4.45
CA SER D 556 -24.41 -59.71 -4.77
C SER D 556 -23.52 -60.61 -5.61
N GLY D 557 -22.93 -60.09 -6.64
CA GLY D 557 -21.96 -60.88 -7.37
C GLY D 557 -20.83 -60.03 -7.83
N ALA D 558 -19.62 -60.36 -7.38
CA ALA D 558 -18.45 -59.63 -7.78
C ALA D 558 -17.30 -60.65 -8.07
N GLY D 559 -16.71 -60.54 -9.26
CA GLY D 559 -15.69 -61.52 -9.69
C GLY D 559 -16.21 -62.91 -9.84
N GLY D 560 -17.57 -63.04 -9.86
CA GLY D 560 -18.21 -64.32 -10.01
C GLY D 560 -18.57 -65.02 -8.69
N PHE D 561 -18.85 -64.32 -7.65
CA PHE D 561 -19.12 -64.89 -6.34
C PHE D 561 -20.46 -64.36 -5.84
N SER D 562 -21.18 -65.24 -5.19
CA SER D 562 -22.52 -64.92 -4.73
C SER D 562 -22.43 -64.22 -3.36
N ALA D 563 -23.59 -63.55 -2.98
CA ALA D 563 -23.62 -62.75 -1.85
C ALA D 563 -23.23 -63.52 -0.60
N ALA D 564 -23.65 -64.82 -0.53
CA ALA D 564 -23.26 -65.65 0.56
C ALA D 564 -21.68 -66.02 0.53
N LEU D 565 -21.10 -66.14 -0.70
CA LEU D 565 -19.69 -66.49 -0.78
C LEU D 565 -18.81 -65.36 -0.31
N LEU D 566 -19.15 -64.10 -0.60
CA LEU D 566 -18.41 -62.97 -0.10
C LEU D 566 -18.35 -62.98 1.40
N ALA D 567 -19.52 -63.10 2.17
CA ALA D 567 -19.47 -63.25 3.54
C ALA D 567 -18.52 -64.39 3.94
N ARG D 568 -18.61 -65.58 3.34
CA ARG D 568 -17.73 -66.69 3.82
C ARG D 568 -16.25 -66.28 3.69
N GLY D 569 -15.89 -65.49 2.71
CA GLY D 569 -14.50 -65.17 2.46
C GLY D 569 -14.00 -64.25 3.61
N ARG D 570 -14.80 -63.17 3.92
CA ARG D 570 -14.44 -62.22 4.97
C ARG D 570 -14.21 -62.98 6.25
N GLU D 571 -15.12 -63.96 6.55
CA GLU D 571 -15.00 -64.80 7.71
C GLU D 571 -13.70 -65.51 7.75
N ALA D 572 -13.31 -66.07 6.59
CA ALA D 572 -12.17 -66.90 6.42
C ALA D 572 -10.91 -66.11 6.62
N VAL D 573 -10.91 -64.87 6.11
CA VAL D 573 -9.84 -63.97 6.36
C VAL D 573 -9.67 -63.69 7.88
N PHE D 574 -10.73 -63.26 8.54
CA PHE D 574 -10.62 -63.07 10.00
C PHE D 574 -9.94 -64.24 10.64
N LEU D 575 -10.50 -65.47 10.40
CA LEU D 575 -10.00 -66.65 11.07
C LEU D 575 -8.56 -66.86 10.71
N ARG D 576 -8.17 -66.58 9.43
CA ARG D 576 -6.76 -66.72 9.18
C ARG D 576 -5.91 -65.84 10.08
N ASP D 577 -6.27 -64.54 10.11
CA ASP D 577 -5.37 -63.63 10.82
C ASP D 577 -5.25 -64.02 12.30
N ARG D 578 -6.44 -64.28 12.98
CA ARG D 578 -6.45 -64.66 14.41
C ARG D 578 -5.69 -65.94 14.65
N ALA D 579 -5.72 -66.90 13.69
CA ALA D 579 -5.03 -68.16 13.93
C ALA D 579 -3.49 -67.93 13.89
N ASP D 580 -3.04 -67.18 12.86
CA ASP D 580 -1.60 -66.87 12.73
C ASP D 580 -1.17 -66.10 14.01
N ILE D 581 -1.97 -65.18 14.52
CA ILE D 581 -1.58 -64.49 15.72
C ILE D 581 -1.48 -65.45 16.88
N LEU D 582 -2.43 -66.32 17.04
CA LEU D 582 -2.40 -67.19 18.16
C LEU D 582 -1.20 -68.16 18.17
N SER D 583 -0.91 -68.80 16.98
CA SER D 583 0.25 -69.64 16.86
C SER D 583 1.53 -68.93 17.19
N LEU D 584 1.73 -67.83 16.56
CA LEU D 584 2.93 -67.08 16.77
C LEU D 584 3.18 -66.68 18.20
N ARG D 585 2.10 -66.34 18.95
CA ARG D 585 2.22 -66.05 20.47
C ARG D 585 2.44 -67.30 21.25
N ILE D 586 1.91 -68.45 20.77
CA ILE D 586 2.25 -69.71 21.34
C ILE D 586 3.78 -70.00 21.23
N GLN D 587 4.30 -70.00 19.99
CA GLN D 587 5.72 -70.22 19.79
C GLN D 587 6.54 -69.19 20.58
N ALA D 588 6.00 -67.90 20.62
CA ALA D 588 6.66 -66.88 21.43
C ALA D 588 6.64 -67.30 22.93
N ALA D 589 5.52 -67.92 23.37
CA ALA D 589 5.42 -68.27 24.82
C ALA D 589 6.31 -69.46 25.11
N LYS D 590 6.67 -70.24 24.11
CA LYS D 590 7.63 -71.34 24.33
C LYS D 590 9.02 -70.92 24.06
N SER D 591 9.24 -69.67 23.49
CA SER D 591 10.56 -69.14 23.09
C SER D 591 11.52 -69.10 24.30
N ARG D 592 12.84 -68.92 24.05
CA ARG D 592 13.74 -68.71 25.15
C ARG D 592 13.58 -67.29 25.75
N GLN D 593 13.06 -66.34 24.97
CA GLN D 593 12.98 -64.96 25.44
C GLN D 593 11.94 -64.79 26.50
N CYS D 594 10.84 -65.52 26.45
CA CYS D 594 9.86 -65.50 27.46
C CYS D 594 10.14 -66.38 28.68
N LYS D 595 11.23 -67.13 28.73
CA LYS D 595 11.50 -67.90 29.94
C LYS D 595 11.90 -67.04 31.10
N THR D 596 12.61 -65.99 30.81
CA THR D 596 13.11 -65.14 31.87
C THR D 596 12.05 -64.08 32.25
N LEU D 597 12.10 -63.66 33.50
CA LEU D 597 11.13 -62.76 34.02
C LEU D 597 11.33 -61.32 33.54
N THR D 598 12.53 -61.05 33.03
CA THR D 598 12.94 -59.70 32.71
C THR D 598 12.18 -59.09 31.56
N ASN D 599 11.71 -59.83 30.61
CA ASN D 599 10.99 -59.33 29.47
C ASN D 599 9.45 -59.41 29.70
N LYS D 600 9.02 -58.70 30.74
CA LYS D 600 7.53 -58.69 31.12
C LYS D 600 6.72 -57.99 30.01
N TYR D 601 7.10 -56.79 29.54
CA TYR D 601 6.37 -56.15 28.46
C TYR D 601 6.49 -56.87 27.14
N TYR D 602 7.48 -57.80 26.94
CA TYR D 602 7.57 -58.66 25.80
C TYR D 602 6.63 -59.85 25.88
N CYS D 603 6.17 -60.27 27.00
CA CYS D 603 5.53 -61.53 27.17
C CYS D 603 4.15 -61.35 27.86
N PRO D 604 3.18 -60.70 27.21
CA PRO D 604 1.96 -60.24 27.96
C PRO D 604 1.04 -61.40 28.38
N GLU D 605 1.04 -62.46 27.60
CA GLU D 605 0.29 -63.71 28.02
C GLU D 605 0.80 -64.23 29.36
N VAL D 606 2.10 -64.45 29.42
CA VAL D 606 2.67 -65.02 30.68
C VAL D 606 2.48 -64.04 31.90
N PHE D 607 2.66 -62.71 31.71
CA PHE D 607 2.55 -61.82 32.82
C PHE D 607 1.12 -61.69 33.36
N LEU D 608 0.12 -61.52 32.45
CA LEU D 608 -1.28 -61.42 32.81
C LEU D 608 -1.82 -62.67 33.40
N ASP D 609 -1.26 -63.86 32.99
CA ASP D 609 -1.55 -65.09 33.75
C ASP D 609 -0.98 -65.07 35.18
N ALA D 610 0.19 -64.58 35.36
CA ALA D 610 0.79 -64.58 36.68
C ALA D 610 0.04 -63.70 37.63
N VAL D 611 -0.34 -62.50 37.19
CA VAL D 611 -1.17 -61.66 38.01
C VAL D 611 -2.56 -62.34 38.30
N ALA D 612 -3.04 -63.12 37.39
CA ALA D 612 -4.32 -63.72 37.61
C ALA D 612 -4.24 -64.82 38.68
N THR D 613 -3.24 -65.76 38.55
CA THR D 613 -3.10 -66.77 39.52
C THR D 613 -2.94 -66.21 41.00
N LYS D 614 -2.26 -65.06 41.14
CA LYS D 614 -1.95 -64.49 42.45
C LYS D 614 -3.19 -63.98 43.14
N LEU D 615 -3.86 -63.05 42.43
CA LEU D 615 -5.13 -62.50 42.94
C LEU D 615 -6.18 -63.65 43.24
N ALA D 616 -6.22 -64.64 42.38
CA ALA D 616 -7.06 -65.81 42.72
C ALA D 616 -6.75 -66.39 44.17
N GLN D 617 -5.47 -66.60 44.51
CA GLN D 617 -5.16 -67.39 45.71
C GLN D 617 -5.38 -66.54 46.96
N THR D 618 -4.82 -65.29 47.02
CA THR D 618 -5.02 -64.52 48.20
C THR D 618 -6.54 -64.17 48.40
N ALA D 619 -7.23 -63.91 47.28
CA ALA D 619 -8.68 -63.82 47.37
C ALA D 619 -9.38 -65.13 47.81
N VAL D 620 -8.88 -66.26 47.40
CA VAL D 620 -9.52 -67.50 47.69
C VAL D 620 -9.50 -67.86 49.16
N LEU D 621 -8.42 -67.45 49.80
CA LEU D 621 -8.31 -67.72 51.25
C LEU D 621 -9.42 -67.04 52.08
N PHE D 622 -9.55 -65.70 51.88
CA PHE D 622 -10.59 -64.93 52.49
C PHE D 622 -11.94 -65.34 52.04
N LEU D 623 -12.12 -65.68 50.80
CA LEU D 623 -13.44 -66.12 50.38
C LEU D 623 -13.81 -67.39 51.10
N ASN D 624 -12.84 -68.30 51.24
CA ASN D 624 -13.14 -69.58 51.94
C ASN D 624 -13.61 -69.39 53.39
N VAL D 625 -12.87 -68.57 54.09
CA VAL D 625 -13.17 -68.16 55.46
C VAL D 625 -14.49 -67.44 55.55
N GLU D 626 -14.60 -66.34 54.85
CA GLU D 626 -15.76 -65.36 55.03
C GLU D 626 -17.07 -65.96 54.60
N MET D 627 -17.05 -66.64 53.45
CA MET D 627 -18.26 -67.16 52.82
C MET D 627 -18.48 -68.60 53.01
N LEU D 628 -17.38 -69.44 52.87
CA LEU D 628 -17.64 -70.87 52.82
C LEU D 628 -18.08 -71.38 54.18
N ASN D 629 -17.33 -71.05 55.24
CA ASN D 629 -17.73 -71.59 56.53
C ASN D 629 -18.99 -70.99 57.01
N ASP D 630 -19.23 -69.72 56.63
CA ASP D 630 -20.49 -69.20 56.96
C ASP D 630 -21.68 -69.97 56.37
N PHE D 631 -21.53 -70.49 55.15
CA PHE D 631 -22.65 -71.27 54.65
C PHE D 631 -22.82 -72.62 55.38
N TYR D 632 -21.70 -73.29 55.69
CA TYR D 632 -21.75 -74.58 56.42
C TYR D 632 -22.53 -74.44 57.73
N VAL D 633 -22.37 -73.31 58.49
CA VAL D 633 -23.03 -73.22 59.81
C VAL D 633 -24.42 -72.62 59.75
N ARG D 634 -24.70 -71.68 58.81
CA ARG D 634 -26.07 -71.04 58.75
C ARG D 634 -27.02 -71.96 58.00
N PHE D 635 -26.50 -72.75 56.99
CA PHE D 635 -27.44 -73.51 56.19
C PHE D 635 -28.35 -74.41 57.00
N PRO D 636 -27.76 -75.34 57.77
CA PRO D 636 -28.68 -76.38 58.38
C PRO D 636 -29.68 -75.80 59.27
N ARG D 637 -29.28 -74.78 60.06
CA ARG D 637 -30.24 -74.12 60.97
C ARG D 637 -31.30 -73.49 60.15
N GLU D 638 -30.95 -72.95 58.96
CA GLU D 638 -31.92 -72.25 58.21
C GLU D 638 -32.90 -73.18 57.57
N VAL D 639 -32.43 -74.38 57.20
CA VAL D 639 -33.27 -75.36 56.49
C VAL D 639 -34.31 -75.86 57.41
N GLU D 640 -33.86 -76.24 58.65
CA GLU D 640 -34.81 -76.71 59.65
C GLU D 640 -35.81 -75.70 60.01
N ALA D 641 -35.34 -74.49 60.42
CA ALA D 641 -36.29 -73.40 60.81
C ALA D 641 -37.27 -73.12 59.71
N LYS D 642 -36.82 -73.00 58.47
CA LYS D 642 -37.73 -72.60 57.41
C LYS D 642 -38.67 -73.70 57.02
N LEU D 643 -38.20 -74.96 57.06
CA LEU D 643 -39.11 -76.10 56.67
C LEU D 643 -40.17 -76.26 57.73
N HIS D 644 -39.77 -76.12 59.01
CA HIS D 644 -40.78 -76.31 60.11
C HIS D 644 -41.72 -75.08 60.21
N GLU D 645 -41.23 -73.86 59.95
CA GLU D 645 -42.14 -72.66 59.83
C GLU D 645 -43.04 -72.84 58.58
N HIS D 646 -42.54 -73.35 57.50
CA HIS D 646 -43.36 -73.50 56.23
C HIS D 646 -44.47 -74.49 56.36
N MET D 647 -44.23 -75.64 56.96
CA MET D 647 -45.20 -76.70 57.12
C MET D 647 -46.37 -76.22 58.07
N HIS D 648 -46.00 -75.59 59.13
CA HIS D 648 -46.99 -75.28 60.16
C HIS D 648 -47.69 -73.93 59.97
N ALA D 649 -46.92 -72.88 59.60
CA ALA D 649 -47.57 -71.57 59.28
C ALA D 649 -48.30 -71.66 57.92
N GLY D 650 -47.72 -72.36 56.94
CA GLY D 650 -48.38 -72.39 55.58
C GLY D 650 -49.38 -73.51 55.33
N GLY D 651 -49.49 -74.46 56.26
CA GLY D 651 -50.39 -75.64 56.07
C GLY D 651 -49.90 -76.56 54.94
N GLY D 652 -48.63 -76.40 54.52
CA GLY D 652 -47.99 -77.22 53.52
C GLY D 652 -47.53 -78.60 53.97
N LEU D 653 -47.74 -78.96 55.25
CA LEU D 653 -47.52 -80.35 55.66
C LEU D 653 -48.59 -81.28 55.10
N GLU D 654 -49.84 -80.80 55.16
CA GLU D 654 -50.93 -81.53 54.49
C GLU D 654 -50.74 -81.59 53.03
N LYS D 655 -50.34 -80.51 52.44
CA LYS D 655 -50.01 -80.55 50.97
C LYS D 655 -48.90 -81.52 50.69
N PHE D 656 -47.84 -81.49 51.53
CA PHE D 656 -46.65 -82.32 51.34
C PHE D 656 -47.12 -83.76 51.22
N ALA D 657 -48.05 -84.16 52.09
CA ALA D 657 -48.57 -85.51 51.99
C ALA D 657 -49.47 -85.67 50.80
N ARG D 658 -50.33 -84.67 50.54
CA ARG D 658 -51.28 -84.76 49.41
C ARG D 658 -50.56 -84.93 48.04
N GLU D 659 -49.28 -84.61 47.90
CA GLU D 659 -48.66 -84.47 46.56
C GLU D 659 -48.29 -85.87 46.03
N ASP D 660 -47.73 -86.70 46.87
CA ASP D 660 -47.29 -87.99 46.42
C ASP D 660 -48.55 -88.83 46.31
N PRO D 661 -48.77 -89.49 45.20
CA PRO D 661 -50.00 -90.26 44.99
C PRO D 661 -50.10 -91.42 45.95
N LYS D 662 -48.98 -92.15 46.16
CA LYS D 662 -48.99 -93.26 47.04
C LYS D 662 -49.30 -92.84 48.48
N VAL D 663 -48.52 -91.92 49.04
CA VAL D 663 -48.83 -91.54 50.39
C VAL D 663 -50.32 -91.04 50.48
N ARG D 664 -50.88 -90.49 49.39
CA ARG D 664 -52.18 -89.89 49.46
C ARG D 664 -53.26 -90.99 49.74
N ARG D 665 -53.29 -92.04 48.94
CA ARG D 665 -54.13 -93.21 49.19
C ARG D 665 -53.84 -93.80 50.58
N HIS D 666 -52.55 -93.78 51.03
CA HIS D 666 -52.17 -94.38 52.35
C HIS D 666 -52.89 -93.72 53.46
N LEU D 667 -52.70 -92.40 53.53
CA LEU D 667 -53.37 -91.64 54.62
C LEU D 667 -54.82 -91.59 54.50
N ASP D 668 -55.42 -91.50 53.31
CA ASP D 668 -56.86 -91.59 53.23
C ASP D 668 -57.36 -92.97 53.63
N LEU D 669 -56.68 -94.05 53.37
CA LEU D 669 -57.02 -95.40 53.78
C LEU D 669 -57.05 -95.59 55.31
N ILE D 670 -56.06 -94.95 56.00
CA ILE D 670 -56.00 -94.97 57.45
C ILE D 670 -57.21 -94.25 58.03
N ARG D 671 -57.54 -93.12 57.48
CA ARG D 671 -58.67 -92.35 58.07
C ARG D 671 -60.06 -93.08 57.90
N ARG D 672 -60.33 -93.68 56.73
CA ARG D 672 -61.59 -94.41 56.55
C ARG D 672 -61.66 -95.70 57.40
N LYS D 673 -60.56 -96.46 57.46
CA LYS D 673 -60.68 -97.64 58.27
C LYS D 673 -60.98 -97.25 59.75
N GLU D 674 -60.34 -96.22 60.25
CA GLU D 674 -60.47 -95.87 61.66
C GLU D 674 -61.89 -95.32 62.01
N LEU D 675 -62.49 -94.63 61.01
CA LEU D 675 -63.89 -94.18 61.15
C LEU D 675 -64.77 -95.41 61.33
N LEU D 676 -64.69 -96.40 60.44
CA LEU D 676 -65.58 -97.55 60.66
C LEU D 676 -65.32 -98.32 61.98
N GLU D 677 -64.10 -98.31 62.44
CA GLU D 677 -63.82 -98.98 63.70
C GLU D 677 -64.40 -98.25 64.88
N THR D 678 -64.15 -96.99 64.97
CA THR D 678 -64.70 -96.25 66.18
C THR D 678 -66.25 -96.25 66.19
N VAL D 679 -66.85 -96.33 65.00
CA VAL D 679 -68.28 -96.65 64.81
C VAL D 679 -68.70 -98.01 65.43
N LEU D 680 -68.01 -99.07 65.04
CA LEU D 680 -68.36 -100.36 65.49
C LEU D 680 -68.13 -100.40 67.03
N GLY D 681 -67.17 -99.69 67.48
CA GLY D 681 -66.95 -99.49 68.95
C GLY D 681 -68.12 -98.79 69.63
N LYS D 682 -68.58 -97.71 69.03
CA LYS D 682 -69.70 -96.99 69.61
C LYS D 682 -70.96 -97.92 69.70
N ILE D 683 -71.20 -98.69 68.71
CA ILE D 683 -72.36 -99.58 68.70
C ILE D 683 -72.16 -100.69 69.72
N GLU D 684 -70.99 -101.25 69.83
CA GLU D 684 -70.69 -102.27 70.85
C GLU D 684 -70.97 -101.75 72.21
N GLU D 685 -70.52 -100.53 72.46
CA GLU D 685 -70.70 -99.87 73.74
C GLU D 685 -72.17 -99.59 74.00
N LEU D 686 -72.91 -99.34 72.95
CA LEU D 686 -74.31 -99.10 73.10
C LEU D 686 -74.96 -100.38 73.60
N HIS D 687 -74.63 -101.53 73.01
CA HIS D 687 -75.14 -102.77 73.60
C HIS D 687 -74.69 -102.98 75.05
N ARG D 688 -73.46 -102.43 75.46
CA ARG D 688 -73.00 -102.57 76.84
C ARG D 688 -73.71 -101.65 77.87
N ILE D 689 -74.01 -100.45 77.49
CA ILE D 689 -74.67 -99.57 78.48
C ILE D 689 -76.11 -99.94 78.66
N SER D 690 -76.78 -100.45 77.57
CA SER D 690 -78.18 -100.79 77.69
C SER D 690 -78.31 -102.30 77.45
N SER D 691 -78.76 -103.02 78.49
CA SER D 691 -78.93 -104.47 78.45
C SER D 691 -79.77 -104.93 77.34
N GLY D 692 -80.91 -104.30 77.12
CA GLY D 692 -81.74 -104.53 76.00
C GLY D 692 -81.74 -103.39 75.06
N ASP E 6 36.30 75.60 -82.28
CA ASP E 6 37.62 75.02 -81.97
C ASP E 6 37.45 73.66 -81.34
N ASP E 7 36.48 73.02 -81.92
CA ASP E 7 35.89 71.76 -81.58
C ASP E 7 37.00 70.67 -81.65
N ASN E 8 37.78 70.69 -82.75
CA ASN E 8 38.84 69.69 -82.99
C ASN E 8 39.79 69.65 -81.77
N MET E 9 39.94 70.83 -81.12
CA MET E 9 40.70 70.98 -79.88
C MET E 9 40.18 70.28 -78.76
N MET E 10 38.90 70.35 -78.49
CA MET E 10 38.39 69.63 -77.36
C MET E 10 38.51 68.19 -77.69
N PHE E 11 38.18 67.81 -78.89
CA PHE E 11 37.92 66.42 -79.20
C PHE E 11 39.07 65.50 -79.08
N ILE E 12 40.26 66.03 -79.22
CA ILE E 12 41.38 65.13 -79.11
C ILE E 12 41.35 64.64 -77.67
N THR E 13 41.03 65.56 -76.75
CA THR E 13 40.99 65.18 -75.39
C THR E 13 39.99 64.12 -75.14
N LYS E 14 38.79 64.31 -75.78
CA LYS E 14 37.71 63.33 -75.51
C LYS E 14 38.11 61.96 -75.95
N LYS E 15 38.73 61.78 -77.15
CA LYS E 15 39.09 60.41 -77.54
C LYS E 15 40.12 59.83 -76.63
N MET E 16 41.08 60.65 -76.20
CA MET E 16 42.09 60.13 -75.32
C MET E 16 41.41 59.69 -74.07
N ILE E 17 40.31 60.32 -73.63
CA ILE E 17 39.77 59.96 -72.37
C ILE E 17 39.02 58.59 -72.49
N GLU E 18 38.45 58.26 -73.65
CA GLU E 18 37.78 57.02 -73.75
C GLU E 18 38.90 55.99 -73.75
N ILE E 19 40.06 56.37 -74.32
CA ILE E 19 41.21 55.41 -74.29
C ILE E 19 41.75 55.11 -72.90
N ARG E 20 41.81 56.14 -72.09
CA ARG E 20 42.14 55.95 -70.69
C ARG E 20 41.10 54.93 -70.12
N ASN E 21 39.85 55.12 -70.37
CA ASN E 21 38.88 54.22 -69.79
C ASN E 21 39.18 52.75 -70.17
N LEU E 22 39.35 52.42 -71.43
CA LEU E 22 39.66 51.02 -71.76
C LEU E 22 40.97 50.46 -71.23
N LEU E 23 42.06 51.22 -71.20
CA LEU E 23 43.28 50.67 -70.68
C LEU E 23 42.94 50.27 -69.19
N GLN E 24 42.28 51.21 -68.49
CA GLN E 24 41.84 50.89 -67.14
C GLN E 24 41.08 49.59 -67.07
N LYS E 25 40.21 49.40 -68.02
CA LYS E 25 39.32 48.22 -67.95
C LYS E 25 39.82 46.94 -68.61
N VAL E 26 41.13 46.94 -69.06
CA VAL E 26 41.61 45.69 -69.76
C VAL E 26 41.76 44.40 -69.03
N GLY E 27 42.24 44.37 -67.78
CA GLY E 27 42.39 43.12 -67.10
C GLY E 27 43.18 43.32 -65.84
N GLN E 28 43.66 42.20 -65.34
CA GLN E 28 44.52 42.21 -64.17
C GLN E 28 45.94 42.76 -64.38
N GLY E 29 46.54 42.34 -65.46
CA GLY E 29 47.96 42.60 -65.79
C GLY E 29 48.10 43.83 -66.58
N SER E 30 47.00 44.63 -66.60
CA SER E 30 46.97 45.85 -67.30
C SER E 30 47.47 46.84 -66.30
N THR E 31 48.75 46.70 -65.97
CA THR E 31 49.34 47.60 -65.06
C THR E 31 49.18 48.97 -65.76
N VAL E 32 49.31 48.93 -67.08
CA VAL E 32 49.38 50.13 -67.98
C VAL E 32 48.17 51.17 -68.01
N THR E 33 48.50 52.45 -67.99
CA THR E 33 47.42 53.48 -68.18
C THR E 33 47.80 54.88 -68.71
N LEU E 34 46.79 55.72 -68.99
CA LEU E 34 46.92 57.13 -69.40
C LEU E 34 46.66 58.06 -68.15
N PRO E 35 47.49 59.16 -68.08
CA PRO E 35 47.34 59.98 -66.82
C PRO E 35 46.17 60.86 -66.72
N SER E 36 46.05 61.26 -65.73
CA SER E 36 44.80 62.05 -65.47
C SER E 36 45.09 62.96 -64.24
N ILE E 37 44.16 63.82 -63.88
CA ILE E 37 44.31 64.83 -62.82
C ILE E 37 43.93 64.17 -61.49
N VAL E 38 44.84 64.34 -60.54
CA VAL E 38 44.63 63.92 -59.19
C VAL E 38 44.41 65.17 -58.29
N VAL E 39 43.37 65.25 -57.49
CA VAL E 39 43.07 66.39 -56.69
C VAL E 39 43.46 66.03 -55.28
N ILE E 40 44.22 66.94 -54.57
CA ILE E 40 44.54 66.80 -53.17
C ILE E 40 44.41 68.17 -52.44
N GLY E 41 43.95 68.08 -51.12
CA GLY E 41 43.73 69.31 -50.32
C GLY E 41 43.55 69.02 -48.78
N SER E 42 44.22 69.78 -48.01
CA SER E 42 44.13 69.65 -46.56
C SER E 42 42.68 69.95 -46.14
N GLN E 43 42.37 69.71 -44.90
CA GLN E 43 40.97 69.89 -44.38
C GLN E 43 40.28 71.23 -44.63
N SER E 44 40.90 72.36 -44.35
CA SER E 44 40.28 73.66 -44.74
C SER E 44 40.43 73.65 -46.29
N SER E 45 41.62 73.32 -46.69
CA SER E 45 41.94 73.23 -48.12
C SER E 45 41.16 72.19 -48.78
N GLY E 46 41.00 70.99 -48.13
CA GLY E 46 40.22 69.91 -48.86
C GLY E 46 38.77 70.26 -49.12
N LYS E 47 38.17 71.01 -48.17
CA LYS E 47 36.81 71.44 -48.32
C LYS E 47 36.78 72.41 -49.48
N SER E 48 37.81 73.27 -49.52
CA SER E 48 37.82 74.28 -50.59
C SER E 48 37.82 73.55 -51.94
N SER E 49 38.61 72.52 -51.99
CA SER E 49 38.81 71.65 -53.12
C SER E 49 37.47 71.03 -53.53
N VAL E 50 36.67 70.55 -52.60
CA VAL E 50 35.39 69.94 -53.04
C VAL E 50 34.46 70.98 -53.65
N LEU E 51 34.37 72.12 -52.99
CA LEU E 51 33.44 73.15 -53.43
C LEU E 51 33.80 73.52 -54.87
N GLU E 52 35.09 73.63 -55.10
CA GLU E 52 35.68 74.04 -56.39
C GLU E 52 35.36 73.00 -57.45
N ALA E 53 35.48 71.75 -57.07
CA ALA E 53 35.16 70.71 -58.05
C ALA E 53 33.73 70.94 -58.45
N ILE E 54 32.90 71.21 -57.47
CA ILE E 54 31.50 71.32 -57.82
C ILE E 54 31.24 72.52 -58.80
N VAL E 55 31.86 73.60 -58.43
CA VAL E 55 31.73 74.83 -59.17
C VAL E 55 32.34 74.80 -60.56
N GLY E 56 33.36 73.92 -60.75
CA GLY E 56 33.97 73.74 -62.05
C GLY E 56 32.97 73.39 -63.15
N HIS E 57 32.06 72.47 -62.86
CA HIS E 57 31.08 72.10 -63.95
C HIS E 57 29.69 72.60 -63.68
N GLU E 58 29.06 71.88 -62.67
CA GLU E 58 27.77 72.18 -62.11
C GLU E 58 27.70 71.64 -60.64
N PHE E 59 26.75 72.13 -59.84
CA PHE E 59 26.56 71.64 -58.46
C PHE E 59 26.37 70.08 -58.43
N LEU E 60 27.01 69.42 -57.48
CA LEU E 60 26.89 67.96 -57.24
C LEU E 60 26.91 67.56 -55.71
N PRO E 61 26.41 66.35 -55.37
CA PRO E 61 26.60 65.91 -53.97
C PRO E 61 28.04 65.97 -53.66
N LYS E 62 28.44 66.65 -52.51
CA LYS E 62 29.89 66.76 -52.11
C LYS E 62 29.97 67.19 -50.65
N GLY E 63 31.13 66.97 -50.06
CA GLY E 63 31.37 67.22 -48.69
C GLY E 63 30.52 66.55 -47.60
N SER E 64 29.90 67.36 -46.74
CA SER E 64 29.02 66.78 -45.70
C SER E 64 29.93 65.76 -44.99
N ASN E 65 29.46 64.62 -44.67
CA ASN E 65 30.32 63.72 -43.97
C ASN E 65 30.74 62.65 -44.91
N MET E 66 31.99 62.61 -45.22
CA MET E 66 32.49 61.67 -46.22
C MET E 66 33.64 60.79 -45.62
N ILE E 67 33.62 59.48 -45.85
CA ILE E 67 34.67 58.59 -45.35
C ILE E 67 35.93 58.87 -46.11
N THR E 68 35.71 59.25 -47.33
CA THR E 68 36.81 59.66 -48.24
C THR E 68 37.71 58.44 -48.47
N ARG E 69 37.24 57.32 -48.05
CA ARG E 69 37.87 56.02 -48.37
C ARG E 69 38.03 55.67 -49.85
N ARG E 70 37.08 56.04 -50.68
CA ARG E 70 37.18 55.73 -52.11
C ARG E 70 37.27 56.94 -53.05
N PRO E 71 38.19 56.89 -53.97
CA PRO E 71 38.34 57.89 -54.99
C PRO E 71 37.15 57.86 -55.93
N ILE E 72 36.90 59.01 -56.59
CA ILE E 72 35.80 59.20 -57.50
C ILE E 72 36.39 59.67 -58.83
N GLU E 73 36.47 58.73 -59.77
CA GLU E 73 36.99 58.95 -61.09
C GLU E 73 35.90 59.74 -61.92
N LEU E 74 35.99 61.04 -62.05
CA LEU E 74 35.03 61.80 -62.86
C LEU E 74 35.54 61.86 -64.32
N THR E 75 34.71 61.51 -65.25
CA THR E 75 34.97 61.58 -66.71
C THR E 75 33.84 62.37 -67.37
N LEU E 76 34.21 63.49 -67.95
CA LEU E 76 33.32 64.46 -68.48
C LEU E 76 33.42 64.44 -70.03
N VAL E 77 32.27 64.78 -70.63
CA VAL E 77 32.06 64.72 -72.08
C VAL E 77 31.52 66.05 -72.53
N ASN E 78 31.99 66.60 -73.65
CA ASN E 78 31.43 67.75 -74.21
C ASN E 78 30.00 67.44 -74.61
N ASP E 79 29.06 68.28 -74.20
CA ASP E 79 27.62 67.90 -74.43
C ASP E 79 26.92 68.84 -75.40
N PRO E 80 27.50 69.02 -76.60
CA PRO E 80 26.86 69.84 -77.63
C PRO E 80 25.87 68.87 -78.20
N GLU E 81 24.66 69.34 -78.57
CA GLU E 81 23.62 68.45 -79.08
C GLU E 81 22.79 67.92 -77.91
N ALA E 82 23.22 68.20 -76.69
CA ALA E 82 22.47 67.65 -75.51
C ALA E 82 21.96 68.86 -74.72
N LYS E 83 20.68 68.90 -74.28
CA LYS E 83 20.15 70.10 -73.57
C LYS E 83 19.84 69.84 -72.15
N VAL E 84 20.19 68.65 -71.63
CA VAL E 84 19.82 68.37 -70.23
C VAL E 84 21.07 67.98 -69.42
N ASP E 85 21.26 68.55 -68.27
CA ASP E 85 22.28 68.13 -67.34
C ASP E 85 21.97 66.73 -66.75
N TYR E 86 22.58 65.69 -67.39
CA TYR E 86 22.40 64.24 -67.01
C TYR E 86 23.79 63.56 -66.80
N GLY E 87 23.87 62.84 -65.66
CA GLY E 87 25.09 62.15 -65.24
C GLY E 87 24.77 60.72 -64.98
N GLU E 88 25.70 59.81 -65.33
CA GLU E 88 25.46 58.39 -65.21
C GLU E 88 26.62 57.60 -64.75
N PHE E 89 26.29 56.47 -64.14
CA PHE E 89 27.31 55.57 -63.59
C PHE E 89 27.62 54.50 -64.55
N PRO E 90 29.00 54.27 -64.85
CA PRO E 90 29.31 53.13 -65.79
C PRO E 90 28.94 51.74 -65.20
N ASP E 91 29.09 51.57 -63.90
CA ASP E 91 28.93 50.21 -63.33
C ASP E 91 27.52 49.78 -63.41
N LEU E 92 26.67 50.72 -63.10
CA LEU E 92 25.24 50.59 -63.27
C LEU E 92 24.91 51.20 -64.62
N GLY E 93 25.25 50.53 -65.67
CA GLY E 93 25.06 51.03 -67.07
C GLY E 93 23.68 51.22 -67.60
N LEU E 94 23.59 52.14 -68.57
CA LEU E 94 22.38 52.42 -69.22
C LEU E 94 21.46 53.21 -68.31
N ALA E 95 21.98 53.78 -67.19
CA ALA E 95 21.15 54.50 -66.28
C ALA E 95 21.48 55.96 -66.36
N ARG E 96 20.46 56.81 -66.61
CA ARG E 96 20.67 58.20 -66.61
C ARG E 96 19.95 58.76 -65.48
N VAL E 97 20.63 59.71 -64.80
CA VAL E 97 20.04 60.42 -63.66
C VAL E 97 19.92 61.88 -64.03
N THR E 98 18.70 62.45 -63.85
CA THR E 98 18.41 63.84 -64.28
C THR E 98 18.86 64.95 -63.23
N ASP E 99 18.33 64.78 -62.00
CA ASP E 99 18.61 65.70 -60.88
C ASP E 99 19.76 65.13 -60.06
N PHE E 100 20.64 66.03 -59.58
CA PHE E 100 21.82 65.71 -58.83
C PHE E 100 21.49 65.35 -57.38
N SER E 101 20.25 65.49 -56.95
CA SER E 101 19.94 65.06 -55.59
C SER E 101 19.89 63.57 -55.51
N LEU E 102 19.37 62.84 -56.54
CA LEU E 102 19.50 61.40 -56.56
C LEU E 102 20.97 61.09 -56.61
N ILE E 103 21.75 61.75 -57.50
CA ILE E 103 23.19 61.52 -57.53
C ILE E 103 23.86 61.63 -56.13
N GLN E 104 23.36 62.55 -55.34
CA GLN E 104 23.80 62.70 -53.98
C GLN E 104 23.49 61.45 -53.14
N LYS E 105 22.24 61.08 -53.12
CA LYS E 105 21.85 59.96 -52.28
C LYS E 105 22.56 58.70 -52.69
N THR E 106 22.90 58.54 -53.97
CA THR E 106 23.54 57.29 -54.37
C THR E 106 25.01 57.26 -54.01
N LEU E 107 25.71 58.36 -54.46
CA LEU E 107 27.15 58.35 -54.31
C LEU E 107 27.54 58.50 -52.76
N THR E 108 26.75 59.17 -52.00
CA THR E 108 26.93 59.16 -50.57
C THR E 108 26.55 57.85 -49.97
N GLU E 109 25.51 57.12 -50.55
CA GLU E 109 25.32 55.75 -50.10
C GLU E 109 26.60 54.87 -50.34
N LEU E 110 27.22 54.96 -51.53
CA LEU E 110 28.54 54.33 -51.70
C LEU E 110 29.55 54.89 -50.71
N ASN E 111 29.42 56.14 -50.32
CA ASN E 111 30.41 56.73 -49.40
C ASN E 111 30.27 56.05 -48.06
N GLN E 112 29.03 55.74 -47.67
CA GLN E 112 28.82 55.05 -46.46
C GLN E 112 29.12 53.53 -46.54
N SER E 113 29.01 52.91 -47.73
CA SER E 113 29.23 51.47 -47.83
C SER E 113 30.73 51.17 -47.59
N VAL E 114 31.58 51.88 -48.33
CA VAL E 114 33.04 51.74 -48.36
C VAL E 114 33.50 50.38 -48.87
N THR E 121 38.07 47.12 -50.32
CA THR E 121 38.39 47.02 -51.69
C THR E 121 39.26 48.21 -52.13
N ASP E 122 38.68 49.41 -51.98
CA ASP E 122 39.30 50.66 -52.31
C ASP E 122 39.17 50.92 -53.81
N ASP E 123 38.23 50.23 -54.49
CA ASP E 123 38.00 50.51 -55.89
C ASP E 123 37.54 51.92 -56.03
N PRO E 124 37.97 52.63 -57.10
CA PRO E 124 37.35 54.01 -57.21
C PRO E 124 36.18 54.01 -58.17
N ILE E 125 35.02 54.47 -57.70
CA ILE E 125 33.80 54.44 -58.49
C ILE E 125 34.06 55.31 -59.74
N ARG E 126 33.63 54.89 -60.90
CA ARG E 126 33.71 55.76 -62.13
C ARG E 126 32.35 56.52 -62.32
N LEU E 127 32.42 57.77 -62.85
CA LEU E 127 31.29 58.65 -63.06
C LEU E 127 31.41 59.29 -64.44
N THR E 128 30.28 59.58 -65.05
CA THR E 128 30.19 60.27 -66.35
C THR E 128 29.06 61.30 -66.18
N ILE E 129 29.33 62.55 -66.57
CA ILE E 129 28.36 63.63 -66.55
C ILE E 129 28.49 64.43 -67.84
N HIS E 130 27.33 64.74 -68.38
CA HIS E 130 27.22 65.39 -69.69
C HIS E 130 26.52 66.70 -69.52
N SER E 131 27.24 67.84 -69.86
CA SER E 131 26.67 69.14 -69.71
C SER E 131 27.24 70.08 -70.78
N PRO E 132 26.41 70.87 -71.41
CA PRO E 132 26.91 71.67 -72.55
C PRO E 132 27.92 72.73 -72.08
N ASN E 133 27.74 73.23 -70.84
CA ASN E 133 28.69 74.21 -70.35
C ASN E 133 30.03 73.64 -69.94
N ILE E 134 30.07 72.40 -69.60
CA ILE E 134 31.23 71.77 -69.05
C ILE E 134 32.14 71.35 -70.16
N PRO E 135 33.43 71.61 -70.08
CA PRO E 135 34.39 70.93 -71.06
C PRO E 135 34.77 69.53 -70.47
N ASP E 136 34.99 68.58 -71.39
CA ASP E 136 35.32 67.22 -71.05
C ASP E 136 36.65 67.18 -70.33
N LEU E 137 36.75 66.36 -69.34
CA LEU E 137 37.94 66.29 -68.53
C LEU E 137 38.12 64.83 -68.06
N SER E 138 39.04 64.58 -67.12
CA SER E 138 39.22 63.25 -66.56
C SER E 138 39.91 63.42 -65.19
N LEU E 139 39.22 64.10 -64.17
CA LEU E 139 39.80 64.30 -62.86
C LEU E 139 39.38 63.16 -61.89
N ILE E 140 40.16 62.91 -60.89
CA ILE E 140 39.87 61.95 -59.87
C ILE E 140 40.07 62.66 -58.49
N ASP E 141 39.13 62.54 -57.57
CA ASP E 141 39.16 63.13 -56.24
C ASP E 141 39.30 62.04 -55.17
N LEU E 142 40.47 62.01 -54.59
CA LEU E 142 40.72 61.09 -53.43
C LEU E 142 40.64 61.82 -52.12
N PRO E 143 40.69 61.10 -51.00
CA PRO E 143 40.49 61.73 -49.66
C PRO E 143 41.62 62.72 -49.33
N GLY E 144 41.24 63.85 -48.78
CA GLY E 144 42.18 64.88 -48.47
C GLY E 144 42.82 64.57 -47.13
N TYR E 145 44.08 65.08 -47.00
CA TYR E 145 44.87 64.81 -45.73
C TYR E 145 44.10 65.40 -44.57
N ILE E 146 44.14 64.75 -43.45
CA ILE E 146 43.47 65.22 -42.24
C ILE E 146 44.43 65.37 -41.12
N LEU E 157 45.50 54.97 -39.65
CA LEU E 157 44.34 55.41 -40.39
C LEU E 157 44.71 56.59 -41.26
N LYS E 158 45.13 57.67 -40.66
CA LYS E 158 45.51 58.89 -41.41
C LYS E 158 46.68 58.61 -42.25
N ARG E 159 47.68 58.00 -41.64
CA ARG E 159 48.88 57.58 -42.34
C ARG E 159 48.43 56.61 -43.50
N LYS E 160 47.34 55.99 -43.30
CA LYS E 160 46.78 55.08 -44.31
C LYS E 160 46.21 55.82 -45.51
N ILE E 161 45.53 56.93 -45.24
CA ILE E 161 44.97 57.75 -46.29
C ILE E 161 46.06 58.37 -47.06
N THR E 162 47.09 58.77 -46.34
CA THR E 162 48.25 59.30 -47.00
C THR E 162 48.75 58.24 -47.90
N GLU E 163 48.86 56.97 -47.38
CA GLU E 163 49.44 55.88 -48.13
C GLU E 163 48.78 55.72 -49.47
N LEU E 164 47.50 56.08 -49.58
CA LEU E 164 46.84 55.95 -50.91
C LEU E 164 47.29 57.13 -51.73
N CYS E 165 47.29 58.26 -51.07
CA CYS E 165 47.56 59.54 -51.71
C CYS E 165 48.92 59.57 -52.27
N ASP E 166 49.84 58.96 -51.54
CA ASP E 166 51.23 58.87 -51.99
C ASP E 166 51.30 58.04 -53.24
N LYS E 167 50.74 56.84 -53.13
CA LYS E 167 50.73 55.95 -54.25
C LYS E 167 50.31 56.64 -55.46
N TYR E 168 49.19 57.29 -55.39
CA TYR E 168 48.59 57.85 -56.59
C TYR E 168 49.39 58.99 -57.15
N ILE E 169 49.86 59.85 -56.25
CA ILE E 169 50.58 61.04 -56.66
C ILE E 169 51.89 60.73 -57.34
N ARG E 170 52.53 59.69 -56.82
CA ARG E 170 53.86 59.33 -57.34
C ARG E 170 53.88 59.20 -58.87
N GLY E 171 53.19 58.21 -59.45
CA GLY E 171 53.27 57.98 -60.89
C GLY E 171 52.86 59.26 -61.66
N PRO E 172 53.30 59.40 -62.94
CA PRO E 172 53.10 60.66 -63.72
C PRO E 172 51.69 61.02 -64.10
N ASN E 173 50.90 61.40 -63.09
CA ASN E 173 49.66 62.10 -63.32
C ASN E 173 49.84 63.63 -63.08
N ILE E 174 48.98 64.40 -63.71
CA ILE E 174 48.93 65.83 -63.51
C ILE E 174 48.18 66.09 -62.23
N ILE E 175 48.92 66.38 -61.18
CA ILE E 175 48.35 66.56 -59.85
C ILE E 175 47.82 68.01 -59.60
N LEU E 176 46.60 68.08 -59.11
CA LEU E 176 45.85 69.32 -58.89
C LEU E 176 45.87 69.67 -57.43
N ALA E 177 46.81 70.54 -57.03
CA ALA E 177 46.92 70.86 -55.60
C ALA E 177 46.11 72.18 -55.35
N ILE E 178 45.31 72.28 -54.23
CA ILE E 178 44.52 73.46 -53.86
C ILE E 178 45.02 73.89 -52.46
N SER E 179 44.65 75.19 -52.08
CA SER E 179 45.06 75.75 -50.80
C SER E 179 44.06 76.79 -50.44
N ALA E 180 43.55 76.71 -49.19
CA ALA E 180 42.81 77.79 -48.63
C ALA E 180 43.69 78.99 -48.54
N ALA E 181 43.07 80.15 -48.61
CA ALA E 181 43.86 81.40 -48.49
C ALA E 181 44.24 81.72 -47.01
N ASP E 182 43.50 81.27 -46.01
CA ASP E 182 43.84 81.59 -44.66
C ASP E 182 45.08 80.85 -44.10
N THR E 183 45.23 79.63 -44.53
CA THR E 183 46.40 78.82 -44.07
C THR E 183 47.66 79.22 -44.79
N ASP E 184 48.79 79.28 -44.07
CA ASP E 184 50.08 79.59 -44.65
C ASP E 184 50.32 78.57 -45.71
N LEU E 185 51.06 79.00 -46.75
CA LEU E 185 51.38 78.13 -47.87
C LEU E 185 52.23 76.95 -47.46
N ALA E 186 53.23 77.23 -46.67
CA ALA E 186 54.11 76.21 -46.15
C ALA E 186 53.32 75.17 -45.32
N ASN E 187 52.37 75.64 -44.56
CA ASN E 187 51.52 74.86 -43.71
C ASN E 187 50.65 73.77 -44.37
N SER E 188 50.05 74.10 -45.49
CA SER E 188 49.16 73.16 -46.22
C SER E 188 49.87 71.89 -46.78
N THR E 189 49.27 70.72 -46.43
CA THR E 189 49.79 69.44 -46.91
C THR E 189 49.67 69.28 -48.44
N ALA E 190 48.60 69.79 -48.99
CA ALA E 190 48.30 69.66 -50.42
C ALA E 190 49.50 70.06 -51.24
N LEU E 191 49.95 71.30 -51.08
CA LEU E 191 51.20 71.77 -51.68
C LEU E 191 52.46 71.05 -51.17
N GLN E 192 52.44 70.72 -49.85
CA GLN E 192 53.55 70.08 -49.20
C GLN E 192 53.96 68.67 -49.84
N ALA E 193 52.90 67.87 -50.09
CA ALA E 193 53.07 66.59 -50.77
C ALA E 193 53.27 66.69 -52.22
N SER E 194 52.63 67.70 -52.85
CA SER E 194 52.96 67.93 -54.20
C SER E 194 54.43 68.21 -54.37
N ARG E 195 55.00 68.97 -53.46
CA ARG E 195 56.44 69.18 -53.56
C ARG E 195 57.28 68.02 -53.09
N ARG E 196 56.72 67.00 -52.43
CA ARG E 196 57.43 65.84 -51.99
C ARG E 196 57.53 64.83 -53.09
N VAL E 197 56.50 64.63 -53.89
CA VAL E 197 56.69 63.75 -55.07
C VAL E 197 57.14 64.55 -56.28
N ASP E 198 57.08 65.85 -56.21
CA ASP E 198 57.41 66.72 -57.35
C ASP E 198 58.35 67.72 -56.86
N PRO E 199 59.70 67.43 -56.83
CA PRO E 199 60.59 68.47 -56.45
C PRO E 199 60.58 69.60 -57.46
N ARG E 200 60.52 69.27 -58.77
CA ARG E 200 60.60 70.31 -59.83
C ARG E 200 59.39 71.16 -59.87
N GLY E 201 58.20 70.63 -59.42
CA GLY E 201 57.03 71.35 -59.55
C GLY E 201 56.52 71.40 -61.01
N GLU E 202 56.91 70.45 -61.87
CA GLU E 202 56.76 70.55 -63.28
C GLU E 202 55.45 69.92 -63.74
N ARG E 203 54.91 68.93 -63.05
CA ARG E 203 53.73 68.31 -63.48
C ARG E 203 52.51 68.61 -62.50
N THR E 204 52.57 69.70 -61.66
CA THR E 204 51.52 70.03 -60.66
C THR E 204 51.12 71.49 -60.80
N ILE E 205 49.85 71.72 -60.88
CA ILE E 205 49.27 73.08 -60.95
C ILE E 205 48.55 73.33 -59.62
N GLY E 206 48.47 74.58 -59.24
CA GLY E 206 47.99 74.91 -57.95
C GLY E 206 46.71 75.77 -58.07
N VAL E 207 45.81 75.63 -57.09
CA VAL E 207 44.63 76.49 -57.01
C VAL E 207 44.49 77.08 -55.63
N ILE E 208 44.30 78.36 -55.59
CA ILE E 208 44.06 79.03 -54.30
C ILE E 208 42.58 79.30 -54.19
N THR E 209 41.92 78.61 -53.27
CA THR E 209 40.49 78.72 -52.94
C THR E 209 40.24 79.63 -51.80
N LYS E 210 38.89 79.81 -51.53
CA LYS E 210 38.40 80.65 -50.39
C LYS E 210 39.08 82.03 -50.43
N MET E 211 39.22 82.61 -51.65
CA MET E 211 40.12 83.77 -51.81
C MET E 211 39.38 85.09 -51.66
N ASP E 212 38.07 85.02 -51.46
CA ASP E 212 37.21 86.25 -51.22
C ASP E 212 37.58 87.07 -49.98
N LEU E 213 38.21 86.49 -48.95
CA LEU E 213 38.43 87.26 -47.74
C LEU E 213 39.92 87.59 -47.55
N VAL E 214 40.48 88.15 -48.55
CA VAL E 214 41.89 88.54 -48.45
C VAL E 214 42.06 89.73 -49.33
N GLU E 215 42.97 90.63 -49.00
CA GLU E 215 43.24 91.80 -49.83
C GLU E 215 43.85 91.37 -51.13
N PRO E 216 43.72 92.24 -52.11
CA PRO E 216 44.33 92.11 -53.40
C PRO E 216 45.81 92.08 -53.16
N GLU E 217 46.26 92.71 -52.12
CA GLU E 217 47.68 92.58 -51.81
C GLU E 217 47.93 91.08 -51.47
N LYS E 218 46.98 90.53 -50.71
CA LYS E 218 46.98 89.10 -50.23
C LYS E 218 46.93 88.11 -51.36
N GLY E 219 46.25 88.42 -52.42
CA GLY E 219 46.09 87.54 -53.55
C GLY E 219 47.34 87.66 -54.40
N ALA E 220 47.84 88.86 -54.55
CA ALA E 220 49.04 88.96 -55.26
C ALA E 220 50.12 88.26 -54.45
N ALA E 221 50.00 88.30 -53.13
CA ALA E 221 50.98 87.50 -52.46
C ALA E 221 50.76 86.02 -52.77
N ILE E 222 49.50 85.57 -52.71
CA ILE E 222 49.32 84.22 -53.06
C ILE E 222 49.34 83.76 -54.44
N LEU E 223 48.66 84.46 -55.34
CA LEU E 223 48.48 83.96 -56.64
C LEU E 223 49.85 84.04 -57.29
N SER E 224 50.66 85.04 -57.06
CA SER E 224 51.98 84.90 -57.64
C SER E 224 53.06 84.90 -56.55
N ASP E 225 53.85 83.87 -56.47
CA ASP E 225 54.87 83.80 -55.47
C ASP E 225 56.12 83.35 -56.15
N ARG E 226 57.23 83.44 -55.42
CA ARG E 226 58.48 82.91 -55.97
C ARG E 226 59.07 81.90 -54.92
N GLN E 227 58.47 81.83 -53.72
CA GLN E 227 58.86 81.00 -52.58
C GLN E 227 58.72 79.61 -53.00
N TYR E 228 57.67 79.31 -53.88
CA TYR E 228 57.58 77.92 -54.21
C TYR E 228 57.19 77.81 -55.67
N PRO E 229 58.04 78.19 -56.58
CA PRO E 229 57.59 78.41 -57.91
C PRO E 229 57.40 77.04 -58.62
N LEU E 230 56.38 76.97 -59.50
CA LEU E 230 56.23 75.79 -60.37
C LEU E 230 55.85 76.22 -61.74
N LYS E 231 56.11 75.38 -62.73
CA LYS E 231 55.58 75.60 -63.98
C LYS E 231 54.06 75.51 -63.87
N LEU E 232 53.39 75.95 -64.89
CA LEU E 232 51.93 75.99 -65.06
C LEU E 232 51.24 76.92 -64.04
N GLY E 233 51.96 77.45 -63.06
CA GLY E 233 51.50 78.53 -62.20
C GLY E 233 50.32 78.13 -61.29
N TYR E 234 49.82 79.10 -60.52
CA TYR E 234 48.64 78.94 -59.70
C TYR E 234 47.43 79.62 -60.37
N VAL E 235 46.25 79.22 -59.91
CA VAL E 235 45.02 79.87 -60.33
C VAL E 235 44.20 80.04 -59.07
N GLY E 236 43.87 81.27 -58.85
CA GLY E 236 43.04 81.62 -57.76
C GLY E 236 41.55 81.76 -58.20
N VAL E 237 40.58 81.24 -57.44
CA VAL E 237 39.13 81.45 -57.68
C VAL E 237 38.31 81.24 -56.36
N ILE E 238 37.22 81.93 -56.22
CA ILE E 238 36.32 81.74 -55.13
C ILE E 238 35.10 80.99 -55.58
N SER E 239 34.82 79.82 -54.99
CA SER E 239 33.72 78.95 -55.48
C SER E 239 32.69 78.72 -54.34
N LYS E 240 31.41 78.86 -54.67
CA LYS E 240 30.39 78.84 -53.68
C LYS E 240 29.06 79.09 -54.33
N GLY E 253 17.37 77.45 -61.41
CA GLY E 253 18.58 76.75 -61.82
C GLY E 253 19.71 77.67 -62.27
N ASN E 254 20.64 77.11 -63.04
CA ASN E 254 21.61 77.95 -63.66
C ASN E 254 22.64 78.50 -62.69
N LEU E 255 23.12 77.65 -61.81
CA LEU E 255 24.17 78.03 -60.89
C LEU E 255 25.49 78.29 -61.59
N LEU E 256 25.77 77.54 -62.59
CA LEU E 256 27.01 77.72 -63.34
C LEU E 256 27.18 79.17 -63.64
N ALA E 257 26.27 79.67 -64.52
CA ALA E 257 26.36 81.03 -65.01
C ALA E 257 26.46 81.94 -63.87
N SER E 258 25.84 81.56 -62.78
CA SER E 258 25.91 82.38 -61.62
C SER E 258 27.27 82.47 -61.06
N ILE E 259 27.88 81.33 -60.90
CA ILE E 259 29.17 81.45 -60.23
C ILE E 259 30.10 82.01 -61.19
N ASN E 260 29.61 82.17 -62.45
CA ASN E 260 30.42 82.85 -63.46
C ASN E 260 30.18 84.36 -63.31
N ARG E 261 28.95 84.69 -62.95
CA ARG E 261 28.60 86.13 -62.88
C ARG E 261 29.26 86.78 -61.71
N ASN E 262 29.40 86.10 -60.63
CA ASN E 262 30.14 86.58 -59.50
C ASN E 262 31.61 86.64 -59.77
N GLU E 263 32.15 85.67 -60.47
CA GLU E 263 33.60 85.79 -60.81
C GLU E 263 33.86 86.93 -61.77
N LYS E 264 32.90 87.20 -62.69
CA LYS E 264 33.06 88.27 -63.59
C LYS E 264 33.06 89.51 -62.77
N ASN E 265 31.99 89.71 -61.94
CA ASN E 265 31.86 90.89 -61.08
C ASN E 265 32.92 91.31 -59.98
N TYR E 266 33.31 90.32 -59.16
CA TYR E 266 34.18 90.52 -58.03
C TYR E 266 35.46 91.23 -58.26
N PHE E 267 36.11 90.94 -59.36
CA PHE E 267 37.45 91.51 -59.62
C PHE E 267 37.32 93.03 -59.73
N GLY E 268 36.08 93.49 -60.03
CA GLY E 268 35.83 94.91 -60.21
C GLY E 268 36.30 95.73 -58.98
N SER E 269 35.96 95.31 -57.83
CA SER E 269 36.17 96.09 -56.66
C SER E 269 37.64 96.37 -56.54
N HIS E 270 38.46 95.40 -56.90
CA HIS E 270 39.92 95.59 -56.95
C HIS E 270 40.32 95.12 -58.33
N PRO E 271 39.99 96.00 -59.39
CA PRO E 271 40.39 95.51 -60.71
C PRO E 271 41.90 95.47 -60.93
N THR E 272 42.61 96.48 -60.45
CA THR E 272 44.01 96.66 -60.83
C THR E 272 44.95 95.66 -60.20
N GLU E 273 44.61 95.25 -59.00
CA GLU E 273 45.38 94.25 -58.25
C GLU E 273 45.23 92.90 -59.02
N PHE E 274 44.02 92.47 -59.43
CA PHE E 274 44.00 91.24 -60.19
C PHE E 274 43.08 91.23 -61.36
N GLY E 275 43.55 91.80 -62.47
CA GLY E 275 42.69 92.00 -63.59
C GLY E 275 43.51 91.95 -64.83
N PRO E 276 42.93 92.47 -65.97
CA PRO E 276 43.82 92.42 -67.13
C PRO E 276 45.24 93.08 -67.06
N ASP E 277 46.15 92.29 -67.63
CA ASP E 277 47.57 92.55 -67.65
C ASP E 277 48.26 92.35 -66.32
N SER E 278 47.48 91.97 -65.33
CA SER E 278 47.91 91.76 -63.99
C SER E 278 48.67 90.50 -64.14
N GLY E 279 49.65 90.26 -63.38
CA GLY E 279 50.34 88.99 -63.52
C GLY E 279 49.49 87.77 -63.15
N VAL E 280 48.73 87.88 -62.08
CA VAL E 280 47.90 86.77 -61.65
C VAL E 280 46.86 86.39 -62.66
N SER E 281 46.40 85.10 -62.54
CA SER E 281 45.38 84.65 -63.43
C SER E 281 44.17 84.16 -62.66
N THR E 282 42.88 84.52 -62.96
CA THR E 282 41.82 84.03 -62.07
C THR E 282 40.37 83.91 -62.53
N GLY E 283 39.55 83.15 -61.76
CA GLY E 283 38.31 82.76 -62.30
C GLY E 283 38.37 81.41 -62.95
N VAL E 284 37.22 80.90 -63.18
CA VAL E 284 37.13 79.48 -63.44
C VAL E 284 37.55 79.13 -64.89
N MET E 285 37.27 80.04 -65.84
CA MET E 285 37.34 79.74 -67.26
C MET E 285 38.77 79.61 -67.82
N THR E 286 39.62 80.52 -67.35
CA THR E 286 41.04 80.40 -67.67
C THR E 286 41.68 79.14 -67.11
N LEU E 287 41.44 78.83 -65.80
CA LEU E 287 41.80 77.58 -65.14
C LEU E 287 41.40 76.39 -66.03
N ARG E 288 40.20 76.42 -66.52
CA ARG E 288 39.68 75.28 -67.18
C ARG E 288 40.49 75.07 -68.50
N LYS E 289 40.66 76.14 -69.29
CA LYS E 289 41.44 75.99 -70.50
C LYS E 289 42.85 75.60 -70.26
N LYS E 290 43.47 76.18 -69.22
CA LYS E 290 44.78 75.65 -68.89
C LYS E 290 44.74 74.08 -68.59
N LEU E 291 43.79 73.58 -67.80
CA LEU E 291 43.74 72.14 -67.53
C LEU E 291 43.59 71.41 -68.89
N LEU E 292 42.64 71.90 -69.76
CA LEU E 292 42.48 71.34 -71.11
C LEU E 292 43.90 71.19 -71.76
N GLN E 293 44.73 72.21 -71.68
CA GLN E 293 46.04 72.20 -72.30
C GLN E 293 46.97 71.15 -71.72
N VAL E 294 47.20 71.21 -70.36
CA VAL E 294 48.10 70.32 -69.68
C VAL E 294 47.70 68.84 -69.90
N LEU E 295 46.41 68.54 -69.76
CA LEU E 295 45.93 67.25 -70.05
C LEU E 295 46.36 66.78 -71.40
N GLU E 296 45.99 67.53 -72.43
CA GLU E 296 46.26 67.17 -73.83
C GLU E 296 47.74 67.04 -74.03
N GLN E 297 48.53 67.97 -73.44
CA GLN E 297 49.98 67.85 -73.54
C GLN E 297 50.45 66.52 -72.95
N GLN E 298 50.21 66.28 -71.68
CA GLN E 298 50.85 65.19 -70.93
C GLN E 298 50.38 63.80 -71.45
N MET E 299 49.08 63.71 -71.65
CA MET E 299 48.50 62.51 -72.32
C MET E 299 49.27 62.21 -73.69
N SER E 300 49.41 63.22 -74.48
CA SER E 300 50.08 63.05 -75.77
C SER E 300 51.52 62.61 -75.61
N SER E 301 52.10 62.97 -74.51
CA SER E 301 53.46 62.51 -74.25
C SER E 301 53.49 61.00 -73.97
N LYS E 302 52.73 60.56 -72.91
CA LYS E 302 52.64 59.20 -72.46
C LYS E 302 52.05 58.30 -73.53
N LEU E 303 51.51 58.89 -74.68
CA LEU E 303 50.89 58.09 -75.77
C LEU E 303 51.81 57.04 -76.42
N ASN E 304 53.11 57.40 -76.56
CA ASN E 304 54.06 56.54 -77.24
C ASN E 304 54.44 55.38 -76.28
N GLU E 305 54.85 55.69 -75.09
CA GLU E 305 55.22 54.61 -74.16
C GLU E 305 54.10 53.66 -73.89
N THR E 306 52.87 54.22 -73.74
CA THR E 306 51.68 53.44 -73.52
C THR E 306 51.35 52.52 -74.71
N THR E 307 51.38 53.07 -75.97
CA THR E 307 51.18 52.27 -77.18
C THR E 307 52.12 51.09 -77.14
N GLU E 308 53.48 51.32 -77.08
CA GLU E 308 54.44 50.22 -77.07
C GLU E 308 54.09 49.21 -75.98
N ALA E 309 53.65 49.68 -74.81
CA ALA E 309 53.33 48.74 -73.78
C ALA E 309 52.14 47.89 -74.23
N ILE E 310 51.14 48.49 -74.87
CA ILE E 310 49.96 47.77 -75.21
C ILE E 310 50.24 46.79 -76.21
N GLN E 311 51.03 47.18 -77.25
CA GLN E 311 51.39 46.18 -78.32
C GLN E 311 52.08 44.96 -77.65
N ARG E 312 52.93 45.22 -76.61
CA ARG E 312 53.58 44.13 -75.95
C ARG E 312 52.58 43.15 -75.39
N GLU E 313 51.63 43.64 -74.62
CA GLU E 313 50.60 42.84 -74.05
C GLU E 313 49.67 42.18 -75.06
N LEU E 314 49.47 42.84 -76.23
CA LEU E 314 48.78 42.15 -77.30
C LEU E 314 49.65 41.01 -77.84
N GLU E 315 50.91 41.26 -78.07
CA GLU E 315 51.79 40.19 -78.55
C GLU E 315 51.72 38.94 -77.65
N GLU E 316 51.89 39.18 -76.36
CA GLU E 316 51.78 38.07 -75.43
C GLU E 316 50.47 37.33 -75.46
N THR E 317 49.37 38.03 -75.35
CA THR E 317 48.05 37.44 -75.36
C THR E 317 47.79 36.69 -76.68
N THR E 318 48.34 37.22 -77.85
CA THR E 318 48.24 36.50 -79.11
C THR E 318 49.07 35.22 -79.03
N TYR E 319 50.29 35.29 -78.53
CA TYR E 319 51.13 34.08 -78.39
C TYR E 319 50.42 33.07 -77.56
N GLN E 320 50.01 33.46 -76.34
CA GLN E 320 49.33 32.55 -75.48
C GLN E 320 48.12 31.97 -76.15
N PHE E 321 47.45 32.72 -77.04
CA PHE E 321 46.30 32.25 -77.74
C PHE E 321 46.72 31.21 -78.78
N LYS E 322 47.95 31.30 -79.30
CA LYS E 322 48.44 30.31 -80.25
C LYS E 322 48.84 29.04 -79.59
N VAL E 323 49.40 29.17 -78.39
CA VAL E 323 49.95 27.97 -77.63
C VAL E 323 48.81 27.29 -77.00
N GLN E 324 47.99 28.07 -76.30
CA GLN E 324 46.79 27.53 -75.71
C GLN E 324 45.60 27.83 -76.63
N TYR E 325 44.90 26.76 -77.08
CA TYR E 325 43.64 26.78 -77.91
C TYR E 325 43.87 26.85 -79.41
N ASN E 326 45.14 27.08 -79.86
CA ASN E 326 45.50 27.20 -81.32
C ASN E 326 44.67 28.31 -82.01
N GLU E 327 44.37 29.34 -81.30
CA GLU E 327 43.68 30.46 -81.86
C GLU E 327 42.27 30.18 -82.48
N GLN E 328 41.60 29.12 -82.13
CA GLN E 328 40.25 29.08 -82.63
C GLN E 328 39.29 29.96 -81.80
N PRO E 329 38.44 30.76 -82.46
CA PRO E 329 37.42 31.53 -81.71
C PRO E 329 36.39 30.59 -81.02
N MET E 330 35.78 31.14 -79.99
CA MET E 330 34.69 30.43 -79.27
C MET E 330 33.75 31.35 -78.53
N SER E 331 32.42 31.09 -78.68
CA SER E 331 31.40 31.78 -77.83
C SER E 331 30.69 30.73 -76.94
N ALA E 332 29.98 31.26 -75.92
CA ALA E 332 29.39 30.35 -74.90
C ALA E 332 28.29 29.50 -75.44
N GLU E 333 27.56 30.02 -76.44
CA GLU E 333 26.48 29.23 -77.08
C GLU E 333 26.99 28.08 -77.96
N SER E 334 28.10 28.23 -78.57
CA SER E 334 28.66 27.17 -79.40
C SER E 334 29.01 25.93 -78.58
N TYR E 335 29.52 26.21 -77.35
CA TYR E 335 29.86 25.13 -76.40
C TYR E 335 28.62 24.34 -75.99
N LEU E 336 27.59 25.09 -75.47
CA LEU E 336 26.32 24.47 -75.05
C LEU E 336 25.64 23.68 -76.23
N ALA E 337 25.70 24.24 -77.43
CA ALA E 337 25.16 23.57 -78.59
C ALA E 337 25.76 22.24 -78.77
N ALA E 338 27.11 22.18 -78.82
CA ALA E 338 27.83 21.00 -79.18
C ALA E 338 27.49 19.90 -78.23
N SER E 339 27.57 20.17 -76.96
CA SER E 339 27.30 19.14 -75.95
C SER E 339 25.92 18.65 -75.95
N LEU E 340 24.89 19.57 -76.03
CA LEU E 340 23.51 19.14 -76.09
C LEU E 340 23.31 18.18 -77.28
N ASP E 341 23.96 18.46 -78.40
CA ASP E 341 23.78 17.58 -79.56
C ASP E 341 24.44 16.25 -79.28
N ASP E 342 25.62 16.25 -78.56
CA ASP E 342 26.20 14.96 -78.13
C ASP E 342 25.24 14.12 -77.29
N PHE E 343 24.61 14.77 -76.31
CA PHE E 343 23.64 14.05 -75.48
C PHE E 343 22.46 13.54 -76.31
N LYS E 344 21.96 14.37 -77.20
CA LYS E 344 20.84 13.88 -78.01
C LYS E 344 21.21 12.62 -78.82
N HIS E 345 22.39 12.60 -79.42
CA HIS E 345 22.80 11.45 -80.18
C HIS E 345 22.93 10.20 -79.28
N GLN E 346 23.55 10.37 -78.11
CA GLN E 346 23.70 9.32 -77.06
C GLN E 346 22.31 8.79 -76.61
N PHE E 347 21.32 9.66 -76.34
CA PHE E 347 20.02 9.24 -75.87
C PHE E 347 19.26 8.55 -77.03
N HIS E 348 19.46 8.96 -78.28
CA HIS E 348 18.78 8.15 -79.29
C HIS E 348 19.24 6.70 -79.31
N GLU E 349 20.58 6.48 -79.19
CA GLU E 349 21.08 5.18 -79.06
C GLU E 349 20.39 4.40 -77.94
N PHE E 350 20.15 5.12 -76.80
CA PHE E 350 19.53 4.41 -75.70
C PHE E 350 18.12 3.92 -76.02
N ALA E 351 17.33 4.77 -76.61
CA ALA E 351 15.97 4.44 -76.92
C ALA E 351 15.90 3.35 -77.99
N SER E 352 16.92 3.35 -78.90
CA SER E 352 17.03 2.27 -79.78
C SER E 352 17.36 0.97 -79.04
N SER E 353 17.95 0.99 -77.86
CA SER E 353 18.19 -0.25 -77.06
C SER E 353 16.95 -0.74 -76.32
N PHE E 354 16.18 0.16 -75.73
CA PHE E 354 15.20 -0.25 -74.68
C PHE E 354 14.03 -1.06 -75.25
N GLY E 355 13.08 -0.41 -76.00
CA GLY E 355 11.89 -1.18 -76.48
C GLY E 355 11.16 -1.83 -75.34
N ARG E 356 10.60 -2.91 -75.67
CA ARG E 356 9.57 -3.50 -74.82
C ARG E 356 9.95 -4.77 -74.08
N PRO E 357 10.80 -5.63 -74.65
CA PRO E 357 11.12 -6.87 -73.98
C PRO E 357 11.82 -6.59 -72.67
N GLN E 358 12.69 -5.60 -72.65
CA GLN E 358 13.31 -5.20 -71.36
C GLN E 358 12.21 -4.92 -70.31
N LEU E 359 11.12 -4.16 -70.66
CA LEU E 359 10.06 -4.03 -69.74
C LEU E 359 9.46 -5.37 -69.29
N GLN E 360 9.33 -6.26 -70.27
CA GLN E 360 8.75 -7.62 -70.03
C GLN E 360 9.49 -8.29 -68.92
N THR E 361 10.83 -8.30 -69.00
CA THR E 361 11.66 -9.01 -67.98
C THR E 361 11.83 -8.27 -66.73
N LEU E 362 11.68 -6.90 -66.83
CA LEU E 362 11.54 -6.07 -65.63
C LEU E 362 10.33 -6.40 -64.83
N LEU E 363 9.14 -6.34 -65.47
CA LEU E 363 7.91 -6.73 -64.77
C LEU E 363 7.93 -8.16 -64.27
N LYS E 364 8.31 -9.09 -65.07
CA LYS E 364 8.37 -10.45 -64.68
C LYS E 364 9.28 -10.68 -63.44
N ASP E 365 10.22 -9.85 -63.20
CA ASP E 365 11.14 -9.98 -62.03
C ASP E 365 10.48 -9.62 -60.69
N ALA E 366 9.84 -8.49 -60.58
CA ALA E 366 9.11 -8.16 -59.39
C ALA E 366 8.00 -9.13 -59.16
N LEU E 367 7.29 -9.45 -60.24
CA LEU E 367 6.13 -10.37 -60.17
C LEU E 367 6.62 -11.76 -59.67
N ASP E 368 7.84 -12.16 -60.11
CA ASP E 368 8.47 -13.37 -59.63
C ASP E 368 8.64 -13.38 -58.19
N GLN E 369 9.18 -12.29 -57.59
CA GLN E 369 9.32 -12.31 -56.14
C GLN E 369 7.99 -12.26 -55.44
N LYS E 370 6.95 -11.64 -56.06
CA LYS E 370 5.54 -11.68 -55.54
C LYS E 370 5.07 -13.09 -55.47
N VAL E 371 5.31 -13.87 -56.53
CA VAL E 371 4.98 -15.29 -56.51
C VAL E 371 5.65 -15.99 -55.37
N LEU E 372 6.94 -15.78 -55.20
CA LEU E 372 7.61 -16.48 -54.12
C LEU E 372 7.07 -16.19 -52.73
N ASP E 373 6.73 -14.89 -52.55
CA ASP E 373 6.19 -14.38 -51.27
C ASP E 373 4.80 -15.01 -51.01
N GLN E 374 3.92 -14.96 -52.03
CA GLN E 374 2.60 -15.57 -51.97
C GLN E 374 2.70 -17.05 -51.76
N LEU E 375 3.50 -17.74 -52.58
CA LEU E 375 3.68 -19.16 -52.46
C LEU E 375 4.26 -19.61 -51.10
N ALA E 376 5.29 -18.94 -50.60
CA ALA E 376 5.82 -19.11 -49.28
C ALA E 376 4.80 -18.89 -48.19
N ALA E 377 4.00 -17.76 -48.27
CA ALA E 377 3.07 -17.45 -47.19
C ALA E 377 1.81 -18.31 -47.26
N ARG E 378 1.59 -19.05 -48.33
CA ARG E 378 0.45 -19.97 -48.39
C ARG E 378 0.86 -21.40 -48.19
N TYR E 379 2.06 -21.87 -48.58
CA TYR E 379 2.43 -23.28 -48.49
C TYR E 379 3.53 -23.60 -47.45
N TRP E 380 4.64 -22.88 -47.49
CA TRP E 380 5.78 -23.39 -46.76
C TRP E 380 5.68 -23.13 -45.26
N ASN E 381 6.83 -23.28 -44.58
CA ASN E 381 6.93 -23.14 -43.10
C ASN E 381 7.12 -21.70 -42.60
N ARG E 382 6.59 -21.38 -41.48
CA ARG E 382 6.76 -20.07 -40.88
C ARG E 382 7.97 -20.10 -39.93
N PRO E 383 8.67 -18.94 -39.86
CA PRO E 383 9.95 -18.83 -39.07
C PRO E 383 9.76 -19.07 -37.58
N ILE E 384 10.86 -19.43 -36.92
CA ILE E 384 10.91 -19.72 -35.49
C ILE E 384 11.50 -18.47 -34.77
N GLU E 385 10.61 -17.85 -33.95
CA GLU E 385 10.99 -16.67 -33.15
C GLU E 385 11.37 -17.00 -31.67
N ASP E 386 10.64 -17.90 -31.04
CA ASP E 386 10.95 -18.31 -29.66
C ASP E 386 11.19 -19.82 -29.56
N LEU E 387 11.12 -20.37 -28.35
CA LEU E 387 11.48 -21.81 -28.07
C LEU E 387 10.26 -22.60 -27.46
N SER E 388 9.13 -22.16 -27.78
CA SER E 388 7.92 -22.73 -27.35
C SER E 388 7.43 -23.75 -28.35
N PRO E 389 6.61 -24.70 -27.93
CA PRO E 389 6.07 -25.68 -28.87
C PRO E 389 5.19 -25.03 -29.88
N ALA E 390 5.38 -25.36 -31.13
CA ALA E 390 4.43 -24.77 -32.12
C ALA E 390 3.18 -25.69 -32.24
N PRO E 391 1.97 -25.15 -32.21
CA PRO E 391 0.81 -26.02 -32.37
C PRO E 391 0.79 -26.69 -33.78
N ARG E 392 0.45 -28.02 -33.75
CA ARG E 392 0.63 -28.88 -34.96
C ARG E 392 -0.50 -28.70 -35.96
N GLU E 393 -0.14 -28.15 -37.13
CA GLU E 393 -1.07 -28.02 -38.18
C GLU E 393 -1.45 -29.40 -38.76
N PRO E 394 -2.71 -29.58 -39.19
CA PRO E 394 -3.17 -30.89 -39.77
C PRO E 394 -2.57 -31.21 -41.15
N ASP E 395 -2.55 -30.20 -42.06
CA ASP E 395 -2.03 -30.35 -43.40
C ASP E 395 -0.58 -29.89 -43.50
N ASN E 396 0.22 -30.70 -44.26
CA ASN E 396 1.66 -30.49 -44.51
C ASN E 396 1.97 -30.73 -45.96
N ILE E 397 2.97 -30.05 -46.42
CA ILE E 397 3.33 -30.03 -47.88
C ILE E 397 3.98 -31.33 -48.32
N ILE E 398 4.61 -32.01 -47.43
CA ILE E 398 5.27 -33.27 -47.86
C ILE E 398 4.20 -34.18 -48.41
N ASP E 399 2.98 -34.19 -47.84
CA ASP E 399 1.91 -35.09 -48.33
C ASP E 399 1.03 -34.45 -49.44
N LEU E 400 1.55 -33.40 -50.12
CA LEU E 400 0.78 -32.73 -51.18
C LEU E 400 0.54 -33.59 -52.41
N PRO E 401 1.58 -34.38 -52.92
CA PRO E 401 1.37 -35.26 -54.14
C PRO E 401 0.27 -36.33 -53.94
N LYS E 402 0.29 -36.93 -52.76
CA LYS E 402 -0.63 -38.01 -52.50
C LYS E 402 -1.72 -37.45 -51.53
N ALA E 403 -2.55 -36.58 -52.08
CA ALA E 403 -3.65 -36.00 -51.30
C ALA E 403 -4.95 -36.14 -52.04
N ASP E 404 -6.06 -36.13 -51.29
CA ASP E 404 -7.37 -36.31 -52.01
C ASP E 404 -7.55 -35.15 -53.09
N PRO E 405 -7.83 -35.45 -54.29
CA PRO E 405 -7.97 -34.40 -55.26
C PRO E 405 -8.92 -33.21 -54.93
N ASP E 406 -9.99 -33.45 -54.13
CA ASP E 406 -10.90 -32.40 -53.92
C ASP E 406 -10.85 -31.88 -52.45
N SER E 407 -9.71 -31.40 -52.04
CA SER E 407 -9.45 -31.02 -50.66
C SER E 407 -9.78 -29.56 -50.48
N PRO E 408 -10.72 -29.20 -49.60
CA PRO E 408 -11.07 -27.78 -49.48
C PRO E 408 -9.88 -26.91 -48.97
N TYR E 409 -8.96 -27.51 -48.16
CA TYR E 409 -7.79 -26.77 -47.71
C TYR E 409 -6.90 -26.42 -48.89
N TRP E 410 -6.39 -27.44 -49.53
CA TRP E 410 -5.46 -27.17 -50.63
C TRP E 410 -6.17 -26.35 -51.71
N HIS E 411 -7.45 -26.60 -51.99
CA HIS E 411 -8.18 -25.73 -52.89
C HIS E 411 -8.21 -24.28 -52.33
N ARG E 412 -8.70 -24.08 -51.08
CA ARG E 412 -8.73 -22.69 -50.55
C ARG E 412 -7.34 -22.01 -50.63
N GLN E 413 -6.22 -22.85 -50.60
CA GLN E 413 -4.90 -22.31 -50.40
C GLN E 413 -4.48 -21.77 -51.68
N LEU E 414 -4.67 -22.55 -52.76
CA LEU E 414 -4.23 -22.12 -54.13
C LEU E 414 -5.13 -21.09 -54.64
N ASP E 415 -6.42 -21.12 -54.30
CA ASP E 415 -7.34 -20.06 -54.74
C ASP E 415 -7.05 -18.74 -54.03
N THR E 416 -6.87 -18.74 -52.67
CA THR E 416 -6.50 -17.48 -52.02
C THR E 416 -5.09 -16.93 -52.36
N ALA E 417 -4.18 -17.86 -52.72
CA ALA E 417 -2.89 -17.47 -53.20
C ALA E 417 -2.93 -16.69 -54.56
N CYS E 418 -3.62 -17.31 -55.55
CA CYS E 418 -3.81 -16.65 -56.87
C CYS E 418 -4.64 -15.28 -56.76
N SER E 419 -5.73 -15.27 -56.06
CA SER E 419 -6.49 -14.00 -55.97
C SER E 419 -5.78 -12.89 -55.13
N GLY E 420 -5.00 -13.34 -54.14
CA GLY E 420 -4.13 -12.50 -53.47
C GLY E 420 -3.08 -11.98 -54.41
N LEU E 421 -2.62 -12.82 -55.33
CA LEU E 421 -1.61 -12.33 -56.31
C LEU E 421 -2.24 -11.34 -57.26
N THR E 422 -3.40 -11.71 -57.86
CA THR E 422 -3.98 -10.85 -58.88
C THR E 422 -4.59 -9.56 -58.29
N ARG E 423 -5.21 -9.62 -57.13
CA ARG E 423 -5.78 -8.36 -56.52
C ARG E 423 -4.64 -7.59 -55.82
N LEU E 424 -3.46 -7.50 -56.45
CA LEU E 424 -2.35 -6.66 -55.98
C LEU E 424 -2.24 -5.41 -56.84
N GLY E 425 -1.40 -4.46 -56.35
CA GLY E 425 -1.11 -3.26 -57.10
C GLY E 425 -0.19 -3.54 -58.29
N VAL E 426 -0.69 -4.32 -59.26
CA VAL E 426 0.15 -4.65 -60.46
C VAL E 426 0.32 -3.44 -61.38
N GLY E 427 -0.73 -2.66 -61.50
CA GLY E 427 -0.71 -1.40 -62.30
C GLY E 427 0.37 -0.42 -61.72
N ARG E 428 0.29 -0.17 -60.41
CA ARG E 428 1.19 0.75 -59.79
C ARG E 428 2.62 0.19 -59.62
N LEU E 429 2.77 -1.12 -59.60
CA LEU E 429 4.06 -1.72 -59.59
C LEU E 429 4.72 -1.72 -60.96
N ALA E 430 3.93 -1.93 -61.98
CA ALA E 430 4.50 -1.82 -63.35
C ALA E 430 4.89 -0.37 -63.63
N ALA E 431 4.01 0.55 -63.18
CA ALA E 431 4.26 2.00 -63.36
C ALA E 431 5.57 2.40 -62.62
N THR E 432 5.71 2.01 -61.31
CA THR E 432 6.91 2.45 -60.60
C THR E 432 8.16 1.70 -61.14
N VAL E 433 8.03 0.42 -61.50
CA VAL E 433 9.20 -0.35 -61.84
C VAL E 433 9.76 0.22 -63.14
N ALA E 434 8.88 0.45 -64.14
CA ALA E 434 9.31 1.07 -65.42
C ALA E 434 9.87 2.47 -65.21
N ALA E 435 9.23 3.27 -64.29
CA ALA E 435 9.68 4.63 -63.99
C ALA E 435 11.11 4.67 -63.46
N SER E 436 11.37 3.82 -62.44
CA SER E 436 12.67 3.74 -61.86
C SER E 436 13.68 3.18 -62.88
N ALA E 437 13.27 2.31 -63.79
CA ALA E 437 14.17 1.81 -64.81
C ALA E 437 14.55 2.84 -65.84
N ILE E 438 13.61 3.55 -66.39
CA ILE E 438 13.85 4.68 -67.35
C ILE E 438 14.64 5.72 -66.68
N GLN E 439 14.28 6.10 -65.41
CA GLN E 439 14.97 7.27 -64.83
C GLN E 439 16.43 6.85 -64.46
N GLN E 440 16.62 5.61 -64.04
CA GLN E 440 17.94 5.15 -63.74
C GLN E 440 18.85 5.10 -65.00
N HIS E 441 18.27 4.65 -66.17
CA HIS E 441 19.02 4.67 -67.43
C HIS E 441 19.42 6.12 -67.80
N VAL E 442 18.52 7.07 -67.58
CA VAL E 442 18.78 8.44 -67.97
C VAL E 442 19.86 8.95 -67.08
N GLU E 443 19.85 8.61 -65.80
CA GLU E 443 20.94 9.18 -64.94
C GLU E 443 22.31 8.61 -65.32
N LYS E 444 22.32 7.38 -65.68
CA LYS E 444 23.58 6.81 -66.19
C LYS E 444 24.05 7.53 -67.43
N LEU E 445 23.18 7.58 -68.44
CA LEU E 445 23.55 8.16 -69.67
C LEU E 445 24.09 9.54 -69.44
N LEU E 446 23.47 10.20 -68.52
CA LEU E 446 23.98 11.49 -68.01
C LEU E 446 25.36 11.42 -67.32
N ASP E 447 25.54 10.48 -66.51
CA ASP E 447 26.86 10.31 -65.94
C ASP E 447 27.87 10.15 -67.01
N LYS E 448 27.68 9.36 -68.00
CA LYS E 448 28.68 9.26 -69.03
C LYS E 448 28.64 10.43 -70.05
N SER E 449 27.63 11.29 -70.00
CA SER E 449 27.51 12.32 -71.07
C SER E 449 28.37 13.54 -70.69
N SER E 450 28.39 14.48 -71.57
CA SER E 450 29.15 15.66 -71.35
C SER E 450 28.58 16.50 -70.22
N PHE E 451 27.49 16.08 -69.59
CA PHE E 451 26.95 16.83 -68.49
C PHE E 451 27.42 16.30 -67.14
N ALA E 452 28.54 15.60 -67.15
CA ALA E 452 29.16 15.16 -65.92
C ALA E 452 29.46 16.40 -65.10
N LYS E 453 30.10 17.40 -65.70
CA LYS E 453 30.18 18.69 -65.12
C LYS E 453 28.96 19.42 -65.47
N HIS E 454 28.87 20.62 -64.99
CA HIS E 454 27.67 21.42 -65.10
C HIS E 454 26.52 20.83 -64.34
N PRO E 455 26.68 20.60 -63.02
CA PRO E 455 25.61 19.83 -62.27
C PRO E 455 24.21 20.51 -62.32
N SER E 456 24.16 21.86 -62.48
CA SER E 456 22.81 22.50 -62.62
C SER E 456 22.15 22.08 -63.95
N ALA E 457 22.88 22.06 -65.03
CA ALA E 457 22.26 21.64 -66.30
C ALA E 457 21.84 20.20 -66.21
N ARG E 458 22.74 19.36 -65.62
CA ARG E 458 22.49 17.94 -65.40
C ARG E 458 21.24 17.72 -64.57
N LYS E 459 21.15 18.38 -63.40
CA LYS E 459 19.94 18.37 -62.58
C LYS E 459 18.71 18.81 -63.42
N VAL E 460 18.89 19.82 -64.31
CA VAL E 460 17.79 20.20 -65.23
C VAL E 460 17.32 19.08 -66.09
N ILE E 461 18.25 18.33 -66.68
CA ILE E 461 17.89 17.14 -67.50
C ILE E 461 17.30 16.04 -66.69
N SER E 462 17.87 15.68 -65.51
CA SER E 462 17.30 14.63 -64.66
C SER E 462 15.92 14.95 -64.22
N ASP E 463 15.74 16.17 -63.66
CA ASP E 463 14.39 16.59 -63.24
C ASP E 463 13.38 16.63 -64.41
N ALA E 464 13.81 17.01 -65.64
CA ALA E 464 12.93 16.88 -66.82
C ALA E 464 12.45 15.38 -67.01
N ALA E 465 13.40 14.43 -67.02
CA ALA E 465 12.95 13.10 -67.15
C ALA E 465 11.93 12.78 -66.04
N ALA E 466 12.29 13.11 -64.78
CA ALA E 466 11.41 12.76 -63.65
C ALA E 466 10.01 13.36 -63.75
N THR E 467 9.92 14.61 -64.14
CA THR E 467 8.64 15.27 -64.23
C THR E 467 7.81 14.71 -65.38
N VAL E 468 8.43 14.18 -66.41
CA VAL E 468 7.68 13.59 -67.48
C VAL E 468 7.02 12.27 -66.95
N LEU E 469 7.89 11.38 -66.51
CA LEU E 469 7.38 10.11 -65.90
C LEU E 469 6.35 10.33 -64.80
N ALA E 470 6.61 11.28 -63.90
CA ALA E 470 5.65 11.53 -62.80
C ALA E 470 4.27 12.19 -63.33
N ASP E 471 4.30 12.99 -64.39
CA ASP E 471 3.06 13.45 -65.03
C ASP E 471 2.28 12.30 -65.65
N ARG E 472 3.01 11.38 -66.26
CA ARG E 472 2.32 10.27 -67.00
C ARG E 472 2.03 9.08 -66.11
N SER E 473 2.42 9.07 -64.81
CA SER E 473 2.40 7.87 -64.00
C SER E 473 1.01 7.30 -63.80
N TYR E 474 0.00 8.17 -63.53
CA TYR E 474 -1.38 7.76 -63.18
C TYR E 474 -2.07 7.02 -64.28
N ALA E 475 -2.08 7.62 -65.47
CA ALA E 475 -2.84 7.04 -66.52
C ALA E 475 -2.32 5.62 -66.88
N THR E 476 -1.02 5.43 -66.87
CA THR E 476 -0.42 4.15 -67.07
C THR E 476 -0.88 3.14 -66.02
N SER E 477 -0.82 3.51 -64.66
CA SER E 477 -1.22 2.56 -63.65
C SER E 477 -2.67 2.13 -63.84
N ASP E 478 -3.57 3.09 -63.76
CA ASP E 478 -4.95 2.78 -63.78
C ASP E 478 -5.30 2.11 -65.09
N GLY E 479 -4.75 2.57 -66.20
CA GLY E 479 -4.95 1.91 -67.49
C GLY E 479 -4.63 0.40 -67.43
N ILE E 480 -3.45 0.10 -66.86
CA ILE E 480 -2.96 -1.31 -66.73
C ILE E 480 -3.94 -2.13 -65.84
N GLU E 481 -4.46 -1.56 -64.79
CA GLU E 481 -5.39 -2.35 -63.95
C GLU E 481 -6.61 -2.62 -64.78
N ILE E 482 -7.14 -1.62 -65.50
CA ILE E 482 -8.39 -1.82 -66.29
C ILE E 482 -8.15 -2.87 -67.40
N SER E 483 -7.00 -2.85 -68.03
CA SER E 483 -6.77 -3.86 -69.08
C SER E 483 -6.56 -5.25 -68.51
N LEU E 484 -6.20 -5.30 -67.20
CA LEU E 484 -6.05 -6.54 -66.53
C LEU E 484 -7.35 -7.13 -65.93
N LYS E 485 -8.43 -6.28 -65.83
CA LYS E 485 -9.74 -6.69 -65.35
C LYS E 485 -10.25 -8.04 -65.95
N PRO E 486 -10.05 -8.34 -67.24
CA PRO E 486 -10.51 -9.65 -67.66
C PRO E 486 -9.68 -10.81 -67.15
N TYR E 487 -8.39 -10.62 -67.07
CA TYR E 487 -7.48 -11.63 -66.55
C TYR E 487 -7.54 -11.81 -64.98
N LYS E 488 -8.10 -10.86 -64.27
CA LYS E 488 -8.28 -11.05 -62.83
C LYS E 488 -9.44 -12.09 -62.59
N PHE E 489 -10.47 -12.13 -63.52
CA PHE E 489 -11.67 -13.01 -63.33
C PHE E 489 -11.33 -14.44 -63.78
N ASP E 490 -10.67 -14.60 -64.96
CA ASP E 490 -10.30 -15.90 -65.53
C ASP E 490 -8.94 -15.80 -66.19
N PRO E 491 -7.86 -15.99 -65.42
CA PRO E 491 -6.51 -16.11 -66.04
C PRO E 491 -6.32 -17.55 -66.60
N ASP E 492 -7.09 -17.80 -67.59
CA ASP E 492 -7.11 -19.15 -68.07
C ASP E 492 -5.72 -19.48 -68.67
N ILE E 493 -5.24 -20.69 -68.36
CA ILE E 493 -3.88 -21.04 -68.69
C ILE E 493 -3.90 -22.11 -69.80
N GLN E 494 -3.16 -21.82 -70.87
CA GLN E 494 -2.97 -22.74 -71.93
C GLN E 494 -1.85 -23.65 -71.62
N PRO E 495 -1.91 -24.86 -72.14
CA PRO E 495 -0.80 -25.82 -71.93
C PRO E 495 0.58 -25.27 -72.32
N ASN E 496 0.69 -24.41 -73.30
CA ASN E 496 2.03 -23.77 -73.65
C ASN E 496 2.42 -22.83 -72.50
N GLU E 497 1.54 -22.02 -72.08
CA GLU E 497 1.87 -21.21 -70.94
C GLU E 497 2.25 -22.03 -69.71
N TRP E 498 1.51 -23.14 -69.51
CA TRP E 498 1.76 -24.03 -68.39
C TRP E 498 3.21 -24.56 -68.53
N ALA E 499 3.63 -24.90 -69.75
CA ALA E 499 5.03 -25.31 -69.99
C ALA E 499 5.97 -24.25 -69.62
N GLN E 500 5.66 -22.97 -70.03
CA GLN E 500 6.68 -21.93 -69.76
C GLN E 500 6.79 -21.76 -68.24
N GLY E 501 5.62 -21.77 -67.53
CA GLY E 501 5.64 -21.74 -66.09
C GLY E 501 6.50 -22.83 -65.50
N ARG E 502 6.40 -24.09 -66.07
CA ARG E 502 7.13 -25.22 -65.57
C ARG E 502 8.62 -25.03 -65.71
N GLU E 503 9.09 -24.61 -66.86
CA GLU E 503 10.52 -24.39 -67.00
C GLU E 503 11.01 -23.23 -66.07
N HIS E 504 10.20 -22.26 -65.79
CA HIS E 504 10.64 -21.16 -64.90
C HIS E 504 10.75 -21.57 -63.45
N VAL E 505 9.72 -22.32 -63.00
CA VAL E 505 9.62 -22.66 -61.62
C VAL E 505 10.83 -23.46 -61.16
N VAL E 506 11.25 -24.39 -61.95
CA VAL E 506 12.49 -25.12 -61.57
C VAL E 506 13.66 -24.18 -61.34
N GLY E 507 13.91 -23.18 -62.33
CA GLY E 507 15.00 -22.22 -62.15
C GLY E 507 14.85 -21.37 -60.94
N VAL E 508 13.68 -20.72 -60.84
CA VAL E 508 13.45 -19.81 -59.73
C VAL E 508 13.63 -20.52 -58.39
N LEU E 509 13.01 -21.72 -58.26
CA LEU E 509 12.95 -22.48 -57.01
C LEU E 509 14.36 -23.00 -56.54
N GLN E 510 15.14 -23.57 -57.44
CA GLN E 510 16.47 -24.02 -57.05
C GLN E 510 17.38 -22.86 -56.69
N ALA E 511 17.10 -21.72 -57.32
CA ALA E 511 17.79 -20.47 -56.93
C ALA E 511 17.49 -20.15 -55.48
N GLU E 512 16.21 -20.28 -55.09
CA GLU E 512 15.87 -20.15 -53.66
C GLU E 512 16.60 -21.20 -52.81
N LEU E 513 16.85 -22.41 -53.33
CA LEU E 513 17.46 -23.45 -52.52
C LEU E 513 18.97 -23.21 -52.33
N GLU E 514 19.64 -22.77 -53.34
CA GLU E 514 21.12 -22.67 -53.23
C GLU E 514 21.50 -21.60 -52.18
N GLN E 515 20.85 -20.48 -52.22
CA GLN E 515 21.11 -19.52 -51.21
C GLN E 515 20.83 -20.11 -49.82
N CYS E 516 19.74 -20.91 -49.70
CA CYS E 516 19.46 -21.64 -48.46
C CYS E 516 20.59 -22.61 -48.00
N GLN E 517 21.06 -23.48 -48.96
CA GLN E 517 22.02 -24.55 -48.53
C GLN E 517 23.40 -23.95 -48.20
N ALA E 518 23.79 -22.90 -48.97
CA ALA E 518 25.05 -22.31 -48.62
C ALA E 518 25.04 -21.78 -47.23
N ALA E 519 23.98 -21.06 -46.89
CA ALA E 519 23.99 -20.40 -45.61
C ALA E 519 23.90 -21.42 -44.43
N MET E 520 23.26 -22.61 -44.60
CA MET E 520 23.36 -23.63 -43.54
C MET E 520 24.74 -24.01 -43.32
N LYS E 521 25.48 -24.38 -44.35
CA LYS E 521 26.78 -24.86 -44.22
C LYS E 521 27.73 -23.74 -43.65
N ALA E 522 27.52 -22.48 -44.12
CA ALA E 522 28.22 -21.33 -43.59
C ALA E 522 27.96 -21.21 -42.07
N LEU E 523 26.81 -21.60 -41.59
CA LEU E 523 26.48 -21.57 -40.18
C LEU E 523 27.32 -22.56 -39.40
N GLU E 524 27.40 -23.73 -39.93
CA GLU E 524 28.09 -24.82 -39.14
C GLU E 524 29.51 -24.44 -38.94
N ASN E 525 30.20 -24.05 -40.02
CA ASN E 525 31.54 -23.55 -39.98
C ASN E 525 31.72 -22.40 -39.11
N SER E 526 30.69 -21.51 -38.94
CA SER E 526 30.88 -20.30 -38.13
C SER E 526 30.68 -20.57 -36.68
N VAL E 527 29.79 -21.51 -36.30
CA VAL E 527 29.56 -21.83 -34.91
C VAL E 527 30.63 -22.74 -34.37
N GLY E 528 31.22 -23.61 -35.19
CA GLY E 528 32.29 -24.52 -34.71
C GLY E 528 32.16 -25.90 -35.35
N GLY E 529 32.06 -26.91 -34.50
CA GLY E 529 31.84 -28.27 -35.06
C GLY E 529 30.43 -28.39 -35.69
N ARG E 530 30.34 -29.32 -36.66
CA ARG E 530 29.02 -29.64 -37.24
C ARG E 530 28.25 -30.31 -36.18
N LYS E 531 28.92 -31.09 -35.33
CA LYS E 531 28.31 -31.82 -34.19
C LYS E 531 27.79 -30.81 -33.09
N LYS E 532 28.50 -29.69 -32.86
CA LYS E 532 28.11 -28.67 -31.88
C LYS E 532 26.90 -27.92 -32.32
N LEU E 533 26.87 -27.64 -33.64
CA LEU E 533 25.64 -27.10 -34.21
C LEU E 533 24.50 -28.11 -34.22
N LYS E 534 24.82 -29.38 -34.40
CA LYS E 534 23.85 -30.42 -34.20
C LYS E 534 23.35 -30.45 -32.75
N GLU E 535 24.20 -30.03 -31.82
CA GLU E 535 23.85 -30.03 -30.39
C GLU E 535 22.83 -28.95 -30.10
N VAL E 536 23.10 -27.69 -30.46
CA VAL E 536 22.10 -26.71 -30.17
C VAL E 536 20.76 -27.03 -30.95
N MET E 537 20.88 -27.70 -32.09
CA MET E 537 19.71 -28.05 -32.89
C MET E 537 18.93 -29.13 -32.22
N SER E 538 19.63 -30.08 -31.65
CA SER E 538 18.92 -31.09 -30.79
C SER E 538 18.25 -30.42 -29.61
N PHE E 539 18.90 -29.39 -29.02
CA PHE E 539 18.34 -28.66 -27.88
C PHE E 539 17.13 -27.81 -28.30
N VAL E 540 17.18 -27.20 -29.48
CA VAL E 540 16.05 -26.36 -29.90
C VAL E 540 14.86 -27.27 -30.25
N ASP E 541 15.21 -28.36 -30.91
CA ASP E 541 14.22 -29.45 -31.19
C ASP E 541 13.57 -29.96 -29.89
N LYS E 542 14.40 -30.21 -28.86
CA LYS E 542 13.89 -30.64 -27.61
C LYS E 542 12.97 -29.60 -27.07
N ALA E 543 13.42 -28.37 -27.04
CA ALA E 543 12.59 -27.33 -26.52
C ALA E 543 11.30 -27.15 -27.35
N ARG E 544 11.39 -27.37 -28.69
CA ARG E 544 10.17 -27.20 -29.54
C ARG E 544 9.22 -28.37 -29.33
N LYS E 545 9.71 -29.51 -28.83
CA LYS E 545 8.85 -30.60 -28.35
C LYS E 545 8.57 -30.46 -26.87
N GLY E 546 7.84 -31.37 -26.29
CA GLY E 546 7.61 -31.23 -24.85
C GLY E 546 8.77 -31.66 -23.98
N GLU E 547 9.79 -32.29 -24.60
CA GLU E 547 10.82 -32.95 -23.82
C GLU E 547 11.41 -32.00 -22.73
N ILE E 548 11.45 -30.68 -23.02
CA ILE E 548 12.06 -29.73 -22.15
C ILE E 548 11.32 -28.40 -22.28
N ILE E 549 11.26 -27.60 -21.17
CA ILE E 549 10.61 -26.27 -21.16
C ILE E 549 11.61 -25.29 -20.70
N VAL E 550 11.49 -24.06 -21.21
CA VAL E 550 12.40 -22.97 -20.86
C VAL E 550 11.67 -21.73 -20.35
N GLU E 551 10.53 -21.39 -20.85
CA GLU E 551 9.67 -20.37 -20.25
C GLU E 551 10.27 -18.92 -20.29
N GLY E 552 11.32 -18.67 -21.04
CA GLY E 552 11.95 -17.39 -21.22
C GLY E 552 11.54 -16.76 -22.56
N ASP E 553 11.20 -15.45 -22.52
CA ASP E 553 10.97 -14.62 -23.76
C ASP E 553 12.28 -14.23 -24.47
N HIS E 554 13.36 -14.11 -23.68
CA HIS E 554 14.72 -13.88 -24.16
C HIS E 554 15.67 -14.69 -23.31
N PRO E 555 16.00 -15.99 -23.68
CA PRO E 555 16.73 -16.89 -22.79
C PRO E 555 18.23 -16.68 -22.93
N SER E 556 18.89 -16.40 -21.83
CA SER E 556 20.30 -16.06 -21.94
C SER E 556 21.14 -17.30 -21.93
N GLY E 557 20.90 -18.26 -20.99
CA GLY E 557 21.65 -19.51 -20.94
C GLY E 557 20.75 -20.69 -20.61
N ALA E 558 20.66 -21.66 -21.47
CA ALA E 558 19.86 -22.90 -21.14
C ALA E 558 20.63 -24.12 -21.64
N GLY E 559 20.77 -25.14 -20.76
CA GLY E 559 21.51 -26.32 -21.23
C GLY E 559 22.93 -25.99 -21.60
N GLY E 560 23.48 -24.82 -21.07
CA GLY E 560 24.84 -24.39 -21.29
C GLY E 560 25.08 -23.63 -22.61
N PHE E 561 24.02 -23.00 -23.16
CA PHE E 561 24.15 -22.30 -24.44
C PHE E 561 23.92 -20.82 -24.21
N SER E 562 24.63 -19.94 -24.99
CA SER E 562 24.49 -18.51 -24.89
C SER E 562 23.30 -18.00 -25.70
N ALA E 563 22.96 -16.74 -25.48
CA ALA E 563 21.90 -16.09 -26.22
C ALA E 563 22.26 -16.03 -27.67
N ALA E 564 23.50 -15.98 -27.96
CA ALA E 564 23.94 -16.11 -29.36
C ALA E 564 23.75 -17.47 -29.94
N LEU E 565 24.05 -18.51 -29.10
CA LEU E 565 23.87 -19.88 -29.56
C LEU E 565 22.41 -20.27 -29.71
N LEU E 566 21.51 -19.81 -28.88
CA LEU E 566 20.12 -20.11 -29.10
C LEU E 566 19.62 -19.51 -30.40
N ALA E 567 20.04 -18.29 -30.68
CA ALA E 567 19.72 -17.70 -31.99
C ALA E 567 20.31 -18.47 -33.17
N ARG E 568 21.63 -18.77 -33.14
CA ARG E 568 22.16 -19.70 -34.18
C ARG E 568 21.37 -21.02 -34.25
N GLY E 569 20.89 -21.53 -33.09
CA GLY E 569 20.15 -22.79 -33.16
C GLY E 569 18.81 -22.70 -33.90
N ARG E 570 17.94 -21.80 -33.48
CA ARG E 570 16.68 -21.62 -34.19
C ARG E 570 16.91 -21.33 -35.62
N GLU E 571 17.85 -20.50 -35.91
CA GLU E 571 18.25 -20.23 -37.31
C GLU E 571 18.55 -21.50 -38.06
N ALA E 572 19.24 -22.46 -37.38
CA ALA E 572 19.57 -23.67 -38.00
C ALA E 572 18.36 -24.49 -38.26
N VAL E 573 17.40 -24.53 -37.31
CA VAL E 573 16.18 -25.36 -37.48
C VAL E 573 15.28 -24.77 -38.54
N PHE E 574 15.19 -23.46 -38.61
CA PHE E 574 14.41 -22.87 -39.73
C PHE E 574 15.06 -23.22 -41.08
N LEU E 575 16.40 -22.98 -41.19
CA LEU E 575 17.06 -23.30 -42.49
C LEU E 575 16.79 -24.75 -42.88
N ARG E 576 16.87 -25.69 -41.92
CA ARG E 576 16.80 -27.17 -42.27
C ARG E 576 15.39 -27.49 -42.84
N ASP E 577 14.33 -27.16 -42.10
CA ASP E 577 12.96 -27.42 -42.60
C ASP E 577 12.72 -26.79 -43.98
N ARG E 578 12.92 -25.44 -44.12
CA ARG E 578 12.71 -24.85 -45.44
C ARG E 578 13.67 -25.39 -46.62
N ALA E 579 14.91 -25.86 -46.28
CA ALA E 579 15.79 -26.52 -47.27
C ALA E 579 15.14 -27.77 -47.86
N ASP E 580 14.66 -28.68 -46.92
CA ASP E 580 13.98 -29.92 -47.36
C ASP E 580 12.70 -29.68 -48.14
N ILE E 581 11.82 -28.81 -47.59
CA ILE E 581 10.60 -28.48 -48.32
C ILE E 581 10.92 -28.01 -49.78
N LEU E 582 12.02 -27.17 -49.94
CA LEU E 582 12.31 -26.53 -51.23
C LEU E 582 12.70 -27.62 -52.23
N SER E 583 13.69 -28.56 -51.83
CA SER E 583 14.03 -29.67 -52.71
C SER E 583 12.81 -30.48 -53.07
N LEU E 584 11.93 -30.76 -52.08
CA LEU E 584 10.79 -31.54 -52.37
C LEU E 584 9.92 -30.83 -53.40
N ARG E 585 9.81 -29.49 -53.27
CA ARG E 585 8.95 -28.79 -54.13
C ARG E 585 9.61 -28.63 -55.53
N ILE E 586 10.92 -28.68 -55.58
CA ILE E 586 11.58 -28.79 -56.89
C ILE E 586 11.31 -30.19 -57.57
N GLN E 587 11.43 -31.26 -56.81
CA GLN E 587 11.11 -32.65 -57.29
C GLN E 587 9.66 -32.68 -57.69
N ALA E 588 8.80 -31.88 -57.01
CA ALA E 588 7.37 -31.82 -57.41
C ALA E 588 7.30 -31.18 -58.74
N ALA E 589 7.95 -30.06 -58.94
CA ALA E 589 7.84 -29.38 -60.22
C ALA E 589 8.50 -30.15 -61.33
N LYS E 590 9.55 -30.94 -61.10
CA LYS E 590 10.05 -31.80 -62.15
C LYS E 590 9.30 -33.16 -62.33
N SER E 591 8.33 -33.51 -61.48
CA SER E 591 7.57 -34.76 -61.58
C SER E 591 6.73 -34.88 -62.88
N ARG E 592 6.37 -36.10 -63.27
CA ARG E 592 5.38 -36.24 -64.33
C ARG E 592 4.05 -35.61 -63.93
N GLN E 593 3.69 -35.54 -62.60
CA GLN E 593 2.33 -35.05 -62.25
C GLN E 593 2.08 -33.61 -62.60
N CYS E 594 3.14 -32.83 -62.64
CA CYS E 594 3.00 -31.40 -62.88
C CYS E 594 3.25 -31.06 -64.34
N LYS E 595 3.58 -32.03 -65.17
CA LYS E 595 3.91 -31.76 -66.60
C LYS E 595 2.62 -31.29 -67.27
N THR E 596 1.48 -31.93 -66.92
CA THR E 596 0.19 -31.60 -67.43
C THR E 596 -0.40 -30.44 -66.68
N LEU E 597 -1.41 -29.75 -67.29
CA LEU E 597 -2.04 -28.59 -66.70
C LEU E 597 -3.20 -28.99 -65.77
N THR E 598 -3.60 -30.30 -65.80
CA THR E 598 -4.82 -30.69 -65.10
C THR E 598 -4.72 -30.70 -63.57
N ASN E 599 -3.53 -30.87 -63.06
CA ASN E 599 -3.32 -30.87 -61.61
C ASN E 599 -2.93 -29.46 -61.15
N LYS E 600 -3.66 -28.46 -61.59
CA LYS E 600 -3.34 -27.13 -61.21
C LYS E 600 -3.28 -26.97 -59.62
N TYR E 601 -4.27 -27.54 -58.89
CA TYR E 601 -4.15 -27.40 -57.46
C TYR E 601 -3.00 -28.17 -56.84
N TYR E 602 -2.39 -29.06 -57.59
CA TYR E 602 -1.24 -29.89 -57.05
C TYR E 602 0.08 -29.22 -57.37
N CYS E 603 0.11 -28.20 -58.19
CA CYS E 603 1.34 -27.50 -58.59
C CYS E 603 1.07 -26.00 -58.53
N PRO E 604 1.06 -25.48 -57.26
CA PRO E 604 0.90 -24.08 -57.08
C PRO E 604 2.02 -23.29 -57.69
N GLU E 605 3.24 -23.82 -57.64
CA GLU E 605 4.38 -23.12 -58.19
C GLU E 605 4.16 -22.82 -59.68
N VAL E 606 3.97 -23.88 -60.53
CA VAL E 606 3.91 -23.67 -61.98
C VAL E 606 2.78 -22.72 -62.25
N PHE E 607 1.64 -22.95 -61.58
CA PHE E 607 0.47 -22.12 -61.90
C PHE E 607 0.69 -20.68 -61.53
N LEU E 608 1.15 -20.39 -60.35
CA LEU E 608 1.29 -19.02 -59.97
C LEU E 608 2.27 -18.27 -60.92
N ASP E 609 3.31 -18.98 -61.38
CA ASP E 609 4.28 -18.42 -62.29
C ASP E 609 3.67 -18.14 -63.75
N ALA E 610 2.89 -19.06 -64.23
CA ALA E 610 2.07 -18.80 -65.44
C ALA E 610 1.24 -17.49 -65.34
N VAL E 611 0.48 -17.32 -64.24
CA VAL E 611 -0.37 -16.12 -64.04
C VAL E 611 0.63 -14.89 -63.99
N ALA E 612 1.76 -15.04 -63.39
CA ALA E 612 2.66 -13.94 -63.30
C ALA E 612 3.23 -13.54 -64.67
N THR E 613 3.56 -14.51 -65.52
CA THR E 613 4.08 -14.17 -66.83
C THR E 613 2.98 -13.53 -67.72
N LYS E 614 1.75 -14.10 -67.61
CA LYS E 614 0.63 -13.50 -68.40
C LYS E 614 0.35 -12.08 -68.03
N LEU E 615 -0.01 -11.84 -66.72
CA LEU E 615 -0.26 -10.49 -66.28
C LEU E 615 0.89 -9.58 -66.60
N ALA E 616 2.12 -10.09 -66.60
CA ALA E 616 3.27 -9.29 -67.00
C ALA E 616 3.18 -8.86 -68.51
N GLN E 617 2.93 -9.78 -69.41
CA GLN E 617 2.96 -9.36 -70.77
C GLN E 617 1.79 -8.42 -71.13
N THR E 618 0.57 -8.70 -70.65
CA THR E 618 -0.54 -7.85 -71.08
C THR E 618 -0.42 -6.45 -70.42
N ALA E 619 -0.04 -6.40 -69.12
CA ALA E 619 0.24 -5.10 -68.54
C ALA E 619 1.41 -4.41 -69.24
N VAL E 620 2.40 -5.23 -69.75
CA VAL E 620 3.53 -4.61 -70.41
C VAL E 620 3.14 -3.96 -71.72
N LEU E 621 2.19 -4.52 -72.46
CA LEU E 621 1.84 -3.94 -73.70
C LEU E 621 1.35 -2.51 -73.49
N PHE E 622 0.41 -2.38 -72.62
CA PHE E 622 -0.13 -1.04 -72.25
C PHE E 622 0.95 -0.14 -71.77
N LEU E 623 1.84 -0.68 -70.91
CA LEU E 623 2.87 0.09 -70.34
C LEU E 623 3.71 0.78 -71.38
N ASN E 624 4.20 0.00 -72.33
CA ASN E 624 5.10 0.54 -73.40
C ASN E 624 4.35 1.66 -74.14
N VAL E 625 3.07 1.43 -74.39
CA VAL E 625 2.38 2.42 -75.21
C VAL E 625 2.16 3.66 -74.50
N GLU E 626 1.40 3.59 -73.46
CA GLU E 626 1.04 4.74 -72.61
C GLU E 626 2.26 5.51 -72.06
N MET E 627 3.20 4.79 -71.57
CA MET E 627 4.31 5.43 -70.91
C MET E 627 5.57 5.55 -71.69
N LEU E 628 5.99 4.50 -72.42
CA LEU E 628 7.31 4.61 -73.07
C LEU E 628 7.34 5.57 -74.27
N ASN E 629 6.44 5.46 -75.16
CA ASN E 629 6.43 6.39 -76.23
C ASN E 629 6.24 7.75 -75.67
N ASP E 630 5.50 7.88 -74.57
CA ASP E 630 5.32 9.21 -73.94
C ASP E 630 6.61 9.83 -73.54
N PHE E 631 7.54 9.05 -73.02
CA PHE E 631 8.84 9.50 -72.71
C PHE E 631 9.63 9.92 -73.96
N TYR E 632 9.74 9.04 -74.94
CA TYR E 632 10.60 9.24 -76.05
C TYR E 632 10.23 10.46 -76.75
N VAL E 633 8.93 10.86 -76.67
CA VAL E 633 8.45 12.05 -77.41
C VAL E 633 8.48 13.32 -76.46
N ARG E 634 8.11 13.21 -75.17
CA ARG E 634 8.06 14.43 -74.30
C ARG E 634 9.46 14.78 -73.81
N PHE E 635 10.34 13.77 -73.68
CA PHE E 635 11.64 14.00 -73.07
C PHE E 635 12.51 15.02 -73.84
N PRO E 636 12.83 14.77 -75.12
CA PRO E 636 13.74 15.71 -75.81
C PRO E 636 13.25 17.14 -75.81
N ARG E 637 11.95 17.36 -75.97
CA ARG E 637 11.32 18.70 -75.97
C ARG E 637 11.44 19.38 -74.63
N GLU E 638 11.06 18.64 -73.57
CA GLU E 638 11.15 19.13 -72.20
C GLU E 638 12.58 19.46 -71.85
N VAL E 639 13.52 18.62 -72.34
CA VAL E 639 14.95 18.80 -72.05
C VAL E 639 15.39 20.11 -72.67
N GLU E 640 15.05 20.28 -73.92
CA GLU E 640 15.46 21.52 -74.62
C GLU E 640 14.81 22.76 -74.01
N ALA E 641 13.52 22.74 -73.73
CA ALA E 641 12.79 23.90 -73.22
C ALA E 641 13.28 24.29 -71.79
N LYS E 642 13.45 23.27 -70.89
CA LYS E 642 13.96 23.63 -69.53
C LYS E 642 15.38 24.10 -69.56
N LEU E 643 16.20 23.49 -70.45
CA LEU E 643 17.62 23.99 -70.67
C LEU E 643 17.65 25.42 -71.19
N HIS E 644 16.84 25.73 -72.15
CA HIS E 644 16.81 27.03 -72.67
C HIS E 644 16.32 28.03 -71.69
N GLU E 645 15.13 27.85 -71.15
CA GLU E 645 14.63 28.69 -70.07
C GLU E 645 15.63 28.85 -68.93
N HIS E 646 16.27 27.75 -68.52
CA HIS E 646 17.29 27.85 -67.47
C HIS E 646 18.52 28.65 -67.81
N MET E 647 19.03 28.44 -69.02
CA MET E 647 20.09 29.25 -69.49
C MET E 647 19.67 30.75 -69.58
N HIS E 648 18.57 31.04 -70.32
CA HIS E 648 18.30 32.44 -70.65
C HIS E 648 17.69 33.19 -69.50
N ALA E 649 16.85 32.51 -68.66
CA ALA E 649 16.20 33.23 -67.57
C ALA E 649 17.13 33.46 -66.44
N GLY E 650 17.78 32.41 -65.93
CA GLY E 650 18.70 32.50 -64.74
C GLY E 650 20.15 32.92 -65.05
N GLY E 651 20.45 33.13 -66.30
CA GLY E 651 21.76 33.53 -66.63
C GLY E 651 22.79 32.40 -66.45
N GLY E 652 22.34 31.20 -66.27
CA GLY E 652 23.27 30.06 -66.08
C GLY E 652 23.96 29.62 -67.31
N LEU E 653 23.74 30.27 -68.44
CA LEU E 653 24.62 30.08 -69.62
C LEU E 653 25.98 30.58 -69.26
N GLU E 654 26.00 31.82 -68.71
CA GLU E 654 27.24 32.41 -68.29
C GLU E 654 27.93 31.58 -67.22
N LYS E 655 27.22 31.07 -66.29
CA LYS E 655 27.81 30.14 -65.31
C LYS E 655 28.17 28.80 -65.90
N PHE E 656 27.39 28.29 -66.86
CA PHE E 656 27.78 27.09 -67.56
C PHE E 656 29.15 27.29 -68.26
N ALA E 657 29.41 28.52 -68.80
CA ALA E 657 30.73 28.82 -69.36
C ALA E 657 31.80 29.01 -68.29
N ARG E 658 31.47 29.69 -67.17
CA ARG E 658 32.40 29.96 -66.05
C ARG E 658 32.81 28.72 -65.29
N GLU E 659 32.01 27.61 -65.47
CA GLU E 659 32.13 26.40 -64.63
C GLU E 659 33.37 25.56 -64.98
N ASP E 660 33.61 25.35 -66.25
CA ASP E 660 34.79 24.57 -66.62
C ASP E 660 35.98 25.51 -66.60
N PRO E 661 37.15 25.13 -66.02
CA PRO E 661 38.30 26.04 -65.95
C PRO E 661 38.92 26.34 -67.27
N LYS E 662 38.97 25.32 -68.16
CA LYS E 662 39.63 25.56 -69.45
C LYS E 662 38.83 26.53 -70.30
N VAL E 663 37.45 26.43 -70.29
CA VAL E 663 36.72 27.39 -71.10
C VAL E 663 36.65 28.74 -70.42
N ARG E 664 36.79 28.82 -69.09
CA ARG E 664 36.84 30.14 -68.40
C ARG E 664 38.00 30.96 -68.93
N ARG E 665 39.11 30.27 -69.18
CA ARG E 665 40.30 31.03 -69.68
C ARG E 665 40.09 31.30 -71.14
N HIS E 666 39.64 30.30 -71.88
CA HIS E 666 39.51 30.48 -73.37
C HIS E 666 38.68 31.72 -73.68
N LEU E 667 37.51 31.85 -73.00
CA LEU E 667 36.67 33.04 -73.14
C LEU E 667 37.35 34.24 -72.52
N ASP E 668 38.11 34.09 -71.44
CA ASP E 668 38.80 35.30 -70.95
C ASP E 668 39.87 35.81 -71.89
N LEU E 669 40.60 34.86 -72.51
CA LEU E 669 41.73 35.20 -73.38
C LEU E 669 41.22 35.91 -74.64
N ILE E 670 40.16 35.39 -75.23
CA ILE E 670 39.60 35.95 -76.42
C ILE E 670 39.11 37.43 -76.21
N ARG E 671 38.50 37.73 -75.03
CA ARG E 671 37.92 39.04 -74.72
C ARG E 671 39.03 40.09 -74.46
N ARG E 672 40.12 39.69 -73.82
CA ARG E 672 41.26 40.58 -73.57
C ARG E 672 41.95 41.01 -74.85
N LYS E 673 42.19 40.01 -75.81
CA LYS E 673 42.91 40.28 -77.05
C LYS E 673 42.03 41.19 -77.89
N GLU E 674 40.71 40.94 -77.84
CA GLU E 674 39.77 41.77 -78.49
C GLU E 674 39.79 43.24 -77.94
N LEU E 675 39.94 43.38 -76.65
CA LEU E 675 39.87 44.76 -76.09
C LEU E 675 41.11 45.55 -76.48
N LEU E 676 42.30 44.94 -76.33
CA LEU E 676 43.54 45.65 -76.76
C LEU E 676 43.45 46.02 -78.24
N GLU E 677 43.04 45.08 -79.12
CA GLU E 677 42.99 45.37 -80.54
C GLU E 677 42.12 46.62 -80.85
N THR E 678 40.94 46.60 -80.30
CA THR E 678 40.00 47.71 -80.51
C THR E 678 40.61 49.00 -80.00
N VAL E 679 41.42 48.93 -78.96
CA VAL E 679 42.12 50.11 -78.38
C VAL E 679 43.07 50.68 -79.33
N LEU E 680 43.99 49.77 -79.82
CA LEU E 680 44.98 50.25 -80.80
C LEU E 680 44.24 50.85 -82.06
N GLY E 681 43.13 50.25 -82.41
CA GLY E 681 42.26 50.84 -83.47
C GLY E 681 41.82 52.28 -83.15
N LYS E 682 41.36 52.48 -81.93
CA LYS E 682 40.97 53.87 -81.54
C LYS E 682 42.23 54.84 -81.59
N ILE E 683 43.43 54.36 -81.14
CA ILE E 683 44.62 55.22 -81.23
C ILE E 683 44.94 55.60 -82.68
N GLU E 684 45.09 54.62 -83.56
CA GLU E 684 45.47 54.89 -84.97
C GLU E 684 44.46 55.73 -85.68
N GLU E 685 43.17 55.46 -85.42
CA GLU E 685 42.06 56.35 -85.99
C GLU E 685 42.16 57.73 -85.41
N LEU E 686 42.59 57.88 -84.17
CA LEU E 686 42.68 59.25 -83.62
C LEU E 686 43.77 60.03 -84.40
N HIS E 687 44.89 59.42 -84.65
CA HIS E 687 45.89 60.03 -85.55
C HIS E 687 45.36 60.30 -86.91
N ARG E 688 44.38 59.61 -87.32
CA ARG E 688 43.81 59.81 -88.63
C ARG E 688 42.86 60.95 -88.67
N ILE E 689 42.00 61.09 -87.69
CA ILE E 689 41.12 62.27 -87.71
C ILE E 689 41.90 63.59 -87.56
N SER E 690 43.08 63.57 -86.90
CA SER E 690 43.96 64.73 -86.69
C SER E 690 45.34 64.43 -87.22
N SER E 691 45.73 65.13 -88.29
CA SER E 691 47.06 64.84 -88.88
C SER E 691 48.19 64.73 -87.91
N GLY E 692 48.42 65.73 -87.12
CA GLY E 692 49.52 65.73 -86.10
C GLY E 692 48.92 65.79 -84.69
N ASP F 6 -93.97 1.95 -30.78
CA ASP F 6 -93.35 0.67 -30.94
C ASP F 6 -91.97 0.84 -31.56
N ASP F 7 -91.08 1.37 -30.71
CA ASP F 7 -89.71 1.56 -31.07
C ASP F 7 -88.93 0.33 -31.54
N ASN F 8 -89.09 -0.75 -30.83
CA ASN F 8 -88.35 -2.01 -31.15
C ASN F 8 -88.88 -2.43 -32.49
N MET F 9 -90.11 -2.14 -32.80
CA MET F 9 -90.63 -2.40 -34.19
C MET F 9 -89.96 -1.47 -35.24
N MET F 10 -89.78 -0.19 -34.88
CA MET F 10 -89.03 0.69 -35.75
C MET F 10 -87.68 0.10 -36.07
N PHE F 11 -86.96 -0.28 -35.02
CA PHE F 11 -85.56 -0.72 -35.19
C PHE F 11 -85.48 -2.09 -35.93
N ILE F 12 -86.42 -2.99 -35.70
CA ILE F 12 -86.45 -4.25 -36.44
C ILE F 12 -86.65 -4.06 -37.93
N THR F 13 -87.54 -3.09 -38.28
CA THR F 13 -87.81 -2.71 -39.66
C THR F 13 -86.56 -2.07 -40.28
N LYS F 14 -85.90 -1.16 -39.55
CA LYS F 14 -84.60 -0.70 -40.02
C LYS F 14 -83.58 -1.83 -40.32
N LYS F 15 -83.32 -2.74 -39.32
CA LYS F 15 -82.37 -3.77 -39.57
C LYS F 15 -82.72 -4.54 -40.82
N MET F 16 -84.00 -4.91 -41.01
CA MET F 16 -84.39 -5.67 -42.18
C MET F 16 -84.26 -4.91 -43.51
N ILE F 17 -84.50 -3.58 -43.56
CA ILE F 17 -84.25 -2.82 -44.83
C ILE F 17 -82.72 -2.91 -45.18
N GLU F 18 -81.88 -2.85 -44.17
CA GLU F 18 -80.47 -2.92 -44.48
C GLU F 18 -80.05 -4.25 -45.02
N ILE F 19 -80.58 -5.34 -44.45
CA ILE F 19 -80.20 -6.64 -45.01
C ILE F 19 -80.75 -6.81 -46.36
N ARG F 20 -81.90 -6.15 -46.67
CA ARG F 20 -82.40 -6.14 -48.07
C ARG F 20 -81.39 -5.45 -49.02
N ASN F 21 -80.90 -4.28 -48.63
CA ASN F 21 -79.97 -3.57 -49.50
C ASN F 21 -78.72 -4.48 -49.82
N LEU F 22 -78.19 -5.22 -48.77
CA LEU F 22 -77.04 -6.14 -49.03
C LEU F 22 -77.41 -7.21 -50.02
N LEU F 23 -78.58 -7.83 -49.86
CA LEU F 23 -78.97 -8.90 -50.80
C LEU F 23 -79.01 -8.37 -52.22
N GLN F 24 -79.51 -7.12 -52.38
CA GLN F 24 -79.49 -6.38 -53.61
C GLN F 24 -78.06 -6.20 -54.11
N LYS F 25 -77.13 -6.28 -53.20
CA LYS F 25 -75.74 -6.03 -53.60
C LYS F 25 -75.00 -7.31 -54.01
N VAL F 26 -75.50 -8.51 -53.63
CA VAL F 26 -74.85 -9.72 -54.11
C VAL F 26 -75.09 -9.87 -55.62
N GLY F 27 -76.11 -9.24 -56.19
CA GLY F 27 -76.43 -9.30 -57.60
C GLY F 27 -77.91 -9.48 -57.88
N GLN F 28 -78.31 -9.09 -59.04
CA GLN F 28 -79.67 -9.20 -59.42
C GLN F 28 -79.92 -10.62 -59.92
N GLY F 29 -80.96 -11.29 -59.42
CA GLY F 29 -81.23 -12.70 -59.86
C GLY F 29 -80.29 -13.75 -59.27
N SER F 30 -79.28 -13.34 -58.54
CA SER F 30 -78.33 -14.28 -57.99
C SER F 30 -78.59 -14.56 -56.54
N THR F 31 -79.72 -14.06 -56.00
CA THR F 31 -80.13 -14.37 -54.67
C THR F 31 -81.59 -14.00 -54.56
N VAL F 32 -82.14 -14.35 -53.43
CA VAL F 32 -83.49 -13.96 -53.05
C VAL F 32 -83.43 -12.71 -52.19
N THR F 33 -84.44 -11.80 -52.38
CA THR F 33 -84.49 -10.53 -51.75
C THR F 33 -85.73 -10.46 -50.86
N LEU F 34 -85.74 -9.43 -50.12
CA LEU F 34 -86.87 -9.13 -49.25
C LEU F 34 -87.81 -8.16 -49.94
N PRO F 35 -89.07 -8.23 -49.65
CA PRO F 35 -90.03 -7.30 -50.27
C PRO F 35 -89.86 -5.87 -49.87
N SER F 36 -90.56 -5.00 -50.62
CA SER F 36 -90.57 -3.63 -50.40
C SER F 36 -91.83 -3.09 -51.11
N ILE F 37 -92.15 -1.78 -50.90
CA ILE F 37 -93.30 -1.09 -51.54
C ILE F 37 -92.93 -0.68 -52.90
N VAL F 38 -93.72 -1.12 -53.88
CA VAL F 38 -93.61 -0.80 -55.30
C VAL F 38 -94.79 0.02 -55.58
N VAL F 39 -94.58 1.20 -56.17
CA VAL F 39 -95.65 2.15 -56.40
C VAL F 39 -95.84 2.26 -57.89
N ILE F 40 -97.11 2.23 -58.40
CA ILE F 40 -97.47 2.29 -59.82
C ILE F 40 -98.65 3.16 -59.99
N GLY F 41 -98.70 3.85 -61.13
CA GLY F 41 -99.85 4.71 -61.38
C GLY F 41 -99.96 5.24 -62.80
N SER F 42 -101.15 5.37 -63.31
CA SER F 42 -101.37 5.86 -64.60
C SER F 42 -100.90 7.31 -64.74
N GLN F 43 -101.00 7.87 -65.91
CA GLN F 43 -100.51 9.19 -66.22
C GLN F 43 -101.14 10.24 -65.28
N SER F 44 -102.42 10.20 -65.16
CA SER F 44 -103.10 11.08 -64.17
C SER F 44 -102.83 10.55 -62.78
N SER F 45 -102.99 9.24 -62.61
CA SER F 45 -102.73 8.62 -61.38
C SER F 45 -101.25 8.58 -60.98
N GLY F 46 -100.33 8.89 -61.94
CA GLY F 46 -98.92 8.89 -61.78
C GLY F 46 -98.37 10.26 -61.47
N LYS F 47 -99.01 11.33 -61.98
CA LYS F 47 -98.83 12.65 -61.43
C LYS F 47 -99.22 12.62 -60.04
N SER F 48 -100.41 12.16 -59.72
CA SER F 48 -100.77 11.99 -58.33
C SER F 48 -99.83 11.08 -57.55
N SER F 49 -99.16 10.14 -58.27
CA SER F 49 -98.33 9.16 -57.62
C SER F 49 -97.06 9.81 -57.09
N VAL F 50 -96.33 10.46 -57.98
CA VAL F 50 -95.10 11.14 -57.64
C VAL F 50 -95.45 12.27 -56.64
N LEU F 51 -96.56 13.04 -56.94
CA LEU F 51 -96.97 14.09 -56.01
C LEU F 51 -97.23 13.51 -54.58
N GLU F 52 -97.83 12.30 -54.56
CA GLU F 52 -98.12 11.65 -53.29
C GLU F 52 -96.80 11.28 -52.60
N ALA F 53 -95.94 10.50 -53.30
CA ALA F 53 -94.65 10.18 -52.76
C ALA F 53 -94.01 11.46 -52.17
N ILE F 54 -94.14 12.53 -52.89
CA ILE F 54 -93.63 13.81 -52.46
C ILE F 54 -94.15 14.09 -51.13
N VAL F 55 -95.42 14.11 -50.98
CA VAL F 55 -95.95 14.53 -49.70
C VAL F 55 -95.80 13.49 -48.59
N GLY F 56 -95.44 12.24 -48.95
CA GLY F 56 -95.32 11.20 -47.91
C GLY F 56 -94.19 11.43 -46.96
N HIS F 57 -93.34 12.37 -47.33
CA HIS F 57 -92.21 12.63 -46.41
C HIS F 57 -91.83 14.11 -46.38
N GLU F 58 -91.53 14.69 -47.56
CA GLU F 58 -91.19 16.13 -47.78
C GLU F 58 -91.00 16.40 -49.24
N PHE F 59 -91.07 17.63 -49.60
CA PHE F 59 -90.84 18.03 -50.97
C PHE F 59 -89.47 17.46 -51.41
N LEU F 60 -89.52 16.71 -52.45
CA LEU F 60 -88.39 16.22 -53.14
C LEU F 60 -88.65 16.41 -54.68
N PRO F 61 -87.58 16.29 -55.47
CA PRO F 61 -87.71 16.44 -56.93
C PRO F 61 -88.55 15.34 -57.63
N LYS F 62 -89.76 15.69 -58.14
CA LYS F 62 -90.52 14.78 -58.97
C LYS F 62 -91.12 15.55 -60.10
N GLY F 63 -92.01 14.90 -60.82
CA GLY F 63 -92.89 15.58 -61.73
C GLY F 63 -92.14 16.13 -62.91
N SER F 64 -92.48 17.37 -63.29
CA SER F 64 -91.93 18.00 -64.41
C SER F 64 -92.20 17.13 -65.66
N ASN F 65 -91.15 16.71 -66.40
CA ASN F 65 -91.20 15.73 -67.49
C ASN F 65 -90.07 14.73 -67.14
N MET F 66 -90.41 13.53 -66.74
CA MET F 66 -89.46 12.58 -66.17
C MET F 66 -89.39 11.36 -67.04
N ILE F 67 -88.17 10.96 -67.43
CA ILE F 67 -88.01 9.81 -68.36
C ILE F 67 -88.50 8.51 -67.74
N THR F 68 -88.21 8.35 -66.44
CA THR F 68 -88.63 7.20 -65.64
C THR F 68 -88.09 5.88 -66.14
N ARG F 69 -87.14 5.79 -67.09
CA ARG F 69 -86.70 4.52 -67.57
C ARG F 69 -85.97 3.74 -66.52
N ARG F 70 -85.43 4.44 -65.44
CA ARG F 70 -84.71 3.75 -64.32
C ARG F 70 -85.50 3.95 -63.03
N PRO F 71 -85.70 2.91 -62.29
CA PRO F 71 -86.41 3.03 -60.99
C PRO F 71 -85.55 3.77 -59.96
N ILE F 72 -86.24 4.21 -58.92
CA ILE F 72 -85.59 4.98 -57.86
C ILE F 72 -85.82 4.19 -56.50
N GLU F 73 -84.82 3.56 -56.00
CA GLU F 73 -84.96 2.75 -54.74
C GLU F 73 -84.70 3.78 -53.55
N LEU F 74 -85.74 4.27 -52.93
CA LEU F 74 -85.65 5.07 -51.76
C LEU F 74 -85.65 4.26 -50.53
N THR F 75 -84.60 4.38 -49.72
CA THR F 75 -84.53 3.67 -48.47
C THR F 75 -84.44 4.76 -47.36
N LEU F 76 -85.47 4.82 -46.57
CA LEU F 76 -85.64 5.89 -45.54
C LEU F 76 -85.11 5.37 -44.20
N VAL F 77 -84.62 6.29 -43.39
CA VAL F 77 -83.99 5.98 -42.06
C VAL F 77 -84.67 6.81 -41.00
N ASN F 78 -85.05 6.16 -39.91
CA ASN F 78 -85.43 6.96 -38.78
C ASN F 78 -84.25 7.81 -38.27
N ASP F 79 -84.53 9.16 -38.06
CA ASP F 79 -83.57 10.18 -37.86
C ASP F 79 -83.80 10.92 -36.47
N PRO F 80 -83.62 10.20 -35.34
CA PRO F 80 -83.40 10.95 -34.07
C PRO F 80 -81.94 11.44 -34.04
N GLU F 81 -81.68 12.49 -33.23
CA GLU F 81 -80.37 13.01 -32.96
C GLU F 81 -79.84 13.80 -34.08
N ALA F 82 -80.48 13.83 -35.30
CA ALA F 82 -80.07 14.71 -36.42
C ALA F 82 -81.15 15.72 -36.67
N LYS F 83 -80.79 17.00 -36.75
CA LYS F 83 -81.75 18.08 -36.84
C LYS F 83 -81.78 18.70 -38.26
N VAL F 84 -81.08 18.11 -39.18
CA VAL F 84 -80.92 18.58 -40.54
C VAL F 84 -81.60 17.57 -41.48
N ASP F 85 -82.47 18.04 -42.27
CA ASP F 85 -83.03 17.25 -43.32
C ASP F 85 -81.97 17.17 -44.46
N TYR F 86 -81.34 16.01 -44.58
CA TYR F 86 -80.35 15.75 -45.55
C TYR F 86 -80.60 14.43 -46.23
N GLY F 87 -80.36 14.40 -47.47
CA GLY F 87 -80.47 13.18 -48.31
C GLY F 87 -79.14 12.92 -49.08
N GLU F 88 -78.79 11.65 -49.20
CA GLU F 88 -77.46 11.29 -49.72
C GLU F 88 -77.55 10.20 -50.75
N PHE F 89 -76.51 10.09 -51.55
CA PHE F 89 -76.40 9.08 -52.52
C PHE F 89 -75.50 7.93 -52.08
N PRO F 90 -75.90 6.61 -52.20
CA PRO F 90 -74.98 5.58 -51.68
C PRO F 90 -73.79 5.28 -52.64
N ASP F 91 -74.04 5.33 -53.90
CA ASP F 91 -72.98 5.18 -54.89
C ASP F 91 -71.91 6.26 -54.78
N LEU F 92 -72.32 7.49 -54.85
CA LEU F 92 -71.36 8.63 -54.72
C LEU F 92 -71.26 8.88 -53.22
N GLY F 93 -70.46 8.08 -52.64
CA GLY F 93 -70.47 7.89 -51.23
C GLY F 93 -69.98 9.11 -50.46
N LEU F 94 -70.37 9.23 -49.20
CA LEU F 94 -69.88 10.23 -48.20
C LEU F 94 -70.26 11.68 -48.58
N ALA F 95 -71.12 11.85 -49.55
CA ALA F 95 -71.64 13.19 -49.96
C ALA F 95 -73.11 13.38 -49.47
N ARG F 96 -73.34 14.47 -48.66
CA ARG F 96 -74.65 14.86 -48.21
C ARG F 96 -75.11 16.10 -48.94
N VAL F 97 -76.40 16.13 -49.13
CA VAL F 97 -77.06 17.25 -49.79
C VAL F 97 -78.08 17.78 -48.79
N THR F 98 -78.02 19.13 -48.48
CA THR F 98 -79.01 19.80 -47.55
C THR F 98 -80.26 20.27 -48.29
N ASP F 99 -80.10 20.97 -49.39
CA ASP F 99 -81.25 21.52 -50.11
C ASP F 99 -81.67 20.50 -51.18
N PHE F 100 -82.94 20.19 -51.23
CA PHE F 100 -83.46 19.19 -52.23
C PHE F 100 -83.58 19.80 -53.60
N SER F 101 -83.24 21.03 -53.77
CA SER F 101 -83.24 21.53 -55.14
C SER F 101 -81.90 21.20 -55.82
N LEU F 102 -80.79 21.06 -55.04
CA LEU F 102 -79.59 20.37 -55.62
C LEU F 102 -79.95 18.87 -55.96
N ILE F 103 -80.63 18.18 -55.03
CA ILE F 103 -81.21 16.86 -55.35
C ILE F 103 -82.09 16.89 -56.58
N GLN F 104 -82.68 18.10 -56.87
CA GLN F 104 -83.59 18.21 -58.06
C GLN F 104 -82.74 18.12 -59.31
N LYS F 105 -81.69 19.00 -59.38
CA LYS F 105 -80.78 19.03 -60.56
C LYS F 105 -80.06 17.70 -60.71
N THR F 106 -79.75 17.06 -59.57
CA THR F 106 -78.98 15.85 -59.62
C THR F 106 -79.83 14.71 -60.21
N LEU F 107 -80.90 14.30 -59.53
CA LEU F 107 -81.60 13.22 -60.04
C LEU F 107 -82.44 13.55 -61.28
N THR F 108 -82.68 14.87 -61.59
CA THR F 108 -83.20 15.22 -62.94
C THR F 108 -82.18 15.10 -64.04
N GLU F 109 -80.88 15.30 -63.67
CA GLU F 109 -79.84 15.11 -64.59
C GLU F 109 -79.64 13.61 -64.85
N LEU F 110 -79.74 12.83 -63.79
CA LEU F 110 -79.76 11.39 -63.96
C LEU F 110 -81.02 10.93 -64.77
N ASN F 111 -82.10 11.69 -64.70
CA ASN F 111 -83.28 11.38 -65.56
C ASN F 111 -82.88 11.65 -67.01
N GLN F 112 -82.59 12.94 -67.35
CA GLN F 112 -82.19 13.19 -68.75
C GLN F 112 -81.00 12.30 -69.23
N SER F 113 -80.20 11.81 -68.30
CA SER F 113 -79.14 10.81 -68.74
C SER F 113 -79.70 9.44 -69.13
N VAL F 114 -80.61 8.84 -68.33
CA VAL F 114 -81.01 7.43 -68.55
C VAL F 114 -79.83 6.52 -68.30
N THR F 121 -79.30 0.52 -69.55
CA THR F 121 -78.73 -0.34 -68.48
C THR F 121 -79.84 -0.91 -67.60
N ASP F 122 -80.85 -0.11 -67.37
CA ASP F 122 -82.04 -0.47 -66.59
C ASP F 122 -81.73 -0.66 -65.15
N ASP F 123 -80.57 -0.24 -64.64
CA ASP F 123 -80.32 -0.35 -63.21
C ASP F 123 -81.01 0.75 -62.43
N PRO F 124 -81.53 0.44 -61.22
CA PRO F 124 -82.25 1.47 -60.47
C PRO F 124 -81.26 2.31 -59.57
N ILE F 125 -81.43 3.64 -59.56
CA ILE F 125 -80.70 4.51 -58.67
C ILE F 125 -81.11 4.31 -57.24
N ARG F 126 -80.17 4.02 -56.32
CA ARG F 126 -80.52 3.90 -54.90
C ARG F 126 -80.46 5.32 -54.20
N LEU F 127 -81.25 5.51 -53.10
CA LEU F 127 -81.30 6.80 -52.41
C LEU F 127 -81.51 6.60 -50.93
N THR F 128 -81.03 7.56 -50.13
CA THR F 128 -81.13 7.54 -48.66
C THR F 128 -81.49 8.91 -48.12
N ILE F 129 -82.57 9.04 -47.41
CA ILE F 129 -82.96 10.38 -46.85
C ILE F 129 -83.21 10.24 -45.34
N HIS F 130 -82.68 11.15 -44.54
CA HIS F 130 -82.82 11.17 -43.12
C HIS F 130 -83.61 12.44 -42.72
N SER F 131 -84.67 12.22 -41.95
CA SER F 131 -85.52 13.28 -41.29
C SER F 131 -86.13 12.66 -40.05
N PRO F 132 -86.16 13.38 -38.91
CA PRO F 132 -86.89 12.86 -37.76
C PRO F 132 -88.38 12.70 -38.06
N ASN F 133 -88.92 13.43 -38.97
CA ASN F 133 -90.37 13.41 -39.26
C ASN F 133 -90.75 12.15 -40.09
N ILE F 134 -89.84 11.54 -40.89
CA ILE F 134 -90.22 10.44 -41.72
C ILE F 134 -89.98 9.20 -40.95
N PRO F 135 -90.88 8.22 -41.06
CA PRO F 135 -90.55 6.90 -40.61
C PRO F 135 -89.84 6.08 -41.65
N ASP F 136 -88.87 5.33 -41.11
CA ASP F 136 -88.03 4.54 -42.01
C ASP F 136 -88.92 3.60 -42.79
N LEU F 137 -88.58 3.49 -44.04
CA LEU F 137 -89.45 2.78 -44.98
C LEU F 137 -88.55 2.12 -46.01
N SER F 138 -89.12 1.76 -47.17
CA SER F 138 -88.38 1.13 -48.24
C SER F 138 -89.14 1.07 -49.57
N LEU F 139 -89.36 2.29 -50.12
CA LEU F 139 -90.21 2.36 -51.28
C LEU F 139 -89.32 2.59 -52.54
N ILE F 140 -89.81 1.97 -53.67
CA ILE F 140 -89.17 2.04 -54.95
C ILE F 140 -90.25 2.55 -55.98
N ASP F 141 -89.86 3.66 -56.69
CA ASP F 141 -90.72 4.37 -57.71
C ASP F 141 -90.27 3.99 -59.08
N LEU F 142 -91.00 3.17 -59.71
CA LEU F 142 -90.74 2.80 -61.06
C LEU F 142 -91.54 3.65 -62.01
N PRO F 143 -91.26 3.56 -63.30
CA PRO F 143 -92.07 4.46 -64.21
C PRO F 143 -93.53 4.24 -64.08
N GLY F 144 -94.28 5.29 -64.05
CA GLY F 144 -95.64 5.17 -64.03
C GLY F 144 -96.13 4.87 -65.44
N TYR F 145 -97.25 4.19 -65.55
CA TYR F 145 -97.71 3.82 -66.89
C TYR F 145 -98.03 5.13 -67.67
N ILE F 146 -97.55 5.16 -68.98
CA ILE F 146 -97.79 6.32 -69.85
C ILE F 146 -98.66 5.97 -70.97
N LEU F 157 -92.00 0.30 -76.80
CA LEU F 157 -91.34 1.27 -75.95
C LEU F 157 -92.12 1.47 -74.62
N LYS F 158 -93.36 1.98 -74.64
CA LYS F 158 -94.19 2.04 -73.45
C LYS F 158 -94.68 0.66 -73.08
N ARG F 159 -94.77 -0.24 -74.08
CA ARG F 159 -94.91 -1.66 -73.69
C ARG F 159 -93.68 -2.23 -72.91
N LYS F 160 -92.45 -1.64 -73.20
CA LYS F 160 -91.29 -2.05 -72.50
C LYS F 160 -91.29 -1.61 -71.02
N ILE F 161 -91.88 -0.43 -70.75
CA ILE F 161 -92.01 0.04 -69.38
C ILE F 161 -92.90 -0.90 -68.63
N THR F 162 -94.03 -1.29 -69.26
CA THR F 162 -94.93 -2.18 -68.62
C THR F 162 -94.35 -3.59 -68.50
N GLU F 163 -93.34 -3.94 -69.25
CA GLU F 163 -92.69 -5.22 -69.12
C GLU F 163 -91.91 -5.21 -67.75
N LEU F 164 -91.19 -4.08 -67.48
CA LEU F 164 -90.43 -3.95 -66.24
C LEU F 164 -91.34 -3.79 -65.02
N CYS F 165 -92.40 -2.96 -65.17
CA CYS F 165 -93.37 -2.86 -64.12
C CYS F 165 -94.01 -4.24 -63.79
N ASP F 166 -94.32 -5.06 -64.81
CA ASP F 166 -94.85 -6.43 -64.61
C ASP F 166 -93.87 -7.33 -63.83
N LYS F 167 -92.59 -7.28 -64.23
CA LYS F 167 -91.49 -7.96 -63.53
C LYS F 167 -91.37 -7.55 -62.06
N TYR F 168 -91.48 -6.29 -61.76
CA TYR F 168 -91.43 -5.81 -60.38
C TYR F 168 -92.71 -6.22 -59.57
N ILE F 169 -93.86 -6.13 -60.13
CA ILE F 169 -95.10 -6.35 -59.29
C ILE F 169 -95.47 -7.86 -59.18
N ARG F 170 -94.93 -8.66 -60.08
CA ARG F 170 -95.25 -10.11 -59.94
C ARG F 170 -94.68 -10.70 -58.67
N GLY F 171 -93.41 -10.33 -58.28
CA GLY F 171 -92.80 -10.84 -57.13
C GLY F 171 -93.45 -10.23 -55.87
N PRO F 172 -93.42 -10.99 -54.71
CA PRO F 172 -94.35 -10.64 -53.60
C PRO F 172 -93.96 -9.40 -52.87
N ASN F 173 -94.09 -8.30 -53.55
CA ASN F 173 -93.85 -6.97 -52.93
C ASN F 173 -95.20 -6.35 -52.52
N ILE F 174 -95.14 -5.47 -51.56
CA ILE F 174 -96.38 -4.81 -51.12
C ILE F 174 -96.64 -3.72 -52.12
N ILE F 175 -97.48 -3.95 -53.02
CA ILE F 175 -97.55 -2.98 -54.06
C ILE F 175 -98.44 -1.84 -53.58
N LEU F 176 -98.05 -0.61 -53.93
CA LEU F 176 -98.78 0.55 -53.52
C LEU F 176 -99.38 1.12 -54.76
N ALA F 177 -100.66 0.92 -55.03
CA ALA F 177 -101.29 1.45 -56.18
C ALA F 177 -102.05 2.76 -55.86
N ILE F 178 -102.03 3.64 -56.82
CA ILE F 178 -102.62 4.98 -56.57
C ILE F 178 -103.63 5.18 -57.75
N SER F 179 -104.67 6.02 -57.55
CA SER F 179 -105.70 6.28 -58.57
C SER F 179 -106.27 7.71 -58.37
N ALA F 180 -106.24 8.45 -59.50
CA ALA F 180 -106.90 9.73 -59.54
C ALA F 180 -108.39 9.54 -59.53
N ALA F 181 -109.07 10.41 -58.82
CA ALA F 181 -110.49 10.14 -58.55
C ALA F 181 -111.34 10.38 -59.80
N ASP F 182 -110.80 11.02 -60.80
CA ASP F 182 -111.54 11.33 -62.01
C ASP F 182 -111.84 10.08 -62.74
N THR F 183 -110.82 9.19 -62.94
CA THR F 183 -110.98 8.05 -63.81
C THR F 183 -111.76 7.00 -63.09
N ASP F 184 -112.57 6.23 -63.77
CA ASP F 184 -113.24 5.04 -63.20
C ASP F 184 -112.22 4.14 -62.55
N LEU F 185 -112.65 3.39 -61.53
CA LEU F 185 -111.72 2.57 -60.91
C LEU F 185 -111.32 1.42 -61.90
N ALA F 186 -112.31 0.84 -62.64
CA ALA F 186 -112.04 -0.29 -63.58
C ALA F 186 -111.02 0.11 -64.61
N ASN F 187 -110.74 1.42 -64.79
CA ASN F 187 -109.88 1.90 -65.88
C ASN F 187 -108.47 2.19 -65.49
N SER F 188 -108.23 2.43 -64.20
CA SER F 188 -106.93 2.85 -63.76
C SER F 188 -105.93 1.72 -64.06
N THR F 189 -104.96 1.98 -64.92
CA THR F 189 -104.02 0.96 -65.32
C THR F 189 -103.18 0.50 -64.15
N ALA F 190 -103.12 1.35 -63.06
CA ALA F 190 -102.43 0.99 -61.85
C ALA F 190 -103.24 -0.05 -61.05
N LEU F 191 -104.46 0.28 -60.72
CA LEU F 191 -105.29 -0.67 -59.99
C LEU F 191 -105.59 -1.88 -60.87
N GLN F 192 -105.61 -1.74 -62.18
CA GLN F 192 -105.92 -2.87 -63.03
C GLN F 192 -104.85 -3.84 -62.96
N ALA F 193 -103.60 -3.34 -63.15
CA ALA F 193 -102.42 -4.23 -62.98
C ALA F 193 -102.35 -4.82 -61.59
N SER F 194 -102.69 -4.01 -60.54
CA SER F 194 -102.77 -4.49 -59.18
C SER F 194 -103.67 -5.72 -59.01
N ARG F 195 -104.87 -5.61 -59.58
CA ARG F 195 -105.71 -6.75 -59.61
C ARG F 195 -105.20 -7.81 -60.56
N ARG F 196 -104.42 -7.45 -61.59
CA ARG F 196 -103.85 -8.47 -62.52
C ARG F 196 -102.85 -9.41 -61.86
N VAL F 197 -101.87 -8.92 -61.15
CA VAL F 197 -100.95 -9.79 -60.52
C VAL F 197 -101.42 -10.24 -59.11
N ASP F 198 -102.43 -9.57 -58.55
CA ASP F 198 -102.88 -9.85 -57.15
C ASP F 198 -104.34 -10.08 -57.24
N PRO F 199 -104.77 -11.32 -57.51
CA PRO F 199 -106.17 -11.56 -57.51
C PRO F 199 -106.88 -11.42 -56.18
N ARG F 200 -106.15 -11.75 -55.08
CA ARG F 200 -106.81 -11.73 -53.70
C ARG F 200 -106.85 -10.33 -53.09
N GLY F 201 -106.09 -9.45 -53.62
CA GLY F 201 -106.02 -8.13 -53.09
C GLY F 201 -105.49 -8.12 -51.68
N GLU F 202 -104.71 -9.14 -51.32
CA GLU F 202 -104.25 -9.24 -49.99
C GLU F 202 -102.92 -8.50 -49.76
N ARG F 203 -102.14 -8.25 -50.84
CA ARG F 203 -100.81 -7.66 -50.77
C ARG F 203 -100.74 -6.28 -51.45
N THR F 204 -101.89 -5.66 -51.71
CA THR F 204 -101.90 -4.42 -52.43
C THR F 204 -102.81 -3.41 -51.70
N ILE F 205 -102.28 -2.21 -51.42
CA ILE F 205 -103.17 -1.13 -50.83
C ILE F 205 -103.35 -0.12 -51.91
N GLY F 206 -104.50 0.59 -51.87
CA GLY F 206 -104.81 1.60 -52.88
C GLY F 206 -104.82 2.98 -52.24
N VAL F 207 -104.53 3.97 -53.08
CA VAL F 207 -104.60 5.39 -52.60
C VAL F 207 -105.37 6.21 -53.67
N ILE F 208 -106.45 6.87 -53.25
CA ILE F 208 -107.25 7.70 -54.13
C ILE F 208 -106.83 9.12 -53.94
N THR F 209 -106.08 9.66 -54.93
CA THR F 209 -105.54 10.98 -54.89
C THR F 209 -106.37 11.91 -55.76
N LYS F 210 -105.88 13.15 -55.85
CA LYS F 210 -106.67 14.24 -56.37
C LYS F 210 -108.12 14.17 -55.84
N MET F 211 -108.27 13.87 -54.53
CA MET F 211 -109.55 13.70 -53.97
C MET F 211 -110.10 15.03 -53.50
N ASP F 212 -109.40 16.13 -53.77
CA ASP F 212 -110.03 17.38 -53.33
C ASP F 212 -111.13 17.81 -54.26
N LEU F 213 -111.00 17.48 -55.58
CA LEU F 213 -111.89 17.94 -56.60
C LEU F 213 -113.03 16.91 -56.85
N VAL F 214 -113.59 16.32 -55.75
CA VAL F 214 -114.77 15.52 -55.89
C VAL F 214 -115.62 15.79 -54.71
N GLU F 215 -116.91 15.55 -54.89
CA GLU F 215 -117.88 15.67 -53.86
C GLU F 215 -117.59 14.62 -52.75
N PRO F 216 -117.96 14.87 -51.50
CA PRO F 216 -117.81 13.73 -50.55
C PRO F 216 -118.74 12.58 -50.80
N GLU F 217 -119.81 12.82 -51.51
CA GLU F 217 -120.64 11.77 -52.10
C GLU F 217 -119.84 10.86 -53.10
N LYS F 218 -118.95 11.44 -53.92
CA LYS F 218 -117.95 10.56 -54.60
C LYS F 218 -116.95 9.98 -53.62
N GLY F 219 -116.53 10.76 -52.61
CA GLY F 219 -115.45 10.29 -51.64
C GLY F 219 -115.81 8.99 -50.98
N ALA F 220 -117.04 8.88 -50.44
CA ALA F 220 -117.45 7.62 -49.74
C ALA F 220 -117.67 6.46 -50.80
N ALA F 221 -118.03 6.83 -52.06
CA ALA F 221 -118.24 5.90 -53.10
C ALA F 221 -116.88 5.31 -53.51
N ILE F 222 -115.85 6.11 -53.70
CA ILE F 222 -114.60 5.56 -54.15
C ILE F 222 -113.85 4.96 -52.97
N LEU F 223 -113.63 5.75 -51.91
CA LEU F 223 -112.74 5.27 -50.89
C LEU F 223 -113.29 4.03 -50.22
N SER F 224 -114.54 4.03 -49.89
CA SER F 224 -115.19 2.82 -49.42
C SER F 224 -115.87 2.19 -50.67
N ASP F 225 -115.24 1.14 -51.26
CA ASP F 225 -115.82 0.37 -52.37
C ASP F 225 -115.86 -1.12 -52.01
N ARG F 226 -116.87 -1.80 -52.53
CA ARG F 226 -117.05 -3.22 -52.40
C ARG F 226 -116.93 -4.01 -53.69
N GLN F 227 -117.04 -3.43 -54.82
CA GLN F 227 -116.84 -4.14 -56.00
C GLN F 227 -115.43 -4.73 -56.04
N TYR F 228 -114.47 -3.85 -55.74
CA TYR F 228 -113.05 -4.18 -55.88
C TYR F 228 -112.39 -4.02 -54.55
N PRO F 229 -112.83 -4.85 -53.59
CA PRO F 229 -112.26 -4.74 -52.21
C PRO F 229 -110.89 -5.39 -52.09
N LEU F 230 -110.29 -5.13 -50.98
CA LEU F 230 -109.03 -5.71 -50.62
C LEU F 230 -108.84 -5.53 -49.11
N LYS F 231 -107.93 -6.31 -48.62
CA LYS F 231 -107.48 -6.05 -47.25
C LYS F 231 -106.51 -4.88 -47.29
N LEU F 232 -106.19 -4.36 -46.12
CA LEU F 232 -105.40 -3.21 -45.97
C LEU F 232 -106.09 -1.97 -46.46
N GLY F 233 -107.15 -2.12 -47.16
CA GLY F 233 -108.00 -1.04 -47.48
C GLY F 233 -107.47 -0.03 -48.40
N TYR F 234 -108.25 1.00 -48.73
CA TYR F 234 -107.78 2.16 -49.55
C TYR F 234 -107.55 3.32 -48.64
N VAL F 235 -106.84 4.33 -49.16
CA VAL F 235 -106.60 5.52 -48.42
C VAL F 235 -106.70 6.73 -49.32
N GLY F 236 -107.72 7.54 -49.18
CA GLY F 236 -107.86 8.74 -49.91
C GLY F 236 -107.05 9.95 -49.28
N VAL F 237 -106.33 10.68 -50.12
CA VAL F 237 -105.60 11.86 -49.71
C VAL F 237 -105.60 12.83 -50.84
N ILE F 238 -105.44 14.15 -50.47
CA ILE F 238 -105.24 15.24 -51.44
C ILE F 238 -103.87 15.74 -51.16
N SER F 239 -102.95 15.56 -52.10
CA SER F 239 -101.57 16.02 -51.97
C SER F 239 -101.28 17.15 -52.94
N LYS F 240 -100.42 18.07 -52.52
CA LYS F 240 -99.89 19.20 -53.27
C LYS F 240 -99.01 20.08 -52.37
N GLY F 253 -90.13 26.59 -46.36
CA GLY F 253 -90.03 25.32 -45.60
C GLY F 253 -91.32 25.02 -44.80
N ASN F 254 -91.32 23.94 -43.96
CA ASN F 254 -92.48 23.47 -43.20
C ASN F 254 -93.64 22.93 -44.14
N LEU F 255 -93.28 22.40 -45.26
CA LEU F 255 -94.25 21.92 -46.18
C LEU F 255 -94.88 20.67 -45.71
N LEU F 256 -94.08 19.77 -45.02
CA LEU F 256 -94.66 18.55 -44.54
C LEU F 256 -95.83 18.86 -43.64
N ALA F 257 -95.59 19.70 -42.69
CA ALA F 257 -96.61 20.09 -41.77
C ALA F 257 -97.66 20.94 -42.44
N SER F 258 -97.28 21.72 -43.52
CA SER F 258 -98.23 22.53 -44.25
C SER F 258 -99.33 21.66 -44.91
N ILE F 259 -98.86 20.64 -45.66
CA ILE F 259 -99.84 19.57 -46.19
C ILE F 259 -100.47 18.80 -45.07
N ASN F 260 -99.83 18.76 -43.90
CA ASN F 260 -100.42 18.04 -42.72
C ASN F 260 -101.67 18.82 -42.22
N ARG F 261 -101.50 20.14 -41.93
CA ARG F 261 -102.62 21.05 -41.49
C ARG F 261 -103.70 21.17 -42.55
N ASN F 262 -103.31 21.18 -43.80
CA ASN F 262 -104.30 21.18 -44.93
C ASN F 262 -105.15 19.95 -44.96
N GLU F 263 -104.52 18.83 -44.70
CA GLU F 263 -105.25 17.59 -44.47
C GLU F 263 -106.26 17.72 -43.31
N LYS F 264 -105.81 18.27 -42.17
CA LYS F 264 -106.70 18.41 -41.04
C LYS F 264 -107.88 19.37 -41.38
N ASN F 265 -107.64 20.42 -42.07
CA ASN F 265 -108.68 21.41 -42.27
C ASN F 265 -109.64 21.12 -43.39
N TYR F 266 -109.17 20.48 -44.51
CA TYR F 266 -110.05 20.30 -45.64
C TYR F 266 -111.24 19.50 -45.21
N PHE F 267 -111.04 18.48 -44.30
CA PHE F 267 -112.09 17.55 -43.91
C PHE F 267 -113.07 18.15 -42.97
N GLY F 268 -112.74 19.29 -42.39
CA GLY F 268 -113.80 20.07 -41.72
C GLY F 268 -114.86 20.61 -42.67
N SER F 269 -114.51 20.59 -44.00
CA SER F 269 -115.47 20.97 -45.03
C SER F 269 -116.54 19.87 -45.15
N HIS F 270 -116.21 18.60 -44.85
CA HIS F 270 -117.18 17.51 -44.87
C HIS F 270 -116.80 16.44 -43.84
N PRO F 271 -116.98 16.73 -42.57
CA PRO F 271 -116.46 15.88 -41.49
C PRO F 271 -117.30 14.63 -41.25
N THR F 272 -118.61 14.70 -41.46
CA THR F 272 -119.41 13.50 -41.24
C THR F 272 -119.11 12.44 -42.26
N GLU F 273 -118.81 12.85 -43.53
CA GLU F 273 -118.74 11.85 -44.61
C GLU F 273 -117.45 11.02 -44.48
N PHE F 274 -116.30 11.71 -44.29
CA PHE F 274 -115.00 11.09 -44.05
C PHE F 274 -114.27 11.71 -42.81
N GLY F 275 -114.68 11.34 -41.61
CA GLY F 275 -114.10 11.81 -40.36
C GLY F 275 -113.97 10.75 -39.26
N PRO F 276 -113.88 11.20 -37.98
CA PRO F 276 -113.71 10.25 -36.93
C PRO F 276 -114.83 9.27 -36.97
N ASP F 277 -114.47 8.00 -36.97
CA ASP F 277 -115.33 6.82 -36.92
C ASP F 277 -116.07 6.54 -38.21
N SER F 278 -115.97 7.37 -39.23
CA SER F 278 -116.45 7.07 -40.57
C SER F 278 -115.67 5.86 -41.15
N GLY F 279 -116.38 4.94 -41.85
CA GLY F 279 -115.75 3.67 -42.30
C GLY F 279 -114.48 3.84 -43.07
N VAL F 280 -114.35 4.90 -43.79
CA VAL F 280 -113.16 5.21 -44.65
C VAL F 280 -111.94 5.68 -43.87
N SER F 281 -110.78 5.80 -44.52
CA SER F 281 -109.59 6.26 -43.79
C SER F 281 -108.81 7.21 -44.70
N THR F 282 -108.29 8.32 -44.14
CA THR F 282 -107.81 9.38 -44.94
C THR F 282 -106.58 10.01 -44.30
N GLY F 283 -106.05 10.96 -44.98
CA GLY F 283 -104.89 11.71 -44.54
C GLY F 283 -103.59 11.03 -44.75
N VAL F 284 -102.56 11.75 -44.55
CA VAL F 284 -101.30 11.35 -44.91
C VAL F 284 -100.66 10.54 -43.76
N MET F 285 -100.96 10.94 -42.52
CA MET F 285 -100.40 10.32 -41.30
C MET F 285 -100.82 8.87 -41.26
N THR F 286 -102.15 8.66 -41.52
CA THR F 286 -102.70 7.25 -41.55
C THR F 286 -102.04 6.47 -42.68
N LEU F 287 -101.94 7.00 -43.94
CA LEU F 287 -101.36 6.20 -45.00
C LEU F 287 -99.91 5.74 -44.63
N ARG F 288 -99.09 6.65 -43.95
CA ARG F 288 -97.76 6.23 -43.56
C ARG F 288 -97.80 5.14 -42.44
N LYS F 289 -98.57 5.36 -41.39
CA LYS F 289 -98.75 4.42 -40.35
C LYS F 289 -98.98 3.06 -40.91
N LYS F 290 -99.91 2.99 -41.91
CA LYS F 290 -100.23 1.78 -42.57
C LYS F 290 -99.02 1.21 -43.30
N LEU F 291 -98.32 2.02 -44.11
CA LEU F 291 -97.14 1.50 -44.90
C LEU F 291 -96.09 0.86 -43.99
N LEU F 292 -95.78 1.50 -42.90
CA LEU F 292 -94.84 0.85 -41.95
C LEU F 292 -95.32 -0.52 -41.48
N GLN F 293 -96.63 -0.63 -41.10
CA GLN F 293 -97.13 -1.94 -40.58
C GLN F 293 -97.08 -3.03 -41.67
N VAL F 294 -97.68 -2.71 -42.83
CA VAL F 294 -97.76 -3.75 -43.92
C VAL F 294 -96.36 -4.16 -44.33
N LEU F 295 -95.55 -3.20 -44.61
CA LEU F 295 -94.14 -3.49 -44.94
C LEU F 295 -93.44 -4.41 -43.90
N GLU F 296 -93.59 -4.14 -42.58
CA GLU F 296 -92.98 -4.97 -41.52
C GLU F 296 -93.50 -6.32 -41.51
N GLN F 297 -94.78 -6.48 -41.74
CA GLN F 297 -95.43 -7.77 -41.62
C GLN F 297 -95.13 -8.67 -42.81
N GLN F 298 -95.08 -8.08 -44.02
CA GLN F 298 -94.68 -8.80 -45.20
C GLN F 298 -93.20 -9.17 -45.12
N MET F 299 -92.33 -8.21 -44.91
CA MET F 299 -90.94 -8.52 -44.81
C MET F 299 -90.70 -9.58 -43.71
N SER F 300 -91.31 -9.42 -42.53
CA SER F 300 -91.12 -10.37 -41.45
C SER F 300 -91.53 -11.81 -41.90
N SER F 301 -92.66 -11.90 -42.70
CA SER F 301 -93.04 -13.27 -43.16
C SER F 301 -92.06 -13.87 -44.10
N LYS F 302 -91.65 -13.06 -45.12
CA LYS F 302 -90.72 -13.63 -46.11
C LYS F 302 -89.41 -13.88 -45.56
N LEU F 303 -89.10 -13.21 -44.41
CA LEU F 303 -87.82 -13.33 -43.76
C LEU F 303 -87.41 -14.77 -43.65
N ASN F 304 -88.37 -15.69 -43.45
CA ASN F 304 -87.97 -17.12 -43.18
C ASN F 304 -87.48 -17.85 -44.41
N GLU F 305 -88.30 -17.81 -45.48
CA GLU F 305 -87.97 -18.58 -46.70
C GLU F 305 -86.77 -17.96 -47.39
N THR F 306 -86.64 -16.62 -47.27
CA THR F 306 -85.46 -15.99 -47.82
C THR F 306 -84.22 -16.39 -47.00
N THR F 307 -84.35 -16.54 -45.68
CA THR F 307 -83.14 -16.95 -44.82
C THR F 307 -82.77 -18.42 -45.17
N GLU F 308 -83.76 -19.35 -45.24
CA GLU F 308 -83.48 -20.66 -45.82
C GLU F 308 -82.79 -20.63 -47.17
N ALA F 309 -83.39 -19.97 -48.16
CA ALA F 309 -82.82 -20.02 -49.46
C ALA F 309 -81.37 -19.41 -49.47
N ILE F 310 -81.06 -18.44 -48.57
CA ILE F 310 -79.71 -17.80 -48.52
C ILE F 310 -78.69 -18.83 -48.02
N GLN F 311 -79.06 -19.53 -46.92
CA GLN F 311 -78.29 -20.65 -46.39
C GLN F 311 -78.05 -21.74 -47.47
N ARG F 312 -78.97 -21.90 -48.40
CA ARG F 312 -78.84 -22.86 -49.45
C ARG F 312 -77.83 -22.43 -50.42
N GLU F 313 -77.89 -21.17 -50.90
CA GLU F 313 -76.95 -20.73 -51.89
C GLU F 313 -75.51 -20.52 -51.30
N LEU F 314 -75.39 -20.35 -50.00
CA LEU F 314 -74.07 -20.37 -49.34
C LEU F 314 -73.55 -21.82 -49.27
N GLU F 315 -74.46 -22.80 -49.07
CA GLU F 315 -74.00 -24.24 -49.06
C GLU F 315 -73.43 -24.59 -50.43
N GLU F 316 -74.20 -24.29 -51.50
CA GLU F 316 -73.78 -24.70 -52.84
C GLU F 316 -72.46 -24.10 -53.31
N THR F 317 -72.26 -22.78 -53.03
CA THR F 317 -71.01 -22.19 -53.36
C THR F 317 -69.91 -22.83 -52.55
N THR F 318 -70.10 -23.06 -51.32
CA THR F 318 -69.02 -23.64 -50.46
C THR F 318 -68.60 -25.01 -51.01
N TYR F 319 -69.58 -25.82 -51.31
CA TYR F 319 -69.33 -27.14 -51.79
C TYR F 319 -68.56 -27.10 -53.07
N GLN F 320 -68.97 -26.14 -53.99
CA GLN F 320 -68.17 -25.99 -55.24
C GLN F 320 -66.78 -25.61 -54.92
N PHE F 321 -66.59 -24.73 -54.00
CA PHE F 321 -65.23 -24.41 -53.56
C PHE F 321 -64.41 -25.63 -53.01
N LYS F 322 -65.11 -26.67 -52.41
CA LYS F 322 -64.37 -27.83 -51.96
C LYS F 322 -63.94 -28.73 -53.13
N VAL F 323 -64.85 -28.96 -54.10
CA VAL F 323 -64.58 -29.92 -55.17
C VAL F 323 -63.71 -29.32 -56.32
N GLN F 324 -63.99 -28.02 -56.76
CA GLN F 324 -63.25 -27.45 -57.90
C GLN F 324 -61.89 -26.82 -57.55
N TYR F 325 -61.66 -26.51 -56.27
CA TYR F 325 -60.47 -25.91 -55.87
C TYR F 325 -59.90 -26.47 -54.55
N ASN F 326 -60.47 -27.62 -54.10
CA ASN F 326 -59.93 -28.38 -52.99
C ASN F 326 -59.86 -27.56 -51.74
N GLU F 327 -60.52 -26.41 -51.79
CA GLU F 327 -60.48 -25.35 -50.75
C GLU F 327 -59.10 -24.77 -50.62
N GLN F 328 -58.34 -24.78 -51.73
CA GLN F 328 -56.96 -24.35 -51.79
C GLN F 328 -56.91 -22.81 -51.74
N PRO F 329 -56.15 -22.20 -50.80
CA PRO F 329 -56.12 -20.74 -50.74
C PRO F 329 -55.37 -20.18 -51.92
N MET F 330 -55.90 -19.10 -52.50
CA MET F 330 -55.26 -18.51 -53.66
C MET F 330 -55.38 -17.02 -53.62
N SER F 331 -54.27 -16.38 -54.00
CA SER F 331 -54.27 -14.94 -54.25
C SER F 331 -53.53 -14.64 -55.46
N ALA F 332 -53.81 -13.52 -55.98
CA ALA F 332 -53.16 -13.03 -57.19
C ALA F 332 -51.62 -13.02 -57.07
N GLU F 333 -51.16 -12.56 -55.92
CA GLU F 333 -49.80 -12.49 -55.62
C GLU F 333 -49.18 -13.85 -55.60
N SER F 334 -49.93 -14.90 -55.14
CA SER F 334 -49.30 -16.16 -55.03
C SER F 334 -48.97 -16.73 -56.36
N TYR F 335 -49.94 -16.73 -57.31
CA TYR F 335 -49.69 -17.14 -58.68
C TYR F 335 -48.50 -16.34 -59.24
N LEU F 336 -48.57 -14.98 -59.11
CA LEU F 336 -47.48 -14.09 -59.63
C LEU F 336 -46.09 -14.54 -59.06
N ALA F 337 -46.02 -14.85 -57.76
CA ALA F 337 -44.70 -15.28 -57.17
C ALA F 337 -44.20 -16.58 -57.75
N ALA F 338 -45.09 -17.52 -57.87
CA ALA F 338 -44.76 -18.83 -58.34
C ALA F 338 -44.28 -18.90 -59.84
N SER F 339 -45.05 -18.17 -60.74
CA SER F 339 -44.59 -18.01 -62.16
C SER F 339 -43.36 -17.15 -62.26
N LEU F 340 -43.22 -16.22 -61.34
CA LEU F 340 -41.92 -15.46 -61.32
C LEU F 340 -40.68 -16.38 -61.09
N ASP F 341 -40.76 -17.19 -60.07
CA ASP F 341 -39.65 -18.14 -59.75
C ASP F 341 -39.41 -19.11 -60.95
N ASP F 342 -40.50 -19.63 -61.55
CA ASP F 342 -40.30 -20.47 -62.82
C ASP F 342 -39.46 -19.65 -63.78
N PHE F 343 -39.87 -18.38 -64.07
CA PHE F 343 -39.14 -17.57 -64.99
C PHE F 343 -37.66 -17.45 -64.62
N LYS F 344 -37.40 -17.34 -63.29
CA LYS F 344 -36.04 -17.24 -62.84
C LYS F 344 -35.23 -18.53 -63.14
N HIS F 345 -35.88 -19.69 -62.99
CA HIS F 345 -35.18 -20.92 -63.24
C HIS F 345 -34.80 -21.01 -64.71
N GLN F 346 -35.64 -20.65 -65.55
CA GLN F 346 -35.32 -20.67 -66.96
C GLN F 346 -34.16 -19.79 -67.24
N PHE F 347 -34.16 -18.54 -66.69
CA PHE F 347 -33.05 -17.65 -66.96
C PHE F 347 -31.77 -18.31 -66.60
N HIS F 348 -31.80 -19.04 -65.45
CA HIS F 348 -30.64 -19.71 -64.97
C HIS F 348 -30.10 -20.76 -65.99
N GLU F 349 -30.99 -21.49 -66.68
CA GLU F 349 -30.53 -22.45 -67.72
C GLU F 349 -29.76 -21.79 -68.84
N PHE F 350 -30.29 -20.62 -69.32
CA PHE F 350 -29.62 -19.85 -70.31
C PHE F 350 -28.25 -19.28 -69.84
N ALA F 351 -28.25 -18.59 -68.70
CA ALA F 351 -27.08 -17.94 -68.27
C ALA F 351 -25.91 -18.88 -68.28
N SER F 352 -26.14 -20.06 -67.74
CA SER F 352 -25.12 -21.06 -67.73
C SER F 352 -24.68 -21.52 -69.16
N SER F 353 -25.56 -21.31 -70.17
CA SER F 353 -25.25 -21.70 -71.57
C SER F 353 -24.42 -20.70 -72.42
N PHE F 354 -24.63 -19.43 -72.24
CA PHE F 354 -24.18 -18.41 -73.19
C PHE F 354 -22.64 -18.23 -73.31
N GLY F 355 -22.00 -17.75 -72.25
CA GLY F 355 -20.56 -17.65 -72.37
C GLY F 355 -20.11 -16.54 -73.35
N ARG F 356 -18.98 -16.79 -74.03
CA ARG F 356 -18.17 -15.79 -74.77
C ARG F 356 -17.93 -16.07 -76.22
N PRO F 357 -17.65 -17.23 -76.63
CA PRO F 357 -17.44 -17.41 -78.05
C PRO F 357 -18.66 -17.12 -78.94
N GLN F 358 -19.83 -17.16 -78.35
CA GLN F 358 -21.00 -16.58 -78.98
C GLN F 358 -20.73 -15.07 -79.24
N LEU F 359 -20.23 -14.38 -78.19
CA LEU F 359 -19.80 -12.99 -78.34
C LEU F 359 -18.74 -12.83 -79.44
N GLN F 360 -17.77 -13.81 -79.54
CA GLN F 360 -16.72 -13.71 -80.57
C GLN F 360 -17.33 -13.66 -82.00
N THR F 361 -18.21 -14.57 -82.33
CA THR F 361 -18.79 -14.56 -83.66
C THR F 361 -19.58 -13.29 -83.87
N LEU F 362 -20.48 -12.93 -82.89
CA LEU F 362 -21.29 -11.73 -83.06
C LEU F 362 -20.44 -10.50 -83.36
N LEU F 363 -19.34 -10.33 -82.61
CA LEU F 363 -18.43 -9.18 -82.82
C LEU F 363 -17.68 -9.26 -84.11
N LYS F 364 -17.09 -10.43 -84.52
CA LYS F 364 -16.24 -10.52 -85.73
C LYS F 364 -17.06 -10.16 -86.96
N ASP F 365 -18.33 -10.55 -86.96
CA ASP F 365 -19.25 -10.23 -88.01
C ASP F 365 -19.47 -8.75 -88.15
N ALA F 366 -19.74 -8.03 -87.01
CA ALA F 366 -19.94 -6.58 -87.11
C ALA F 366 -18.67 -5.90 -87.66
N LEU F 367 -17.51 -6.31 -87.23
CA LEU F 367 -16.29 -5.59 -87.63
C LEU F 367 -15.90 -5.93 -89.08
N ASP F 368 -16.44 -6.95 -89.66
CA ASP F 368 -16.30 -7.15 -91.04
C ASP F 368 -17.10 -6.09 -91.83
N GLN F 369 -18.37 -5.91 -91.42
CA GLN F 369 -19.16 -4.78 -91.97
C GLN F 369 -18.39 -3.43 -91.86
N LYS F 370 -17.74 -3.20 -90.65
CA LYS F 370 -17.09 -1.90 -90.45
C LYS F 370 -15.96 -1.78 -91.38
N VAL F 371 -15.14 -2.84 -91.52
CA VAL F 371 -14.07 -2.83 -92.54
C VAL F 371 -14.62 -2.52 -93.92
N LEU F 372 -15.75 -3.11 -94.33
CA LEU F 372 -16.31 -2.70 -95.61
C LEU F 372 -16.50 -1.19 -95.70
N ASP F 373 -17.21 -0.63 -94.70
CA ASP F 373 -17.44 0.83 -94.68
C ASP F 373 -16.17 1.63 -94.78
N GLN F 374 -15.08 1.27 -94.05
CA GLN F 374 -13.86 2.09 -94.12
C GLN F 374 -13.22 2.07 -95.51
N LEU F 375 -13.01 0.86 -95.99
CA LEU F 375 -12.50 0.66 -97.31
C LEU F 375 -13.27 1.43 -98.31
N ALA F 376 -14.62 1.30 -98.29
CA ALA F 376 -15.40 2.03 -99.22
C ALA F 376 -15.24 3.56 -99.06
N ALA F 377 -15.18 4.08 -97.78
CA ALA F 377 -15.12 5.49 -97.55
C ALA F 377 -13.75 6.09 -97.88
N ARG F 378 -12.73 5.26 -97.97
CA ARG F 378 -11.42 5.77 -98.24
C ARG F 378 -10.79 5.49 -99.57
N TYR F 379 -11.26 4.46 -100.23
CA TYR F 379 -10.62 3.93 -101.38
C TYR F 379 -11.49 3.86 -102.59
N TRP F 380 -12.82 3.73 -102.41
CA TRP F 380 -13.67 3.39 -103.53
C TRP F 380 -14.57 4.59 -103.94
N ASN F 381 -15.57 4.35 -104.78
CA ASN F 381 -16.49 5.37 -105.21
C ASN F 381 -17.51 5.73 -104.13
N ARG F 382 -18.48 6.60 -104.46
CA ARG F 382 -19.44 7.12 -103.47
C ARG F 382 -20.88 6.99 -104.01
N PRO F 383 -21.92 7.25 -103.13
CA PRO F 383 -23.32 7.43 -103.65
C PRO F 383 -23.40 8.45 -104.72
N ILE F 384 -24.57 8.48 -105.39
CA ILE F 384 -24.82 9.31 -106.61
C ILE F 384 -26.08 10.13 -106.39
N GLU F 385 -25.96 11.49 -106.56
CA GLU F 385 -27.08 12.40 -106.77
C GLU F 385 -26.74 13.22 -108.00
N ASP F 386 -27.68 14.13 -108.32
CA ASP F 386 -27.63 14.82 -109.58
C ASP F 386 -26.48 15.85 -109.57
N LEU F 387 -26.13 16.36 -108.42
CA LEU F 387 -25.09 17.35 -108.24
C LEU F 387 -23.75 16.73 -108.62
N SER F 388 -23.03 17.45 -109.45
CA SER F 388 -21.76 17.07 -109.98
C SER F 388 -20.63 16.93 -108.87
N PRO F 389 -19.71 15.96 -108.97
CA PRO F 389 -18.80 15.64 -107.90
C PRO F 389 -17.47 16.44 -107.91
N ALA F 390 -16.52 16.09 -106.99
CA ALA F 390 -15.15 16.25 -107.27
C ALA F 390 -14.80 15.33 -108.33
N PRO F 391 -13.73 15.60 -109.05
CA PRO F 391 -13.58 14.87 -110.30
C PRO F 391 -13.51 13.35 -110.21
N ARG F 392 -12.60 12.67 -109.40
CA ARG F 392 -11.62 13.15 -108.40
C ARG F 392 -10.28 13.69 -108.87
N GLU F 393 -9.50 12.97 -109.74
CA GLU F 393 -9.58 11.55 -110.08
C GLU F 393 -8.19 10.78 -110.07
N PRO F 394 -7.11 11.37 -109.63
CA PRO F 394 -5.88 10.53 -109.42
C PRO F 394 -6.06 9.49 -108.37
N ASP F 395 -7.22 9.49 -107.61
CA ASP F 395 -7.50 8.41 -106.66
C ASP F 395 -8.14 7.26 -107.46
N ASN F 396 -7.28 6.58 -108.23
CA ASN F 396 -7.64 5.44 -109.04
C ASN F 396 -7.08 4.23 -108.35
N ILE F 397 -7.96 3.26 -108.06
CA ILE F 397 -7.43 2.07 -107.41
C ILE F 397 -6.69 1.17 -108.37
N ILE F 398 -6.86 1.43 -109.64
CA ILE F 398 -6.40 0.40 -110.60
C ILE F 398 -4.88 0.26 -110.57
N ASP F 399 -4.21 1.40 -110.48
CA ASP F 399 -2.74 1.37 -110.43
C ASP F 399 -2.14 1.03 -109.12
N LEU F 400 -2.93 0.65 -108.13
CA LEU F 400 -2.40 0.23 -106.81
C LEU F 400 -1.38 -0.88 -106.87
N PRO F 401 -1.59 -2.07 -107.48
CA PRO F 401 -0.52 -3.07 -107.43
C PRO F 401 0.83 -2.60 -107.99
N LYS F 402 0.83 -1.88 -109.17
CA LYS F 402 1.99 -1.36 -109.81
C LYS F 402 2.10 0.11 -109.60
N ALA F 403 2.39 0.44 -108.33
CA ALA F 403 2.61 1.77 -107.87
C ALA F 403 3.90 1.74 -107.06
N ASP F 404 4.52 2.88 -106.94
CA ASP F 404 5.75 2.99 -106.29
C ASP F 404 5.53 2.62 -104.83
N PRO F 405 6.29 1.73 -104.28
CA PRO F 405 6.01 1.25 -102.85
C PRO F 405 6.10 2.40 -101.85
N ASP F 406 6.82 3.44 -102.20
CA ASP F 406 7.05 4.56 -101.33
C ASP F 406 6.20 5.74 -101.70
N SER F 407 4.89 5.50 -101.82
CA SER F 407 3.97 6.52 -102.23
C SER F 407 3.38 7.26 -101.06
N PRO F 408 3.46 8.62 -101.01
CA PRO F 408 2.86 9.37 -99.83
C PRO F 408 1.37 9.27 -99.76
N TYR F 409 0.70 9.17 -100.94
CA TYR F 409 -0.82 9.05 -100.97
C TYR F 409 -1.31 7.73 -100.41
N TRP F 410 -0.77 6.63 -100.97
CA TRP F 410 -1.26 5.32 -100.56
C TRP F 410 -0.90 5.04 -99.08
N HIS F 411 0.36 5.41 -98.71
CA HIS F 411 0.72 5.41 -97.31
C HIS F 411 -0.35 6.15 -96.51
N ARG F 412 -0.60 7.39 -96.90
CA ARG F 412 -1.53 8.20 -96.07
C ARG F 412 -2.90 7.65 -96.08
N GLN F 413 -3.23 6.94 -97.17
CA GLN F 413 -4.61 6.42 -97.28
C GLN F 413 -4.82 5.25 -96.42
N LEU F 414 -3.92 4.27 -96.52
CA LEU F 414 -3.98 3.11 -95.58
C LEU F 414 -3.75 3.50 -94.14
N ASP F 415 -2.87 4.50 -93.81
CA ASP F 415 -2.64 4.91 -92.43
C ASP F 415 -3.87 5.60 -91.89
N THR F 416 -4.49 6.51 -92.68
CA THR F 416 -5.66 7.13 -92.14
C THR F 416 -6.83 6.15 -92.18
N ALA F 417 -6.82 5.08 -92.98
CA ALA F 417 -7.91 4.11 -92.92
C ALA F 417 -7.81 3.29 -91.65
N CYS F 418 -6.64 2.88 -91.32
CA CYS F 418 -6.46 2.16 -90.02
C CYS F 418 -6.70 3.07 -88.84
N SER F 419 -6.15 4.25 -88.78
CA SER F 419 -6.47 5.14 -87.73
C SER F 419 -7.95 5.46 -87.70
N GLY F 420 -8.61 5.50 -88.89
CA GLY F 420 -10.06 5.79 -88.93
C GLY F 420 -10.89 4.59 -88.34
N LEU F 421 -10.49 3.36 -88.75
CA LEU F 421 -11.13 2.12 -88.18
C LEU F 421 -10.94 2.02 -86.66
N THR F 422 -9.72 2.10 -86.20
CA THR F 422 -9.43 1.94 -84.75
C THR F 422 -9.99 3.12 -83.95
N ARG F 423 -9.80 4.33 -84.44
CA ARG F 423 -10.30 5.49 -83.78
C ARG F 423 -11.76 5.76 -84.12
N LEU F 424 -12.50 4.68 -84.05
CA LEU F 424 -13.91 4.65 -84.16
C LEU F 424 -14.46 4.10 -82.85
N GLY F 425 -15.71 4.29 -82.68
CA GLY F 425 -16.34 3.76 -81.54
C GLY F 425 -16.54 2.20 -81.61
N VAL F 426 -15.44 1.47 -81.58
CA VAL F 426 -15.49 0.05 -81.53
C VAL F 426 -16.02 -0.46 -80.19
N GLY F 427 -15.62 0.20 -79.16
CA GLY F 427 -16.20 -0.13 -77.88
C GLY F 427 -17.71 -0.01 -77.90
N ARG F 428 -18.18 1.13 -78.42
CA ARG F 428 -19.62 1.42 -78.52
C ARG F 428 -20.29 0.45 -79.40
N LEU F 429 -19.58 -0.02 -80.38
CA LEU F 429 -20.14 -0.97 -81.31
C LEU F 429 -20.33 -2.38 -80.65
N ALA F 430 -19.36 -2.81 -79.93
CA ALA F 430 -19.47 -4.06 -79.24
C ALA F 430 -20.56 -4.02 -78.18
N ALA F 431 -20.61 -2.91 -77.40
CA ALA F 431 -21.57 -2.85 -76.39
C ALA F 431 -22.99 -2.89 -76.98
N THR F 432 -23.24 -2.09 -78.00
CA THR F 432 -24.65 -2.01 -78.49
C THR F 432 -24.98 -3.34 -79.12
N VAL F 433 -24.02 -4.00 -79.73
CA VAL F 433 -24.28 -5.27 -80.42
C VAL F 433 -24.60 -6.41 -79.38
N ALA F 434 -23.70 -6.56 -78.38
CA ALA F 434 -23.84 -7.53 -77.36
C ALA F 434 -25.14 -7.21 -76.58
N ALA F 435 -25.59 -5.96 -76.61
CA ALA F 435 -26.83 -5.66 -75.98
C ALA F 435 -28.00 -6.12 -76.77
N SER F 436 -28.07 -5.73 -78.02
CA SER F 436 -29.10 -6.33 -78.88
C SER F 436 -29.15 -7.87 -78.74
N ALA F 437 -27.98 -8.54 -78.65
CA ALA F 437 -27.93 -10.01 -78.52
C ALA F 437 -28.60 -10.45 -77.27
N ILE F 438 -28.06 -10.02 -76.18
CA ILE F 438 -28.58 -10.48 -74.87
C ILE F 438 -30.09 -10.24 -74.82
N GLN F 439 -30.52 -9.09 -75.24
CA GLN F 439 -31.93 -8.74 -75.22
C GLN F 439 -32.75 -9.69 -75.98
N GLN F 440 -32.31 -10.02 -77.16
CA GLN F 440 -32.94 -11.06 -77.95
C GLN F 440 -33.11 -12.39 -77.21
N HIS F 441 -32.02 -12.86 -76.55
CA HIS F 441 -32.03 -14.09 -75.75
C HIS F 441 -33.03 -14.01 -74.59
N VAL F 442 -33.16 -12.87 -74.00
CA VAL F 442 -34.11 -12.65 -72.93
C VAL F 442 -35.56 -12.64 -73.49
N GLU F 443 -35.71 -12.25 -74.76
CA GLU F 443 -37.03 -12.17 -75.28
C GLU F 443 -37.49 -13.58 -75.77
N LYS F 444 -36.55 -14.30 -76.40
CA LYS F 444 -36.84 -15.61 -76.85
C LYS F 444 -37.15 -16.52 -75.64
N LEU F 445 -36.34 -16.40 -74.56
CA LEU F 445 -36.65 -17.06 -73.26
C LEU F 445 -38.04 -16.69 -72.68
N LEU F 446 -38.44 -15.43 -72.80
CA LEU F 446 -39.78 -15.08 -72.41
C LEU F 446 -40.83 -15.74 -73.28
N ASP F 447 -40.56 -15.88 -74.59
CA ASP F 447 -41.54 -16.50 -75.53
C ASP F 447 -41.87 -17.91 -75.12
N LYS F 448 -40.87 -18.70 -74.72
CA LYS F 448 -41.18 -20.00 -74.16
C LYS F 448 -41.65 -20.02 -72.72
N SER F 449 -41.34 -19.02 -71.93
CA SER F 449 -41.63 -19.06 -70.50
C SER F 449 -43.11 -18.89 -70.14
N SER F 450 -43.36 -18.85 -68.81
CA SER F 450 -44.70 -18.87 -68.30
C SER F 450 -45.41 -17.56 -68.53
N PHE F 451 -44.66 -16.55 -69.06
CA PHE F 451 -45.14 -15.20 -69.29
C PHE F 451 -45.51 -15.03 -70.76
N ALA F 452 -45.91 -16.11 -71.49
CA ALA F 452 -46.43 -15.93 -72.83
C ALA F 452 -47.66 -15.09 -72.85
N LYS F 453 -48.61 -15.41 -71.96
CA LYS F 453 -49.74 -14.50 -71.68
C LYS F 453 -49.19 -13.38 -70.74
N HIS F 454 -50.01 -12.49 -70.35
CA HIS F 454 -49.63 -11.36 -69.51
C HIS F 454 -48.65 -10.44 -70.26
N PRO F 455 -49.05 -9.81 -71.40
CA PRO F 455 -48.15 -8.90 -72.14
C PRO F 455 -47.54 -7.75 -71.30
N SER F 456 -48.25 -7.27 -70.29
CA SER F 456 -47.74 -6.16 -69.47
C SER F 456 -46.55 -6.54 -68.65
N ALA F 457 -46.66 -7.71 -67.89
CA ALA F 457 -45.58 -8.12 -67.02
C ALA F 457 -44.34 -8.51 -67.88
N ARG F 458 -44.57 -9.17 -69.06
CA ARG F 458 -43.57 -9.45 -69.99
C ARG F 458 -42.85 -8.21 -70.45
N LYS F 459 -43.57 -7.20 -70.85
CA LYS F 459 -42.87 -5.96 -71.18
C LYS F 459 -42.09 -5.36 -70.01
N VAL F 460 -42.56 -5.49 -68.78
CA VAL F 460 -41.76 -5.03 -67.61
C VAL F 460 -40.46 -5.83 -67.44
N ILE F 461 -40.56 -7.12 -67.62
CA ILE F 461 -39.34 -7.96 -67.55
C ILE F 461 -38.36 -7.56 -68.60
N SER F 462 -38.84 -7.38 -69.88
CA SER F 462 -37.97 -6.99 -70.95
C SER F 462 -37.33 -5.65 -70.66
N ASP F 463 -38.18 -4.71 -70.28
CA ASP F 463 -37.69 -3.27 -70.12
C ASP F 463 -36.66 -3.20 -69.02
N ALA F 464 -36.82 -4.05 -67.98
CA ALA F 464 -35.83 -4.15 -66.94
C ALA F 464 -34.46 -4.56 -67.51
N ALA F 465 -34.48 -5.69 -68.15
CA ALA F 465 -33.30 -6.14 -68.92
C ALA F 465 -32.75 -5.00 -69.77
N ALA F 466 -33.64 -4.21 -70.39
CA ALA F 466 -33.15 -3.16 -71.29
C ALA F 466 -32.34 -2.17 -70.50
N THR F 467 -32.89 -1.73 -69.32
CA THR F 467 -32.23 -0.70 -68.54
C THR F 467 -30.94 -1.15 -67.87
N VAL F 468 -30.85 -2.38 -67.49
CA VAL F 468 -29.60 -2.89 -66.91
C VAL F 468 -28.50 -2.87 -67.99
N LEU F 469 -28.80 -3.43 -69.13
CA LEU F 469 -27.79 -3.46 -70.17
C LEU F 469 -27.37 -2.04 -70.56
N ALA F 470 -28.32 -1.13 -70.63
CA ALA F 470 -28.03 0.23 -70.95
C ALA F 470 -27.20 0.87 -69.83
N ASP F 471 -27.45 0.46 -68.61
CA ASP F 471 -26.62 0.93 -67.51
C ASP F 471 -25.14 0.49 -67.57
N ARG F 472 -24.88 -0.72 -67.99
CA ARG F 472 -23.49 -1.09 -68.11
C ARG F 472 -22.86 -0.73 -69.45
N SER F 473 -23.65 -0.23 -70.40
CA SER F 473 -23.12 -0.11 -71.80
C SER F 473 -21.94 0.85 -71.88
N TYR F 474 -22.08 2.05 -71.29
CA TYR F 474 -20.98 3.05 -71.32
C TYR F 474 -19.74 2.50 -70.73
N ALA F 475 -19.79 2.01 -69.42
CA ALA F 475 -18.60 1.44 -68.80
C ALA F 475 -17.94 0.37 -69.67
N THR F 476 -18.72 -0.53 -70.26
CA THR F 476 -18.17 -1.53 -71.08
C THR F 476 -17.43 -0.87 -72.23
N SER F 477 -18.04 0.01 -72.91
CA SER F 477 -17.43 0.67 -74.05
C SER F 477 -16.13 1.32 -73.68
N ASP F 478 -16.12 2.12 -72.62
CA ASP F 478 -14.85 2.90 -72.25
C ASP F 478 -13.72 1.98 -71.85
N GLY F 479 -14.05 1.00 -71.09
CA GLY F 479 -13.06 0.02 -70.78
C GLY F 479 -12.56 -0.69 -72.02
N ILE F 480 -13.47 -1.02 -72.99
CA ILE F 480 -13.00 -1.73 -74.17
C ILE F 480 -12.04 -0.85 -75.01
N GLU F 481 -12.34 0.48 -75.10
CA GLU F 481 -11.40 1.44 -75.68
C GLU F 481 -10.02 1.32 -74.99
N ILE F 482 -9.99 1.39 -73.65
CA ILE F 482 -8.69 1.52 -72.97
C ILE F 482 -7.84 0.31 -73.20
N SER F 483 -8.43 -0.84 -73.10
CA SER F 483 -7.76 -2.09 -73.48
C SER F 483 -7.32 -2.04 -74.96
N LEU F 484 -8.01 -1.29 -75.82
CA LEU F 484 -7.63 -1.16 -77.22
C LEU F 484 -6.61 -0.12 -77.46
N LYS F 485 -6.24 0.73 -76.46
CA LYS F 485 -5.22 1.78 -76.68
C LYS F 485 -3.83 1.27 -77.18
N PRO F 486 -3.28 0.12 -76.80
CA PRO F 486 -2.00 -0.30 -77.38
C PRO F 486 -2.15 -0.68 -78.81
N TYR F 487 -3.30 -1.26 -79.18
CA TYR F 487 -3.53 -1.55 -80.58
C TYR F 487 -3.89 -0.29 -81.40
N LYS F 488 -4.35 0.76 -80.75
CA LYS F 488 -4.67 1.97 -81.50
C LYS F 488 -3.43 2.59 -82.08
N PHE F 489 -2.29 2.50 -81.35
CA PHE F 489 -1.07 3.05 -81.88
C PHE F 489 -0.41 2.13 -82.89
N ASP F 490 -0.06 0.97 -82.44
CA ASP F 490 0.68 0.04 -83.25
C ASP F 490 -0.04 -1.36 -83.20
N PRO F 491 -1.01 -1.59 -84.06
CA PRO F 491 -1.64 -2.98 -84.05
C PRO F 491 -0.81 -3.97 -84.89
N ASP F 492 0.39 -4.38 -84.30
CA ASP F 492 1.37 -5.12 -85.06
C ASP F 492 0.76 -6.45 -85.52
N ILE F 493 0.95 -6.76 -86.80
CA ILE F 493 0.37 -7.98 -87.43
C ILE F 493 1.47 -8.98 -87.68
N GLN F 494 1.41 -10.10 -87.02
CA GLN F 494 2.28 -11.21 -87.30
C GLN F 494 1.85 -11.90 -88.58
N PRO F 495 2.75 -12.71 -89.19
CA PRO F 495 2.43 -13.37 -90.50
C PRO F 495 1.23 -14.27 -90.51
N ASN F 496 1.05 -15.03 -89.50
CA ASN F 496 -0.06 -16.02 -89.46
C ASN F 496 -1.37 -15.29 -89.38
N GLU F 497 -1.43 -14.26 -88.56
CA GLU F 497 -2.58 -13.28 -88.54
C GLU F 497 -2.77 -12.70 -89.92
N TRP F 498 -1.67 -12.40 -90.65
CA TRP F 498 -1.85 -11.88 -92.01
C TRP F 498 -2.51 -12.90 -92.96
N ALA F 499 -2.05 -14.17 -92.88
CA ALA F 499 -2.72 -15.24 -93.70
C ALA F 499 -4.19 -15.43 -93.27
N GLN F 500 -4.53 -15.30 -91.96
CA GLN F 500 -5.89 -15.34 -91.52
C GLN F 500 -6.71 -14.25 -92.17
N GLY F 501 -6.13 -13.00 -92.19
CA GLY F 501 -6.82 -11.90 -92.84
C GLY F 501 -7.10 -12.21 -94.32
N ARG F 502 -6.11 -12.78 -94.99
CA ARG F 502 -6.27 -13.06 -96.39
C ARG F 502 -7.45 -13.97 -96.70
N GLU F 503 -7.45 -15.14 -96.04
CA GLU F 503 -8.52 -16.15 -96.26
C GLU F 503 -9.90 -15.59 -95.77
N HIS F 504 -9.95 -14.68 -94.82
CA HIS F 504 -11.24 -14.13 -94.46
C HIS F 504 -11.60 -13.02 -95.43
N VAL F 505 -10.58 -12.37 -95.99
CA VAL F 505 -10.81 -11.23 -96.85
C VAL F 505 -11.40 -11.62 -98.16
N VAL F 506 -10.96 -12.77 -98.65
CA VAL F 506 -11.45 -13.26 -99.93
C VAL F 506 -12.91 -13.59 -99.77
N GLY F 507 -13.25 -14.27 -98.66
CA GLY F 507 -14.67 -14.57 -98.44
C GLY F 507 -15.55 -13.26 -98.30
N VAL F 508 -15.12 -12.27 -97.41
CA VAL F 508 -15.95 -11.14 -97.09
C VAL F 508 -16.18 -10.31 -98.37
N LEU F 509 -15.08 -10.14 -99.10
CA LEU F 509 -15.14 -9.35 -100.43
C LEU F 509 -16.00 -10.07 -101.46
N GLN F 510 -15.78 -11.39 -101.64
CA GLN F 510 -16.49 -11.99 -102.74
C GLN F 510 -18.03 -11.96 -102.46
N ALA F 511 -18.43 -12.17 -101.27
CA ALA F 511 -19.87 -12.04 -100.86
C ALA F 511 -20.44 -10.69 -101.26
N GLU F 512 -19.75 -9.59 -100.92
CA GLU F 512 -20.19 -8.27 -101.30
C GLU F 512 -20.27 -8.07 -102.81
N LEU F 513 -19.31 -8.79 -103.56
CA LEU F 513 -19.36 -8.76 -105.03
C LEU F 513 -20.59 -9.53 -105.59
N GLU F 514 -21.01 -10.60 -104.86
CA GLU F 514 -22.19 -11.39 -105.21
C GLU F 514 -23.44 -10.59 -105.03
N GLN F 515 -23.51 -9.85 -103.89
CA GLN F 515 -24.58 -8.90 -103.67
C GLN F 515 -24.63 -7.79 -104.79
N CYS F 516 -23.44 -7.25 -105.24
CA CYS F 516 -23.41 -6.20 -106.22
C CYS F 516 -23.89 -6.68 -107.62
N GLN F 517 -23.34 -7.80 -108.17
CA GLN F 517 -23.74 -8.29 -109.51
C GLN F 517 -25.19 -8.64 -109.57
N ALA F 518 -25.70 -9.26 -108.47
CA ALA F 518 -27.08 -9.68 -108.40
C ALA F 518 -27.96 -8.45 -108.45
N ALA F 519 -27.58 -7.43 -107.74
CA ALA F 519 -28.40 -6.25 -107.73
C ALA F 519 -28.38 -5.56 -109.11
N MET F 520 -27.17 -5.58 -109.83
CA MET F 520 -26.99 -4.94 -111.13
C MET F 520 -27.78 -5.58 -112.16
N LYS F 521 -27.72 -6.91 -112.27
CA LYS F 521 -28.63 -7.65 -113.18
C LYS F 521 -30.07 -7.37 -112.90
N ALA F 522 -30.46 -7.42 -111.65
CA ALA F 522 -31.93 -7.16 -111.26
C ALA F 522 -32.35 -5.74 -111.58
N LEU F 523 -31.36 -4.82 -111.51
CA LEU F 523 -31.65 -3.48 -112.02
C LEU F 523 -31.85 -3.50 -113.52
N GLU F 524 -30.91 -4.19 -114.25
CA GLU F 524 -31.05 -4.32 -115.67
C GLU F 524 -32.41 -4.87 -116.07
N ASN F 525 -32.86 -5.98 -115.45
CA ASN F 525 -34.03 -6.69 -115.90
C ASN F 525 -35.26 -5.94 -115.50
N SER F 526 -35.14 -5.12 -114.45
CA SER F 526 -36.31 -4.34 -113.98
C SER F 526 -36.58 -3.16 -114.89
N VAL F 527 -35.46 -2.52 -115.35
CA VAL F 527 -35.55 -1.35 -116.28
C VAL F 527 -35.91 -1.87 -117.64
N GLY F 528 -35.31 -3.06 -118.00
CA GLY F 528 -35.65 -3.70 -119.27
C GLY F 528 -34.43 -4.43 -119.85
N GLY F 529 -33.98 -3.99 -121.01
CA GLY F 529 -32.71 -4.44 -121.51
C GLY F 529 -31.48 -3.62 -121.02
N ARG F 530 -30.30 -4.27 -121.02
CA ARG F 530 -29.04 -3.63 -120.57
C ARG F 530 -28.65 -2.39 -121.40
N LYS F 531 -29.01 -2.40 -122.64
CA LYS F 531 -28.76 -1.29 -123.47
C LYS F 531 -29.46 -0.01 -122.98
N LYS F 532 -30.68 -0.10 -122.46
CA LYS F 532 -31.39 1.14 -122.03
C LYS F 532 -30.76 1.73 -120.81
N LEU F 533 -30.46 0.82 -119.85
CA LEU F 533 -29.76 1.22 -118.75
C LEU F 533 -28.34 1.76 -118.96
N LYS F 534 -27.68 1.34 -120.05
CA LYS F 534 -26.43 1.93 -120.49
C LYS F 534 -26.59 3.30 -121.22
N GLU F 535 -27.72 3.56 -121.80
CA GLU F 535 -28.09 4.90 -122.22
C GLU F 535 -28.28 5.85 -121.01
N VAL F 536 -29.14 5.42 -120.00
CA VAL F 536 -29.28 6.30 -118.83
C VAL F 536 -27.93 6.34 -118.12
N MET F 537 -27.11 5.33 -118.17
CA MET F 537 -25.80 5.36 -117.58
C MET F 537 -25.00 6.46 -118.23
N SER F 538 -25.11 6.57 -119.57
CA SER F 538 -24.32 7.63 -120.22
C SER F 538 -24.83 9.01 -119.84
N PHE F 539 -26.13 9.14 -119.51
CA PHE F 539 -26.68 10.47 -119.11
C PHE F 539 -26.25 10.86 -117.70
N VAL F 540 -26.22 9.86 -116.81
CA VAL F 540 -25.77 10.09 -115.48
C VAL F 540 -24.25 10.44 -115.42
N ASP F 541 -23.44 9.75 -116.22
CA ASP F 541 -22.03 10.09 -116.31
C ASP F 541 -21.84 11.47 -116.93
N LYS F 542 -22.68 11.82 -117.86
CA LYS F 542 -22.56 13.21 -118.43
C LYS F 542 -22.85 14.27 -117.42
N ALA F 543 -23.95 14.11 -116.62
CA ALA F 543 -24.19 15.02 -115.54
C ALA F 543 -23.16 14.96 -114.51
N ARG F 544 -22.44 13.83 -114.44
CA ARG F 544 -21.34 13.64 -113.48
C ARG F 544 -20.10 14.39 -113.85
N LYS F 545 -19.81 14.60 -115.16
CA LYS F 545 -18.72 15.48 -115.52
C LYS F 545 -19.23 16.84 -115.85
N GLY F 546 -18.42 17.65 -116.50
CA GLY F 546 -18.73 19.05 -116.82
C GLY F 546 -19.82 19.25 -117.91
N GLU F 547 -20.16 18.20 -118.60
CA GLU F 547 -20.84 18.39 -119.92
C GLU F 547 -22.23 18.96 -119.76
N ILE F 548 -22.98 18.56 -118.77
CA ILE F 548 -24.37 19.02 -118.61
C ILE F 548 -24.70 19.23 -117.12
N ILE F 549 -25.40 20.35 -116.82
CA ILE F 549 -25.91 20.54 -115.43
C ILE F 549 -27.38 20.79 -115.53
N VAL F 550 -28.13 20.25 -114.57
CA VAL F 550 -29.54 20.41 -114.50
C VAL F 550 -29.99 20.90 -113.13
N GLU F 551 -30.99 21.77 -113.15
CA GLU F 551 -31.63 22.28 -111.96
C GLU F 551 -32.96 21.53 -111.71
N GLY F 552 -33.63 21.92 -110.60
CA GLY F 552 -34.83 21.25 -110.23
C GLY F 552 -36.05 22.14 -110.26
N ASP F 553 -36.29 22.84 -111.39
CA ASP F 553 -37.48 23.61 -111.58
C ASP F 553 -38.62 22.81 -112.16
N HIS F 554 -38.32 21.70 -112.83
CA HIS F 554 -39.34 20.78 -113.33
C HIS F 554 -39.05 19.30 -113.03
N PRO F 555 -39.55 18.78 -111.91
CA PRO F 555 -39.18 17.45 -111.41
C PRO F 555 -39.92 16.32 -112.03
N SER F 556 -40.64 16.55 -113.14
CA SER F 556 -41.24 15.45 -113.87
C SER F 556 -40.27 14.79 -114.85
N GLY F 557 -39.64 15.60 -115.70
CA GLY F 557 -38.77 15.14 -116.80
C GLY F 557 -37.50 15.96 -117.02
N ALA F 558 -36.34 15.27 -117.00
CA ALA F 558 -35.05 15.87 -117.13
C ALA F 558 -34.20 15.03 -118.09
N GLY F 559 -33.55 15.73 -119.00
CA GLY F 559 -32.94 15.07 -120.13
C GLY F 559 -34.07 14.36 -120.95
N GLY F 560 -33.64 13.44 -121.85
CA GLY F 560 -34.63 12.68 -122.59
C GLY F 560 -35.20 11.49 -121.73
N PHE F 561 -34.99 11.63 -120.47
CA PHE F 561 -35.23 10.57 -119.48
C PHE F 561 -36.07 11.03 -118.35
N SER F 562 -36.84 10.08 -117.79
CA SER F 562 -37.79 10.40 -116.73
C SER F 562 -37.14 10.33 -115.36
N ALA F 563 -37.86 10.92 -114.40
CA ALA F 563 -37.34 11.07 -113.09
C ALA F 563 -37.08 9.75 -112.41
N ALA F 564 -37.91 8.77 -112.63
CA ALA F 564 -37.70 7.39 -112.06
C ALA F 564 -36.61 6.66 -112.85
N LEU F 565 -36.56 6.76 -114.24
CA LEU F 565 -35.49 6.19 -115.02
C LEU F 565 -34.14 6.84 -114.64
N LEU F 566 -34.13 8.13 -114.26
CA LEU F 566 -32.95 8.81 -113.78
C LEU F 566 -32.41 8.29 -112.49
N ALA F 567 -33.27 8.23 -111.48
CA ALA F 567 -32.86 7.75 -110.20
C ALA F 567 -32.34 6.32 -110.35
N ARG F 568 -33.14 5.41 -110.99
CA ARG F 568 -32.70 4.04 -111.16
C ARG F 568 -31.28 4.00 -111.82
N GLY F 569 -31.05 4.98 -112.77
CA GLY F 569 -29.79 5.05 -113.49
C GLY F 569 -28.56 5.46 -112.62
N ARG F 570 -28.83 6.34 -111.57
CA ARG F 570 -27.73 6.71 -110.64
C ARG F 570 -27.35 5.49 -109.89
N GLU F 571 -28.37 4.80 -109.44
CA GLU F 571 -28.06 3.62 -108.56
C GLU F 571 -27.27 2.56 -109.33
N ALA F 572 -27.55 2.45 -110.66
CA ALA F 572 -26.80 1.57 -111.55
C ALA F 572 -25.31 2.02 -111.74
N VAL F 573 -25.06 3.31 -111.95
CA VAL F 573 -23.72 3.78 -112.16
C VAL F 573 -22.92 3.48 -110.95
N PHE F 574 -23.51 3.81 -109.76
CA PHE F 574 -22.87 3.43 -108.48
C PHE F 574 -22.48 1.96 -108.46
N LEU F 575 -23.42 1.10 -108.74
CA LEU F 575 -23.17 -0.33 -108.78
C LEU F 575 -22.12 -0.73 -109.73
N ARG F 576 -22.06 -0.11 -110.92
CA ARG F 576 -21.03 -0.46 -111.90
C ARG F 576 -19.69 -0.15 -111.37
N ASP F 577 -19.52 1.05 -110.84
CA ASP F 577 -18.19 1.47 -110.36
C ASP F 577 -17.77 0.64 -109.14
N ARG F 578 -18.65 0.36 -108.19
CA ARG F 578 -18.30 -0.48 -107.00
C ARG F 578 -18.05 -1.93 -107.39
N ALA F 579 -18.76 -2.48 -108.38
CA ALA F 579 -18.50 -3.86 -108.75
C ALA F 579 -17.13 -4.04 -109.38
N ASP F 580 -16.75 -3.20 -110.27
CA ASP F 580 -15.48 -3.37 -110.94
C ASP F 580 -14.35 -3.29 -109.89
N ILE F 581 -14.44 -2.27 -109.06
CA ILE F 581 -13.47 -2.11 -108.03
C ILE F 581 -13.41 -3.39 -107.12
N LEU F 582 -14.58 -3.90 -106.76
CA LEU F 582 -14.67 -5.06 -105.89
C LEU F 582 -14.01 -6.23 -106.51
N SER F 583 -14.17 -6.46 -107.88
CA SER F 583 -13.54 -7.60 -108.48
C SER F 583 -12.08 -7.44 -108.60
N LEU F 584 -11.67 -6.27 -109.06
CA LEU F 584 -10.23 -6.01 -109.12
C LEU F 584 -9.56 -6.23 -107.77
N ARG F 585 -10.18 -5.74 -106.72
CA ARG F 585 -9.59 -5.97 -105.42
C ARG F 585 -9.66 -7.41 -105.01
N ILE F 586 -10.53 -8.20 -105.61
CA ILE F 586 -10.52 -9.65 -105.24
C ILE F 586 -9.36 -10.34 -105.82
N GLN F 587 -9.24 -10.18 -107.15
CA GLN F 587 -8.10 -10.75 -107.79
C GLN F 587 -6.77 -10.17 -107.23
N ALA F 588 -6.71 -8.88 -106.82
CA ALA F 588 -5.49 -8.35 -106.14
C ALA F 588 -5.24 -9.12 -104.81
N ALA F 589 -6.24 -9.20 -103.99
CA ALA F 589 -6.04 -9.86 -102.74
C ALA F 589 -5.71 -11.35 -102.94
N LYS F 590 -5.96 -11.95 -104.07
CA LYS F 590 -5.54 -13.35 -104.33
C LYS F 590 -4.08 -13.50 -105.01
N SER F 591 -3.58 -12.44 -105.66
CA SER F 591 -2.28 -12.54 -106.30
C SER F 591 -1.13 -12.77 -105.32
N ARG F 592 0.03 -13.15 -105.89
CA ARG F 592 1.17 -13.47 -105.09
C ARG F 592 1.73 -12.25 -104.35
N GLN F 593 1.43 -11.04 -104.83
CA GLN F 593 2.05 -9.83 -104.23
C GLN F 593 1.49 -9.62 -102.81
N CYS F 594 0.32 -10.18 -102.50
CA CYS F 594 -0.35 -10.01 -101.23
C CYS F 594 0.04 -11.14 -100.21
N LYS F 595 0.65 -12.30 -100.70
CA LYS F 595 0.92 -13.52 -99.84
C LYS F 595 1.77 -13.14 -98.70
N THR F 596 2.72 -12.18 -98.87
CA THR F 596 3.49 -11.73 -97.73
C THR F 596 2.89 -10.47 -97.12
N LEU F 597 3.26 -10.18 -95.89
CA LEU F 597 2.79 -9.01 -95.13
C LEU F 597 3.68 -7.76 -95.32
N THR F 598 4.91 -7.89 -95.79
CA THR F 598 5.79 -6.77 -95.87
C THR F 598 5.27 -5.66 -96.81
N ASN F 599 4.38 -5.97 -97.72
CA ASN F 599 3.69 -4.98 -98.53
C ASN F 599 2.27 -4.76 -97.98
N LYS F 600 2.16 -4.38 -96.76
CA LYS F 600 0.84 -3.98 -96.17
C LYS F 600 0.14 -2.87 -96.95
N TYR F 601 0.87 -1.84 -97.31
CA TYR F 601 0.29 -0.74 -98.03
C TYR F 601 -0.26 -1.11 -99.41
N TYR F 602 0.18 -2.22 -100.02
CA TYR F 602 -0.44 -2.67 -101.25
C TYR F 602 -1.71 -3.46 -101.02
N CYS F 603 -1.93 -3.98 -99.87
CA CYS F 603 -3.07 -4.84 -99.60
C CYS F 603 -3.80 -4.30 -98.37
N PRO F 604 -4.59 -3.26 -98.52
CA PRO F 604 -5.32 -2.73 -97.39
C PRO F 604 -6.33 -3.71 -96.82
N GLU F 605 -7.07 -4.47 -97.63
CA GLU F 605 -8.12 -5.39 -97.15
C GLU F 605 -7.62 -6.40 -96.12
N VAL F 606 -6.65 -7.29 -96.49
CA VAL F 606 -6.14 -8.30 -95.53
C VAL F 606 -5.60 -7.63 -94.25
N PHE F 607 -4.92 -6.46 -94.37
CA PHE F 607 -4.48 -5.74 -93.13
C PHE F 607 -5.64 -5.30 -92.23
N LEU F 608 -6.62 -4.65 -92.78
CA LEU F 608 -7.76 -4.15 -92.00
C LEU F 608 -8.57 -5.29 -91.40
N ASP F 609 -8.65 -6.42 -92.17
CA ASP F 609 -9.36 -7.59 -91.60
C ASP F 609 -8.50 -8.20 -90.45
N ALA F 610 -7.20 -8.15 -90.61
CA ALA F 610 -6.34 -8.60 -89.53
C ALA F 610 -6.60 -7.80 -88.25
N VAL F 611 -6.49 -6.49 -88.39
CA VAL F 611 -6.87 -5.54 -87.31
C VAL F 611 -8.27 -5.82 -86.69
N ALA F 612 -9.29 -6.10 -87.57
CA ALA F 612 -10.66 -6.30 -87.13
C ALA F 612 -10.77 -7.60 -86.29
N THR F 613 -10.17 -8.71 -86.74
CA THR F 613 -10.17 -9.95 -85.96
C THR F 613 -9.48 -9.74 -84.64
N LYS F 614 -8.37 -9.08 -84.60
CA LYS F 614 -7.69 -8.92 -83.32
C LYS F 614 -8.52 -8.08 -82.33
N LEU F 615 -8.82 -6.83 -82.69
CA LEU F 615 -9.64 -6.01 -81.86
C LEU F 615 -10.88 -6.78 -81.40
N ALA F 616 -11.51 -7.51 -82.33
CA ALA F 616 -12.75 -8.29 -81.99
C ALA F 616 -12.43 -9.31 -80.82
N GLN F 617 -11.30 -10.00 -80.90
CA GLN F 617 -11.01 -11.06 -79.91
C GLN F 617 -10.68 -10.47 -78.50
N THR F 618 -9.89 -9.40 -78.42
CA THR F 618 -9.61 -8.89 -77.09
C THR F 618 -10.75 -8.08 -76.49
N ALA F 619 -11.57 -7.36 -77.33
CA ALA F 619 -12.81 -6.74 -76.92
C ALA F 619 -13.86 -7.79 -76.47
N VAL F 620 -13.78 -9.01 -76.98
CA VAL F 620 -14.70 -10.00 -76.51
C VAL F 620 -14.38 -10.50 -75.13
N LEU F 621 -13.12 -10.47 -74.77
CA LEU F 621 -12.73 -10.83 -73.41
C LEU F 621 -13.24 -9.74 -72.39
N PHE F 622 -12.92 -8.45 -72.58
CA PHE F 622 -13.42 -7.43 -71.72
C PHE F 622 -14.91 -7.38 -71.70
N LEU F 623 -15.54 -7.55 -72.84
CA LEU F 623 -17.00 -7.47 -72.87
C LEU F 623 -17.56 -8.56 -71.92
N ASN F 624 -17.09 -9.78 -72.13
CA ASN F 624 -17.67 -10.99 -71.40
C ASN F 624 -17.58 -10.76 -69.89
N VAL F 625 -16.44 -10.32 -69.44
CA VAL F 625 -16.31 -10.16 -68.01
C VAL F 625 -17.23 -9.01 -67.55
N GLU F 626 -17.00 -7.83 -68.07
CA GLU F 626 -17.71 -6.65 -67.59
C GLU F 626 -19.21 -6.76 -67.83
N MET F 627 -19.64 -6.59 -69.09
CA MET F 627 -21.13 -6.42 -69.39
C MET F 627 -21.92 -7.62 -69.14
N LEU F 628 -21.47 -8.74 -69.74
CA LEU F 628 -22.18 -9.99 -69.53
C LEU F 628 -22.30 -10.34 -68.03
N ASN F 629 -21.16 -10.40 -67.29
CA ASN F 629 -21.29 -10.90 -65.90
C ASN F 629 -22.20 -9.97 -65.14
N ASP F 630 -21.99 -8.62 -65.29
CA ASP F 630 -22.86 -7.68 -64.61
C ASP F 630 -24.38 -7.93 -64.97
N PHE F 631 -24.64 -8.39 -66.15
CA PHE F 631 -26.04 -8.61 -66.51
C PHE F 631 -26.58 -9.83 -65.76
N TYR F 632 -25.72 -10.87 -65.66
CA TYR F 632 -26.13 -12.04 -64.90
C TYR F 632 -26.40 -11.76 -63.43
N VAL F 633 -25.67 -10.82 -62.79
CA VAL F 633 -25.93 -10.51 -61.40
C VAL F 633 -27.05 -9.45 -61.19
N ARG F 634 -27.15 -8.42 -62.09
CA ARG F 634 -28.06 -7.29 -61.78
C ARG F 634 -29.53 -7.61 -62.34
N PHE F 635 -29.65 -8.48 -63.38
CA PHE F 635 -30.98 -8.73 -64.01
C PHE F 635 -32.00 -9.25 -62.98
N PRO F 636 -31.70 -10.27 -62.06
CA PRO F 636 -32.78 -10.76 -61.20
C PRO F 636 -33.37 -9.69 -60.32
N ARG F 637 -32.41 -8.90 -59.74
CA ARG F 637 -32.74 -7.75 -58.82
C ARG F 637 -33.67 -6.80 -59.44
N GLU F 638 -33.34 -6.28 -60.63
CA GLU F 638 -34.19 -5.30 -61.29
C GLU F 638 -35.55 -5.90 -61.66
N VAL F 639 -35.62 -7.16 -62.18
CA VAL F 639 -36.91 -7.84 -62.37
C VAL F 639 -37.80 -7.77 -61.10
N GLU F 640 -37.26 -8.21 -59.97
CA GLU F 640 -38.05 -8.25 -58.74
C GLU F 640 -38.54 -6.85 -58.27
N ALA F 641 -37.64 -5.85 -58.20
CA ALA F 641 -38.14 -4.51 -57.90
C ALA F 641 -39.19 -3.98 -58.96
N LYS F 642 -38.88 -4.18 -60.22
CA LYS F 642 -39.73 -3.59 -61.21
C LYS F 642 -41.08 -4.24 -61.23
N LEU F 643 -41.14 -5.53 -61.15
CA LEU F 643 -42.43 -6.21 -60.99
C LEU F 643 -43.19 -5.79 -59.70
N HIS F 644 -42.47 -5.61 -58.56
CA HIS F 644 -43.11 -5.05 -57.36
C HIS F 644 -43.77 -3.67 -57.59
N GLU F 645 -42.96 -2.72 -58.12
CA GLU F 645 -43.47 -1.35 -58.28
C GLU F 645 -44.55 -1.28 -59.38
N HIS F 646 -44.63 -2.21 -60.30
CA HIS F 646 -45.70 -2.27 -61.33
C HIS F 646 -46.99 -2.77 -60.72
N MET F 647 -46.97 -3.96 -60.21
CA MET F 647 -48.14 -4.56 -59.70
C MET F 647 -48.83 -3.69 -58.64
N HIS F 648 -48.02 -3.09 -57.71
CA HIS F 648 -48.52 -2.23 -56.67
C HIS F 648 -48.75 -0.76 -57.12
N ALA F 649 -47.98 -0.21 -58.02
CA ALA F 649 -48.23 1.15 -58.54
C ALA F 649 -49.47 1.20 -59.45
N GLY F 650 -49.59 0.30 -60.41
CA GLY F 650 -50.73 0.37 -61.38
C GLY F 650 -52.04 -0.30 -60.97
N GLY F 651 -52.08 -1.05 -59.90
CA GLY F 651 -53.22 -1.92 -59.62
C GLY F 651 -53.35 -3.09 -60.57
N GLY F 652 -52.29 -3.36 -61.35
CA GLY F 652 -52.18 -4.42 -62.39
C GLY F 652 -52.13 -5.84 -61.91
N LEU F 653 -52.00 -6.03 -60.56
CA LEU F 653 -51.93 -7.45 -60.03
C LEU F 653 -53.31 -8.19 -60.22
N GLU F 654 -54.40 -7.52 -59.87
CA GLU F 654 -55.71 -8.11 -59.98
C GLU F 654 -56.05 -8.50 -61.45
N LYS F 655 -55.76 -7.62 -62.43
CA LYS F 655 -56.00 -7.95 -63.86
C LYS F 655 -54.98 -9.01 -64.36
N PHE F 656 -53.73 -8.89 -63.92
CA PHE F 656 -52.70 -9.96 -64.18
C PHE F 656 -53.23 -11.31 -63.83
N ALA F 657 -53.81 -11.45 -62.65
CA ALA F 657 -54.52 -12.74 -62.33
C ALA F 657 -55.70 -12.99 -63.24
N ARG F 658 -56.51 -11.91 -63.62
CA ARG F 658 -57.68 -12.05 -64.50
C ARG F 658 -57.27 -12.58 -65.82
N GLU F 659 -56.02 -12.30 -66.26
CA GLU F 659 -55.62 -12.56 -67.64
C GLU F 659 -55.63 -14.03 -67.90
N ASP F 660 -55.16 -14.82 -66.97
CA ASP F 660 -55.14 -16.27 -67.09
C ASP F 660 -56.49 -16.92 -66.66
N PRO F 661 -57.08 -17.84 -67.47
CA PRO F 661 -58.45 -18.30 -67.19
C PRO F 661 -58.63 -19.04 -65.88
N LYS F 662 -57.87 -20.10 -65.69
CA LYS F 662 -58.16 -20.99 -64.53
C LYS F 662 -58.19 -20.25 -63.23
N VAL F 663 -57.15 -19.46 -62.97
CA VAL F 663 -57.02 -18.77 -61.70
C VAL F 663 -58.15 -17.75 -61.54
N ARG F 664 -58.66 -17.27 -62.65
CA ARG F 664 -59.74 -16.30 -62.66
C ARG F 664 -61.06 -16.92 -62.12
N ARG F 665 -61.51 -18.00 -62.68
CA ARG F 665 -62.68 -18.72 -62.18
C ARG F 665 -62.46 -19.10 -60.74
N HIS F 666 -61.20 -19.26 -60.32
CA HIS F 666 -60.89 -19.66 -58.90
C HIS F 666 -61.16 -18.46 -58.00
N LEU F 667 -60.63 -17.33 -58.30
CA LEU F 667 -60.83 -16.09 -57.46
C LEU F 667 -62.25 -15.58 -57.50
N ASP F 668 -62.94 -15.82 -58.62
CA ASP F 668 -64.35 -15.38 -58.78
C ASP F 668 -65.33 -16.08 -57.87
N LEU F 669 -65.07 -17.36 -57.70
CA LEU F 669 -65.86 -18.16 -56.77
C LEU F 669 -65.65 -17.68 -55.29
N ILE F 670 -64.37 -17.29 -54.93
CA ILE F 670 -64.08 -16.92 -53.56
C ILE F 670 -64.85 -15.66 -53.04
N ARG F 671 -65.07 -14.74 -53.96
CA ARG F 671 -65.72 -13.47 -53.62
C ARG F 671 -67.20 -13.62 -53.20
N ARG F 672 -68.02 -14.38 -53.99
CA ARG F 672 -69.45 -14.49 -53.75
C ARG F 672 -69.66 -15.10 -52.35
N LYS F 673 -68.78 -16.03 -52.03
CA LYS F 673 -68.90 -16.65 -50.69
C LYS F 673 -68.75 -15.61 -49.57
N GLU F 674 -68.07 -14.51 -49.87
CA GLU F 674 -67.93 -13.50 -48.79
C GLU F 674 -69.26 -12.82 -48.50
N LEU F 675 -69.86 -12.23 -49.54
CA LEU F 675 -71.13 -11.44 -49.43
C LEU F 675 -72.21 -12.27 -48.78
N LEU F 676 -72.26 -13.54 -49.04
CA LEU F 676 -73.31 -14.35 -48.45
C LEU F 676 -72.97 -14.53 -46.98
N GLU F 677 -71.66 -14.65 -46.63
CA GLU F 677 -71.25 -14.81 -45.27
C GLU F 677 -71.69 -13.58 -44.40
N THR F 678 -71.46 -12.37 -44.91
CA THR F 678 -71.82 -11.12 -44.21
C THR F 678 -73.37 -10.90 -44.04
N VAL F 679 -74.15 -11.24 -45.06
CA VAL F 679 -75.63 -11.16 -44.93
C VAL F 679 -76.08 -12.07 -43.79
N LEU F 680 -75.51 -13.30 -43.77
CA LEU F 680 -75.89 -14.30 -42.70
C LEU F 680 -75.58 -13.82 -41.30
N GLY F 681 -74.54 -13.04 -41.14
CA GLY F 681 -74.24 -12.51 -39.78
C GLY F 681 -75.22 -11.42 -39.28
N LYS F 682 -75.65 -10.56 -40.23
CA LYS F 682 -76.71 -9.60 -39.85
C LYS F 682 -78.02 -10.26 -39.42
N ILE F 683 -78.37 -11.25 -40.14
CA ILE F 683 -79.61 -11.91 -39.81
C ILE F 683 -79.50 -12.52 -38.45
N GLU F 684 -78.28 -13.05 -38.15
CA GLU F 684 -78.03 -13.55 -36.75
C GLU F 684 -78.21 -12.45 -35.71
N GLU F 685 -77.64 -11.25 -35.97
CA GLU F 685 -77.73 -10.19 -35.06
C GLU F 685 -79.20 -9.80 -34.88
N LEU F 686 -80.03 -9.89 -35.90
CA LEU F 686 -81.38 -9.56 -35.83
C LEU F 686 -82.20 -10.57 -35.02
N HIS F 687 -82.03 -11.83 -35.29
CA HIS F 687 -82.80 -12.90 -34.66
C HIS F 687 -82.48 -12.88 -33.17
N ARG F 688 -81.23 -12.65 -32.85
CA ARG F 688 -80.81 -12.48 -31.48
C ARG F 688 -81.53 -11.28 -30.90
N ILE F 689 -81.65 -10.17 -31.67
CA ILE F 689 -82.33 -8.96 -31.13
C ILE F 689 -83.81 -9.21 -30.87
N SER F 690 -84.46 -10.15 -31.65
CA SER F 690 -85.87 -10.44 -31.44
C SER F 690 -86.13 -11.73 -30.65
N SER F 691 -85.10 -12.50 -30.25
CA SER F 691 -85.30 -13.72 -29.49
C SER F 691 -84.67 -13.76 -28.09
N GLY F 692 -83.62 -13.04 -27.86
CA GLY F 692 -82.92 -13.03 -26.62
C GLY F 692 -81.39 -13.08 -26.80
N ASP G 6 -22.91 38.33 -34.84
CA ASP G 6 -22.55 38.33 -36.27
C ASP G 6 -23.18 37.13 -36.94
N ASP G 7 -24.45 37.31 -37.36
CA ASP G 7 -25.33 36.25 -37.78
C ASP G 7 -24.69 35.25 -38.74
N ASN G 8 -23.84 35.68 -39.63
CA ASN G 8 -23.19 34.75 -40.61
C ASN G 8 -22.06 33.91 -39.97
N MET G 9 -21.23 34.53 -39.10
CA MET G 9 -20.13 33.83 -38.47
C MET G 9 -20.67 32.68 -37.69
N MET G 10 -21.74 32.98 -36.93
CA MET G 10 -22.55 31.96 -36.26
C MET G 10 -22.87 30.79 -37.17
N PHE G 11 -23.47 31.13 -38.26
CA PHE G 11 -23.99 30.11 -39.18
C PHE G 11 -22.81 29.23 -39.77
N ILE G 12 -21.73 29.91 -40.15
CA ILE G 12 -20.69 29.22 -40.75
C ILE G 12 -20.05 28.25 -39.78
N THR G 13 -19.93 28.69 -38.58
CA THR G 13 -19.48 27.76 -37.49
C THR G 13 -20.48 26.60 -37.28
N LYS G 14 -21.76 26.83 -37.51
CA LYS G 14 -22.74 25.75 -37.44
C LYS G 14 -22.55 24.69 -38.52
N LYS G 15 -22.32 25.12 -39.73
CA LYS G 15 -22.05 24.13 -40.83
C LYS G 15 -20.69 23.40 -40.58
N MET G 16 -19.72 24.15 -40.12
CA MET G 16 -18.41 23.57 -39.84
C MET G 16 -18.45 22.53 -38.69
N ILE G 17 -19.29 22.74 -37.70
CA ILE G 17 -19.39 21.66 -36.68
C ILE G 17 -20.18 20.47 -37.21
N GLU G 18 -21.20 20.73 -38.07
CA GLU G 18 -21.90 19.65 -38.70
C GLU G 18 -20.89 18.79 -39.50
N ILE G 19 -20.11 19.41 -40.36
CA ILE G 19 -19.20 18.59 -41.22
C ILE G 19 -18.17 17.90 -40.37
N ARG G 20 -17.73 18.54 -39.21
CA ARG G 20 -16.82 17.81 -38.28
C ARG G 20 -17.47 16.55 -37.78
N ASN G 21 -18.77 16.61 -37.32
CA ASN G 21 -19.42 15.42 -36.85
C ASN G 21 -19.55 14.34 -37.97
N LEU G 22 -19.89 14.74 -39.15
CA LEU G 22 -19.85 13.82 -40.26
C LEU G 22 -18.52 13.06 -40.34
N LEU G 23 -17.46 13.83 -40.42
CA LEU G 23 -16.10 13.19 -40.53
C LEU G 23 -15.81 12.24 -39.36
N GLN G 24 -16.25 12.64 -38.14
CA GLN G 24 -16.18 11.72 -37.01
C GLN G 24 -16.99 10.49 -37.34
N LYS G 25 -18.15 10.62 -38.08
CA LYS G 25 -18.95 9.45 -38.36
C LYS G 25 -18.28 8.54 -39.32
N VAL G 26 -17.22 9.03 -40.10
CA VAL G 26 -16.58 8.07 -41.06
C VAL G 26 -15.65 7.16 -40.27
N GLY G 27 -15.19 7.60 -39.11
CA GLY G 27 -14.29 6.72 -38.34
C GLY G 27 -13.19 7.43 -37.62
N GLN G 28 -12.61 6.78 -36.65
CA GLN G 28 -11.41 7.33 -36.02
C GLN G 28 -10.13 6.76 -36.55
N GLY G 29 -9.16 7.59 -36.75
CA GLY G 29 -7.92 7.12 -37.41
C GLY G 29 -8.13 6.78 -38.87
N SER G 30 -9.34 6.95 -39.38
CA SER G 30 -9.60 6.63 -40.82
C SER G 30 -9.86 7.90 -41.62
N THR G 31 -9.66 9.10 -40.99
CA THR G 31 -9.73 10.37 -41.81
C THR G 31 -9.15 11.47 -40.93
N VAL G 32 -8.92 12.61 -41.55
CA VAL G 32 -8.62 13.86 -40.91
C VAL G 32 -9.89 14.42 -40.43
N THR G 33 -9.81 15.20 -39.37
CA THR G 33 -10.91 15.80 -38.73
C THR G 33 -10.69 17.24 -38.57
N LEU G 34 -11.69 17.96 -38.12
CA LEU G 34 -11.57 19.37 -37.72
C LEU G 34 -11.31 19.51 -36.24
N PRO G 35 -10.57 20.60 -35.85
CA PRO G 35 -10.15 20.72 -34.46
C PRO G 35 -11.34 21.11 -33.64
N SER G 36 -11.14 21.14 -32.34
CA SER G 36 -12.25 21.43 -31.47
C SER G 36 -11.65 21.77 -30.05
N ILE G 37 -12.47 22.09 -29.11
CA ILE G 37 -12.03 22.43 -27.82
C ILE G 37 -11.94 21.21 -26.93
N VAL G 38 -10.78 20.96 -26.45
CA VAL G 38 -10.40 19.89 -25.52
C VAL G 38 -10.11 20.51 -24.16
N VAL G 39 -10.82 20.04 -23.12
CA VAL G 39 -10.65 20.47 -21.78
C VAL G 39 -9.94 19.39 -20.96
N ILE G 40 -9.07 19.92 -20.06
CA ILE G 40 -8.31 19.15 -19.16
C ILE G 40 -8.26 19.87 -17.75
N GLY G 41 -8.27 19.16 -16.65
CA GLY G 41 -8.13 19.72 -15.36
C GLY G 41 -7.73 18.73 -14.27
N SER G 42 -6.85 19.16 -13.38
CA SER G 42 -6.47 18.32 -12.22
C SER G 42 -7.70 17.93 -11.41
N GLN G 43 -7.55 17.11 -10.33
CA GLN G 43 -8.70 16.69 -9.48
C GLN G 43 -9.49 17.91 -8.87
N SER G 44 -8.79 18.85 -8.20
CA SER G 44 -9.46 20.07 -7.77
C SER G 44 -9.81 20.94 -9.00
N SER G 45 -8.94 21.04 -9.94
CA SER G 45 -9.12 21.78 -11.17
C SER G 45 -10.17 21.10 -12.09
N GLY G 46 -10.46 19.81 -11.96
CA GLY G 46 -11.39 19.15 -12.84
C GLY G 46 -12.80 19.21 -12.26
N LYS G 47 -12.95 19.34 -10.94
CA LYS G 47 -14.29 19.62 -10.39
C LYS G 47 -14.77 20.93 -10.90
N SER G 48 -13.85 21.89 -10.89
CA SER G 48 -14.11 23.25 -11.41
C SER G 48 -14.17 23.21 -12.93
N SER G 49 -13.59 22.24 -13.58
CA SER G 49 -13.66 22.12 -14.97
C SER G 49 -15.05 21.66 -15.42
N VAL G 50 -15.67 20.62 -14.68
CA VAL G 50 -17.05 20.13 -15.07
C VAL G 50 -18.10 21.17 -14.72
N LEU G 51 -18.00 21.74 -13.48
CA LEU G 51 -18.83 22.86 -13.06
C LEU G 51 -18.70 24.01 -14.05
N GLU G 52 -17.49 24.31 -14.52
CA GLU G 52 -17.38 25.41 -15.47
C GLU G 52 -18.17 25.06 -16.75
N ALA G 53 -17.94 23.87 -17.29
CA ALA G 53 -18.72 23.40 -18.47
C ALA G 53 -20.24 23.59 -18.16
N ILE G 54 -20.68 23.21 -16.93
CA ILE G 54 -22.08 23.30 -16.57
C ILE G 54 -22.60 24.65 -16.86
N VAL G 55 -22.06 25.66 -16.20
CA VAL G 55 -22.64 27.00 -16.24
C VAL G 55 -22.43 27.69 -17.59
N GLY G 56 -21.54 27.23 -18.46
CA GLY G 56 -21.28 27.82 -19.72
C GLY G 56 -22.49 27.74 -20.68
N HIS G 57 -23.50 26.99 -20.27
CA HIS G 57 -24.58 26.86 -21.16
C HIS G 57 -25.87 26.72 -20.39
N GLU G 58 -25.99 25.68 -19.58
CA GLU G 58 -27.13 25.50 -18.63
C GLU G 58 -26.82 24.29 -17.73
N PHE G 59 -27.52 24.18 -16.60
CA PHE G 59 -27.27 23.05 -15.70
C PHE G 59 -27.42 21.77 -16.41
N LEU G 60 -26.40 20.90 -16.35
CA LEU G 60 -26.43 19.59 -17.06
C LEU G 60 -25.59 18.63 -16.18
N PRO G 61 -25.82 17.27 -16.27
CA PRO G 61 -25.27 16.29 -15.31
C PRO G 61 -23.78 16.19 -15.33
N LYS G 62 -23.09 16.55 -14.23
CA LYS G 62 -21.67 16.34 -14.13
C LYS G 62 -21.28 15.88 -12.70
N GLY G 63 -19.91 15.64 -12.52
CA GLY G 63 -19.36 15.39 -11.16
C GLY G 63 -19.77 14.10 -10.56
N SER G 64 -20.23 14.14 -9.31
CA SER G 64 -20.53 12.94 -8.47
C SER G 64 -19.26 12.02 -8.44
N ASN G 65 -19.35 10.75 -8.85
CA ASN G 65 -18.19 9.88 -9.04
C ASN G 65 -18.18 9.38 -10.47
N MET G 66 -17.23 9.78 -11.25
CA MET G 66 -17.17 9.54 -12.70
C MET G 66 -15.99 8.69 -13.06
N ILE G 67 -16.33 7.58 -13.82
CA ILE G 67 -15.21 6.69 -14.20
C ILE G 67 -14.24 7.41 -15.12
N THR G 68 -14.78 8.52 -15.75
CA THR G 68 -14.02 9.41 -16.64
C THR G 68 -13.36 8.66 -17.81
N ARG G 69 -13.63 7.36 -17.98
CA ARG G 69 -12.89 6.56 -19.01
C ARG G 69 -13.23 6.90 -20.47
N ARG G 70 -14.45 7.48 -20.69
CA ARG G 70 -14.87 7.81 -22.02
C ARG G 70 -15.03 9.37 -22.22
N PRO G 71 -14.44 10.02 -23.29
CA PRO G 71 -14.66 11.45 -23.52
C PRO G 71 -16.12 11.71 -23.98
N ILE G 72 -16.52 13.01 -23.87
CA ILE G 72 -17.89 13.48 -24.15
C ILE G 72 -17.87 14.63 -25.15
N GLU G 73 -18.11 14.29 -26.43
CA GLU G 73 -18.08 15.25 -27.49
C GLU G 73 -19.40 16.10 -27.45
N LEU G 74 -19.30 17.32 -26.89
CA LEU G 74 -20.47 18.22 -26.82
C LEU G 74 -20.48 19.10 -28.06
N THR G 75 -21.45 18.91 -28.88
CA THR G 75 -21.65 19.70 -30.12
C THR G 75 -22.89 20.58 -29.93
N LEU G 76 -22.69 21.90 -29.87
CA LEU G 76 -23.80 22.84 -29.46
C LEU G 76 -24.42 23.49 -30.73
N VAL G 77 -25.71 23.95 -30.65
CA VAL G 77 -26.34 24.53 -31.80
C VAL G 77 -27.03 25.80 -31.38
N ASN G 78 -26.78 26.90 -32.12
CA ASN G 78 -27.58 28.11 -31.90
C ASN G 78 -29.01 27.81 -32.13
N ASP G 79 -29.89 28.25 -31.22
CA ASP G 79 -31.22 27.76 -31.18
C ASP G 79 -32.22 28.88 -31.18
N PRO G 80 -32.29 29.66 -32.24
CA PRO G 80 -33.44 30.59 -32.38
C PRO G 80 -34.58 29.85 -32.94
N GLU G 81 -35.79 30.40 -32.81
CA GLU G 81 -37.00 29.75 -33.28
C GLU G 81 -37.45 28.65 -32.34
N ALA G 82 -36.59 28.16 -31.48
CA ALA G 82 -36.96 27.12 -30.55
C ALA G 82 -36.96 27.66 -29.11
N LYS G 83 -38.08 27.44 -28.43
CA LYS G 83 -38.29 28.03 -27.05
C LYS G 83 -38.19 27.02 -25.92
N VAL G 84 -37.85 25.76 -26.20
CA VAL G 84 -37.61 24.73 -25.18
C VAL G 84 -36.17 24.21 -25.22
N ASP G 85 -35.58 24.14 -24.02
CA ASP G 85 -34.28 23.65 -23.86
C ASP G 85 -34.33 22.14 -23.91
N TYR G 86 -33.83 21.60 -25.03
CA TYR G 86 -33.72 20.19 -25.25
C TYR G 86 -32.35 19.81 -25.75
N GLY G 87 -31.93 18.65 -25.33
CA GLY G 87 -30.68 18.02 -25.74
C GLY G 87 -30.92 16.57 -26.23
N GLU G 88 -30.27 16.21 -27.32
CA GLU G 88 -30.50 14.92 -27.98
C GLU G 88 -29.19 14.15 -28.25
N PHE G 89 -29.36 12.80 -28.29
CA PHE G 89 -28.24 11.87 -28.39
C PHE G 89 -28.27 11.34 -29.87
N PRO G 90 -27.06 11.21 -30.54
CA PRO G 90 -27.02 10.79 -31.97
C PRO G 90 -27.24 9.31 -32.19
N ASP G 91 -26.51 8.53 -31.44
CA ASP G 91 -26.66 7.10 -31.61
C ASP G 91 -28.18 6.71 -31.43
N LEU G 92 -28.86 7.30 -30.47
CA LEU G 92 -30.29 7.18 -30.28
C LEU G 92 -30.97 8.36 -31.00
N GLY G 93 -30.75 8.45 -32.31
CA GLY G 93 -31.17 9.55 -33.07
C GLY G 93 -32.68 9.84 -33.01
N LEU G 94 -32.97 11.16 -33.19
CA LEU G 94 -34.29 11.70 -33.38
C LEU G 94 -35.06 11.77 -32.07
N ALA G 95 -34.49 11.26 -31.01
CA ALA G 95 -35.21 11.25 -29.64
C ALA G 95 -34.63 12.37 -28.81
N ARG G 96 -35.56 13.15 -28.23
CA ARG G 96 -35.19 14.35 -27.57
C ARG G 96 -35.51 14.26 -26.12
N VAL G 97 -34.68 14.91 -25.33
CA VAL G 97 -34.91 14.89 -23.84
C VAL G 97 -35.10 16.29 -23.36
N THR G 98 -36.27 16.56 -22.77
CA THR G 98 -36.66 17.90 -22.29
C THR G 98 -35.93 18.22 -21.03
N ASP G 99 -36.01 17.29 -20.07
CA ASP G 99 -35.41 17.60 -18.79
C ASP G 99 -34.04 16.98 -18.71
N PHE G 100 -33.05 17.79 -18.29
CA PHE G 100 -31.69 17.32 -18.15
C PHE G 100 -31.45 16.29 -17.05
N SER G 101 -32.48 16.08 -16.18
CA SER G 101 -32.40 15.06 -15.14
C SER G 101 -32.45 13.69 -15.80
N LEU G 102 -33.30 13.58 -16.83
CA LEU G 102 -33.22 12.29 -17.57
C LEU G 102 -31.87 12.16 -18.27
N ILE G 103 -31.35 13.25 -18.84
CA ILE G 103 -29.99 13.26 -19.29
C ILE G 103 -29.04 12.82 -18.18
N GLN G 104 -29.33 13.09 -16.95
CA GLN G 104 -28.41 12.72 -15.87
C GLN G 104 -28.36 11.28 -15.64
N LYS G 105 -29.54 10.68 -15.47
CA LYS G 105 -29.59 9.24 -15.32
C LYS G 105 -28.88 8.59 -16.52
N THR G 106 -29.19 9.01 -17.72
CA THR G 106 -28.66 8.33 -18.94
C THR G 106 -27.17 8.43 -19.06
N LEU G 107 -26.64 9.68 -19.18
CA LEU G 107 -25.24 9.83 -19.37
C LEU G 107 -24.38 9.36 -18.16
N THR G 108 -25.00 9.32 -16.96
CA THR G 108 -24.29 8.80 -15.83
C THR G 108 -24.49 7.32 -15.76
N GLU G 109 -25.54 6.81 -16.43
CA GLU G 109 -25.59 5.42 -16.66
C GLU G 109 -24.49 4.91 -17.69
N LEU G 110 -24.17 5.69 -18.79
CA LEU G 110 -23.10 5.38 -19.65
C LEU G 110 -21.76 5.42 -18.97
N ASN G 111 -21.61 6.43 -18.06
CA ASN G 111 -20.42 6.49 -17.16
C ASN G 111 -20.28 5.16 -16.41
N GLN G 112 -21.26 4.76 -15.61
CA GLN G 112 -21.18 3.50 -14.88
C GLN G 112 -21.11 2.27 -15.81
N SER G 113 -21.49 2.40 -17.06
CA SER G 113 -21.36 1.28 -18.03
C SER G 113 -19.95 1.15 -18.55
N VAL G 114 -19.23 2.28 -18.62
CA VAL G 114 -17.89 2.33 -19.29
C VAL G 114 -18.02 1.73 -20.72
N THR G 121 -13.88 0.10 -24.84
CA THR G 121 -13.91 0.57 -26.24
C THR G 121 -13.20 1.87 -26.39
N ASP G 122 -13.24 2.76 -25.40
CA ASP G 122 -12.58 4.09 -25.36
C ASP G 122 -13.21 5.02 -26.36
N ASP G 123 -14.32 4.58 -26.90
CA ASP G 123 -15.02 5.49 -27.81
C ASP G 123 -15.72 6.57 -27.04
N PRO G 124 -15.72 7.79 -27.55
CA PRO G 124 -16.40 8.96 -26.88
C PRO G 124 -17.87 9.04 -27.25
N ILE G 125 -18.70 9.42 -26.27
CA ILE G 125 -20.15 9.66 -26.50
C ILE G 125 -20.34 11.06 -27.04
N ARG G 126 -21.09 11.13 -28.12
CA ARG G 126 -21.46 12.40 -28.74
C ARG G 126 -22.76 12.92 -28.16
N LEU G 127 -22.91 14.25 -28.12
CA LEU G 127 -24.08 14.87 -27.54
C LEU G 127 -24.41 16.15 -28.32
N THR G 128 -25.66 16.51 -28.26
CA THR G 128 -26.11 17.70 -28.96
C THR G 128 -27.22 18.35 -28.14
N ILE G 129 -27.06 19.65 -27.85
CA ILE G 129 -27.95 20.48 -27.00
C ILE G 129 -28.27 21.80 -27.69
N HIS G 130 -29.59 22.15 -27.69
CA HIS G 130 -30.12 23.39 -28.36
C HIS G 130 -30.68 24.29 -27.29
N SER G 131 -30.20 25.54 -27.23
CA SER G 131 -30.81 26.60 -26.45
C SER G 131 -30.69 27.89 -27.10
N PRO G 132 -31.67 28.78 -27.01
CA PRO G 132 -31.41 30.12 -27.59
C PRO G 132 -30.37 30.91 -26.88
N ASN G 133 -30.15 30.62 -25.60
CA ASN G 133 -29.05 31.31 -24.87
C ASN G 133 -27.66 30.86 -25.30
N ILE G 134 -27.53 29.62 -25.67
CA ILE G 134 -26.17 28.99 -25.88
C ILE G 134 -25.71 29.21 -27.33
N PRO G 135 -24.48 29.64 -27.52
CA PRO G 135 -23.86 29.78 -28.86
C PRO G 135 -23.27 28.45 -29.28
N ASP G 136 -23.44 28.07 -30.55
CA ASP G 136 -22.98 26.80 -31.04
C ASP G 136 -21.50 26.73 -30.85
N LEU G 137 -21.02 25.56 -30.41
CA LEU G 137 -19.63 25.34 -30.02
C LEU G 137 -19.31 23.93 -30.38
N SER G 138 -18.21 23.43 -29.90
CA SER G 138 -17.78 22.07 -30.12
C SER G 138 -16.67 21.65 -29.10
N LEU G 139 -17.03 21.59 -27.81
CA LEU G 139 -16.06 21.08 -26.74
C LEU G 139 -16.24 19.56 -26.45
N ILE G 140 -15.17 18.99 -25.99
CA ILE G 140 -15.10 17.61 -25.59
C ILE G 140 -14.44 17.53 -24.24
N ASP G 141 -15.07 16.84 -23.29
CA ASP G 141 -14.57 16.62 -21.94
C ASP G 141 -14.04 15.22 -21.80
N LEU G 142 -12.74 15.16 -21.67
CA LEU G 142 -12.03 13.91 -21.36
C LEU G 142 -11.66 13.85 -19.90
N PRO G 143 -11.19 12.64 -19.43
CA PRO G 143 -10.89 12.53 -17.97
C PRO G 143 -9.94 13.60 -17.47
N GLY G 144 -10.22 14.15 -16.25
CA GLY G 144 -9.30 15.03 -15.59
C GLY G 144 -8.19 14.23 -14.90
N TYR G 145 -7.07 14.89 -14.72
CA TYR G 145 -5.92 14.16 -14.18
C TYR G 145 -6.15 13.91 -12.70
N ILE G 146 -5.49 12.84 -12.25
CA ILE G 146 -5.53 12.46 -10.83
C ILE G 146 -4.11 12.33 -10.26
N LEU G 157 -3.17 2.59 -13.97
CA LEU G 157 -4.48 3.19 -13.95
C LEU G 157 -4.41 4.71 -14.19
N LYS G 158 -3.72 5.44 -13.36
CA LYS G 158 -3.68 6.86 -13.54
C LYS G 158 -2.84 7.25 -14.81
N ARG G 159 -1.89 6.37 -15.21
CA ARG G 159 -1.16 6.55 -16.43
C ARG G 159 -1.99 6.15 -17.69
N LYS G 160 -2.99 5.26 -17.61
CA LYS G 160 -3.87 5.03 -18.80
C LYS G 160 -4.69 6.29 -19.12
N ILE G 161 -5.20 6.97 -18.11
CA ILE G 161 -5.89 8.22 -18.30
C ILE G 161 -4.99 9.28 -18.90
N THR G 162 -3.76 9.46 -18.36
CA THR G 162 -2.78 10.39 -18.97
C THR G 162 -2.40 10.01 -20.42
N GLU G 163 -2.35 8.71 -20.80
CA GLU G 163 -2.04 8.35 -22.18
C GLU G 163 -3.11 8.87 -23.08
N LEU G 164 -4.34 8.55 -22.78
CA LEU G 164 -5.42 8.97 -23.64
C LEU G 164 -5.51 10.50 -23.68
N CYS G 165 -5.34 11.17 -22.53
CA CYS G 165 -5.32 12.64 -22.53
C CYS G 165 -4.21 13.20 -23.43
N ASP G 166 -2.98 12.75 -23.22
CA ASP G 166 -1.88 13.22 -24.09
C ASP G 166 -2.25 13.03 -25.54
N LYS G 167 -2.70 11.86 -25.89
CA LYS G 167 -3.03 11.58 -27.24
C LYS G 167 -3.90 12.61 -27.81
N TYR G 168 -4.80 13.15 -26.92
CA TYR G 168 -5.80 14.08 -27.40
C TYR G 168 -5.24 15.43 -27.63
N ILE G 169 -4.39 15.90 -26.70
CA ILE G 169 -3.95 17.28 -26.79
C ILE G 169 -2.73 17.45 -27.73
N ARG G 170 -2.04 16.40 -28.07
CA ARG G 170 -0.87 16.53 -28.92
C ARG G 170 -1.23 17.10 -30.26
N GLY G 171 -2.20 16.49 -30.90
CA GLY G 171 -2.74 16.98 -32.16
C GLY G 171 -3.32 18.37 -31.99
N PRO G 172 -3.33 19.13 -33.09
CA PRO G 172 -3.70 20.63 -33.00
C PRO G 172 -5.21 20.88 -32.71
N ASN G 173 -5.67 20.56 -31.50
CA ASN G 173 -6.98 21.05 -31.01
C ASN G 173 -6.77 22.30 -30.13
N ILE G 174 -7.85 23.15 -30.07
CA ILE G 174 -7.77 24.42 -29.29
C ILE G 174 -8.06 23.95 -27.83
N ILE G 175 -6.97 23.76 -27.07
CA ILE G 175 -7.05 23.13 -25.75
C ILE G 175 -7.50 24.12 -24.70
N LEU G 176 -8.53 23.74 -23.85
CA LEU G 176 -9.07 24.62 -22.82
C LEU G 176 -8.58 24.07 -21.48
N ALA G 177 -7.62 24.78 -20.84
CA ALA G 177 -7.12 24.36 -19.52
C ALA G 177 -7.72 25.16 -18.44
N ILE G 178 -8.19 24.44 -17.42
CA ILE G 178 -8.73 25.09 -16.29
C ILE G 178 -7.78 24.88 -15.05
N SER G 179 -7.85 25.77 -14.13
CA SER G 179 -7.02 25.73 -12.96
C SER G 179 -7.68 26.34 -11.74
N ALA G 180 -7.82 25.54 -10.70
CA ALA G 180 -8.33 26.10 -9.46
C ALA G 180 -7.31 27.09 -8.84
N ALA G 181 -7.88 28.17 -8.25
CA ALA G 181 -7.07 29.22 -7.70
C ALA G 181 -6.32 28.89 -6.44
N ASP G 182 -6.59 27.78 -5.83
CA ASP G 182 -5.78 27.39 -4.63
C ASP G 182 -4.45 26.82 -5.10
N THR G 183 -4.47 25.85 -6.02
CA THR G 183 -3.21 25.20 -6.37
C THR G 183 -2.27 26.24 -7.01
N ASP G 184 -0.98 26.04 -6.74
CA ASP G 184 0.05 26.84 -7.44
C ASP G 184 0.02 26.53 -8.95
N LEU G 185 0.28 27.48 -9.80
CA LEU G 185 0.12 27.24 -11.23
C LEU G 185 1.01 26.16 -11.72
N ALA G 186 2.26 26.20 -11.27
CA ALA G 186 3.31 25.20 -11.76
C ALA G 186 3.02 23.77 -11.34
N ASN G 187 2.06 23.53 -10.38
CA ASN G 187 1.71 22.14 -9.99
C ASN G 187 0.38 21.62 -10.64
N SER G 188 -0.35 22.46 -11.27
CA SER G 188 -1.60 22.08 -11.87
C SER G 188 -1.27 21.28 -13.11
N THR G 189 -1.67 19.95 -13.09
CA THR G 189 -1.36 19.09 -14.25
C THR G 189 -2.05 19.58 -15.52
N ALA G 190 -3.11 20.30 -15.45
CA ALA G 190 -3.77 20.86 -16.65
C ALA G 190 -2.81 21.81 -17.33
N LEU G 191 -2.42 22.89 -16.65
CA LEU G 191 -1.53 23.85 -17.27
C LEU G 191 -0.14 23.31 -17.51
N GLN G 192 0.27 22.28 -16.72
CA GLN G 192 1.56 21.69 -16.94
C GLN G 192 1.57 20.91 -18.24
N ALA G 193 0.52 20.11 -18.47
CA ALA G 193 0.43 19.39 -19.68
C ALA G 193 0.21 20.37 -20.83
N SER G 194 -0.60 21.42 -20.65
CA SER G 194 -0.88 22.41 -21.74
C SER G 194 0.43 22.99 -22.22
N ARG G 195 1.37 23.32 -21.32
CA ARG G 195 2.70 23.76 -21.77
C ARG G 195 3.58 22.61 -22.26
N ARG G 196 3.29 21.37 -21.82
CA ARG G 196 4.10 20.26 -22.33
C ARG G 196 3.90 20.03 -23.85
N VAL G 197 2.61 19.98 -24.28
CA VAL G 197 2.32 19.79 -25.70
C VAL G 197 2.33 21.13 -26.52
N ASP G 198 2.19 22.29 -25.82
CA ASP G 198 2.19 23.61 -26.44
C ASP G 198 3.18 24.49 -25.69
N PRO G 199 4.41 24.51 -26.09
CA PRO G 199 5.32 25.50 -25.50
C PRO G 199 4.96 26.97 -25.85
N ARG G 200 4.61 27.25 -27.10
CA ARG G 200 4.30 28.66 -27.52
C ARG G 200 3.09 29.19 -26.83
N GLY G 201 2.20 28.39 -26.26
CA GLY G 201 1.05 28.89 -25.63
C GLY G 201 0.09 29.48 -26.68
N GLU G 202 0.19 29.09 -27.96
CA GLU G 202 -0.57 29.85 -28.98
C GLU G 202 -1.92 29.21 -29.27
N ARG G 203 -2.13 27.93 -29.02
CA ARG G 203 -3.41 27.24 -29.22
C ARG G 203 -4.07 26.86 -27.96
N THR G 204 -3.69 27.49 -26.81
CA THR G 204 -4.29 27.08 -25.58
C THR G 204 -4.78 28.29 -24.81
N ILE G 205 -6.04 28.28 -24.27
CA ILE G 205 -6.55 29.39 -23.39
C ILE G 205 -6.71 28.78 -21.97
N GLY G 206 -6.54 29.61 -20.93
CA GLY G 206 -6.61 29.17 -19.51
C GLY G 206 -7.85 29.80 -18.88
N VAL G 207 -8.50 28.99 -17.97
CA VAL G 207 -9.57 29.45 -17.19
C VAL G 207 -9.22 29.18 -15.70
N ILE G 208 -9.24 30.23 -14.88
CA ILE G 208 -9.02 30.17 -13.47
C ILE G 208 -10.39 30.15 -12.79
N THR G 209 -10.80 28.98 -12.29
CA THR G 209 -12.09 28.75 -11.65
C THR G 209 -11.87 28.78 -10.14
N LYS G 210 -13.02 28.76 -9.41
CA LYS G 210 -13.05 28.80 -7.96
C LYS G 210 -12.45 30.12 -7.42
N MET G 211 -12.75 31.27 -8.07
CA MET G 211 -12.10 32.54 -7.82
C MET G 211 -12.85 33.41 -6.80
N ASP G 212 -14.01 32.87 -6.29
CA ASP G 212 -14.72 33.62 -5.25
C ASP G 212 -13.98 33.52 -3.91
N LEU G 213 -13.21 32.46 -3.71
CA LEU G 213 -12.53 32.25 -2.46
C LEU G 213 -11.06 32.69 -2.51
N VAL G 214 -10.78 33.89 -3.06
CA VAL G 214 -9.44 34.41 -2.99
C VAL G 214 -9.52 35.93 -2.88
N GLU G 215 -8.47 36.52 -2.35
CA GLU G 215 -8.37 37.98 -2.43
C GLU G 215 -8.29 38.38 -3.89
N PRO G 216 -8.80 39.56 -4.24
CA PRO G 216 -8.56 40.13 -5.57
C PRO G 216 -7.14 40.55 -5.77
N GLU G 217 -6.36 40.64 -4.70
CA GLU G 217 -4.92 40.77 -4.92
C GLU G 217 -4.35 39.39 -5.37
N LYS G 218 -5.00 38.27 -4.99
CA LYS G 218 -4.77 37.04 -5.70
C LYS G 218 -5.35 37.11 -7.12
N GLY G 219 -6.53 37.73 -7.22
CA GLY G 219 -7.22 37.71 -8.56
C GLY G 219 -6.43 38.31 -9.71
N ALA G 220 -5.75 39.44 -9.47
CA ALA G 220 -5.00 40.04 -10.52
C ALA G 220 -3.72 39.27 -10.69
N ALA G 221 -3.24 38.56 -9.67
CA ALA G 221 -1.95 37.84 -9.80
C ALA G 221 -2.11 36.59 -10.59
N ILE G 222 -3.28 35.82 -10.37
CA ILE G 222 -3.45 34.59 -11.16
C ILE G 222 -3.92 34.90 -12.61
N LEU G 223 -4.98 35.70 -12.73
CA LEU G 223 -5.53 35.98 -14.08
C LEU G 223 -4.52 36.71 -14.95
N SER G 224 -3.71 37.69 -14.40
CA SER G 224 -2.60 38.31 -15.11
C SER G 224 -1.31 37.70 -14.57
N ASP G 225 -0.77 36.75 -15.23
CA ASP G 225 0.49 36.16 -14.88
C ASP G 225 1.50 36.40 -16.05
N ARG G 226 2.74 36.51 -15.70
CA ARG G 226 3.88 36.60 -16.61
C ARG G 226 4.81 35.40 -16.72
N GLN G 227 4.77 34.49 -15.75
CA GLN G 227 5.62 33.37 -15.73
C GLN G 227 5.28 32.44 -16.88
N TYR G 228 4.01 32.12 -17.14
CA TYR G 228 3.55 31.29 -18.27
C TYR G 228 2.55 32.11 -19.19
N PRO G 229 3.02 33.11 -19.91
CA PRO G 229 2.13 33.95 -20.70
C PRO G 229 1.82 33.22 -22.03
N LEU G 230 0.67 33.57 -22.56
CA LEU G 230 0.16 32.91 -23.77
C LEU G 230 -0.83 33.81 -24.47
N LYS G 231 -1.06 33.54 -25.75
CA LYS G 231 -2.04 34.20 -26.53
C LYS G 231 -3.43 33.75 -26.10
N LEU G 232 -4.42 34.48 -26.53
CA LEU G 232 -5.84 34.18 -26.17
C LEU G 232 -6.15 34.46 -24.68
N GLY G 233 -5.08 34.58 -23.88
CA GLY G 233 -5.13 35.02 -22.46
C GLY G 233 -5.88 34.11 -21.55
N TYR G 234 -5.91 34.37 -20.30
CA TYR G 234 -6.67 33.61 -19.33
C TYR G 234 -8.03 34.32 -19.10
N VAL G 235 -8.99 33.55 -18.55
CA VAL G 235 -10.38 34.03 -18.23
C VAL G 235 -10.83 33.42 -16.91
N GLY G 236 -10.87 34.29 -15.84
CA GLY G 236 -11.27 33.92 -14.53
C GLY G 236 -12.76 33.94 -14.38
N VAL G 237 -13.31 32.90 -13.78
CA VAL G 237 -14.72 32.84 -13.57
C VAL G 237 -14.98 32.13 -12.22
N ILE G 238 -16.08 32.57 -11.53
CA ILE G 238 -16.63 31.74 -10.39
C ILE G 238 -17.92 31.14 -10.89
N SER G 239 -17.96 29.81 -11.04
CA SER G 239 -19.15 29.10 -11.59
C SER G 239 -19.87 28.28 -10.43
N LYS G 240 -21.18 28.36 -10.40
CA LYS G 240 -21.99 27.51 -9.54
C LYS G 240 -23.43 27.81 -9.77
N GLY G 253 -36.72 27.88 -13.07
CA GLY G 253 -35.71 27.91 -14.17
C GLY G 253 -34.88 29.21 -14.18
N ASN G 254 -34.19 29.48 -15.34
CA ASN G 254 -33.42 30.65 -15.57
C ASN G 254 -32.10 30.67 -14.72
N LEU G 255 -31.42 29.49 -14.71
CA LEU G 255 -30.15 29.33 -14.00
C LEU G 255 -28.98 29.92 -14.79
N LEU G 256 -29.08 29.82 -16.09
CA LEU G 256 -28.07 30.47 -16.98
C LEU G 256 -27.99 31.95 -16.63
N ALA G 257 -29.12 32.66 -16.74
CA ALA G 257 -29.17 34.09 -16.54
C ALA G 257 -28.90 34.45 -15.08
N SER G 258 -29.35 33.67 -14.14
CA SER G 258 -29.08 33.96 -12.71
C SER G 258 -27.58 33.95 -12.35
N ILE G 259 -26.85 32.86 -12.71
CA ILE G 259 -25.37 32.83 -12.61
C ILE G 259 -24.72 34.00 -13.34
N ASN G 260 -25.31 34.42 -14.46
CA ASN G 260 -24.80 35.69 -15.15
C ASN G 260 -24.86 36.92 -14.21
N ARG G 261 -25.90 37.01 -13.44
CA ARG G 261 -26.07 38.18 -12.58
C ARG G 261 -25.15 38.09 -11.34
N ASN G 262 -25.04 36.93 -10.76
CA ASN G 262 -24.02 36.70 -9.74
C ASN G 262 -22.65 37.15 -10.28
N GLU G 263 -22.34 36.74 -11.57
CA GLU G 263 -21.10 37.22 -12.12
C GLU G 263 -21.12 38.81 -12.21
N LYS G 264 -22.18 39.42 -12.76
CA LYS G 264 -22.21 40.94 -12.85
C LYS G 264 -22.02 41.55 -11.48
N ASN G 265 -22.66 41.04 -10.40
CA ASN G 265 -22.67 41.78 -9.11
C ASN G 265 -21.51 41.44 -8.19
N TYR G 266 -21.02 40.19 -8.18
CA TYR G 266 -19.87 39.90 -7.35
C TYR G 266 -18.70 40.92 -7.56
N PHE G 267 -18.51 41.32 -8.84
CA PHE G 267 -17.37 42.17 -9.17
C PHE G 267 -17.51 43.58 -8.69
N GLY G 268 -18.75 44.02 -8.37
CA GLY G 268 -18.90 45.32 -7.70
C GLY G 268 -18.29 45.42 -6.27
N SER G 269 -18.09 44.27 -5.64
CA SER G 269 -17.38 44.23 -4.31
C SER G 269 -15.97 44.67 -4.45
N HIS G 270 -15.33 44.40 -5.60
CA HIS G 270 -13.92 44.71 -5.89
C HIS G 270 -13.83 45.08 -7.38
N PRO G 271 -14.35 46.25 -7.73
CA PRO G 271 -14.48 46.63 -9.17
C PRO G 271 -13.16 47.11 -9.74
N THR G 272 -12.39 47.89 -8.95
CA THR G 272 -11.09 48.43 -9.52
C THR G 272 -10.13 47.32 -9.83
N GLU G 273 -10.14 46.20 -9.04
CA GLU G 273 -9.17 45.14 -9.21
C GLU G 273 -9.35 44.38 -10.48
N PHE G 274 -10.55 43.78 -10.69
CA PHE G 274 -10.91 43.13 -11.93
C PHE G 274 -12.26 43.73 -12.48
N GLY G 275 -12.16 44.85 -13.10
CA GLY G 275 -13.30 45.50 -13.75
C GLY G 275 -13.03 46.16 -15.08
N PRO G 276 -13.96 47.06 -15.47
CA PRO G 276 -13.82 47.80 -16.74
C PRO G 276 -12.55 48.56 -16.80
N ASP G 277 -11.84 48.45 -17.96
CA ASP G 277 -10.49 49.00 -18.29
C ASP G 277 -9.35 48.37 -17.53
N SER G 278 -9.64 47.52 -16.63
CA SER G 278 -8.60 46.65 -16.05
C SER G 278 -8.11 45.71 -17.11
N GLY G 279 -6.84 45.29 -17.01
CA GLY G 279 -6.22 44.48 -18.09
C GLY G 279 -6.73 42.99 -18.13
N VAL G 280 -7.11 42.46 -17.01
CA VAL G 280 -7.64 41.07 -16.89
C VAL G 280 -9.06 41.00 -17.42
N SER G 281 -9.55 39.83 -17.73
CA SER G 281 -10.94 39.71 -18.29
C SER G 281 -11.66 38.49 -17.69
N THR G 282 -12.89 38.67 -17.44
CA THR G 282 -13.65 37.78 -16.55
C THR G 282 -15.02 37.55 -17.07
N GLY G 283 -15.75 36.77 -16.31
CA GLY G 283 -17.15 36.56 -16.55
C GLY G 283 -17.44 35.40 -17.59
N VAL G 284 -18.73 34.99 -17.65
CA VAL G 284 -18.96 33.83 -18.46
C VAL G 284 -19.12 34.19 -19.89
N MET G 285 -19.78 35.28 -20.20
CA MET G 285 -20.17 35.67 -21.55
C MET G 285 -18.98 35.91 -22.33
N THR G 286 -17.98 36.58 -21.72
CA THR G 286 -16.76 36.83 -22.43
C THR G 286 -16.04 35.53 -22.74
N LEU G 287 -15.93 34.61 -21.76
CA LEU G 287 -15.22 33.36 -22.03
C LEU G 287 -15.87 32.61 -23.18
N ARG G 288 -17.22 32.48 -23.17
CA ARG G 288 -17.99 31.87 -24.28
C ARG G 288 -17.64 32.53 -25.58
N LYS G 289 -17.70 33.89 -25.62
CA LYS G 289 -17.41 34.60 -26.89
C LYS G 289 -16.02 34.31 -27.46
N LYS G 290 -15.01 34.41 -26.63
CA LYS G 290 -13.66 34.10 -26.99
C LYS G 290 -13.61 32.70 -27.58
N LEU G 291 -14.17 31.67 -26.86
CA LEU G 291 -14.22 30.29 -27.35
C LEU G 291 -14.75 30.25 -28.75
N LEU G 292 -15.82 30.96 -29.00
CA LEU G 292 -16.40 30.98 -30.29
C LEU G 292 -15.41 31.48 -31.32
N GLN G 293 -14.74 32.65 -31.02
CA GLN G 293 -13.84 33.22 -32.01
C GLN G 293 -12.66 32.33 -32.28
N VAL G 294 -12.06 31.78 -31.21
CA VAL G 294 -10.89 30.93 -31.34
C VAL G 294 -11.25 29.68 -32.13
N LEU G 295 -12.30 29.00 -31.75
CA LEU G 295 -12.71 27.83 -32.42
C LEU G 295 -13.01 28.10 -33.91
N GLU G 296 -13.74 29.18 -34.24
CA GLU G 296 -14.03 29.41 -35.64
C GLU G 296 -12.73 29.61 -36.41
N GLN G 297 -11.82 30.42 -35.85
CA GLN G 297 -10.55 30.67 -36.58
C GLN G 297 -9.73 29.40 -36.84
N GLN G 298 -9.45 28.65 -35.77
CA GLN G 298 -8.72 27.43 -35.94
C GLN G 298 -9.41 26.50 -36.93
N MET G 299 -10.70 26.12 -36.69
CA MET G 299 -11.44 25.24 -37.60
C MET G 299 -11.34 25.69 -39.04
N SER G 300 -11.58 26.97 -39.32
CA SER G 300 -11.61 27.44 -40.67
C SER G 300 -10.25 27.37 -41.30
N SER G 301 -9.20 27.79 -40.58
CA SER G 301 -7.87 27.60 -41.14
C SER G 301 -7.61 26.14 -41.54
N LYS G 302 -7.82 25.21 -40.61
CA LYS G 302 -7.64 23.78 -40.95
C LYS G 302 -8.52 23.36 -42.02
N LEU G 303 -9.62 24.12 -42.27
CA LEU G 303 -10.77 23.68 -43.16
C LEU G 303 -10.28 23.29 -44.58
N ASN G 304 -9.40 24.12 -45.17
CA ASN G 304 -8.99 23.86 -46.55
C ASN G 304 -8.02 22.68 -46.65
N GLU G 305 -7.01 22.62 -45.81
CA GLU G 305 -6.08 21.46 -45.80
C GLU G 305 -6.79 20.17 -45.50
N THR G 306 -7.75 20.18 -44.58
CA THR G 306 -8.66 19.05 -44.35
C THR G 306 -9.43 18.72 -45.65
N THR G 307 -10.02 19.79 -46.35
CA THR G 307 -10.73 19.54 -47.58
C THR G 307 -9.83 18.80 -48.60
N GLU G 308 -8.61 19.27 -48.79
CA GLU G 308 -7.71 18.57 -49.71
C GLU G 308 -7.42 17.12 -49.26
N ALA G 309 -7.11 16.90 -48.01
CA ALA G 309 -6.83 15.49 -47.57
C ALA G 309 -8.05 14.65 -47.79
N ILE G 310 -9.25 15.13 -47.44
CA ILE G 310 -10.45 14.41 -47.68
C ILE G 310 -10.63 14.01 -49.20
N GLN G 311 -10.34 14.95 -50.05
CA GLN G 311 -10.47 14.57 -51.51
C GLN G 311 -9.47 13.44 -51.90
N ARG G 312 -8.32 13.43 -51.25
CA ARG G 312 -7.36 12.42 -51.54
C ARG G 312 -7.82 11.06 -51.02
N GLU G 313 -8.18 11.00 -49.73
CA GLU G 313 -8.56 9.74 -49.17
C GLU G 313 -9.77 9.24 -49.88
N LEU G 314 -10.65 10.17 -50.39
CA LEU G 314 -11.75 9.69 -51.27
C LEU G 314 -11.15 9.03 -52.57
N GLU G 315 -10.14 9.62 -53.21
CA GLU G 315 -9.52 8.95 -54.36
C GLU G 315 -8.98 7.55 -54.00
N GLU G 316 -8.22 7.41 -52.94
CA GLU G 316 -7.59 6.13 -52.64
C GLU G 316 -8.66 5.08 -52.30
N THR G 317 -9.66 5.51 -51.57
CA THR G 317 -10.78 4.65 -51.26
C THR G 317 -11.39 4.15 -52.56
N THR G 318 -11.47 5.01 -53.54
CA THR G 318 -11.94 4.56 -54.83
C THR G 318 -10.99 3.56 -55.44
N TYR G 319 -9.64 3.76 -55.28
CA TYR G 319 -8.64 2.93 -55.98
C TYR G 319 -8.67 1.50 -55.49
N GLN G 320 -8.80 1.34 -54.13
CA GLN G 320 -8.91 -0.04 -53.62
C GLN G 320 -10.32 -0.62 -54.00
N PHE G 321 -11.42 0.27 -54.03
CA PHE G 321 -12.72 -0.17 -54.47
C PHE G 321 -12.65 -0.67 -55.95
N LYS G 322 -11.70 -0.12 -56.68
CA LYS G 322 -11.41 -0.59 -58.07
C LYS G 322 -10.53 -1.85 -58.08
N VAL G 323 -9.41 -1.92 -57.39
CA VAL G 323 -8.54 -3.06 -57.60
C VAL G 323 -9.07 -4.32 -56.94
N GLN G 324 -9.58 -4.21 -55.68
CA GLN G 324 -9.98 -5.47 -55.06
C GLN G 324 -11.45 -5.90 -55.31
N TYR G 325 -12.39 -4.98 -55.59
CA TYR G 325 -13.83 -5.32 -55.73
C TYR G 325 -14.42 -5.04 -57.10
N ASN G 326 -13.63 -4.44 -58.01
CA ASN G 326 -14.06 -4.09 -59.33
C ASN G 326 -15.29 -3.24 -59.28
N GLU G 327 -15.36 -2.45 -58.31
CA GLU G 327 -16.41 -1.51 -58.19
C GLU G 327 -17.80 -2.14 -58.08
N GLN G 328 -17.90 -3.40 -57.77
CA GLN G 328 -19.22 -4.02 -57.72
C GLN G 328 -20.00 -3.41 -56.51
N PRO G 329 -21.00 -2.62 -56.77
CA PRO G 329 -21.70 -2.04 -55.69
C PRO G 329 -22.44 -3.08 -54.94
N MET G 330 -22.59 -2.91 -53.64
CA MET G 330 -23.24 -3.99 -52.86
C MET G 330 -24.24 -3.40 -51.90
N SER G 331 -25.29 -4.11 -51.64
CA SER G 331 -26.15 -3.71 -50.61
C SER G 331 -26.65 -4.98 -49.88
N ALA G 332 -27.04 -4.79 -48.62
CA ALA G 332 -27.46 -5.87 -47.76
C ALA G 332 -28.67 -6.61 -48.33
N GLU G 333 -29.71 -5.80 -48.76
CA GLU G 333 -30.94 -6.45 -49.35
C GLU G 333 -30.61 -7.16 -50.69
N SER G 334 -29.60 -6.65 -51.43
CA SER G 334 -29.14 -7.30 -52.66
C SER G 334 -28.53 -8.66 -52.43
N TYR G 335 -27.58 -8.72 -51.51
CA TYR G 335 -26.95 -9.97 -51.14
C TYR G 335 -28.05 -11.02 -50.72
N LEU G 336 -28.91 -10.53 -49.90
CA LEU G 336 -30.03 -11.33 -49.43
C LEU G 336 -30.87 -11.77 -50.56
N ALA G 337 -31.15 -10.90 -51.49
CA ALA G 337 -32.01 -11.32 -52.61
C ALA G 337 -31.29 -12.42 -53.49
N ALA G 338 -30.01 -12.20 -53.73
CA ALA G 338 -29.28 -13.13 -54.60
C ALA G 338 -29.05 -14.48 -53.93
N SER G 339 -28.74 -14.48 -52.67
CA SER G 339 -28.51 -15.80 -52.02
C SER G 339 -29.85 -16.51 -51.90
N LEU G 340 -30.87 -15.79 -51.61
CA LEU G 340 -32.17 -16.39 -51.64
C LEU G 340 -32.39 -17.03 -53.01
N ASP G 341 -32.18 -16.29 -54.09
CA ASP G 341 -32.46 -16.86 -55.43
C ASP G 341 -31.56 -18.01 -55.82
N ASP G 342 -30.23 -17.94 -55.44
CA ASP G 342 -29.41 -19.13 -55.66
C ASP G 342 -30.05 -20.36 -54.91
N PHE G 343 -30.52 -20.15 -53.73
CA PHE G 343 -31.19 -21.26 -52.96
C PHE G 343 -32.49 -21.73 -53.57
N LYS G 344 -33.29 -20.78 -54.05
CA LYS G 344 -34.52 -21.19 -54.67
C LYS G 344 -34.23 -21.89 -56.01
N HIS G 345 -33.14 -21.51 -56.67
CA HIS G 345 -32.66 -22.34 -57.84
C HIS G 345 -32.31 -23.77 -57.40
N GLN G 346 -31.60 -23.85 -56.34
CA GLN G 346 -31.16 -25.14 -55.81
C GLN G 346 -32.35 -26.01 -55.50
N PHE G 347 -33.37 -25.41 -54.90
CA PHE G 347 -34.54 -26.02 -54.52
C PHE G 347 -35.43 -26.40 -55.72
N HIS G 348 -35.43 -25.56 -56.79
CA HIS G 348 -36.08 -25.89 -57.97
C HIS G 348 -35.57 -27.24 -58.48
N GLU G 349 -34.26 -27.38 -58.57
CA GLU G 349 -33.66 -28.64 -59.02
C GLU G 349 -34.03 -29.81 -58.11
N PHE G 350 -33.94 -29.64 -56.80
CA PHE G 350 -34.27 -30.75 -55.87
C PHE G 350 -35.68 -31.36 -56.14
N ALA G 351 -36.69 -30.47 -56.32
CA ALA G 351 -38.13 -30.91 -56.49
C ALA G 351 -38.47 -31.48 -57.87
N SER G 352 -37.77 -30.95 -58.94
CA SER G 352 -37.92 -31.57 -60.21
C SER G 352 -37.39 -33.00 -60.08
N SER G 353 -36.44 -33.23 -59.17
CA SER G 353 -35.70 -34.55 -59.03
C SER G 353 -36.37 -35.54 -58.11
N PHE G 354 -37.17 -35.04 -57.17
CA PHE G 354 -37.69 -35.84 -56.08
C PHE G 354 -38.89 -36.70 -56.42
N GLY G 355 -40.08 -36.08 -56.68
CA GLY G 355 -41.14 -36.92 -57.23
C GLY G 355 -41.61 -38.08 -56.28
N ARG G 356 -42.02 -39.17 -56.85
CA ARG G 356 -42.79 -40.23 -56.23
C ARG G 356 -42.21 -41.63 -56.19
N PRO G 357 -41.40 -42.11 -57.10
CA PRO G 357 -40.76 -43.42 -56.79
C PRO G 357 -39.91 -43.38 -55.57
N GLN G 358 -39.26 -42.22 -55.26
CA GLN G 358 -38.52 -42.08 -53.97
C GLN G 358 -39.45 -42.32 -52.74
N LEU G 359 -40.63 -41.74 -52.69
CA LEU G 359 -41.53 -41.99 -51.60
C LEU G 359 -41.90 -43.43 -51.68
N GLN G 360 -41.99 -44.00 -52.87
CA GLN G 360 -42.26 -45.46 -52.90
C GLN G 360 -41.20 -46.27 -52.13
N THR G 361 -39.89 -45.87 -52.28
CA THR G 361 -38.84 -46.73 -51.68
C THR G 361 -38.80 -46.46 -50.16
N LEU G 362 -38.98 -45.19 -49.74
CA LEU G 362 -38.95 -44.84 -48.36
C LEU G 362 -40.03 -45.50 -47.56
N LEU G 363 -41.26 -45.44 -47.98
CA LEU G 363 -42.31 -46.16 -47.34
C LEU G 363 -42.08 -47.65 -47.47
N LYS G 364 -41.73 -48.16 -48.63
CA LYS G 364 -41.60 -49.60 -48.72
C LYS G 364 -40.47 -50.15 -47.76
N ASP G 365 -39.40 -49.34 -47.58
CA ASP G 365 -38.40 -49.76 -46.66
C ASP G 365 -38.95 -49.75 -45.24
N ALA G 366 -39.67 -48.70 -44.86
CA ALA G 366 -40.14 -48.65 -43.47
C ALA G 366 -40.98 -49.84 -43.16
N LEU G 367 -41.96 -50.18 -44.13
CA LEU G 367 -42.86 -51.32 -44.00
C LEU G 367 -42.09 -52.70 -44.03
N ASP G 368 -40.96 -52.79 -44.80
CA ASP G 368 -40.04 -53.93 -44.69
C ASP G 368 -39.51 -54.08 -43.29
N GLN G 369 -38.98 -53.05 -42.72
CA GLN G 369 -38.47 -53.18 -41.38
C GLN G 369 -39.58 -53.63 -40.41
N LYS G 370 -40.81 -53.17 -40.54
CA LYS G 370 -41.91 -53.76 -39.74
C LYS G 370 -42.11 -55.26 -40.03
N VAL G 371 -42.01 -55.72 -41.34
CA VAL G 371 -42.12 -57.17 -41.70
C VAL G 371 -41.07 -58.03 -41.05
N LEU G 372 -39.76 -57.70 -41.26
CA LEU G 372 -38.68 -58.58 -40.74
C LEU G 372 -38.83 -58.79 -39.22
N ASP G 373 -39.20 -57.67 -38.60
CA ASP G 373 -39.47 -57.66 -37.16
C ASP G 373 -40.59 -58.49 -36.73
N GLN G 374 -41.74 -58.35 -37.39
CA GLN G 374 -42.88 -59.19 -37.03
C GLN G 374 -42.46 -60.66 -37.14
N LEU G 375 -41.82 -61.10 -38.25
CA LEU G 375 -41.39 -62.45 -38.35
C LEU G 375 -40.51 -62.86 -37.22
N ALA G 376 -39.42 -62.12 -36.95
CA ALA G 376 -38.42 -62.68 -36.04
C ALA G 376 -38.90 -62.67 -34.62
N ALA G 377 -39.71 -61.62 -34.27
CA ALA G 377 -40.20 -61.48 -32.90
C ALA G 377 -41.30 -62.52 -32.55
N ARG G 378 -42.04 -62.99 -33.57
CA ARG G 378 -43.20 -63.91 -33.37
C ARG G 378 -42.96 -65.40 -33.72
N TYR G 379 -41.87 -65.67 -34.45
CA TYR G 379 -41.59 -66.99 -34.95
C TYR G 379 -40.21 -67.56 -34.50
N TRP G 380 -39.11 -66.79 -34.43
CA TRP G 380 -37.78 -67.45 -34.34
C TRP G 380 -37.23 -67.31 -32.90
N ASN G 381 -35.93 -67.72 -32.74
CA ASN G 381 -35.29 -67.97 -31.45
C ASN G 381 -34.59 -66.72 -30.94
N ARG G 382 -34.05 -66.80 -29.73
CA ARG G 382 -33.44 -65.69 -29.04
C ARG G 382 -31.99 -66.04 -28.52
N PRO G 383 -31.30 -65.06 -27.84
CA PRO G 383 -29.90 -65.32 -27.32
C PRO G 383 -29.78 -66.43 -26.27
N ILE G 384 -28.53 -66.87 -26.16
CA ILE G 384 -28.18 -68.07 -25.37
C ILE G 384 -27.37 -67.74 -24.18
N GLU G 385 -27.70 -68.31 -23.01
CA GLU G 385 -26.84 -68.25 -21.84
C GLU G 385 -26.91 -69.67 -21.13
N ASP G 386 -26.19 -69.79 -19.98
CA ASP G 386 -26.03 -71.11 -19.40
C ASP G 386 -27.32 -71.64 -18.74
N LEU G 387 -28.28 -70.72 -18.38
CA LEU G 387 -29.56 -71.08 -17.88
C LEU G 387 -30.37 -71.77 -18.93
N SER G 388 -31.10 -72.78 -18.53
CA SER G 388 -31.92 -73.62 -19.48
C SER G 388 -33.25 -72.95 -19.86
N PRO G 389 -33.76 -73.15 -21.05
CA PRO G 389 -34.70 -72.17 -21.71
C PRO G 389 -36.19 -72.40 -21.33
N ALA G 390 -37.05 -71.50 -21.83
CA ALA G 390 -38.46 -71.84 -21.89
C ALA G 390 -38.66 -73.10 -22.74
N PRO G 391 -39.83 -73.76 -22.79
CA PRO G 391 -39.87 -75.05 -23.45
C PRO G 391 -39.46 -75.05 -24.97
N ARG G 392 -40.15 -74.32 -25.85
CA ARG G 392 -41.36 -73.45 -25.63
C ARG G 392 -42.70 -74.18 -25.48
N GLU G 393 -43.07 -75.28 -26.23
CA GLU G 393 -42.37 -75.92 -27.35
C GLU G 393 -43.23 -76.30 -28.59
N PRO G 394 -44.51 -76.14 -28.47
CA PRO G 394 -45.33 -76.28 -29.65
C PRO G 394 -44.98 -75.22 -30.62
N ASP G 395 -44.34 -74.15 -30.23
CA ASP G 395 -43.88 -73.17 -31.22
C ASP G 395 -42.45 -73.59 -31.66
N ASN G 396 -42.38 -74.73 -32.32
CA ASN G 396 -41.21 -75.06 -33.12
C ASN G 396 -41.56 -74.84 -34.59
N ILE G 397 -40.68 -74.14 -35.26
CA ILE G 397 -41.01 -73.84 -36.64
C ILE G 397 -40.78 -75.03 -37.58
N ILE G 398 -40.17 -76.13 -37.10
CA ILE G 398 -39.79 -77.23 -37.97
C ILE G 398 -41.04 -77.98 -38.42
N ASP G 399 -42.06 -78.12 -37.53
CA ASP G 399 -43.20 -78.95 -37.85
C ASP G 399 -44.22 -78.24 -38.64
N LEU G 400 -43.94 -76.96 -39.04
CA LEU G 400 -44.90 -76.09 -39.72
C LEU G 400 -45.42 -76.71 -41.00
N PRO G 401 -44.59 -77.27 -41.93
CA PRO G 401 -45.17 -77.77 -43.17
C PRO G 401 -46.11 -79.00 -42.96
N LYS G 402 -45.90 -79.72 -41.89
CA LYS G 402 -46.68 -80.80 -41.43
C LYS G 402 -47.25 -80.47 -40.09
N ALA G 403 -48.19 -79.54 -40.04
CA ALA G 403 -48.96 -79.29 -38.88
C ALA G 403 -50.41 -79.29 -39.23
N ASP G 404 -51.28 -79.34 -38.24
CA ASP G 404 -52.75 -79.43 -38.54
C ASP G 404 -53.21 -78.13 -39.09
N PRO G 405 -53.91 -78.09 -40.19
CA PRO G 405 -54.32 -76.76 -40.78
C PRO G 405 -55.20 -76.03 -39.85
N ASP G 406 -55.91 -76.75 -38.96
CA ASP G 406 -56.76 -76.08 -38.00
C ASP G 406 -56.04 -75.92 -36.71
N SER G 407 -54.90 -75.17 -36.71
CA SER G 407 -54.12 -74.99 -35.52
C SER G 407 -54.52 -73.65 -34.84
N PRO G 408 -55.09 -73.68 -33.66
CA PRO G 408 -55.48 -72.39 -33.02
C PRO G 408 -54.28 -71.49 -32.77
N TYR G 409 -53.10 -72.14 -32.48
CA TYR G 409 -51.86 -71.39 -32.19
C TYR G 409 -51.25 -70.77 -33.45
N TRP G 410 -51.07 -71.58 -34.52
CA TRP G 410 -50.57 -70.96 -35.80
C TRP G 410 -51.43 -69.83 -36.35
N HIS G 411 -52.77 -70.11 -36.30
CA HIS G 411 -53.72 -69.17 -36.79
C HIS G 411 -53.54 -67.83 -36.06
N ARG G 412 -53.53 -67.84 -34.68
CA ARG G 412 -53.29 -66.62 -33.84
C ARG G 412 -51.97 -65.97 -34.25
N GLN G 413 -51.00 -66.74 -34.61
CA GLN G 413 -49.67 -66.18 -34.77
C GLN G 413 -49.56 -65.34 -36.00
N LEU G 414 -49.87 -65.90 -37.13
CA LEU G 414 -49.89 -65.09 -38.37
C LEU G 414 -51.04 -64.03 -38.36
N ASP G 415 -52.19 -64.32 -37.68
CA ASP G 415 -53.32 -63.36 -37.59
C ASP G 415 -52.92 -62.05 -36.77
N THR G 416 -52.28 -62.21 -35.65
CA THR G 416 -51.77 -61.08 -34.91
C THR G 416 -50.64 -60.40 -35.70
N ALA G 417 -49.93 -61.19 -36.57
CA ALA G 417 -48.91 -60.65 -37.39
C ALA G 417 -49.52 -59.62 -38.42
N CYS G 418 -50.69 -59.93 -39.06
CA CYS G 418 -51.23 -59.02 -40.03
C CYS G 418 -52.11 -57.87 -39.37
N SER G 419 -53.06 -58.24 -38.51
CA SER G 419 -53.96 -57.19 -37.91
C SER G 419 -53.17 -56.06 -37.32
N GLY G 420 -51.98 -56.34 -36.73
CA GLY G 420 -51.05 -55.27 -36.28
C GLY G 420 -50.43 -54.52 -37.49
N LEU G 421 -50.15 -55.24 -38.60
CA LEU G 421 -49.56 -54.58 -39.77
C LEU G 421 -50.53 -53.44 -40.29
N THR G 422 -51.82 -53.84 -40.60
CA THR G 422 -52.79 -52.92 -41.27
C THR G 422 -53.40 -51.97 -40.34
N ARG G 423 -53.76 -52.43 -39.18
CA ARG G 423 -54.43 -51.46 -38.27
C ARG G 423 -53.39 -50.92 -37.30
N LEU G 424 -52.34 -50.31 -37.85
CA LEU G 424 -51.42 -49.43 -37.06
C LEU G 424 -51.47 -48.06 -37.66
N GLY G 425 -50.84 -47.12 -36.99
CA GLY G 425 -50.79 -45.80 -37.62
C GLY G 425 -49.94 -45.79 -38.93
N VAL G 426 -50.48 -46.39 -40.05
CA VAL G 426 -49.74 -46.40 -41.30
C VAL G 426 -49.85 -45.08 -41.99
N GLY G 427 -51.00 -44.44 -41.87
CA GLY G 427 -51.09 -43.06 -42.28
C GLY G 427 -50.04 -42.18 -41.59
N ARG G 428 -49.91 -42.27 -40.22
CA ARG G 428 -48.93 -41.44 -39.55
C ARG G 428 -47.54 -41.91 -39.81
N LEU G 429 -47.38 -43.19 -40.18
CA LEU G 429 -46.04 -43.66 -40.60
C LEU G 429 -45.55 -43.04 -41.93
N ALA G 430 -46.43 -43.04 -42.90
CA ALA G 430 -46.12 -42.30 -44.11
C ALA G 430 -45.92 -40.76 -43.86
N ALA G 431 -46.75 -40.13 -43.10
CA ALA G 431 -46.69 -38.68 -42.93
C ALA G 431 -45.43 -38.27 -42.22
N THR G 432 -45.12 -39.00 -41.11
CA THR G 432 -43.84 -38.71 -40.42
C THR G 432 -42.62 -39.09 -41.19
N VAL G 433 -42.61 -40.28 -41.83
CA VAL G 433 -41.40 -40.65 -42.64
C VAL G 433 -41.14 -39.67 -43.75
N ALA G 434 -42.19 -39.33 -44.51
CA ALA G 434 -42.02 -38.39 -45.59
C ALA G 434 -41.69 -36.96 -45.11
N ALA G 435 -42.20 -36.58 -43.94
CA ALA G 435 -41.77 -35.34 -43.32
C ALA G 435 -40.27 -35.35 -43.11
N SER G 436 -39.80 -36.37 -42.40
CA SER G 436 -38.40 -36.52 -42.06
C SER G 436 -37.49 -36.56 -43.32
N ALA G 437 -38.08 -37.07 -44.46
CA ALA G 437 -37.28 -37.17 -45.71
C ALA G 437 -37.15 -35.81 -46.39
N ILE G 438 -38.28 -35.04 -46.41
CA ILE G 438 -38.26 -33.73 -46.97
C ILE G 438 -37.34 -32.82 -46.19
N GLN G 439 -37.57 -32.69 -44.90
CA GLN G 439 -36.72 -31.83 -44.00
C GLN G 439 -35.18 -32.19 -44.10
N GLN G 440 -34.88 -33.50 -44.23
CA GLN G 440 -33.45 -33.97 -44.34
C GLN G 440 -32.84 -33.50 -45.60
N HIS G 441 -33.57 -33.59 -46.75
CA HIS G 441 -33.05 -33.01 -47.95
C HIS G 441 -32.89 -31.55 -47.81
N VAL G 442 -33.85 -30.91 -47.17
CA VAL G 442 -33.87 -29.48 -47.05
C VAL G 442 -32.69 -28.93 -46.23
N GLU G 443 -32.27 -29.65 -45.21
CA GLU G 443 -31.02 -29.27 -44.44
C GLU G 443 -29.73 -29.61 -45.16
N LYS G 444 -29.65 -30.75 -45.84
CA LYS G 444 -28.49 -31.06 -46.69
C LYS G 444 -28.36 -30.01 -47.82
N LEU G 445 -29.51 -29.72 -48.49
CA LEU G 445 -29.55 -28.64 -49.49
C LEU G 445 -29.13 -27.35 -48.89
N LEU G 446 -29.46 -27.11 -47.66
CA LEU G 446 -28.98 -25.93 -46.96
C LEU G 446 -27.45 -26.00 -46.63
N ASP G 447 -26.94 -27.16 -46.19
CA ASP G 447 -25.54 -27.32 -45.94
C ASP G 447 -24.72 -26.94 -47.15
N LYS G 448 -25.14 -27.46 -48.35
CA LYS G 448 -24.43 -27.10 -49.58
C LYS G 448 -24.74 -25.73 -50.08
N SER G 449 -25.79 -25.09 -49.50
CA SER G 449 -26.29 -23.88 -50.06
C SER G 449 -25.47 -22.67 -49.66
N SER G 450 -25.92 -21.55 -50.14
CA SER G 450 -25.32 -20.30 -49.92
C SER G 450 -25.54 -19.83 -48.52
N PHE G 451 -26.41 -20.52 -47.73
CA PHE G 451 -26.82 -20.11 -46.40
C PHE G 451 -26.08 -20.89 -45.31
N ALA G 452 -24.93 -21.50 -45.67
CA ALA G 452 -24.15 -22.17 -44.70
C ALA G 452 -23.75 -21.25 -43.55
N LYS G 453 -23.20 -20.10 -43.89
CA LYS G 453 -23.01 -19.05 -42.92
C LYS G 453 -24.40 -18.49 -42.57
N HIS G 454 -24.45 -17.60 -41.53
CA HIS G 454 -25.70 -16.93 -41.13
C HIS G 454 -26.67 -17.84 -40.48
N PRO G 455 -26.33 -18.37 -39.40
CA PRO G 455 -27.14 -19.46 -38.84
C PRO G 455 -28.55 -19.06 -38.43
N SER G 456 -28.77 -17.79 -38.18
CA SER G 456 -30.16 -17.30 -37.98
C SER G 456 -31.05 -17.50 -39.23
N ALA G 457 -30.71 -16.97 -40.40
CA ALA G 457 -31.53 -17.18 -41.59
C ALA G 457 -31.67 -18.66 -41.91
N ARG G 458 -30.58 -19.34 -41.80
CA ARG G 458 -30.67 -20.80 -41.98
C ARG G 458 -31.69 -21.41 -41.14
N LYS G 459 -31.86 -21.02 -39.88
CA LYS G 459 -32.91 -21.54 -38.98
C LYS G 459 -34.26 -21.06 -39.51
N VAL G 460 -34.40 -19.80 -39.95
CA VAL G 460 -35.71 -19.31 -40.51
C VAL G 460 -36.18 -20.19 -41.62
N ILE G 461 -35.31 -20.43 -42.58
CA ILE G 461 -35.68 -21.31 -43.68
C ILE G 461 -36.17 -22.61 -43.18
N SER G 462 -35.31 -23.29 -42.41
CA SER G 462 -35.55 -24.66 -42.05
C SER G 462 -36.84 -24.74 -41.28
N ASP G 463 -37.11 -23.79 -40.37
CA ASP G 463 -38.35 -23.77 -39.57
C ASP G 463 -39.55 -23.52 -40.44
N ALA G 464 -39.48 -22.71 -41.55
CA ALA G 464 -40.56 -22.55 -42.50
C ALA G 464 -40.89 -23.91 -43.10
N ALA G 465 -39.91 -24.58 -43.67
CA ALA G 465 -40.17 -26.01 -44.14
C ALA G 465 -40.88 -26.80 -43.10
N ALA G 466 -40.43 -26.74 -41.87
CA ALA G 466 -41.06 -27.45 -40.77
C ALA G 466 -42.47 -27.12 -40.54
N THR G 467 -42.82 -25.78 -40.63
CA THR G 467 -44.20 -25.35 -40.21
C THR G 467 -45.23 -25.69 -41.34
N VAL G 468 -44.76 -25.71 -42.63
CA VAL G 468 -45.54 -26.25 -43.76
C VAL G 468 -45.80 -27.75 -43.57
N LEU G 469 -44.76 -28.48 -43.44
CA LEU G 469 -44.90 -29.91 -43.36
C LEU G 469 -45.84 -30.27 -42.17
N ALA G 470 -45.77 -29.47 -41.08
CA ALA G 470 -46.63 -29.75 -39.99
C ALA G 470 -48.12 -29.44 -40.37
N ASP G 471 -48.35 -28.33 -41.11
CA ASP G 471 -49.70 -27.93 -41.41
C ASP G 471 -50.33 -28.98 -42.21
N ARG G 472 -49.56 -29.72 -43.05
CA ARG G 472 -50.19 -30.72 -43.94
C ARG G 472 -50.15 -32.16 -43.30
N SER G 473 -49.36 -32.38 -42.19
CA SER G 473 -49.04 -33.78 -41.73
C SER G 473 -50.26 -34.60 -41.45
N TYR G 474 -51.20 -34.03 -40.63
CA TYR G 474 -52.31 -34.86 -40.17
C TYR G 474 -53.30 -35.11 -41.27
N ALA G 475 -53.69 -34.05 -41.98
CA ALA G 475 -54.61 -34.19 -43.13
C ALA G 475 -54.06 -35.12 -44.12
N THR G 476 -52.73 -35.18 -44.29
CA THR G 476 -52.15 -36.20 -45.21
C THR G 476 -52.33 -37.57 -44.63
N SER G 477 -52.20 -37.73 -43.31
CA SER G 477 -52.40 -39.05 -42.68
C SER G 477 -53.79 -39.53 -42.72
N ASP G 478 -54.70 -38.72 -42.25
CA ASP G 478 -56.08 -39.13 -42.28
C ASP G 478 -56.50 -39.50 -43.72
N GLY G 479 -56.23 -38.63 -44.66
CA GLY G 479 -56.53 -38.92 -46.05
C GLY G 479 -56.00 -40.26 -46.51
N ILE G 480 -54.82 -40.63 -46.09
CA ILE G 480 -54.26 -41.95 -46.37
C ILE G 480 -55.08 -43.06 -45.66
N GLU G 481 -55.49 -42.86 -44.41
CA GLU G 481 -56.30 -43.88 -43.69
C GLU G 481 -57.63 -44.07 -44.41
N ILE G 482 -58.17 -43.00 -44.89
CA ILE G 482 -59.41 -43.09 -45.74
C ILE G 482 -59.12 -43.92 -47.02
N SER G 483 -57.97 -43.63 -47.76
CA SER G 483 -57.74 -44.30 -49.04
C SER G 483 -57.43 -45.78 -48.82
N LEU G 484 -56.88 -46.05 -47.67
CA LEU G 484 -56.69 -47.43 -47.22
C LEU G 484 -57.98 -48.07 -46.69
N LYS G 485 -59.06 -47.29 -46.49
CA LYS G 485 -60.31 -47.93 -46.04
C LYS G 485 -60.69 -49.22 -46.78
N PRO G 486 -60.57 -49.35 -48.16
CA PRO G 486 -60.89 -50.61 -48.77
C PRO G 486 -59.99 -51.77 -48.33
N TYR G 487 -58.69 -51.50 -48.13
CA TYR G 487 -57.66 -52.53 -47.86
C TYR G 487 -57.58 -52.97 -46.42
N LYS G 488 -58.29 -52.26 -45.51
CA LYS G 488 -58.31 -52.76 -44.15
C LYS G 488 -59.38 -53.77 -44.03
N PHE G 489 -60.52 -53.48 -44.78
CA PHE G 489 -61.65 -54.47 -44.80
C PHE G 489 -61.22 -55.81 -45.43
N ASP G 490 -60.75 -55.72 -46.63
CA ASP G 490 -60.33 -56.85 -47.48
C ASP G 490 -59.06 -56.45 -48.22
N PRO G 491 -57.83 -56.72 -47.67
CA PRO G 491 -56.61 -56.61 -48.44
C PRO G 491 -56.34 -57.79 -49.35
N ASP G 492 -57.33 -58.14 -50.19
CA ASP G 492 -57.31 -59.47 -50.85
C ASP G 492 -56.10 -59.57 -51.82
N ILE G 493 -55.33 -60.63 -51.67
CA ILE G 493 -54.10 -60.79 -52.37
C ILE G 493 -54.44 -61.58 -53.65
N GLN G 494 -54.03 -61.05 -54.81
CA GLN G 494 -54.10 -61.79 -56.05
C GLN G 494 -52.91 -62.72 -56.17
N PRO G 495 -53.03 -63.80 -56.94
CA PRO G 495 -51.91 -64.77 -57.12
C PRO G 495 -50.61 -64.17 -57.68
N ASN G 496 -50.70 -63.16 -58.56
CA ASN G 496 -49.46 -62.53 -59.07
C ASN G 496 -48.76 -61.67 -57.98
N GLU G 497 -49.55 -60.82 -57.21
CA GLU G 497 -48.98 -60.14 -56.01
C GLU G 497 -48.37 -61.16 -55.09
N TRP G 498 -48.97 -62.40 -55.04
CA TRP G 498 -48.46 -63.50 -54.23
C TRP G 498 -47.08 -63.88 -54.72
N ALA G 499 -46.93 -64.05 -56.07
CA ALA G 499 -45.60 -64.31 -56.69
C ALA G 499 -44.55 -63.23 -56.38
N GLN G 500 -44.97 -61.95 -56.46
CA GLN G 500 -44.05 -60.82 -56.26
C GLN G 500 -43.52 -60.75 -54.82
N GLY G 501 -44.46 -60.90 -53.87
CA GLY G 501 -44.06 -61.09 -52.47
C GLY G 501 -43.16 -62.30 -52.32
N ARG G 502 -43.36 -63.37 -53.15
CA ARG G 502 -42.52 -64.54 -53.07
C ARG G 502 -41.11 -64.21 -53.46
N GLU G 503 -41.03 -63.37 -54.55
CA GLU G 503 -39.74 -62.94 -55.06
C GLU G 503 -39.06 -62.07 -54.02
N HIS G 504 -39.75 -61.17 -53.35
CA HIS G 504 -39.05 -60.27 -52.43
C HIS G 504 -38.60 -61.04 -51.14
N VAL G 505 -39.36 -62.04 -50.73
CA VAL G 505 -39.06 -62.83 -49.62
C VAL G 505 -37.81 -63.70 -49.83
N VAL G 506 -37.72 -64.41 -50.98
CA VAL G 506 -36.56 -65.26 -51.31
C VAL G 506 -35.25 -64.48 -51.16
N GLY G 507 -35.24 -63.29 -51.62
CA GLY G 507 -34.06 -62.50 -51.53
C GLY G 507 -33.78 -62.06 -50.09
N VAL G 508 -34.76 -61.48 -49.43
CA VAL G 508 -34.48 -60.94 -48.10
C VAL G 508 -33.99 -61.99 -47.15
N LEU G 509 -34.61 -63.13 -47.16
CA LEU G 509 -34.24 -64.23 -46.26
C LEU G 509 -32.91 -64.82 -46.59
N GLN G 510 -32.56 -65.03 -47.91
CA GLN G 510 -31.25 -65.54 -48.26
C GLN G 510 -30.13 -64.62 -47.82
N ALA G 511 -30.37 -63.32 -47.97
CA ALA G 511 -29.28 -62.39 -47.65
C ALA G 511 -28.97 -62.53 -46.15
N GLU G 512 -30.03 -62.71 -45.29
CA GLU G 512 -29.85 -63.00 -43.87
C GLU G 512 -29.12 -64.38 -43.66
N LEU G 513 -29.47 -65.39 -44.42
CA LEU G 513 -28.84 -66.68 -44.23
C LEU G 513 -27.37 -66.53 -44.49
N GLU G 514 -26.98 -65.92 -45.63
CA GLU G 514 -25.59 -65.92 -46.05
C GLU G 514 -24.78 -65.17 -45.05
N GLN G 515 -25.38 -64.20 -44.36
CA GLN G 515 -24.62 -63.56 -43.28
C GLN G 515 -24.46 -64.53 -42.06
N CYS G 516 -25.40 -65.34 -41.79
CA CYS G 516 -25.27 -66.35 -40.71
C CYS G 516 -24.20 -67.38 -40.99
N GLN G 517 -24.20 -67.89 -42.21
CA GLN G 517 -23.21 -68.87 -42.48
C GLN G 517 -21.84 -68.30 -42.45
N ALA G 518 -21.70 -67.06 -42.94
CA ALA G 518 -20.38 -66.39 -42.87
C ALA G 518 -19.89 -66.23 -41.47
N ALA G 519 -20.77 -65.86 -40.52
CA ALA G 519 -20.41 -65.81 -39.14
C ALA G 519 -20.15 -67.21 -38.56
N MET G 520 -20.86 -68.26 -39.04
CA MET G 520 -20.61 -69.68 -38.54
C MET G 520 -19.22 -70.13 -38.90
N LYS G 521 -18.89 -70.13 -40.17
CA LYS G 521 -17.57 -70.56 -40.57
C LYS G 521 -16.47 -69.75 -39.92
N ALA G 522 -16.54 -68.42 -39.89
CA ALA G 522 -15.59 -67.61 -39.18
C ALA G 522 -15.34 -68.08 -37.71
N LEU G 523 -16.49 -68.37 -37.02
CA LEU G 523 -16.38 -68.97 -35.64
C LEU G 523 -15.63 -70.29 -35.64
N GLU G 524 -15.94 -71.16 -36.64
CA GLU G 524 -15.20 -72.35 -36.71
C GLU G 524 -13.68 -72.09 -36.84
N ASN G 525 -13.29 -71.38 -37.94
CA ASN G 525 -11.90 -71.05 -38.15
C ASN G 525 -11.30 -70.30 -36.92
N SER G 526 -12.19 -69.62 -36.14
CA SER G 526 -11.71 -68.89 -34.95
C SER G 526 -11.36 -69.86 -33.78
N VAL G 527 -12.30 -70.81 -33.44
CA VAL G 527 -12.12 -71.62 -32.25
C VAL G 527 -11.16 -72.74 -32.53
N GLY G 528 -11.03 -73.12 -33.78
CA GLY G 528 -10.04 -74.08 -34.14
C GLY G 528 -10.54 -75.05 -35.21
N GLY G 529 -10.61 -76.28 -34.88
CA GLY G 529 -11.27 -77.27 -35.69
C GLY G 529 -12.74 -77.20 -35.63
N ARG G 530 -13.41 -77.66 -36.71
CA ARG G 530 -14.88 -77.73 -36.67
C ARG G 530 -15.32 -78.70 -35.59
N LYS G 531 -14.46 -79.73 -35.34
CA LYS G 531 -14.77 -80.81 -34.47
C LYS G 531 -14.82 -80.32 -33.02
N LYS G 532 -13.95 -79.37 -32.68
CA LYS G 532 -13.97 -78.84 -31.39
C LYS G 532 -15.13 -77.97 -31.15
N LEU G 533 -15.41 -77.03 -32.04
CA LEU G 533 -16.64 -76.31 -31.89
C LEU G 533 -17.88 -77.20 -31.79
N LYS G 534 -17.95 -78.30 -32.52
CA LYS G 534 -19.08 -79.19 -32.35
C LYS G 534 -19.04 -79.83 -30.95
N GLU G 535 -17.82 -80.03 -30.43
CA GLU G 535 -17.73 -80.63 -29.09
C GLU G 535 -18.36 -79.68 -27.98
N VAL G 536 -17.88 -78.45 -27.96
CA VAL G 536 -18.48 -77.45 -27.01
C VAL G 536 -19.99 -77.23 -27.34
N MET G 537 -20.39 -77.52 -28.62
CA MET G 537 -21.79 -77.51 -29.04
C MET G 537 -22.54 -78.75 -28.44
N SER G 538 -21.87 -79.87 -28.29
CA SER G 538 -22.43 -80.96 -27.52
C SER G 538 -22.64 -80.50 -26.02
N PHE G 539 -21.71 -79.72 -25.52
CA PHE G 539 -21.75 -79.32 -24.13
C PHE G 539 -22.85 -78.37 -23.87
N VAL G 540 -23.04 -77.40 -24.78
CA VAL G 540 -24.14 -76.42 -24.67
C VAL G 540 -25.54 -77.04 -24.93
N ASP G 541 -25.66 -77.93 -25.93
CA ASP G 541 -26.92 -78.60 -26.10
C ASP G 541 -27.27 -79.40 -24.85
N LYS G 542 -26.24 -79.87 -24.16
CA LYS G 542 -26.46 -80.61 -22.95
C LYS G 542 -26.95 -79.69 -21.82
N ALA G 543 -26.25 -78.59 -21.63
CA ALA G 543 -26.73 -77.66 -20.66
C ALA G 543 -28.18 -77.04 -20.93
N ARG G 544 -28.66 -77.08 -22.23
CA ARG G 544 -29.94 -76.56 -22.62
C ARG G 544 -31.07 -77.53 -22.34
N LYS G 545 -30.76 -78.80 -22.40
CA LYS G 545 -31.65 -79.76 -21.76
C LYS G 545 -31.16 -79.96 -20.34
N GLY G 546 -31.85 -80.92 -19.65
CA GLY G 546 -31.48 -81.27 -18.27
C GLY G 546 -30.23 -82.08 -18.10
N GLU G 547 -29.62 -82.60 -19.18
CA GLU G 547 -28.66 -83.64 -19.07
C GLU G 547 -27.48 -83.18 -18.21
N ILE G 548 -27.21 -81.89 -18.10
CA ILE G 548 -26.14 -81.46 -17.18
C ILE G 548 -26.46 -80.07 -16.63
N ILE G 549 -25.92 -79.72 -15.44
CA ILE G 549 -26.02 -78.36 -14.91
C ILE G 549 -24.58 -77.97 -14.33
N VAL G 550 -24.40 -76.71 -14.09
CA VAL G 550 -23.22 -76.19 -13.32
C VAL G 550 -23.65 -75.00 -12.50
N GLU G 551 -22.93 -74.82 -11.42
CA GLU G 551 -22.99 -73.76 -10.38
C GLU G 551 -21.88 -72.77 -10.56
N GLY G 552 -22.01 -71.62 -9.87
CA GLY G 552 -21.04 -70.58 -10.04
C GLY G 552 -20.03 -70.41 -8.87
N ASP G 553 -19.37 -71.50 -8.52
CA ASP G 553 -18.30 -71.49 -7.50
C ASP G 553 -16.93 -71.04 -8.11
N HIS G 554 -16.60 -71.49 -9.35
CA HIS G 554 -15.36 -71.14 -10.06
C HIS G 554 -15.64 -70.71 -11.47
N PRO G 555 -15.63 -69.36 -11.69
CA PRO G 555 -15.95 -68.82 -13.06
C PRO G 555 -14.78 -68.98 -14.01
N SER G 556 -13.75 -69.73 -13.69
CA SER G 556 -12.66 -69.91 -14.60
C SER G 556 -12.79 -71.12 -15.44
N GLY G 557 -13.19 -72.28 -14.86
CA GLY G 557 -13.46 -73.52 -15.61
C GLY G 557 -14.71 -74.18 -15.29
N ALA G 558 -15.50 -74.60 -16.30
CA ALA G 558 -16.84 -75.26 -16.13
C ALA G 558 -16.94 -76.38 -17.09
N GLY G 559 -17.11 -77.62 -16.55
CA GLY G 559 -17.05 -78.79 -17.36
C GLY G 559 -15.64 -79.04 -17.86
N GLY G 560 -15.56 -79.82 -18.92
CA GLY G 560 -14.26 -80.03 -19.60
C GLY G 560 -13.87 -78.95 -20.65
N PHE G 561 -14.43 -77.76 -20.50
CA PHE G 561 -14.23 -76.68 -21.41
C PHE G 561 -13.96 -75.39 -20.57
N SER G 562 -13.12 -74.48 -21.15
CA SER G 562 -12.75 -73.23 -20.54
C SER G 562 -13.87 -72.23 -20.60
N ALA G 563 -13.69 -71.14 -19.94
CA ALA G 563 -14.78 -70.15 -19.86
C ALA G 563 -14.96 -69.41 -21.19
N ALA G 564 -13.89 -68.96 -21.84
CA ALA G 564 -14.14 -68.36 -23.10
C ALA G 564 -14.60 -69.40 -24.14
N LEU G 565 -14.05 -70.61 -24.06
CA LEU G 565 -14.48 -71.60 -25.05
C LEU G 565 -15.96 -71.82 -24.98
N LEU G 566 -16.46 -71.81 -23.77
CA LEU G 566 -17.90 -71.88 -23.47
C LEU G 566 -18.69 -70.68 -24.16
N ALA G 567 -18.31 -69.39 -23.80
CA ALA G 567 -18.97 -68.28 -24.42
C ALA G 567 -19.13 -68.47 -25.89
N ARG G 568 -17.98 -68.80 -26.57
CA ARG G 568 -18.03 -69.04 -27.95
C ARG G 568 -18.92 -70.18 -28.38
N GLY G 569 -19.05 -71.24 -27.58
CA GLY G 569 -20.04 -72.27 -27.88
C GLY G 569 -21.51 -71.78 -27.86
N ARG G 570 -21.86 -70.99 -26.87
CA ARG G 570 -23.23 -70.45 -26.84
C ARG G 570 -23.55 -69.60 -28.07
N GLU G 571 -22.57 -68.72 -28.48
CA GLU G 571 -22.87 -67.95 -29.67
C GLU G 571 -22.96 -68.87 -30.90
N ALA G 572 -22.17 -69.92 -30.90
CA ALA G 572 -22.21 -70.85 -32.03
C ALA G 572 -23.52 -71.62 -32.13
N VAL G 573 -24.08 -72.05 -30.96
CA VAL G 573 -25.34 -72.76 -30.95
C VAL G 573 -26.44 -71.87 -31.45
N PHE G 574 -26.51 -70.64 -30.97
CA PHE G 574 -27.58 -69.72 -31.40
C PHE G 574 -27.52 -69.49 -32.88
N LEU G 575 -26.27 -69.34 -33.43
CA LEU G 575 -26.01 -69.29 -34.86
C LEU G 575 -26.46 -70.59 -35.56
N ARG G 576 -26.31 -71.74 -34.93
CA ARG G 576 -26.83 -72.97 -35.50
C ARG G 576 -28.34 -72.99 -35.57
N ASP G 577 -28.94 -72.54 -34.50
CA ASP G 577 -30.39 -72.63 -34.51
C ASP G 577 -31.03 -71.63 -35.50
N ARG G 578 -30.65 -70.35 -35.45
CA ARG G 578 -31.26 -69.34 -36.40
C ARG G 578 -30.93 -69.69 -37.91
N ALA G 579 -29.69 -70.27 -38.18
CA ALA G 579 -29.34 -70.66 -39.55
C ALA G 579 -30.17 -71.80 -40.04
N ASP G 580 -30.33 -72.84 -39.23
CA ASP G 580 -31.18 -74.00 -39.67
C ASP G 580 -32.61 -73.58 -39.86
N ILE G 581 -33.20 -72.74 -38.89
CA ILE G 581 -34.47 -72.13 -39.16
C ILE G 581 -34.49 -71.42 -40.52
N LEU G 582 -33.54 -70.56 -40.75
CA LEU G 582 -33.53 -69.75 -41.97
C LEU G 582 -33.43 -70.61 -43.24
N SER G 583 -32.62 -71.66 -43.19
CA SER G 583 -32.57 -72.53 -44.31
C SER G 583 -33.91 -73.17 -44.46
N LEU G 584 -34.41 -73.78 -43.42
CA LEU G 584 -35.65 -74.52 -43.50
C LEU G 584 -36.74 -73.59 -43.99
N ARG G 585 -36.69 -72.32 -43.68
CA ARG G 585 -37.81 -71.40 -44.09
C ARG G 585 -37.63 -70.99 -45.52
N ILE G 586 -36.37 -70.89 -46.03
CA ILE G 586 -36.15 -70.61 -47.47
C ILE G 586 -36.57 -71.75 -48.33
N GLN G 587 -36.16 -72.94 -47.96
CA GLN G 587 -36.66 -74.10 -48.66
C GLN G 587 -38.19 -74.14 -48.56
N ALA G 588 -38.76 -73.60 -47.45
CA ALA G 588 -40.22 -73.61 -47.31
C ALA G 588 -40.85 -72.59 -48.21
N ALA G 589 -40.21 -71.41 -48.39
CA ALA G 589 -40.75 -70.32 -49.17
C ALA G 589 -40.65 -70.65 -50.65
N LYS G 590 -39.55 -71.47 -51.09
CA LYS G 590 -39.37 -72.01 -52.48
C LYS G 590 -40.19 -73.33 -52.71
N SER G 591 -40.76 -73.97 -51.60
CA SER G 591 -41.47 -75.22 -51.82
C SER G 591 -42.71 -75.06 -52.71
N ARG G 592 -43.10 -76.19 -53.38
CA ARG G 592 -44.37 -76.17 -54.14
C ARG G 592 -45.51 -75.97 -53.25
N GLN G 593 -45.39 -76.21 -51.96
CA GLN G 593 -46.52 -76.08 -51.02
C GLN G 593 -46.90 -74.64 -50.82
N CYS G 594 -46.06 -73.76 -51.16
CA CYS G 594 -46.39 -72.38 -51.05
C CYS G 594 -46.73 -71.74 -52.39
N LYS G 595 -46.84 -72.53 -53.43
CA LYS G 595 -47.00 -71.95 -54.74
C LYS G 595 -48.33 -71.22 -54.82
N THR G 596 -49.40 -71.82 -54.27
CA THR G 596 -50.66 -71.19 -54.17
C THR G 596 -50.76 -70.35 -52.92
N LEU G 597 -51.68 -69.40 -52.95
CA LEU G 597 -51.93 -68.49 -51.85
C LEU G 597 -52.85 -69.08 -50.78
N THR G 598 -53.55 -70.17 -51.11
CA THR G 598 -54.66 -70.67 -50.25
C THR G 598 -54.20 -71.05 -48.91
N ASN G 599 -52.88 -71.30 -48.69
CA ASN G 599 -52.36 -71.64 -47.41
C ASN G 599 -51.49 -70.49 -46.84
N LYS G 600 -52.14 -69.40 -46.57
CA LYS G 600 -51.42 -68.28 -46.04
C LYS G 600 -50.81 -68.54 -44.64
N TYR G 601 -51.57 -69.23 -43.75
CA TYR G 601 -51.05 -69.65 -42.39
C TYR G 601 -49.86 -70.59 -42.45
N TYR G 602 -49.63 -71.24 -43.61
CA TYR G 602 -48.41 -72.07 -43.83
C TYR G 602 -47.22 -71.23 -44.36
N CYS G 603 -47.48 -70.16 -45.06
CA CYS G 603 -46.42 -69.33 -45.63
C CYS G 603 -46.50 -67.84 -45.13
N PRO G 604 -46.27 -67.61 -43.85
CA PRO G 604 -46.45 -66.20 -43.36
C PRO G 604 -45.54 -65.21 -44.04
N GLU G 605 -44.27 -65.62 -44.40
CA GLU G 605 -43.28 -64.71 -44.96
C GLU G 605 -43.89 -64.02 -46.21
N VAL G 606 -44.30 -64.85 -47.24
CA VAL G 606 -44.78 -64.29 -48.50
C VAL G 606 -46.00 -63.33 -48.33
N PHE G 607 -46.97 -63.79 -47.57
CA PHE G 607 -48.18 -63.01 -47.33
C PHE G 607 -47.86 -61.60 -46.76
N LEU G 608 -47.04 -61.54 -45.64
CA LEU G 608 -46.78 -60.24 -44.98
C LEU G 608 -46.05 -59.26 -45.95
N ASP G 609 -45.17 -59.81 -46.80
CA ASP G 609 -44.55 -59.03 -47.85
C ASP G 609 -45.58 -58.50 -48.88
N ALA G 610 -46.54 -59.34 -49.28
CA ALA G 610 -47.57 -58.86 -50.25
C ALA G 610 -48.42 -57.68 -49.67
N VAL G 611 -48.90 -57.80 -48.48
CA VAL G 611 -49.71 -56.71 -47.81
C VAL G 611 -48.86 -55.40 -47.69
N ALA G 612 -47.55 -55.57 -47.22
CA ALA G 612 -46.70 -54.40 -47.00
C ALA G 612 -46.48 -53.59 -48.26
N THR G 613 -46.29 -54.31 -49.31
CA THR G 613 -46.03 -53.66 -50.62
C THR G 613 -47.25 -52.89 -51.10
N LYS G 614 -48.42 -53.46 -51.05
CA LYS G 614 -49.62 -52.78 -51.54
C LYS G 614 -49.96 -51.52 -50.75
N LEU G 615 -50.04 -51.66 -49.34
CA LEU G 615 -50.34 -50.49 -48.51
C LEU G 615 -49.34 -49.34 -48.80
N ALA G 616 -48.04 -49.67 -48.95
CA ALA G 616 -47.05 -48.69 -49.28
C ALA G 616 -47.32 -47.99 -50.61
N GLN G 617 -47.79 -48.69 -51.68
CA GLN G 617 -47.86 -48.05 -53.01
C GLN G 617 -49.08 -47.10 -53.12
N THR G 618 -50.24 -47.43 -52.56
CA THR G 618 -51.40 -46.59 -52.68
C THR G 618 -51.28 -45.39 -51.68
N ALA G 619 -50.74 -45.69 -50.48
CA ALA G 619 -50.34 -44.58 -49.65
C ALA G 619 -49.35 -43.64 -50.33
N VAL G 620 -48.48 -44.18 -51.16
CA VAL G 620 -47.46 -43.34 -51.78
C VAL G 620 -48.13 -42.35 -52.83
N LEU G 621 -49.26 -42.71 -53.37
CA LEU G 621 -49.98 -41.86 -54.34
C LEU G 621 -50.52 -40.63 -53.61
N PHE G 622 -51.32 -40.88 -52.60
CA PHE G 622 -51.95 -39.78 -51.88
C PHE G 622 -50.99 -38.94 -51.17
N LEU G 623 -49.98 -39.52 -50.59
CA LEU G 623 -48.91 -38.75 -50.01
C LEU G 623 -48.26 -37.81 -51.04
N ASN G 624 -47.88 -38.34 -52.21
CA ASN G 624 -47.21 -37.48 -53.23
C ASN G 624 -48.07 -36.26 -53.61
N VAL G 625 -49.35 -36.42 -53.72
CA VAL G 625 -50.11 -35.25 -54.10
C VAL G 625 -50.25 -34.27 -53.00
N GLU G 626 -51.03 -34.68 -51.98
CA GLU G 626 -51.36 -33.87 -50.84
C GLU G 626 -50.11 -33.28 -50.22
N MET G 627 -49.29 -34.08 -49.54
CA MET G 627 -48.21 -33.50 -48.79
C MET G 627 -47.11 -32.96 -49.65
N LEU G 628 -46.65 -33.75 -50.56
CA LEU G 628 -45.48 -33.39 -51.36
C LEU G 628 -45.77 -32.22 -52.25
N ASN G 629 -46.86 -32.24 -53.02
CA ASN G 629 -47.13 -31.12 -53.85
C ASN G 629 -47.46 -29.88 -53.07
N ASP G 630 -48.25 -29.95 -52.06
CA ASP G 630 -48.47 -28.76 -51.19
C ASP G 630 -47.13 -28.19 -50.68
N PHE G 631 -46.21 -29.05 -50.28
CA PHE G 631 -44.89 -28.53 -49.86
C PHE G 631 -44.15 -27.78 -51.00
N TYR G 632 -44.25 -28.28 -52.20
CA TYR G 632 -43.65 -27.60 -53.37
C TYR G 632 -44.28 -26.27 -53.60
N VAL G 633 -45.59 -26.11 -53.29
CA VAL G 633 -46.27 -24.90 -53.74
C VAL G 633 -46.15 -23.82 -52.62
N ARG G 634 -46.26 -24.27 -51.38
CA ARG G 634 -46.27 -23.38 -50.21
C ARG G 634 -44.90 -23.02 -49.73
N PHE G 635 -43.90 -23.99 -49.81
CA PHE G 635 -42.56 -23.71 -49.15
C PHE G 635 -41.96 -22.36 -49.63
N PRO G 636 -41.92 -22.12 -50.96
CA PRO G 636 -41.36 -20.86 -51.37
C PRO G 636 -42.11 -19.68 -50.83
N ARG G 637 -43.39 -19.67 -50.89
CA ARG G 637 -44.10 -18.52 -50.36
C ARG G 637 -43.84 -18.32 -48.86
N GLU G 638 -43.70 -19.41 -48.14
CA GLU G 638 -43.35 -19.32 -46.74
C GLU G 638 -41.95 -18.74 -46.59
N VAL G 639 -41.00 -19.17 -47.44
CA VAL G 639 -39.65 -18.65 -47.30
C VAL G 639 -39.64 -17.17 -47.58
N GLU G 640 -40.27 -16.67 -48.66
CA GLU G 640 -40.28 -15.26 -48.93
C GLU G 640 -40.88 -14.48 -47.80
N ALA G 641 -42.06 -14.90 -47.26
CA ALA G 641 -42.71 -14.11 -46.24
C ALA G 641 -42.00 -14.20 -44.86
N LYS G 642 -41.55 -15.36 -44.46
CA LYS G 642 -40.89 -15.46 -43.17
C LYS G 642 -39.56 -14.78 -43.17
N LEU G 643 -38.80 -14.85 -44.21
CA LEU G 643 -37.57 -14.10 -44.31
C LEU G 643 -37.85 -12.55 -44.26
N HIS G 644 -38.81 -12.09 -45.07
CA HIS G 644 -39.15 -10.71 -45.11
C HIS G 644 -39.50 -10.21 -43.72
N GLU G 645 -40.39 -10.97 -43.02
CA GLU G 645 -40.79 -10.58 -41.73
C GLU G 645 -39.71 -10.58 -40.69
N HIS G 646 -38.76 -11.53 -40.77
CA HIS G 646 -37.62 -11.53 -39.83
C HIS G 646 -36.65 -10.45 -40.10
N MET G 647 -36.17 -10.31 -41.35
CA MET G 647 -35.21 -9.25 -41.64
C MET G 647 -35.68 -7.90 -41.24
N HIS G 648 -36.95 -7.65 -41.52
CA HIS G 648 -37.41 -6.30 -41.30
C HIS G 648 -37.84 -6.07 -39.87
N ALA G 649 -38.43 -7.09 -39.23
CA ALA G 649 -38.98 -7.03 -37.86
C ALA G 649 -37.87 -6.80 -36.81
N GLY G 650 -36.81 -7.67 -36.81
CA GLY G 650 -35.71 -7.66 -35.86
C GLY G 650 -34.56 -6.77 -36.21
N GLY G 651 -34.63 -6.00 -37.27
CA GLY G 651 -33.51 -5.30 -37.80
C GLY G 651 -32.29 -6.11 -38.02
N GLY G 652 -32.49 -7.38 -38.35
CA GLY G 652 -31.52 -8.48 -38.58
C GLY G 652 -30.92 -8.59 -39.95
N LEU G 653 -31.37 -7.75 -40.95
CA LEU G 653 -30.74 -7.73 -42.28
C LEU G 653 -29.32 -7.22 -42.25
N GLU G 654 -29.11 -6.17 -41.53
CA GLU G 654 -27.79 -5.64 -41.50
C GLU G 654 -26.82 -6.60 -40.84
N LYS G 655 -27.20 -7.26 -39.73
CA LYS G 655 -26.32 -8.25 -39.08
C LYS G 655 -26.12 -9.37 -40.03
N PHE G 656 -27.17 -9.79 -40.70
CA PHE G 656 -27.05 -10.88 -41.73
C PHE G 656 -25.99 -10.59 -42.79
N ALA G 657 -25.88 -9.33 -43.27
CA ALA G 657 -24.78 -8.93 -44.19
C ALA G 657 -23.55 -8.90 -43.42
N ARG G 658 -23.62 -8.44 -42.16
CA ARG G 658 -22.40 -8.32 -41.37
C ARG G 658 -21.75 -9.66 -41.18
N GLU G 659 -22.50 -10.68 -41.43
CA GLU G 659 -22.04 -11.99 -41.01
C GLU G 659 -20.98 -12.51 -41.98
N ASP G 660 -21.16 -12.29 -43.30
CA ASP G 660 -20.18 -12.84 -44.26
C ASP G 660 -18.94 -11.95 -44.19
N PRO G 661 -17.72 -12.56 -44.03
CA PRO G 661 -16.51 -11.69 -43.80
C PRO G 661 -16.12 -10.86 -45.02
N LYS G 662 -16.05 -11.46 -46.18
CA LYS G 662 -15.73 -10.72 -47.35
C LYS G 662 -16.79 -9.61 -47.61
N VAL G 663 -18.05 -9.98 -47.61
CA VAL G 663 -19.11 -8.95 -47.85
C VAL G 663 -19.08 -7.80 -46.79
N ARG G 664 -18.68 -8.08 -45.54
CA ARG G 664 -18.68 -6.99 -44.51
C ARG G 664 -17.54 -6.01 -44.84
N ARG G 665 -16.40 -6.48 -45.14
CA ARG G 665 -15.32 -5.65 -45.62
C ARG G 665 -15.68 -4.87 -46.84
N HIS G 666 -16.35 -5.51 -47.78
CA HIS G 666 -16.89 -4.83 -48.97
C HIS G 666 -17.77 -3.65 -48.63
N LEU G 667 -18.80 -3.94 -47.86
CA LEU G 667 -19.76 -2.85 -47.46
C LEU G 667 -19.13 -1.77 -46.64
N ASP G 668 -18.13 -2.14 -45.80
CA ASP G 668 -17.36 -1.13 -45.10
C ASP G 668 -16.66 -0.14 -46.02
N LEU G 669 -15.99 -0.69 -47.10
CA LEU G 669 -15.35 0.16 -48.10
C LEU G 669 -16.36 1.09 -48.77
N ILE G 670 -17.54 0.51 -49.04
CA ILE G 670 -18.53 1.34 -49.68
C ILE G 670 -19.06 2.42 -48.79
N ARG G 671 -19.38 2.08 -47.49
CA ARG G 671 -19.91 3.07 -46.61
C ARG G 671 -18.95 4.24 -46.31
N ARG G 672 -17.65 3.93 -46.27
CA ARG G 672 -16.59 4.94 -46.27
C ARG G 672 -16.67 5.81 -47.48
N LYS G 673 -16.76 5.20 -48.69
CA LYS G 673 -16.89 6.01 -49.95
C LYS G 673 -18.17 6.90 -49.86
N GLU G 674 -19.33 6.34 -49.44
CA GLU G 674 -20.57 7.11 -49.42
C GLU G 674 -20.43 8.33 -48.46
N LEU G 675 -19.78 8.10 -47.32
CA LEU G 675 -19.64 9.13 -46.35
C LEU G 675 -18.72 10.23 -46.82
N LEU G 676 -17.59 9.85 -47.38
CA LEU G 676 -16.68 10.90 -47.88
C LEU G 676 -17.34 11.73 -48.96
N GLU G 677 -18.11 11.08 -49.93
CA GLU G 677 -18.86 11.85 -50.90
C GLU G 677 -19.78 12.90 -50.30
N THR G 678 -20.62 12.51 -49.30
CA THR G 678 -21.54 13.45 -48.72
C THR G 678 -20.82 14.61 -47.95
N VAL G 679 -19.67 14.25 -47.35
CA VAL G 679 -18.81 15.27 -46.64
C VAL G 679 -18.35 16.39 -47.67
N LEU G 680 -17.71 15.93 -48.76
CA LEU G 680 -17.30 16.86 -49.81
C LEU G 680 -18.47 17.75 -50.22
N GLY G 681 -19.68 17.16 -50.43
CA GLY G 681 -20.82 17.98 -50.89
C GLY G 681 -21.21 19.01 -49.85
N LYS G 682 -21.25 18.66 -48.52
CA LYS G 682 -21.53 19.64 -47.48
C LYS G 682 -20.51 20.74 -47.47
N ILE G 683 -19.25 20.35 -47.75
CA ILE G 683 -18.15 21.40 -47.74
C ILE G 683 -18.35 22.36 -48.88
N GLU G 684 -18.62 21.82 -50.06
CA GLU G 684 -19.01 22.62 -51.25
C GLU G 684 -20.25 23.44 -50.94
N GLU G 685 -21.17 22.88 -50.11
CA GLU G 685 -22.35 23.64 -49.74
C GLU G 685 -21.99 24.87 -48.81
N LEU G 686 -21.05 24.67 -47.88
CA LEU G 686 -20.52 25.72 -47.00
C LEU G 686 -19.78 26.76 -47.80
N HIS G 687 -18.86 26.27 -48.64
CA HIS G 687 -18.07 27.13 -49.46
C HIS G 687 -19.01 27.95 -50.40
N ARG G 688 -20.15 27.34 -50.79
CA ARG G 688 -21.07 28.11 -51.67
C ARG G 688 -21.65 29.20 -50.82
N ILE G 689 -21.98 28.85 -49.57
CA ILE G 689 -22.61 29.84 -48.69
C ILE G 689 -21.65 31.05 -48.55
N SER G 690 -20.32 30.80 -48.59
CA SER G 690 -19.31 31.87 -48.39
C SER G 690 -18.58 32.25 -49.70
N SER G 691 -19.03 31.73 -50.86
CA SER G 691 -18.50 32.18 -52.14
C SER G 691 -19.60 32.75 -53.02
N GLY G 692 -20.87 32.43 -52.76
CA GLY G 692 -21.99 33.01 -53.53
C GLY G 692 -22.95 32.03 -54.11
N ASP H 6 -136.88 -63.30 -8.50
CA ASP H 6 -137.41 -63.64 -9.83
C ASP H 6 -136.42 -63.20 -10.85
N ASP H 7 -135.22 -63.09 -10.27
CA ASP H 7 -133.94 -62.69 -10.90
C ASP H 7 -133.46 -63.79 -11.84
N ASN H 8 -133.60 -65.05 -11.41
CA ASN H 8 -133.21 -66.20 -12.22
C ASN H 8 -134.10 -66.19 -13.40
N MET H 9 -135.23 -65.50 -13.34
CA MET H 9 -136.03 -65.30 -14.44
C MET H 9 -135.61 -64.34 -15.48
N MET H 10 -135.22 -63.14 -15.13
CA MET H 10 -134.83 -62.22 -16.17
C MET H 10 -133.56 -62.77 -16.74
N PHE H 11 -132.66 -63.33 -15.93
CA PHE H 11 -131.34 -63.74 -16.37
C PHE H 11 -131.27 -64.76 -17.48
N ILE H 12 -132.14 -65.73 -17.47
CA ILE H 12 -132.11 -66.73 -18.49
C ILE H 12 -132.33 -66.02 -19.81
N THR H 13 -133.26 -65.08 -19.78
CA THR H 13 -133.43 -64.23 -20.95
C THR H 13 -132.18 -63.35 -21.31
N LYS H 14 -131.49 -62.71 -20.31
CA LYS H 14 -130.36 -61.81 -20.72
C LYS H 14 -129.28 -62.59 -21.35
N LYS H 15 -129.06 -63.84 -20.88
CA LYS H 15 -127.96 -64.65 -21.43
C LYS H 15 -128.36 -65.15 -22.79
N MET H 16 -129.66 -65.54 -22.90
CA MET H 16 -130.16 -65.94 -24.18
C MET H 16 -130.10 -64.76 -25.16
N ILE H 17 -130.40 -63.51 -24.74
CA ILE H 17 -130.23 -62.42 -25.62
C ILE H 17 -128.85 -62.40 -26.11
N GLU H 18 -127.86 -62.60 -25.27
CA GLU H 18 -126.48 -62.47 -25.69
C GLU H 18 -126.20 -63.53 -26.79
N ILE H 19 -126.59 -64.77 -26.53
CA ILE H 19 -126.38 -65.84 -27.58
C ILE H 19 -127.00 -65.52 -28.94
N ARG H 20 -128.17 -64.92 -28.89
CA ARG H 20 -128.88 -64.59 -30.09
C ARG H 20 -128.01 -63.58 -30.76
N ASN H 21 -127.39 -62.72 -30.00
CA ASN H 21 -126.51 -61.66 -30.57
C ASN H 21 -125.42 -62.28 -31.35
N LEU H 22 -124.88 -63.36 -30.82
CA LEU H 22 -123.80 -64.02 -31.56
C LEU H 22 -124.19 -64.81 -32.77
N LEU H 23 -125.22 -65.61 -32.75
CA LEU H 23 -125.62 -66.28 -33.98
C LEU H 23 -125.80 -65.16 -35.01
N GLN H 24 -126.33 -64.06 -34.51
CA GLN H 24 -126.60 -62.95 -35.40
C GLN H 24 -125.36 -62.46 -36.06
N LYS H 25 -124.35 -62.27 -35.30
CA LYS H 25 -123.12 -61.74 -35.76
C LYS H 25 -122.21 -62.75 -36.46
N VAL H 26 -122.57 -63.99 -36.51
CA VAL H 26 -121.60 -64.92 -37.08
C VAL H 26 -121.10 -64.64 -38.44
N GLY H 27 -121.97 -64.35 -39.36
CA GLY H 27 -121.54 -64.03 -40.72
C GLY H 27 -122.65 -63.93 -41.77
N GLN H 28 -122.22 -63.83 -43.03
CA GLN H 28 -123.13 -63.68 -44.13
C GLN H 28 -124.12 -64.77 -44.29
N GLY H 29 -123.70 -66.01 -44.00
CA GLY H 29 -124.48 -67.21 -44.22
C GLY H 29 -125.17 -67.63 -42.93
N SER H 30 -125.21 -66.77 -41.99
CA SER H 30 -125.71 -67.18 -40.69
C SER H 30 -127.17 -66.95 -40.78
N THR H 31 -127.78 -67.80 -41.56
CA THR H 31 -129.20 -67.65 -41.82
C THR H 31 -129.85 -68.04 -40.47
N VAL H 32 -129.28 -69.02 -39.76
CA VAL H 32 -129.69 -69.51 -38.42
C VAL H 32 -129.68 -68.58 -37.31
N THR H 33 -130.74 -68.57 -36.47
CA THR H 33 -130.81 -67.69 -35.34
C THR H 33 -131.76 -68.12 -34.13
N LEU H 34 -131.65 -67.41 -33.03
CA LEU H 34 -132.59 -67.52 -31.98
C LEU H 34 -133.62 -66.48 -32.23
N PRO H 35 -134.89 -66.85 -31.92
CA PRO H 35 -135.93 -65.78 -32.21
C PRO H 35 -136.00 -64.56 -31.26
N SER H 36 -136.65 -63.76 -31.69
CA SER H 36 -136.80 -62.48 -31.01
C SER H 36 -138.11 -61.85 -31.43
N ILE H 37 -138.47 -60.74 -30.93
CA ILE H 37 -139.76 -60.15 -31.28
C ILE H 37 -139.63 -59.26 -32.53
N VAL H 38 -140.35 -59.66 -33.61
CA VAL H 38 -140.41 -58.93 -34.87
C VAL H 38 -141.71 -58.06 -34.82
N VAL H 39 -141.55 -56.78 -35.05
CA VAL H 39 -142.58 -55.79 -35.01
C VAL H 39 -142.95 -55.48 -36.43
N ILE H 40 -144.24 -55.65 -36.74
CA ILE H 40 -144.68 -55.37 -38.04
C ILE H 40 -145.96 -54.58 -37.93
N GLY H 41 -146.17 -53.62 -38.84
CA GLY H 41 -147.31 -52.80 -38.84
C GLY H 41 -147.46 -52.01 -40.06
N SER H 42 -148.70 -51.96 -40.53
CA SER H 42 -149.00 -51.19 -41.77
C SER H 42 -148.74 -49.70 -41.48
N GLN H 43 -148.71 -48.89 -42.59
CA GLN H 43 -148.44 -47.48 -42.43
C GLN H 43 -149.34 -46.89 -41.31
N SER H 44 -150.63 -47.38 -41.19
CA SER H 44 -151.49 -46.80 -40.09
C SER H 44 -150.90 -47.36 -38.83
N SER H 45 -150.88 -48.71 -38.86
CA SER H 45 -150.37 -49.59 -37.81
C SER H 45 -148.88 -49.37 -37.66
N GLY H 46 -148.22 -48.94 -38.75
CA GLY H 46 -146.79 -48.72 -38.75
C GLY H 46 -146.34 -47.52 -37.96
N LYS H 47 -147.20 -46.42 -38.03
CA LYS H 47 -146.98 -45.25 -37.15
C LYS H 47 -147.27 -45.66 -35.70
N SER H 48 -148.35 -46.45 -35.51
CA SER H 48 -148.76 -46.78 -34.17
C SER H 48 -147.69 -47.68 -33.50
N SER H 49 -147.05 -48.51 -34.31
CA SER H 49 -145.97 -49.37 -33.85
C SER H 49 -144.81 -48.61 -33.29
N VAL H 50 -144.39 -47.56 -34.04
CA VAL H 50 -143.17 -46.80 -33.67
C VAL H 50 -143.50 -46.16 -32.35
N LEU H 51 -144.72 -45.64 -32.35
CA LEU H 51 -145.12 -44.86 -31.12
C LEU H 51 -145.04 -45.79 -29.96
N GLU H 52 -145.65 -46.99 -30.09
CA GLU H 52 -145.71 -47.96 -29.07
C GLU H 52 -144.24 -48.33 -28.58
N ALA H 53 -143.39 -48.58 -29.55
CA ALA H 53 -142.02 -48.99 -29.17
C ALA H 53 -141.41 -47.89 -28.30
N ILE H 54 -141.60 -46.63 -28.65
CA ILE H 54 -141.07 -45.59 -27.84
C ILE H 54 -141.72 -45.58 -26.45
N VAL H 55 -143.02 -45.73 -26.43
CA VAL H 55 -143.76 -45.70 -25.16
C VAL H 55 -143.43 -46.85 -24.26
N GLY H 56 -143.03 -48.05 -24.87
CA GLY H 56 -142.78 -49.22 -24.08
C GLY H 56 -141.70 -49.07 -23.02
N HIS H 57 -140.61 -48.34 -23.35
CA HIS H 57 -139.58 -48.17 -22.33
C HIS H 57 -139.37 -46.65 -21.99
N GLU H 58 -138.90 -45.91 -23.00
CA GLU H 58 -138.69 -44.40 -22.86
C GLU H 58 -138.71 -43.77 -24.23
N PHE H 59 -138.91 -42.44 -24.29
CA PHE H 59 -138.92 -41.77 -25.56
C PHE H 59 -137.60 -41.81 -26.27
N LEU H 60 -137.66 -41.97 -27.54
CA LEU H 60 -136.49 -42.17 -28.38
C LEU H 60 -136.72 -41.68 -29.76
N PRO H 61 -135.70 -41.28 -30.46
CA PRO H 61 -135.99 -40.70 -31.75
C PRO H 61 -136.72 -41.79 -32.60
N LYS H 62 -137.81 -41.35 -33.27
CA LYS H 62 -138.52 -42.22 -34.15
C LYS H 62 -139.46 -41.45 -35.09
N GLY H 63 -140.18 -42.20 -35.98
CA GLY H 63 -141.16 -41.62 -36.87
C GLY H 63 -140.73 -40.52 -37.87
N SER H 64 -141.48 -39.42 -37.85
CA SER H 64 -141.18 -38.28 -38.74
C SER H 64 -141.17 -38.88 -40.12
N ASN H 65 -140.08 -38.59 -40.92
CA ASN H 65 -139.91 -39.27 -42.18
C ASN H 65 -138.74 -40.26 -41.99
N MET H 66 -139.02 -41.52 -42.16
CA MET H 66 -137.96 -42.49 -41.98
C MET H 66 -137.90 -43.40 -43.22
N ILE H 67 -136.75 -43.76 -43.62
CA ILE H 67 -136.55 -44.55 -44.83
C ILE H 67 -137.21 -45.97 -44.59
N THR H 68 -137.08 -46.50 -43.33
CA THR H 68 -137.63 -47.80 -42.96
C THR H 68 -136.86 -48.93 -43.71
N ARG H 69 -135.90 -48.57 -44.45
CA ARG H 69 -135.05 -49.48 -45.21
C ARG H 69 -134.26 -50.44 -44.35
N ARG H 70 -133.72 -49.98 -43.19
CA ARG H 70 -133.05 -50.98 -42.33
C ARG H 70 -133.72 -51.27 -40.98
N PRO H 71 -133.72 -52.51 -40.61
CA PRO H 71 -134.21 -52.90 -39.34
C PRO H 71 -133.28 -52.45 -38.22
N ILE H 72 -133.86 -52.28 -37.09
CA ILE H 72 -133.19 -51.83 -35.92
C ILE H 72 -133.41 -52.84 -34.86
N GLU H 73 -132.30 -53.53 -34.50
CA GLU H 73 -132.31 -54.59 -33.46
C GLU H 73 -132.14 -53.89 -32.08
N LEU H 74 -133.23 -53.64 -31.42
CA LEU H 74 -133.22 -53.11 -30.06
C LEU H 74 -132.95 -54.26 -29.14
N THR H 75 -131.87 -54.15 -28.32
CA THR H 75 -131.55 -55.09 -27.24
C THR H 75 -131.50 -54.37 -25.93
N LEU H 76 -132.29 -54.89 -24.98
CA LEU H 76 -132.44 -54.18 -23.67
C LEU H 76 -131.75 -54.90 -22.56
N VAL H 77 -131.40 -54.14 -21.51
CA VAL H 77 -130.68 -54.67 -20.37
C VAL H 77 -131.36 -54.15 -19.06
N ASN H 78 -131.68 -55.06 -18.15
CA ASN H 78 -132.07 -54.71 -16.79
C ASN H 78 -131.08 -53.77 -16.13
N ASP H 79 -131.59 -52.68 -15.51
CA ASP H 79 -130.77 -51.59 -15.03
C ASP H 79 -130.90 -51.41 -13.54
N PRO H 80 -130.59 -52.44 -12.83
CA PRO H 80 -130.59 -52.43 -11.39
C PRO H 80 -129.37 -51.63 -11.00
N GLU H 81 -129.47 -50.81 -9.93
CA GLU H 81 -128.29 -50.26 -9.34
C GLU H 81 -127.81 -49.09 -10.18
N ALA H 82 -128.60 -48.72 -11.18
CA ALA H 82 -128.23 -47.62 -12.05
C ALA H 82 -129.33 -46.55 -12.06
N LYS H 83 -128.97 -45.28 -11.77
CA LYS H 83 -129.91 -44.22 -11.84
C LYS H 83 -129.88 -43.30 -13.08
N VAL H 84 -129.26 -43.73 -14.20
CA VAL H 84 -129.35 -42.88 -15.39
C VAL H 84 -129.88 -43.72 -16.64
N ASP H 85 -130.83 -43.15 -17.34
CA ASP H 85 -131.26 -43.63 -18.67
C ASP H 85 -130.19 -43.35 -19.69
N TYR H 86 -129.45 -44.43 -20.14
CA TYR H 86 -128.38 -44.22 -21.14
C TYR H 86 -128.47 -45.25 -22.24
N GLY H 87 -128.22 -44.85 -23.46
CA GLY H 87 -128.26 -45.80 -24.58
C GLY H 87 -126.94 -45.77 -25.28
N GLU H 88 -126.42 -46.94 -25.74
CA GLU H 88 -125.12 -46.93 -26.43
C GLU H 88 -125.15 -47.80 -27.71
N PHE H 89 -124.29 -47.41 -28.65
CA PHE H 89 -124.29 -48.15 -29.89
C PHE H 89 -123.15 -49.13 -29.90
N PRO H 90 -123.44 -50.42 -30.41
CA PRO H 90 -122.26 -51.42 -30.38
C PRO H 90 -121.10 -51.05 -31.26
N ASP H 91 -121.36 -50.56 -32.49
CA ASP H 91 -120.24 -50.18 -33.43
C ASP H 91 -119.28 -49.16 -32.78
N LEU H 92 -119.79 -48.13 -32.20
CA LEU H 92 -118.98 -47.19 -31.46
C LEU H 92 -118.93 -47.79 -30.00
N GLY H 93 -118.12 -48.77 -29.77
CA GLY H 93 -118.04 -49.35 -28.46
C GLY H 93 -117.59 -48.34 -27.41
N LEU H 94 -118.15 -48.49 -26.21
CA LEU H 94 -117.74 -47.74 -25.05
C LEU H 94 -118.18 -46.31 -25.12
N ALA H 95 -119.10 -46.01 -25.98
CA ALA H 95 -119.66 -44.68 -26.12
C ALA H 95 -121.03 -44.69 -25.56
N ARG H 96 -121.25 -43.92 -24.56
CA ARG H 96 -122.52 -43.86 -23.86
C ARG H 96 -123.18 -42.56 -24.16
N VAL H 97 -124.52 -42.53 -24.14
CA VAL H 97 -125.27 -41.31 -24.54
C VAL H 97 -126.27 -41.01 -23.49
N THR H 98 -126.31 -39.77 -22.97
CA THR H 98 -127.21 -39.38 -21.89
C THR H 98 -128.63 -38.93 -22.43
N ASP H 99 -128.74 -37.80 -23.22
CA ASP H 99 -129.98 -37.33 -23.76
C ASP H 99 -130.20 -37.98 -25.07
N PHE H 100 -131.44 -38.33 -25.26
CA PHE H 100 -131.93 -39.08 -26.42
C PHE H 100 -132.04 -38.17 -27.70
N SER H 101 -131.81 -36.88 -27.58
CA SER H 101 -131.76 -36.04 -28.76
C SER H 101 -130.44 -36.34 -29.56
N LEU H 102 -129.36 -36.67 -28.86
CA LEU H 102 -128.18 -37.07 -29.50
C LEU H 102 -128.30 -38.43 -30.18
N ILE H 103 -128.99 -39.33 -29.51
CA ILE H 103 -129.48 -40.56 -30.15
C ILE H 103 -130.42 -40.23 -31.30
N GLN H 104 -131.24 -39.23 -31.17
CA GLN H 104 -132.01 -38.84 -32.35
C GLN H 104 -131.18 -38.44 -33.53
N LYS H 105 -130.23 -37.55 -33.32
CA LYS H 105 -129.38 -37.14 -34.43
C LYS H 105 -128.64 -38.34 -35.00
N THR H 106 -128.10 -39.18 -34.11
CA THR H 106 -127.23 -40.24 -34.59
C THR H 106 -128.00 -41.22 -35.51
N LEU H 107 -129.06 -41.81 -34.90
CA LEU H 107 -129.78 -42.80 -35.66
C LEU H 107 -130.51 -42.24 -36.85
N THR H 108 -130.98 -41.02 -36.72
CA THR H 108 -131.65 -40.44 -37.88
C THR H 108 -130.63 -40.09 -38.94
N GLU H 109 -129.43 -39.77 -38.59
CA GLU H 109 -128.46 -39.60 -39.63
C GLU H 109 -128.12 -41.01 -40.28
N LEU H 110 -128.21 -42.09 -39.48
CA LEU H 110 -128.16 -43.38 -40.03
C LEU H 110 -129.49 -43.65 -40.87
N ASN H 111 -130.59 -43.05 -40.50
CA ASN H 111 -131.80 -43.14 -41.30
C ASN H 111 -131.62 -42.46 -42.72
N GLN H 112 -131.13 -41.22 -42.77
CA GLN H 112 -130.90 -40.52 -44.02
C GLN H 112 -129.71 -41.07 -44.81
N SER H 113 -128.84 -41.86 -44.15
CA SER H 113 -127.73 -42.46 -44.84
C SER H 113 -128.20 -43.69 -45.58
N VAL H 114 -128.94 -44.55 -44.93
CA VAL H 114 -129.39 -45.90 -45.51
C VAL H 114 -128.17 -46.73 -45.85
N THR H 121 -127.45 -52.49 -48.89
CA THR H 121 -126.75 -53.28 -47.90
C THR H 121 -127.73 -54.16 -47.12
N ASP H 122 -128.72 -53.47 -46.47
CA ASP H 122 -129.78 -54.11 -45.72
C ASP H 122 -129.36 -54.67 -44.31
N ASP H 123 -128.16 -54.37 -43.86
CA ASP H 123 -127.69 -54.76 -42.58
C ASP H 123 -128.62 -54.14 -41.53
N PRO H 124 -128.90 -54.86 -40.37
CA PRO H 124 -129.72 -54.12 -39.42
C PRO H 124 -128.84 -53.54 -38.32
N ILE H 125 -129.07 -52.27 -37.98
CA ILE H 125 -128.28 -51.60 -36.93
C ILE H 125 -128.67 -52.23 -35.61
N ARG H 126 -127.66 -52.44 -34.74
CA ARG H 126 -127.88 -52.79 -33.35
C ARG H 126 -127.96 -51.58 -32.39
N LEU H 127 -128.66 -51.77 -31.28
CA LEU H 127 -128.77 -50.78 -30.19
C LEU H 127 -128.83 -51.42 -28.82
N THR H 128 -128.34 -50.68 -27.82
CA THR H 128 -128.37 -51.18 -26.50
C THR H 128 -128.73 -49.98 -25.57
N ILE H 129 -129.82 -50.16 -24.80
CA ILE H 129 -130.41 -49.11 -23.97
C ILE H 129 -130.66 -49.75 -22.50
N HIS H 130 -130.18 -49.01 -21.48
CA HIS H 130 -130.20 -49.48 -20.06
C HIS H 130 -131.04 -48.51 -19.30
N SER H 131 -132.04 -49.08 -18.61
CA SER H 131 -133.01 -48.23 -17.84
C SER H 131 -133.68 -49.09 -16.72
N PRO H 132 -133.79 -48.62 -15.51
CA PRO H 132 -134.37 -49.46 -14.44
C PRO H 132 -135.85 -49.75 -14.66
N ASN H 133 -136.53 -48.88 -15.44
CA ASN H 133 -137.88 -49.17 -15.69
C ASN H 133 -138.05 -50.32 -16.65
N ILE H 134 -137.07 -50.54 -17.55
CA ILE H 134 -137.25 -51.47 -18.68
C ILE H 134 -136.77 -52.91 -18.31
N PRO H 135 -137.49 -53.92 -18.70
CA PRO H 135 -137.00 -55.30 -18.64
C PRO H 135 -136.23 -55.62 -19.91
N ASP H 136 -135.20 -56.42 -19.74
CA ASP H 136 -134.36 -56.69 -20.86
C ASP H 136 -135.17 -57.53 -21.86
N LEU H 137 -135.01 -57.18 -23.13
CA LEU H 137 -135.88 -57.66 -24.18
C LEU H 137 -135.05 -57.81 -25.42
N SER H 138 -135.68 -58.03 -26.61
CA SER H 138 -134.92 -58.19 -27.86
C SER H 138 -135.81 -57.98 -29.06
N LEU H 139 -136.38 -56.76 -29.24
CA LEU H 139 -137.30 -56.55 -30.33
C LEU H 139 -136.47 -55.91 -31.48
N ILE H 140 -136.91 -56.21 -32.72
CA ILE H 140 -136.39 -55.63 -33.91
C ILE H 140 -137.54 -55.03 -34.65
N ASP H 141 -137.34 -53.80 -35.11
CA ASP H 141 -138.33 -53.07 -35.94
C ASP H 141 -137.78 -53.10 -37.38
N LEU H 142 -138.42 -53.86 -38.21
CA LEU H 142 -138.23 -53.73 -39.67
C LEU H 142 -139.23 -52.70 -40.26
N PRO H 143 -139.01 -52.25 -41.48
CA PRO H 143 -139.97 -51.30 -42.09
C PRO H 143 -141.34 -51.89 -42.18
N GLY H 144 -142.32 -51.03 -41.93
CA GLY H 144 -143.74 -51.44 -42.05
C GLY H 144 -144.18 -51.44 -43.51
N TYR H 145 -145.19 -52.26 -43.82
CA TYR H 145 -145.65 -52.39 -45.15
C TYR H 145 -146.28 -51.05 -45.55
N ILE H 146 -146.32 -50.71 -46.78
CA ILE H 146 -146.90 -49.42 -47.27
C ILE H 146 -147.91 -49.75 -48.40
N LEU H 157 -139.49 -51.38 -55.04
CA LEU H 157 -139.46 -50.60 -53.82
C LEU H 157 -140.35 -51.21 -52.78
N LYS H 158 -141.62 -51.17 -52.97
CA LYS H 158 -142.51 -51.84 -52.03
C LYS H 158 -142.29 -53.35 -52.12
N ARG H 159 -141.96 -53.81 -53.31
CA ARG H 159 -141.70 -55.22 -53.57
C ARG H 159 -140.57 -55.63 -52.73
N LYS H 160 -139.47 -54.80 -52.74
CA LYS H 160 -138.32 -55.08 -51.92
C LYS H 160 -138.63 -55.04 -50.43
N ILE H 161 -139.44 -54.08 -49.96
CA ILE H 161 -139.75 -53.99 -48.52
C ILE H 161 -140.60 -55.17 -48.03
N THR H 162 -141.53 -55.60 -48.83
CA THR H 162 -142.34 -56.83 -48.42
C THR H 162 -141.45 -58.03 -48.34
N GLU H 163 -140.51 -58.14 -49.30
CA GLU H 163 -139.56 -59.27 -49.39
C GLU H 163 -138.76 -59.40 -48.12
N LEU H 164 -138.28 -58.31 -47.57
CA LEU H 164 -137.49 -58.43 -46.34
C LEU H 164 -138.45 -58.91 -45.26
N CYS H 165 -139.60 -58.28 -45.14
CA CYS H 165 -140.49 -58.61 -44.03
C CYS H 165 -141.00 -60.08 -44.06
N ASP H 166 -141.42 -60.55 -45.26
CA ASP H 166 -141.92 -61.94 -45.37
C ASP H 166 -140.86 -62.85 -44.93
N LYS H 167 -139.64 -62.52 -45.31
CA LYS H 167 -138.53 -63.42 -44.99
C LYS H 167 -138.34 -63.41 -43.50
N TYR H 168 -138.46 -62.24 -42.86
CA TYR H 168 -138.22 -62.13 -41.49
C TYR H 168 -139.24 -62.83 -40.65
N ILE H 169 -140.52 -62.80 -41.15
CA ILE H 169 -141.58 -63.29 -40.36
C ILE H 169 -141.72 -64.76 -40.37
N ARG H 170 -141.44 -65.34 -41.56
CA ARG H 170 -141.67 -66.75 -41.74
C ARG H 170 -141.10 -67.58 -40.64
N GLY H 171 -139.79 -67.54 -40.38
CA GLY H 171 -139.18 -68.25 -39.33
C GLY H 171 -139.91 -68.05 -38.02
N PRO H 172 -139.83 -68.99 -37.10
CA PRO H 172 -140.54 -68.89 -35.85
C PRO H 172 -139.99 -67.82 -34.88
N ASN H 173 -140.02 -66.52 -35.28
CA ASN H 173 -139.86 -65.46 -34.33
C ASN H 173 -141.26 -65.20 -33.72
N ILE H 174 -141.25 -64.70 -32.52
CA ILE H 174 -142.46 -64.29 -31.84
C ILE H 174 -142.80 -63.00 -32.44
N ILE H 175 -143.79 -62.98 -33.36
CA ILE H 175 -144.16 -61.78 -34.11
C ILE H 175 -145.15 -60.91 -33.33
N LEU H 176 -144.76 -59.64 -33.14
CA LEU H 176 -145.63 -58.72 -32.49
C LEU H 176 -146.33 -57.86 -33.53
N ALA H 177 -147.58 -58.18 -33.80
CA ALA H 177 -148.35 -57.29 -34.65
C ALA H 177 -149.14 -56.24 -33.86
N ILE H 178 -149.12 -55.04 -34.42
CA ILE H 178 -149.89 -53.87 -33.95
C ILE H 178 -150.91 -53.67 -35.00
N SER H 179 -152.07 -53.01 -34.68
CA SER H 179 -153.19 -53.02 -35.65
C SER H 179 -154.14 -51.87 -35.46
N ALA H 180 -154.66 -51.40 -36.61
CA ALA H 180 -156.01 -50.86 -36.60
C ALA H 180 -157.03 -52.03 -36.70
N ALA H 181 -157.49 -52.39 -37.93
CA ALA H 181 -158.51 -53.52 -38.02
C ALA H 181 -159.12 -53.84 -39.42
N ASP H 182 -159.39 -52.89 -40.22
CA ASP H 182 -160.20 -53.00 -41.41
C ASP H 182 -159.56 -53.86 -42.57
N THR H 183 -159.68 -55.22 -42.47
CA THR H 183 -159.33 -56.12 -43.67
C THR H 183 -159.81 -57.54 -43.43
N ASP H 184 -160.27 -58.18 -44.47
CA ASP H 184 -160.86 -59.43 -44.33
C ASP H 184 -159.72 -60.42 -44.06
N LEU H 185 -160.09 -61.62 -43.56
CA LEU H 185 -159.16 -62.62 -43.09
C LEU H 185 -158.26 -63.14 -44.19
N ALA H 186 -158.87 -63.59 -45.30
CA ALA H 186 -158.11 -64.36 -46.24
C ALA H 186 -157.18 -63.47 -47.01
N ASN H 187 -157.56 -62.25 -47.19
CA ASN H 187 -156.84 -61.24 -47.97
C ASN H 187 -155.39 -60.90 -47.59
N SER H 188 -154.91 -59.77 -47.96
CA SER H 188 -153.51 -59.47 -47.84
C SER H 188 -152.94 -59.29 -46.44
N THR H 189 -151.67 -59.75 -46.21
CA THR H 189 -150.95 -59.61 -44.94
C THR H 189 -150.90 -58.18 -44.33
N ALA H 190 -150.49 -57.19 -45.15
CA ALA H 190 -150.41 -55.80 -44.69
C ALA H 190 -151.70 -55.35 -44.25
N LEU H 191 -152.68 -55.34 -45.16
CA LEU H 191 -153.90 -54.63 -45.08
C LEU H 191 -154.72 -54.92 -43.85
N GLN H 192 -154.85 -56.19 -43.47
CA GLN H 192 -155.81 -56.60 -42.49
C GLN H 192 -155.58 -56.02 -41.09
N ALA H 193 -155.60 -56.88 -40.07
CA ALA H 193 -155.03 -56.60 -38.69
C ALA H 193 -154.95 -57.85 -37.80
N SER H 194 -153.95 -58.75 -38.06
CA SER H 194 -153.59 -59.69 -37.04
C SER H 194 -152.32 -60.38 -37.53
N ARG H 195 -152.38 -61.07 -38.73
CA ARG H 195 -151.17 -61.84 -39.17
C ARG H 195 -151.20 -62.26 -40.63
N ARG H 196 -150.60 -63.45 -40.91
CA ARG H 196 -150.65 -64.07 -42.22
C ARG H 196 -149.78 -65.26 -42.26
N VAL H 197 -148.60 -65.19 -41.62
CA VAL H 197 -147.64 -66.30 -41.63
C VAL H 197 -147.97 -67.38 -40.61
N ASP H 198 -148.87 -67.09 -39.71
CA ASP H 198 -149.22 -67.97 -38.58
C ASP H 198 -150.74 -68.24 -38.61
N PRO H 199 -151.22 -69.27 -39.25
CA PRO H 199 -152.63 -69.58 -39.16
C PRO H 199 -153.03 -70.02 -37.79
N ARG H 200 -152.21 -70.74 -37.05
CA ARG H 200 -152.70 -71.23 -35.70
C ARG H 200 -152.81 -70.04 -34.67
N GLY H 201 -152.07 -69.04 -34.91
CA GLY H 201 -152.01 -67.92 -34.01
C GLY H 201 -151.34 -68.30 -32.73
N GLU H 202 -150.47 -69.30 -32.77
CA GLU H 202 -149.69 -69.72 -31.63
C GLU H 202 -148.47 -68.86 -31.34
N ARG H 203 -147.86 -68.26 -32.33
CA ARG H 203 -146.60 -67.54 -32.15
C ARG H 203 -146.74 -66.03 -32.30
N THR H 204 -147.96 -65.48 -32.25
CA THR H 204 -148.18 -64.12 -32.62
C THR H 204 -149.05 -63.42 -31.57
N ILE H 205 -148.63 -62.29 -31.10
CA ILE H 205 -149.55 -61.47 -30.19
C ILE H 205 -149.88 -60.21 -30.83
N GLY H 206 -151.06 -59.72 -30.53
CA GLY H 206 -151.63 -58.58 -31.24
C GLY H 206 -151.72 -57.39 -30.30
N VAL H 207 -151.43 -56.25 -30.83
CA VAL H 207 -151.61 -54.93 -30.10
C VAL H 207 -152.45 -54.07 -30.94
N ILE H 208 -153.47 -53.50 -30.30
CA ILE H 208 -154.41 -52.57 -30.94
C ILE H 208 -154.07 -51.19 -30.41
N THR H 209 -153.62 -50.40 -31.31
CA THR H 209 -153.15 -49.05 -30.96
C THR H 209 -154.17 -48.04 -31.37
N LYS H 210 -153.90 -46.79 -30.98
CA LYS H 210 -154.70 -45.67 -31.19
C LYS H 210 -156.10 -45.89 -30.68
N MET H 211 -156.16 -46.34 -29.46
CA MET H 211 -157.41 -46.89 -28.95
C MET H 211 -158.09 -45.90 -28.10
N ASP H 212 -157.51 -44.67 -27.98
CA ASP H 212 -158.13 -43.52 -27.26
C ASP H 212 -159.32 -42.92 -27.95
N LEU H 213 -159.37 -43.07 -29.26
CA LEU H 213 -160.35 -42.35 -30.07
C LEU H 213 -161.48 -43.26 -30.42
N VAL H 214 -161.89 -44.16 -29.50
CA VAL H 214 -163.03 -45.01 -29.78
C VAL H 214 -163.81 -45.33 -28.54
N GLU H 215 -165.14 -45.59 -28.70
CA GLU H 215 -166.00 -45.95 -27.50
C GLU H 215 -165.50 -47.23 -26.83
N PRO H 216 -165.82 -47.36 -25.60
CA PRO H 216 -165.54 -48.50 -24.76
C PRO H 216 -166.24 -49.73 -25.27
N GLU H 217 -167.28 -49.57 -25.93
CA GLU H 217 -167.90 -50.75 -26.45
C GLU H 217 -167.02 -51.16 -27.58
N LYS H 218 -166.52 -50.15 -28.33
CA LYS H 218 -165.57 -50.35 -29.43
C LYS H 218 -164.36 -51.09 -29.01
N GLY H 219 -163.90 -50.80 -27.75
CA GLY H 219 -162.77 -51.49 -27.20
C GLY H 219 -163.15 -52.97 -26.99
N ALA H 220 -164.34 -53.21 -26.42
CA ALA H 220 -164.71 -54.58 -26.25
C ALA H 220 -164.80 -55.24 -27.58
N ALA H 221 -165.20 -54.53 -28.64
CA ALA H 221 -165.23 -55.23 -29.82
C ALA H 221 -163.86 -55.65 -30.17
N ILE H 222 -162.91 -54.75 -30.10
CA ILE H 222 -161.58 -55.06 -30.57
C ILE H 222 -160.65 -55.86 -29.71
N LEU H 223 -160.54 -55.49 -28.42
CA LEU H 223 -159.69 -56.18 -27.48
C LEU H 223 -160.12 -57.61 -27.40
N SER H 224 -161.44 -57.91 -27.38
CA SER H 224 -161.90 -59.33 -27.40
C SER H 224 -162.64 -59.61 -28.65
N ASP H 225 -162.12 -60.51 -29.39
CA ASP H 225 -162.71 -60.86 -30.69
C ASP H 225 -162.71 -62.35 -30.64
N ARG H 226 -163.60 -62.96 -31.34
CA ARG H 226 -163.75 -64.44 -31.38
C ARG H 226 -163.43 -64.86 -32.78
N GLN H 227 -163.33 -63.90 -33.71
CA GLN H 227 -163.14 -64.12 -35.11
C GLN H 227 -161.77 -64.56 -35.35
N TYR H 228 -160.81 -64.14 -34.58
CA TYR H 228 -159.53 -64.77 -34.95
C TYR H 228 -158.60 -65.07 -33.73
N PRO H 229 -159.05 -65.98 -32.84
CA PRO H 229 -158.35 -66.03 -31.52
C PRO H 229 -157.07 -66.70 -31.62
N LEU H 230 -156.18 -66.23 -30.77
CA LEU H 230 -154.84 -66.76 -30.81
C LEU H 230 -154.43 -67.05 -29.35
N LYS H 231 -153.41 -67.86 -29.23
CA LYS H 231 -152.84 -67.90 -27.85
C LYS H 231 -152.18 -66.52 -27.57
N LEU H 232 -152.01 -66.19 -26.36
CA LEU H 232 -151.38 -64.97 -25.89
C LEU H 232 -152.24 -63.77 -25.98
N GLY H 233 -153.41 -63.85 -26.54
CA GLY H 233 -154.35 -62.74 -26.53
C GLY H 233 -153.91 -61.47 -27.25
N TYR H 234 -154.78 -60.45 -27.22
CA TYR H 234 -154.42 -59.05 -27.75
C TYR H 234 -154.22 -58.12 -26.57
N VAL H 235 -153.49 -57.05 -26.78
CA VAL H 235 -153.27 -56.03 -25.77
C VAL H 235 -153.57 -54.71 -26.45
N GLY H 236 -154.62 -53.97 -25.95
CA GLY H 236 -154.96 -52.63 -26.41
C GLY H 236 -154.29 -51.61 -25.53
N VAL H 237 -153.69 -50.60 -26.16
CA VAL H 237 -153.04 -49.54 -25.35
C VAL H 237 -152.90 -48.28 -26.19
N ILE H 238 -153.08 -47.16 -25.57
CA ILE H 238 -152.90 -45.87 -26.18
C ILE H 238 -151.52 -45.43 -25.86
N SER H 239 -150.61 -45.35 -26.90
CA SER H 239 -149.31 -44.75 -26.70
C SER H 239 -149.16 -43.44 -27.41
N LYS H 240 -148.72 -42.41 -26.66
CA LYS H 240 -148.65 -40.98 -27.09
C LYS H 240 -148.02 -40.06 -26.01
N GLY H 253 -138.42 -34.79 -19.10
CA GLY H 253 -138.19 -36.18 -18.75
C GLY H 253 -139.42 -36.83 -18.17
N ASN H 254 -139.24 -37.98 -17.46
CA ASN H 254 -140.41 -38.50 -16.69
C ASN H 254 -141.64 -38.84 -17.59
N LEU H 255 -141.39 -39.06 -18.87
CA LEU H 255 -142.45 -39.23 -19.85
C LEU H 255 -143.04 -40.59 -19.68
N LEU H 256 -142.21 -41.58 -19.38
CA LEU H 256 -142.65 -42.88 -19.02
C LEU H 256 -143.76 -42.82 -17.91
N ALA H 257 -143.38 -42.25 -16.77
CA ALA H 257 -144.30 -42.07 -15.69
C ALA H 257 -145.52 -41.53 -16.25
N SER H 258 -145.42 -40.51 -17.03
CA SER H 258 -146.62 -39.85 -17.48
C SER H 258 -147.45 -40.78 -18.32
N ILE H 259 -146.84 -41.49 -19.38
CA ILE H 259 -147.66 -42.38 -20.19
C ILE H 259 -148.27 -43.47 -19.37
N ASN H 260 -147.77 -43.65 -18.16
CA ASN H 260 -148.25 -44.72 -17.27
C ASN H 260 -149.46 -44.22 -16.47
N ARG H 261 -149.38 -42.94 -16.07
CA ARG H 261 -150.44 -42.32 -15.34
C ARG H 261 -151.67 -42.15 -16.18
N ASN H 262 -151.49 -41.66 -17.46
CA ASN H 262 -152.63 -41.62 -18.35
C ASN H 262 -153.24 -43.00 -18.54
N GLU H 263 -152.38 -44.04 -18.65
CA GLU H 263 -152.94 -45.31 -18.89
C GLU H 263 -153.86 -45.73 -17.77
N LYS H 264 -153.42 -45.41 -16.58
CA LYS H 264 -154.17 -45.77 -15.39
C LYS H 264 -155.49 -44.93 -15.27
N ASN H 265 -155.37 -43.63 -15.49
CA ASN H 265 -156.54 -42.68 -15.45
C ASN H 265 -157.65 -42.74 -16.57
N TYR H 266 -157.21 -42.96 -17.81
CA TYR H 266 -158.12 -43.04 -18.98
C TYR H 266 -159.27 -44.12 -18.91
N PHE H 267 -158.98 -45.26 -18.27
CA PHE H 267 -159.91 -46.35 -18.09
C PHE H 267 -160.96 -45.99 -17.04
N GLY H 268 -160.70 -44.84 -16.36
CA GLY H 268 -161.50 -44.38 -15.27
C GLY H 268 -162.88 -43.93 -15.72
N SER H 269 -162.97 -43.13 -16.76
CA SER H 269 -164.29 -42.60 -17.15
C SER H 269 -165.10 -43.83 -17.62
N HIS H 270 -164.48 -44.77 -18.24
CA HIS H 270 -165.14 -45.97 -18.68
C HIS H 270 -164.53 -47.19 -17.92
N PRO H 271 -164.74 -47.15 -16.57
CA PRO H 271 -164.16 -48.28 -15.81
C PRO H 271 -164.80 -49.63 -16.13
N THR H 272 -166.13 -49.71 -16.20
CA THR H 272 -166.81 -50.96 -16.39
C THR H 272 -166.47 -51.58 -17.78
N GLU H 273 -166.26 -50.74 -18.85
CA GLU H 273 -165.85 -51.33 -20.16
C GLU H 273 -164.47 -51.96 -20.06
N PHE H 274 -163.46 -51.44 -19.48
CA PHE H 274 -162.20 -52.17 -19.59
C PHE H 274 -161.37 -52.09 -18.40
N GLY H 275 -161.79 -52.82 -17.37
CA GLY H 275 -161.17 -52.73 -16.06
C GLY H 275 -161.03 -54.13 -15.50
N PRO H 276 -160.70 -54.16 -14.13
CA PRO H 276 -160.48 -55.54 -13.58
C PRO H 276 -161.63 -56.58 -13.61
N ASP H 277 -161.24 -57.74 -14.10
CA ASP H 277 -162.03 -58.95 -14.30
C ASP H 277 -162.77 -58.93 -15.59
N SER H 278 -162.87 -57.77 -16.18
CA SER H 278 -163.46 -57.55 -17.45
C SER H 278 -162.41 -58.37 -18.28
N GLY H 279 -162.83 -59.03 -19.36
CA GLY H 279 -161.92 -60.01 -19.98
C GLY H 279 -160.71 -59.41 -20.65
N VAL H 280 -160.88 -58.25 -21.24
CA VAL H 280 -159.79 -57.63 -21.95
C VAL H 280 -158.64 -57.23 -21.06
N SER H 281 -157.53 -57.12 -21.72
CA SER H 281 -156.29 -56.73 -20.97
C SER H 281 -155.60 -55.46 -21.54
N THR H 282 -155.24 -54.43 -20.73
CA THR H 282 -154.57 -53.26 -21.30
C THR H 282 -153.57 -52.44 -20.54
N GLY H 283 -152.89 -51.48 -21.22
CA GLY H 283 -151.75 -50.84 -20.57
C GLY H 283 -150.43 -51.57 -20.86
N VAL H 284 -149.37 -50.85 -20.57
CA VAL H 284 -148.11 -51.26 -21.10
C VAL H 284 -147.38 -52.31 -20.25
N MET H 285 -147.48 -52.23 -18.93
CA MET H 285 -146.71 -53.17 -18.07
C MET H 285 -147.30 -54.66 -18.15
N THR H 286 -148.56 -54.82 -18.09
CA THR H 286 -149.11 -56.19 -18.28
C THR H 286 -148.77 -56.81 -19.67
N LEU H 287 -148.70 -55.98 -20.70
CA LEU H 287 -148.16 -56.37 -21.97
C LEU H 287 -146.69 -56.73 -21.88
N ARG H 288 -145.93 -55.90 -21.20
CA ARG H 288 -144.51 -56.19 -21.09
C ARG H 288 -144.26 -57.59 -20.46
N LYS H 289 -144.92 -57.82 -19.32
CA LYS H 289 -144.74 -59.10 -18.64
C LYS H 289 -145.19 -60.29 -19.47
N LYS H 290 -146.24 -60.16 -20.21
CA LYS H 290 -146.57 -61.24 -21.21
C LYS H 290 -145.42 -61.42 -22.15
N LEU H 291 -144.86 -60.33 -22.62
CA LEU H 291 -143.71 -60.39 -23.56
C LEU H 291 -142.55 -61.21 -22.97
N LEU H 292 -142.13 -60.92 -21.68
CA LEU H 292 -141.00 -61.76 -21.03
C LEU H 292 -141.34 -63.28 -21.09
N GLN H 293 -142.58 -63.64 -20.88
CA GLN H 293 -142.93 -65.00 -20.62
C GLN H 293 -142.85 -65.76 -21.98
N VAL H 294 -143.43 -65.15 -23.01
CA VAL H 294 -143.43 -65.74 -24.37
C VAL H 294 -142.03 -65.85 -24.89
N LEU H 295 -141.20 -64.80 -24.72
CA LEU H 295 -139.79 -64.81 -25.22
C LEU H 295 -139.07 -66.00 -24.62
N GLU H 296 -139.07 -66.08 -23.27
CA GLU H 296 -138.35 -67.21 -22.63
C GLU H 296 -138.84 -68.60 -23.09
N GLN H 297 -140.19 -68.83 -23.11
CA GLN H 297 -140.74 -70.12 -23.55
C GLN H 297 -140.27 -70.48 -24.93
N GLN H 298 -140.52 -69.59 -25.93
CA GLN H 298 -140.20 -69.95 -27.34
C GLN H 298 -138.70 -70.22 -27.57
N MET H 299 -137.82 -69.27 -27.10
CA MET H 299 -136.35 -69.32 -27.22
C MET H 299 -135.83 -70.62 -26.62
N SER H 300 -136.42 -71.02 -25.51
CA SER H 300 -136.09 -72.34 -24.91
C SER H 300 -136.42 -73.48 -25.85
N SER H 301 -137.61 -73.40 -26.46
CA SER H 301 -138.03 -74.45 -27.41
C SER H 301 -137.03 -74.48 -28.64
N LYS H 302 -136.61 -73.31 -29.18
CA LYS H 302 -135.74 -73.38 -30.37
C LYS H 302 -134.30 -73.86 -30.01
N LEU H 303 -133.90 -73.73 -28.75
CA LEU H 303 -132.51 -73.93 -28.36
C LEU H 303 -131.94 -75.16 -28.93
N ASN H 304 -132.74 -76.25 -28.85
CA ASN H 304 -132.15 -77.57 -29.23
C ASN H 304 -131.98 -77.63 -30.74
N GLU H 305 -133.01 -77.25 -31.52
CA GLU H 305 -132.72 -77.24 -32.97
C GLU H 305 -131.60 -76.25 -33.30
N THR H 306 -131.62 -75.02 -32.72
CA THR H 306 -130.56 -74.13 -33.04
C THR H 306 -129.23 -74.72 -32.72
N THR H 307 -129.09 -75.32 -31.56
CA THR H 307 -127.81 -75.90 -31.24
C THR H 307 -127.38 -76.95 -32.29
N GLU H 308 -128.27 -77.82 -32.70
CA GLU H 308 -127.85 -78.71 -33.78
C GLU H 308 -127.46 -77.91 -35.02
N ALA H 309 -128.22 -76.87 -35.47
CA ALA H 309 -127.86 -76.15 -36.67
C ALA H 309 -126.51 -75.50 -36.51
N ILE H 310 -126.15 -75.03 -35.32
CA ILE H 310 -124.92 -74.40 -35.13
C ILE H 310 -123.77 -75.44 -35.29
N GLN H 311 -123.92 -76.55 -34.60
CA GLN H 311 -122.90 -77.58 -34.77
C GLN H 311 -122.76 -77.90 -36.28
N ARG H 312 -123.87 -77.76 -37.09
CA ARG H 312 -123.87 -78.11 -38.48
C ARG H 312 -123.04 -77.06 -39.20
N GLU H 313 -123.36 -75.80 -39.00
CA GLU H 313 -122.59 -74.72 -39.68
C GLU H 313 -121.17 -74.62 -39.23
N LEU H 314 -120.85 -75.21 -38.07
CA LEU H 314 -119.48 -75.39 -37.60
C LEU H 314 -118.85 -76.45 -38.47
N GLU H 315 -119.50 -77.64 -38.64
CA GLU H 315 -118.95 -78.61 -39.57
C GLU H 315 -118.76 -78.02 -40.96
N GLU H 316 -119.79 -77.25 -41.38
CA GLU H 316 -119.76 -76.73 -42.70
C GLU H 316 -118.57 -75.80 -42.78
N THR H 317 -118.40 -74.91 -41.82
CA THR H 317 -117.23 -74.01 -41.83
C THR H 317 -115.94 -74.82 -41.76
N THR H 318 -115.88 -75.88 -40.96
CA THR H 318 -114.69 -76.72 -40.89
C THR H 318 -114.45 -77.38 -42.27
N TYR H 319 -115.51 -77.67 -43.00
CA TYR H 319 -115.43 -78.21 -44.44
C TYR H 319 -114.71 -77.23 -45.26
N GLN H 320 -115.25 -76.03 -45.23
CA GLN H 320 -114.68 -75.00 -46.11
C GLN H 320 -113.22 -74.77 -45.71
N PHE H 321 -112.92 -74.86 -44.37
CA PHE H 321 -111.55 -74.76 -43.84
C PHE H 321 -110.60 -75.93 -44.28
N LYS H 322 -111.16 -77.13 -44.55
CA LYS H 322 -110.31 -78.18 -45.14
C LYS H 322 -110.12 -77.91 -46.66
N VAL H 323 -111.20 -77.81 -47.44
CA VAL H 323 -111.09 -77.74 -48.88
C VAL H 323 -110.27 -76.47 -49.25
N GLN H 324 -110.54 -75.34 -48.63
CA GLN H 324 -109.85 -74.07 -48.77
C GLN H 324 -108.83 -73.93 -47.70
N TYR H 325 -107.58 -73.84 -48.06
CA TYR H 325 -106.42 -73.58 -47.15
C TYR H 325 -105.95 -74.78 -46.32
N ASN H 326 -106.41 -75.98 -46.58
CA ASN H 326 -105.85 -77.20 -46.03
C ASN H 326 -105.87 -77.20 -44.51
N GLU H 327 -106.83 -76.48 -43.91
CA GLU H 327 -107.03 -76.33 -42.46
C GLU H 327 -105.73 -75.81 -41.75
N GLN H 328 -104.81 -75.11 -42.48
CA GLN H 328 -103.63 -74.67 -41.75
C GLN H 328 -103.99 -73.42 -40.94
N PRO H 329 -103.55 -73.30 -39.69
CA PRO H 329 -103.84 -72.05 -38.95
C PRO H 329 -103.04 -70.87 -39.52
N MET H 330 -103.61 -69.70 -39.30
CA MET H 330 -103.03 -68.45 -39.84
C MET H 330 -103.45 -67.21 -39.09
N SER H 331 -102.50 -66.43 -38.68
CA SER H 331 -102.66 -65.10 -38.10
C SER H 331 -102.00 -64.14 -39.04
N ALA H 332 -102.40 -62.89 -38.98
CA ALA H 332 -101.82 -61.83 -39.85
C ALA H 332 -100.29 -61.74 -39.69
N GLU H 333 -99.83 -61.81 -38.52
CA GLU H 333 -98.41 -61.89 -38.21
C GLU H 333 -97.68 -63.12 -38.78
N SER H 334 -98.44 -64.28 -38.93
CA SER H 334 -97.81 -65.45 -39.51
C SER H 334 -97.55 -65.12 -40.97
N TYR H 335 -98.59 -64.61 -41.65
CA TYR H 335 -98.54 -64.30 -43.08
C TYR H 335 -97.42 -63.30 -43.39
N LEU H 336 -97.40 -62.22 -42.65
CA LEU H 336 -96.38 -61.19 -42.84
C LEU H 336 -94.99 -61.86 -42.77
N ALA H 337 -94.79 -62.62 -41.70
CA ALA H 337 -93.47 -63.13 -41.50
C ALA H 337 -93.05 -64.06 -42.64
N ALA H 338 -93.92 -65.00 -43.05
CA ALA H 338 -93.61 -66.02 -44.09
C ALA H 338 -93.20 -65.34 -45.41
N SER H 339 -93.97 -64.28 -45.77
CA SER H 339 -93.64 -63.56 -47.00
C SER H 339 -92.31 -62.78 -46.83
N LEU H 340 -92.07 -62.19 -45.61
CA LEU H 340 -90.82 -61.50 -45.45
C LEU H 340 -89.61 -62.46 -45.61
N ASP H 341 -89.76 -63.66 -45.17
CA ASP H 341 -88.75 -64.69 -45.24
C ASP H 341 -88.43 -65.04 -46.65
N ASP H 342 -89.44 -65.13 -47.47
CA ASP H 342 -89.21 -65.30 -48.93
C ASP H 342 -88.43 -64.14 -49.46
N PHE H 343 -88.86 -62.85 -49.21
CA PHE H 343 -88.22 -61.71 -49.75
C PHE H 343 -86.70 -61.61 -49.37
N LYS H 344 -86.32 -62.06 -48.18
CA LYS H 344 -84.91 -62.09 -47.82
C LYS H 344 -84.09 -63.11 -48.58
N HIS H 345 -84.66 -64.30 -48.86
CA HIS H 345 -83.91 -65.27 -49.61
C HIS H 345 -83.67 -64.75 -51.00
N GLN H 346 -84.66 -64.15 -51.55
CA GLN H 346 -84.49 -63.57 -52.91
C GLN H 346 -83.46 -62.48 -52.92
N PHE H 347 -83.47 -61.66 -51.94
CA PHE H 347 -82.53 -60.55 -51.80
C PHE H 347 -81.04 -61.07 -51.54
N HIS H 348 -80.88 -62.25 -50.82
CA HIS H 348 -79.54 -62.79 -50.63
C HIS H 348 -78.97 -63.31 -51.96
N GLU H 349 -79.72 -64.06 -52.73
CA GLU H 349 -79.28 -64.42 -54.13
C GLU H 349 -78.93 -63.17 -54.97
N PHE H 350 -79.69 -62.07 -54.86
CA PHE H 350 -79.25 -60.81 -55.55
C PHE H 350 -77.90 -60.28 -55.04
N ALA H 351 -77.66 -60.30 -53.80
CA ALA H 351 -76.42 -59.76 -53.23
C ALA H 351 -75.24 -60.57 -53.68
N SER H 352 -75.35 -61.87 -53.63
CA SER H 352 -74.28 -62.73 -54.23
C SER H 352 -74.01 -62.31 -55.68
N SER H 353 -75.03 -61.91 -56.38
CA SER H 353 -74.93 -61.55 -57.79
C SER H 353 -74.17 -60.24 -58.02
N PHE H 354 -74.44 -59.21 -57.16
CA PHE H 354 -74.17 -57.80 -57.67
C PHE H 354 -72.67 -57.44 -57.76
N GLY H 355 -72.00 -57.40 -56.57
CA GLY H 355 -70.52 -57.27 -56.63
C GLY H 355 -70.11 -55.91 -57.22
N ARG H 356 -68.85 -55.87 -57.76
CA ARG H 356 -68.10 -54.65 -57.99
C ARG H 356 -67.74 -54.32 -59.46
N PRO H 357 -67.40 -55.32 -60.32
CA PRO H 357 -67.08 -55.03 -61.75
C PRO H 357 -68.27 -54.49 -62.50
N GLN H 358 -69.51 -54.91 -62.08
CA GLN H 358 -70.76 -54.26 -62.46
C GLN H 358 -70.69 -52.74 -62.25
N LEU H 359 -70.24 -52.32 -61.07
CA LEU H 359 -70.24 -50.88 -60.71
C LEU H 359 -69.26 -50.19 -61.57
N GLN H 360 -68.20 -50.91 -62.04
CA GLN H 360 -67.25 -50.26 -62.97
C GLN H 360 -67.95 -49.84 -64.23
N THR H 361 -68.70 -50.81 -64.83
CA THR H 361 -69.37 -50.52 -66.09
C THR H 361 -70.42 -49.40 -65.87
N LEU H 362 -71.12 -49.49 -64.71
CA LEU H 362 -72.22 -48.50 -64.42
C LEU H 362 -71.64 -47.08 -64.38
N LEU H 363 -70.51 -46.90 -63.67
CA LEU H 363 -69.86 -45.60 -63.60
C LEU H 363 -69.28 -45.17 -64.95
N LYS H 364 -68.60 -46.04 -65.65
CA LYS H 364 -67.99 -45.71 -66.92
C LYS H 364 -68.95 -45.25 -67.98
N ASP H 365 -70.29 -45.63 -67.87
CA ASP H 365 -71.25 -45.13 -68.83
C ASP H 365 -71.71 -43.67 -68.53
N ALA H 366 -71.91 -43.34 -67.25
CA ALA H 366 -72.16 -41.98 -66.86
C ALA H 366 -70.97 -41.07 -67.23
N LEU H 367 -69.73 -41.54 -66.97
CA LEU H 367 -68.58 -40.75 -67.35
C LEU H 367 -68.39 -40.68 -68.88
N ASP H 368 -68.81 -41.72 -69.62
CA ASP H 368 -68.75 -41.65 -71.09
C ASP H 368 -69.55 -40.43 -71.63
N GLN H 369 -70.79 -40.27 -71.18
CA GLN H 369 -71.57 -39.16 -71.61
C GLN H 369 -71.10 -37.84 -70.92
N LYS H 370 -70.35 -37.96 -69.79
CA LYS H 370 -69.75 -36.75 -69.20
C LYS H 370 -68.53 -36.33 -70.03
N VAL H 371 -67.78 -37.32 -70.57
CA VAL H 371 -66.74 -37.06 -71.52
C VAL H 371 -67.30 -36.35 -72.76
N LEU H 372 -68.36 -37.00 -73.36
CA LEU H 372 -69.10 -36.31 -74.45
C LEU H 372 -69.57 -34.91 -74.09
N ASP H 373 -70.12 -34.72 -72.87
CA ASP H 373 -70.57 -33.37 -72.53
C ASP H 373 -69.51 -32.33 -72.51
N GLN H 374 -68.41 -32.63 -71.79
CA GLN H 374 -67.30 -31.70 -71.67
C GLN H 374 -66.61 -31.45 -72.99
N LEU H 375 -66.21 -32.52 -73.66
CA LEU H 375 -65.55 -32.34 -74.95
C LEU H 375 -66.43 -31.51 -75.94
N ALA H 376 -67.75 -31.86 -76.03
CA ALA H 376 -68.67 -31.13 -76.91
C ALA H 376 -68.85 -29.70 -76.53
N ALA H 377 -68.88 -29.39 -75.18
CA ALA H 377 -69.06 -28.02 -74.71
C ALA H 377 -67.78 -27.20 -74.88
N ARG H 378 -66.57 -27.82 -74.89
CA ARG H 378 -65.29 -27.07 -75.03
C ARG H 378 -64.80 -26.93 -76.49
N TYR H 379 -65.08 -27.92 -77.41
CA TYR H 379 -64.41 -27.99 -78.69
C TYR H 379 -65.39 -27.79 -79.86
N TRP H 380 -66.59 -28.39 -79.86
CA TRP H 380 -67.38 -28.51 -81.10
C TRP H 380 -68.33 -27.27 -81.22
N ASN H 381 -69.29 -27.38 -82.18
CA ASN H 381 -70.09 -26.21 -82.62
C ASN H 381 -71.37 -26.04 -81.80
N ARG H 382 -71.80 -24.75 -81.65
CA ARG H 382 -73.05 -24.34 -80.99
C ARG H 382 -74.25 -24.23 -81.93
N PRO H 383 -75.53 -24.32 -81.43
CA PRO H 383 -76.72 -24.40 -82.29
C PRO H 383 -76.97 -23.11 -83.06
N ILE H 384 -77.66 -23.20 -84.19
CA ILE H 384 -78.07 -21.99 -85.04
C ILE H 384 -79.54 -21.60 -84.65
N GLU H 385 -79.73 -20.46 -84.08
CA GLU H 385 -81.08 -20.02 -83.69
C GLU H 385 -81.77 -19.11 -84.70
N ASP H 386 -81.11 -18.03 -85.13
CA ASP H 386 -81.68 -17.08 -86.12
C ASP H 386 -80.90 -17.16 -87.41
N LEU H 387 -81.03 -16.15 -88.27
CA LEU H 387 -80.38 -16.14 -89.62
C LEU H 387 -79.46 -14.92 -89.68
N SER H 388 -78.82 -14.58 -88.58
CA SER H 388 -77.70 -13.61 -88.49
C SER H 388 -76.35 -14.34 -88.70
N PRO H 389 -75.35 -13.60 -89.13
CA PRO H 389 -73.99 -14.15 -89.12
C PRO H 389 -73.55 -14.45 -87.75
N ALA H 390 -72.79 -15.60 -87.61
CA ALA H 390 -72.33 -15.94 -86.28
C ALA H 390 -71.11 -15.07 -85.97
N PRO H 391 -70.95 -14.66 -84.68
CA PRO H 391 -69.74 -13.97 -84.29
C PRO H 391 -68.55 -14.92 -84.44
N ARG H 392 -67.59 -14.60 -85.31
CA ARG H 392 -66.60 -15.61 -85.64
C ARG H 392 -65.67 -15.95 -84.49
N GLU H 393 -65.68 -17.18 -84.09
CA GLU H 393 -64.65 -17.74 -83.19
C GLU H 393 -63.31 -17.86 -83.99
N PRO H 394 -62.16 -17.37 -83.40
CA PRO H 394 -60.89 -17.35 -84.17
C PRO H 394 -60.34 -18.71 -84.50
N ASP H 395 -60.32 -19.55 -83.45
CA ASP H 395 -59.75 -20.90 -83.50
C ASP H 395 -60.84 -21.88 -83.71
N ASN H 396 -60.57 -22.84 -84.66
CA ASN H 396 -61.56 -23.80 -85.03
C ASN H 396 -60.96 -25.25 -84.97
N ILE H 397 -61.85 -26.21 -84.99
CA ILE H 397 -61.46 -27.56 -84.77
C ILE H 397 -60.70 -28.18 -85.97
N ILE H 398 -60.94 -27.60 -87.16
CA ILE H 398 -60.46 -28.19 -88.40
C ILE H 398 -58.95 -28.05 -88.53
N ASP H 399 -58.37 -27.01 -87.90
CA ASP H 399 -56.97 -26.79 -88.01
C ASP H 399 -56.23 -27.24 -86.73
N LEU H 400 -56.80 -28.14 -85.94
CA LEU H 400 -56.14 -28.52 -84.72
C LEU H 400 -54.91 -29.41 -84.94
N PRO H 401 -54.90 -30.43 -85.84
CA PRO H 401 -53.69 -31.23 -85.99
C PRO H 401 -52.50 -30.45 -86.44
N LYS H 402 -52.71 -29.41 -87.19
CA LYS H 402 -51.67 -28.45 -87.63
C LYS H 402 -51.92 -27.11 -86.78
N ALA H 403 -51.47 -27.10 -85.53
CA ALA H 403 -51.60 -25.92 -84.65
C ALA H 403 -50.35 -25.61 -83.90
N ASP H 404 -50.25 -24.31 -83.54
CA ASP H 404 -49.07 -23.84 -82.76
C ASP H 404 -49.02 -24.69 -81.46
N PRO H 405 -47.99 -25.64 -81.32
CA PRO H 405 -48.04 -26.59 -80.15
C PRO H 405 -48.12 -25.93 -78.86
N ASP H 406 -47.68 -24.69 -78.76
CA ASP H 406 -47.75 -23.91 -77.52
C ASP H 406 -48.81 -22.81 -77.64
N SER H 407 -50.07 -23.19 -78.03
CA SER H 407 -51.17 -22.24 -78.28
C SER H 407 -51.91 -21.97 -76.98
N PRO H 408 -52.05 -20.70 -76.52
CA PRO H 408 -52.75 -20.41 -75.28
C PRO H 408 -54.20 -20.81 -75.30
N TYR H 409 -54.77 -20.80 -76.45
CA TYR H 409 -56.17 -21.19 -76.59
C TYR H 409 -56.31 -22.64 -76.44
N TRP H 410 -55.49 -23.45 -77.21
CA TRP H 410 -55.75 -24.92 -77.19
C TRP H 410 -55.28 -25.54 -75.86
N HIS H 411 -54.17 -25.06 -75.23
CA HIS H 411 -53.72 -25.56 -73.97
C HIS H 411 -54.75 -25.17 -72.93
N ARG H 412 -55.25 -23.94 -73.00
CA ARG H 412 -56.33 -23.51 -72.16
C ARG H 412 -57.55 -24.37 -72.34
N GLN H 413 -57.86 -24.70 -73.59
CA GLN H 413 -59.13 -25.38 -73.83
C GLN H 413 -59.03 -26.79 -73.35
N LEU H 414 -57.97 -27.53 -73.69
CA LEU H 414 -57.89 -28.94 -73.14
C LEU H 414 -57.75 -28.92 -71.68
N ASP H 415 -56.98 -27.97 -71.08
CA ASP H 415 -56.79 -27.93 -69.60
C ASP H 415 -58.10 -27.72 -68.84
N THR H 416 -58.89 -26.76 -69.32
CA THR H 416 -60.16 -26.49 -68.67
C THR H 416 -61.18 -27.52 -68.97
N ALA H 417 -60.99 -28.27 -70.10
CA ALA H 417 -61.89 -29.42 -70.33
C ALA H 417 -61.63 -30.52 -69.31
N CYS H 418 -60.39 -30.94 -69.27
CA CYS H 418 -59.96 -32.01 -68.32
C CYS H 418 -60.30 -31.60 -66.89
N SER H 419 -59.90 -30.36 -66.48
CA SER H 419 -60.29 -29.79 -65.21
C SER H 419 -61.79 -29.79 -65.10
N GLY H 420 -62.49 -29.55 -66.24
CA GLY H 420 -63.94 -29.48 -66.18
C GLY H 420 -64.56 -30.86 -65.82
N LEU H 421 -63.95 -31.91 -66.26
CA LEU H 421 -64.40 -33.23 -66.02
C LEU H 421 -63.98 -33.80 -64.71
N THR H 422 -62.75 -33.54 -64.24
CA THR H 422 -62.26 -34.13 -62.98
C THR H 422 -62.95 -33.42 -61.86
N ARG H 423 -63.07 -32.11 -62.03
CA ARG H 423 -63.72 -31.28 -61.02
C ARG H 423 -65.21 -31.23 -61.32
N LEU H 424 -65.73 -32.37 -61.63
CA LEU H 424 -67.21 -32.54 -61.61
C LEU H 424 -67.48 -33.33 -60.40
N GLY H 425 -68.74 -33.27 -60.01
CA GLY H 425 -69.15 -34.00 -58.88
C GLY H 425 -69.09 -35.50 -59.05
N VAL H 426 -67.90 -36.05 -59.29
CA VAL H 426 -67.77 -37.49 -59.57
C VAL H 426 -68.07 -38.30 -58.31
N GLY H 427 -67.77 -37.79 -57.14
CA GLY H 427 -68.17 -38.44 -55.95
C GLY H 427 -69.64 -38.57 -55.86
N ARG H 428 -70.37 -37.39 -55.90
CA ARG H 428 -71.89 -37.39 -55.78
C ARG H 428 -72.56 -38.12 -56.96
N LEU H 429 -71.95 -38.02 -58.19
CA LEU H 429 -72.49 -38.74 -59.34
C LEU H 429 -72.34 -40.26 -59.13
N ALA H 430 -71.15 -40.74 -58.88
CA ALA H 430 -70.97 -42.13 -58.60
C ALA H 430 -71.91 -42.63 -57.45
N ALA H 431 -72.04 -41.87 -56.39
CA ALA H 431 -72.93 -42.17 -55.32
C ALA H 431 -74.41 -42.24 -55.75
N THR H 432 -74.77 -41.27 -56.66
CA THR H 432 -76.19 -41.25 -57.12
C THR H 432 -76.41 -42.36 -58.15
N VAL H 433 -75.34 -42.82 -58.89
CA VAL H 433 -75.49 -43.91 -59.82
C VAL H 433 -75.61 -45.24 -59.07
N ALA H 434 -74.66 -45.52 -58.17
CA ALA H 434 -74.70 -46.71 -57.40
C ALA H 434 -76.00 -46.75 -56.66
N ALA H 435 -76.49 -45.53 -56.25
CA ALA H 435 -77.75 -45.41 -55.53
C ALA H 435 -78.93 -45.87 -56.41
N SER H 436 -79.10 -45.24 -57.59
CA SER H 436 -80.17 -45.62 -58.47
C SER H 436 -80.02 -47.16 -58.88
N ALA H 437 -78.83 -47.64 -59.01
CA ALA H 437 -78.67 -49.03 -59.38
C ALA H 437 -79.16 -49.98 -58.26
N ILE H 438 -78.71 -49.80 -57.06
CA ILE H 438 -79.22 -50.63 -55.98
C ILE H 438 -80.73 -50.46 -55.90
N GLN H 439 -81.21 -49.21 -55.89
CA GLN H 439 -82.64 -48.94 -55.70
C GLN H 439 -83.44 -49.58 -56.77
N GLN H 440 -83.01 -49.44 -58.07
CA GLN H 440 -83.77 -50.07 -59.21
C GLN H 440 -83.76 -51.65 -59.16
N HIS H 441 -82.59 -52.25 -58.73
CA HIS H 441 -82.55 -53.65 -58.57
C HIS H 441 -83.45 -54.12 -57.45
N VAL H 442 -83.39 -53.52 -56.36
CA VAL H 442 -84.33 -53.82 -55.26
C VAL H 442 -85.80 -53.73 -55.78
N GLU H 443 -86.11 -52.68 -56.58
CA GLU H 443 -87.55 -52.46 -57.07
C GLU H 443 -87.99 -53.59 -58.01
N LYS H 444 -87.02 -54.08 -58.89
CA LYS H 444 -87.31 -55.30 -59.77
C LYS H 444 -87.45 -56.50 -58.92
N LEU H 445 -86.54 -56.62 -57.87
CA LEU H 445 -86.69 -57.73 -56.86
C LEU H 445 -88.03 -57.70 -56.17
N LEU H 446 -88.50 -56.56 -55.85
CA LEU H 446 -89.84 -56.36 -55.26
C LEU H 446 -90.90 -56.66 -56.25
N ASP H 447 -90.68 -56.27 -57.51
CA ASP H 447 -91.70 -56.57 -58.51
C ASP H 447 -91.96 -58.08 -58.59
N LYS H 448 -90.85 -58.85 -58.57
CA LYS H 448 -90.95 -60.29 -58.57
C LYS H 448 -91.33 -60.84 -57.22
N SER H 449 -91.22 -60.13 -56.10
CA SER H 449 -91.38 -60.84 -54.80
C SER H 449 -92.86 -61.00 -54.47
N SER H 450 -93.08 -61.56 -53.21
CA SER H 450 -94.43 -61.70 -52.65
C SER H 450 -95.03 -60.35 -52.30
N PHE H 451 -94.33 -59.24 -52.44
CA PHE H 451 -94.85 -57.95 -52.10
C PHE H 451 -95.35 -57.19 -53.29
N ALA H 452 -95.65 -57.91 -54.38
CA ALA H 452 -96.38 -57.28 -55.54
C ALA H 452 -97.70 -56.66 -55.10
N LYS H 453 -98.44 -57.34 -54.33
CA LYS H 453 -99.59 -56.70 -53.68
C LYS H 453 -99.09 -55.99 -52.40
N HIS H 454 -100.06 -55.39 -51.68
CA HIS H 454 -99.69 -54.56 -50.50
C HIS H 454 -98.81 -53.33 -50.88
N PRO H 455 -99.36 -52.31 -51.56
CA PRO H 455 -98.51 -51.17 -51.93
C PRO H 455 -97.93 -50.48 -50.73
N SER H 456 -98.67 -50.43 -49.57
CA SER H 456 -98.13 -49.82 -48.37
C SER H 456 -96.84 -50.53 -47.95
N ALA H 457 -96.84 -51.83 -47.85
CA ALA H 457 -95.72 -52.50 -47.35
C ALA H 457 -94.56 -52.50 -48.33
N ARG H 458 -94.83 -52.70 -49.60
CA ARG H 458 -93.73 -52.54 -50.61
C ARG H 458 -93.12 -51.17 -50.56
N LYS H 459 -93.97 -50.10 -50.44
CA LYS H 459 -93.49 -48.76 -50.22
C LYS H 459 -92.58 -48.61 -49.00
N VAL H 460 -92.92 -49.30 -47.95
CA VAL H 460 -92.06 -49.21 -46.75
C VAL H 460 -90.66 -49.80 -47.00
N ILE H 461 -90.62 -50.96 -47.63
CA ILE H 461 -89.34 -51.58 -47.93
C ILE H 461 -88.50 -50.66 -48.81
N SER H 462 -89.12 -50.13 -49.86
CA SER H 462 -88.40 -49.21 -50.84
C SER H 462 -87.99 -47.93 -50.18
N ASP H 463 -88.84 -47.28 -49.43
CA ASP H 463 -88.49 -46.12 -48.69
C ASP H 463 -87.36 -46.49 -47.65
N ALA H 464 -87.27 -47.77 -47.21
CA ALA H 464 -86.12 -48.19 -46.36
C ALA H 464 -84.80 -48.20 -47.14
N ALA H 465 -84.85 -48.79 -48.32
CA ALA H 465 -83.64 -48.86 -49.05
C ALA H 465 -83.17 -47.47 -49.43
N ALA H 466 -84.05 -46.68 -50.01
CA ALA H 466 -83.75 -45.25 -50.27
C ALA H 466 -83.24 -44.55 -49.02
N THR H 467 -83.89 -44.79 -47.87
CA THR H 467 -83.44 -44.07 -46.59
C THR H 467 -82.02 -44.46 -46.21
N VAL H 468 -81.70 -45.74 -46.30
CA VAL H 468 -80.31 -46.27 -46.07
C VAL H 468 -79.25 -45.69 -47.09
N LEU H 469 -79.59 -45.75 -48.42
CA LEU H 469 -78.70 -45.15 -49.39
C LEU H 469 -78.52 -43.66 -49.14
N ALA H 470 -79.60 -42.99 -48.71
CA ALA H 470 -79.48 -41.53 -48.37
C ALA H 470 -78.66 -41.33 -47.11
N ASP H 471 -78.81 -42.22 -46.09
CA ASP H 471 -77.97 -42.16 -44.89
C ASP H 471 -76.47 -42.31 -45.20
N ARG H 472 -76.13 -43.26 -46.09
CA ARG H 472 -74.68 -43.53 -46.45
C ARG H 472 -74.11 -42.50 -47.50
N SER H 473 -74.97 -41.70 -48.14
CA SER H 473 -74.59 -40.96 -49.42
C SER H 473 -73.48 -39.98 -49.25
N TYR H 474 -73.55 -39.10 -48.24
CA TYR H 474 -72.51 -38.12 -48.00
C TYR H 474 -71.15 -38.71 -47.73
N ALA H 475 -71.10 -39.72 -46.90
CA ALA H 475 -69.82 -40.26 -46.54
C ALA H 475 -69.07 -40.92 -47.75
N THR H 476 -69.79 -41.71 -48.53
CA THR H 476 -69.26 -42.28 -49.81
C THR H 476 -68.77 -41.21 -50.79
N SER H 477 -69.62 -40.15 -50.99
CA SER H 477 -69.22 -39.12 -51.94
C SER H 477 -67.95 -38.46 -51.46
N ASP H 478 -67.91 -38.04 -50.19
CA ASP H 478 -66.77 -37.27 -49.70
C ASP H 478 -65.52 -38.09 -49.77
N GLY H 479 -65.61 -39.33 -49.34
CA GLY H 479 -64.43 -40.21 -49.48
C GLY H 479 -64.04 -40.53 -50.91
N ILE H 480 -64.99 -40.51 -51.84
CA ILE H 480 -64.61 -40.79 -53.25
C ILE H 480 -63.87 -39.58 -53.82
N GLU H 481 -64.32 -38.30 -53.42
CA GLU H 481 -63.58 -37.10 -53.79
C GLU H 481 -62.13 -37.07 -53.15
N ILE H 482 -61.96 -37.44 -51.86
CA ILE H 482 -60.65 -37.45 -51.25
C ILE H 482 -59.78 -38.53 -51.92
N SER H 483 -60.37 -39.68 -52.24
CA SER H 483 -59.60 -40.73 -52.87
C SER H 483 -59.28 -40.37 -54.34
N LEU H 484 -60.13 -39.60 -54.96
CA LEU H 484 -59.77 -39.14 -56.27
C LEU H 484 -58.78 -37.98 -56.27
N LYS H 485 -58.53 -37.34 -55.06
CA LYS H 485 -57.66 -36.19 -54.97
C LYS H 485 -56.30 -36.36 -55.64
N PRO H 486 -55.66 -37.57 -55.60
CA PRO H 486 -54.41 -37.71 -56.29
C PRO H 486 -54.63 -37.71 -57.78
N TYR H 487 -55.61 -38.35 -58.23
CA TYR H 487 -55.81 -38.37 -59.69
C TYR H 487 -56.46 -37.13 -60.25
N LYS H 488 -56.94 -36.24 -59.39
CA LYS H 488 -57.48 -34.93 -59.85
C LYS H 488 -56.38 -34.00 -60.37
N PHE H 489 -55.30 -33.87 -59.58
CA PHE H 489 -54.13 -33.11 -60.00
C PHE H 489 -53.40 -33.76 -61.16
N ASP H 490 -53.01 -35.04 -61.05
CA ASP H 490 -52.15 -35.66 -62.03
C ASP H 490 -52.71 -37.00 -62.39
N PRO H 491 -53.65 -37.01 -63.30
CA PRO H 491 -54.21 -38.25 -63.85
C PRO H 491 -53.20 -38.80 -64.92
N ASP H 492 -51.99 -39.07 -64.50
CA ASP H 492 -50.97 -39.51 -65.39
C ASP H 492 -51.44 -40.77 -66.03
N ILE H 493 -51.20 -40.85 -67.30
CA ILE H 493 -51.84 -41.86 -68.14
C ILE H 493 -50.77 -42.82 -68.64
N GLN H 494 -50.88 -44.13 -68.35
CA GLN H 494 -49.96 -45.15 -68.87
C GLN H 494 -50.34 -45.51 -70.30
N PRO H 495 -49.40 -45.90 -71.15
CA PRO H 495 -49.72 -46.19 -72.51
C PRO H 495 -50.76 -47.27 -72.75
N ASN H 496 -50.85 -48.33 -71.89
CA ASN H 496 -51.98 -49.30 -72.06
C ASN H 496 -53.30 -48.66 -71.87
N GLU H 497 -53.37 -47.72 -70.91
CA GLU H 497 -54.59 -46.88 -70.72
C GLU H 497 -54.83 -46.05 -71.94
N TRP H 498 -53.76 -45.44 -72.46
CA TRP H 498 -53.92 -44.64 -73.66
C TRP H 498 -54.47 -45.48 -74.79
N ALA H 499 -53.99 -46.69 -74.95
CA ALA H 499 -54.62 -47.60 -76.01
C ALA H 499 -56.09 -47.92 -75.73
N GLN H 500 -56.40 -48.22 -74.44
CA GLN H 500 -57.80 -48.55 -74.08
C GLN H 500 -58.76 -47.43 -74.40
N GLY H 501 -58.40 -46.25 -73.87
CA GLY H 501 -59.12 -45.01 -74.19
C GLY H 501 -59.09 -44.69 -75.72
N ARG H 502 -58.10 -45.13 -76.42
CA ARG H 502 -58.07 -44.97 -77.84
C ARG H 502 -59.23 -45.80 -78.43
N GLU H 503 -59.21 -47.08 -78.20
CA GLU H 503 -60.27 -47.91 -78.83
C GLU H 503 -61.67 -47.51 -78.40
N HIS H 504 -61.84 -47.06 -77.12
CA HIS H 504 -63.14 -46.70 -76.60
C HIS H 504 -63.68 -45.44 -77.29
N VAL H 505 -62.76 -44.48 -77.57
CA VAL H 505 -63.14 -43.16 -78.14
C VAL H 505 -63.70 -43.27 -79.53
N VAL H 506 -63.24 -44.17 -80.30
CA VAL H 506 -63.76 -44.38 -81.65
C VAL H 506 -65.27 -44.71 -81.62
N GLY H 507 -65.58 -45.78 -80.86
CA GLY H 507 -66.94 -46.35 -80.83
C GLY H 507 -67.93 -45.39 -80.09
N VAL H 508 -67.54 -44.82 -78.91
CA VAL H 508 -68.35 -43.79 -78.29
C VAL H 508 -68.60 -42.61 -79.26
N LEU H 509 -67.56 -42.06 -79.91
CA LEU H 509 -67.81 -40.95 -80.87
C LEU H 509 -68.66 -41.40 -82.00
N GLN H 510 -68.47 -42.61 -82.49
CA GLN H 510 -69.17 -42.99 -83.71
C GLN H 510 -70.66 -43.27 -83.47
N ALA H 511 -71.01 -43.64 -82.24
CA ALA H 511 -72.45 -43.69 -81.87
C ALA H 511 -73.04 -42.35 -81.96
N GLU H 512 -72.35 -41.42 -81.34
CA GLU H 512 -72.69 -40.03 -81.41
C GLU H 512 -72.97 -39.61 -82.84
N LEU H 513 -72.04 -40.02 -83.76
CA LEU H 513 -72.17 -39.73 -85.17
C LEU H 513 -73.42 -40.33 -85.81
N GLU H 514 -73.70 -41.58 -85.42
CA GLU H 514 -74.77 -42.40 -86.13
C GLU H 514 -76.13 -41.78 -85.91
N GLN H 515 -76.45 -41.44 -84.59
CA GLN H 515 -77.67 -40.79 -84.32
C GLN H 515 -77.80 -39.43 -85.11
N CYS H 516 -76.64 -38.72 -85.26
CA CYS H 516 -76.65 -37.49 -85.97
C CYS H 516 -77.03 -37.73 -87.46
N GLN H 517 -76.43 -38.76 -88.14
CA GLN H 517 -76.70 -39.00 -89.55
C GLN H 517 -78.04 -39.58 -89.76
N ALA H 518 -78.55 -40.46 -88.84
CA ALA H 518 -79.87 -40.99 -89.04
C ALA H 518 -80.86 -39.80 -89.00
N ALA H 519 -80.69 -38.85 -88.10
CA ALA H 519 -81.65 -37.72 -88.02
C ALA H 519 -81.56 -36.82 -89.26
N MET H 520 -80.32 -36.61 -89.82
CA MET H 520 -80.14 -35.79 -91.00
C MET H 520 -80.86 -36.35 -92.17
N LYS H 521 -80.68 -37.73 -92.38
CA LYS H 521 -81.38 -38.44 -93.54
C LYS H 521 -82.94 -38.41 -93.40
N ALA H 522 -83.45 -38.61 -92.21
CA ALA H 522 -84.87 -38.41 -91.99
C ALA H 522 -85.35 -37.01 -92.32
N LEU H 523 -84.47 -36.02 -91.99
CA LEU H 523 -84.84 -34.60 -92.29
C LEU H 523 -84.99 -34.43 -93.79
N GLU H 524 -84.08 -35.00 -94.57
CA GLU H 524 -84.19 -34.87 -96.04
C GLU H 524 -85.46 -35.53 -96.56
N ASN H 525 -85.74 -36.73 -96.13
CA ASN H 525 -87.01 -37.41 -96.61
C ASN H 525 -88.32 -36.58 -96.25
N SER H 526 -88.37 -36.06 -94.97
CA SER H 526 -89.58 -35.30 -94.53
C SER H 526 -89.74 -33.96 -95.35
N VAL H 527 -88.66 -33.17 -95.48
CA VAL H 527 -88.78 -31.97 -96.24
C VAL H 527 -89.13 -32.26 -97.72
N GLY H 528 -88.63 -33.36 -98.28
CA GLY H 528 -88.88 -33.67 -99.70
C GLY H 528 -87.68 -34.24 -100.43
N GLY H 529 -87.12 -33.42 -101.38
CA GLY H 529 -85.93 -33.84 -102.11
C GLY H 529 -84.70 -33.59 -101.29
N ARG H 530 -83.71 -34.43 -101.50
CA ARG H 530 -82.41 -34.12 -100.91
C ARG H 530 -81.90 -32.87 -101.49
N LYS H 531 -82.09 -32.74 -102.85
CA LYS H 531 -81.69 -31.49 -103.57
C LYS H 531 -82.47 -30.26 -103.05
N LYS H 532 -83.74 -30.47 -102.63
CA LYS H 532 -84.56 -29.35 -102.13
C LYS H 532 -84.10 -28.87 -100.73
N LEU H 533 -83.77 -29.79 -99.89
CA LEU H 533 -83.11 -29.45 -98.58
C LEU H 533 -81.72 -28.90 -98.79
N LYS H 534 -81.09 -29.35 -99.82
CA LYS H 534 -79.87 -28.74 -100.25
C LYS H 534 -80.08 -27.30 -100.62
N GLU H 535 -81.21 -27.04 -101.25
CA GLU H 535 -81.54 -25.62 -101.70
C GLU H 535 -81.67 -24.65 -100.51
N VAL H 536 -82.41 -25.16 -99.48
CA VAL H 536 -82.68 -24.38 -98.28
C VAL H 536 -81.38 -24.26 -97.45
N MET H 537 -80.53 -25.25 -97.51
CA MET H 537 -79.23 -25.26 -96.81
C MET H 537 -78.25 -24.23 -97.36
N SER H 538 -78.13 -24.12 -98.70
CA SER H 538 -77.43 -23.03 -99.35
C SER H 538 -78.01 -21.67 -99.01
N PHE H 539 -79.33 -21.58 -98.96
CA PHE H 539 -79.88 -20.33 -98.61
C PHE H 539 -79.54 -19.88 -97.15
N VAL H 540 -79.55 -20.79 -96.21
CA VAL H 540 -79.29 -20.38 -94.82
C VAL H 540 -77.79 -20.14 -94.66
N ASP H 541 -77.02 -20.84 -95.45
CA ASP H 541 -75.60 -20.63 -95.41
C ASP H 541 -75.28 -19.24 -95.99
N LYS H 542 -75.95 -18.89 -97.12
CA LYS H 542 -75.76 -17.55 -97.70
C LYS H 542 -76.17 -16.50 -96.71
N ALA H 543 -77.28 -16.71 -95.98
CA ALA H 543 -77.70 -15.69 -95.01
C ALA H 543 -76.76 -15.60 -93.81
N ARG H 544 -76.00 -16.69 -93.56
CA ARG H 544 -75.07 -16.75 -92.47
C ARG H 544 -73.77 -16.04 -92.81
N LYS H 545 -73.42 -15.99 -94.06
CA LYS H 545 -72.25 -15.14 -94.54
C LYS H 545 -72.76 -13.76 -94.93
N GLY H 546 -72.01 -13.05 -95.76
CA GLY H 546 -72.45 -11.71 -96.17
C GLY H 546 -73.37 -11.67 -97.37
N GLU H 547 -73.65 -12.81 -98.02
CA GLU H 547 -74.15 -12.85 -99.37
C GLU H 547 -75.62 -12.39 -99.48
N ILE H 548 -76.42 -12.59 -98.46
CA ILE H 548 -77.82 -12.19 -98.47
C ILE H 548 -78.21 -11.82 -97.04
N ILE H 549 -78.95 -10.72 -96.87
CA ILE H 549 -79.40 -10.24 -95.54
C ILE H 549 -80.95 -10.21 -95.43
N VAL H 550 -81.45 -10.50 -94.29
CA VAL H 550 -82.89 -10.53 -93.97
C VAL H 550 -83.28 -9.61 -92.81
N GLU H 551 -82.39 -9.45 -91.80
CA GLU H 551 -82.67 -8.51 -90.68
C GLU H 551 -83.90 -8.84 -89.92
N GLY H 552 -84.44 -10.05 -89.96
CA GLY H 552 -85.69 -10.35 -89.34
C GLY H 552 -85.47 -11.25 -88.16
N ASP H 553 -86.35 -11.12 -87.16
CA ASP H 553 -86.39 -12.06 -86.02
C ASP H 553 -87.13 -13.37 -86.39
N HIS H 554 -88.25 -13.26 -87.17
CA HIS H 554 -89.05 -14.40 -87.52
C HIS H 554 -89.35 -14.27 -88.98
N PRO H 555 -88.52 -14.84 -89.87
CA PRO H 555 -88.72 -14.59 -91.36
C PRO H 555 -89.84 -15.55 -91.93
N SER H 556 -90.78 -14.99 -92.59
CA SER H 556 -91.86 -15.76 -93.14
C SER H 556 -91.54 -16.29 -94.51
N GLY H 557 -91.41 -15.42 -95.44
CA GLY H 557 -91.11 -15.90 -96.82
C GLY H 557 -90.01 -15.11 -97.49
N ALA H 558 -88.85 -15.71 -97.60
CA ALA H 558 -87.73 -14.96 -98.22
C ALA H 558 -87.13 -15.87 -99.29
N GLY H 559 -87.01 -15.38 -100.50
CA GLY H 559 -86.54 -16.26 -101.57
C GLY H 559 -87.45 -17.39 -101.89
N GLY H 560 -88.62 -17.31 -101.38
CA GLY H 560 -89.67 -18.27 -101.72
C GLY H 560 -89.75 -19.43 -100.80
N PHE H 561 -89.27 -19.31 -99.61
CA PHE H 561 -89.20 -20.39 -98.59
C PHE H 561 -90.11 -19.98 -97.45
N SER H 562 -90.89 -20.95 -96.89
CA SER H 562 -91.87 -20.69 -95.83
C SER H 562 -91.16 -20.61 -94.42
N ALA H 563 -91.94 -20.10 -93.44
CA ALA H 563 -91.46 -19.92 -92.13
C ALA H 563 -90.94 -21.26 -91.63
N ALA H 564 -91.59 -22.42 -92.00
CA ALA H 564 -91.11 -23.69 -91.54
C ALA H 564 -89.96 -24.22 -92.27
N LEU H 565 -89.89 -23.90 -93.55
CA LEU H 565 -88.76 -24.39 -94.41
C LEU H 565 -87.45 -23.79 -93.96
N LEU H 566 -87.47 -22.52 -93.58
CA LEU H 566 -86.27 -21.91 -92.96
C LEU H 566 -85.91 -22.66 -91.70
N ALA H 567 -86.89 -22.94 -90.82
CA ALA H 567 -86.65 -23.77 -89.61
C ALA H 567 -85.95 -25.14 -89.99
N ARG H 568 -86.46 -25.80 -91.01
CA ARG H 568 -85.80 -27.07 -91.40
C ARG H 568 -84.45 -26.93 -92.05
N GLY H 569 -84.21 -25.83 -92.76
CA GLY H 569 -82.83 -25.62 -93.30
C GLY H 569 -81.85 -25.44 -92.22
N ARG H 570 -82.15 -24.53 -91.28
CA ARG H 570 -81.20 -24.24 -90.20
C ARG H 570 -80.79 -25.52 -89.44
N GLU H 571 -81.75 -26.35 -89.07
CA GLU H 571 -81.45 -27.57 -88.42
C GLU H 571 -80.54 -28.40 -89.28
N ALA H 572 -80.77 -28.46 -90.56
CA ALA H 572 -79.96 -29.23 -91.43
C ALA H 572 -78.54 -28.75 -91.44
N VAL H 573 -78.34 -27.42 -91.36
CA VAL H 573 -76.98 -26.87 -91.29
C VAL H 573 -76.23 -27.31 -90.06
N PHE H 574 -76.88 -27.07 -88.92
CA PHE H 574 -76.28 -27.50 -87.66
C PHE H 574 -75.89 -28.95 -87.71
N LEU H 575 -76.81 -29.81 -88.22
CA LEU H 575 -76.52 -31.25 -88.25
C LEU H 575 -75.33 -31.51 -89.20
N ARG H 576 -75.22 -30.80 -90.29
CA ARG H 576 -74.16 -30.98 -91.24
C ARG H 576 -72.83 -30.66 -90.56
N ASP H 577 -72.77 -29.49 -89.93
CA ASP H 577 -71.58 -29.04 -89.27
C ASP H 577 -71.12 -29.96 -88.14
N ARG H 578 -72.06 -30.27 -87.24
CA ARG H 578 -71.80 -31.28 -86.18
C ARG H 578 -71.38 -32.69 -86.74
N ALA H 579 -71.91 -33.15 -87.88
CA ALA H 579 -71.55 -34.42 -88.48
C ALA H 579 -70.17 -34.42 -89.08
N ASP H 580 -69.78 -33.31 -89.73
CA ASP H 580 -68.42 -33.20 -90.27
C ASP H 580 -67.40 -33.18 -89.13
N ILE H 581 -67.67 -32.28 -88.12
CA ILE H 581 -66.84 -32.30 -86.94
C ILE H 581 -66.68 -33.67 -86.32
N LEU H 582 -67.83 -34.38 -86.11
CA LEU H 582 -67.69 -35.71 -85.47
C LEU H 582 -66.81 -36.60 -86.30
N SER H 583 -67.00 -36.58 -87.62
CA SER H 583 -66.27 -37.43 -88.53
C SER H 583 -64.77 -37.09 -88.57
N LEU H 584 -64.46 -35.81 -88.65
CA LEU H 584 -63.08 -35.37 -88.58
C LEU H 584 -62.39 -35.74 -87.24
N ARG H 585 -63.18 -35.62 -86.09
CA ARG H 585 -62.59 -36.04 -84.86
C ARG H 585 -62.45 -37.54 -84.76
N ILE H 586 -63.26 -38.27 -85.48
CA ILE H 586 -63.09 -39.71 -85.53
C ILE H 586 -61.83 -40.02 -86.29
N GLN H 587 -61.72 -39.56 -87.53
CA GLN H 587 -60.53 -39.81 -88.35
C GLN H 587 -59.25 -39.49 -87.59
N ALA H 588 -59.34 -38.47 -86.70
CA ALA H 588 -58.15 -38.09 -85.93
C ALA H 588 -57.92 -39.04 -84.74
N ALA H 589 -59.03 -39.49 -84.07
CA ALA H 589 -58.90 -40.59 -83.03
C ALA H 589 -58.26 -41.85 -83.55
N LYS H 590 -58.53 -42.16 -84.82
CA LYS H 590 -57.93 -43.25 -85.51
C LYS H 590 -56.57 -42.88 -86.14
N SER H 591 -56.24 -41.56 -86.32
CA SER H 591 -54.89 -41.17 -86.96
C SER H 591 -53.72 -41.79 -86.17
N ARG H 592 -52.61 -41.88 -86.84
CA ARG H 592 -51.46 -42.42 -86.08
C ARG H 592 -50.87 -41.39 -85.07
N GLN H 593 -51.09 -40.10 -85.33
CA GLN H 593 -50.65 -39.06 -84.36
C GLN H 593 -51.30 -39.23 -83.01
N CYS H 594 -52.47 -39.86 -82.96
CA CYS H 594 -53.09 -40.12 -81.62
C CYS H 594 -52.71 -41.46 -81.01
N LYS H 595 -51.97 -42.32 -81.77
CA LYS H 595 -51.48 -43.56 -81.20
C LYS H 595 -50.54 -43.31 -79.99
N THR H 596 -49.66 -42.35 -80.15
CA THR H 596 -48.70 -42.12 -79.03
C THR H 596 -49.38 -41.31 -77.93
N LEU H 597 -48.85 -41.40 -76.74
CA LEU H 597 -49.41 -40.63 -75.59
C LEU H 597 -48.84 -39.22 -75.49
N THR H 598 -47.95 -38.74 -76.34
CA THR H 598 -47.36 -37.47 -76.10
C THR H 598 -48.20 -36.29 -76.59
N ASN H 599 -48.98 -36.51 -77.61
CA ASN H 599 -49.77 -35.54 -78.17
C ASN H 599 -51.13 -35.41 -77.47
N LYS H 600 -51.05 -35.33 -76.13
CA LYS H 600 -52.27 -35.21 -75.34
C LYS H 600 -53.07 -33.93 -75.73
N TYR H 601 -52.45 -32.76 -75.72
CA TYR H 601 -53.20 -31.54 -76.17
C TYR H 601 -53.68 -31.62 -77.60
N TYR H 602 -53.17 -32.59 -78.36
CA TYR H 602 -53.64 -32.81 -79.72
C TYR H 602 -54.76 -33.80 -79.89
N CYS H 603 -55.00 -34.71 -78.96
CA CYS H 603 -56.06 -35.66 -79.03
C CYS H 603 -56.85 -35.56 -77.72
N PRO H 604 -57.71 -34.56 -77.58
CA PRO H 604 -58.47 -34.34 -76.30
C PRO H 604 -59.38 -35.49 -76.04
N GLU H 605 -59.85 -36.15 -77.08
CA GLU H 605 -60.81 -37.27 -76.90
C GLU H 605 -60.19 -38.42 -76.15
N VAL H 606 -59.14 -39.05 -76.68
CA VAL H 606 -58.47 -40.21 -76.05
C VAL H 606 -57.99 -39.84 -74.69
N PHE H 607 -57.51 -38.63 -74.50
CA PHE H 607 -57.11 -38.25 -73.16
C PHE H 607 -58.29 -38.28 -72.19
N LEU H 608 -59.36 -37.55 -72.52
CA LEU H 608 -60.50 -37.49 -71.57
C LEU H 608 -61.14 -38.88 -71.36
N ASP H 609 -61.06 -39.77 -72.36
CA ASP H 609 -61.54 -41.15 -72.09
C ASP H 609 -60.69 -41.95 -71.14
N ALA H 610 -59.38 -41.89 -71.26
CA ALA H 610 -58.56 -42.52 -70.33
C ALA H 610 -58.87 -42.04 -68.90
N VAL H 611 -58.76 -40.70 -68.67
CA VAL H 611 -59.05 -40.11 -67.41
C VAL H 611 -60.35 -40.71 -66.90
N ALA H 612 -61.41 -40.70 -67.76
CA ALA H 612 -62.72 -41.18 -67.35
C ALA H 612 -62.66 -42.63 -66.82
N THR H 613 -62.02 -43.49 -67.52
CA THR H 613 -61.95 -44.95 -67.05
C THR H 613 -61.18 -45.08 -65.68
N LYS H 614 -60.02 -44.36 -65.61
CA LYS H 614 -59.18 -44.40 -64.38
C LYS H 614 -60.05 -43.88 -63.18
N LEU H 615 -60.62 -42.70 -63.25
CA LEU H 615 -61.52 -42.11 -62.25
C LEU H 615 -62.58 -43.13 -61.87
N ALA H 616 -63.14 -43.80 -62.87
CA ALA H 616 -64.30 -44.65 -62.68
C ALA H 616 -63.86 -45.82 -61.80
N GLN H 617 -62.66 -46.35 -62.06
CA GLN H 617 -62.21 -47.57 -61.31
C GLN H 617 -61.85 -47.29 -59.86
N THR H 618 -61.05 -46.28 -59.59
CA THR H 618 -60.65 -46.05 -58.21
C THR H 618 -61.82 -45.53 -57.33
N ALA H 619 -62.66 -44.64 -57.89
CA ALA H 619 -63.86 -44.27 -57.22
C ALA H 619 -64.74 -45.49 -57.01
N VAL H 620 -64.71 -46.44 -57.91
CA VAL H 620 -65.48 -47.73 -57.79
C VAL H 620 -65.06 -48.59 -56.64
N LEU H 621 -63.80 -48.70 -56.34
CA LEU H 621 -63.42 -49.52 -55.19
C LEU H 621 -64.06 -48.92 -53.85
N PHE H 622 -63.66 -47.65 -53.53
CA PHE H 622 -64.17 -46.97 -52.32
C PHE H 622 -65.70 -46.97 -52.32
N LEU H 623 -66.32 -46.81 -53.49
CA LEU H 623 -67.79 -46.98 -53.58
C LEU H 623 -68.19 -48.33 -53.04
N ASN H 624 -67.59 -49.43 -53.55
CA ASN H 624 -68.06 -50.81 -53.20
C ASN H 624 -67.89 -51.05 -51.68
N VAL H 625 -66.77 -50.59 -51.06
CA VAL H 625 -66.60 -50.83 -49.63
C VAL H 625 -67.59 -49.96 -48.81
N GLU H 626 -67.46 -48.62 -48.92
CA GLU H 626 -68.21 -47.70 -48.06
C GLU H 626 -69.73 -47.90 -48.24
N MET H 627 -70.16 -48.07 -49.46
CA MET H 627 -71.62 -48.14 -49.69
C MET H 627 -72.22 -49.51 -49.86
N LEU H 628 -71.63 -50.32 -50.80
CA LEU H 628 -72.28 -51.60 -51.17
C LEU H 628 -72.43 -52.50 -49.94
N ASN H 629 -71.33 -52.74 -49.21
CA ASN H 629 -71.42 -53.58 -48.09
C ASN H 629 -72.32 -52.98 -46.98
N ASP H 630 -72.29 -51.64 -46.87
CA ASP H 630 -73.17 -50.92 -45.93
C ASP H 630 -74.66 -51.12 -46.25
N PHE H 631 -75.02 -51.17 -47.54
CA PHE H 631 -76.36 -51.54 -47.87
C PHE H 631 -76.69 -52.98 -47.35
N TYR H 632 -75.80 -53.91 -47.67
CA TYR H 632 -76.07 -55.32 -47.39
C TYR H 632 -76.27 -55.57 -45.91
N VAL H 633 -75.64 -54.83 -45.11
CA VAL H 633 -75.72 -54.97 -43.67
C VAL H 633 -76.89 -54.12 -43.13
N ARG H 634 -77.11 -52.87 -43.65
CA ARG H 634 -78.14 -52.06 -43.01
C ARG H 634 -79.49 -52.43 -43.51
N PHE H 635 -79.57 -52.81 -44.80
CA PHE H 635 -80.88 -53.05 -45.40
C PHE H 635 -81.78 -54.03 -44.59
N PRO H 636 -81.37 -55.25 -44.20
CA PRO H 636 -82.26 -56.14 -43.50
C PRO H 636 -82.80 -55.60 -42.11
N ARG H 637 -81.96 -55.03 -41.32
CA ARG H 637 -82.39 -54.51 -40.08
C ARG H 637 -83.36 -53.36 -40.24
N GLU H 638 -83.15 -52.56 -41.28
CA GLU H 638 -84.03 -51.41 -41.51
C GLU H 638 -85.35 -51.85 -42.06
N VAL H 639 -85.33 -52.81 -42.99
CA VAL H 639 -86.62 -53.37 -43.46
C VAL H 639 -87.40 -53.89 -42.21
N GLU H 640 -86.72 -54.63 -41.30
CA GLU H 640 -87.46 -55.28 -40.25
C GLU H 640 -88.05 -54.29 -39.24
N ALA H 641 -87.24 -53.26 -38.82
CA ALA H 641 -87.69 -52.31 -37.85
C ALA H 641 -88.71 -51.39 -38.41
N LYS H 642 -88.49 -50.89 -39.63
CA LYS H 642 -89.53 -50.07 -40.20
C LYS H 642 -90.84 -50.81 -40.48
N LEU H 643 -90.80 -52.02 -40.99
CA LEU H 643 -92.08 -52.81 -41.15
C LEU H 643 -92.81 -53.13 -39.82
N HIS H 644 -92.07 -53.48 -38.77
CA HIS H 644 -92.69 -53.76 -37.40
C HIS H 644 -93.24 -52.50 -36.78
N GLU H 645 -92.52 -51.35 -36.87
CA GLU H 645 -93.05 -50.07 -36.44
C GLU H 645 -94.37 -49.76 -37.27
N HIS H 646 -94.35 -50.16 -38.55
CA HIS H 646 -95.43 -49.68 -39.51
C HIS H 646 -96.75 -50.41 -39.25
N MET H 647 -96.68 -51.71 -39.08
CA MET H 647 -97.74 -52.46 -38.82
C MET H 647 -98.30 -52.05 -37.48
N HIS H 648 -97.42 -51.95 -36.46
CA HIS H 648 -97.94 -51.94 -35.08
C HIS H 648 -98.34 -50.50 -34.80
N ALA H 649 -97.63 -49.59 -35.40
CA ALA H 649 -97.91 -48.16 -35.22
C ALA H 649 -99.11 -47.67 -36.01
N GLY H 650 -99.17 -48.06 -37.30
CA GLY H 650 -100.19 -47.58 -38.17
C GLY H 650 -101.45 -48.38 -38.27
N GLY H 651 -101.55 -49.54 -37.61
CA GLY H 651 -102.70 -50.36 -37.85
C GLY H 651 -102.68 -51.01 -39.28
N GLY H 652 -101.57 -50.92 -40.00
CA GLY H 652 -101.51 -51.48 -41.34
C GLY H 652 -101.46 -52.95 -41.44
N LEU H 653 -101.33 -53.61 -40.28
CA LEU H 653 -101.29 -55.06 -40.21
C LEU H 653 -102.63 -55.66 -40.59
N GLU H 654 -103.71 -55.08 -40.06
CA GLU H 654 -105.05 -55.50 -40.41
C GLU H 654 -105.37 -55.25 -41.87
N LYS H 655 -105.15 -54.06 -42.39
CA LYS H 655 -105.44 -53.84 -43.80
C LYS H 655 -104.60 -54.80 -44.65
N PHE H 656 -103.32 -55.09 -44.19
CA PHE H 656 -102.44 -56.01 -44.94
C PHE H 656 -103.08 -57.34 -45.10
N ALA H 657 -103.60 -57.92 -43.98
CA ALA H 657 -104.42 -59.16 -44.14
C ALA H 657 -105.65 -58.97 -45.02
N ARG H 658 -106.36 -57.89 -44.82
CA ARG H 658 -107.62 -57.62 -45.59
C ARG H 658 -107.39 -57.46 -46.99
N GLU H 659 -106.17 -57.20 -47.43
CA GLU H 659 -105.95 -56.79 -48.83
C GLU H 659 -106.02 -57.94 -49.82
N ASP H 660 -105.33 -59.06 -49.53
CA ASP H 660 -105.34 -60.17 -50.43
C ASP H 660 -106.69 -60.88 -50.41
N PRO H 661 -107.37 -61.09 -51.57
CA PRO H 661 -108.72 -61.61 -51.53
C PRO H 661 -108.78 -62.96 -50.84
N LYS H 662 -107.78 -63.79 -51.04
CA LYS H 662 -107.85 -65.14 -50.62
C LYS H 662 -107.63 -65.21 -49.11
N VAL H 663 -106.59 -64.53 -48.59
CA VAL H 663 -106.43 -64.59 -47.09
C VAL H 663 -107.48 -63.77 -46.35
N ARG H 664 -108.20 -62.87 -47.08
CA ARG H 664 -109.41 -62.25 -46.49
C ARG H 664 -110.35 -63.35 -46.07
N ARG H 665 -110.67 -64.25 -46.99
CA ARG H 665 -111.64 -65.26 -46.70
C ARG H 665 -111.02 -66.25 -45.75
N HIS H 666 -109.67 -66.33 -45.64
CA HIS H 666 -109.05 -67.33 -44.81
C HIS H 666 -109.26 -66.97 -43.37
N LEU H 667 -108.88 -65.71 -43.05
CA LEU H 667 -108.99 -65.20 -41.72
C LEU H 667 -110.43 -64.90 -41.30
N ASP H 668 -111.29 -64.60 -42.27
CA ASP H 668 -112.73 -64.56 -42.00
C ASP H 668 -113.28 -65.98 -41.64
N LEU H 669 -112.85 -66.99 -42.28
CA LEU H 669 -113.16 -68.33 -41.99
C LEU H 669 -112.65 -68.73 -40.63
N ILE H 670 -111.42 -68.44 -40.27
CA ILE H 670 -110.94 -68.81 -38.88
C ILE H 670 -111.73 -68.07 -37.80
N ARG H 671 -111.98 -66.80 -37.99
CA ARG H 671 -112.85 -66.08 -36.99
C ARG H 671 -114.22 -66.64 -36.95
N ARG H 672 -114.76 -67.06 -38.06
CA ARG H 672 -116.18 -67.59 -38.11
C ARG H 672 -116.26 -68.85 -37.27
N LYS H 673 -115.26 -69.73 -37.50
CA LYS H 673 -115.18 -71.04 -36.76
C LYS H 673 -115.08 -70.81 -35.29
N GLU H 674 -114.10 -69.95 -34.87
CA GLU H 674 -113.91 -69.61 -33.45
C GLU H 674 -115.21 -69.08 -32.81
N LEU H 675 -116.03 -68.28 -33.61
CA LEU H 675 -117.28 -67.73 -33.07
C LEU H 675 -118.29 -68.85 -32.78
N LEU H 676 -118.52 -69.79 -33.71
CA LEU H 676 -119.38 -70.87 -33.45
C LEU H 676 -118.90 -71.68 -32.21
N GLU H 677 -117.64 -72.04 -32.18
CA GLU H 677 -117.16 -72.74 -31.01
C GLU H 677 -117.47 -72.02 -29.67
N THR H 678 -116.94 -70.74 -29.56
CA THR H 678 -117.22 -69.96 -28.30
C THR H 678 -118.75 -69.82 -27.98
N VAL H 679 -119.66 -69.89 -29.01
CA VAL H 679 -121.14 -69.89 -28.80
C VAL H 679 -121.56 -71.15 -28.06
N LEU H 680 -121.15 -72.29 -28.62
CA LEU H 680 -121.49 -73.60 -28.02
C LEU H 680 -121.13 -73.61 -26.56
N GLY H 681 -120.01 -73.07 -26.20
CA GLY H 681 -119.62 -73.08 -24.81
C GLY H 681 -120.46 -72.21 -23.91
N LYS H 682 -120.82 -71.02 -24.49
CA LYS H 682 -121.76 -70.09 -23.80
C LYS H 682 -123.18 -70.73 -23.58
N ILE H 683 -123.60 -71.63 -24.49
CA ILE H 683 -124.82 -72.41 -24.29
C ILE H 683 -124.68 -73.43 -23.10
N GLU H 684 -123.69 -74.26 -23.13
CA GLU H 684 -123.35 -75.18 -22.10
C GLU H 684 -123.29 -74.51 -20.73
N GLU H 685 -122.54 -73.41 -20.67
CA GLU H 685 -122.46 -72.63 -19.47
C GLU H 685 -123.82 -72.20 -19.00
N LEU H 686 -124.71 -71.71 -19.91
CA LEU H 686 -126.09 -71.30 -19.54
C LEU H 686 -126.76 -72.45 -18.87
N HIS H 687 -126.46 -73.70 -19.29
CA HIS H 687 -127.08 -74.89 -18.70
C HIS H 687 -126.63 -75.17 -17.27
N ARG H 688 -125.36 -74.99 -17.07
CA ARG H 688 -124.72 -75.39 -15.73
C ARG H 688 -125.09 -74.38 -14.69
N ILE H 689 -125.21 -73.08 -15.06
CA ILE H 689 -125.62 -72.08 -14.11
C ILE H 689 -127.15 -72.26 -13.70
N SER H 690 -128.08 -72.54 -14.69
CA SER H 690 -129.50 -72.89 -14.42
C SER H 690 -129.75 -74.32 -14.89
N SER H 691 -129.65 -75.26 -13.91
CA SER H 691 -129.80 -76.66 -14.17
C SER H 691 -130.97 -76.98 -15.08
N GLY H 692 -132.18 -76.61 -14.76
CA GLY H 692 -133.32 -76.75 -15.71
C GLY H 692 -133.39 -75.44 -16.51
N ASP I 6 89.27 142.73 4.12
CA ASP I 6 90.58 142.16 3.82
C ASP I 6 90.60 140.64 3.96
N ASP I 7 89.80 140.01 3.14
CA ASP I 7 89.74 138.52 3.02
C ASP I 7 91.14 137.95 2.75
N ASN I 8 91.88 138.58 1.83
CA ASN I 8 93.22 138.02 1.49
C ASN I 8 94.12 138.12 2.68
N MET I 9 93.90 139.12 3.54
CA MET I 9 94.69 139.26 4.70
C MET I 9 94.34 138.20 5.75
N MET I 10 93.04 138.00 6.02
CA MET I 10 92.57 136.85 6.88
C MET I 10 93.20 135.54 6.39
N PHE I 11 93.10 135.26 5.07
CA PHE I 11 93.59 133.99 4.57
C PHE I 11 95.09 133.85 4.68
N ILE I 12 95.89 134.97 4.52
CA ILE I 12 97.36 134.83 4.59
C ILE I 12 97.78 134.64 6.02
N THR I 13 97.10 135.32 6.96
CA THR I 13 97.32 135.03 8.33
C THR I 13 96.97 133.59 8.71
N LYS I 14 95.88 133.10 8.16
CA LYS I 14 95.51 131.68 8.36
C LYS I 14 96.63 130.77 7.87
N LYS I 15 97.08 130.98 6.60
CA LYS I 15 98.07 130.10 5.98
C LYS I 15 99.35 130.04 6.88
N MET I 16 99.74 131.20 7.50
CA MET I 16 100.98 131.35 8.31
C MET I 16 100.83 130.77 9.74
N ILE I 17 99.64 130.80 10.28
CA ILE I 17 99.37 130.03 11.47
C ILE I 17 99.36 128.50 11.21
N GLU I 18 98.80 128.03 10.09
CA GLU I 18 98.86 126.62 9.79
C GLU I 18 100.35 126.16 9.73
N ILE I 19 101.12 126.86 8.97
CA ILE I 19 102.51 126.46 8.81
C ILE I 19 103.24 126.51 10.14
N ARG I 20 102.81 127.41 11.00
CA ARG I 20 103.36 127.39 12.36
C ARG I 20 103.00 126.06 13.07
N ASN I 21 101.73 125.66 13.10
CA ASN I 21 101.34 124.37 13.73
C ASN I 21 102.13 123.18 13.04
N LEU I 22 102.39 123.23 11.77
CA LEU I 22 103.25 122.23 11.17
C LEU I 22 104.66 122.23 11.73
N LEU I 23 105.30 123.41 11.76
CA LEU I 23 106.68 123.37 12.28
C LEU I 23 106.67 122.96 13.77
N GLN I 24 105.55 123.22 14.52
CA GLN I 24 105.45 122.78 15.88
C GLN I 24 105.29 121.27 16.02
N LYS I 25 104.79 120.63 14.92
CA LYS I 25 104.57 119.20 14.95
C LYS I 25 105.72 118.42 14.39
N VAL I 26 106.67 119.14 13.77
CA VAL I 26 107.96 118.49 13.47
C VAL I 26 108.78 118.26 14.72
N GLY I 27 108.50 119.08 15.86
CA GLY I 27 109.20 118.88 17.09
C GLY I 27 109.73 120.14 17.73
N GLN I 28 109.84 120.16 19.04
CA GLN I 28 110.28 121.34 19.78
C GLN I 28 111.82 121.33 19.83
N GLY I 29 112.45 122.50 19.54
CA GLY I 29 113.84 122.54 19.35
C GLY I 29 114.34 121.81 18.16
N SER I 30 113.51 121.12 17.43
CA SER I 30 114.05 120.39 16.30
C SER I 30 113.86 121.18 14.95
N THR I 31 113.48 122.48 15.08
CA THR I 31 113.28 123.32 13.94
C THR I 31 113.10 124.71 14.45
N VAL I 32 113.08 125.70 13.54
CA VAL I 32 112.73 127.11 13.91
C VAL I 32 111.22 127.32 13.77
N THR I 33 110.62 128.21 14.59
CA THR I 33 109.18 128.40 14.57
C THR I 33 108.93 129.89 14.32
N LEU I 34 107.65 130.27 14.33
CA LEU I 34 107.20 131.63 14.06
C LEU I 34 106.73 132.29 15.31
N PRO I 35 106.73 133.64 15.39
CA PRO I 35 106.21 134.35 16.58
C PRO I 35 104.66 134.16 16.74
N SER I 36 104.18 134.70 17.90
CA SER I 36 102.74 134.57 18.25
C SER I 36 102.54 135.47 19.45
N ILE I 37 101.32 135.60 19.85
CA ILE I 37 100.94 136.45 20.97
C ILE I 37 101.13 135.69 22.27
N VAL I 38 101.85 136.30 23.22
CA VAL I 38 101.92 135.81 24.58
C VAL I 38 101.23 136.78 25.53
N VAL I 39 100.39 136.25 26.49
CA VAL I 39 99.61 137.12 27.41
C VAL I 39 100.15 136.92 28.79
N ILE I 40 100.18 138.02 29.53
CA ILE I 40 100.68 137.98 30.89
C ILE I 40 99.82 138.94 31.72
N GLY I 41 99.59 138.64 32.98
CA GLY I 41 98.86 139.56 33.84
C GLY I 41 98.91 139.22 35.33
N SER I 42 98.92 140.25 36.19
CA SER I 42 98.96 140.17 37.61
C SER I 42 97.71 139.51 38.18
N GLN I 43 97.62 139.28 39.52
CA GLN I 43 96.55 138.53 40.10
C GLN I 43 95.24 139.05 39.66
N SER I 44 94.97 140.29 40.07
CA SER I 44 93.70 140.94 39.65
C SER I 44 93.68 141.20 38.18
N SER I 45 94.85 141.53 37.62
CA SER I 45 95.03 141.72 36.16
C SER I 45 94.92 140.42 35.37
N GLY I 46 95.17 139.29 36.04
CA GLY I 46 95.23 138.00 35.37
C GLY I 46 93.90 137.26 35.42
N LYS I 47 93.15 137.45 36.47
CA LYS I 47 91.73 137.08 36.49
C LYS I 47 90.99 137.88 35.44
N SER I 48 91.28 139.19 35.33
CA SER I 48 90.76 139.90 34.19
C SER I 48 91.48 139.58 32.91
N SER I 49 92.68 138.92 32.96
CA SER I 49 93.27 138.45 31.72
C SER I 49 92.48 137.28 31.16
N VAL I 50 92.34 136.22 31.89
CA VAL I 50 91.71 135.07 31.31
C VAL I 50 90.23 135.42 31.00
N LEU I 51 89.56 136.33 31.76
CA LEU I 51 88.25 136.73 31.36
C LEU I 51 88.31 137.48 30.06
N GLU I 52 89.33 138.30 29.91
CA GLU I 52 89.52 138.95 28.65
C GLU I 52 89.60 137.93 27.54
N ALA I 53 90.49 136.97 27.67
CA ALA I 53 90.71 135.94 26.60
C ALA I 53 89.45 135.19 26.35
N ILE I 54 88.64 134.98 27.41
CA ILE I 54 87.22 134.55 27.28
C ILE I 54 86.43 135.45 26.24
N VAL I 55 86.17 136.70 26.55
CA VAL I 55 85.32 137.43 25.69
C VAL I 55 85.90 137.75 24.33
N GLY I 56 87.20 137.53 24.11
CA GLY I 56 87.74 137.78 22.86
C GLY I 56 87.33 136.81 21.79
N HIS I 57 86.61 135.74 22.13
CA HIS I 57 86.06 134.81 21.18
C HIS I 57 84.71 134.47 21.65
N GLU I 58 84.66 133.66 22.75
CA GLU I 58 83.43 133.09 23.34
C GLU I 58 83.77 132.53 24.70
N PHE I 59 82.72 132.30 25.53
CA PHE I 59 82.89 131.69 26.83
C PHE I 59 83.59 130.32 26.68
N LEU I 60 84.80 130.23 27.26
CA LEU I 60 85.55 129.00 27.45
C LEU I 60 86.07 128.97 28.87
N PRO I 61 86.38 127.78 29.36
CA PRO I 61 86.68 127.60 30.84
C PRO I 61 87.99 128.23 31.23
N LYS I 62 87.96 129.24 32.13
CA LYS I 62 89.17 129.84 32.62
C LYS I 62 89.16 129.96 34.09
N GLY I 63 90.27 130.42 34.59
CA GLY I 63 90.33 130.89 35.94
C GLY I 63 90.01 129.83 37.01
N SER I 64 89.20 130.20 37.99
CA SER I 64 88.83 129.37 39.12
C SER I 64 90.07 129.16 40.01
N ASN I 65 90.51 127.92 40.26
CA ASN I 65 91.74 127.59 40.96
C ASN I 65 92.61 126.93 39.99
N MET I 66 93.51 127.66 39.46
CA MET I 66 94.30 127.18 38.31
C MET I 66 95.74 127.10 38.67
N ILE I 67 96.32 125.92 38.50
CA ILE I 67 97.69 125.64 38.83
C ILE I 67 98.57 126.47 37.93
N THR I 68 98.01 126.84 36.78
CA THR I 68 98.55 127.77 35.82
C THR I 68 99.87 127.28 35.25
N ARG I 69 100.30 126.02 35.67
CA ARG I 69 101.68 125.58 35.46
C ARG I 69 102.02 125.27 33.98
N ARG I 70 101.00 125.14 33.13
CA ARG I 70 101.17 124.74 31.80
C ARG I 70 100.55 125.80 30.84
N PRO I 71 101.27 126.25 29.85
CA PRO I 71 100.70 127.20 28.88
C PRO I 71 99.68 126.47 28.02
N ILE I 72 98.89 127.31 27.35
CA ILE I 72 97.79 126.90 26.50
C ILE I 72 97.98 127.62 25.17
N GLU I 73 98.42 126.86 24.14
CA GLU I 73 98.59 127.34 22.79
C GLU I 73 97.19 127.32 22.09
N LEU I 74 96.54 128.46 22.06
CA LEU I 74 95.28 128.60 21.40
C LEU I 74 95.60 129.01 19.95
N THR I 75 95.17 128.16 19.06
CA THR I 75 95.26 128.47 17.62
C THR I 75 93.82 128.63 17.11
N LEU I 76 93.49 129.79 16.55
CA LEU I 76 92.08 130.01 16.09
C LEU I 76 91.97 129.96 14.51
N VAL I 77 90.77 129.57 14.04
CA VAL I 77 90.47 129.43 12.62
C VAL I 77 89.25 130.28 12.29
N ASN I 78 89.35 131.11 11.28
CA ASN I 78 88.17 131.67 10.65
C ASN I 78 87.30 130.53 10.12
N ASP I 79 86.04 130.62 10.50
CA ASP I 79 85.11 129.47 10.42
C ASP I 79 83.85 129.76 9.63
N PRO I 80 84.00 130.04 8.33
CA PRO I 80 82.82 130.08 7.52
C PRO I 80 82.43 128.66 7.17
N GLU I 81 81.21 128.54 6.74
CA GLU I 81 80.55 127.28 6.33
C GLU I 81 80.19 126.31 7.53
N ALA I 82 80.67 126.56 8.72
CA ALA I 82 80.22 125.81 9.88
C ALA I 82 79.38 126.66 10.82
N LYS I 83 78.15 126.15 11.17
CA LYS I 83 77.17 126.89 12.03
C LYS I 83 77.23 126.41 13.49
N VAL I 84 78.12 125.49 13.84
CA VAL I 84 78.30 124.97 15.20
C VAL I 84 79.59 125.56 15.78
N ASP I 85 79.49 126.14 17.04
CA ASP I 85 80.75 126.47 17.79
C ASP I 85 81.41 125.21 18.42
N TYR I 86 82.50 124.76 17.86
CA TYR I 86 83.13 123.56 18.34
C TYR I 86 84.59 123.79 18.51
N GLY I 87 85.15 123.35 19.64
CA GLY I 87 86.55 123.28 19.83
C GLY I 87 87.03 121.89 19.91
N GLU I 88 88.24 121.65 19.39
CA GLU I 88 88.84 120.33 19.35
C GLU I 88 90.31 120.41 19.98
N PHE I 89 90.77 119.25 20.47
CA PHE I 89 92.18 119.01 20.91
C PHE I 89 92.97 118.24 19.88
N PRO I 90 94.19 118.67 19.51
CA PRO I 90 94.98 117.86 18.57
C PRO I 90 95.51 116.58 19.15
N ASP I 91 95.92 116.55 20.42
CA ASP I 91 96.43 115.29 20.98
C ASP I 91 95.26 114.25 20.95
N LEU I 92 94.08 114.68 21.22
CA LEU I 92 92.85 113.82 21.07
C LEU I 92 92.26 113.99 19.66
N GLY I 93 93.11 113.57 18.70
CA GLY I 93 92.79 113.90 17.29
C GLY I 93 91.39 113.48 16.87
N LEU I 94 90.82 114.20 15.91
CA LEU I 94 89.48 113.95 15.33
C LEU I 94 88.37 114.01 16.42
N ALA I 95 88.68 114.43 17.64
CA ALA I 95 87.72 114.60 18.69
C ALA I 95 87.18 116.01 18.67
N ARG I 96 85.87 116.17 18.55
CA ARG I 96 85.27 117.50 18.65
C ARG I 96 84.38 117.59 19.95
N VAL I 97 84.32 118.84 20.48
CA VAL I 97 83.52 119.15 21.69
C VAL I 97 82.60 120.25 21.37
N THR I 98 81.29 120.05 21.67
CA THR I 98 80.30 121.04 21.28
C THR I 98 80.07 122.07 22.37
N ASP I 99 79.79 121.59 23.64
CA ASP I 99 79.54 122.45 24.80
C ASP I 99 80.78 122.65 25.55
N PHE I 100 81.14 123.90 25.82
CA PHE I 100 82.45 124.19 26.46
C PHE I 100 82.49 123.89 27.96
N SER I 101 81.43 123.27 28.51
CA SER I 101 81.48 122.69 29.86
C SER I 101 82.27 121.39 29.82
N LEU I 102 82.07 120.55 28.80
CA LEU I 102 82.95 119.35 28.62
C LEU I 102 84.44 119.73 28.52
N ILE I 103 84.69 120.73 27.67
CA ILE I 103 86.02 121.34 27.62
C ILE I 103 86.46 121.81 29.02
N GLN I 104 85.50 122.34 29.86
CA GLN I 104 85.88 122.77 31.21
C GLN I 104 86.45 121.61 32.03
N LYS I 105 85.63 120.54 32.20
CA LYS I 105 86.09 119.34 32.94
C LYS I 105 87.42 118.79 32.35
N THR I 106 87.57 118.88 31.00
CA THR I 106 88.73 118.30 30.40
C THR I 106 89.98 119.07 30.76
N LEU I 107 90.07 120.32 30.33
CA LEU I 107 91.29 121.06 30.47
C LEU I 107 91.54 121.42 31.90
N THR I 108 90.46 121.54 32.72
CA THR I 108 90.70 121.71 34.17
C THR I 108 91.03 120.38 34.85
N GLU I 109 90.76 119.23 34.22
CA GLU I 109 91.46 117.98 34.60
C GLU I 109 92.93 117.97 34.22
N LEU I 110 93.22 118.53 33.05
CA LEU I 110 94.61 118.73 32.65
C LEU I 110 95.33 119.65 33.67
N ASN I 111 94.61 120.70 34.14
CA ASN I 111 95.15 121.54 35.18
C ASN I 111 95.50 120.75 36.48
N GLN I 112 94.53 120.06 37.05
CA GLN I 112 94.77 119.25 38.27
C GLN I 112 95.79 118.16 38.07
N SER I 113 95.96 117.71 36.84
CA SER I 113 97.00 116.69 36.56
C SER I 113 98.38 117.26 36.51
N VAL I 114 98.56 118.44 35.91
CA VAL I 114 99.87 119.10 35.77
C VAL I 114 100.87 118.20 35.11
N THR I 121 106.57 118.51 33.37
CA THR I 121 106.72 118.29 31.92
C THR I 121 106.79 119.64 31.16
N ASP I 122 106.04 120.65 31.66
CA ASP I 122 106.00 122.02 31.25
C ASP I 122 105.44 122.18 29.80
N ASP I 123 105.00 121.01 29.19
CA ASP I 123 104.54 121.02 27.88
C ASP I 123 103.24 121.80 27.81
N PRO I 124 103.09 122.61 26.80
CA PRO I 124 101.82 123.43 26.64
C PRO I 124 100.74 122.67 25.81
N ILE I 125 99.51 122.63 26.39
CA ILE I 125 98.38 122.04 25.73
C ILE I 125 97.98 122.92 24.54
N ARG I 126 97.96 122.31 23.37
CA ARG I 126 97.53 122.98 22.16
C ARG I 126 96.03 122.89 22.07
N LEU I 127 95.40 123.93 21.49
CA LEU I 127 93.93 123.98 21.32
C LEU I 127 93.59 124.60 19.95
N THR I 128 92.42 124.25 19.47
CA THR I 128 91.84 124.79 18.25
C THR I 128 90.37 124.94 18.43
N ILE I 129 89.83 126.09 17.99
CA ILE I 129 88.45 126.39 18.16
C ILE I 129 87.98 127.00 16.92
N HIS I 130 86.82 126.63 16.42
CA HIS I 130 86.29 127.14 15.15
C HIS I 130 84.96 127.88 15.42
N SER I 131 84.89 129.19 15.00
CA SER I 131 83.68 129.96 15.21
C SER I 131 83.60 131.05 14.09
N PRO I 132 82.45 131.21 13.41
CA PRO I 132 82.35 132.22 12.39
C PRO I 132 82.55 133.70 12.94
N ASN I 133 82.27 133.90 14.23
CA ASN I 133 82.43 135.24 14.82
C ASN I 133 83.84 135.53 15.05
N ILE I 134 84.72 134.48 15.32
CA ILE I 134 86.06 134.72 15.78
C ILE I 134 87.00 134.81 14.58
N PRO I 135 87.92 135.78 14.56
CA PRO I 135 88.95 135.83 13.54
C PRO I 135 90.15 134.97 13.96
N ASP I 136 90.68 134.24 12.98
CA ASP I 136 91.79 133.32 13.24
C ASP I 136 92.95 134.02 13.90
N LEU I 137 93.63 133.35 14.90
CA LEU I 137 94.67 133.96 15.63
C LEU I 137 95.73 132.97 16.00
N SER I 138 96.56 133.33 17.05
CA SER I 138 97.60 132.39 17.59
C SER I 138 98.12 132.87 18.94
N LEU I 139 97.24 132.88 19.94
CA LEU I 139 97.68 133.35 21.26
C LEU I 139 98.01 132.14 22.17
N ILE I 140 98.98 132.36 23.06
CA ILE I 140 99.43 131.33 24.07
C ILE I 140 99.29 131.99 25.49
N ASP I 141 98.63 131.27 26.40
CA ASP I 141 98.27 131.83 27.71
C ASP I 141 99.08 131.14 28.80
N LEU I 142 100.12 131.81 29.23
CA LEU I 142 100.93 131.26 30.30
C LEU I 142 100.49 131.83 31.69
N PRO I 143 101.02 131.26 32.78
CA PRO I 143 100.52 131.66 34.14
C PRO I 143 100.65 133.16 34.40
N GLY I 144 99.61 133.67 35.04
CA GLY I 144 99.67 135.04 35.52
C GLY I 144 100.53 135.19 36.80
N TYR I 145 101.16 136.36 36.96
CA TYR I 145 102.06 136.58 38.13
C TYR I 145 101.18 136.69 39.36
N ILE I 146 101.70 136.18 40.41
CA ILE I 146 100.97 136.10 41.62
C ILE I 146 101.63 136.83 42.75
N LEU I 157 107.65 128.46 44.52
CA LEU I 157 106.67 128.22 43.44
C LEU I 157 106.65 129.38 42.50
N LYS I 158 106.41 130.56 43.04
CA LYS I 158 106.24 131.72 42.15
C LYS I 158 107.52 132.07 41.46
N ARG I 159 108.65 131.65 41.99
CA ARG I 159 109.94 131.82 41.29
C ARG I 159 109.94 131.11 39.95
N LYS I 160 109.35 129.94 39.89
CA LYS I 160 109.41 129.17 38.63
C LYS I 160 108.46 129.72 37.61
N ILE I 161 107.30 130.05 38.05
CA ILE I 161 106.36 130.67 37.10
C ILE I 161 106.92 131.82 36.34
N THR I 162 107.52 132.85 37.07
CA THR I 162 108.07 134.00 36.40
C THR I 162 109.21 133.62 35.56
N GLU I 163 109.84 132.52 35.91
CA GLU I 163 110.98 132.03 35.12
C GLU I 163 110.49 131.63 33.77
N LEU I 164 109.50 130.80 33.68
CA LEU I 164 108.96 130.41 32.38
C LEU I 164 108.36 131.61 31.65
N CYS I 165 107.67 132.49 32.39
CA CYS I 165 107.15 133.65 31.73
C CYS I 165 108.22 134.43 31.06
N ASP I 166 109.19 134.90 31.80
CA ASP I 166 110.37 135.60 31.23
C ASP I 166 110.86 134.82 29.96
N LYS I 167 111.02 133.47 30.15
CA LYS I 167 111.52 132.65 29.03
C LYS I 167 110.75 132.85 27.78
N TYR I 168 109.43 132.95 27.95
CA TYR I 168 108.49 133.06 26.81
C TYR I 168 108.38 134.48 26.25
N ILE I 169 108.59 135.52 27.13
CA ILE I 169 108.48 136.87 26.66
C ILE I 169 109.81 137.34 26.02
N ARG I 170 110.99 136.71 26.31
CA ARG I 170 112.27 137.23 25.76
C ARG I 170 112.33 137.16 24.25
N GLY I 171 111.93 136.00 23.69
CA GLY I 171 111.91 135.84 22.30
C GLY I 171 110.97 136.86 21.65
N PRO I 172 111.24 137.17 20.39
CA PRO I 172 110.51 138.23 19.66
C PRO I 172 109.09 137.81 19.34
N ASN I 173 108.31 137.46 20.36
CA ASN I 173 106.84 137.29 20.25
C ASN I 173 106.15 138.63 20.55
N ILE I 174 105.07 138.79 19.85
CA ILE I 174 104.22 139.96 20.06
C ILE I 174 103.48 139.76 21.41
N ILE I 175 103.94 140.52 22.48
CA ILE I 175 103.43 140.24 23.87
C ILE I 175 102.13 141.06 24.03
N LEU I 176 101.19 140.46 24.79
CA LEU I 176 99.94 141.10 25.12
C LEU I 176 99.82 141.26 26.61
N ALA I 177 99.87 142.49 27.07
CA ALA I 177 99.81 142.74 28.49
C ALA I 177 98.47 143.30 28.83
N ILE I 178 98.00 142.90 30.00
CA ILE I 178 96.71 143.39 30.55
C ILE I 178 96.86 143.98 31.91
N SER I 179 95.98 144.90 32.20
CA SER I 179 96.09 145.64 33.48
C SER I 179 94.77 146.10 33.97
N ALA I 180 94.42 145.68 35.20
CA ALA I 180 93.14 146.01 35.76
C ALA I 180 93.07 147.45 36.25
N ALA I 181 92.05 148.15 35.96
CA ALA I 181 92.04 149.60 36.15
C ALA I 181 92.24 149.98 37.60
N ASP I 182 91.83 149.13 38.56
CA ASP I 182 91.96 149.43 39.98
C ASP I 182 93.41 149.75 40.39
N THR I 183 94.31 148.86 39.91
CA THR I 183 95.71 148.95 40.31
C THR I 183 96.40 150.14 39.60
N ASP I 184 97.33 150.87 40.29
CA ASP I 184 98.23 151.81 39.64
C ASP I 184 98.93 151.20 38.44
N LEU I 185 99.36 152.00 37.44
CA LEU I 185 99.94 151.40 36.22
C LEU I 185 101.37 150.80 36.45
N ALA I 186 102.23 151.54 37.16
CA ALA I 186 103.52 150.93 37.55
C ALA I 186 103.29 149.83 38.62
N ASN I 187 102.09 149.73 39.20
CA ASN I 187 101.75 148.77 40.23
C ASN I 187 101.40 147.36 39.73
N SER I 188 101.23 147.27 38.43
CA SER I 188 100.95 146.02 37.82
C SER I 188 102.27 145.32 37.29
N THR I 189 102.45 144.00 37.59
CA THR I 189 103.62 143.36 37.04
C THR I 189 103.52 143.14 35.53
N ALA I 190 102.31 142.97 34.97
CA ALA I 190 102.23 142.63 33.62
C ALA I 190 102.94 143.68 32.67
N LEU I 191 102.56 144.96 32.80
CA LEU I 191 103.17 146.05 32.10
C LEU I 191 104.61 146.24 32.52
N GLN I 192 104.88 146.06 33.86
CA GLN I 192 106.21 146.19 34.30
C GLN I 192 107.22 145.25 33.64
N ALA I 193 106.89 143.95 33.58
CA ALA I 193 107.80 143.01 32.88
C ALA I 193 107.80 143.14 31.39
N SER I 194 106.66 143.52 30.89
CA SER I 194 106.55 143.90 29.51
C SER I 194 107.61 144.91 29.09
N ARG I 195 107.77 145.98 29.92
CA ARG I 195 108.87 146.95 29.66
C ARG I 195 110.16 146.40 30.10
N ARG I 196 110.16 145.31 30.83
CA ARG I 196 111.41 144.65 31.23
C ARG I 196 112.13 144.02 30.09
N VAL I 197 111.48 143.14 29.46
CA VAL I 197 112.08 142.52 28.27
C VAL I 197 111.96 143.37 27.00
N ASP I 198 111.00 144.35 26.94
CA ASP I 198 110.75 145.15 25.76
C ASP I 198 110.88 146.55 26.20
N PRO I 199 112.08 147.09 26.20
CA PRO I 199 112.26 148.50 26.67
C PRO I 199 111.62 149.49 25.71
N ARG I 200 111.69 149.18 24.46
CA ARG I 200 111.14 150.03 23.40
C ARG I 200 109.65 150.08 23.45
N GLY I 201 109.01 149.08 24.02
CA GLY I 201 107.54 148.98 23.80
C GLY I 201 107.09 148.97 22.40
N GLU I 202 107.94 148.50 21.48
CA GLU I 202 107.55 148.38 20.08
C GLU I 202 106.76 147.10 19.78
N ARG I 203 107.09 145.99 20.54
CA ARG I 203 106.54 144.71 20.25
C ARG I 203 105.53 144.28 21.28
N THR I 204 104.94 145.28 22.04
CA THR I 204 103.96 144.94 23.09
C THR I 204 102.82 145.93 23.05
N ILE I 205 101.61 145.35 23.12
CA ILE I 205 100.39 146.15 23.16
C ILE I 205 99.80 145.93 24.53
N GLY I 206 99.10 146.93 25.01
CA GLY I 206 98.50 146.89 26.32
C GLY I 206 96.98 146.94 26.25
N VAL I 207 96.36 146.26 27.22
CA VAL I 207 94.95 146.27 27.36
C VAL I 207 94.59 146.59 28.82
N ILE I 208 93.60 147.46 28.98
CA ILE I 208 93.15 147.92 30.30
C ILE I 208 91.74 147.35 30.50
N THR I 209 91.57 146.46 31.49
CA THR I 209 90.38 145.69 31.73
C THR I 209 89.66 146.21 32.93
N LYS I 210 88.45 145.68 33.20
CA LYS I 210 87.68 146.08 34.36
C LYS I 210 87.53 147.61 34.33
N MET I 211 87.25 148.09 33.15
CA MET I 211 87.26 149.52 32.91
C MET I 211 85.85 150.08 33.01
N ASP I 212 84.86 149.20 33.40
CA ASP I 212 83.51 149.72 33.68
C ASP I 212 83.46 150.57 34.95
N LEU I 213 84.28 150.23 35.97
CA LEU I 213 84.15 150.83 37.28
C LEU I 213 85.21 151.92 37.45
N VAL I 214 85.49 152.68 36.41
CA VAL I 214 86.25 153.90 36.49
C VAL I 214 85.49 154.96 35.79
N GLU I 215 85.79 156.12 36.19
CA GLU I 215 85.27 157.31 35.54
C GLU I 215 85.91 157.44 34.17
N PRO I 216 85.22 158.03 33.23
CA PRO I 216 85.79 158.25 31.91
C PRO I 216 86.97 159.24 31.92
N GLU I 217 87.02 160.22 32.89
CA GLU I 217 88.28 160.91 33.10
C GLU I 217 89.43 159.94 33.41
N LYS I 218 89.18 158.94 34.28
CA LYS I 218 90.20 157.86 34.40
C LYS I 218 90.44 157.20 33.12
N GLY I 219 89.39 157.00 32.35
CA GLY I 219 89.53 156.21 31.15
C GLY I 219 90.52 156.86 30.24
N ALA I 220 90.38 158.19 30.08
CA ALA I 220 91.41 158.97 29.35
C ALA I 220 92.84 158.92 29.94
N ALA I 221 92.95 158.89 31.24
CA ALA I 221 94.21 158.97 31.90
C ALA I 221 94.94 157.66 31.75
N ILE I 222 94.22 156.53 31.89
CA ILE I 222 94.86 155.24 31.76
C ILE I 222 95.09 154.84 30.32
N LEU I 223 94.04 154.89 29.53
CA LEU I 223 94.07 154.45 28.13
C LEU I 223 95.01 155.29 27.31
N SER I 224 94.95 156.57 27.50
CA SER I 224 95.86 157.49 26.84
C SER I 224 96.89 157.91 27.87
N ASP I 225 98.00 157.26 27.89
CA ASP I 225 99.09 157.63 28.79
C ASP I 225 100.31 158.06 27.97
N ARG I 226 101.05 159.01 28.52
CA ARG I 226 102.32 159.36 27.96
C ARG I 226 103.46 158.94 28.86
N GLN I 227 103.19 158.69 30.14
CA GLN I 227 104.28 158.25 31.12
C GLN I 227 104.98 157.04 30.55
N TYR I 228 104.22 156.02 30.19
CA TYR I 228 104.75 154.77 29.65
C TYR I 228 104.21 154.54 28.27
N PRO I 229 104.64 155.34 27.26
CA PRO I 229 104.08 155.21 25.92
C PRO I 229 104.71 154.03 25.17
N LEU I 230 103.91 153.58 24.21
CA LEU I 230 104.34 152.45 23.34
C LEU I 230 103.58 152.48 22.05
N LYS I 231 104.27 151.95 20.97
CA LYS I 231 103.59 151.86 19.72
C LYS I 231 102.42 150.88 19.82
N LEU I 232 101.57 150.77 18.83
CA LEU I 232 100.49 149.84 18.80
C LEU I 232 99.41 150.24 19.77
N GLY I 233 99.79 151.13 20.68
CA GLY I 233 98.87 151.72 21.69
C GLY I 233 98.30 150.70 22.68
N TYR I 234 97.49 151.25 23.62
CA TYR I 234 96.70 150.43 24.57
C TYR I 234 95.27 150.39 24.05
N VAL I 235 94.52 149.42 24.55
CA VAL I 235 93.15 149.18 24.16
C VAL I 235 92.39 148.81 25.42
N GLY I 236 91.49 149.67 25.84
CA GLY I 236 90.69 149.45 27.03
C GLY I 236 89.37 148.73 26.65
N VAL I 237 88.99 147.74 27.46
CA VAL I 237 87.77 146.98 27.24
C VAL I 237 87.23 146.59 28.64
N ILE I 238 85.92 146.48 28.73
CA ILE I 238 85.23 145.84 29.93
C ILE I 238 84.70 144.47 29.50
N SER I 239 85.37 143.41 29.93
CA SER I 239 85.09 142.10 29.56
C SER I 239 84.27 141.48 30.71
N LYS I 240 83.19 140.73 30.38
CA LYS I 240 82.39 139.96 31.34
C LYS I 240 81.17 139.32 30.63
N GLY I 253 72.88 130.93 25.99
CA GLY I 253 73.69 131.29 24.82
C GLY I 253 73.64 132.79 24.48
N ASN I 254 74.25 133.16 23.39
CA ASN I 254 74.35 134.50 22.90
C ASN I 254 75.23 135.41 23.83
N LEU I 255 76.40 134.84 24.33
CA LEU I 255 77.22 135.56 25.20
C LEU I 255 78.25 136.48 24.44
N LEU I 256 78.81 136.00 23.25
CA LEU I 256 79.66 136.91 22.42
C LEU I 256 78.84 138.12 22.00
N ALA I 257 77.69 137.90 21.35
CA ALA I 257 76.81 139.01 20.91
C ALA I 257 76.41 139.90 22.09
N SER I 258 76.12 139.33 23.21
CA SER I 258 75.83 140.12 24.37
C SER I 258 76.91 141.08 24.70
N ILE I 259 78.12 140.57 25.05
CA ILE I 259 79.19 141.38 25.37
C ILE I 259 79.52 142.43 24.28
N ASN I 260 79.38 142.03 23.05
CA ASN I 260 79.32 143.04 21.98
C ASN I 260 78.35 144.16 22.23
N ARG I 261 77.07 143.88 22.37
CA ARG I 261 76.10 144.95 22.56
C ARG I 261 76.34 145.75 23.83
N ASN I 262 76.87 145.09 24.95
CA ASN I 262 77.23 145.79 26.15
C ASN I 262 78.40 146.70 25.89
N GLU I 263 79.44 146.26 25.14
CA GLU I 263 80.54 147.16 24.72
C GLU I 263 79.95 148.38 23.99
N LYS I 264 79.01 148.12 23.05
CA LYS I 264 78.62 149.19 22.14
C LYS I 264 77.81 150.24 22.94
N ASN I 265 76.92 149.80 23.81
CA ASN I 265 76.03 150.77 24.45
C ASN I 265 76.59 151.34 25.70
N TYR I 266 77.61 150.70 26.28
CA TYR I 266 78.25 151.34 27.41
C TYR I 266 78.83 152.71 27.06
N PHE I 267 79.36 152.78 25.85
CA PHE I 267 80.02 153.99 25.36
C PHE I 267 79.10 155.16 25.05
N GLY I 268 77.77 154.86 24.80
CA GLY I 268 76.83 155.93 24.81
C GLY I 268 76.80 156.72 26.12
N SER I 269 77.08 156.14 27.29
CA SER I 269 77.05 156.90 28.55
C SER I 269 78.10 158.00 28.60
N HIS I 270 79.27 157.80 27.94
CA HIS I 270 80.33 158.79 27.83
C HIS I 270 80.89 158.68 26.45
N PRO I 271 80.17 159.22 25.47
CA PRO I 271 80.65 159.07 24.08
C PRO I 271 81.75 160.04 23.69
N THR I 272 81.75 161.24 24.32
CA THR I 272 82.72 162.20 23.96
C THR I 272 84.03 161.81 24.56
N GLU I 273 84.05 160.97 25.61
CA GLU I 273 85.29 160.69 26.28
C GLU I 273 86.07 159.65 25.57
N PHE I 274 85.45 158.53 25.26
CA PHE I 274 86.10 157.49 24.55
C PHE I 274 85.17 157.03 23.44
N GLY I 275 85.12 157.75 22.32
CA GLY I 275 84.25 157.35 21.22
C GLY I 275 84.86 157.71 19.83
N PRO I 276 84.07 157.80 18.83
CA PRO I 276 84.57 158.02 17.52
C PRO I 276 85.37 159.30 17.42
N ASP I 277 86.56 159.20 16.86
CA ASP I 277 87.49 160.31 16.72
C ASP I 277 88.21 160.69 18.02
N SER I 278 87.71 160.27 19.22
CA SER I 278 88.54 160.41 20.46
C SER I 278 89.81 159.62 20.22
N GLY I 279 90.98 160.25 20.60
CA GLY I 279 92.25 159.56 20.32
C GLY I 279 92.40 158.21 20.97
N VAL I 280 91.66 157.93 22.03
CA VAL I 280 91.78 156.55 22.65
C VAL I 280 91.14 155.52 21.72
N SER I 281 91.32 154.28 22.03
CA SER I 281 90.77 153.16 21.24
C SER I 281 90.28 152.10 22.18
N THR I 282 89.05 151.64 21.97
CA THR I 282 88.37 150.73 22.93
C THR I 282 87.50 149.73 22.17
N GLY I 283 86.81 148.94 22.92
CA GLY I 283 85.90 147.93 22.49
C GLY I 283 86.65 146.64 22.04
N VAL I 284 85.90 145.56 21.84
CA VAL I 284 86.56 144.27 21.61
C VAL I 284 86.84 144.09 20.10
N MET I 285 85.92 144.56 19.28
CA MET I 285 86.11 144.52 17.87
C MET I 285 87.52 145.12 17.51
N THR I 286 87.83 146.29 18.10
CA THR I 286 89.12 146.94 17.76
C THR I 286 90.31 146.22 18.23
N LEU I 287 90.20 145.69 19.45
CA LEU I 287 91.26 144.91 20.05
C LEU I 287 91.57 143.74 19.16
N ARG I 288 90.57 143.07 18.74
CA ARG I 288 90.87 141.87 17.97
C ARG I 288 91.47 142.27 16.62
N LYS I 289 90.84 143.22 15.94
CA LYS I 289 91.37 143.71 14.65
C LYS I 289 92.91 144.04 14.79
N LYS I 290 93.26 144.78 15.85
CA LYS I 290 94.64 145.14 16.12
C LYS I 290 95.53 143.92 16.30
N LEU I 291 95.13 142.94 17.14
CA LEU I 291 95.91 141.70 17.32
C LEU I 291 96.18 141.03 16.02
N LEU I 292 95.14 140.99 15.18
CA LEU I 292 95.32 140.42 13.88
C LEU I 292 96.45 141.22 13.12
N GLN I 293 96.37 142.55 13.11
CA GLN I 293 97.27 143.24 12.27
C GLN I 293 98.69 143.10 12.75
N VAL I 294 98.93 143.29 14.03
CA VAL I 294 100.27 143.21 14.52
C VAL I 294 100.86 141.82 14.32
N LEU I 295 100.10 140.78 14.72
CA LEU I 295 100.59 139.46 14.54
C LEU I 295 100.97 139.20 13.09
N GLU I 296 100.08 139.66 12.16
CA GLU I 296 100.32 139.57 10.75
C GLU I 296 101.58 140.25 10.35
N GLN I 297 101.87 141.35 10.91
CA GLN I 297 103.10 142.11 10.51
C GLN I 297 104.32 141.40 11.00
N GLN I 298 104.38 141.12 12.35
CA GLN I 298 105.54 140.45 12.93
C GLN I 298 105.79 139.09 12.36
N MET I 299 104.81 138.22 12.23
CA MET I 299 105.04 136.89 11.66
C MET I 299 105.55 136.98 10.22
N SER I 300 104.99 137.85 9.44
CA SER I 300 105.43 138.00 8.10
C SER I 300 106.96 138.36 8.09
N SER I 301 107.41 139.25 8.98
CA SER I 301 108.82 139.67 8.94
C SER I 301 109.79 138.48 9.26
N LYS I 302 109.43 137.68 10.31
CA LYS I 302 110.23 136.51 10.68
C LYS I 302 110.06 135.36 9.66
N LEU I 303 109.10 135.54 8.74
CA LEU I 303 108.74 134.49 7.87
C LEU I 303 109.93 134.08 6.97
N ASN I 304 110.52 135.04 6.34
CA ASN I 304 111.62 134.73 5.34
C ASN I 304 112.81 134.01 5.99
N GLU I 305 113.24 134.48 7.13
CA GLU I 305 114.36 133.95 7.85
C GLU I 305 114.01 132.53 8.25
N THR I 306 112.88 132.32 8.89
CA THR I 306 112.45 130.95 9.21
C THR I 306 112.53 130.07 8.00
N THR I 307 111.98 130.54 6.91
CA THR I 307 111.90 129.71 5.72
C THR I 307 113.28 129.23 5.31
N GLU I 308 114.26 130.13 5.23
CA GLU I 308 115.60 129.66 4.87
C GLU I 308 116.12 128.55 5.78
N ALA I 309 116.01 128.81 7.07
CA ALA I 309 116.40 127.74 8.09
C ALA I 309 115.67 126.42 7.80
N ILE I 310 114.40 126.43 7.44
CA ILE I 310 113.75 125.22 7.05
C ILE I 310 114.43 124.64 5.83
N GLN I 311 114.82 125.44 4.91
CA GLN I 311 115.44 124.92 3.71
C GLN I 311 116.76 124.19 4.06
N ARG I 312 117.54 124.72 5.03
CA ARG I 312 118.75 124.05 5.52
C ARG I 312 118.50 122.72 6.17
N GLU I 313 117.59 122.66 7.09
CA GLU I 313 117.35 121.37 7.73
C GLU I 313 116.73 120.35 6.87
N LEU I 314 115.95 120.79 5.84
CA LEU I 314 115.39 119.86 4.89
C LEU I 314 116.54 119.24 4.10
N GLU I 315 117.57 120.07 3.85
CA GLU I 315 118.74 119.55 3.09
C GLU I 315 119.45 118.42 3.83
N GLU I 316 119.75 118.60 5.08
CA GLU I 316 120.42 117.46 5.75
C GLU I 316 119.58 116.22 5.79
N THR I 317 118.34 116.28 6.31
CA THR I 317 117.46 115.09 6.31
C THR I 317 117.41 114.38 4.98
N THR I 318 117.31 115.14 3.85
CA THR I 318 117.36 114.52 2.53
C THR I 318 118.69 113.80 2.20
N TYR I 319 119.81 114.36 2.54
CA TYR I 319 121.12 113.70 2.32
C TYR I 319 121.23 112.38 3.05
N GLN I 320 120.69 112.34 4.32
CA GLN I 320 120.65 111.11 5.01
C GLN I 320 119.70 110.14 4.27
N PHE I 321 118.62 110.60 3.71
CA PHE I 321 117.84 109.66 2.91
C PHE I 321 118.59 109.17 1.69
N LYS I 322 119.42 109.96 1.07
CA LYS I 322 120.12 109.48 -0.13
C LYS I 322 121.19 108.46 0.29
N VAL I 323 122.04 108.86 1.19
CA VAL I 323 123.20 108.04 1.52
C VAL I 323 122.68 106.77 2.28
N GLN I 324 121.78 106.89 3.20
CA GLN I 324 121.47 105.69 3.98
C GLN I 324 120.47 104.74 3.40
N TYR I 325 119.44 105.17 2.77
CA TYR I 325 118.49 104.24 2.25
C TYR I 325 118.40 104.18 0.76
N ASN I 326 119.24 104.97 0.01
CA ASN I 326 119.28 104.95 -1.42
C ASN I 326 118.04 105.50 -2.02
N GLU I 327 117.36 106.34 -1.22
CA GLU I 327 116.10 106.90 -1.59
C GLU I 327 115.18 105.78 -1.97
N GLN I 328 115.43 104.60 -1.45
CA GLN I 328 114.72 103.40 -1.77
C GLN I 328 113.36 103.40 -1.01
N PRO I 329 112.23 103.35 -1.63
CA PRO I 329 110.99 103.38 -0.92
C PRO I 329 110.75 102.15 -0.04
N MET I 330 109.99 102.35 1.01
CA MET I 330 109.62 101.30 1.92
C MET I 330 108.30 101.62 2.50
N SER I 331 107.38 100.63 2.53
CA SER I 331 106.14 100.70 3.31
C SER I 331 106.09 99.44 4.10
N ALA I 332 105.40 99.54 5.24
CA ALA I 332 105.22 98.44 6.13
C ALA I 332 104.60 97.21 5.41
N GLU I 333 103.70 97.43 4.44
CA GLU I 333 103.19 96.33 3.64
C GLU I 333 104.19 95.61 2.85
N SER I 334 105.07 96.35 2.18
CA SER I 334 106.09 95.63 1.38
C SER I 334 107.06 94.76 2.27
N TYR I 335 107.38 95.22 3.50
CA TYR I 335 108.14 94.39 4.44
C TYR I 335 107.30 93.12 4.86
N LEU I 336 106.05 93.33 5.23
CA LEU I 336 105.17 92.23 5.61
C LEU I 336 105.02 91.21 4.50
N ALA I 337 104.89 91.65 3.32
CA ALA I 337 104.73 90.77 2.20
C ALA I 337 105.96 90.00 1.94
N ALA I 338 107.09 90.64 1.87
CA ALA I 338 108.33 89.89 1.60
C ALA I 338 108.62 88.87 2.69
N SER I 339 108.46 89.27 3.96
CA SER I 339 108.65 88.32 5.00
C SER I 339 107.65 87.16 5.02
N LEU I 340 106.40 87.39 4.59
CA LEU I 340 105.47 86.33 4.55
C LEU I 340 105.80 85.33 3.47
N ASP I 341 106.30 85.80 2.35
CA ASP I 341 106.79 84.89 1.28
C ASP I 341 108.03 84.09 1.76
N ASP I 342 108.87 84.69 2.59
CA ASP I 342 109.96 83.97 3.20
C ASP I 342 109.43 82.83 4.14
N PHE I 343 108.47 83.13 4.98
CA PHE I 343 107.91 82.04 5.79
C PHE I 343 107.41 80.94 4.91
N LYS I 344 106.84 81.28 3.78
CA LYS I 344 106.28 80.26 2.86
C LYS I 344 107.36 79.41 2.16
N HIS I 345 108.52 79.97 1.83
CA HIS I 345 109.62 79.14 1.44
C HIS I 345 109.97 78.14 2.50
N GLN I 346 110.03 78.61 3.74
CA GLN I 346 110.47 77.75 4.87
C GLN I 346 109.53 76.56 5.15
N PHE I 347 108.20 76.81 5.08
CA PHE I 347 107.21 75.79 5.44
C PHE I 347 107.07 74.77 4.37
N HIS I 348 107.30 75.17 3.16
CA HIS I 348 107.30 74.20 2.03
C HIS I 348 108.40 73.07 2.17
N GLU I 349 109.68 73.53 2.50
CA GLU I 349 110.80 72.59 2.74
C GLU I 349 110.41 71.59 3.88
N PHE I 350 109.80 72.12 4.99
CA PHE I 350 109.46 71.24 6.12
C PHE I 350 108.47 70.19 5.66
N ALA I 351 107.40 70.61 4.92
CA ALA I 351 106.40 69.65 4.43
C ALA I 351 107.04 68.54 3.59
N SER I 352 108.03 68.97 2.74
CA SER I 352 108.82 67.89 1.99
C SER I 352 109.64 67.07 2.96
N SER I 353 109.96 67.66 4.18
CA SER I 353 110.77 66.94 5.15
C SER I 353 110.06 65.96 6.01
N PHE I 354 108.78 66.14 6.25
CA PHE I 354 108.06 65.47 7.30
C PHE I 354 107.66 64.03 6.96
N GLY I 355 106.72 63.89 6.03
CA GLY I 355 106.27 62.53 5.72
C GLY I 355 105.60 61.77 6.89
N ARG I 356 105.64 60.41 6.87
CA ARG I 356 104.79 59.48 7.57
C ARG I 356 105.48 58.71 8.71
N PRO I 357 106.76 58.18 8.53
CA PRO I 357 107.39 57.31 9.61
C PRO I 357 107.61 58.05 10.94
N GLN I 358 107.65 59.39 10.83
CA GLN I 358 107.59 60.25 11.97
C GLN I 358 106.24 60.04 12.73
N LEU I 359 105.12 60.05 12.02
CA LEU I 359 103.88 59.72 12.61
C LEU I 359 103.92 58.32 13.17
N GLN I 360 104.56 57.42 12.41
CA GLN I 360 104.61 56.02 12.89
C GLN I 360 105.05 55.95 14.32
N THR I 361 106.34 56.41 14.59
CA THR I 361 106.88 56.27 15.94
C THR I 361 106.04 57.06 16.91
N LEU I 362 105.58 58.19 16.53
CA LEU I 362 104.72 59.05 17.41
C LEU I 362 103.46 58.25 17.95
N LEU I 363 102.69 57.63 17.01
CA LEU I 363 101.48 56.92 17.42
C LEU I 363 101.80 55.66 18.15
N LYS I 364 102.93 55.01 17.74
CA LYS I 364 103.34 53.75 18.42
C LYS I 364 103.72 54.04 19.87
N ASP I 365 104.27 55.20 20.15
CA ASP I 365 104.64 55.49 21.57
C ASP I 365 103.42 55.79 22.43
N ALA I 366 102.51 56.65 21.92
CA ALA I 366 101.35 56.98 22.68
C ALA I 366 100.51 55.74 22.93
N LEU I 367 100.28 54.84 21.90
CA LEU I 367 99.67 53.54 22.14
C LEU I 367 100.48 52.67 23.03
N ASP I 368 101.78 52.86 23.18
CA ASP I 368 102.45 52.09 24.29
C ASP I 368 101.97 52.50 25.63
N GLN I 369 101.97 53.86 25.85
CA GLN I 369 101.54 54.45 27.15
C GLN I 369 100.08 54.02 27.45
N LYS I 370 99.27 53.97 26.40
CA LYS I 370 97.93 53.41 26.59
C LYS I 370 97.97 51.97 26.96
N VAL I 371 98.97 51.23 26.39
CA VAL I 371 99.14 49.83 26.84
C VAL I 371 99.45 49.76 28.32
N LEU I 372 100.38 50.65 28.78
CA LEU I 372 100.68 50.76 30.27
C LEU I 372 99.42 51.15 31.09
N ASP I 373 98.67 52.16 30.57
CA ASP I 373 97.35 52.46 31.12
C ASP I 373 96.40 51.21 31.27
N GLN I 374 96.21 50.42 30.22
CA GLN I 374 95.32 49.28 30.33
C GLN I 374 95.84 48.28 31.33
N LEU I 375 97.12 47.90 31.19
CA LEU I 375 97.69 46.85 32.01
C LEU I 375 97.57 47.20 33.47
N ALA I 376 97.91 48.40 33.84
CA ALA I 376 97.75 48.72 35.24
C ALA I 376 96.32 48.73 35.74
N ALA I 377 95.42 49.32 34.99
CA ALA I 377 94.12 49.53 35.48
C ALA I 377 93.40 48.25 35.62
N ARG I 378 93.84 47.23 34.78
CA ARG I 378 93.20 45.90 34.77
C ARG I 378 93.92 44.85 35.56
N TYR I 379 95.26 44.93 35.73
CA TYR I 379 96.09 43.82 36.30
C TYR I 379 96.79 44.06 37.59
N TRP I 380 97.23 45.24 37.89
CA TRP I 380 98.24 45.53 38.90
C TRP I 380 97.70 46.22 40.17
N ASN I 381 98.59 46.55 41.04
CA ASN I 381 98.25 47.06 42.35
C ASN I 381 97.80 48.57 42.22
N ARG I 382 97.33 49.08 43.32
CA ARG I 382 96.80 50.48 43.35
C ARG I 382 97.51 51.34 44.41
N PRO I 383 97.16 52.63 44.53
CA PRO I 383 97.73 53.53 45.60
C PRO I 383 97.53 52.94 46.98
N ILE I 384 98.18 53.62 47.96
CA ILE I 384 98.25 53.24 49.38
C ILE I 384 97.81 54.41 50.27
N GLU I 385 96.82 54.17 51.15
CA GLU I 385 96.51 54.98 52.34
C GLU I 385 96.22 54.02 53.52
N ASP I 386 96.00 54.56 54.69
CA ASP I 386 95.97 53.68 55.85
C ASP I 386 94.83 52.74 55.75
N LEU I 387 93.80 53.14 54.91
CA LEU I 387 92.64 52.34 54.59
C LEU I 387 93.16 51.02 54.00
N SER I 388 92.63 49.91 54.51
CA SER I 388 92.93 48.60 54.01
C SER I 388 92.37 48.35 52.59
N PRO I 389 92.98 47.43 51.86
CA PRO I 389 92.79 47.25 50.40
C PRO I 389 91.56 46.44 50.05
N ALA I 390 91.21 46.42 48.79
CA ALA I 390 90.38 45.41 48.31
C ALA I 390 91.14 44.12 48.49
N PRO I 391 90.45 42.94 48.56
CA PRO I 391 91.16 41.73 49.03
C PRO I 391 92.35 41.31 48.14
N ARG I 392 92.24 40.96 46.87
CA ARG I 392 91.09 40.93 46.00
C ARG I 392 90.29 39.64 45.91
N GLU I 393 90.89 38.45 45.92
CA GLU I 393 92.34 38.12 45.85
C GLU I 393 92.74 36.95 44.81
N PRO I 394 91.85 36.35 44.01
CA PRO I 394 92.37 35.46 42.97
C PRO I 394 93.28 36.21 41.99
N ASP I 395 93.21 37.56 41.91
CA ASP I 395 93.98 38.40 40.99
C ASP I 395 95.38 38.60 41.52
N ASN I 396 96.17 37.49 41.51
CA ASN I 396 97.58 37.61 41.74
C ASN I 396 98.24 37.30 40.45
N ILE I 397 99.03 38.25 39.98
CA ILE I 397 99.66 38.12 38.67
C ILE I 397 100.70 37.01 38.67
N ILE I 398 101.17 36.53 39.83
CA ILE I 398 102.42 35.64 39.88
C ILE I 398 102.16 34.25 39.47
N ASP I 399 101.05 33.66 39.83
CA ASP I 399 100.72 32.34 39.46
C ASP I 399 100.17 32.29 38.05
N LEU I 400 100.42 33.40 37.31
CA LEU I 400 100.07 33.47 35.85
C LEU I 400 100.80 32.44 35.06
N PRO I 401 102.13 32.29 35.14
CA PRO I 401 102.76 31.30 34.21
C PRO I 401 102.28 29.84 34.39
N LYS I 402 102.33 29.32 35.60
CA LYS I 402 102.01 27.91 35.85
C LYS I 402 100.57 27.89 36.45
N ALA I 403 99.61 28.11 35.56
CA ALA I 403 98.20 28.12 35.85
C ALA I 403 97.53 27.31 34.78
N ASP I 404 96.31 26.90 35.09
CA ASP I 404 95.47 26.29 34.10
C ASP I 404 94.86 27.35 33.27
N PRO I 405 94.79 27.14 31.91
CA PRO I 405 94.41 28.27 30.99
C PRO I 405 93.02 28.96 31.23
N ASP I 406 92.09 28.23 31.76
CA ASP I 406 90.71 28.73 31.83
C ASP I 406 90.51 29.45 33.22
N SER I 407 91.42 30.34 33.51
CA SER I 407 91.37 31.14 34.76
C SER I 407 91.29 32.66 34.44
N PRO I 408 90.20 33.37 34.89
CA PRO I 408 89.74 34.98 34.20
C PRO I 408 90.80 35.99 34.37
N TYR I 409 91.40 36.13 35.51
CA TYR I 409 92.29 37.16 35.62
C TYR I 409 93.38 36.99 34.54
N TRP I 410 93.34 35.74 34.01
CA TRP I 410 93.97 35.42 32.76
C TRP I 410 93.01 35.65 31.55
N HIS I 411 92.29 34.57 31.16
CA HIS I 411 91.32 34.65 30.00
C HIS I 411 90.54 35.96 29.94
N ARG I 412 89.71 36.24 30.98
CA ARG I 412 88.71 37.34 30.87
C ARG I 412 89.34 38.67 31.04
N GLN I 413 90.41 38.72 31.74
CA GLN I 413 91.04 39.90 31.94
C GLN I 413 91.77 40.39 30.64
N LEU I 414 92.50 39.50 30.01
CA LEU I 414 93.11 39.82 28.75
C LEU I 414 92.07 40.19 27.71
N ASP I 415 90.94 39.49 27.82
CA ASP I 415 89.91 39.62 26.80
C ASP I 415 89.32 40.96 26.91
N THR I 416 88.94 41.38 28.14
CA THR I 416 88.41 42.72 28.35
C THR I 416 89.52 43.73 28.17
N ALA I 417 90.78 43.42 28.41
CA ALA I 417 91.87 44.41 28.23
C ALA I 417 91.92 44.80 26.73
N CYS I 418 91.94 43.79 25.85
CA CYS I 418 91.98 44.10 24.39
C CYS I 418 90.74 44.74 23.85
N SER I 419 89.56 44.32 24.31
CA SER I 419 88.33 44.93 23.89
C SER I 419 88.28 46.37 24.29
N GLY I 420 88.78 46.68 25.50
CA GLY I 420 88.89 48.04 26.06
C GLY I 420 89.90 48.92 25.34
N LEU I 421 91.11 48.26 24.95
CA LEU I 421 92.12 48.99 24.28
C LEU I 421 91.62 49.38 22.88
N THR I 422 91.07 48.42 22.13
CA THR I 422 90.59 48.74 20.78
C THR I 422 89.37 49.71 20.80
N ARG I 423 88.33 49.37 21.67
CA ARG I 423 87.19 50.31 21.79
C ARG I 423 87.51 51.48 22.74
N LEU I 424 88.69 52.11 22.54
CA LEU I 424 89.09 53.38 23.23
C LEU I 424 89.23 54.42 22.11
N GLY I 425 89.19 55.67 22.47
CA GLY I 425 89.35 56.72 21.45
C GLY I 425 90.74 56.76 20.90
N VAL I 426 91.10 55.63 20.15
CA VAL I 426 92.33 55.62 19.39
C VAL I 426 92.18 56.55 18.21
N GLY I 427 91.01 56.62 17.64
CA GLY I 427 90.82 57.62 16.61
C GLY I 427 91.12 59.00 17.11
N ARG I 428 90.53 59.40 18.23
CA ARG I 428 90.83 60.69 18.78
C ARG I 428 92.24 60.87 19.38
N LEU I 429 92.88 59.78 19.77
CA LEU I 429 94.24 59.88 20.26
C LEU I 429 95.25 60.16 19.14
N ALA I 430 95.08 59.43 18.01
CA ALA I 430 95.93 59.72 16.87
C ALA I 430 95.75 61.15 16.37
N ALA I 431 94.52 61.58 16.37
CA ALA I 431 94.19 62.95 15.92
C ALA I 431 94.91 63.94 16.74
N THR I 432 94.80 63.86 18.08
CA THR I 432 95.35 64.87 18.87
C THR I 432 96.94 64.80 18.89
N VAL I 433 97.53 63.60 18.97
CA VAL I 433 98.93 63.46 18.92
C VAL I 433 99.54 64.03 17.60
N ALA I 434 98.90 63.69 16.43
CA ALA I 434 99.43 64.24 15.15
C ALA I 434 99.27 65.72 15.15
N ALA I 435 98.19 66.16 15.84
CA ALA I 435 97.86 67.61 16.00
C ALA I 435 98.97 68.29 16.74
N SER I 436 99.34 67.76 17.90
CA SER I 436 100.38 68.40 18.77
C SER I 436 101.76 68.27 18.18
N ALA I 437 101.98 67.29 17.25
CA ALA I 437 103.27 67.21 16.55
C ALA I 437 103.35 68.30 15.46
N ILE I 438 102.28 68.38 14.63
CA ILE I 438 102.37 69.34 13.59
C ILE I 438 102.41 70.69 14.17
N GLN I 439 101.58 70.96 15.16
CA GLN I 439 101.62 72.26 15.86
C GLN I 439 102.97 72.61 16.38
N GLN I 440 103.69 71.60 16.95
CA GLN I 440 105.07 71.84 17.47
C GLN I 440 105.99 72.24 16.34
N HIS I 441 105.96 71.49 15.21
CA HIS I 441 106.91 71.72 14.14
C HIS I 441 106.64 73.05 13.51
N VAL I 442 105.39 73.51 13.54
CA VAL I 442 105.18 74.87 13.04
C VAL I 442 105.69 75.92 14.04
N GLU I 443 105.66 75.63 15.31
CA GLU I 443 106.20 76.55 16.28
C GLU I 443 107.74 76.55 16.28
N LYS I 444 108.37 75.39 15.95
CA LYS I 444 109.84 75.30 15.80
C LYS I 444 110.22 76.14 14.56
N LEU I 445 109.55 75.93 13.44
CA LEU I 445 109.79 76.73 12.25
C LEU I 445 109.55 78.23 12.46
N LEU I 446 108.58 78.57 13.34
CA LEU I 446 108.35 80.01 13.57
C LEU I 446 109.57 80.61 14.35
N ASP I 447 110.11 79.85 15.34
CA ASP I 447 111.33 80.31 16.07
C ASP I 447 112.43 80.70 15.08
N LYS I 448 112.65 79.85 14.09
CA LYS I 448 113.73 80.06 13.15
C LYS I 448 113.39 81.05 12.06
N SER I 449 112.15 81.37 12.01
CA SER I 449 111.62 82.16 10.88
C SER I 449 111.83 83.66 11.10
N SER I 450 111.40 84.41 10.08
CA SER I 450 111.59 85.85 10.10
C SER I 450 110.60 86.49 11.03
N PHE I 451 109.64 85.72 11.53
CA PHE I 451 108.64 86.19 12.56
C PHE I 451 109.16 85.93 13.94
N ALA I 452 110.46 85.88 14.10
CA ALA I 452 111.12 85.67 15.32
C ALA I 452 110.73 86.81 16.26
N LYS I 453 110.77 88.03 15.75
CA LYS I 453 110.14 89.14 16.41
C LYS I 453 108.68 89.27 15.83
N HIS I 454 108.05 90.35 16.16
CA HIS I 454 106.66 90.52 15.78
C HIS I 454 105.76 89.40 16.37
N PRO I 455 105.75 89.24 17.71
CA PRO I 455 105.00 88.09 18.30
C PRO I 455 103.49 88.04 17.91
N SER I 456 102.80 89.13 17.62
CA SER I 456 101.42 89.06 17.26
C SER I 456 101.23 88.36 15.94
N ALA I 457 102.05 88.70 14.93
CA ALA I 457 101.97 87.96 13.67
C ALA I 457 102.36 86.54 13.86
N ARG I 458 103.29 86.25 14.81
CA ARG I 458 103.59 84.90 15.12
C ARG I 458 102.38 84.15 15.76
N LYS I 459 101.75 84.76 16.78
CA LYS I 459 100.54 84.21 17.41
C LYS I 459 99.49 83.85 16.32
N VAL I 460 99.39 84.68 15.30
CA VAL I 460 98.29 84.50 14.29
C VAL I 460 98.65 83.29 13.44
N ILE I 461 99.91 83.15 12.93
CA ILE I 461 100.27 82.00 12.17
C ILE I 461 100.06 80.71 13.00
N SER I 462 100.50 80.73 14.25
CA SER I 462 100.31 79.58 15.13
C SER I 462 98.78 79.25 15.31
N ASP I 463 97.92 80.31 15.41
CA ASP I 463 96.48 80.13 15.56
C ASP I 463 95.86 79.57 14.28
N ALA I 464 96.54 79.83 13.12
CA ALA I 464 95.98 79.50 11.83
C ALA I 464 96.14 78.08 11.57
N ALA I 465 97.38 77.58 11.85
CA ALA I 465 97.64 76.13 11.77
C ALA I 465 96.70 75.38 12.71
N ALA I 466 96.58 75.81 13.97
CA ALA I 466 95.73 75.14 14.99
C ALA I 466 94.33 74.90 14.42
N THR I 467 93.67 75.99 13.93
CA THR I 467 92.29 75.89 13.49
C THR I 467 92.16 74.97 12.28
N VAL I 468 93.08 75.00 11.31
CA VAL I 468 93.01 73.92 10.26
C VAL I 468 93.10 72.51 10.81
N LEU I 469 94.07 72.23 11.58
CA LEU I 469 94.19 70.97 12.24
C LEU I 469 92.92 70.63 13.02
N ALA I 470 92.31 71.59 13.68
CA ALA I 470 91.10 71.32 14.42
C ALA I 470 89.94 70.99 13.52
N ASP I 471 89.94 71.61 12.37
CA ASP I 471 88.92 71.35 11.36
C ASP I 471 89.05 69.95 10.92
N ARG I 472 90.27 69.47 10.69
CA ARG I 472 90.38 68.09 10.25
C ARG I 472 90.37 67.01 11.36
N SER I 473 90.41 67.40 12.62
CA SER I 473 90.59 66.45 13.73
C SER I 473 89.41 65.48 13.80
N TYR I 474 88.13 65.90 13.65
CA TYR I 474 87.06 64.93 13.74
C TYR I 474 87.14 63.93 12.62
N ALA I 475 87.04 64.42 11.38
CA ALA I 475 86.98 63.40 10.21
C ALA I 475 88.12 62.39 10.32
N THR I 476 89.36 62.88 10.55
CA THR I 476 90.49 61.98 10.72
C THR I 476 90.12 60.88 11.68
N SER I 477 89.69 61.24 12.85
CA SER I 477 89.40 60.30 13.90
C SER I 477 88.29 59.32 13.45
N ASP I 478 87.13 59.83 12.96
CA ASP I 478 86.02 58.93 12.54
C ASP I 478 86.48 57.95 11.49
N GLY I 479 87.19 58.44 10.43
CA GLY I 479 87.82 57.50 9.45
C GLY I 479 88.80 56.46 10.04
N ILE I 480 89.65 56.91 10.97
CA ILE I 480 90.54 56.01 11.67
C ILE I 480 89.72 54.93 12.34
N GLU I 481 88.61 55.31 13.14
CA GLU I 481 87.78 54.31 13.80
C GLU I 481 87.20 53.29 12.78
N ILE I 482 86.64 53.75 11.63
CA ILE I 482 86.07 52.82 10.56
C ILE I 482 87.18 51.96 9.98
N SER I 483 88.36 52.51 9.66
CA SER I 483 89.43 51.62 9.17
C SER I 483 89.79 50.59 10.21
N LEU I 484 89.69 50.94 11.49
CA LEU I 484 89.91 50.04 12.58
C LEU I 484 88.81 49.02 12.82
N LYS I 485 87.62 49.27 12.35
CA LYS I 485 86.55 48.29 12.55
C LYS I 485 86.89 46.75 12.22
N PRO I 486 87.64 46.39 11.22
CA PRO I 486 87.89 44.97 11.09
C PRO I 486 88.86 44.47 12.19
N TYR I 487 89.68 45.34 12.83
CA TYR I 487 90.56 44.92 13.93
C TYR I 487 89.84 44.98 15.30
N LYS I 488 88.68 45.68 15.35
CA LYS I 488 87.94 45.67 16.61
C LYS I 488 87.35 44.37 16.83
N PHE I 489 86.84 43.77 15.77
CA PHE I 489 86.19 42.49 15.94
C PHE I 489 87.27 41.40 16.19
N ASP I 490 88.29 41.34 15.27
CA ASP I 490 89.33 40.29 15.35
C ASP I 490 90.68 40.90 15.07
N PRO I 491 91.44 41.37 16.05
CA PRO I 491 92.77 41.84 15.73
C PRO I 491 93.80 40.71 15.55
N ASP I 492 93.67 39.97 14.50
CA ASP I 492 94.42 38.73 14.50
C ASP I 492 95.92 39.03 14.30
N ILE I 493 96.70 38.34 15.12
CA ILE I 493 98.09 38.69 15.22
C ILE I 493 98.92 37.60 14.53
N GLN I 494 99.67 37.99 13.54
CA GLN I 494 100.63 37.03 12.93
C GLN I 494 101.74 36.80 13.90
N PRO I 495 102.44 35.66 13.73
CA PRO I 495 103.69 35.47 14.55
C PRO I 495 104.81 36.56 14.46
N ASN I 496 105.04 37.11 13.30
CA ASN I 496 106.15 38.04 13.12
C ASN I 496 105.83 39.36 13.90
N GLU I 497 104.58 39.71 13.85
CA GLU I 497 104.04 40.76 14.71
C GLU I 497 104.14 40.40 16.20
N TRP I 498 103.96 39.10 16.56
CA TRP I 498 104.12 38.71 17.88
C TRP I 498 105.57 38.91 18.42
N ALA I 499 106.56 38.56 17.59
CA ALA I 499 107.95 38.87 17.95
C ALA I 499 108.19 40.35 18.12
N GLN I 500 107.63 41.15 17.22
CA GLN I 500 107.89 42.62 17.29
C GLN I 500 107.36 43.28 18.64
N GLY I 501 106.15 42.86 19.04
CA GLY I 501 105.58 43.17 20.36
C GLY I 501 106.39 42.65 21.52
N ARG I 502 106.93 41.43 21.35
CA ARG I 502 107.87 40.95 22.37
C ARG I 502 109.10 41.84 22.52
N GLU I 503 109.73 42.09 21.43
CA GLU I 503 110.90 42.94 21.52
C GLU I 503 110.55 44.29 22.10
N HIS I 504 109.39 44.85 21.75
CA HIS I 504 109.09 46.20 22.19
C HIS I 504 108.75 46.23 23.65
N VAL I 505 107.97 45.24 24.13
CA VAL I 505 107.46 45.27 25.47
C VAL I 505 108.63 45.20 26.47
N VAL I 506 109.72 44.53 26.10
CA VAL I 506 110.84 44.36 27.06
C VAL I 506 111.33 45.75 27.50
N GLY I 507 111.71 46.56 26.52
CA GLY I 507 112.21 47.92 26.76
C GLY I 507 111.15 48.86 27.35
N VAL I 508 109.88 48.76 26.89
CA VAL I 508 108.92 49.60 27.50
C VAL I 508 108.77 49.24 28.99
N LEU I 509 108.56 47.98 29.33
CA LEU I 509 108.28 47.54 30.74
C LEU I 509 109.47 47.88 31.65
N GLN I 510 110.77 47.68 31.10
CA GLN I 510 112.02 47.85 31.89
C GLN I 510 112.26 49.35 32.23
N ALA I 511 111.96 50.22 31.27
CA ALA I 511 111.97 51.67 31.52
C ALA I 511 111.04 52.02 32.64
N GLU I 512 109.78 51.50 32.55
CA GLU I 512 108.86 51.74 33.73
C GLU I 512 109.50 51.22 34.97
N LEU I 513 110.07 50.03 34.97
CA LEU I 513 110.65 49.40 36.22
C LEU I 513 111.74 50.30 36.82
N GLU I 514 112.69 50.78 36.00
CA GLU I 514 113.88 51.59 36.50
C GLU I 514 113.41 52.79 37.34
N GLN I 515 112.37 53.52 36.82
CA GLN I 515 111.87 54.62 37.52
C GLN I 515 111.39 54.24 38.89
N CYS I 516 110.74 53.09 38.99
CA CYS I 516 110.33 52.57 40.26
C CYS I 516 111.55 52.25 41.20
N GLN I 517 112.59 51.58 40.68
CA GLN I 517 113.69 51.21 41.58
C GLN I 517 114.48 52.42 42.05
N ALA I 518 114.70 53.42 41.15
CA ALA I 518 115.45 54.59 41.50
C ALA I 518 114.78 55.33 42.67
N ALA I 519 113.48 55.54 42.57
CA ALA I 519 112.77 56.24 43.66
C ALA I 519 112.78 55.45 44.95
N MET I 520 112.79 54.15 44.94
CA MET I 520 112.98 53.27 46.13
C MET I 520 114.36 53.46 46.80
N LYS I 521 115.41 53.32 46.03
CA LYS I 521 116.80 53.55 46.58
C LYS I 521 116.91 54.86 47.30
N ALA I 522 116.35 55.90 46.70
CA ALA I 522 116.30 57.29 47.34
C ALA I 522 115.30 57.34 48.49
N LEU I 523 114.24 56.48 48.42
CA LEU I 523 113.36 56.37 49.61
C LEU I 523 114.12 55.85 50.79
N GLU I 524 114.92 54.78 50.56
CA GLU I 524 115.75 54.26 51.67
C GLU I 524 116.76 55.29 52.12
N ASN I 525 117.59 55.76 51.21
CA ASN I 525 118.60 56.71 51.65
C ASN I 525 117.95 57.95 52.33
N SER I 526 116.75 58.28 52.01
CA SER I 526 116.02 59.28 52.75
C SER I 526 115.75 58.84 54.20
N VAL I 527 114.98 57.71 54.43
CA VAL I 527 114.53 57.37 55.76
C VAL I 527 115.64 56.99 56.71
N GLY I 528 116.75 56.42 56.18
CA GLY I 528 117.80 56.00 57.05
C GLY I 528 118.31 54.67 56.59
N GLY I 529 118.35 53.69 57.48
CA GLY I 529 118.78 52.33 57.08
C GLY I 529 117.70 51.66 56.17
N ARG I 530 118.16 50.69 55.30
CA ARG I 530 117.20 49.72 54.76
C ARG I 530 116.37 49.04 55.80
N LYS I 531 117.05 48.53 56.84
CA LYS I 531 116.33 47.77 57.86
C LYS I 531 115.19 48.60 58.45
N LYS I 532 115.38 49.90 58.59
CA LYS I 532 114.27 50.73 59.22
C LYS I 532 113.01 50.82 58.33
N LEU I 533 113.19 51.25 57.10
CA LEU I 533 112.12 51.21 56.11
C LEU I 533 111.46 49.84 55.93
N LYS I 534 112.23 48.79 56.10
CA LYS I 534 111.61 47.40 55.99
C LYS I 534 110.69 47.12 57.16
N GLU I 535 111.06 47.69 58.32
CA GLU I 535 110.18 47.65 59.53
C GLU I 535 108.92 48.51 59.34
N VAL I 536 109.08 49.69 58.85
CA VAL I 536 107.90 50.48 58.63
C VAL I 536 107.05 49.79 57.57
N MET I 537 107.70 49.01 56.65
CA MET I 537 106.93 48.23 55.69
C MET I 537 106.16 47.02 56.40
N SER I 538 106.77 46.49 57.42
CA SER I 538 106.08 45.49 58.20
C SER I 538 104.84 46.10 58.83
N PHE I 539 104.96 47.31 59.28
CA PHE I 539 103.81 47.97 59.86
C PHE I 539 102.69 48.20 58.81
N VAL I 540 103.05 48.69 57.59
CA VAL I 540 102.05 49.07 56.61
C VAL I 540 101.51 47.80 55.92
N ASP I 541 102.33 46.72 55.80
CA ASP I 541 101.71 45.36 55.44
C ASP I 541 100.74 44.92 56.47
N LYS I 542 101.08 45.20 57.82
CA LYS I 542 100.17 44.80 58.87
C LYS I 542 98.81 45.50 58.72
N ALA I 543 98.80 46.84 58.50
CA ALA I 543 97.54 47.47 58.31
C ALA I 543 96.86 47.11 57.00
N ARG I 544 97.62 46.58 56.02
CA ARG I 544 97.04 46.23 54.76
C ARG I 544 96.24 44.91 54.93
N LYS I 545 96.74 43.97 55.78
CA LYS I 545 95.96 42.80 56.28
C LYS I 545 95.00 43.19 57.37
N GLY I 546 94.42 42.21 57.94
CA GLY I 546 93.52 42.46 59.09
C GLY I 546 94.19 42.62 60.44
N GLU I 547 95.52 42.46 60.53
CA GLU I 547 96.17 42.37 61.86
C GLU I 547 95.93 43.59 62.71
N ILE I 548 95.81 44.74 62.06
CA ILE I 548 95.71 45.96 62.75
C ILE I 548 94.89 46.97 61.94
N ILE I 549 94.17 47.81 62.62
CA ILE I 549 93.54 48.96 62.12
C ILE I 549 93.79 50.16 63.13
N VAL I 550 93.77 51.39 62.55
CA VAL I 550 94.02 52.55 63.37
C VAL I 550 92.98 53.64 63.00
N GLU I 551 92.50 54.40 64.02
CA GLU I 551 91.66 55.61 63.82
C GLU I 551 92.54 56.86 63.89
N GLY I 552 92.03 57.95 63.43
CA GLY I 552 92.78 59.19 63.40
C GLY I 552 92.11 60.38 64.11
N ASP I 553 91.85 60.23 65.41
CA ASP I 553 91.52 61.37 66.24
C ASP I 553 92.78 62.09 66.66
N HIS I 554 93.87 61.38 66.60
CA HIS I 554 95.17 61.91 66.93
C HIS I 554 96.09 61.72 65.71
N PRO I 555 96.31 62.71 64.86
CA PRO I 555 97.27 62.54 63.74
C PRO I 555 98.76 62.71 63.98
N SER I 556 99.17 62.63 65.25
CA SER I 556 100.53 62.71 65.64
C SER I 556 101.28 61.36 65.53
N GLY I 557 100.80 60.30 66.19
CA GLY I 557 101.49 59.02 66.37
C GLY I 557 100.51 57.86 66.08
N ALA I 558 100.90 56.94 65.18
CA ALA I 558 100.10 55.71 64.87
C ALA I 558 101.03 54.57 64.86
N GLY I 559 100.75 53.59 65.65
CA GLY I 559 101.74 52.54 65.90
C GLY I 559 102.85 53.09 66.79
N GLY I 560 104.06 52.52 66.64
CA GLY I 560 105.19 53.19 67.30
C GLY I 560 105.98 53.97 66.36
N PHE I 561 105.35 54.22 65.24
CA PHE I 561 105.95 54.97 64.19
C PHE I 561 105.28 56.37 64.14
N SER I 562 106.08 57.33 63.67
CA SER I 562 105.62 58.63 63.63
C SER I 562 104.80 58.91 62.36
N ALA I 563 104.22 60.12 62.29
CA ALA I 563 103.35 60.48 61.17
C ALA I 563 104.12 60.58 59.87
N ALA I 564 105.36 61.14 59.93
CA ALA I 564 106.23 61.16 58.78
C ALA I 564 106.66 59.83 58.40
N LEU I 565 107.02 59.00 59.38
CA LEU I 565 107.62 57.66 59.10
C LEU I 565 106.60 56.79 58.42
N LEU I 566 105.39 56.83 58.92
CA LEU I 566 104.29 56.08 58.35
C LEU I 566 104.06 56.47 56.86
N ALA I 567 103.94 57.76 56.55
CA ALA I 567 103.69 58.19 55.18
C ALA I 567 104.77 57.76 54.25
N ARG I 568 106.03 57.94 54.68
CA ARG I 568 107.13 57.50 53.84
C ARG I 568 107.05 55.97 53.62
N GLY I 569 106.63 55.26 54.64
CA GLY I 569 106.46 53.77 54.52
C GLY I 569 105.32 53.37 53.55
N ARG I 570 104.25 54.12 53.45
CA ARG I 570 103.22 53.76 52.49
C ARG I 570 103.72 53.92 51.06
N GLU I 571 104.31 55.12 50.80
CA GLU I 571 104.90 55.32 49.51
C GLU I 571 105.90 54.26 49.14
N ALA I 572 106.72 53.84 50.11
CA ALA I 572 107.69 52.79 49.93
C ALA I 572 107.04 51.46 49.62
N VAL I 573 105.83 51.22 50.20
CA VAL I 573 105.15 49.92 50.02
C VAL I 573 104.58 49.87 48.63
N PHE I 574 103.95 50.95 48.24
CA PHE I 574 103.45 50.98 46.90
C PHE I 574 104.60 50.69 45.93
N LEU I 575 105.60 51.56 45.98
CA LEU I 575 106.69 51.39 45.07
C LEU I 575 107.16 49.93 45.03
N ARG I 576 107.25 49.28 46.18
CA ARG I 576 107.62 47.88 46.22
C ARG I 576 106.68 46.98 45.43
N ASP I 577 105.40 47.08 45.66
CA ASP I 577 104.47 46.14 45.07
C ASP I 577 104.43 46.29 43.56
N ARG I 578 104.42 47.47 43.09
CA ARG I 578 104.48 47.69 41.62
C ARG I 578 105.83 47.22 41.12
N ALA I 579 106.93 47.37 41.92
CA ALA I 579 108.30 46.97 41.50
C ALA I 579 108.43 45.43 41.36
N ASP I 580 107.89 44.65 42.32
CA ASP I 580 107.87 43.22 42.21
C ASP I 580 107.04 42.81 41.06
N ILE I 581 105.86 43.40 40.98
CA ILE I 581 105.01 43.07 39.81
C ILE I 581 105.77 43.33 38.46
N LEU I 582 106.41 44.48 38.26
CA LEU I 582 107.00 44.87 36.96
C LEU I 582 108.14 43.92 36.63
N SER I 583 109.00 43.63 37.62
CA SER I 583 110.09 42.67 37.36
C SER I 583 109.66 41.26 37.07
N LEU I 584 108.68 40.84 37.82
CA LEU I 584 108.13 39.49 37.52
C LEU I 584 107.52 39.46 36.14
N ARG I 585 106.84 40.54 35.69
CA ARG I 585 106.14 40.49 34.40
C ARG I 585 107.18 40.67 33.23
N ILE I 586 108.32 41.29 33.57
CA ILE I 586 109.51 41.33 32.58
C ILE I 586 110.12 39.96 32.37
N GLN I 587 110.39 39.27 33.47
CA GLN I 587 110.90 37.90 33.34
C GLN I 587 109.85 37.09 32.55
N ALA I 588 108.59 37.36 32.77
CA ALA I 588 107.56 36.53 32.17
C ALA I 588 107.51 36.78 30.70
N ALA I 589 107.63 38.01 30.33
CA ALA I 589 107.71 38.44 28.93
C ALA I 589 108.92 37.81 28.28
N LYS I 590 110.06 37.65 28.97
CA LYS I 590 111.20 37.06 28.41
C LYS I 590 111.22 35.51 28.44
N SER I 591 110.30 34.83 29.15
CA SER I 591 110.28 33.37 29.21
C SER I 591 110.15 32.74 27.84
N ARG I 592 110.53 31.53 27.78
CA ARG I 592 110.32 30.71 26.55
C ARG I 592 108.80 30.44 26.33
N GLN I 593 107.97 30.49 27.38
CA GLN I 593 106.53 30.21 27.14
C GLN I 593 105.90 31.37 26.35
N CYS I 594 106.56 32.50 26.33
CA CYS I 594 106.07 33.65 25.53
C CYS I 594 106.66 33.67 24.06
N LYS I 595 107.58 32.81 23.69
CA LYS I 595 108.04 32.86 22.32
C LYS I 595 106.89 32.66 21.34
N THR I 596 106.09 31.63 21.51
CA THR I 596 104.98 31.43 20.61
C THR I 596 103.76 32.21 21.05
N LEU I 597 102.93 32.53 20.09
CA LEU I 597 101.71 33.36 20.37
C LEU I 597 100.50 32.56 20.94
N THR I 598 100.55 31.25 20.99
CA THR I 598 99.33 30.47 21.25
C THR I 598 98.86 30.63 22.67
N ASN I 599 99.76 30.86 23.64
CA ASN I 599 99.32 31.26 25.04
C ASN I 599 99.33 32.80 25.14
N LYS I 600 98.47 33.43 24.34
CA LYS I 600 98.34 34.88 24.38
C LYS I 600 97.81 35.33 25.70
N TYR I 601 96.93 34.55 26.25
CA TYR I 601 96.48 34.87 27.57
C TYR I 601 97.56 34.76 28.68
N TYR I 602 98.66 33.97 28.41
CA TYR I 602 99.74 33.91 29.33
C TYR I 602 100.66 35.11 29.30
N CYS I 603 100.73 35.75 28.14
CA CYS I 603 101.61 36.89 27.94
C CYS I 603 100.80 38.05 27.41
N PRO I 604 100.11 38.73 28.26
CA PRO I 604 99.26 39.88 27.79
C PRO I 604 99.99 41.07 27.30
N GLU I 605 101.23 41.28 27.83
CA GLU I 605 102.03 42.44 27.45
C GLU I 605 102.36 42.44 26.01
N VAL I 606 102.93 41.28 25.49
CA VAL I 606 103.41 41.30 24.10
C VAL I 606 102.20 41.41 23.23
N PHE I 607 101.08 40.73 23.63
CA PHE I 607 99.89 40.75 22.82
C PHE I 607 99.32 42.16 22.65
N LEU I 608 99.19 42.86 23.76
CA LEU I 608 98.64 44.20 23.72
C LEU I 608 99.55 45.12 22.90
N ASP I 609 100.83 44.87 22.94
CA ASP I 609 101.75 45.79 22.22
C ASP I 609 101.64 45.58 20.74
N ALA I 610 101.38 44.28 20.33
CA ALA I 610 101.15 43.95 18.91
C ALA I 610 99.89 44.61 18.37
N VAL I 611 98.80 44.54 19.11
CA VAL I 611 97.62 45.19 18.74
C VAL I 611 97.91 46.67 18.56
N ALA I 612 98.60 47.22 19.50
CA ALA I 612 98.85 48.61 19.48
C ALA I 612 99.65 48.98 18.26
N THR I 613 100.72 48.25 17.97
CA THR I 613 101.60 48.58 16.79
C THR I 613 100.80 48.53 15.49
N LYS I 614 99.93 47.53 15.29
CA LYS I 614 99.12 47.41 14.04
C LYS I 614 98.06 48.48 13.96
N LEU I 615 97.21 48.66 15.03
CA LEU I 615 96.32 49.78 15.04
C LEU I 615 97.04 51.06 14.69
N ALA I 616 98.26 51.20 15.23
CA ALA I 616 99.04 52.44 15.05
C ALA I 616 99.46 52.62 13.61
N GLN I 617 99.94 51.55 12.98
CA GLN I 617 100.49 51.67 11.64
C GLN I 617 99.40 51.88 10.59
N THR I 618 98.24 51.24 10.74
CA THR I 618 97.21 51.49 9.79
C THR I 618 96.57 52.89 10.06
N ALA I 619 96.42 53.27 11.38
CA ALA I 619 95.84 54.57 11.65
C ALA I 619 96.82 55.66 11.06
N VAL I 620 98.15 55.32 11.05
CA VAL I 620 99.18 56.24 10.60
C VAL I 620 99.04 56.48 9.05
N LEU I 621 98.78 55.43 8.28
CA LEU I 621 98.46 55.62 6.87
C LEU I 621 97.25 56.60 6.71
N PHE I 622 96.08 56.22 7.25
CA PHE I 622 94.83 57.07 7.14
C PHE I 622 95.18 58.45 7.60
N LEU I 623 95.99 58.55 8.66
CA LEU I 623 96.33 59.89 9.20
C LEU I 623 97.18 60.70 8.24
N ASN I 624 98.26 60.04 7.74
CA ASN I 624 99.15 60.65 6.87
C ASN I 624 98.44 61.23 5.65
N VAL I 625 97.53 60.46 5.06
CA VAL I 625 96.77 60.94 3.87
C VAL I 625 95.89 62.06 4.31
N GLU I 626 94.92 61.74 5.14
CA GLU I 626 93.85 62.68 5.41
C GLU I 626 94.32 63.97 6.01
N MET I 627 94.73 63.86 7.30
CA MET I 627 94.99 65.06 8.10
C MET I 627 96.24 65.83 7.63
N LEU I 628 97.37 65.07 7.54
CA LEU I 628 98.64 65.70 7.12
C LEU I 628 98.50 66.33 5.72
N ASN I 629 97.95 65.59 4.74
CA ASN I 629 97.87 66.14 3.41
C ASN I 629 96.91 67.28 3.32
N ASP I 630 95.79 67.23 4.09
CA ASP I 630 94.95 68.43 4.17
C ASP I 630 95.65 69.57 4.76
N PHE I 631 96.42 69.36 5.82
CA PHE I 631 97.16 70.50 6.38
C PHE I 631 98.05 71.18 5.36
N TYR I 632 98.85 70.35 4.62
CA TYR I 632 99.78 70.94 3.74
C TYR I 632 98.99 71.81 2.70
N VAL I 633 97.78 71.40 2.37
CA VAL I 633 97.05 72.14 1.33
C VAL I 633 96.31 73.36 1.88
N ARG I 634 95.77 73.25 3.07
CA ARG I 634 95.01 74.35 3.60
C ARG I 634 95.80 75.40 4.36
N PHE I 635 96.93 75.01 4.97
CA PHE I 635 97.64 75.93 5.88
C PHE I 635 98.09 77.30 5.18
N PRO I 636 98.73 77.31 3.98
CA PRO I 636 99.05 78.56 3.33
C PRO I 636 97.79 79.44 3.11
N ARG I 637 96.67 78.85 2.66
CA ARG I 637 95.50 79.67 2.42
C ARG I 637 95.00 80.39 3.72
N GLU I 638 94.85 79.61 4.80
CA GLU I 638 94.34 80.14 6.06
C GLU I 638 95.35 81.18 6.66
N VAL I 639 96.70 80.98 6.41
CA VAL I 639 97.68 82.00 6.78
C VAL I 639 97.34 83.32 6.08
N GLU I 640 97.16 83.30 4.73
CA GLU I 640 96.99 84.55 4.03
C GLU I 640 95.71 85.24 4.46
N ALA I 641 94.64 84.43 4.58
CA ALA I 641 93.38 84.98 4.97
C ALA I 641 93.51 85.66 6.38
N LYS I 642 94.11 84.91 7.33
CA LYS I 642 93.96 85.39 8.71
C LYS I 642 94.92 86.61 9.02
N LEU I 643 96.17 86.57 8.43
CA LEU I 643 97.11 87.74 8.51
C LEU I 643 96.55 88.98 7.87
N HIS I 644 95.92 88.84 6.72
CA HIS I 644 95.28 90.02 6.03
C HIS I 644 94.17 90.69 6.88
N GLU I 645 93.32 89.86 7.51
CA GLU I 645 92.30 90.32 8.41
C GLU I 645 92.90 90.96 9.68
N HIS I 646 93.98 90.40 10.17
CA HIS I 646 94.62 90.94 11.37
C HIS I 646 95.26 92.32 11.22
N MET I 647 96.11 92.47 10.15
CA MET I 647 96.80 93.65 9.81
C MET I 647 95.80 94.79 9.48
N HIS I 648 94.81 94.49 8.64
CA HIS I 648 93.90 95.53 8.19
C HIS I 648 92.86 95.89 9.28
N ALA I 649 92.52 94.91 10.10
CA ALA I 649 91.48 95.16 11.02
C ALA I 649 91.98 95.92 12.27
N GLY I 650 93.06 95.51 12.89
CA GLY I 650 93.45 96.21 14.11
C GLY I 650 94.28 97.44 13.95
N GLY I 651 94.62 97.78 12.70
CA GLY I 651 95.62 98.76 12.50
C GLY I 651 97.01 98.41 12.91
N GLY I 652 97.29 97.03 13.06
CA GLY I 652 98.56 96.41 13.48
C GLY I 652 99.68 96.25 12.49
N LEU I 653 99.46 96.67 11.26
CA LEU I 653 100.55 96.69 10.27
C LEU I 653 101.62 97.71 10.69
N GLU I 654 101.20 98.99 10.85
CA GLU I 654 102.11 100.00 11.30
C GLU I 654 102.88 99.58 12.52
N LYS I 655 102.25 98.93 13.45
CA LYS I 655 103.00 98.50 14.62
C LYS I 655 103.92 97.34 14.30
N PHE I 656 103.45 96.44 13.38
CA PHE I 656 104.24 95.32 12.93
C PHE I 656 105.57 95.82 12.37
N ALA I 657 105.49 96.93 11.56
CA ALA I 657 106.68 97.62 11.12
C ALA I 657 107.49 98.21 12.27
N ARG I 658 106.81 98.87 13.21
CA ARG I 658 107.45 99.57 14.38
C ARG I 658 108.32 98.62 15.22
N GLU I 659 108.05 97.28 15.12
CA GLU I 659 108.70 96.26 15.86
C GLU I 659 110.16 95.98 15.49
N ASP I 660 110.52 95.79 14.21
CA ASP I 660 111.86 95.60 13.84
C ASP I 660 112.60 96.93 13.88
N PRO I 661 113.73 96.97 14.59
CA PRO I 661 114.45 98.24 14.76
C PRO I 661 114.91 98.81 13.47
N LYS I 662 115.55 98.00 12.55
CA LYS I 662 116.03 98.61 11.29
C LYS I 662 114.89 99.26 10.45
N VAL I 663 113.80 98.49 10.12
CA VAL I 663 112.77 99.04 9.30
C VAL I 663 112.07 100.25 9.94
N ARG I 664 111.99 100.25 11.30
CA ARG I 664 111.46 101.40 12.03
C ARG I 664 112.21 102.68 11.72
N ARG I 665 113.60 102.59 11.68
CA ARG I 665 114.39 103.76 11.35
C ARG I 665 114.17 104.20 9.95
N HIS I 666 113.97 103.20 9.00
CA HIS I 666 113.69 103.57 7.60
C HIS I 666 112.52 104.49 7.57
N LEU I 667 111.41 104.05 8.08
CA LEU I 667 110.17 104.77 7.94
C LEU I 667 110.16 106.00 8.80
N ASP I 668 110.97 106.06 9.85
CA ASP I 668 111.09 107.28 10.70
C ASP I 668 111.67 108.44 10.00
N LEU I 669 112.80 108.17 9.35
CA LEU I 669 113.41 109.16 8.53
C LEU I 669 112.48 109.61 7.44
N ILE I 670 111.85 108.69 6.77
CA ILE I 670 110.82 109.07 5.77
C ILE I 670 109.77 110.05 6.36
N ARG I 671 109.36 109.87 7.67
CA ARG I 671 108.35 110.84 8.31
C ARG I 671 108.92 112.25 8.56
N ARG I 672 110.19 112.40 8.98
CA ARG I 672 110.69 113.72 9.22
C ARG I 672 110.83 114.52 7.90
N LYS I 673 111.31 113.89 6.84
CA LYS I 673 111.38 114.45 5.53
C LYS I 673 110.02 114.89 4.98
N GLU I 674 108.97 114.10 5.20
CA GLU I 674 107.61 114.48 4.72
C GLU I 674 107.10 115.73 5.37
N LEU I 675 107.18 115.85 6.71
CA LEU I 675 106.68 117.15 7.32
C LEU I 675 107.44 118.35 6.72
N LEU I 676 108.74 118.28 6.67
CA LEU I 676 109.50 119.36 6.06
C LEU I 676 109.09 119.72 4.60
N GLU I 677 108.89 118.67 3.76
CA GLU I 677 108.35 118.95 2.43
C GLU I 677 107.02 119.71 2.50
N THR I 678 106.05 119.16 3.24
CA THR I 678 104.73 119.78 3.30
C THR I 678 104.85 121.23 3.85
N VAL I 679 105.83 121.53 4.70
CA VAL I 679 106.01 122.90 5.11
C VAL I 679 106.50 123.67 3.92
N LEU I 680 107.50 123.18 3.23
CA LEU I 680 108.05 124.04 2.19
C LEU I 680 106.95 124.38 1.09
N GLY I 681 106.17 123.36 0.68
CA GLY I 681 105.02 123.61 -0.21
C GLY I 681 103.98 124.59 0.27
N LYS I 682 103.53 124.49 1.54
CA LYS I 682 102.55 125.44 1.99
C LYS I 682 103.16 126.84 1.86
N ILE I 683 104.53 126.96 2.12
CA ILE I 683 105.21 128.28 2.01
C ILE I 683 105.40 128.77 0.58
N GLU I 684 105.79 127.91 -0.36
CA GLU I 684 105.84 128.30 -1.77
C GLU I 684 104.45 128.70 -2.35
N GLU I 685 103.36 128.06 -1.84
CA GLU I 685 101.97 128.47 -2.21
C GLU I 685 101.66 129.86 -1.64
N LEU I 686 102.10 130.12 -0.43
CA LEU I 686 101.82 131.41 0.20
C LEU I 686 102.56 132.53 -0.54
N HIS I 687 103.85 132.31 -0.76
CA HIS I 687 104.67 133.24 -1.45
C HIS I 687 104.09 133.42 -2.87
N ARG I 688 103.58 132.35 -3.48
CA ARG I 688 102.94 132.59 -4.76
C ARG I 688 101.66 133.50 -4.67
N ILE I 689 100.86 133.29 -3.60
CA ILE I 689 99.69 134.05 -3.40
C ILE I 689 99.96 135.50 -3.14
N SER I 690 101.02 135.86 -2.46
CA SER I 690 101.23 137.26 -2.11
C SER I 690 102.28 137.85 -3.05
N SER I 691 102.68 137.17 -4.20
CA SER I 691 103.59 137.77 -5.18
C SER I 691 103.06 137.82 -6.59
N GLY I 692 102.18 136.91 -6.97
CA GLY I 692 101.59 136.86 -8.37
C GLY I 692 101.65 135.52 -9.02
N ASP J 6 12.34 13.72 30.57
CA ASP J 6 12.38 12.59 29.67
C ASP J 6 13.57 12.81 28.85
N ASP J 7 14.57 13.22 29.54
CA ASP J 7 15.84 13.74 29.12
C ASP J 7 16.69 12.63 28.40
N ASN J 8 16.65 11.41 28.98
CA ASN J 8 17.40 10.30 28.32
C ASN J 8 16.77 10.04 26.99
N MET J 9 15.47 10.40 26.84
CA MET J 9 14.78 10.17 25.55
C MET J 9 15.18 11.01 24.39
N MET J 10 15.35 12.32 24.56
CA MET J 10 15.80 13.17 23.44
C MET J 10 17.15 12.70 23.05
N PHE J 11 18.06 12.45 24.04
CA PHE J 11 19.50 12.15 23.89
C PHE J 11 19.95 11.03 23.06
N ILE J 12 19.33 9.87 23.14
CA ILE J 12 19.77 8.81 22.27
C ILE J 12 19.66 9.33 20.84
N THR J 13 18.69 10.14 20.63
CA THR J 13 18.56 10.72 19.35
C THR J 13 19.63 11.63 19.02
N LYS J 14 19.93 12.51 19.90
CA LYS J 14 21.10 13.36 19.63
C LYS J 14 22.43 12.64 19.39
N LYS J 15 22.78 11.70 20.27
CA LYS J 15 23.96 10.89 20.06
C LYS J 15 23.93 10.25 18.70
N MET J 16 22.73 9.86 18.26
CA MET J 16 22.62 9.29 16.88
C MET J 16 22.72 10.30 15.83
N ILE J 17 22.25 11.52 16.05
CA ILE J 17 22.28 12.47 14.98
C ILE J 17 23.74 12.90 14.74
N GLU J 18 24.52 13.12 15.80
CA GLU J 18 25.91 13.48 15.53
C GLU J 18 26.59 12.42 14.76
N ILE J 19 26.21 11.12 15.06
CA ILE J 19 26.90 9.99 14.34
C ILE J 19 26.57 9.95 12.85
N ARG J 20 25.36 10.35 12.55
CA ARG J 20 24.92 10.38 11.18
C ARG J 20 25.77 11.41 10.50
N ASN J 21 25.96 12.52 11.18
CA ASN J 21 26.84 13.54 10.67
C ASN J 21 28.20 13.01 10.34
N LEU J 22 28.78 12.21 11.23
CA LEU J 22 30.10 11.68 10.96
C LEU J 22 30.18 10.68 9.78
N LEU J 23 29.22 9.76 9.73
CA LEU J 23 29.31 8.90 8.57
C LEU J 23 29.16 9.76 7.30
N GLN J 24 28.36 10.77 7.44
CA GLN J 24 28.17 11.64 6.31
C GLN J 24 29.40 12.28 5.83
N LYS J 25 30.24 12.69 6.81
CA LYS J 25 31.45 13.34 6.46
C LYS J 25 32.66 12.46 6.26
N VAL J 26 32.59 11.14 6.48
CA VAL J 26 33.86 10.40 6.44
C VAL J 26 34.81 10.68 5.26
N GLY J 27 34.28 10.57 4.03
CA GLY J 27 35.10 10.49 2.94
C GLY J 27 34.39 10.27 1.71
N GLN J 28 35.08 10.01 0.62
CA GLN J 28 34.39 9.67 -0.65
C GLN J 28 33.54 8.40 -0.66
N GLY J 29 34.15 7.32 -0.12
CA GLY J 29 33.63 5.95 -0.16
C GLY J 29 32.69 5.71 0.91
N SER J 30 32.27 6.79 1.58
CA SER J 30 31.46 6.72 2.77
C SER J 30 30.10 6.74 2.20
N THR J 31 29.79 5.62 1.49
CA THR J 31 28.58 5.54 0.84
C THR J 31 27.54 5.35 1.98
N VAL J 32 28.01 4.69 3.03
CA VAL J 32 27.28 4.32 4.22
C VAL J 32 26.82 5.41 5.15
N THR J 33 25.60 5.25 5.64
CA THR J 33 25.00 6.26 6.51
C THR J 33 23.78 5.86 7.29
N LEU J 34 23.31 6.80 8.17
CA LEU J 34 22.13 6.55 9.09
C LEU J 34 20.91 7.34 8.54
N PRO J 35 19.69 6.76 8.69
CA PRO J 35 18.61 7.55 8.06
C PRO J 35 18.14 8.83 8.80
N SER J 36 17.39 9.38 8.18
CA SER J 36 16.89 10.64 8.62
C SER J 36 15.53 10.92 7.92
N ILE J 37 14.94 12.03 8.29
CA ILE J 37 13.68 12.40 7.67
C ILE J 37 13.96 13.13 6.38
N VAL J 38 13.23 12.69 5.31
CA VAL J 38 13.21 13.40 4.01
C VAL J 38 11.80 13.92 3.86
N VAL J 39 11.73 15.14 3.35
CA VAL J 39 10.47 15.90 3.26
C VAL J 39 10.18 16.14 1.73
N ILE J 40 9.02 15.64 1.34
CA ILE J 40 8.57 15.79 -0.01
C ILE J 40 7.15 16.40 0.01
N GLY J 41 6.88 17.29 -0.94
CA GLY J 41 5.54 17.85 -1.10
C GLY J 41 5.27 18.43 -2.42
N SER J 42 4.05 18.23 -2.95
CA SER J 42 3.53 18.92 -4.17
C SER J 42 3.56 20.44 -4.04
N GLN J 43 3.41 21.10 -5.17
CA GLN J 43 3.59 22.56 -5.17
C GLN J 43 2.70 23.25 -4.13
N SER J 44 1.38 22.92 -4.08
CA SER J 44 0.52 23.55 -3.04
C SER J 44 1.12 23.01 -1.77
N SER J 45 1.30 21.71 -1.83
CA SER J 45 1.86 20.86 -0.79
C SER J 45 3.19 21.39 -0.43
N GLY J 46 3.99 21.76 -1.47
CA GLY J 46 5.36 22.19 -1.18
C GLY J 46 5.42 23.45 -0.44
N LYS J 47 4.57 24.44 -0.82
CA LYS J 47 4.52 25.68 -0.07
C LYS J 47 4.12 25.31 1.36
N SER J 48 3.27 24.28 1.46
CA SER J 48 2.67 23.96 2.73
C SER J 48 3.82 23.44 3.60
N SER J 49 4.56 22.59 3.01
CA SER J 49 5.69 21.89 3.67
C SER J 49 6.75 22.91 4.13
N VAL J 50 7.11 23.79 3.27
CA VAL J 50 8.18 24.70 3.65
C VAL J 50 7.75 25.51 4.87
N LEU J 51 6.46 25.85 4.88
CA LEU J 51 5.91 26.63 5.97
C LEU J 51 5.83 25.78 7.23
N GLU J 52 5.50 24.49 7.06
CA GLU J 52 5.38 23.62 8.16
C GLU J 52 6.78 23.42 8.83
N ALA J 53 7.78 23.32 8.06
CA ALA J 53 9.07 23.08 8.53
C ALA J 53 9.43 24.30 9.38
N ILE J 54 9.10 25.47 8.88
CA ILE J 54 9.47 26.69 9.59
C ILE J 54 8.72 26.79 10.93
N VAL J 55 7.49 26.55 10.89
CA VAL J 55 6.63 26.57 12.11
C VAL J 55 7.04 25.55 13.16
N GLY J 56 7.64 24.49 12.73
CA GLY J 56 8.07 23.44 13.61
C GLY J 56 9.05 23.87 14.71
N HIS J 57 9.99 24.77 14.33
CA HIS J 57 10.94 25.21 15.34
C HIS J 57 10.80 26.73 15.62
N GLU J 58 11.18 27.44 14.58
CA GLU J 58 11.10 28.88 14.57
C GLU J 58 11.10 29.35 13.17
N PHE J 59 10.71 30.56 12.94
CA PHE J 59 10.67 31.11 11.61
C PHE J 59 12.13 31.13 11.00
N LEU J 60 12.31 30.69 9.76
CA LEU J 60 13.59 30.62 9.12
C LEU J 60 13.46 30.95 7.65
N PRO J 61 14.51 31.37 6.98
CA PRO J 61 14.35 31.84 5.57
C PRO J 61 13.83 30.68 4.78
N LYS J 62 12.77 30.92 4.08
CA LYS J 62 12.19 29.86 3.23
C LYS J 62 11.33 30.44 2.08
N GLY J 63 10.96 29.60 1.15
CA GLY J 63 10.05 29.88 0.04
C GLY J 63 10.52 30.96 -0.94
N SER J 64 9.69 32.03 -1.12
CA SER J 64 9.96 33.08 -2.09
C SER J 64 10.12 32.32 -3.39
N ASN J 65 11.23 32.58 -4.06
CA ASN J 65 11.55 31.86 -5.25
C ASN J 65 12.71 30.96 -4.85
N MET J 66 12.52 29.64 -4.95
CA MET J 66 13.58 28.70 -4.60
C MET J 66 13.91 27.81 -5.77
N ILE J 67 15.15 27.73 -6.16
CA ILE J 67 15.50 26.92 -7.31
C ILE J 67 15.23 25.44 -6.93
N THR J 68 15.48 25.16 -5.61
CA THR J 68 15.18 23.89 -4.99
C THR J 68 16.12 22.83 -5.56
N ARG J 69 17.17 23.32 -6.23
CA ARG J 69 18.21 22.47 -6.78
C ARG J 69 18.95 21.68 -5.71
N ARG J 70 19.25 22.28 -4.59
CA ARG J 70 20.01 21.60 -3.55
C ARG J 70 19.27 21.29 -2.27
N PRO J 71 19.46 20.12 -1.74
CA PRO J 71 18.86 19.76 -0.47
C PRO J 71 19.50 20.51 0.65
N ILE J 72 18.74 20.61 1.68
CA ILE J 72 19.24 21.27 2.92
C ILE J 72 19.18 20.23 4.04
N GLU J 73 20.37 19.69 4.51
CA GLU J 73 20.43 18.86 5.75
C GLU J 73 20.20 19.76 6.96
N LEU J 74 19.01 19.74 7.58
CA LEU J 74 18.75 20.45 8.84
C LEU J 74 19.04 19.51 9.99
N THR J 75 19.93 19.96 10.91
CA THR J 75 20.17 19.13 12.09
C THR J 75 19.94 20.04 13.33
N LEU J 76 19.02 19.66 14.14
CA LEU J 76 18.59 20.43 15.26
C LEU J 76 19.26 19.91 16.55
N VAL J 77 19.45 20.81 17.57
CA VAL J 77 20.09 20.43 18.81
C VAL J 77 19.27 20.95 20.01
N ASN J 78 19.12 20.08 21.00
CA ASN J 78 18.47 20.50 22.27
C ASN J 78 19.33 21.48 22.92
N ASP J 79 18.74 22.62 23.25
CA ASP J 79 19.48 23.77 23.60
C ASP J 79 19.31 24.18 25.10
N PRO J 80 19.73 23.37 25.96
CA PRO J 80 19.73 23.74 27.38
C PRO J 80 20.85 24.66 27.52
N GLU J 81 20.78 25.65 28.45
CA GLU J 81 21.92 26.37 28.92
C GLU J 81 22.31 27.44 27.97
N ALA J 82 21.56 27.58 26.84
CA ALA J 82 21.79 28.64 25.87
C ALA J 82 20.49 29.42 25.82
N LYS J 83 20.56 30.74 26.01
CA LYS J 83 19.34 31.54 26.00
C LYS J 83 19.11 32.39 24.72
N VAL J 84 19.87 32.08 23.66
CA VAL J 84 19.69 32.83 22.40
C VAL J 84 19.42 31.84 21.24
N ASP J 85 18.35 32.09 20.46
CA ASP J 85 18.08 31.36 19.22
C ASP J 85 19.18 31.67 18.19
N TYR J 86 20.06 30.79 17.98
CA TYR J 86 21.25 30.95 17.05
C TYR J 86 21.45 29.72 16.21
N GLY J 87 21.66 29.94 14.94
CA GLY J 87 21.91 28.93 13.91
C GLY J 87 23.35 29.10 13.32
N GLU J 88 24.05 27.99 13.11
CA GLU J 88 25.36 28.05 12.52
C GLU J 88 25.52 27.09 11.31
N PHE J 89 26.41 27.49 10.41
CA PHE J 89 26.65 26.78 9.18
C PHE J 89 27.92 25.92 9.34
N PRO J 90 27.81 24.49 9.13
CA PRO J 90 29.08 23.75 9.31
C PRO J 90 30.22 24.10 8.38
N ASP J 91 29.95 24.44 7.10
CA ASP J 91 31.10 24.88 6.28
C ASP J 91 31.69 26.24 6.73
N LEU J 92 30.82 27.19 7.08
CA LEU J 92 31.28 28.43 7.49
C LEU J 92 31.47 28.19 8.98
N GLY J 93 32.50 27.35 9.31
CA GLY J 93 32.73 26.97 10.69
C GLY J 93 33.12 28.05 11.62
N LEU J 94 32.69 27.98 12.91
CA LEU J 94 33.05 28.99 13.84
C LEU J 94 32.27 30.30 13.59
N ALA J 95 31.21 30.17 12.82
CA ALA J 95 30.36 31.32 12.57
C ALA J 95 29.00 31.08 13.19
N ARG J 96 28.56 31.95 14.09
CA ARG J 96 27.19 31.81 14.59
C ARG J 96 26.29 32.92 14.04
N VAL J 97 25.02 32.69 13.72
CA VAL J 97 24.09 33.75 13.15
C VAL J 97 22.95 34.03 14.14
N THR J 98 22.71 35.29 14.43
CA THR J 98 21.76 35.65 15.41
C THR J 98 20.32 35.75 14.86
N ASP J 99 20.11 36.63 13.90
CA ASP J 99 18.77 36.89 13.37
C ASP J 99 18.58 36.13 12.06
N PHE J 100 17.51 35.33 12.03
CA PHE J 100 17.15 34.50 10.90
C PHE J 100 16.94 35.28 9.62
N SER J 101 16.83 36.59 9.67
CA SER J 101 16.99 37.41 8.44
C SER J 101 18.39 37.19 7.82
N LEU J 102 19.45 37.10 8.61
CA LEU J 102 20.74 36.92 8.06
C LEU J 102 20.92 35.46 7.56
N ILE J 103 20.27 34.51 8.18
CA ILE J 103 20.22 33.22 7.65
C ILE J 103 19.45 33.23 6.35
N GLN J 104 18.44 34.03 6.28
CA GLN J 104 17.69 34.16 4.99
C GLN J 104 18.55 34.72 3.85
N LYS J 105 19.30 35.77 4.10
CA LYS J 105 20.12 36.43 3.06
C LYS J 105 21.21 35.53 2.63
N THR J 106 21.66 34.65 3.59
CA THR J 106 22.73 33.66 3.29
C THR J 106 22.25 32.51 2.41
N LEU J 107 21.29 31.72 2.93
CA LEU J 107 20.96 30.46 2.25
C LEU J 107 20.23 30.71 1.01
N THR J 108 19.62 31.88 0.88
CA THR J 108 19.02 32.27 -0.38
C THR J 108 19.98 32.71 -1.41
N GLU J 109 21.13 33.23 -1.00
CA GLU J 109 22.13 33.57 -1.96
C GLU J 109 22.88 32.35 -2.52
N LEU J 110 22.93 31.31 -1.68
CA LEU J 110 23.26 29.93 -2.15
C LEU J 110 22.16 29.31 -3.03
N ASN J 111 20.93 29.66 -2.73
CA ASN J 111 19.73 29.21 -3.57
C ASN J 111 19.80 29.89 -4.97
N GLN J 112 20.25 31.16 -5.07
CA GLN J 112 20.39 31.74 -6.41
C GLN J 112 21.70 31.31 -7.08
N SER J 113 22.80 31.07 -6.24
CA SER J 113 24.08 30.68 -6.82
C SER J 113 23.97 29.28 -7.45
N VAL J 114 23.28 28.36 -6.73
CA VAL J 114 23.04 26.98 -7.10
C VAL J 114 24.32 26.17 -7.20
N THR J 121 26.77 19.91 -9.21
CA THR J 121 27.24 19.56 -7.86
C THR J 121 26.20 18.75 -7.06
N ASP J 122 25.00 19.31 -6.81
CA ASP J 122 23.90 18.53 -6.26
C ASP J 122 24.19 18.27 -4.77
N ASP J 123 25.21 18.98 -4.22
CA ASP J 123 25.69 18.82 -2.79
C ASP J 123 24.67 19.40 -1.82
N PRO J 124 24.40 18.69 -0.66
CA PRO J 124 23.37 19.32 0.13
C PRO J 124 23.95 20.14 1.28
N ILE J 125 23.62 21.41 1.35
CA ILE J 125 24.10 22.30 2.36
C ILE J 125 23.67 21.78 3.76
N ARG J 126 24.58 21.89 4.74
CA ARG J 126 24.29 21.47 6.08
C ARG J 126 23.91 22.64 6.93
N LEU J 127 23.09 22.44 7.98
CA LEU J 127 22.67 23.47 8.94
C LEU J 127 22.57 22.89 10.32
N THR J 128 22.88 23.73 11.30
CA THR J 128 22.75 23.36 12.73
C THR J 128 22.17 24.59 13.48
N ILE J 129 21.03 24.44 14.12
CA ILE J 129 20.23 25.49 14.77
C ILE J 129 19.86 25.09 16.20
N HIS J 130 20.12 26.02 17.15
CA HIS J 130 20.07 25.70 18.58
C HIS J 130 19.05 26.55 19.25
N SER J 131 17.99 25.99 19.81
CA SER J 131 16.96 26.79 20.47
C SER J 131 16.42 25.94 21.62
N PRO J 132 16.15 26.55 22.77
CA PRO J 132 15.56 25.73 23.90
C PRO J 132 14.15 25.20 23.64
N ASN J 133 13.40 25.83 22.76
CA ASN J 133 12.07 25.33 22.45
C ASN J 133 12.14 24.06 21.56
N ILE J 134 13.09 23.99 20.72
CA ILE J 134 13.10 23.08 19.59
C ILE J 134 13.60 21.68 20.07
N PRO J 135 12.98 20.57 19.73
CA PRO J 135 13.63 19.24 20.01
C PRO J 135 14.60 18.85 18.82
N ASP J 136 15.72 18.26 19.17
CA ASP J 136 16.75 17.93 18.19
C ASP J 136 16.22 16.91 17.20
N LEU J 137 16.45 17.20 15.94
CA LEU J 137 15.85 16.41 14.97
C LEU J 137 16.90 16.25 13.88
N SER J 138 16.50 15.76 12.75
CA SER J 138 17.41 15.55 11.64
C SER J 138 16.69 15.37 10.32
N LEU J 139 16.02 16.53 9.94
CA LEU J 139 15.29 16.52 8.70
C LEU J 139 16.11 17.12 7.55
N ILE J 140 15.91 16.63 6.29
CA ILE J 140 16.50 17.20 5.08
C ILE J 140 15.40 17.49 4.13
N ASP J 141 15.49 18.65 3.46
CA ASP J 141 14.47 19.25 2.63
C ASP J 141 14.92 19.34 1.19
N LEU J 142 14.50 18.42 0.33
CA LEU J 142 14.81 18.47 -1.11
C LEU J 142 13.75 19.20 -1.88
N PRO J 143 13.99 19.51 -3.13
CA PRO J 143 12.99 20.30 -3.88
C PRO J 143 11.69 19.51 -4.04
N GLY J 144 10.55 20.23 -3.86
CA GLY J 144 9.22 19.55 -4.04
C GLY J 144 8.77 19.49 -5.48
N TYR J 145 7.92 18.49 -5.71
CA TYR J 145 7.44 18.21 -7.02
C TYR J 145 6.64 19.40 -7.55
N ILE J 146 6.76 19.59 -8.90
CA ILE J 146 6.07 20.66 -9.57
C ILE J 146 5.21 20.09 -10.66
N LEU J 157 13.84 18.72 -16.79
CA LEU J 157 13.78 19.77 -15.73
C LEU J 157 13.06 19.26 -14.51
N LYS J 158 11.78 19.00 -14.70
CA LYS J 158 10.97 18.44 -13.69
C LYS J 158 11.33 17.02 -13.49
N ARG J 159 11.55 16.35 -14.61
CA ARG J 159 12.03 14.91 -14.72
C ARG J 159 13.38 14.77 -13.92
N LYS J 160 14.22 15.78 -13.96
CA LYS J 160 15.47 15.79 -13.11
C LYS J 160 15.15 15.85 -11.65
N ILE J 161 14.23 16.75 -11.30
CA ILE J 161 13.92 17.01 -9.89
C ILE J 161 13.31 15.83 -9.28
N THR J 162 12.40 15.18 -10.05
CA THR J 162 11.75 13.94 -9.64
C THR J 162 12.85 12.84 -9.36
N GLU J 163 13.81 12.81 -10.25
CA GLU J 163 14.87 11.86 -10.19
C GLU J 163 15.61 11.93 -8.86
N LEU J 164 15.84 13.16 -8.37
CA LEU J 164 16.62 13.30 -7.11
C LEU J 164 15.75 12.82 -5.95
N CYS J 165 14.51 13.13 -6.07
CA CYS J 165 13.63 12.81 -5.04
C CYS J 165 13.49 11.30 -4.92
N ASP J 166 13.44 10.59 -6.02
CA ASP J 166 13.35 9.14 -5.94
C ASP J 166 14.59 8.52 -5.35
N LYS J 167 15.70 9.03 -5.71
CA LYS J 167 16.90 8.47 -5.22
C LYS J 167 16.91 8.64 -3.75
N TYR J 168 16.59 9.81 -3.27
CA TYR J 168 16.60 10.05 -1.81
C TYR J 168 15.55 9.29 -1.05
N ILE J 169 14.40 9.11 -1.65
CA ILE J 169 13.34 8.44 -0.96
C ILE J 169 13.54 6.97 -0.95
N ARG J 170 14.19 6.45 -1.97
CA ARG J 170 14.43 5.00 -1.97
C ARG J 170 15.12 4.48 -0.74
N GLY J 171 16.34 4.74 -0.58
CA GLY J 171 17.01 4.33 0.64
C GLY J 171 16.10 4.44 1.88
N PRO J 172 16.26 3.55 2.88
CA PRO J 172 15.36 3.45 4.04
C PRO J 172 15.39 4.66 4.99
N ASN J 173 15.07 5.85 4.48
CA ASN J 173 14.92 6.94 5.27
C ASN J 173 13.45 7.09 5.69
N ILE J 174 13.23 7.79 6.79
CA ILE J 174 11.87 8.05 7.29
C ILE J 174 11.32 9.25 6.51
N ILE J 175 10.44 8.98 5.64
CA ILE J 175 9.98 10.00 4.66
C ILE J 175 8.75 10.74 5.22
N LEU J 176 8.77 12.03 5.12
CA LEU J 176 7.75 12.89 5.71
C LEU J 176 7.00 13.49 4.51
N ALA J 177 5.79 12.96 4.24
CA ALA J 177 4.99 13.58 3.19
C ALA J 177 3.98 14.53 3.72
N ILE J 178 3.85 15.67 2.99
CA ILE J 178 2.78 16.66 3.35
C ILE J 178 1.77 16.73 2.20
N SER J 179 0.57 17.14 2.56
CA SER J 179 -0.54 17.32 1.55
C SER J 179 -1.42 18.50 1.94
N ALA J 180 -1.63 19.37 1.01
CA ALA J 180 -2.58 20.43 1.18
C ALA J 180 -4.02 19.89 1.17
N ALA J 181 -4.86 20.43 2.09
CA ALA J 181 -6.25 20.02 2.15
C ALA J 181 -7.01 20.19 0.88
N ASP J 182 -6.73 21.19 0.08
CA ASP J 182 -7.51 21.39 -1.15
C ASP J 182 -7.37 20.31 -2.16
N THR J 183 -6.16 19.71 -2.24
CA THR J 183 -5.92 18.66 -3.22
C THR J 183 -6.52 17.34 -2.86
N ASP J 184 -7.01 16.66 -3.93
CA ASP J 184 -7.43 15.28 -3.77
C ASP J 184 -6.23 14.51 -3.21
N LEU J 185 -6.46 13.55 -2.33
CA LEU J 185 -5.38 12.85 -1.82
C LEU J 185 -4.67 12.03 -2.87
N ALA J 186 -5.44 11.38 -3.72
CA ALA J 186 -4.84 10.56 -4.80
C ALA J 186 -3.94 11.44 -5.73
N ASN J 187 -4.39 12.64 -5.96
CA ASN J 187 -3.75 13.52 -6.90
C ASN J 187 -2.33 13.98 -6.49
N SER J 188 -2.14 14.20 -5.15
CA SER J 188 -0.87 14.72 -4.68
C SER J 188 0.30 13.76 -4.92
N THR J 189 1.36 14.32 -5.45
CA THR J 189 2.57 13.62 -5.75
C THR J 189 3.30 13.15 -4.53
N ALA J 190 3.38 14.02 -3.47
CA ALA J 190 4.02 13.68 -2.21
C ALA J 190 3.61 12.30 -1.66
N LEU J 191 2.28 12.17 -1.36
CA LEU J 191 1.80 10.87 -0.91
C LEU J 191 1.86 9.82 -2.01
N GLN J 192 1.83 10.23 -3.25
CA GLN J 192 1.86 9.28 -4.27
C GLN J 192 3.27 8.61 -4.44
N ALA J 193 4.35 9.38 -4.50
CA ALA J 193 5.69 8.82 -4.61
C ALA J 193 6.09 8.10 -3.35
N SER J 194 5.62 8.55 -2.17
CA SER J 194 5.79 7.77 -0.93
C SER J 194 5.09 6.43 -1.10
N ARG J 195 3.95 6.37 -1.89
CA ARG J 195 3.38 5.05 -2.18
C ARG J 195 4.17 4.29 -3.18
N ARG J 196 4.82 5.00 -4.12
CA ARG J 196 5.60 4.37 -5.17
C ARG J 196 6.85 3.65 -4.56
N VAL J 197 7.53 4.33 -3.59
CA VAL J 197 8.70 3.71 -2.95
C VAL J 197 8.35 2.95 -1.68
N ASP J 198 7.19 3.12 -1.11
CA ASP J 198 6.77 2.36 0.07
C ASP J 198 5.31 1.93 -0.17
N PRO J 199 5.09 0.73 -0.70
CA PRO J 199 3.71 0.27 -0.79
C PRO J 199 3.13 -0.06 0.52
N ARG J 200 3.92 -0.32 1.45
CA ARG J 200 3.46 -0.68 2.75
C ARG J 200 3.15 0.51 3.62
N GLY J 201 3.66 1.64 3.28
CA GLY J 201 3.44 2.77 4.13
C GLY J 201 3.99 2.69 5.59
N GLU J 202 4.96 1.81 5.88
CA GLU J 202 5.39 1.59 7.30
C GLU J 202 6.47 2.60 7.63
N ARG J 203 7.16 3.13 6.68
CA ARG J 203 8.26 4.10 6.93
C ARG J 203 7.94 5.50 6.41
N THR J 204 6.70 5.87 6.24
CA THR J 204 6.34 7.25 5.81
C THR J 204 5.20 7.73 6.73
N ILE J 205 5.26 8.92 7.24
CA ILE J 205 4.13 9.56 7.93
C ILE J 205 3.64 10.65 7.04
N GLY J 206 2.38 11.02 7.23
CA GLY J 206 1.70 12.04 6.47
C GLY J 206 1.29 13.27 7.31
N VAL J 207 1.40 14.48 6.73
CA VAL J 207 0.96 15.67 7.33
C VAL J 207 0.00 16.39 6.36
N ILE J 208 -1.21 16.63 6.83
CA ILE J 208 -2.20 17.45 6.08
C ILE J 208 -2.08 18.90 6.57
N THR J 209 -1.68 19.75 5.69
CA THR J 209 -1.40 21.20 5.88
C THR J 209 -2.55 22.05 5.31
N LYS J 210 -2.43 23.34 5.54
CA LYS J 210 -3.44 24.36 5.12
C LYS J 210 -4.83 23.90 5.45
N MET J 211 -5.03 23.44 6.71
CA MET J 211 -6.27 22.76 7.07
C MET J 211 -7.26 23.72 7.75
N ASP J 212 -6.88 24.99 7.84
CA ASP J 212 -7.76 26.01 8.47
C ASP J 212 -8.95 26.35 7.59
N LEU J 213 -8.89 25.99 6.25
CA LEU J 213 -9.95 26.46 5.35
C LEU J 213 -10.81 25.29 4.89
N VAL J 214 -11.19 24.47 5.80
CA VAL J 214 -12.02 23.27 5.44
C VAL J 214 -12.97 22.95 6.59
N GLU J 215 -14.03 22.20 6.31
CA GLU J 215 -14.90 21.80 7.36
C GLU J 215 -14.22 20.76 8.24
N PRO J 216 -14.60 20.71 9.52
CA PRO J 216 -14.15 19.74 10.48
C PRO J 216 -14.63 18.40 10.03
N GLU J 217 -15.68 18.35 9.21
CA GLU J 217 -16.03 17.14 8.54
C GLU J 217 -14.82 16.86 7.65
N LYS J 218 -14.35 17.89 6.94
CA LYS J 218 -13.22 17.72 5.99
C LYS J 218 -11.96 17.23 6.58
N GLY J 219 -11.70 17.59 7.84
CA GLY J 219 -10.52 17.10 8.50
C GLY J 219 -10.70 15.71 8.80
N ALA J 220 -11.89 15.36 9.11
CA ALA J 220 -12.17 13.98 9.52
C ALA J 220 -11.99 13.15 8.25
N ALA J 221 -12.37 13.64 7.13
CA ALA J 221 -12.24 12.73 6.05
C ALA J 221 -10.78 12.60 5.70
N ILE J 222 -10.03 13.66 5.74
CA ILE J 222 -8.61 13.62 5.48
C ILE J 222 -7.68 13.08 6.54
N LEU J 223 -7.83 13.50 7.78
CA LEU J 223 -6.90 13.09 8.82
C LEU J 223 -7.08 11.60 9.05
N SER J 224 -8.30 11.02 9.00
CA SER J 224 -8.51 9.53 9.03
C SER J 224 -9.09 9.03 7.75
N ASP J 225 -8.44 8.06 7.16
CA ASP J 225 -8.93 7.42 5.93
C ASP J 225 -8.30 6.12 5.97
N ARG J 226 -8.93 5.23 5.23
CA ARG J 226 -8.52 3.81 5.16
C ARG J 226 -8.10 3.45 3.75
N GLN J 227 -8.32 4.39 2.78
CA GLN J 227 -7.99 4.19 1.38
C GLN J 227 -6.48 4.05 1.30
N TYR J 228 -5.77 4.68 2.18
CA TYR J 228 -4.36 4.65 1.93
C TYR J 228 -3.62 4.66 3.26
N PRO J 229 -3.94 3.69 4.10
CA PRO J 229 -3.43 3.69 5.51
C PRO J 229 -1.94 3.45 5.55
N LEU J 230 -1.39 3.85 6.61
CA LEU J 230 0.00 3.67 6.89
C LEU J 230 0.20 3.59 8.40
N LYS J 231 1.22 2.91 8.83
CA LYS J 231 1.65 3.09 10.21
C LYS J 231 2.05 4.53 10.44
N LEU J 232 2.22 4.89 11.75
CA LEU J 232 2.53 6.16 12.24
C LEU J 232 1.47 7.22 11.97
N GLY J 233 0.49 6.92 11.18
CA GLY J 233 -0.65 7.77 11.02
C GLY J 233 -0.38 9.05 10.24
N TYR J 234 -1.40 9.89 10.13
CA TYR J 234 -1.33 11.24 9.57
C TYR J 234 -1.43 12.29 10.72
N VAL J 235 -0.96 13.53 10.45
CA VAL J 235 -1.04 14.59 11.44
C VAL J 235 -1.43 15.87 10.68
N GLY J 236 -2.61 16.46 11.00
CA GLY J 236 -3.05 17.63 10.41
C GLY J 236 -2.62 18.82 11.26
N VAL J 237 -2.15 19.88 10.63
CA VAL J 237 -1.76 21.10 11.29
C VAL J 237 -1.78 22.31 10.33
N ILE J 238 -2.07 23.48 10.87
CA ILE J 238 -2.16 24.71 10.11
C ILE J 238 -1.00 25.55 10.53
N SER J 239 -0.02 25.75 9.69
CA SER J 239 1.21 26.54 10.00
C SER J 239 1.25 27.81 9.20
N LYS J 240 1.28 28.92 9.90
CA LYS J 240 1.47 30.26 9.34
C LYS J 240 1.34 31.35 10.32
N GLY J 253 8.10 39.54 19.04
CA GLY J 253 8.85 38.32 19.01
C GLY J 253 7.94 37.16 19.44
N ASN J 254 8.54 36.01 19.78
CA ASN J 254 7.83 34.86 20.29
C ASN J 254 6.75 34.33 19.33
N LEU J 255 7.17 34.15 18.08
CA LEU J 255 6.29 33.69 17.04
C LEU J 255 5.96 32.23 17.24
N LEU J 256 6.93 31.48 17.73
CA LEU J 256 6.73 30.04 18.02
C LEU J 256 5.46 29.84 18.86
N ALA J 257 5.51 30.23 20.12
CA ALA J 257 4.42 30.02 21.02
C ALA J 257 3.16 30.50 20.44
N SER J 258 3.20 31.52 19.65
CA SER J 258 1.93 32.01 19.14
C SER J 258 1.32 31.14 18.12
N ILE J 259 2.15 30.59 17.25
CA ILE J 259 1.61 29.63 16.32
C ILE J 259 1.13 28.52 17.16
N ASN J 260 1.59 28.48 18.38
CA ASN J 260 1.16 27.34 19.27
C ASN J 260 -0.18 27.64 19.84
N ARG J 261 -0.30 28.90 20.19
CA ARG J 261 -1.49 29.38 20.83
C ARG J 261 -2.74 29.25 19.90
N ASN J 262 -2.51 29.52 18.61
CA ASN J 262 -3.58 29.40 17.63
C ASN J 262 -4.05 27.94 17.55
N GLU J 263 -3.07 27.04 17.47
CA GLU J 263 -3.44 25.68 17.38
C GLU J 263 -4.27 25.24 18.60
N LYS J 264 -3.94 25.88 19.71
CA LYS J 264 -4.66 25.68 20.86
C LYS J 264 -6.10 26.24 20.73
N ASN J 265 -6.17 27.46 20.20
CA ASN J 265 -7.41 28.16 20.02
C ASN J 265 -8.45 27.83 18.91
N TYR J 266 -7.99 27.53 17.68
CA TYR J 266 -8.81 27.06 16.56
C TYR J 266 -9.62 25.79 16.67
N PHE J 267 -9.03 24.74 17.25
CA PHE J 267 -9.75 23.51 17.45
C PHE J 267 -10.95 23.77 18.30
N GLY J 268 -10.99 24.96 18.82
CA GLY J 268 -12.08 25.44 19.71
C GLY J 268 -13.29 25.70 18.89
N SER J 269 -13.17 26.27 17.74
CA SER J 269 -14.37 26.51 16.92
C SER J 269 -15.07 25.18 16.72
N HIS J 270 -14.27 24.07 16.37
CA HIS J 270 -14.85 22.74 16.17
C HIS J 270 -14.11 21.83 17.06
N PRO J 271 -14.37 21.96 18.42
CA PRO J 271 -13.59 21.07 19.29
C PRO J 271 -13.89 19.56 19.14
N THR J 272 -15.10 19.21 19.07
CA THR J 272 -15.54 17.81 18.96
C THR J 272 -15.00 17.11 17.64
N GLU J 273 -15.08 17.76 16.51
CA GLU J 273 -14.61 17.13 15.32
C GLU J 273 -13.12 16.76 15.47
N PHE J 274 -12.26 17.66 15.96
CA PHE J 274 -10.85 17.23 16.08
C PHE J 274 -10.24 17.59 17.39
N GLY J 275 -10.44 16.70 18.35
CA GLY J 275 -10.10 16.94 19.72
C GLY J 275 -9.85 15.63 20.49
N PRO J 276 -9.56 15.80 21.80
CA PRO J 276 -9.41 14.51 22.53
C PRO J 276 -10.53 13.45 22.42
N ASP J 277 -10.00 12.27 22.18
CA ASP J 277 -10.74 11.06 21.97
C ASP J 277 -11.17 10.91 20.54
N SER J 278 -10.89 11.93 19.85
CA SER J 278 -11.25 12.05 18.49
C SER J 278 -10.24 11.13 17.92
N GLY J 279 -10.49 10.47 16.85
CA GLY J 279 -9.48 9.66 16.33
C GLY J 279 -8.26 10.34 15.81
N VAL J 280 -8.45 11.46 15.12
CA VAL J 280 -7.43 12.11 14.47
C VAL J 280 -6.37 12.66 15.45
N SER J 281 -5.19 12.98 15.01
CA SER J 281 -4.22 13.56 15.90
C SER J 281 -3.76 14.93 15.31
N THR J 282 -3.65 16.03 16.13
CA THR J 282 -3.16 17.26 15.55
C THR J 282 -2.49 18.33 16.40
N GLY J 283 -1.79 19.23 15.77
CA GLY J 283 -0.96 20.15 16.52
C GLY J 283 0.49 19.90 16.22
N VAL J 284 1.34 20.86 16.52
CA VAL J 284 2.78 20.74 16.12
C VAL J 284 3.57 19.88 17.10
N MET J 285 3.23 19.95 18.39
CA MET J 285 3.97 19.29 19.47
C MET J 285 3.80 17.79 19.46
N THR J 286 2.57 17.31 19.24
CA THR J 286 2.33 15.83 19.15
C THR J 286 2.96 15.22 17.88
N LEU J 287 2.81 15.97 16.73
CA LEU J 287 3.56 15.60 15.56
C LEU J 287 5.02 15.52 15.98
N ARG J 288 5.57 16.51 16.67
CA ARG J 288 7.00 16.60 16.94
C ARG J 288 7.45 15.41 17.75
N LYS J 289 6.77 15.17 18.88
CA LYS J 289 7.05 13.97 19.71
C LYS J 289 7.03 12.70 18.88
N LYS J 290 6.05 12.56 17.97
CA LYS J 290 5.96 11.38 17.19
C LYS J 290 7.14 11.27 16.22
N LEU J 291 7.58 12.33 15.65
CA LEU J 291 8.71 12.34 14.76
C LEU J 291 9.95 11.82 15.55
N LEU J 292 10.17 12.37 16.80
CA LEU J 292 11.12 11.87 17.69
C LEU J 292 11.05 10.31 17.83
N GLN J 293 9.85 9.77 18.13
CA GLN J 293 9.73 8.36 18.30
C GLN J 293 10.22 7.62 17.08
N VAL J 294 9.69 7.99 15.91
CA VAL J 294 9.94 7.22 14.72
C VAL J 294 11.43 7.28 14.48
N LEU J 295 12.07 8.46 14.59
CA LEU J 295 13.51 8.59 14.31
C LEU J 295 14.32 7.58 15.17
N GLU J 296 13.98 7.55 16.46
CA GLU J 296 14.66 6.70 17.41
C GLU J 296 14.50 5.28 16.93
N GLN J 297 13.30 4.86 16.74
CA GLN J 297 13.05 3.44 16.40
C GLN J 297 13.79 3.03 15.12
N GLN J 298 13.62 3.81 14.00
CA GLN J 298 14.28 3.38 12.72
C GLN J 298 15.81 3.31 12.88
N MET J 299 16.41 4.44 13.32
CA MET J 299 17.81 4.56 13.44
C MET J 299 18.36 3.39 14.32
N SER J 300 17.66 3.03 15.39
CA SER J 300 18.17 1.97 16.28
C SER J 300 18.28 0.64 15.54
N SER J 301 17.31 0.32 14.69
CA SER J 301 17.43 -0.94 13.84
C SER J 301 18.55 -0.87 12.77
N LYS J 302 18.62 0.26 12.09
CA LYS J 302 19.79 0.48 11.17
C LYS J 302 21.16 0.43 11.87
N LEU J 303 21.21 0.51 13.24
CA LEU J 303 22.49 0.62 13.94
C LEU J 303 23.44 -0.57 13.57
N ASN J 304 22.89 -1.76 13.60
CA ASN J 304 23.70 -2.96 13.51
C ASN J 304 24.37 -3.06 12.13
N GLU J 305 23.53 -2.82 11.07
CA GLU J 305 24.09 -2.97 9.70
C GLU J 305 25.05 -1.81 9.50
N THR J 306 24.65 -0.66 9.86
CA THR J 306 25.59 0.50 9.66
C THR J 306 26.98 0.23 10.35
N THR J 307 26.95 -0.25 11.53
CA THR J 307 28.14 -0.39 12.33
C THR J 307 29.16 -1.35 11.67
N GLU J 308 28.65 -2.57 11.32
CA GLU J 308 29.42 -3.57 10.61
C GLU J 308 29.96 -3.01 9.31
N ALA J 309 29.15 -2.19 8.60
CA ALA J 309 29.73 -1.59 7.37
C ALA J 309 30.82 -0.63 7.64
N ILE J 310 30.75 0.12 8.75
CA ILE J 310 31.89 0.97 9.15
C ILE J 310 33.15 0.17 9.48
N GLN J 311 32.97 -0.93 10.14
CA GLN J 311 34.12 -1.77 10.46
C GLN J 311 34.82 -2.26 9.19
N ARG J 312 34.04 -2.64 8.24
CA ARG J 312 34.62 -3.20 7.02
C ARG J 312 35.35 -2.14 6.17
N GLU J 313 34.86 -0.91 6.14
CA GLU J 313 35.56 0.20 5.50
C GLU J 313 36.76 0.59 6.35
N LEU J 314 36.74 0.32 7.65
CA LEU J 314 37.94 0.49 8.47
C LEU J 314 39.00 -0.57 8.16
N GLU J 315 38.52 -1.87 7.96
CA GLU J 315 39.47 -2.96 7.65
C GLU J 315 40.21 -2.65 6.42
N GLU J 316 39.47 -2.24 5.38
CA GLU J 316 40.17 -1.91 4.09
C GLU J 316 41.05 -0.60 4.23
N THR J 317 40.60 0.46 5.02
CA THR J 317 41.48 1.62 5.15
C THR J 317 42.73 1.18 5.89
N THR J 318 42.56 0.36 6.84
CA THR J 318 43.78 -0.19 7.54
C THR J 318 44.66 -1.04 6.63
N TYR J 319 44.09 -1.84 5.72
CA TYR J 319 44.89 -2.67 4.86
C TYR J 319 45.71 -1.81 4.00
N GLN J 320 45.07 -0.77 3.42
CA GLN J 320 45.84 0.28 2.60
C GLN J 320 46.92 0.95 3.44
N PHE J 321 46.66 1.19 4.75
CA PHE J 321 47.60 1.78 5.66
C PHE J 321 48.84 0.91 5.90
N LYS J 322 48.63 -0.44 5.93
CA LYS J 322 49.73 -1.42 6.11
C LYS J 322 50.58 -1.43 4.78
N VAL J 323 49.92 -1.56 3.65
CA VAL J 323 50.63 -1.73 2.36
C VAL J 323 51.38 -0.45 1.98
N GLN J 324 50.67 0.70 2.16
CA GLN J 324 51.22 1.99 1.82
C GLN J 324 51.53 2.62 3.16
N TYR J 325 52.85 2.96 3.36
CA TYR J 325 53.43 3.73 4.54
C TYR J 325 53.73 2.84 5.74
N ASN J 326 53.53 1.48 5.64
CA ASN J 326 53.88 0.57 6.72
C ASN J 326 53.28 0.99 8.06
N GLU J 327 52.08 1.66 8.05
CA GLU J 327 51.39 2.16 9.18
C GLU J 327 52.23 3.15 10.04
N GLN J 328 53.19 3.89 9.45
CA GLN J 328 53.96 4.72 10.38
C GLN J 328 53.38 6.06 10.56
N PRO J 329 53.44 6.60 11.75
CA PRO J 329 52.75 7.86 12.09
C PRO J 329 53.42 9.15 11.36
N MET J 330 52.56 10.14 11.07
CA MET J 330 53.05 11.39 10.44
C MET J 330 52.10 12.53 10.55
N SER J 331 52.62 13.67 11.01
CA SER J 331 51.93 14.96 10.87
C SER J 331 52.72 15.87 9.89
N ALA J 332 52.07 17.02 9.48
CA ALA J 332 52.81 18.07 8.75
C ALA J 332 53.93 18.64 9.61
N GLU J 333 53.71 18.91 10.90
CA GLU J 333 54.68 19.66 11.67
C GLU J 333 55.99 18.89 11.82
N SER J 334 55.91 17.60 11.94
CA SER J 334 57.09 16.79 11.98
C SER J 334 57.81 16.86 10.68
N TYR J 335 57.04 16.77 9.53
CA TYR J 335 57.68 16.77 8.23
C TYR J 335 58.45 18.11 8.05
N LEU J 336 57.82 19.30 8.27
CA LEU J 336 58.53 20.56 8.01
C LEU J 336 59.73 20.67 8.96
N ALA J 337 59.57 20.17 10.26
CA ALA J 337 60.68 20.18 11.24
C ALA J 337 61.93 19.46 10.65
N ALA J 338 61.66 18.23 10.10
CA ALA J 338 62.73 17.39 9.49
C ALA J 338 63.45 18.10 8.38
N SER J 339 62.71 18.68 7.44
CA SER J 339 63.34 19.45 6.32
C SER J 339 64.14 20.64 6.77
N LEU J 340 63.73 21.30 7.84
CA LEU J 340 64.41 22.49 8.30
C LEU J 340 65.77 22.12 8.91
N ASP J 341 65.86 21.09 9.77
CA ASP J 341 67.08 20.77 10.33
C ASP J 341 68.08 20.32 9.31
N ASP J 342 67.61 19.54 8.30
CA ASP J 342 68.50 19.16 7.17
C ASP J 342 69.07 20.41 6.47
N PHE J 343 68.24 21.49 6.26
CA PHE J 343 68.73 22.67 5.53
C PHE J 343 69.75 23.41 6.42
N LYS J 344 69.52 23.49 7.73
CA LYS J 344 70.41 24.28 8.58
C LYS J 344 71.75 23.68 8.65
N HIS J 345 71.85 22.37 8.83
CA HIS J 345 73.12 21.69 8.81
C HIS J 345 73.83 21.80 7.50
N GLN J 346 73.08 21.69 6.36
CA GLN J 346 73.66 21.91 5.09
C GLN J 346 74.19 23.39 4.94
N PHE J 347 73.45 24.36 5.43
CA PHE J 347 73.94 25.71 5.44
C PHE J 347 75.18 25.87 6.31
N HIS J 348 75.14 25.35 7.54
CA HIS J 348 76.28 25.49 8.49
C HIS J 348 77.56 24.98 7.79
N GLU J 349 77.57 23.74 7.25
CA GLU J 349 78.71 23.28 6.54
C GLU J 349 79.17 24.31 5.47
N PHE J 350 78.27 24.85 4.69
CA PHE J 350 78.68 25.87 3.71
C PHE J 350 79.45 27.04 4.33
N ALA J 351 78.96 27.54 5.47
CA ALA J 351 79.56 28.70 6.13
C ALA J 351 80.99 28.38 6.61
N SER J 352 81.17 27.07 7.03
CA SER J 352 82.48 26.55 7.31
C SER J 352 83.33 26.54 6.07
N SER J 353 82.74 26.24 4.89
CA SER J 353 83.52 26.22 3.69
C SER J 353 83.90 27.59 3.14
N PHE J 354 83.12 28.66 3.47
CA PHE J 354 83.29 29.91 2.71
C PHE J 354 84.52 30.65 3.15
N GLY J 355 84.40 31.35 4.27
CA GLY J 355 85.45 32.11 4.80
C GLY J 355 85.85 33.37 4.00
N ARG J 356 87.15 33.74 4.09
CA ARG J 356 87.64 35.04 3.56
C ARG J 356 88.50 34.97 2.31
N PRO J 357 89.39 34.01 2.17
CA PRO J 357 90.20 33.94 0.97
C PRO J 357 89.31 33.80 -0.30
N GLN J 358 88.15 33.06 -0.23
CA GLN J 358 87.14 33.02 -1.30
C GLN J 358 86.75 34.36 -1.73
N LEU J 359 86.41 35.18 -0.82
CA LEU J 359 86.12 36.59 -1.24
C LEU J 359 87.36 37.23 -1.84
N GLN J 360 88.51 36.81 -1.38
CA GLN J 360 89.74 37.41 -1.91
C GLN J 360 89.86 37.06 -3.35
N THR J 361 89.71 35.76 -3.75
CA THR J 361 89.73 35.43 -5.12
C THR J 361 88.60 36.12 -5.93
N LEU J 362 87.39 36.16 -5.35
CA LEU J 362 86.19 36.67 -6.04
C LEU J 362 86.37 38.14 -6.41
N LEU J 363 86.82 38.91 -5.45
CA LEU J 363 87.14 40.33 -5.75
C LEU J 363 88.33 40.41 -6.72
N LYS J 364 89.29 39.50 -6.57
CA LYS J 364 90.51 39.53 -7.43
C LYS J 364 90.07 39.33 -8.82
N ASP J 365 88.96 38.66 -9.06
CA ASP J 365 88.56 38.37 -10.40
C ASP J 365 87.95 39.65 -11.04
N ALA J 366 86.97 40.20 -10.37
CA ALA J 366 86.38 41.44 -10.82
C ALA J 366 87.46 42.50 -11.08
N LEU J 367 88.38 42.73 -10.16
CA LEU J 367 89.35 43.78 -10.40
C LEU J 367 90.32 43.40 -11.51
N ASP J 368 90.47 42.08 -11.81
CA ASP J 368 91.29 41.63 -12.94
C ASP J 368 90.75 42.16 -14.20
N GLN J 369 89.44 41.93 -14.48
CA GLN J 369 88.86 42.48 -15.67
C GLN J 369 88.92 43.95 -15.63
N LYS J 370 88.80 44.57 -14.47
CA LYS J 370 89.11 46.03 -14.39
C LYS J 370 90.58 46.32 -14.86
N VAL J 371 91.57 45.49 -14.58
CA VAL J 371 92.91 45.65 -15.16
C VAL J 371 92.97 45.54 -16.67
N LEU J 372 92.31 44.54 -17.22
CA LEU J 372 92.28 44.37 -18.71
C LEU J 372 91.62 45.59 -19.40
N ASP J 373 90.49 46.02 -18.82
CA ASP J 373 89.79 47.23 -19.33
C ASP J 373 90.75 48.44 -19.32
N GLN J 374 91.32 48.71 -18.14
CA GLN J 374 92.13 49.98 -18.03
C GLN J 374 93.41 49.88 -18.88
N LEU J 375 94.12 48.76 -18.82
CA LEU J 375 95.37 48.63 -19.56
C LEU J 375 95.17 48.77 -21.13
N ALA J 376 94.13 48.08 -21.66
CA ALA J 376 93.80 48.09 -23.07
C ALA J 376 93.40 49.47 -23.54
N ALA J 377 92.58 50.12 -22.70
CA ALA J 377 92.08 51.49 -23.02
C ALA J 377 93.17 52.52 -23.02
N ARG J 378 94.32 52.23 -22.33
CA ARG J 378 95.46 53.23 -22.27
C ARG J 378 96.66 52.92 -23.17
N TYR J 379 96.96 51.63 -23.43
CA TYR J 379 98.20 51.21 -24.04
C TYR J 379 98.05 50.69 -25.46
N TRP J 380 97.02 49.81 -25.73
CA TRP J 380 97.01 48.96 -26.92
C TRP J 380 96.26 49.66 -28.07
N ASN J 381 96.21 48.92 -29.21
CA ASN J 381 95.61 49.47 -30.42
C ASN J 381 94.06 49.52 -30.22
N ARG J 382 93.46 50.55 -30.88
CA ARG J 382 92.10 50.94 -30.79
C ARG J 382 91.47 50.33 -32.09
N PRO J 383 90.09 50.10 -32.09
CA PRO J 383 89.47 49.45 -33.26
C PRO J 383 89.48 50.30 -34.51
N ILE J 384 89.56 49.63 -35.67
CA ILE J 384 89.55 50.23 -37.00
C ILE J 384 88.08 50.48 -37.34
N GLU J 385 87.72 51.73 -37.67
CA GLU J 385 86.40 52.00 -38.02
C GLU J 385 86.23 52.16 -39.52
N ASP J 386 87.02 52.94 -40.19
CA ASP J 386 86.80 53.23 -41.65
C ASP J 386 87.97 52.66 -42.45
N LEU J 387 88.18 53.14 -43.65
CA LEU J 387 89.32 52.74 -44.43
C LEU J 387 90.19 53.95 -44.83
N SER J 388 90.48 54.82 -43.88
CA SER J 388 91.33 55.96 -44.09
C SER J 388 92.77 55.58 -43.54
N PRO J 389 93.82 56.21 -44.03
CA PRO J 389 95.15 56.04 -43.44
C PRO J 389 95.14 56.56 -42.05
N ALA J 390 95.76 55.81 -41.12
CA ALA J 390 95.91 56.18 -39.70
C ALA J 390 96.93 57.34 -39.51
N PRO J 391 96.56 58.40 -38.77
CA PRO J 391 97.54 59.41 -38.51
C PRO J 391 98.62 58.88 -37.59
N ARG J 392 99.90 59.30 -37.84
CA ARG J 392 101.02 58.63 -37.08
C ARG J 392 101.17 59.16 -35.70
N GLU J 393 101.01 58.29 -34.69
CA GLU J 393 101.48 58.54 -33.33
C GLU J 393 103.00 58.41 -33.26
N PRO J 394 103.68 59.38 -32.67
CA PRO J 394 105.15 59.27 -32.51
C PRO J 394 105.56 58.10 -31.59
N ASP J 395 104.91 57.95 -30.43
CA ASP J 395 105.12 56.87 -29.54
C ASP J 395 104.28 55.69 -29.93
N ASN J 396 104.84 54.47 -29.75
CA ASN J 396 104.08 53.22 -29.94
C ASN J 396 104.52 52.20 -28.90
N ILE J 397 103.67 51.17 -28.69
CA ILE J 397 103.95 50.21 -27.65
C ILE J 397 105.31 49.40 -27.89
N ILE J 398 105.69 49.42 -29.14
CA ILE J 398 106.72 48.51 -29.59
C ILE J 398 108.15 49.02 -29.23
N ASP J 399 108.30 50.28 -28.88
CA ASP J 399 109.55 50.82 -28.34
C ASP J 399 109.37 51.20 -26.82
N LEU J 400 108.43 50.63 -26.12
CA LEU J 400 108.36 50.91 -24.69
C LEU J 400 109.61 50.38 -23.93
N PRO J 401 110.17 49.11 -24.16
CA PRO J 401 111.36 48.76 -23.45
C PRO J 401 112.55 49.73 -23.71
N LYS J 402 112.72 50.17 -24.95
CA LYS J 402 113.74 51.12 -25.27
C LYS J 402 113.10 52.49 -25.29
N ALA J 403 112.80 53.00 -24.09
CA ALA J 403 112.25 54.39 -23.96
C ALA J 403 113.10 55.11 -22.93
N ASP J 404 113.11 56.45 -23.04
CA ASP J 404 113.73 57.24 -22.04
C ASP J 404 113.01 57.13 -20.72
N PRO J 405 113.64 56.83 -19.59
CA PRO J 405 112.85 56.61 -18.42
C PRO J 405 111.97 57.74 -18.12
N ASP J 406 112.47 58.95 -18.20
CA ASP J 406 111.76 60.16 -17.74
C ASP J 406 110.90 60.71 -18.90
N SER J 407 109.94 59.91 -19.34
CA SER J 407 109.09 60.28 -20.51
C SER J 407 107.68 60.66 -20.04
N PRO J 408 107.22 61.90 -20.31
CA PRO J 408 105.87 62.31 -19.83
C PRO J 408 104.74 61.59 -20.49
N TYR J 409 104.98 61.04 -21.63
CA TYR J 409 103.84 60.33 -22.29
C TYR J 409 103.56 59.06 -21.57
N TRP J 410 104.66 58.22 -21.40
CA TRP J 410 104.48 56.93 -20.65
C TRP J 410 104.13 57.13 -19.21
N HIS J 411 104.76 58.08 -18.57
CA HIS J 411 104.45 58.42 -17.17
C HIS J 411 102.97 58.83 -17.00
N ARG J 412 102.55 59.83 -17.81
CA ARG J 412 101.17 60.21 -17.81
C ARG J 412 100.23 59.00 -18.09
N GLN J 413 100.71 58.05 -18.95
CA GLN J 413 99.83 56.97 -19.38
C GLN J 413 99.58 56.04 -18.31
N LEU J 414 100.62 55.71 -17.63
CA LEU J 414 100.50 54.72 -16.53
C LEU J 414 99.87 55.39 -15.29
N ASP J 415 100.04 56.71 -15.05
CA ASP J 415 99.47 57.36 -13.81
C ASP J 415 98.02 57.55 -13.99
N THR J 416 97.59 58.02 -15.13
CA THR J 416 96.13 58.18 -15.31
C THR J 416 95.46 56.79 -15.46
N ALA J 417 96.23 55.75 -15.88
CA ALA J 417 95.72 54.40 -15.83
C ALA J 417 95.55 53.95 -14.35
N CYS J 418 96.49 54.36 -13.46
CA CYS J 418 96.37 53.97 -12.04
C CYS J 418 95.19 54.67 -11.38
N SER J 419 95.01 55.97 -11.63
CA SER J 419 93.93 56.73 -10.98
C SER J 419 92.60 56.22 -11.50
N GLY J 420 92.48 55.80 -12.77
CA GLY J 420 91.23 55.38 -13.26
C GLY J 420 90.79 54.11 -12.66
N LEU J 421 91.71 53.24 -12.36
CA LEU J 421 91.40 51.99 -11.67
C LEU J 421 91.01 52.26 -10.23
N THR J 422 91.73 53.15 -9.61
CA THR J 422 91.46 53.32 -8.15
C THR J 422 90.16 54.19 -7.85
N ARG J 423 89.81 55.21 -8.72
CA ARG J 423 88.62 55.99 -8.43
C ARG J 423 87.35 55.43 -9.05
N LEU J 424 87.19 54.05 -8.95
CA LEU J 424 85.99 53.33 -9.42
C LEU J 424 85.26 52.87 -8.21
N GLY J 425 84.05 52.52 -8.42
CA GLY J 425 83.22 52.14 -7.26
C GLY J 425 83.67 50.78 -6.86
N VAL J 426 84.92 50.65 -6.28
CA VAL J 426 85.44 49.39 -5.77
C VAL J 426 84.68 48.91 -4.48
N GLY J 427 84.20 49.82 -3.71
CA GLY J 427 83.36 49.45 -2.57
C GLY J 427 81.99 48.82 -2.93
N ARG J 428 81.23 49.51 -3.79
CA ARG J 428 79.99 48.98 -4.29
C ARG J 428 80.16 47.75 -5.14
N LEU J 429 81.24 47.66 -5.92
CA LEU J 429 81.64 46.41 -6.65
C LEU J 429 81.83 45.23 -5.69
N ALA J 430 82.65 45.43 -4.70
CA ALA J 430 82.96 44.35 -3.70
C ALA J 430 81.70 43.92 -2.97
N ALA J 431 80.81 44.87 -2.67
CA ALA J 431 79.64 44.63 -1.92
C ALA J 431 78.57 43.93 -2.77
N THR J 432 78.44 44.34 -4.00
CA THR J 432 77.55 43.58 -4.91
C THR J 432 78.13 42.21 -5.28
N VAL J 433 79.43 42.11 -5.57
CA VAL J 433 80.01 40.85 -5.91
C VAL J 433 79.79 39.79 -4.79
N ALA J 434 80.28 40.15 -3.53
CA ALA J 434 80.04 39.34 -2.35
C ALA J 434 78.56 39.05 -2.10
N ALA J 435 77.70 40.01 -2.36
CA ALA J 435 76.24 39.73 -2.29
C ALA J 435 75.77 38.64 -3.30
N SER J 436 75.98 38.88 -4.61
CA SER J 436 75.51 37.92 -5.63
C SER J 436 76.12 36.55 -5.34
N ALA J 437 77.40 36.50 -4.90
CA ALA J 437 78.10 35.20 -4.59
C ALA J 437 77.47 34.41 -3.41
N ILE J 438 77.32 35.08 -2.30
CA ILE J 438 76.74 34.45 -1.17
C ILE J 438 75.40 33.91 -1.59
N GLN J 439 74.53 34.82 -2.16
CA GLN J 439 73.13 34.36 -2.47
C GLN J 439 73.19 33.22 -3.52
N GLN J 440 74.07 33.25 -4.46
CA GLN J 440 74.18 32.19 -5.46
C GLN J 440 74.54 30.86 -4.77
N HIS J 441 75.58 30.91 -3.88
CA HIS J 441 75.82 29.71 -2.96
C HIS J 441 74.54 29.30 -2.24
N VAL J 442 73.74 30.24 -1.84
CA VAL J 442 72.53 29.88 -1.12
C VAL J 442 71.52 29.28 -2.04
N GLU J 443 71.44 29.72 -3.25
CA GLU J 443 70.45 29.22 -4.27
C GLU J 443 70.77 27.82 -4.73
N LYS J 444 72.01 27.58 -4.99
CA LYS J 444 72.49 26.27 -5.26
C LYS J 444 72.26 25.28 -4.11
N LEU J 445 72.58 25.75 -2.95
CA LEU J 445 72.34 24.92 -1.71
C LEU J 445 70.85 24.62 -1.54
N LEU J 446 69.98 25.60 -1.95
CA LEU J 446 68.57 25.33 -2.03
C LEU J 446 68.16 24.28 -3.12
N ASP J 447 68.89 24.30 -4.24
CA ASP J 447 68.58 23.28 -5.26
C ASP J 447 68.92 21.86 -4.74
N LYS J 448 70.05 21.70 -4.14
CA LYS J 448 70.38 20.37 -3.60
C LYS J 448 69.61 20.09 -2.34
N SER J 449 68.91 21.05 -1.76
CA SER J 449 68.29 20.86 -0.47
C SER J 449 66.98 20.07 -0.62
N SER J 450 66.32 19.94 0.52
CA SER J 450 65.05 19.31 0.58
C SER J 450 63.89 20.27 0.17
N PHE J 451 64.20 21.55 0.00
CA PHE J 451 63.23 22.54 -0.29
C PHE J 451 63.19 22.73 -1.82
N ALA J 452 63.59 21.68 -2.53
CA ALA J 452 63.44 21.56 -3.98
C ALA J 452 61.98 21.73 -4.47
N LYS J 453 61.07 20.92 -3.81
CA LYS J 453 59.65 21.09 -3.98
C LYS J 453 59.26 22.29 -3.07
N HIS J 454 57.94 22.54 -2.91
CA HIS J 454 57.40 23.69 -2.14
C HIS J 454 58.01 25.02 -2.64
N PRO J 455 57.62 25.58 -3.77
CA PRO J 455 58.33 26.78 -4.23
C PRO J 455 58.25 27.90 -3.23
N SER J 456 57.19 27.94 -2.40
CA SER J 456 57.02 29.02 -1.45
C SER J 456 58.03 28.97 -0.36
N ALA J 457 58.21 27.83 0.23
CA ALA J 457 59.17 27.77 1.34
C ALA J 457 60.57 27.96 0.82
N ARG J 458 60.87 27.45 -0.40
CA ARG J 458 62.06 27.83 -1.14
C ARG J 458 62.20 29.35 -1.33
N LYS J 459 61.13 29.99 -1.77
CA LYS J 459 61.17 31.45 -1.91
C LYS J 459 61.42 32.16 -0.68
N VAL J 460 60.87 31.65 0.40
CA VAL J 460 60.92 32.39 1.68
C VAL J 460 62.32 32.32 2.21
N ILE J 461 63.03 31.17 2.04
CA ILE J 461 64.43 31.10 2.40
C ILE J 461 65.27 32.08 1.54
N SER J 462 65.06 32.02 0.22
CA SER J 462 65.75 32.92 -0.70
C SER J 462 65.59 34.38 -0.37
N ASP J 463 64.30 34.78 -0.16
CA ASP J 463 63.97 36.14 0.14
C ASP J 463 64.60 36.56 1.44
N ALA J 464 64.77 35.63 2.42
CA ALA J 464 65.40 36.03 3.68
C ALA J 464 66.89 36.41 3.47
N ALA J 465 67.63 35.49 2.79
CA ALA J 465 69.01 35.76 2.45
C ALA J 465 69.18 37.09 1.70
N ALA J 466 68.38 37.35 0.66
CA ALA J 466 68.47 38.61 -0.09
C ALA J 466 68.13 39.82 0.75
N THR J 467 67.11 39.68 1.62
CA THR J 467 66.75 40.81 2.46
C THR J 467 67.85 41.13 3.43
N VAL J 468 68.50 40.11 4.03
CA VAL J 468 69.61 40.35 4.98
C VAL J 468 70.79 41.01 4.28
N LEU J 469 71.22 40.40 3.21
CA LEU J 469 72.32 41.03 2.41
C LEU J 469 72.02 42.46 1.95
N ALA J 470 70.82 42.73 1.44
CA ALA J 470 70.35 44.08 1.00
C ALA J 470 70.37 45.04 2.17
N ASP J 471 70.07 44.59 3.36
CA ASP J 471 70.13 45.47 4.50
C ASP J 471 71.54 45.89 4.83
N ARG J 472 72.48 45.02 4.73
CA ARG J 472 73.84 45.37 5.08
C ARG J 472 74.68 45.89 3.93
N SER J 473 74.12 45.96 2.72
CA SER J 473 74.85 46.29 1.52
C SER J 473 75.56 47.68 1.61
N TYR J 474 74.92 48.73 2.09
CA TYR J 474 75.43 50.10 1.99
C TYR J 474 76.67 50.30 2.95
N ALA J 475 76.44 49.91 4.20
CA ALA J 475 77.48 50.13 5.21
C ALA J 475 78.80 49.46 4.82
N THR J 476 78.73 48.21 4.27
CA THR J 476 79.86 47.48 3.73
C THR J 476 80.55 48.23 2.61
N SER J 477 79.78 48.68 1.62
CA SER J 477 80.34 49.48 0.56
C SER J 477 81.02 50.80 1.09
N ASP J 478 80.32 51.60 1.75
CA ASP J 478 80.92 52.84 2.20
C ASP J 478 82.18 52.64 3.02
N GLY J 479 82.15 51.86 4.12
CA GLY J 479 83.39 51.58 4.85
C GLY J 479 84.52 51.04 3.97
N ILE J 480 84.18 50.30 2.89
CA ILE J 480 85.21 49.81 2.08
C ILE J 480 85.86 50.97 1.36
N GLU J 481 85.04 51.94 0.84
CA GLU J 481 85.70 53.08 0.20
C GLU J 481 86.56 53.94 1.15
N ILE J 482 86.09 54.09 2.41
CA ILE J 482 86.85 54.80 3.35
C ILE J 482 88.09 54.04 3.77
N SER J 483 88.01 52.72 3.86
CA SER J 483 89.28 52.03 4.23
C SER J 483 90.27 52.03 3.08
N LEU J 484 89.79 52.12 1.86
CA LEU J 484 90.67 52.13 0.72
C LEU J 484 91.17 53.52 0.45
N LYS J 485 90.62 54.51 1.04
CA LYS J 485 91.13 55.91 0.85
C LYS J 485 92.71 56.04 0.93
N PRO J 486 93.46 55.46 1.86
CA PRO J 486 94.90 55.79 1.86
C PRO J 486 95.61 55.19 0.70
N TYR J 487 95.19 53.98 0.24
CA TYR J 487 95.77 53.36 -0.92
C TYR J 487 95.34 53.95 -2.25
N LYS J 488 94.35 54.72 -2.27
CA LYS J 488 94.05 55.51 -3.49
C LYS J 488 95.10 56.59 -3.70
N PHE J 489 95.65 57.11 -2.69
CA PHE J 489 96.63 58.15 -2.76
C PHE J 489 97.95 57.55 -3.21
N ASP J 490 98.47 56.50 -2.52
CA ASP J 490 99.82 56.02 -2.82
C ASP J 490 99.81 54.57 -2.56
N PRO J 491 99.45 53.80 -3.61
CA PRO J 491 99.35 52.37 -3.41
C PRO J 491 100.71 51.68 -3.50
N ASP J 492 101.63 51.96 -2.51
CA ASP J 492 103.04 51.55 -2.60
C ASP J 492 103.09 50.01 -2.64
N ILE J 493 103.98 49.54 -3.51
CA ILE J 493 104.03 48.13 -3.90
C ILE J 493 105.34 47.55 -3.22
N GLN J 494 105.25 46.48 -2.45
CA GLN J 494 106.42 45.74 -1.96
C GLN J 494 106.96 44.87 -3.02
N PRO J 495 108.30 44.56 -3.01
CA PRO J 495 108.85 43.75 -4.11
C PRO J 495 108.15 42.39 -4.23
N ASN J 496 107.75 41.80 -3.15
CA ASN J 496 107.11 40.52 -3.21
C ASN J 496 105.71 40.70 -3.85
N GLU J 497 105.02 41.85 -3.64
CA GLU J 497 103.77 42.09 -4.34
C GLU J 497 104.00 42.42 -5.80
N TRP J 498 105.21 42.88 -6.13
CA TRP J 498 105.60 42.98 -7.54
C TRP J 498 105.78 41.56 -8.14
N ALA J 499 106.39 40.62 -7.36
CA ALA J 499 106.51 39.26 -7.85
C ALA J 499 105.15 38.63 -8.13
N GLN J 500 104.29 38.64 -7.16
CA GLN J 500 102.97 38.01 -7.35
C GLN J 500 102.25 38.46 -8.63
N GLY J 501 102.22 39.81 -8.78
CA GLY J 501 101.66 40.44 -9.97
C GLY J 501 102.29 39.98 -11.22
N ARG J 502 103.61 39.88 -11.19
CA ARG J 502 104.39 39.27 -12.35
C ARG J 502 103.88 37.91 -12.71
N GLU J 503 103.67 37.05 -11.66
CA GLU J 503 103.16 35.72 -11.95
C GLU J 503 101.79 35.72 -12.53
N HIS J 504 100.91 36.60 -11.98
CA HIS J 504 99.49 36.65 -12.38
C HIS J 504 99.35 37.27 -13.80
N VAL J 505 100.07 38.36 -14.06
CA VAL J 505 99.93 39.06 -15.32
C VAL J 505 100.16 38.12 -16.47
N VAL J 506 101.22 37.29 -16.41
CA VAL J 506 101.48 36.33 -17.54
C VAL J 506 100.22 35.50 -17.87
N GLY J 507 99.67 34.83 -16.88
CA GLY J 507 98.52 33.96 -17.11
C GLY J 507 97.34 34.72 -17.64
N VAL J 508 97.06 35.97 -17.07
CA VAL J 508 95.91 36.86 -17.54
C VAL J 508 96.12 37.27 -19.02
N LEU J 509 97.32 37.86 -19.29
CA LEU J 509 97.66 38.31 -20.62
C LEU J 509 97.60 37.12 -21.66
N GLN J 510 98.06 35.91 -21.28
CA GLN J 510 98.03 34.75 -22.23
C GLN J 510 96.63 34.13 -22.43
N ALA J 511 95.78 34.09 -21.41
CA ALA J 511 94.38 33.78 -21.70
C ALA J 511 93.75 34.81 -22.71
N GLU J 512 94.00 36.07 -22.46
CA GLU J 512 93.45 37.06 -23.41
C GLU J 512 93.97 36.89 -24.83
N LEU J 513 95.26 36.46 -25.00
CA LEU J 513 95.84 36.09 -26.33
C LEU J 513 95.16 34.82 -26.87
N GLU J 514 94.82 33.84 -25.98
CA GLU J 514 94.20 32.62 -26.50
C GLU J 514 92.89 32.94 -27.14
N GLN J 515 91.98 33.64 -26.43
CA GLN J 515 90.78 34.06 -27.05
C GLN J 515 90.99 34.77 -28.39
N CYS J 516 91.96 35.73 -28.47
CA CYS J 516 92.13 36.48 -29.72
C CYS J 516 92.33 35.57 -30.97
N GLN J 517 93.32 34.66 -30.86
CA GLN J 517 93.68 33.78 -31.93
C GLN J 517 92.48 32.80 -32.28
N ALA J 518 91.76 32.35 -31.25
CA ALA J 518 90.66 31.49 -31.57
C ALA J 518 89.59 32.25 -32.32
N ALA J 519 89.36 33.49 -31.92
CA ALA J 519 88.39 34.36 -32.60
C ALA J 519 88.82 34.71 -34.05
N MET J 520 90.11 34.89 -34.28
CA MET J 520 90.57 35.19 -35.60
C MET J 520 90.22 34.05 -36.59
N LYS J 521 90.69 32.80 -36.23
CA LYS J 521 90.40 31.61 -37.04
C LYS J 521 88.90 31.37 -37.24
N ALA J 522 88.07 31.63 -36.21
CA ALA J 522 86.62 31.60 -36.38
C ALA J 522 86.14 32.55 -37.43
N LEU J 523 86.79 33.73 -37.48
CA LEU J 523 86.50 34.66 -38.48
C LEU J 523 86.92 34.06 -39.85
N GLU J 524 88.07 33.41 -39.87
CA GLU J 524 88.51 32.79 -41.14
C GLU J 524 87.50 31.78 -41.67
N ASN J 525 86.99 30.83 -40.83
CA ASN J 525 85.97 29.92 -41.33
C ASN J 525 84.71 30.61 -41.78
N SER J 526 84.24 31.57 -40.99
CA SER J 526 82.92 32.14 -41.26
C SER J 526 82.93 32.82 -42.58
N VAL J 527 84.04 33.62 -42.86
CA VAL J 527 84.14 34.35 -44.10
C VAL J 527 84.46 33.43 -45.27
N GLY J 528 85.26 32.40 -45.08
CA GLY J 528 85.65 31.53 -46.22
C GLY J 528 87.07 31.05 -46.15
N GLY J 529 87.83 31.16 -47.23
CA GLY J 529 89.23 30.70 -47.26
C GLY J 529 90.12 31.56 -46.37
N ARG J 530 91.15 30.89 -45.80
CA ARG J 530 92.17 31.67 -45.20
C ARG J 530 92.80 32.59 -46.22
N LYS J 531 92.96 32.07 -47.44
CA LYS J 531 93.49 32.89 -48.48
C LYS J 531 92.55 34.06 -48.83
N LYS J 532 91.27 33.79 -48.81
CA LYS J 532 90.35 34.89 -49.13
C LYS J 532 90.33 36.02 -48.13
N LEU J 533 90.27 35.66 -46.88
CA LEU J 533 90.38 36.68 -45.83
C LEU J 533 91.78 37.34 -45.74
N LYS J 534 92.75 36.65 -46.28
CA LYS J 534 94.03 37.19 -46.63
C LYS J 534 93.93 38.14 -47.72
N GLU J 535 92.91 37.99 -48.60
CA GLU J 535 92.70 38.95 -49.66
C GLU J 535 92.16 40.25 -49.14
N VAL J 536 91.16 40.13 -48.27
CA VAL J 536 90.47 41.29 -47.73
C VAL J 536 91.39 41.98 -46.77
N MET J 537 92.18 41.24 -45.96
CA MET J 537 93.12 41.84 -45.09
C MET J 537 94.10 42.66 -45.95
N SER J 538 94.50 42.11 -47.13
CA SER J 538 95.42 42.82 -47.96
C SER J 538 94.79 44.04 -48.50
N PHE J 539 93.53 43.99 -48.81
CA PHE J 539 92.86 45.13 -49.39
C PHE J 539 92.69 46.29 -48.37
N VAL J 540 92.39 45.96 -47.09
CA VAL J 540 92.21 46.93 -46.05
C VAL J 540 93.57 47.44 -45.60
N ASP J 541 94.63 46.59 -45.71
CA ASP J 541 95.98 47.08 -45.41
C ASP J 541 96.46 48.10 -46.39
N LYS J 542 96.29 47.78 -47.70
CA LYS J 542 96.66 48.67 -48.77
C LYS J 542 95.93 49.98 -48.73
N ALA J 543 94.58 49.91 -48.46
CA ALA J 543 93.78 51.13 -48.16
C ALA J 543 94.19 51.86 -46.89
N ARG J 544 94.76 51.14 -45.92
CA ARG J 544 95.31 51.83 -44.70
C ARG J 544 96.68 52.50 -45.00
N LYS J 545 97.44 51.90 -45.89
CA LYS J 545 98.67 52.57 -46.39
C LYS J 545 98.31 53.56 -47.42
N GLY J 546 99.28 54.18 -48.02
CA GLY J 546 99.04 55.07 -49.15
C GLY J 546 98.70 54.34 -50.50
N GLU J 547 98.89 53.07 -50.56
CA GLU J 547 98.96 52.38 -51.87
C GLU J 547 97.69 52.43 -52.63
N ILE J 548 96.57 52.61 -51.93
CA ILE J 548 95.21 52.64 -52.53
C ILE J 548 94.28 53.50 -51.77
N ILE J 549 93.39 54.19 -52.53
CA ILE J 549 92.41 55.09 -51.91
C ILE J 549 90.95 54.66 -52.37
N VAL J 550 90.00 54.74 -51.46
CA VAL J 550 88.66 54.43 -51.72
C VAL J 550 87.71 55.63 -51.56
N GLU J 551 88.12 56.73 -50.94
CA GLU J 551 87.30 57.98 -50.88
C GLU J 551 85.83 57.77 -50.43
N GLY J 552 85.48 56.72 -49.67
CA GLY J 552 84.07 56.35 -49.33
C GLY J 552 83.82 56.41 -47.81
N ASP J 553 82.65 56.99 -47.45
CA ASP J 553 82.15 56.99 -46.08
C ASP J 553 81.63 55.62 -45.79
N HIS J 554 80.83 55.00 -46.73
CA HIS J 554 80.43 53.61 -46.63
C HIS J 554 80.81 52.95 -47.98
N PRO J 555 81.93 52.16 -48.03
CA PRO J 555 82.27 51.46 -49.31
C PRO J 555 81.41 50.25 -49.50
N SER J 556 80.56 50.29 -50.54
CA SER J 556 79.67 49.14 -50.83
C SER J 556 80.41 48.05 -51.54
N GLY J 557 80.97 48.40 -52.75
CA GLY J 557 81.82 47.43 -53.48
C GLY J 557 83.10 48.07 -53.96
N ALA J 558 84.22 47.64 -53.41
CA ALA J 558 85.55 48.14 -53.92
C ALA J 558 86.42 46.91 -54.20
N GLY J 559 87.00 46.86 -55.34
CA GLY J 559 87.88 45.73 -55.59
C GLY J 559 87.20 44.42 -55.48
N GLY J 560 85.89 44.43 -55.68
CA GLY J 560 85.06 43.32 -55.73
C GLY J 560 84.65 42.86 -54.37
N PHE J 561 84.67 43.71 -53.33
CA PHE J 561 84.37 43.27 -51.97
C PHE J 561 83.04 43.89 -51.55
N SER J 562 82.31 43.15 -50.75
CA SER J 562 81.02 43.54 -50.27
C SER J 562 81.19 44.44 -49.01
N ALA J 563 80.19 45.20 -48.76
CA ALA J 563 80.16 46.09 -47.67
C ALA J 563 80.38 45.31 -46.29
N ALA J 564 79.85 44.08 -46.22
CA ALA J 564 80.11 43.26 -45.08
C ALA J 564 81.55 42.67 -45.07
N LEU J 565 82.03 42.33 -46.25
CA LEU J 565 83.42 41.87 -46.40
C LEU J 565 84.37 42.92 -45.94
N LEU J 566 84.10 44.20 -46.25
CA LEU J 566 85.01 45.21 -45.79
C LEU J 566 85.00 45.31 -44.27
N ALA J 567 83.86 45.29 -43.70
CA ALA J 567 83.78 45.31 -42.25
C ALA J 567 84.52 44.06 -41.63
N ARG J 568 84.34 42.89 -42.21
CA ARG J 568 85.01 41.73 -41.67
C ARG J 568 86.57 41.86 -41.84
N GLY J 569 87.01 42.60 -42.88
CA GLY J 569 88.43 42.68 -43.19
C GLY J 569 89.03 43.58 -42.11
N ARG J 570 88.30 44.65 -41.74
CA ARG J 570 88.77 45.51 -40.65
C ARG J 570 88.83 44.77 -39.33
N GLU J 571 87.80 43.95 -39.04
CA GLU J 571 87.83 43.19 -37.82
C GLU J 571 89.09 42.34 -37.77
N ALA J 572 89.46 41.73 -38.91
CA ALA J 572 90.62 40.88 -38.96
C ALA J 572 91.91 41.69 -38.75
N VAL J 573 92.08 42.78 -39.39
CA VAL J 573 93.28 43.61 -39.09
C VAL J 573 93.27 43.95 -37.61
N PHE J 574 92.18 44.33 -36.99
CA PHE J 574 92.22 44.64 -35.59
C PHE J 574 92.76 43.47 -34.81
N LEU J 575 92.19 42.30 -35.15
CA LEU J 575 92.70 41.08 -34.52
C LEU J 575 94.20 40.85 -34.75
N ARG J 576 94.71 40.97 -36.01
CA ARG J 576 96.15 40.75 -36.26
C ARG J 576 97.03 41.61 -35.40
N ASP J 577 96.76 42.90 -35.41
CA ASP J 577 97.58 43.77 -34.57
C ASP J 577 97.48 43.46 -33.10
N ARG J 578 96.27 43.28 -32.57
CA ARG J 578 96.11 43.00 -31.14
C ARG J 578 96.86 41.75 -30.72
N ALA J 579 96.90 40.73 -31.64
CA ALA J 579 97.62 39.48 -31.29
C ALA J 579 99.09 39.73 -31.13
N ASP J 580 99.60 40.66 -31.91
CA ASP J 580 101.01 40.88 -31.95
C ASP J 580 101.39 41.65 -30.63
N ILE J 581 100.57 42.65 -30.32
CA ILE J 581 100.80 43.41 -29.12
C ILE J 581 100.74 42.52 -27.90
N LEU J 582 99.73 41.68 -27.85
CA LEU J 582 99.47 40.85 -26.69
C LEU J 582 100.65 39.89 -26.54
N SER J 583 101.19 39.35 -27.66
CA SER J 583 102.30 38.41 -27.61
C SER J 583 103.59 39.06 -27.12
N LEU J 584 103.70 40.37 -27.54
CA LEU J 584 104.88 41.17 -27.32
C LEU J 584 104.91 41.65 -25.86
N ARG J 585 103.72 41.98 -25.30
CA ARG J 585 103.62 42.25 -23.85
C ARG J 585 103.74 40.98 -22.94
N ILE J 586 103.40 39.79 -23.46
CA ILE J 586 103.74 38.59 -22.77
C ILE J 586 105.24 38.34 -22.69
N GLN J 587 105.94 38.44 -23.80
CA GLN J 587 107.40 38.41 -23.81
C GLN J 587 108.02 39.58 -22.99
N ALA J 588 107.29 40.78 -22.96
CA ALA J 588 107.79 41.86 -22.03
C ALA J 588 107.67 41.49 -20.55
N ALA J 589 106.53 40.98 -20.10
CA ALA J 589 106.34 40.62 -18.64
C ALA J 589 107.17 39.45 -18.23
N LYS J 590 107.67 38.70 -19.26
CA LYS J 590 108.68 37.65 -18.98
C LYS J 590 110.12 38.15 -19.03
N SER J 591 110.33 39.41 -19.52
CA SER J 591 111.71 39.88 -19.69
C SER J 591 112.35 40.11 -18.35
N ARG J 592 113.65 40.28 -18.36
CA ARG J 592 114.39 40.56 -17.11
C ARG J 592 114.15 41.94 -16.61
N GLN J 593 113.75 42.86 -17.47
CA GLN J 593 113.57 44.26 -17.07
C GLN J 593 112.33 44.46 -16.19
N CYS J 594 111.37 43.56 -16.30
CA CYS J 594 110.16 43.63 -15.49
C CYS J 594 110.25 42.78 -14.22
N LYS J 595 111.42 42.13 -13.96
CA LYS J 595 111.62 41.32 -12.72
C LYS J 595 111.70 42.29 -11.53
N THR J 596 112.42 43.41 -11.68
CA THR J 596 112.53 44.34 -10.55
C THR J 596 111.39 45.43 -10.58
N LEU J 597 111.25 46.09 -9.44
CA LEU J 597 110.13 46.99 -9.20
C LEU J 597 110.42 48.41 -9.65
N THR J 598 111.67 48.74 -9.89
CA THR J 598 112.10 50.11 -10.18
C THR J 598 111.59 50.50 -11.47
N ASN J 599 111.38 49.52 -12.33
CA ASN J 599 110.80 49.79 -13.63
C ASN J 599 109.25 49.72 -13.60
N LYS J 600 108.63 50.53 -12.74
CA LYS J 600 107.19 50.50 -12.61
C LYS J 600 106.47 51.10 -13.86
N TYR J 601 106.93 52.18 -14.38
CA TYR J 601 106.35 52.72 -15.66
C TYR J 601 106.73 51.88 -16.84
N TYR J 602 107.81 51.11 -16.84
CA TYR J 602 108.15 50.18 -17.88
C TYR J 602 107.32 48.91 -17.95
N CYS J 603 106.61 48.56 -16.87
CA CYS J 603 105.85 47.29 -16.82
C CYS J 603 104.47 47.60 -16.18
N PRO J 604 103.58 48.27 -16.90
CA PRO J 604 102.28 48.62 -16.37
C PRO J 604 101.42 47.38 -16.00
N GLU J 605 101.54 46.33 -16.78
CA GLU J 605 100.69 45.19 -16.59
C GLU J 605 100.89 44.67 -15.17
N VAL J 606 102.16 44.43 -14.79
CA VAL J 606 102.50 43.90 -13.48
C VAL J 606 102.08 44.86 -12.38
N PHE J 607 102.28 46.17 -12.61
CA PHE J 607 102.00 47.18 -11.53
C PHE J 607 100.55 47.28 -11.25
N LEU J 608 99.75 47.35 -12.34
CA LEU J 608 98.26 47.42 -12.30
C LEU J 608 97.68 46.16 -11.63
N ASP J 609 98.34 45.01 -11.79
CA ASP J 609 97.81 43.78 -11.15
C ASP J 609 98.12 43.91 -9.67
N ALA J 610 99.28 44.54 -9.34
CA ALA J 610 99.61 44.68 -7.90
C ALA J 610 98.63 45.59 -7.15
N VAL J 611 98.22 46.70 -7.82
CA VAL J 611 97.30 47.56 -7.19
C VAL J 611 95.99 46.85 -7.04
N ALA J 612 95.60 46.07 -8.04
CA ALA J 612 94.29 45.37 -7.97
C ALA J 612 94.25 44.36 -6.85
N THR J 613 95.35 43.63 -6.69
CA THR J 613 95.40 42.68 -5.55
C THR J 613 95.34 43.38 -4.23
N LYS J 614 96.07 44.50 -4.10
CA LYS J 614 96.10 45.20 -2.83
C LYS J 614 94.77 45.82 -2.44
N LEU J 615 94.15 46.56 -3.34
CA LEU J 615 92.76 46.99 -3.04
C LEU J 615 91.80 45.85 -2.79
N ALA J 616 91.97 44.79 -3.41
CA ALA J 616 91.09 43.60 -3.21
C ALA J 616 91.21 43.05 -1.82
N GLN J 617 92.48 42.86 -1.33
CA GLN J 617 92.63 42.33 0.00
C GLN J 617 92.16 43.27 1.08
N THR J 618 92.61 44.57 1.11
CA THR J 618 92.21 45.41 2.22
C THR J 618 90.71 45.73 2.22
N ALA J 619 90.13 45.76 1.00
CA ALA J 619 88.70 45.79 0.94
C ALA J 619 88.02 44.52 1.49
N VAL J 620 88.67 43.35 1.21
CA VAL J 620 88.18 42.03 1.62
C VAL J 620 88.15 41.89 3.07
N LEU J 621 89.07 42.55 3.77
CA LEU J 621 89.06 42.39 5.18
C LEU J 621 87.76 43.01 5.75
N PHE J 622 87.47 44.23 5.42
CA PHE J 622 86.26 44.88 5.89
C PHE J 622 84.97 44.20 5.41
N LEU J 623 85.03 43.69 4.19
CA LEU J 623 83.93 42.98 3.61
C LEU J 623 83.63 41.76 4.43
N ASN J 624 84.67 40.91 4.79
CA ASN J 624 84.39 39.72 5.57
C ASN J 624 83.70 40.14 6.86
N VAL J 625 84.19 41.22 7.48
CA VAL J 625 83.73 41.61 8.77
C VAL J 625 82.31 42.07 8.66
N GLU J 626 82.19 43.34 8.14
CA GLU J 626 80.96 44.03 8.19
C GLU J 626 79.81 43.23 7.57
N MET J 627 80.11 42.46 6.49
CA MET J 627 79.03 41.71 5.78
C MET J 627 78.92 40.23 6.06
N LEU J 628 80.05 39.45 5.97
CA LEU J 628 79.91 38.02 6.01
C LEU J 628 79.49 37.55 7.36
N ASN J 629 80.21 37.93 8.41
CA ASN J 629 79.80 37.58 9.77
C ASN J 629 78.34 38.11 9.98
N ASP J 630 78.00 39.24 9.35
CA ASP J 630 76.58 39.65 9.46
C ASP J 630 75.67 38.66 8.83
N PHE J 631 76.09 38.09 7.76
CA PHE J 631 75.23 37.17 7.09
C PHE J 631 75.11 35.87 7.86
N TYR J 632 76.19 35.37 8.49
CA TYR J 632 76.06 34.14 9.24
C TYR J 632 75.24 34.36 10.48
N VAL J 633 75.25 35.52 11.07
CA VAL J 633 74.51 35.65 12.33
C VAL J 633 73.01 35.85 12.13
N ARG J 634 72.65 36.79 11.23
CA ARG J 634 71.23 37.07 10.91
C ARG J 634 70.55 36.01 10.11
N PHE J 635 71.24 35.24 9.27
CA PHE J 635 70.58 34.33 8.34
C PHE J 635 69.73 33.28 8.97
N PRO J 636 70.24 32.45 9.98
CA PRO J 636 69.35 31.38 10.51
C PRO J 636 68.14 31.88 11.25
N ARG J 637 68.32 32.95 11.94
CA ARG J 637 67.24 33.56 12.71
C ARG J 637 66.14 34.12 11.78
N GLU J 638 66.55 34.78 10.73
CA GLU J 638 65.64 35.23 9.74
C GLU J 638 64.96 34.08 9.03
N VAL J 639 65.64 32.99 8.77
CA VAL J 639 64.97 31.80 8.16
C VAL J 639 63.83 31.23 9.11
N GLU J 640 64.17 31.03 10.34
CA GLU J 640 63.15 30.43 11.28
C GLU J 640 61.98 31.34 11.44
N ALA J 641 62.22 32.65 11.75
CA ALA J 641 61.20 33.57 11.97
C ALA J 641 60.27 33.75 10.67
N LYS J 642 60.85 33.74 9.47
CA LYS J 642 60.05 33.98 8.29
C LYS J 642 59.25 32.72 7.83
N LEU J 643 59.85 31.54 8.06
CA LEU J 643 59.21 30.25 7.78
C LEU J 643 58.03 29.98 8.80
N HIS J 644 58.33 30.16 10.06
CA HIS J 644 57.31 30.09 11.06
C HIS J 644 56.17 31.03 10.74
N GLU J 645 56.47 32.29 10.38
CA GLU J 645 55.43 33.32 10.19
C GLU J 645 54.56 33.01 9.01
N HIS J 646 55.22 32.45 7.92
CA HIS J 646 54.51 32.12 6.69
C HIS J 646 53.60 30.97 6.88
N MET J 647 54.07 29.89 7.50
CA MET J 647 53.24 28.74 7.74
C MET J 647 51.96 29.11 8.55
N HIS J 648 52.16 29.71 9.71
CA HIS J 648 51.05 29.96 10.61
C HIS J 648 50.19 31.10 10.09
N ALA J 649 50.79 32.17 9.48
CA ALA J 649 49.99 33.32 9.10
C ALA J 649 49.24 32.99 7.77
N GLY J 650 49.91 32.47 6.73
CA GLY J 650 49.32 32.23 5.47
C GLY J 650 48.66 30.93 5.35
N GLY J 651 48.62 30.13 6.35
CA GLY J 651 48.11 28.74 6.16
C GLY J 651 48.88 27.88 5.20
N GLY J 652 50.21 28.17 4.98
CA GLY J 652 51.09 27.49 4.05
C GLY J 652 51.66 26.24 4.62
N LEU J 653 51.39 25.95 5.87
CA LEU J 653 51.86 24.67 6.40
C LEU J 653 51.05 23.51 5.78
N GLU J 654 49.70 23.65 5.84
CA GLU J 654 48.81 22.69 5.20
C GLU J 654 49.07 22.56 3.62
N LYS J 655 49.20 23.70 2.96
CA LYS J 655 49.49 23.64 1.48
C LYS J 655 50.94 23.08 1.33
N PHE J 656 51.75 23.27 2.34
CA PHE J 656 53.10 22.65 2.35
C PHE J 656 53.02 21.15 2.40
N ALA J 657 52.05 20.61 3.18
CA ALA J 657 51.87 19.17 3.17
C ALA J 657 51.05 18.70 1.94
N ARG J 658 50.05 19.44 1.51
CA ARG J 658 49.25 19.12 0.30
C ARG J 658 50.15 19.05 -0.94
N GLU J 659 51.37 19.65 -0.89
CA GLU J 659 52.10 19.82 -2.12
C GLU J 659 52.78 18.49 -2.51
N ASP J 660 53.34 17.81 -1.53
CA ASP J 660 54.04 16.58 -1.86
C ASP J 660 53.04 15.47 -2.12
N PRO J 661 53.13 14.84 -3.32
CA PRO J 661 52.10 13.82 -3.67
C PRO J 661 52.07 12.55 -2.71
N LYS J 662 53.23 12.13 -2.28
CA LYS J 662 53.28 11.04 -1.32
C LYS J 662 52.62 11.44 -0.05
N VAL J 663 53.03 12.54 0.57
CA VAL J 663 52.56 12.85 1.93
C VAL J 663 51.05 13.22 1.93
N ARG J 664 50.58 13.59 0.76
CA ARG J 664 49.11 13.87 0.59
C ARG J 664 48.30 12.59 0.75
N ARG J 665 48.69 11.57 0.01
CA ARG J 665 48.05 10.26 0.20
C ARG J 665 48.21 9.74 1.61
N HIS J 666 49.25 10.23 2.28
CA HIS J 666 49.53 9.65 3.61
C HIS J 666 48.62 10.25 4.70
N LEU J 667 48.60 11.59 4.71
CA LEU J 667 47.79 12.33 5.66
C LEU J 667 46.31 12.14 5.47
N ASP J 668 45.89 12.06 4.23
CA ASP J 668 44.53 11.78 3.88
C ASP J 668 44.06 10.39 4.45
N LEU J 669 44.97 9.39 4.44
CA LEU J 669 44.66 8.05 4.91
C LEU J 669 44.51 8.04 6.44
N ILE J 670 45.51 8.67 7.16
CA ILE J 670 45.48 8.77 8.60
C ILE J 670 44.20 9.39 9.07
N ARG J 671 43.73 10.51 8.45
CA ARG J 671 42.53 11.23 8.97
C ARG J 671 41.24 10.37 8.71
N ARG J 672 41.12 9.74 7.54
CA ARG J 672 39.95 8.91 7.28
C ARG J 672 39.94 7.69 8.23
N LYS J 673 41.08 7.12 8.53
CA LYS J 673 41.08 6.02 9.55
C LYS J 673 40.69 6.52 10.92
N GLU J 674 41.25 7.69 11.34
CA GLU J 674 40.97 8.25 12.63
C GLU J 674 39.46 8.59 12.74
N LEU J 675 38.88 8.99 11.69
CA LEU J 675 37.45 9.31 11.71
C LEU J 675 36.62 8.01 11.99
N LEU J 676 36.80 6.89 11.12
CA LEU J 676 35.97 5.72 11.35
C LEU J 676 36.10 5.21 12.81
N GLU J 677 37.34 5.28 13.38
CA GLU J 677 37.52 4.75 14.76
C GLU J 677 36.73 5.58 15.72
N THR J 678 36.82 6.97 15.55
CA THR J 678 36.12 7.84 16.50
C THR J 678 34.61 7.63 16.32
N VAL J 679 34.11 7.22 15.09
CA VAL J 679 32.77 6.86 14.96
C VAL J 679 32.45 5.59 15.78
N LEU J 680 33.22 4.49 15.63
CA LEU J 680 32.92 3.28 16.38
C LEU J 680 32.84 3.68 17.85
N GLY J 681 33.81 4.47 18.30
CA GLY J 681 33.90 4.77 19.73
C GLY J 681 32.72 5.53 20.24
N LYS J 682 32.21 6.48 19.51
CA LYS J 682 30.99 7.11 19.98
C LYS J 682 29.84 6.15 20.18
N ILE J 683 29.77 5.18 19.28
CA ILE J 683 28.70 4.19 19.35
C ILE J 683 28.91 3.28 20.53
N GLU J 684 30.11 2.78 20.73
CA GLU J 684 30.41 1.91 21.85
C GLU J 684 30.10 2.64 23.16
N GLU J 685 30.24 3.97 23.09
CA GLU J 685 29.89 4.80 24.26
C GLU J 685 28.41 4.79 24.45
N LEU J 686 27.73 5.00 23.31
CA LEU J 686 26.28 5.09 23.26
C LEU J 686 25.64 3.87 23.92
N HIS J 687 26.16 2.63 23.73
CA HIS J 687 25.61 1.45 24.42
C HIS J 687 25.98 1.43 25.95
N ARG J 688 27.07 2.02 26.38
CA ARG J 688 27.36 2.10 27.76
C ARG J 688 26.46 3.14 28.45
N ILE J 689 26.16 4.24 27.79
CA ILE J 689 25.38 5.24 28.45
C ILE J 689 23.93 4.77 28.57
N SER J 690 23.36 4.15 27.58
CA SER J 690 22.01 3.68 27.71
C SER J 690 22.04 2.17 27.75
N SER J 691 21.73 1.58 28.91
CA SER J 691 21.85 0.10 29.05
C SER J 691 21.27 -0.64 27.82
N GLY J 692 20.04 -0.26 27.44
CA GLY J 692 19.38 -0.82 26.28
C GLY J 692 19.12 0.22 25.26
#